data_4FCC
#
_entry.id   4FCC
#
_cell.length_a   105.218
_cell.length_b   176.262
_cell.length_c   150.250
_cell.angle_alpha   90.000
_cell.angle_beta   89.940
_cell.angle_gamma   90.000
#
_symmetry.space_group_name_H-M   'P 1 21 1'
#
loop_
_entity.id
_entity.type
_entity.pdbx_description
1 polymer 'Glutamate dehydrogenase'
2 water water
#
_entity_poly.entity_id   1
_entity_poly.type   'polypeptide(L)'
_entity_poly.pdbx_seq_one_letter_code
;PGSMDQTYSLESFLNHVQKRDPNQTEFAQAVREVMTTLWPFLEQNPKYRQMSLLERLVEPERVIQFRVVWVDDRNQVQVN
RAWRVQFSSAIGPYKGGMRFHPSVNLSILKFLGFEQTFKNALTTLPMGGGKGGSDFDPKGKSEGEVMRFCQALMTELYRH
LGADTDVPAGDIGVGGREVGFMAGMMKKLSNNTACVFTGKGLSFGGSLIRPEATGYGLVYFTEAMLKRHGMGFEGMRVSV
SGSGNVAQYAIEKAMEFGARVITASDSSGTVVDESGFTKEKLARLIEIKSSRDGRVADYAKEFGLVYLEGQQPWSVPVDI
ALPCATQNELDVDAAHQLIANGVKAVAEGANMPTTIEATELFQQAGVLFAPGKAANAGGVATSGLEMAQNAARLGWKAEK
VDARLHHIMLDIHHACVEHGGEGEQTNYVQGANIAGFVKVADAMLAQGVI
;
_entity_poly.pdbx_strand_id   A,B,C,D,E,F,G,H,I,J,K,L
#
# COMPACT_ATOMS: atom_id res chain seq x y z
N SER A 9 -58.14 -9.06 20.17
CA SER A 9 -57.59 -7.74 20.44
C SER A 9 -56.26 -7.50 19.71
N LEU A 10 -55.30 -8.42 19.87
CA LEU A 10 -54.08 -8.34 19.07
C LEU A 10 -54.46 -8.47 17.60
N GLU A 11 -55.16 -9.55 17.27
CA GLU A 11 -55.58 -9.77 15.88
C GLU A 11 -56.45 -8.63 15.34
N SER A 12 -57.36 -8.14 16.18
CA SER A 12 -58.21 -7.01 15.80
C SER A 12 -57.37 -5.78 15.43
N PHE A 13 -56.34 -5.50 16.22
CA PHE A 13 -55.50 -4.36 15.97
C PHE A 13 -54.70 -4.50 14.67
N LEU A 14 -54.14 -5.68 14.44
CA LEU A 14 -53.34 -5.89 13.24
C LEU A 14 -54.23 -5.88 12.00
N ASN A 15 -55.43 -6.42 12.14
CA ASN A 15 -56.39 -6.40 11.04
C ASN A 15 -56.76 -4.97 10.68
N HIS A 16 -57.03 -4.16 11.70
CA HIS A 16 -57.38 -2.77 11.50
C HIS A 16 -56.27 -1.99 10.80
N VAL A 17 -55.04 -2.17 11.26
CA VAL A 17 -53.87 -1.45 10.72
C VAL A 17 -53.60 -1.83 9.25
N GLN A 18 -53.75 -3.12 8.91
CA GLN A 18 -53.54 -3.57 7.54
C GLN A 18 -54.55 -2.98 6.55
N LYS A 19 -55.71 -2.55 7.03
CA LYS A 19 -56.72 -1.96 6.14
C LYS A 19 -56.16 -0.83 5.26
N ARG A 20 -55.25 -0.02 5.79
CA ARG A 20 -54.67 1.05 4.97
C ARG A 20 -53.63 0.59 3.96
N ASP A 21 -53.04 -0.58 4.21
CA ASP A 21 -51.99 -1.08 3.35
C ASP A 21 -52.19 -2.58 3.15
N PRO A 22 -53.23 -2.96 2.41
CA PRO A 22 -53.58 -4.38 2.30
C PRO A 22 -52.51 -5.22 1.61
N ASN A 23 -51.62 -4.60 0.84
CA ASN A 23 -50.63 -5.35 0.09
C ASN A 23 -49.18 -5.16 0.56
N GLN A 24 -48.98 -4.44 1.67
CA GLN A 24 -47.63 -4.25 2.18
C GLN A 24 -47.24 -5.43 3.08
N THR A 25 -46.83 -6.54 2.46
CA THR A 25 -46.56 -7.79 3.17
C THR A 25 -45.48 -7.66 4.27
N GLU A 26 -44.32 -7.13 3.89
CA GLU A 26 -43.23 -6.94 4.83
C GLU A 26 -43.58 -5.99 5.98
N PHE A 27 -44.31 -4.92 5.70
CA PHE A 27 -44.65 -3.97 6.76
C PHE A 27 -45.60 -4.63 7.75
N ALA A 28 -46.61 -5.35 7.23
CA ALA A 28 -47.55 -6.07 8.09
C ALA A 28 -46.83 -7.05 9.03
N GLN A 29 -45.82 -7.74 8.51
CA GLN A 29 -44.99 -8.64 9.30
C GLN A 29 -44.22 -7.90 10.40
N ALA A 30 -43.67 -6.74 10.07
CA ALA A 30 -42.93 -5.95 11.04
C ALA A 30 -43.81 -5.49 12.20
N VAL A 31 -45.02 -5.05 11.88
CA VAL A 31 -45.99 -4.63 12.89
C VAL A 31 -46.43 -5.81 13.73
N ARG A 32 -46.71 -6.94 13.09
CA ARG A 32 -47.14 -8.13 13.82
C ARG A 32 -46.09 -8.51 14.86
N GLU A 33 -44.85 -8.60 14.41
CA GLU A 33 -43.74 -8.99 15.27
C GLU A 33 -43.60 -8.09 16.48
N VAL A 34 -43.48 -6.80 16.23
CA VAL A 34 -43.29 -5.80 17.28
C VAL A 34 -44.45 -5.81 18.30
N MET A 35 -45.68 -5.78 17.81
CA MET A 35 -46.84 -5.76 18.69
C MET A 35 -46.99 -7.05 19.53
N THR A 36 -46.74 -8.19 18.90
CA THR A 36 -46.79 -9.49 19.56
C THR A 36 -45.84 -9.47 20.75
N THR A 37 -44.64 -8.99 20.47
CA THR A 37 -43.57 -8.83 21.45
C THR A 37 -43.98 -7.96 22.65
N LEU A 38 -44.87 -7.00 22.40
CA LEU A 38 -45.23 -5.99 23.40
C LEU A 38 -46.61 -6.19 24.07
N TRP A 39 -47.45 -7.07 23.52
CA TRP A 39 -48.82 -7.18 24.01
C TRP A 39 -48.95 -7.48 25.52
N PRO A 40 -48.19 -8.47 26.04
CA PRO A 40 -48.28 -8.70 27.48
C PRO A 40 -47.88 -7.47 28.32
N PHE A 41 -46.82 -6.77 27.95
CA PHE A 41 -46.46 -5.51 28.61
C PHE A 41 -47.55 -4.45 28.52
N LEU A 42 -48.16 -4.32 27.35
CA LEU A 42 -49.23 -3.35 27.14
C LEU A 42 -50.43 -3.62 28.03
N GLU A 43 -50.79 -4.89 28.18
CA GLU A 43 -51.95 -5.22 28.98
C GLU A 43 -51.68 -4.99 30.47
N GLN A 44 -50.42 -5.03 30.88
CA GLN A 44 -50.07 -4.75 32.26
C GLN A 44 -49.79 -3.27 32.48
N ASN A 45 -49.63 -2.52 31.40
CA ASN A 45 -49.31 -1.10 31.50
C ASN A 45 -50.14 -0.30 30.53
N PRO A 46 -51.44 -0.15 30.82
CA PRO A 46 -52.42 0.47 29.91
C PRO A 46 -52.13 1.93 29.59
N LYS A 47 -51.30 2.58 30.40
CA LYS A 47 -50.86 3.95 30.09
C LYS A 47 -50.19 4.03 28.71
N TYR A 48 -49.62 2.92 28.26
CA TYR A 48 -48.90 2.91 26.97
C TYR A 48 -49.79 2.60 25.77
N ARG A 49 -51.08 2.55 26.03
CA ARG A 49 -52.08 2.27 25.02
C ARG A 49 -53.02 3.47 24.90
N GLN A 50 -52.98 4.36 25.88
CA GLN A 50 -53.84 5.53 25.91
C GLN A 50 -53.41 6.55 24.85
N MET A 51 -54.28 7.52 24.59
CA MET A 51 -54.02 8.60 23.66
C MET A 51 -53.81 8.06 22.22
N SER A 52 -54.44 6.94 21.93
CA SER A 52 -54.30 6.23 20.65
C SER A 52 -52.83 6.05 20.25
N LEU A 53 -52.01 5.68 21.22
CA LEU A 53 -50.55 5.62 21.03
C LEU A 53 -50.15 4.67 19.92
N LEU A 54 -50.69 3.46 19.94
CA LEU A 54 -50.26 2.44 18.98
C LEU A 54 -50.70 2.80 17.56
N GLU A 55 -51.87 3.39 17.46
CA GLU A 55 -52.39 3.84 16.19
C GLU A 55 -51.49 4.94 15.61
N ARG A 56 -51.03 5.84 16.47
CA ARG A 56 -50.13 6.90 16.03
C ARG A 56 -48.73 6.37 15.67
N LEU A 57 -48.34 5.35 16.40
CA LEU A 57 -46.99 4.81 16.33
C LEU A 57 -46.74 4.05 15.02
N VAL A 58 -47.78 3.42 14.48
CA VAL A 58 -47.61 2.61 13.27
C VAL A 58 -47.81 3.41 11.99
N GLU A 59 -48.16 4.67 12.11
CA GLU A 59 -48.40 5.49 10.93
C GLU A 59 -47.25 6.48 10.82
N PRO A 60 -46.48 6.39 9.72
CA PRO A 60 -45.25 7.19 9.64
C PRO A 60 -45.58 8.66 9.56
N GLU A 61 -44.75 9.49 10.17
CA GLU A 61 -44.96 10.92 10.13
C GLU A 61 -45.05 11.49 8.71
N ARG A 62 -44.06 11.20 7.87
CA ARG A 62 -44.21 11.47 6.46
C ARG A 62 -43.40 10.51 5.59
N VAL A 63 -43.90 10.29 4.38
CA VAL A 63 -43.19 9.55 3.35
C VAL A 63 -43.14 10.45 2.12
N ILE A 64 -41.94 10.66 1.61
CA ILE A 64 -41.78 11.27 0.30
C ILE A 64 -41.43 10.16 -0.70
N GLN A 65 -42.29 9.98 -1.70
CA GLN A 65 -41.98 9.17 -2.88
C GLN A 65 -41.65 10.16 -3.98
N PHE A 66 -40.61 9.87 -4.77
CA PHE A 66 -40.23 10.80 -5.83
C PHE A 66 -39.52 10.15 -7.01
N ARG A 67 -39.68 10.78 -8.16
CA ARG A 67 -39.09 10.38 -9.42
C ARG A 67 -37.62 10.77 -9.46
N VAL A 68 -36.79 9.86 -9.95
CA VAL A 68 -35.38 10.18 -10.22
C VAL A 68 -35.11 9.91 -11.70
N VAL A 69 -34.79 10.96 -12.44
CA VAL A 69 -34.43 10.83 -13.85
C VAL A 69 -32.91 11.03 -14.05
N TRP A 70 -32.27 10.11 -14.77
CA TRP A 70 -30.83 10.16 -14.94
C TRP A 70 -30.46 9.54 -16.28
N VAL A 71 -29.21 9.70 -16.68
CA VAL A 71 -28.79 9.25 -18.01
C VAL A 71 -27.68 8.21 -17.90
N ASP A 72 -27.82 7.09 -18.60
CA ASP A 72 -26.82 6.03 -18.50
C ASP A 72 -25.65 6.24 -19.49
N ASP A 73 -24.66 5.38 -19.42
CA ASP A 73 -23.46 5.51 -20.27
C ASP A 73 -23.76 5.40 -21.76
N ARG A 74 -24.95 4.92 -22.10
CA ARG A 74 -25.35 4.82 -23.52
C ARG A 74 -26.20 6.02 -23.92
N ASN A 75 -26.23 7.04 -23.06
CA ASN A 75 -27.02 8.25 -23.28
C ASN A 75 -28.52 7.99 -23.29
N GLN A 76 -28.93 6.88 -22.69
CA GLN A 76 -30.35 6.56 -22.57
C GLN A 76 -30.89 7.08 -21.26
N VAL A 77 -32.02 7.77 -21.33
CA VAL A 77 -32.63 8.34 -20.13
C VAL A 77 -33.36 7.25 -19.34
N GLN A 78 -33.06 7.16 -18.05
CA GLN A 78 -33.66 6.14 -17.17
C GLN A 78 -34.50 6.79 -16.08
N VAL A 79 -35.59 6.12 -15.71
CA VAL A 79 -36.45 6.63 -14.64
C VAL A 79 -36.53 5.63 -13.52
N ASN A 80 -36.19 6.08 -12.32
CA ASN A 80 -36.31 5.21 -11.16
C ASN A 80 -37.18 5.87 -10.12
N ARG A 81 -37.59 5.08 -9.14
CA ARG A 81 -38.40 5.63 -8.07
C ARG A 81 -37.56 5.64 -6.80
N ALA A 82 -37.68 6.71 -6.02
CA ALA A 82 -37.00 6.80 -4.74
C ALA A 82 -38.00 7.16 -3.64
N TRP A 83 -37.63 6.85 -2.39
CA TRP A 83 -38.39 7.21 -1.19
C TRP A 83 -37.50 7.69 -0.03
N ARG A 84 -38.05 8.54 0.82
CA ARG A 84 -37.54 8.69 2.18
C ARG A 84 -38.72 8.56 3.13
N VAL A 85 -38.66 7.55 3.99
CA VAL A 85 -39.71 7.32 4.96
C VAL A 85 -39.26 8.00 6.24
N GLN A 86 -39.95 9.07 6.64
CA GLN A 86 -39.62 9.76 7.89
C GLN A 86 -40.63 9.29 8.93
N PHE A 87 -40.25 8.22 9.63
CA PHE A 87 -41.23 7.47 10.38
C PHE A 87 -41.51 8.14 11.73
N SER A 88 -40.47 8.35 12.53
CA SER A 88 -40.65 8.94 13.86
C SER A 88 -39.58 9.96 14.19
N SER A 89 -40.01 11.11 14.69
CA SER A 89 -39.09 12.13 15.19
C SER A 89 -39.33 12.43 16.66
N ALA A 90 -40.01 11.54 17.36
CA ALA A 90 -40.36 11.82 18.77
C ALA A 90 -39.08 12.08 19.56
N ILE A 91 -38.09 11.23 19.34
CA ILE A 91 -36.85 11.27 20.14
C ILE A 91 -35.75 12.15 19.52
N GLY A 92 -35.82 12.34 18.21
CA GLY A 92 -34.83 13.17 17.54
C GLY A 92 -35.00 13.11 16.04
N PRO A 93 -33.99 13.59 15.29
CA PRO A 93 -34.19 13.65 13.84
C PRO A 93 -34.33 12.25 13.26
N TYR A 94 -35.09 12.14 12.17
CA TYR A 94 -35.20 10.87 11.46
C TYR A 94 -33.79 10.33 11.17
N LYS A 95 -33.56 9.07 11.48
CA LYS A 95 -32.23 8.49 11.32
C LYS A 95 -32.34 7.09 10.75
N GLY A 96 -31.58 6.82 9.70
CA GLY A 96 -31.69 5.54 9.03
C GLY A 96 -31.07 5.52 7.65
N GLY A 97 -30.71 4.31 7.21
CA GLY A 97 -29.99 4.14 5.96
C GLY A 97 -30.76 4.36 4.66
N MET A 98 -30.01 4.42 3.57
CA MET A 98 -30.59 4.42 2.22
C MET A 98 -30.20 3.12 1.54
N ARG A 99 -31.17 2.47 0.91
CA ARG A 99 -30.93 1.21 0.21
C ARG A 99 -31.24 1.30 -1.29
N PHE A 100 -30.27 0.95 -2.14
CA PHE A 100 -30.50 0.90 -3.59
C PHE A 100 -30.52 -0.56 -4.00
N HIS A 101 -31.70 -1.07 -4.35
CA HIS A 101 -31.83 -2.45 -4.79
C HIS A 101 -33.11 -2.54 -5.62
N PRO A 102 -33.08 -3.30 -6.72
CA PRO A 102 -34.28 -3.44 -7.57
C PRO A 102 -35.51 -3.97 -6.80
N SER A 103 -35.31 -4.62 -5.67
CA SER A 103 -36.45 -5.14 -4.90
C SER A 103 -37.10 -4.09 -3.99
N VAL A 104 -36.46 -2.94 -3.85
CA VAL A 104 -36.96 -1.90 -2.94
C VAL A 104 -38.36 -1.39 -3.30
N ASN A 105 -39.23 -1.34 -2.31
CA ASN A 105 -40.53 -0.70 -2.44
C ASN A 105 -40.96 -0.07 -1.10
N LEU A 106 -42.11 0.58 -1.08
CA LEU A 106 -42.53 1.30 0.11
C LEU A 106 -42.73 0.35 1.29
N SER A 107 -43.30 -0.82 1.02
CA SER A 107 -43.61 -1.80 2.04
C SER A 107 -42.35 -2.16 2.80
N ILE A 108 -41.30 -2.43 2.04
CA ILE A 108 -40.01 -2.83 2.63
C ILE A 108 -39.38 -1.68 3.42
N LEU A 109 -39.43 -0.48 2.88
CA LEU A 109 -38.81 0.66 3.56
C LEU A 109 -39.56 1.04 4.84
N LYS A 110 -40.88 0.86 4.83
CA LYS A 110 -41.65 1.11 6.03
C LYS A 110 -41.31 0.10 7.12
N PHE A 111 -41.15 -1.16 6.73
CA PHE A 111 -40.79 -2.20 7.69
C PHE A 111 -39.42 -1.87 8.30
N LEU A 112 -38.47 -1.47 7.44
CA LEU A 112 -37.14 -1.12 7.92
C LEU A 112 -37.14 0.15 8.76
N GLY A 113 -37.93 1.14 8.35
CA GLY A 113 -38.04 2.38 9.10
C GLY A 113 -38.73 2.22 10.44
N PHE A 114 -39.70 1.31 10.50
CA PHE A 114 -40.47 1.09 11.73
C PHE A 114 -39.56 0.42 12.75
N GLU A 115 -38.89 -0.65 12.35
CA GLU A 115 -37.94 -1.30 13.24
C GLU A 115 -36.80 -0.37 13.64
N GLN A 116 -36.37 0.49 12.71
CA GLN A 116 -35.22 1.34 12.99
C GLN A 116 -35.55 2.38 14.04
N THR A 117 -36.81 2.79 14.11
CA THR A 117 -37.26 3.72 15.13
C THR A 117 -36.94 3.16 16.55
N PHE A 118 -37.28 1.89 16.77
CA PHE A 118 -37.05 1.27 18.07
C PHE A 118 -35.59 0.90 18.31
N LYS A 119 -34.89 0.43 17.28
CA LYS A 119 -33.47 0.12 17.45
C LYS A 119 -32.69 1.38 17.81
N ASN A 120 -32.95 2.47 17.09
CA ASN A 120 -32.35 3.76 17.42
C ASN A 120 -32.70 4.24 18.82
N ALA A 121 -33.98 4.14 19.19
CA ALA A 121 -34.41 4.48 20.55
C ALA A 121 -33.63 3.68 21.59
N LEU A 122 -33.48 2.39 21.34
CA LEU A 122 -32.74 1.49 22.23
C LEU A 122 -31.28 1.91 22.49
N THR A 123 -30.65 2.59 21.53
CA THR A 123 -29.27 3.03 21.72
C THR A 123 -29.10 4.07 22.84
N THR A 124 -30.22 4.67 23.26
CA THR A 124 -30.27 5.77 24.25
C THR A 124 -29.83 7.11 23.67
N LEU A 125 -29.49 7.10 22.39
CA LEU A 125 -29.06 8.30 21.69
C LEU A 125 -30.27 9.03 21.17
N PRO A 126 -30.13 10.34 20.94
CA PRO A 126 -31.30 11.14 20.54
C PRO A 126 -31.59 11.06 19.05
N MET A 127 -32.00 9.89 18.56
CA MET A 127 -32.23 9.71 17.13
C MET A 127 -33.64 9.18 16.89
N GLY A 128 -34.34 9.81 15.94
CA GLY A 128 -35.62 9.32 15.49
C GLY A 128 -35.44 8.10 14.59
N GLY A 129 -36.47 7.81 13.80
CA GLY A 129 -36.45 6.62 12.99
C GLY A 129 -36.80 6.92 11.55
N GLY A 130 -36.03 6.35 10.63
CA GLY A 130 -36.24 6.57 9.22
C GLY A 130 -35.53 5.53 8.34
N LYS A 131 -35.88 5.56 7.07
CA LYS A 131 -35.31 4.66 6.08
C LYS A 131 -35.68 5.18 4.70
N GLY A 132 -34.79 4.96 3.74
CA GLY A 132 -35.00 5.43 2.38
C GLY A 132 -34.30 4.54 1.35
N GLY A 133 -34.49 4.88 0.09
CA GLY A 133 -33.83 4.15 -0.98
C GLY A 133 -34.45 4.34 -2.35
N SER A 134 -34.07 3.47 -3.28
CA SER A 134 -34.60 3.48 -4.63
C SER A 134 -34.52 2.08 -5.23
N ASP A 135 -35.33 1.83 -6.26
CA ASP A 135 -35.25 0.58 -7.03
C ASP A 135 -34.11 0.57 -8.06
N PHE A 136 -33.37 1.68 -8.12
CA PHE A 136 -32.12 1.72 -8.90
C PHE A 136 -31.22 0.53 -8.54
N ASP A 137 -30.72 -0.17 -9.55
CA ASP A 137 -29.91 -1.36 -9.36
C ASP A 137 -28.43 -1.09 -9.64
N PRO A 138 -27.63 -0.99 -8.58
CA PRO A 138 -26.21 -0.60 -8.72
C PRO A 138 -25.37 -1.64 -9.42
N LYS A 139 -25.83 -2.87 -9.50
CA LYS A 139 -25.06 -3.93 -10.15
C LYS A 139 -24.84 -3.67 -11.64
N GLY A 140 -23.58 -3.72 -12.07
CA GLY A 140 -23.25 -3.57 -13.47
C GLY A 140 -23.19 -2.12 -13.91
N LYS A 141 -23.43 -1.21 -12.96
CA LYS A 141 -23.34 0.21 -13.23
C LYS A 141 -21.92 0.71 -13.04
N SER A 142 -21.54 1.68 -13.85
CA SER A 142 -20.25 2.34 -13.75
C SER A 142 -20.24 3.36 -12.63
N GLU A 143 -19.03 3.78 -12.24
CA GLU A 143 -18.88 4.87 -11.29
C GLU A 143 -19.60 6.12 -11.76
N GLY A 144 -19.48 6.43 -13.05
CA GLY A 144 -20.18 7.56 -13.63
C GLY A 144 -21.69 7.45 -13.44
N GLU A 145 -22.25 6.31 -13.80
CA GLU A 145 -23.68 6.11 -13.69
C GLU A 145 -24.19 6.26 -12.25
N VAL A 146 -23.49 5.63 -11.32
CA VAL A 146 -23.83 5.73 -9.90
C VAL A 146 -23.72 7.17 -9.39
N MET A 147 -22.66 7.87 -9.75
CA MET A 147 -22.55 9.28 -9.37
C MET A 147 -23.71 10.15 -9.92
N ARG A 148 -23.99 10.04 -11.21
CA ARG A 148 -25.12 10.78 -11.79
C ARG A 148 -26.43 10.37 -11.11
N PHE A 149 -26.58 9.10 -10.77
CA PHE A 149 -27.81 8.71 -10.10
C PHE A 149 -27.91 9.32 -8.70
N CYS A 150 -26.82 9.26 -7.94
CA CYS A 150 -26.82 9.85 -6.59
C CYS A 150 -27.13 11.34 -6.65
N GLN A 151 -26.54 12.02 -7.64
CA GLN A 151 -26.74 13.45 -7.78
C GLN A 151 -28.17 13.79 -8.21
N ALA A 152 -28.71 13.03 -9.16
CA ALA A 152 -30.10 13.22 -9.57
C ALA A 152 -31.06 13.06 -8.37
N LEU A 153 -30.85 12.00 -7.60
CA LEU A 153 -31.70 11.73 -6.46
C LEU A 153 -31.67 12.87 -5.45
N MET A 154 -30.48 13.41 -5.22
CA MET A 154 -30.28 14.51 -4.25
C MET A 154 -30.89 15.83 -4.70
N THR A 155 -31.00 16.05 -6.02
CA THR A 155 -31.60 17.28 -6.50
C THR A 155 -33.04 17.44 -6.02
N GLU A 156 -33.70 16.34 -5.70
CA GLU A 156 -34.99 16.40 -4.99
C GLU A 156 -34.86 16.18 -3.49
N LEU A 157 -34.05 15.18 -3.11
CA LEU A 157 -34.01 14.79 -1.71
C LEU A 157 -33.47 15.88 -0.80
N TYR A 158 -32.52 16.70 -1.28
CA TYR A 158 -31.83 17.64 -0.38
C TYR A 158 -32.78 18.52 0.46
N ARG A 159 -33.95 18.83 -0.09
CA ARG A 159 -34.86 19.76 0.58
C ARG A 159 -35.56 19.15 1.80
N HIS A 160 -35.62 17.83 1.88
CA HIS A 160 -36.28 17.15 3.02
C HIS A 160 -35.35 16.72 4.15
N LEU A 161 -34.07 17.02 4.01
CA LEU A 161 -33.06 16.54 4.96
C LEU A 161 -32.43 17.70 5.71
N GLY A 162 -31.58 17.37 6.68
CA GLY A 162 -30.93 18.38 7.49
C GLY A 162 -30.39 17.83 8.79
N ALA A 163 -29.41 18.52 9.33
CA ALA A 163 -28.71 18.05 10.53
C ALA A 163 -29.63 17.85 11.73
N ASP A 164 -30.74 18.59 11.76
CA ASP A 164 -31.66 18.48 12.90
C ASP A 164 -33.04 18.07 12.40
N THR A 165 -33.06 17.43 11.25
CA THR A 165 -34.31 17.02 10.63
C THR A 165 -34.26 15.55 10.24
N ASP A 166 -33.31 15.20 9.38
CA ASP A 166 -33.17 13.85 8.87
C ASP A 166 -31.72 13.60 8.38
N VAL A 167 -31.07 12.59 8.94
CA VAL A 167 -29.66 12.30 8.67
C VAL A 167 -29.52 10.83 8.24
N PRO A 168 -29.56 10.58 6.92
CA PRO A 168 -29.50 9.20 6.41
C PRO A 168 -28.10 8.62 6.48
N ALA A 169 -27.95 7.41 5.95
CA ALA A 169 -26.68 6.71 5.97
C ALA A 169 -26.70 5.62 4.91
N GLY A 170 -25.71 4.74 4.92
CA GLY A 170 -25.65 3.69 3.91
C GLY A 170 -26.56 2.51 4.24
N ASP A 171 -26.59 1.53 3.34
CA ASP A 171 -27.29 0.27 3.51
C ASP A 171 -26.93 -0.54 2.26
N ILE A 172 -27.65 -1.62 2.01
CA ILE A 172 -27.41 -2.43 0.82
C ILE A 172 -27.46 -1.52 -0.42
N GLY A 173 -26.41 -1.61 -1.24
CA GLY A 173 -26.32 -0.85 -2.48
C GLY A 173 -25.80 0.57 -2.29
N VAL A 174 -25.56 0.96 -1.04
CA VAL A 174 -25.12 2.31 -0.71
C VAL A 174 -23.98 2.27 0.32
N GLY A 175 -22.76 2.26 -0.20
CA GLY A 175 -21.57 2.23 0.64
C GLY A 175 -20.95 3.60 0.83
N GLY A 176 -19.68 3.62 1.21
CA GLY A 176 -18.98 4.88 1.40
C GLY A 176 -18.94 5.73 0.15
N ARG A 177 -18.89 5.10 -1.01
CA ARG A 177 -18.79 5.85 -2.25
C ARG A 177 -20.07 6.65 -2.46
N GLU A 178 -21.20 5.98 -2.30
CA GLU A 178 -22.52 6.59 -2.52
C GLU A 178 -22.85 7.64 -1.48
N VAL A 179 -22.52 7.35 -0.23
CA VAL A 179 -22.69 8.37 0.83
C VAL A 179 -21.87 9.63 0.51
N GLY A 180 -20.65 9.44 0.01
CA GLY A 180 -19.83 10.56 -0.41
C GLY A 180 -20.48 11.39 -1.51
N PHE A 181 -21.00 10.71 -2.53
CA PHE A 181 -21.72 11.36 -3.63
C PHE A 181 -22.93 12.17 -3.16
N MET A 182 -23.74 11.59 -2.26
CA MET A 182 -24.95 12.27 -1.78
C MET A 182 -24.66 13.45 -0.86
N ALA A 183 -23.71 13.27 0.03
CA ALA A 183 -23.34 14.33 0.98
C ALA A 183 -22.73 15.49 0.24
N GLY A 184 -21.92 15.20 -0.78
CA GLY A 184 -21.34 16.26 -1.58
C GLY A 184 -22.39 17.10 -2.27
N MET A 185 -23.39 16.43 -2.84
CA MET A 185 -24.44 17.13 -3.57
C MET A 185 -25.31 17.91 -2.58
N MET A 186 -25.57 17.30 -1.42
CA MET A 186 -26.29 17.95 -0.32
C MET A 186 -25.63 19.27 0.06
N LYS A 187 -24.32 19.22 0.27
CA LYS A 187 -23.56 20.39 0.67
C LYS A 187 -23.59 21.45 -0.42
N LYS A 188 -23.47 21.00 -1.66
CA LYS A 188 -23.45 21.91 -2.80
C LYS A 188 -24.79 22.63 -2.91
N LEU A 189 -25.87 21.87 -2.91
CA LEU A 189 -27.17 22.49 -3.07
C LEU A 189 -27.52 23.42 -1.91
N SER A 190 -27.19 23.00 -0.70
CA SER A 190 -27.60 23.72 0.49
C SER A 190 -26.67 24.85 0.87
N ASN A 191 -25.44 24.82 0.35
CA ASN A 191 -24.40 25.77 0.77
C ASN A 191 -24.20 25.69 2.29
N ASN A 192 -24.16 24.46 2.78
CA ASN A 192 -24.15 24.20 4.23
C ASN A 192 -23.43 22.88 4.49
N THR A 193 -22.45 22.92 5.39
CA THR A 193 -21.57 21.78 5.59
C THR A 193 -21.87 20.96 6.86
N ALA A 194 -23.00 21.24 7.52
CA ALA A 194 -23.37 20.49 8.70
C ALA A 194 -23.59 19.00 8.37
N CYS A 195 -23.54 18.16 9.39
CA CYS A 195 -23.66 16.71 9.20
C CYS A 195 -25.08 16.31 8.79
N VAL A 196 -25.24 15.90 7.53
CA VAL A 196 -26.53 15.42 7.05
C VAL A 196 -26.46 13.92 6.73
N PHE A 197 -25.26 13.38 6.59
CA PHE A 197 -25.06 11.95 6.38
C PHE A 197 -24.01 11.39 7.35
N THR A 198 -24.23 10.18 7.84
CA THR A 198 -23.17 9.48 8.58
C THR A 198 -22.67 8.38 7.68
N GLY A 199 -21.57 7.76 8.07
CA GLY A 199 -20.88 6.88 7.14
C GLY A 199 -19.94 7.66 6.23
N LYS A 200 -19.64 8.91 6.61
CA LYS A 200 -18.76 9.75 5.81
C LYS A 200 -17.31 9.24 5.86
N GLY A 201 -16.50 9.53 4.83
CA GLY A 201 -15.09 9.17 4.84
C GLY A 201 -14.31 10.04 5.82
N LEU A 202 -13.15 9.58 6.24
CA LEU A 202 -12.35 10.29 7.24
C LEU A 202 -11.87 11.67 6.78
N SER A 203 -11.78 11.87 5.47
CA SER A 203 -11.35 13.15 4.93
C SER A 203 -12.42 14.24 5.00
N PHE A 204 -13.67 13.86 5.26
CA PHE A 204 -14.74 14.86 5.36
C PHE A 204 -15.74 14.58 6.48
N GLY A 205 -15.23 14.26 7.67
CA GLY A 205 -16.06 14.25 8.86
C GLY A 205 -16.47 12.88 9.35
N GLY A 206 -15.85 11.86 8.78
CA GLY A 206 -16.13 10.51 9.24
C GLY A 206 -15.55 10.27 10.62
N SER A 207 -15.91 9.15 11.21
CA SER A 207 -15.44 8.81 12.55
C SER A 207 -14.56 7.58 12.55
N LEU A 208 -13.51 7.61 13.36
CA LEU A 208 -12.76 6.39 13.63
C LEU A 208 -13.65 5.40 14.39
N ILE A 209 -13.18 4.16 14.51
CA ILE A 209 -13.85 3.08 15.26
C ILE A 209 -15.05 2.48 14.52
N ARG A 210 -15.36 3.02 13.36
CA ARG A 210 -16.52 2.54 12.63
C ARG A 210 -16.41 1.05 12.22
N PRO A 211 -15.24 0.61 11.69
CA PRO A 211 -15.09 -0.83 11.43
C PRO A 211 -15.10 -1.70 12.70
N GLU A 212 -14.48 -1.21 13.75
CA GLU A 212 -14.41 -1.93 15.02
C GLU A 212 -15.76 -2.00 15.78
N ALA A 213 -16.67 -1.06 15.51
CA ALA A 213 -17.79 -0.75 16.42
C ALA A 213 -18.73 -1.89 16.75
N THR A 214 -19.19 -2.61 15.74
CA THR A 214 -20.18 -3.66 15.97
C THR A 214 -19.61 -4.81 16.81
N GLY A 215 -18.41 -5.28 16.45
CA GLY A 215 -17.71 -6.29 17.23
C GLY A 215 -17.30 -5.83 18.61
N TYR A 216 -16.71 -4.63 18.70
CA TYR A 216 -16.33 -4.06 19.98
C TYR A 216 -17.54 -3.97 20.90
N GLY A 217 -18.67 -3.56 20.33
CA GLY A 217 -19.86 -3.26 21.10
C GLY A 217 -20.51 -4.51 21.63
N LEU A 218 -20.48 -5.57 20.81
CA LEU A 218 -20.93 -6.88 21.22
C LEU A 218 -20.23 -7.33 22.51
N VAL A 219 -18.91 -7.18 22.54
CA VAL A 219 -18.12 -7.59 23.71
C VAL A 219 -18.40 -6.70 24.93
N TYR A 220 -18.47 -5.39 24.73
CA TYR A 220 -18.78 -4.47 25.83
C TYR A 220 -20.13 -4.85 26.47
N PHE A 221 -21.13 -5.10 25.64
CA PHE A 221 -22.45 -5.45 26.12
C PHE A 221 -22.44 -6.78 26.88
N THR A 222 -21.81 -7.79 26.29
CA THR A 222 -21.74 -9.12 26.89
C THR A 222 -21.04 -9.09 28.24
N GLU A 223 -19.98 -8.28 28.34
CA GLU A 223 -19.24 -8.15 29.59
C GLU A 223 -20.11 -7.51 30.68
N ALA A 224 -20.86 -6.47 30.32
CA ALA A 224 -21.83 -5.85 31.23
C ALA A 224 -22.80 -6.90 31.78
N MET A 225 -23.40 -7.68 30.87
CA MET A 225 -24.34 -8.75 31.23
C MET A 225 -23.72 -9.79 32.16
N LEU A 226 -22.55 -10.30 31.78
CA LEU A 226 -21.84 -11.26 32.63
C LEU A 226 -21.58 -10.69 34.02
N LYS A 227 -21.08 -9.46 34.03
CA LYS A 227 -20.66 -8.82 35.27
C LYS A 227 -21.83 -8.67 36.23
N ARG A 228 -22.98 -8.31 35.69
CA ARG A 228 -24.20 -8.20 36.49
C ARG A 228 -24.55 -9.54 37.11
N HIS A 229 -24.25 -10.61 36.38
CA HIS A 229 -24.57 -11.95 36.84
C HIS A 229 -23.36 -12.72 37.43
N GLY A 230 -22.34 -11.99 37.89
CA GLY A 230 -21.23 -12.59 38.63
C GLY A 230 -20.10 -13.19 37.80
N MET A 231 -20.00 -12.77 36.54
CA MET A 231 -19.06 -13.39 35.63
C MET A 231 -18.29 -12.34 34.82
N GLY A 232 -17.45 -12.80 33.90
CA GLY A 232 -16.67 -11.91 33.06
C GLY A 232 -16.04 -12.67 31.91
N PHE A 233 -15.47 -11.96 30.94
CA PHE A 233 -14.79 -12.63 29.84
C PHE A 233 -13.46 -13.25 30.27
N GLU A 234 -12.91 -12.76 31.37
CA GLU A 234 -11.56 -13.17 31.76
C GLU A 234 -11.45 -14.68 31.97
N GLY A 235 -10.61 -15.31 31.17
CA GLY A 235 -10.31 -16.73 31.31
C GLY A 235 -11.42 -17.67 30.85
N MET A 236 -12.36 -17.16 30.08
CA MET A 236 -13.48 -17.97 29.59
C MET A 236 -13.23 -18.49 28.18
N ARG A 237 -13.71 -19.72 27.93
CA ARG A 237 -13.68 -20.24 26.57
C ARG A 237 -14.84 -19.65 25.78
N VAL A 238 -14.48 -18.93 24.73
CA VAL A 238 -15.42 -18.23 23.87
C VAL A 238 -15.35 -18.77 22.44
N SER A 239 -16.50 -19.15 21.89
CA SER A 239 -16.56 -19.53 20.48
C SER A 239 -17.19 -18.42 19.66
N VAL A 240 -16.53 -18.05 18.57
CA VAL A 240 -17.05 -17.06 17.63
C VAL A 240 -17.34 -17.74 16.30
N SER A 241 -18.50 -17.45 15.72
CA SER A 241 -18.77 -17.90 14.36
C SER A 241 -18.61 -16.71 13.41
N GLY A 242 -18.26 -16.99 12.16
CA GLY A 242 -18.03 -15.92 11.21
C GLY A 242 -16.57 -15.54 11.25
N SER A 243 -16.19 -14.70 10.29
CA SER A 243 -14.81 -14.27 10.16
C SER A 243 -14.76 -12.98 9.37
N GLY A 244 -15.87 -12.23 9.40
CA GLY A 244 -15.92 -10.94 8.74
C GLY A 244 -15.73 -9.80 9.74
N ASN A 245 -16.25 -8.62 9.39
CA ASN A 245 -16.12 -7.43 10.21
C ASN A 245 -16.49 -7.63 11.70
N VAL A 246 -17.66 -8.20 11.96
CA VAL A 246 -18.15 -8.38 13.34
C VAL A 246 -17.29 -9.36 14.14
N ALA A 247 -17.07 -10.54 13.58
CA ALA A 247 -16.23 -11.55 14.25
C ALA A 247 -14.83 -11.03 14.53
N GLN A 248 -14.21 -10.40 13.53
CA GLN A 248 -12.83 -9.92 13.69
C GLN A 248 -12.67 -9.03 14.92
N TYR A 249 -13.48 -8.00 15.00
CA TYR A 249 -13.31 -7.03 16.08
C TYR A 249 -13.95 -7.51 17.37
N ALA A 250 -14.81 -8.51 17.31
CA ALA A 250 -15.25 -9.17 18.54
C ALA A 250 -14.10 -10.01 19.10
N ILE A 251 -13.38 -10.70 18.22
CA ILE A 251 -12.22 -11.44 18.70
C ILE A 251 -11.22 -10.46 19.30
N GLU A 252 -10.98 -9.37 18.59
CA GLU A 252 -10.03 -8.37 19.04
C GLU A 252 -10.37 -7.87 20.44
N LYS A 253 -11.62 -7.45 20.65
CA LYS A 253 -11.96 -6.91 21.96
C LYS A 253 -12.02 -7.96 23.06
N ALA A 254 -12.52 -9.14 22.74
CA ALA A 254 -12.58 -10.25 23.70
C ALA A 254 -11.18 -10.60 24.21
N MET A 255 -10.20 -10.59 23.31
CA MET A 255 -8.82 -10.87 23.69
C MET A 255 -8.28 -9.84 24.69
N GLU A 256 -8.76 -8.61 24.60
CA GLU A 256 -8.31 -7.55 25.49
C GLU A 256 -8.85 -7.75 26.90
N PHE A 257 -10.03 -8.36 27.00
CA PHE A 257 -10.66 -8.64 28.30
C PHE A 257 -10.13 -9.94 28.88
N GLY A 258 -9.24 -10.60 28.15
CA GLY A 258 -8.57 -11.78 28.66
C GLY A 258 -9.32 -13.08 28.41
N ALA A 259 -10.20 -13.08 27.42
CA ALA A 259 -10.90 -14.31 27.02
C ALA A 259 -10.00 -15.27 26.24
N ARG A 260 -10.39 -16.54 26.21
CA ARG A 260 -9.74 -17.53 25.38
C ARG A 260 -10.68 -17.85 24.22
N VAL A 261 -10.48 -17.16 23.10
CA VAL A 261 -11.33 -17.33 21.92
C VAL A 261 -10.83 -18.50 21.11
N ILE A 262 -11.66 -19.52 20.94
CA ILE A 262 -11.16 -20.79 20.43
C ILE A 262 -11.72 -21.22 19.06
N THR A 263 -12.57 -20.39 18.45
CA THR A 263 -13.04 -20.67 17.09
C THR A 263 -13.23 -19.43 16.23
N ALA A 264 -13.26 -19.65 14.92
CA ALA A 264 -13.79 -18.69 13.94
C ALA A 264 -14.34 -19.55 12.79
N SER A 265 -15.08 -18.97 11.86
CA SER A 265 -15.65 -19.80 10.80
C SER A 265 -16.04 -19.01 9.55
N ASP A 266 -16.08 -19.70 8.41
CA ASP A 266 -16.82 -19.18 7.25
C ASP A 266 -17.78 -20.24 6.74
N SER A 267 -18.46 -19.98 5.62
CA SER A 267 -19.45 -20.93 5.12
C SER A 267 -18.88 -22.31 4.79
N SER A 268 -17.56 -22.40 4.63
CA SER A 268 -16.93 -23.69 4.38
C SER A 268 -16.65 -24.49 5.66
N GLY A 269 -16.37 -23.81 6.77
CA GLY A 269 -16.13 -24.53 8.01
C GLY A 269 -15.52 -23.73 9.16
N THR A 270 -15.13 -24.44 10.20
CA THR A 270 -14.69 -23.81 11.44
C THR A 270 -13.25 -24.19 11.81
N VAL A 271 -12.45 -23.18 12.18
CA VAL A 271 -11.14 -23.41 12.77
C VAL A 271 -11.33 -23.48 14.28
N VAL A 272 -10.59 -24.37 14.92
CA VAL A 272 -10.65 -24.61 16.36
C VAL A 272 -9.25 -24.49 16.92
N ASP A 273 -9.05 -23.58 17.87
CA ASP A 273 -7.74 -23.34 18.47
C ASP A 273 -7.87 -23.27 19.99
N GLU A 274 -7.69 -24.41 20.67
CA GLU A 274 -7.98 -24.43 22.10
C GLU A 274 -6.96 -23.67 22.93
N SER A 275 -5.84 -23.29 22.31
CA SER A 275 -4.86 -22.48 23.01
C SER A 275 -5.33 -21.02 23.00
N GLY A 276 -6.16 -20.69 22.01
CA GLY A 276 -6.77 -19.37 21.93
C GLY A 276 -6.17 -18.44 20.90
N PHE A 277 -7.01 -17.59 20.32
CA PHE A 277 -6.53 -16.53 19.44
C PHE A 277 -5.57 -15.59 20.15
N THR A 278 -4.60 -15.08 19.38
CA THR A 278 -3.72 -14.00 19.80
C THR A 278 -3.80 -12.88 18.73
N LYS A 279 -3.21 -11.73 19.04
CA LYS A 279 -3.11 -10.60 18.10
C LYS A 279 -2.46 -11.04 16.79
N GLU A 280 -1.33 -11.73 16.90
CA GLU A 280 -0.59 -12.21 15.75
C GLU A 280 -1.49 -13.05 14.85
N LYS A 281 -2.10 -14.06 15.46
CA LYS A 281 -3.00 -14.97 14.76
C LYS A 281 -4.16 -14.24 14.11
N LEU A 282 -4.74 -13.28 14.83
CA LEU A 282 -5.88 -12.53 14.31
C LEU A 282 -5.53 -11.69 13.07
N ALA A 283 -4.41 -10.97 13.12
CA ALA A 283 -3.94 -10.21 11.97
C ALA A 283 -3.79 -11.09 10.73
N ARG A 284 -3.33 -12.32 10.92
CA ARG A 284 -3.22 -13.28 9.81
C ARG A 284 -4.58 -13.77 9.31
N LEU A 285 -5.54 -14.00 10.21
CA LEU A 285 -6.87 -14.39 9.78
C LEU A 285 -7.51 -13.28 8.92
N ILE A 286 -7.35 -12.03 9.36
CA ILE A 286 -7.89 -10.86 8.64
C ILE A 286 -7.26 -10.70 7.25
N GLU A 287 -5.94 -10.70 7.20
CA GLU A 287 -5.24 -10.59 5.91
C GLU A 287 -5.71 -11.66 4.94
N ILE A 288 -5.85 -12.87 5.46
CA ILE A 288 -6.33 -14.02 4.68
C ILE A 288 -7.77 -13.81 4.17
N LYS A 289 -8.66 -13.38 5.07
CA LYS A 289 -10.06 -13.20 4.69
C LYS A 289 -10.28 -11.92 3.88
N SER A 290 -9.24 -11.10 3.72
CA SER A 290 -9.35 -9.87 2.96
C SER A 290 -9.34 -10.14 1.45
N SER A 291 -8.90 -11.33 1.07
CA SER A 291 -8.90 -11.75 -0.32
C SER A 291 -10.09 -12.64 -0.61
N ARG A 292 -10.61 -12.55 -1.83
CA ARG A 292 -11.86 -13.22 -2.21
C ARG A 292 -11.75 -14.74 -2.08
N ASP A 293 -10.58 -15.27 -2.40
CA ASP A 293 -10.36 -16.72 -2.34
C ASP A 293 -9.95 -17.20 -0.94
N GLY A 294 -9.56 -16.26 -0.08
CA GLY A 294 -9.07 -16.60 1.25
C GLY A 294 -10.10 -17.28 2.13
N ARG A 295 -9.70 -18.38 2.78
CA ARG A 295 -10.61 -19.18 3.60
C ARG A 295 -10.13 -19.38 5.03
N VAL A 296 -11.06 -19.67 5.94
CA VAL A 296 -10.70 -20.03 7.31
C VAL A 296 -9.76 -21.25 7.28
N ALA A 297 -10.03 -22.17 6.36
CA ALA A 297 -9.19 -23.36 6.22
C ALA A 297 -7.72 -23.04 5.94
N ASP A 298 -7.45 -21.97 5.19
CA ASP A 298 -6.07 -21.55 4.92
C ASP A 298 -5.38 -21.08 6.21
N TYR A 299 -6.14 -20.35 7.03
CA TYR A 299 -5.65 -19.92 8.34
C TYR A 299 -5.30 -21.12 9.21
N ALA A 300 -6.21 -22.09 9.27
CA ALA A 300 -6.00 -23.31 10.04
C ALA A 300 -4.71 -24.02 9.61
N LYS A 301 -4.53 -24.17 8.30
CA LYS A 301 -3.36 -24.89 7.77
C LYS A 301 -2.08 -24.15 8.12
N GLU A 302 -2.11 -22.82 8.00
CA GLU A 302 -0.95 -22.01 8.30
C GLU A 302 -0.49 -22.19 9.75
N PHE A 303 -1.43 -22.23 10.69
CA PHE A 303 -1.09 -22.29 12.12
C PHE A 303 -1.10 -23.70 12.71
N GLY A 304 -1.33 -24.72 11.88
CA GLY A 304 -1.39 -26.09 12.34
C GLY A 304 -2.55 -26.36 13.28
N LEU A 305 -3.70 -25.73 13.00
CA LEU A 305 -4.88 -25.87 13.84
C LEU A 305 -5.90 -26.85 13.27
N VAL A 306 -6.73 -27.39 14.14
CA VAL A 306 -7.83 -28.25 13.74
C VAL A 306 -8.84 -27.47 12.87
N TYR A 307 -9.35 -28.12 11.83
CA TYR A 307 -10.31 -27.50 10.94
C TYR A 307 -11.46 -28.47 10.69
N LEU A 308 -12.69 -27.98 10.81
CA LEU A 308 -13.85 -28.83 10.63
C LEU A 308 -14.61 -28.42 9.37
N GLU A 309 -14.38 -29.15 8.29
CA GLU A 309 -15.04 -28.88 7.02
C GLU A 309 -16.55 -29.00 7.13
N GLY A 310 -17.25 -27.95 6.74
CA GLY A 310 -18.70 -28.02 6.64
C GLY A 310 -19.37 -28.15 7.99
N GLN A 311 -18.69 -27.64 9.04
CA GLN A 311 -19.27 -27.64 10.37
C GLN A 311 -19.23 -26.25 10.99
N GLN A 312 -20.18 -26.03 11.89
CA GLN A 312 -20.27 -24.81 12.68
C GLN A 312 -19.49 -24.99 13.98
N PRO A 313 -19.27 -23.89 14.72
CA PRO A 313 -18.50 -24.01 15.97
C PRO A 313 -19.25 -24.61 17.16
N TRP A 314 -20.54 -24.88 17.04
CA TRP A 314 -21.37 -25.10 18.24
C TRP A 314 -21.22 -26.47 18.91
N SER A 315 -20.36 -27.32 18.37
CA SER A 315 -20.06 -28.59 19.03
C SER A 315 -19.01 -28.41 20.13
N VAL A 316 -18.29 -27.29 20.08
CA VAL A 316 -17.15 -27.11 20.98
C VAL A 316 -17.61 -26.55 22.35
N PRO A 317 -17.24 -27.24 23.43
CA PRO A 317 -17.61 -26.76 24.78
C PRO A 317 -17.02 -25.38 25.07
N VAL A 318 -17.86 -24.45 25.52
CA VAL A 318 -17.44 -23.07 25.76
C VAL A 318 -18.22 -22.47 26.92
N ASP A 319 -17.72 -21.38 27.45
CA ASP A 319 -18.45 -20.60 28.45
C ASP A 319 -19.37 -19.62 27.75
N ILE A 320 -18.92 -19.10 26.61
CA ILE A 320 -19.65 -18.03 25.93
C ILE A 320 -19.69 -18.30 24.43
N ALA A 321 -20.84 -18.09 23.82
CA ALA A 321 -20.98 -18.25 22.38
C ALA A 321 -21.39 -16.95 21.70
N LEU A 322 -20.67 -16.59 20.63
CA LEU A 322 -20.93 -15.34 19.91
C LEU A 322 -21.13 -15.57 18.41
N PRO A 323 -22.37 -15.90 18.01
CA PRO A 323 -22.72 -16.03 16.60
C PRO A 323 -22.59 -14.70 15.88
N CYS A 324 -21.62 -14.62 14.96
CA CYS A 324 -21.33 -13.40 14.23
C CYS A 324 -21.29 -13.61 12.71
N ALA A 325 -21.94 -14.68 12.25
CA ALA A 325 -21.96 -14.98 10.84
C ALA A 325 -23.22 -14.48 10.10
N THR A 326 -24.37 -15.08 10.38
CA THR A 326 -25.57 -14.83 9.57
C THR A 326 -26.86 -15.23 10.31
N GLN A 327 -28.01 -14.87 9.73
CA GLN A 327 -29.32 -15.16 10.35
C GLN A 327 -29.65 -16.66 10.42
N ASN A 328 -30.19 -17.10 11.56
CA ASN A 328 -30.57 -18.49 11.77
C ASN A 328 -29.40 -19.49 11.75
N GLU A 329 -28.20 -19.00 12.00
CA GLU A 329 -27.03 -19.87 12.04
C GLU A 329 -26.98 -20.72 13.31
N LEU A 330 -27.81 -20.39 14.30
CA LEU A 330 -27.80 -21.11 15.57
C LEU A 330 -29.19 -21.64 15.93
N ASP A 331 -29.43 -22.91 15.60
CA ASP A 331 -30.73 -23.53 15.78
C ASP A 331 -30.76 -24.47 17.00
N VAL A 332 -31.90 -25.10 17.23
CA VAL A 332 -32.12 -25.90 18.44
C VAL A 332 -31.09 -26.99 18.68
N ASP A 333 -30.76 -27.74 17.63
CA ASP A 333 -29.79 -28.83 17.77
C ASP A 333 -28.48 -28.30 18.32
N ALA A 334 -28.00 -27.21 17.73
CA ALA A 334 -26.80 -26.54 18.22
C ALA A 334 -26.98 -26.05 19.67
N ALA A 335 -28.15 -25.48 19.97
CA ALA A 335 -28.47 -24.99 21.30
C ALA A 335 -28.35 -26.08 22.37
N HIS A 336 -28.91 -27.25 22.06
CA HIS A 336 -28.81 -28.40 22.95
C HIS A 336 -27.36 -28.74 23.29
N GLN A 337 -26.51 -28.79 22.26
CA GLN A 337 -25.11 -29.12 22.45
C GLN A 337 -24.44 -28.12 23.40
N LEU A 338 -24.53 -26.85 23.04
CA LEU A 338 -23.94 -25.77 23.83
C LEU A 338 -24.36 -25.89 25.28
N ILE A 339 -25.66 -26.09 25.49
CA ILE A 339 -26.23 -26.22 26.83
C ILE A 339 -25.63 -27.42 27.58
N ALA A 340 -25.71 -28.59 26.96
CA ALA A 340 -25.15 -29.79 27.57
C ALA A 340 -23.64 -29.66 27.81
N ASN A 341 -22.98 -28.82 27.01
CA ASN A 341 -21.55 -28.59 27.21
C ASN A 341 -21.26 -27.48 28.23
N GLY A 342 -22.34 -26.88 28.73
CA GLY A 342 -22.23 -25.97 29.86
C GLY A 342 -22.05 -24.51 29.52
N VAL A 343 -22.52 -24.10 28.35
CA VAL A 343 -22.46 -22.68 27.97
C VAL A 343 -23.14 -21.83 29.05
N LYS A 344 -22.56 -20.67 29.35
CA LYS A 344 -23.06 -19.75 30.36
C LYS A 344 -23.78 -18.53 29.77
N ALA A 345 -23.35 -18.14 28.58
CA ALA A 345 -23.93 -16.98 27.92
C ALA A 345 -23.87 -17.07 26.40
N VAL A 346 -24.83 -16.43 25.76
CA VAL A 346 -24.86 -16.29 24.32
C VAL A 346 -25.23 -14.86 23.99
N ALA A 347 -24.51 -14.26 23.06
CA ALA A 347 -24.80 -12.89 22.65
C ALA A 347 -24.66 -12.76 21.13
N GLU A 348 -25.60 -12.03 20.52
CA GLU A 348 -25.75 -12.00 19.07
C GLU A 348 -24.97 -10.88 18.39
N GLY A 349 -23.94 -11.25 17.62
CA GLY A 349 -23.24 -10.30 16.77
C GLY A 349 -23.87 -10.07 15.42
N ALA A 350 -24.36 -11.14 14.79
CA ALA A 350 -25.03 -11.03 13.50
C ALA A 350 -26.48 -10.63 13.70
N ASN A 351 -27.20 -10.52 12.59
CA ASN A 351 -28.63 -10.19 12.63
C ASN A 351 -29.45 -11.46 12.82
N MET A 352 -30.16 -11.51 13.93
CA MET A 352 -30.98 -12.67 14.29
C MET A 352 -30.33 -14.04 14.01
N PRO A 353 -29.14 -14.32 14.58
CA PRO A 353 -28.55 -15.62 14.25
C PRO A 353 -29.25 -16.76 14.95
N THR A 354 -29.87 -16.47 16.09
CA THR A 354 -30.46 -17.53 16.90
C THR A 354 -31.94 -17.68 16.52
N THR A 355 -32.35 -18.91 16.23
CA THR A 355 -33.76 -19.16 15.94
C THR A 355 -34.59 -19.02 17.20
N ILE A 356 -35.88 -18.74 17.01
CA ILE A 356 -36.82 -18.54 18.10
C ILE A 356 -36.77 -19.69 19.09
N GLU A 357 -36.84 -20.92 18.57
CA GLU A 357 -36.82 -22.11 19.40
C GLU A 357 -35.50 -22.25 20.16
N ALA A 358 -34.38 -21.93 19.51
CA ALA A 358 -33.08 -22.05 20.17
C ALA A 358 -32.95 -21.01 21.28
N THR A 359 -33.47 -19.81 21.02
CA THR A 359 -33.52 -18.73 21.99
C THR A 359 -34.28 -19.14 23.26
N GLU A 360 -35.45 -19.74 23.09
CA GLU A 360 -36.27 -20.19 24.20
C GLU A 360 -35.55 -21.23 25.02
N LEU A 361 -34.86 -22.13 24.32
CA LEU A 361 -34.11 -23.20 24.93
C LEU A 361 -33.01 -22.66 25.85
N PHE A 362 -32.32 -21.63 25.37
CA PHE A 362 -31.25 -21.00 26.14
C PHE A 362 -31.82 -20.38 27.42
N GLN A 363 -32.83 -19.52 27.24
CA GLN A 363 -33.44 -18.82 28.36
C GLN A 363 -34.00 -19.81 29.41
N GLN A 364 -34.70 -20.83 28.95
CA GLN A 364 -35.32 -21.82 29.83
C GLN A 364 -34.28 -22.63 30.63
N ALA A 365 -33.04 -22.67 30.15
CA ALA A 365 -32.00 -23.40 30.85
C ALA A 365 -31.08 -22.50 31.67
N GLY A 366 -31.49 -21.24 31.83
CA GLY A 366 -30.70 -20.29 32.60
C GLY A 366 -29.41 -19.84 31.93
N VAL A 367 -29.39 -19.86 30.61
CA VAL A 367 -28.25 -19.33 29.87
C VAL A 367 -28.51 -17.88 29.56
N LEU A 368 -27.59 -17.01 29.95
CA LEU A 368 -27.74 -15.60 29.61
C LEU A 368 -27.83 -15.42 28.09
N PHE A 369 -28.78 -14.60 27.65
CA PHE A 369 -28.97 -14.38 26.22
C PHE A 369 -29.14 -12.90 25.87
N ALA A 370 -28.16 -12.36 25.15
CA ALA A 370 -28.23 -10.97 24.70
C ALA A 370 -28.66 -10.88 23.25
N PRO A 371 -29.84 -10.26 23.00
CA PRO A 371 -30.35 -10.21 21.61
C PRO A 371 -29.56 -9.21 20.78
N GLY A 372 -29.50 -9.45 19.48
CA GLY A 372 -28.81 -8.58 18.55
C GLY A 372 -29.22 -7.11 18.57
N LYS A 373 -30.50 -6.82 18.70
CA LYS A 373 -30.94 -5.42 18.63
C LYS A 373 -30.25 -4.60 19.71
N ALA A 374 -29.99 -5.24 20.85
CA ALA A 374 -29.19 -4.60 21.89
C ALA A 374 -27.70 -4.84 21.67
N ALA A 375 -27.31 -6.10 21.43
CA ALA A 375 -25.90 -6.48 21.46
C ALA A 375 -25.08 -6.00 20.26
N ASN A 376 -25.71 -5.92 19.09
CA ASN A 376 -24.97 -5.51 17.89
C ASN A 376 -25.15 -4.03 17.49
N ALA A 377 -25.68 -3.24 18.42
CA ALA A 377 -26.03 -1.85 18.15
C ALA A 377 -24.82 -0.91 18.09
N GLY A 378 -23.63 -1.45 18.30
CA GLY A 378 -22.40 -0.67 18.26
C GLY A 378 -22.25 0.18 17.00
N GLY A 379 -22.69 -0.37 15.87
CA GLY A 379 -22.60 0.33 14.60
C GLY A 379 -23.47 1.58 14.63
N VAL A 380 -24.75 1.39 14.94
CA VAL A 380 -25.65 2.53 15.04
C VAL A 380 -25.12 3.53 16.05
N ALA A 381 -24.63 3.03 17.18
CA ALA A 381 -24.12 3.91 18.22
C ALA A 381 -23.00 4.79 17.67
N THR A 382 -22.12 4.22 16.87
CA THR A 382 -20.99 4.98 16.33
C THR A 382 -21.42 6.01 15.29
N SER A 383 -22.54 5.77 14.61
CA SER A 383 -23.13 6.80 13.75
C SER A 383 -23.61 7.98 14.61
N GLY A 384 -24.06 7.68 15.84
CA GLY A 384 -24.40 8.72 16.78
C GLY A 384 -23.17 9.49 17.22
N LEU A 385 -22.05 8.79 17.38
CA LEU A 385 -20.81 9.44 17.77
C LEU A 385 -20.24 10.29 16.64
N GLU A 386 -20.44 9.84 15.39
CA GLU A 386 -20.02 10.64 14.24
C GLU A 386 -20.81 11.96 14.22
N MET A 387 -22.12 11.86 14.43
CA MET A 387 -22.97 13.06 14.51
C MET A 387 -22.50 14.01 15.60
N ALA A 388 -22.19 13.44 16.77
CA ALA A 388 -21.67 14.19 17.91
C ALA A 388 -20.33 14.90 17.60
N GLN A 389 -19.37 14.18 17.04
CA GLN A 389 -18.09 14.80 16.71
C GLN A 389 -18.26 15.94 15.72
N ASN A 390 -19.16 15.76 14.74
CA ASN A 390 -19.40 16.81 13.75
C ASN A 390 -20.02 18.02 14.42
N ALA A 391 -20.96 17.74 15.33
CA ALA A 391 -21.63 18.79 16.09
C ALA A 391 -20.63 19.56 16.91
N ALA A 392 -19.65 18.86 17.47
CA ALA A 392 -18.65 19.50 18.34
C ALA A 392 -17.58 20.22 17.53
N ARG A 393 -17.55 19.96 16.22
CA ARG A 393 -16.55 20.53 15.30
C ARG A 393 -15.14 20.06 15.62
N LEU A 394 -15.04 18.87 16.19
CA LEU A 394 -13.75 18.29 16.54
C LEU A 394 -13.81 16.79 16.33
N GLY A 395 -12.78 16.26 15.67
CA GLY A 395 -12.63 14.82 15.56
C GLY A 395 -11.92 14.23 16.76
N TRP A 396 -12.37 13.06 17.19
CA TRP A 396 -11.77 12.38 18.34
C TRP A 396 -10.80 11.30 17.90
N LYS A 397 -9.75 11.10 18.71
CA LYS A 397 -8.82 9.99 18.52
C LYS A 397 -9.57 8.69 18.71
N ALA A 398 -9.01 7.60 18.21
CA ALA A 398 -9.69 6.30 18.26
C ALA A 398 -9.97 5.86 19.69
N GLU A 399 -9.02 6.13 20.57
CA GLU A 399 -9.11 5.76 21.98
C GLU A 399 -10.33 6.42 22.63
N LYS A 400 -10.57 7.68 22.29
CA LYS A 400 -11.69 8.42 22.84
C LYS A 400 -13.05 7.97 22.26
N VAL A 401 -13.09 7.71 20.95
CA VAL A 401 -14.33 7.22 20.35
C VAL A 401 -14.69 5.88 20.96
N ASP A 402 -13.67 5.03 21.14
CA ASP A 402 -13.84 3.70 21.71
C ASP A 402 -14.41 3.75 23.13
N ALA A 403 -13.88 4.65 23.95
CA ALA A 403 -14.37 4.74 25.33
C ALA A 403 -15.80 5.28 25.35
N ARG A 404 -16.09 6.24 24.48
CA ARG A 404 -17.42 6.80 24.42
C ARG A 404 -18.42 5.73 23.94
N LEU A 405 -18.00 4.97 22.95
CA LEU A 405 -18.76 3.81 22.48
C LEU A 405 -19.05 2.83 23.62
N HIS A 406 -18.03 2.56 24.46
CA HIS A 406 -18.18 1.66 25.59
C HIS A 406 -19.28 2.17 26.53
N HIS A 407 -19.22 3.45 26.87
CA HIS A 407 -20.24 4.06 27.74
C HIS A 407 -21.65 3.97 27.18
N ILE A 408 -21.79 4.08 25.87
CA ILE A 408 -23.10 3.89 25.25
C ILE A 408 -23.60 2.47 25.47
N MET A 409 -22.76 1.46 25.20
CA MET A 409 -23.14 0.06 25.39
C MET A 409 -23.59 -0.24 26.83
N LEU A 410 -22.89 0.32 27.81
CA LEU A 410 -23.28 0.15 29.22
C LEU A 410 -24.67 0.74 29.47
N ASP A 411 -24.95 1.87 28.80
CA ASP A 411 -26.23 2.56 28.88
C ASP A 411 -27.34 1.76 28.21
N ILE A 412 -27.04 1.17 27.05
CA ILE A 412 -27.96 0.22 26.43
C ILE A 412 -28.18 -0.98 27.35
N HIS A 413 -27.10 -1.48 27.94
CA HIS A 413 -27.23 -2.55 28.90
C HIS A 413 -28.19 -2.15 30.04
N HIS A 414 -27.98 -0.96 30.60
CA HIS A 414 -28.83 -0.48 31.68
C HIS A 414 -30.32 -0.37 31.28
N ALA A 415 -30.58 0.20 30.09
CA ALA A 415 -31.94 0.29 29.56
C ALA A 415 -32.66 -1.07 29.54
N CYS A 416 -31.97 -2.11 29.07
CA CYS A 416 -32.54 -3.46 29.02
C CYS A 416 -32.81 -4.05 30.39
N VAL A 417 -31.89 -3.81 31.32
CA VAL A 417 -32.03 -4.31 32.68
C VAL A 417 -33.27 -3.68 33.35
N GLU A 418 -33.52 -2.41 33.06
CA GLU A 418 -34.66 -1.70 33.65
C GLU A 418 -35.98 -2.41 33.33
N HIS A 419 -36.06 -3.05 32.17
CA HIS A 419 -37.33 -3.65 31.75
C HIS A 419 -37.22 -5.15 31.60
N GLY A 420 -36.16 -5.73 32.16
CA GLY A 420 -35.88 -7.15 31.98
C GLY A 420 -36.36 -8.05 33.11
N GLY A 421 -37.14 -7.49 34.02
CA GLY A 421 -37.79 -8.29 35.05
C GLY A 421 -36.93 -8.51 36.28
N GLU A 422 -37.48 -9.22 37.26
CA GLU A 422 -36.80 -9.39 38.54
C GLU A 422 -36.44 -10.85 38.78
N GLY A 423 -36.37 -11.64 37.71
CA GLY A 423 -35.94 -13.01 37.81
C GLY A 423 -34.49 -13.10 38.25
N GLU A 424 -34.03 -14.32 38.52
CA GLU A 424 -32.64 -14.56 38.89
C GLU A 424 -31.68 -14.07 37.82
N GLN A 425 -32.14 -14.14 36.57
CA GLN A 425 -31.40 -13.60 35.45
C GLN A 425 -32.27 -12.57 34.75
N THR A 426 -31.66 -11.45 34.36
CA THR A 426 -32.34 -10.44 33.57
C THR A 426 -32.73 -11.08 32.23
N ASN A 427 -33.96 -10.81 31.81
CA ASN A 427 -34.42 -11.24 30.50
C ASN A 427 -34.16 -10.11 29.51
N TYR A 428 -33.12 -10.26 28.69
CA TYR A 428 -32.74 -9.20 27.76
C TYR A 428 -33.57 -9.13 26.47
N VAL A 429 -34.17 -10.26 26.06
CA VAL A 429 -35.10 -10.22 24.93
C VAL A 429 -36.27 -9.28 25.27
N GLN A 430 -36.91 -9.57 26.39
CA GLN A 430 -37.98 -8.73 26.93
C GLN A 430 -37.51 -7.30 27.19
N GLY A 431 -36.35 -7.18 27.83
CA GLY A 431 -35.80 -5.88 28.16
C GLY A 431 -35.49 -4.99 26.96
N ALA A 432 -34.86 -5.56 25.94
CA ALA A 432 -34.54 -4.80 24.73
C ALA A 432 -35.80 -4.36 23.99
N ASN A 433 -36.77 -5.26 23.95
CA ASN A 433 -38.03 -4.98 23.26
C ASN A 433 -38.81 -3.85 23.91
N ILE A 434 -39.01 -3.94 25.21
CA ILE A 434 -39.76 -2.93 25.95
C ILE A 434 -39.08 -1.56 25.98
N ALA A 435 -37.79 -1.54 26.29
CA ALA A 435 -37.03 -0.30 26.46
C ALA A 435 -37.10 0.62 25.23
N GLY A 436 -36.92 0.06 24.04
CA GLY A 436 -37.01 0.83 22.82
C GLY A 436 -38.40 1.43 22.63
N PHE A 437 -39.42 0.62 22.81
CA PHE A 437 -40.79 1.11 22.73
C PHE A 437 -41.12 2.18 23.79
N VAL A 438 -40.73 1.91 25.03
CA VAL A 438 -41.05 2.82 26.13
C VAL A 438 -40.51 4.23 25.94
N LYS A 439 -39.30 4.35 25.38
CA LYS A 439 -38.74 5.69 25.21
C LYS A 439 -39.42 6.45 24.07
N VAL A 440 -39.75 5.75 22.99
CA VAL A 440 -40.51 6.39 21.91
C VAL A 440 -41.87 6.83 22.45
N ALA A 441 -42.54 5.91 23.14
CA ALA A 441 -43.89 6.15 23.64
C ALA A 441 -43.92 7.31 24.62
N ASP A 442 -42.93 7.37 25.49
CA ASP A 442 -42.85 8.43 26.49
C ASP A 442 -42.69 9.78 25.83
N ALA A 443 -41.86 9.83 24.80
CA ALA A 443 -41.62 11.08 24.09
C ALA A 443 -42.86 11.49 23.31
N MET A 444 -43.55 10.52 22.72
CA MET A 444 -44.79 10.80 21.99
C MET A 444 -45.87 11.34 22.91
N LEU A 445 -46.02 10.71 24.07
CA LEU A 445 -47.03 11.14 25.03
C LEU A 445 -46.71 12.56 25.48
N ALA A 446 -45.43 12.84 25.74
CA ALA A 446 -45.02 14.12 26.28
C ALA A 446 -45.26 15.27 25.30
N GLN A 447 -45.12 14.98 24.02
CA GLN A 447 -45.12 16.05 23.02
C GLN A 447 -46.50 16.39 22.43
N GLY A 448 -47.54 15.74 22.95
CA GLY A 448 -48.92 16.11 22.63
C GLY A 448 -49.41 15.60 21.29
N VAL A 449 -50.61 16.00 20.91
CA VAL A 449 -51.24 15.48 19.69
C VAL A 449 -50.74 16.22 18.46
N ILE A 450 -49.83 15.58 17.72
CA ILE A 450 -49.23 16.21 16.53
C ILE A 450 -49.08 15.23 15.39
N SER B 9 -75.33 44.74 27.33
CA SER B 9 -74.47 43.87 26.54
C SER B 9 -73.31 44.69 26.02
N LEU B 10 -73.58 45.92 25.61
CA LEU B 10 -72.54 46.77 25.03
C LEU B 10 -71.50 47.20 26.07
N GLU B 11 -71.96 47.87 27.12
CA GLU B 11 -71.07 48.32 28.18
C GLU B 11 -70.23 47.17 28.78
N SER B 12 -70.84 46.00 28.94
CA SER B 12 -70.11 44.86 29.49
C SER B 12 -68.97 44.41 28.58
N PHE B 13 -69.21 44.44 27.28
CA PHE B 13 -68.17 44.09 26.31
C PHE B 13 -66.99 45.05 26.37
N LEU B 14 -67.29 46.34 26.32
CA LEU B 14 -66.26 47.37 26.34
C LEU B 14 -65.47 47.30 27.65
N ASN B 15 -66.18 47.09 28.75
CA ASN B 15 -65.54 46.87 30.05
C ASN B 15 -64.56 45.70 29.97
N HIS B 16 -65.04 44.56 29.48
CA HIS B 16 -64.16 43.41 29.29
C HIS B 16 -62.94 43.68 28.39
N VAL B 17 -63.13 44.44 27.32
CA VAL B 17 -62.04 44.74 26.41
C VAL B 17 -60.99 45.61 27.12
N GLN B 18 -61.44 46.43 28.05
CA GLN B 18 -60.51 47.37 28.70
C GLN B 18 -59.73 46.79 29.88
N LYS B 19 -60.06 45.57 30.31
CA LYS B 19 -59.26 44.89 31.33
C LYS B 19 -57.78 44.73 30.90
N ARG B 20 -57.56 44.28 29.67
CA ARG B 20 -56.20 44.06 29.18
C ARG B 20 -55.43 45.34 28.93
N ASP B 21 -56.14 46.39 28.53
CA ASP B 21 -55.51 47.66 28.21
C ASP B 21 -56.12 48.83 28.97
N PRO B 22 -55.98 48.82 30.31
CA PRO B 22 -56.72 49.81 31.12
C PRO B 22 -56.24 51.26 30.92
N ASN B 23 -55.13 51.46 30.23
CA ASN B 23 -54.63 52.82 30.07
C ASN B 23 -54.54 53.27 28.60
N GLN B 24 -54.98 52.43 27.68
CA GLN B 24 -54.98 52.78 26.24
C GLN B 24 -56.26 53.55 25.91
N THR B 25 -56.25 54.83 26.24
CA THR B 25 -57.43 55.68 26.13
C THR B 25 -57.93 55.80 24.70
N GLU B 26 -57.02 56.16 23.78
CA GLU B 26 -57.36 56.24 22.37
C GLU B 26 -57.98 54.94 21.83
N PHE B 27 -57.31 53.81 22.08
CA PHE B 27 -57.81 52.52 21.62
C PHE B 27 -59.21 52.22 22.15
N ALA B 28 -59.38 52.37 23.47
CA ALA B 28 -60.71 52.24 24.09
C ALA B 28 -61.79 53.09 23.42
N GLN B 29 -61.46 54.35 23.11
CA GLN B 29 -62.43 55.22 22.43
C GLN B 29 -62.83 54.67 21.06
N ALA B 30 -61.83 54.26 20.27
CA ALA B 30 -62.07 53.74 18.92
C ALA B 30 -62.94 52.49 18.96
N VAL B 31 -62.69 51.63 19.94
CA VAL B 31 -63.49 50.43 20.11
C VAL B 31 -64.95 50.82 20.41
N ARG B 32 -65.13 51.81 21.29
CA ARG B 32 -66.46 52.23 21.69
C ARG B 32 -67.23 52.81 20.50
N GLU B 33 -66.58 53.69 19.75
CA GLU B 33 -67.23 54.31 18.59
C GLU B 33 -67.76 53.27 17.60
N VAL B 34 -66.93 52.28 17.28
CA VAL B 34 -67.34 51.25 16.34
C VAL B 34 -68.42 50.33 16.91
N MET B 35 -68.21 49.83 18.13
CA MET B 35 -69.20 48.94 18.74
C MET B 35 -70.56 49.57 18.92
N THR B 36 -70.56 50.86 19.28
CA THR B 36 -71.81 51.57 19.52
C THR B 36 -72.64 51.58 18.23
N THR B 37 -71.98 51.86 17.11
CA THR B 37 -72.66 51.86 15.83
C THR B 37 -73.07 50.45 15.41
N LEU B 38 -72.22 49.47 15.72
CA LEU B 38 -72.47 48.09 15.28
C LEU B 38 -73.53 47.36 16.08
N TRP B 39 -73.70 47.73 17.35
CA TRP B 39 -74.56 46.97 18.27
C TRP B 39 -76.00 46.66 17.77
N PRO B 40 -76.74 47.69 17.29
CA PRO B 40 -78.09 47.36 16.80
C PRO B 40 -78.07 46.33 15.65
N PHE B 41 -77.05 46.41 14.81
CA PHE B 41 -76.94 45.50 13.67
C PHE B 41 -76.60 44.09 14.17
N LEU B 42 -75.70 44.00 15.16
CA LEU B 42 -75.36 42.72 15.78
C LEU B 42 -76.56 42.08 16.43
N GLU B 43 -77.42 42.91 17.04
CA GLU B 43 -78.68 42.44 17.61
C GLU B 43 -79.55 41.79 16.53
N GLN B 44 -79.56 42.38 15.34
CA GLN B 44 -80.38 41.89 14.24
C GLN B 44 -79.74 40.73 13.49
N ASN B 45 -78.45 40.49 13.74
CA ASN B 45 -77.68 39.51 12.98
C ASN B 45 -76.80 38.59 13.84
N PRO B 46 -77.43 37.64 14.57
CA PRO B 46 -76.77 36.75 15.54
C PRO B 46 -75.53 36.05 15.02
N LYS B 47 -75.59 35.61 13.76
CA LYS B 47 -74.41 35.08 13.06
C LYS B 47 -73.11 35.82 13.43
N TYR B 48 -73.19 37.15 13.48
CA TYR B 48 -71.99 37.98 13.65
C TYR B 48 -71.46 38.14 15.07
N ARG B 49 -72.18 37.59 16.06
CA ARG B 49 -71.70 37.56 17.45
C ARG B 49 -71.19 36.15 17.80
N GLN B 50 -71.27 35.24 16.83
CA GLN B 50 -70.92 33.84 17.05
C GLN B 50 -69.42 33.61 17.11
N MET B 51 -69.03 32.51 17.74
CA MET B 51 -67.63 32.09 17.84
C MET B 51 -66.71 33.21 18.29
N SER B 52 -67.14 33.97 19.29
CA SER B 52 -66.39 35.08 19.88
C SER B 52 -65.77 36.04 18.85
N LEU B 53 -66.52 36.33 17.80
CA LEU B 53 -66.00 37.17 16.72
C LEU B 53 -65.50 38.53 17.19
N LEU B 54 -66.34 39.21 17.98
CA LEU B 54 -66.02 40.54 18.47
C LEU B 54 -64.75 40.54 19.31
N GLU B 55 -64.62 39.54 20.18
CA GLU B 55 -63.43 39.43 21.03
C GLU B 55 -62.17 39.19 20.19
N ARG B 56 -62.31 38.39 19.14
CA ARG B 56 -61.19 38.13 18.25
C ARG B 56 -60.83 39.37 17.43
N LEU B 57 -61.86 40.10 17.01
CA LEU B 57 -61.69 41.29 16.18
C LEU B 57 -60.90 42.41 16.86
N VAL B 58 -61.12 42.61 18.16
CA VAL B 58 -60.51 43.75 18.84
C VAL B 58 -59.09 43.44 19.33
N GLU B 59 -58.69 42.17 19.28
CA GLU B 59 -57.35 41.77 19.68
C GLU B 59 -56.45 41.61 18.44
N PRO B 60 -55.42 42.45 18.33
CA PRO B 60 -54.54 42.38 17.16
C PRO B 60 -53.77 41.05 17.03
N GLU B 61 -53.68 40.55 15.81
CA GLU B 61 -53.00 39.30 15.55
C GLU B 61 -51.57 39.33 16.10
N ARG B 62 -50.86 40.42 15.90
CA ARG B 62 -49.47 40.49 16.30
C ARG B 62 -49.03 41.94 16.40
N VAL B 63 -48.30 42.26 17.45
CA VAL B 63 -47.69 43.58 17.58
C VAL B 63 -46.22 43.39 17.85
N ILE B 64 -45.38 44.08 17.09
CA ILE B 64 -43.96 44.09 17.34
C ILE B 64 -43.53 45.44 17.91
N GLN B 65 -43.04 45.47 19.14
CA GLN B 65 -42.42 46.67 19.67
C GLN B 65 -40.92 46.45 19.60
N PHE B 66 -40.17 47.44 19.13
CA PHE B 66 -38.73 47.24 19.06
C PHE B 66 -37.85 48.46 19.32
N ARG B 67 -36.64 48.20 19.79
CA ARG B 67 -35.65 49.23 20.04
C ARG B 67 -35.05 49.70 18.72
N VAL B 68 -34.86 51.01 18.57
CA VAL B 68 -34.15 51.53 17.41
C VAL B 68 -33.04 52.41 17.93
N VAL B 69 -31.81 52.06 17.59
CA VAL B 69 -30.65 52.81 18.09
C VAL B 69 -29.97 53.48 16.90
N TRP B 70 -29.66 54.77 17.03
CA TRP B 70 -29.11 55.53 15.92
C TRP B 70 -28.23 56.66 16.44
N VAL B 71 -27.43 57.24 15.54
CA VAL B 71 -26.49 58.29 15.92
C VAL B 71 -26.93 59.63 15.32
N ASP B 72 -26.99 60.68 16.13
CA ASP B 72 -27.33 61.99 15.58
C ASP B 72 -26.10 62.72 15.04
N ASP B 73 -26.32 63.92 14.48
CA ASP B 73 -25.21 64.69 13.88
C ASP B 73 -24.21 65.24 14.88
N ARG B 74 -24.52 65.14 16.17
CA ARG B 74 -23.56 65.53 17.21
C ARG B 74 -22.84 64.28 17.73
N ASN B 75 -22.97 63.18 16.98
CA ASN B 75 -22.38 61.90 17.33
C ASN B 75 -22.91 61.33 18.65
N GLN B 76 -24.11 61.75 19.04
CA GLN B 76 -24.75 61.22 20.23
C GLN B 76 -25.61 60.03 19.85
N VAL B 77 -25.41 58.91 20.55
CA VAL B 77 -26.23 57.74 20.34
C VAL B 77 -27.61 57.96 20.95
N GLN B 78 -28.63 57.89 20.11
CA GLN B 78 -30.02 58.08 20.53
C GLN B 78 -30.76 56.76 20.51
N VAL B 79 -31.68 56.59 21.44
CA VAL B 79 -32.49 55.39 21.48
C VAL B 79 -33.97 55.76 21.34
N ASN B 80 -34.63 55.17 20.36
CA ASN B 80 -36.07 55.36 20.22
C ASN B 80 -36.83 54.03 20.26
N ARG B 81 -38.14 54.12 20.44
CA ARG B 81 -38.98 52.93 20.42
C ARG B 81 -39.83 52.95 19.16
N ALA B 82 -39.99 51.79 18.54
CA ALA B 82 -40.85 51.71 17.36
C ALA B 82 -41.83 50.55 17.47
N TRP B 83 -42.84 50.54 16.61
CA TRP B 83 -43.81 49.45 16.56
C TRP B 83 -44.31 49.17 15.16
N ARG B 84 -44.76 47.94 14.95
CA ARG B 84 -45.65 47.64 13.85
C ARG B 84 -46.82 46.84 14.39
N VAL B 85 -48.03 47.41 14.29
CA VAL B 85 -49.25 46.73 14.73
C VAL B 85 -49.82 46.00 13.53
N GLN B 86 -49.82 44.67 13.57
CA GLN B 86 -50.36 43.91 12.46
C GLN B 86 -51.72 43.42 12.96
N PHE B 87 -52.75 44.21 12.67
CA PHE B 87 -54.02 44.02 13.37
C PHE B 87 -54.81 42.86 12.76
N SER B 88 -55.10 42.94 11.47
CA SER B 88 -55.93 41.92 10.83
C SER B 88 -55.36 41.52 9.47
N SER B 89 -55.34 40.22 9.20
CA SER B 89 -54.95 39.73 7.87
C SER B 89 -56.08 38.91 7.25
N ALA B 90 -57.30 39.07 7.76
CA ALA B 90 -58.42 38.28 7.28
C ALA B 90 -58.67 38.42 5.79
N ILE B 91 -58.56 39.65 5.29
CA ILE B 91 -58.89 39.99 3.91
C ILE B 91 -57.64 40.04 2.99
N GLY B 92 -56.46 40.29 3.57
CA GLY B 92 -55.22 40.40 2.82
C GLY B 92 -54.06 40.78 3.74
N PRO B 93 -52.91 41.19 3.16
CA PRO B 93 -51.78 41.56 4.01
C PRO B 93 -52.09 42.74 4.91
N TYR B 94 -51.45 42.83 6.07
CA TYR B 94 -51.58 44.01 6.91
C TYR B 94 -51.19 45.22 6.06
N LYS B 95 -52.00 46.27 6.13
CA LYS B 95 -51.80 47.44 5.27
C LYS B 95 -52.10 48.70 6.05
N GLY B 96 -51.12 49.60 6.16
CA GLY B 96 -51.34 50.86 6.83
C GLY B 96 -50.06 51.63 7.05
N GLY B 97 -50.21 52.95 7.25
CA GLY B 97 -49.05 53.82 7.32
C GLY B 97 -48.16 53.67 8.54
N MET B 98 -47.02 54.36 8.47
CA MET B 98 -46.06 54.50 9.55
C MET B 98 -46.07 55.96 9.97
N ARG B 99 -46.09 56.21 11.28
CA ARG B 99 -46.12 57.57 11.82
C ARG B 99 -44.94 57.87 12.75
N PHE B 100 -44.17 58.90 12.42
CA PHE B 100 -43.04 59.33 13.26
C PHE B 100 -43.43 60.59 13.99
N HIS B 101 -43.60 60.49 15.31
CA HIS B 101 -43.96 61.65 16.11
C HIS B 101 -43.75 61.33 17.61
N PRO B 102 -43.28 62.31 18.41
CA PRO B 102 -42.97 62.05 19.81
C PRO B 102 -44.15 61.57 20.66
N SER B 103 -45.38 61.88 20.24
CA SER B 103 -46.57 61.44 20.98
C SER B 103 -46.96 60.00 20.70
N VAL B 104 -46.41 59.41 19.64
CA VAL B 104 -46.75 58.04 19.25
C VAL B 104 -46.54 56.98 20.34
N ASN B 105 -47.53 56.10 20.50
CA ASN B 105 -47.46 55.01 21.45
C ASN B 105 -48.38 53.88 21.00
N LEU B 106 -48.43 52.81 21.78
CA LEU B 106 -49.15 51.60 21.34
C LEU B 106 -50.68 51.81 21.27
N SER B 107 -51.22 52.59 22.19
CA SER B 107 -52.64 52.92 22.19
C SER B 107 -53.03 53.62 20.89
N ILE B 108 -52.25 54.65 20.55
CA ILE B 108 -52.48 55.41 19.32
C ILE B 108 -52.38 54.51 18.08
N LEU B 109 -51.32 53.70 18.01
CA LEU B 109 -51.12 52.86 16.84
C LEU B 109 -52.18 51.78 16.73
N LYS B 110 -52.67 51.28 17.86
CA LYS B 110 -53.76 50.31 17.85
C LYS B 110 -55.08 50.90 17.36
N PHE B 111 -55.41 52.11 17.84
CA PHE B 111 -56.62 52.79 17.42
C PHE B 111 -56.61 53.00 15.90
N LEU B 112 -55.48 53.49 15.41
CA LEU B 112 -55.32 53.77 13.99
C LEU B 112 -55.36 52.47 13.19
N GLY B 113 -54.66 51.46 13.69
CA GLY B 113 -54.63 50.18 13.01
C GLY B 113 -55.97 49.47 13.00
N PHE B 114 -56.71 49.58 14.09
CA PHE B 114 -58.09 49.15 14.15
C PHE B 114 -58.94 49.81 13.06
N GLU B 115 -58.85 51.13 12.95
CA GLU B 115 -59.64 51.83 11.95
C GLU B 115 -59.18 51.51 10.53
N GLN B 116 -57.87 51.31 10.32
CA GLN B 116 -57.36 50.94 8.98
C GLN B 116 -57.99 49.64 8.48
N THR B 117 -58.15 48.66 9.37
CA THR B 117 -58.71 47.37 8.99
CA THR B 117 -58.73 47.37 9.01
C THR B 117 -60.07 47.52 8.31
N PHE B 118 -60.95 48.34 8.90
CA PHE B 118 -62.27 48.55 8.34
C PHE B 118 -62.27 49.43 7.09
N LYS B 119 -61.43 50.46 7.08
CA LYS B 119 -61.39 51.36 5.93
C LYS B 119 -60.88 50.62 4.70
N ASN B 120 -59.81 49.87 4.89
CA ASN B 120 -59.25 49.02 3.84
C ASN B 120 -60.28 48.02 3.31
N ALA B 121 -60.98 47.36 4.24
CA ALA B 121 -62.05 46.44 3.90
C ALA B 121 -63.10 47.11 3.00
N LEU B 122 -63.48 48.33 3.36
CA LEU B 122 -64.43 49.14 2.59
C LEU B 122 -64.03 49.31 1.12
N THR B 123 -62.76 49.62 0.85
CA THR B 123 -62.27 49.81 -0.54
C THR B 123 -62.60 48.67 -1.51
N THR B 124 -63.08 47.54 -0.98
CA THR B 124 -63.27 46.29 -1.72
C THR B 124 -61.95 45.65 -2.19
N LEU B 125 -60.83 46.34 -2.02
CA LEU B 125 -59.54 45.72 -2.39
C LEU B 125 -59.08 44.69 -1.35
N PRO B 126 -58.16 43.77 -1.74
CA PRO B 126 -57.81 42.70 -0.81
C PRO B 126 -56.69 43.16 0.13
N MET B 127 -57.02 44.01 1.10
CA MET B 127 -56.04 44.55 2.02
C MET B 127 -56.47 44.32 3.47
N GLY B 128 -55.53 43.89 4.31
CA GLY B 128 -55.79 43.72 5.74
C GLY B 128 -55.61 45.05 6.46
N GLY B 129 -55.27 45.00 7.74
CA GLY B 129 -55.13 46.21 8.52
C GLY B 129 -53.94 46.24 9.47
N GLY B 130 -53.22 47.36 9.43
CA GLY B 130 -52.00 47.50 10.20
C GLY B 130 -51.68 48.97 10.41
N LYS B 131 -50.71 49.22 11.27
CA LYS B 131 -50.24 50.56 11.55
C LYS B 131 -48.93 50.47 12.29
N GLY B 132 -48.04 51.43 12.05
CA GLY B 132 -46.76 51.44 12.72
C GLY B 132 -46.22 52.82 12.98
N GLY B 133 -45.06 52.89 13.63
CA GLY B 133 -44.43 54.18 13.84
C GLY B 133 -43.34 54.17 14.88
N SER B 134 -43.00 55.35 15.37
CA SER B 134 -41.92 55.50 16.32
C SER B 134 -42.16 56.82 17.03
N ASP B 135 -41.69 56.93 18.28
CA ASP B 135 -41.73 58.21 18.96
C ASP B 135 -40.60 59.14 18.50
N PHE B 136 -39.76 58.67 17.58
CA PHE B 136 -38.75 59.49 16.92
C PHE B 136 -39.39 60.80 16.43
N ASP B 137 -38.71 61.93 16.65
CA ASP B 137 -39.29 63.22 16.27
C ASP B 137 -38.49 63.87 15.16
N PRO B 138 -39.04 63.84 13.93
CA PRO B 138 -38.41 64.35 12.72
C PRO B 138 -38.11 65.84 12.78
N LYS B 139 -38.87 66.57 13.59
CA LYS B 139 -38.71 68.03 13.70
C LYS B 139 -37.27 68.42 13.99
N GLY B 140 -36.71 69.27 13.15
CA GLY B 140 -35.34 69.74 13.32
C GLY B 140 -34.27 68.71 13.02
N LYS B 141 -34.66 67.55 12.51
CA LYS B 141 -33.69 66.51 12.15
C LYS B 141 -33.18 66.73 10.73
N SER B 142 -31.88 66.53 10.52
CA SER B 142 -31.28 66.66 9.18
C SER B 142 -31.69 65.51 8.27
N GLU B 143 -31.36 65.58 6.98
CA GLU B 143 -31.69 64.49 6.08
C GLU B 143 -30.92 63.24 6.47
N GLY B 144 -29.66 63.44 6.86
CA GLY B 144 -28.81 62.35 7.29
C GLY B 144 -29.36 61.64 8.50
N GLU B 145 -29.75 62.41 9.52
CA GLU B 145 -30.33 61.83 10.74
C GLU B 145 -31.58 61.01 10.44
N VAL B 146 -32.45 61.55 9.59
CA VAL B 146 -33.69 60.88 9.19
C VAL B 146 -33.40 59.60 8.41
N MET B 147 -32.46 59.68 7.47
CA MET B 147 -32.07 58.51 6.71
C MET B 147 -31.49 57.43 7.63
N ARG B 148 -30.61 57.83 8.55
CA ARG B 148 -30.01 56.88 9.47
C ARG B 148 -31.07 56.28 10.40
N PHE B 149 -32.08 57.07 10.74
CA PHE B 149 -33.14 56.53 11.59
C PHE B 149 -33.98 55.50 10.83
N CYS B 150 -34.38 55.83 9.60
CA CYS B 150 -35.14 54.89 8.79
C CYS B 150 -34.40 53.59 8.56
N GLN B 151 -33.10 53.67 8.33
CA GLN B 151 -32.32 52.48 8.05
C GLN B 151 -32.17 51.64 9.30
N ALA B 152 -31.86 52.28 10.43
CA ALA B 152 -31.75 51.58 11.70
C ALA B 152 -33.06 50.88 12.02
N LEU B 153 -34.17 51.60 11.84
CA LEU B 153 -35.48 51.02 12.06
C LEU B 153 -35.72 49.81 11.14
N MET B 154 -35.33 49.92 9.89
CA MET B 154 -35.55 48.83 8.95
C MET B 154 -34.66 47.60 9.21
N THR B 155 -33.50 47.80 9.82
CA THR B 155 -32.64 46.65 10.14
C THR B 155 -33.39 45.67 11.06
N GLU B 156 -34.36 46.17 11.81
CA GLU B 156 -35.25 45.25 12.52
C GLU B 156 -36.56 44.95 11.78
N LEU B 157 -37.20 45.96 11.24
CA LEU B 157 -38.55 45.76 10.73
C LEU B 157 -38.64 44.89 9.48
N TYR B 158 -37.57 44.84 8.67
CA TYR B 158 -37.65 44.21 7.36
C TYR B 158 -38.08 42.75 7.49
N ARG B 159 -37.67 42.09 8.58
CA ARG B 159 -37.99 40.67 8.76
C ARG B 159 -39.49 40.44 8.93
N HIS B 160 -40.22 41.49 9.31
CA HIS B 160 -41.66 41.36 9.61
C HIS B 160 -42.57 41.75 8.44
N LEU B 161 -42.00 42.28 7.36
CA LEU B 161 -42.81 42.80 6.25
C LEU B 161 -42.73 41.89 5.03
N GLY B 162 -43.47 42.25 3.98
CA GLY B 162 -43.43 41.50 2.73
C GLY B 162 -44.61 41.82 1.84
N ALA B 163 -44.43 41.61 0.54
CA ALA B 163 -45.46 41.94 -0.45
C ALA B 163 -46.78 41.22 -0.20
N ASP B 164 -46.71 40.05 0.44
CA ASP B 164 -47.93 39.33 0.80
C ASP B 164 -48.05 39.12 2.29
N THR B 165 -47.45 40.04 3.07
CA THR B 165 -47.43 39.90 4.51
C THR B 165 -47.84 41.21 5.16
N ASP B 166 -47.05 42.26 4.90
CA ASP B 166 -47.37 43.57 5.46
C ASP B 166 -46.76 44.66 4.58
N VAL B 167 -47.59 45.60 4.14
CA VAL B 167 -47.16 46.63 3.21
C VAL B 167 -47.48 48.00 3.81
N PRO B 168 -46.48 48.63 4.46
CA PRO B 168 -46.72 49.94 5.06
C PRO B 168 -46.71 51.09 4.06
N ALA B 169 -46.71 52.30 4.59
CA ALA B 169 -46.85 53.49 3.79
C ALA B 169 -46.52 54.67 4.66
N GLY B 170 -46.80 55.86 4.15
CA GLY B 170 -46.51 57.08 4.87
C GLY B 170 -47.64 57.50 5.79
N ASP B 171 -47.42 58.59 6.52
CA ASP B 171 -48.39 59.14 7.46
C ASP B 171 -47.70 60.37 8.03
N ILE B 172 -48.19 60.86 9.17
CA ILE B 172 -47.59 62.01 9.82
C ILE B 172 -46.12 61.77 10.10
N GLY B 173 -45.27 62.71 9.67
CA GLY B 173 -43.84 62.59 9.88
C GLY B 173 -43.15 61.60 8.98
N VAL B 174 -43.94 60.89 8.17
CA VAL B 174 -43.38 59.93 7.24
C VAL B 174 -43.86 60.24 5.82
N GLY B 175 -43.07 61.02 5.09
CA GLY B 175 -43.43 61.42 3.74
C GLY B 175 -42.79 60.58 2.65
N GLY B 176 -42.78 61.11 1.43
CA GLY B 176 -42.17 60.44 0.31
C GLY B 176 -40.70 60.14 0.55
N ARG B 177 -40.01 61.07 1.20
CA ARG B 177 -38.58 60.89 1.48
C ARG B 177 -38.30 59.68 2.38
N GLU B 178 -39.07 59.55 3.46
CA GLU B 178 -38.89 58.45 4.41
C GLU B 178 -39.33 57.11 3.84
N VAL B 179 -40.39 57.15 3.03
CA VAL B 179 -40.87 55.94 2.38
C VAL B 179 -39.74 55.42 1.48
N GLY B 180 -39.12 56.34 0.74
CA GLY B 180 -38.01 55.97 -0.14
C GLY B 180 -36.85 55.33 0.62
N PHE B 181 -36.50 55.94 1.75
CA PHE B 181 -35.44 55.45 2.63
C PHE B 181 -35.77 54.05 3.14
N MET B 182 -37.00 53.88 3.62
CA MET B 182 -37.44 52.60 4.18
C MET B 182 -37.51 51.54 3.10
N ALA B 183 -38.08 51.91 1.95
CA ALA B 183 -38.23 50.97 0.84
C ALA B 183 -36.87 50.51 0.31
N GLY B 184 -35.92 51.43 0.24
CA GLY B 184 -34.57 51.11 -0.20
C GLY B 184 -33.91 50.07 0.70
N MET B 185 -33.95 50.29 2.01
CA MET B 185 -33.32 49.39 2.96
C MET B 185 -34.03 48.03 2.99
N MET B 186 -35.34 48.06 2.85
CA MET B 186 -36.12 46.84 2.70
C MET B 186 -35.55 46.02 1.53
N LYS B 187 -35.49 46.68 0.37
CA LYS B 187 -34.96 46.07 -0.85
C LYS B 187 -33.55 45.51 -0.63
N LYS B 188 -32.66 46.34 -0.10
CA LYS B 188 -31.26 45.95 0.12
C LYS B 188 -31.13 44.71 1.01
N LEU B 189 -31.72 44.76 2.20
CA LEU B 189 -31.61 43.65 3.15
C LEU B 189 -32.26 42.36 2.63
N SER B 190 -33.38 42.50 1.93
CA SER B 190 -34.11 41.34 1.47
C SER B 190 -33.63 40.82 0.12
N ASN B 191 -32.87 41.63 -0.61
CA ASN B 191 -32.48 41.28 -2.00
C ASN B 191 -33.74 40.91 -2.82
N ASN B 192 -34.77 41.71 -2.67
CA ASN B 192 -36.07 41.43 -3.27
C ASN B 192 -36.76 42.76 -3.59
N THR B 193 -37.22 42.94 -4.83
CA THR B 193 -37.69 44.25 -5.26
C THR B 193 -39.21 44.41 -5.24
N ALA B 194 -39.92 43.40 -4.76
CA ALA B 194 -41.38 43.44 -4.74
C ALA B 194 -41.90 44.60 -3.87
N CYS B 195 -43.16 44.94 -4.07
CA CYS B 195 -43.79 46.09 -3.44
C CYS B 195 -44.02 45.79 -1.97
N VAL B 196 -43.28 46.49 -1.10
CA VAL B 196 -43.43 46.32 0.35
C VAL B 196 -43.93 47.64 0.96
N PHE B 197 -43.76 48.74 0.25
CA PHE B 197 -44.25 50.03 0.71
C PHE B 197 -45.09 50.65 -0.38
N THR B 198 -46.13 51.37 0.00
CA THR B 198 -46.81 52.23 -0.96
C THR B 198 -46.44 53.68 -0.67
N GLY B 199 -46.84 54.60 -1.54
CA GLY B 199 -46.35 55.97 -1.44
C GLY B 199 -45.00 56.17 -2.10
N LYS B 200 -44.58 55.21 -2.90
CA LYS B 200 -43.30 55.29 -3.59
C LYS B 200 -43.27 56.42 -4.62
N GLY B 201 -42.07 56.90 -4.94
CA GLY B 201 -41.91 57.88 -6.00
C GLY B 201 -42.11 57.23 -7.36
N LEU B 202 -42.48 58.03 -8.35
CA LEU B 202 -42.75 57.52 -9.69
C LEU B 202 -41.53 56.85 -10.34
N SER B 203 -40.33 57.11 -9.85
CA SER B 203 -39.13 56.53 -10.46
C SER B 203 -38.82 55.14 -9.93
N PHE B 204 -39.54 54.70 -8.89
CA PHE B 204 -39.36 53.34 -8.38
C PHE B 204 -40.67 52.62 -8.04
N GLY B 205 -41.69 52.87 -8.86
CA GLY B 205 -42.89 52.08 -8.83
C GLY B 205 -44.08 52.74 -8.15
N GLY B 206 -44.00 54.05 -7.92
CA GLY B 206 -45.12 54.77 -7.35
C GLY B 206 -46.24 54.88 -8.38
N SER B 207 -47.39 55.35 -7.95
CA SER B 207 -48.55 55.43 -8.84
C SER B 207 -49.00 56.87 -9.10
N LEU B 208 -49.41 57.12 -10.33
CA LEU B 208 -50.05 58.38 -10.68
C LEU B 208 -51.39 58.46 -9.92
N ILE B 209 -51.91 59.67 -9.73
CA ILE B 209 -53.15 59.93 -8.99
C ILE B 209 -53.02 59.86 -7.45
N ARG B 210 -51.89 59.35 -6.95
CA ARG B 210 -51.65 59.34 -5.49
C ARG B 210 -51.82 60.72 -4.80
N PRO B 211 -51.20 61.79 -5.31
CA PRO B 211 -51.47 63.04 -4.60
C PRO B 211 -52.93 63.48 -4.67
N GLU B 212 -53.59 63.23 -5.80
CA GLU B 212 -54.97 63.65 -6.02
C GLU B 212 -55.98 62.76 -5.29
N ALA B 213 -55.58 61.54 -4.99
CA ALA B 213 -56.50 60.47 -4.58
C ALA B 213 -57.54 60.84 -3.51
N THR B 214 -57.09 61.38 -2.38
CA THR B 214 -58.01 61.62 -1.27
C THR B 214 -59.01 62.73 -1.59
N GLY B 215 -58.51 63.84 -2.14
CA GLY B 215 -59.34 64.95 -2.54
C GLY B 215 -60.35 64.58 -3.61
N TYR B 216 -59.86 63.98 -4.69
CA TYR B 216 -60.71 63.51 -5.76
C TYR B 216 -61.78 62.60 -5.20
N GLY B 217 -61.33 61.55 -4.52
CA GLY B 217 -62.21 60.55 -3.93
C GLY B 217 -63.33 61.15 -3.11
N LEU B 218 -63.00 62.19 -2.35
CA LEU B 218 -63.99 62.86 -1.51
C LEU B 218 -65.13 63.37 -2.38
N VAL B 219 -64.80 64.02 -3.49
CA VAL B 219 -65.88 64.53 -4.35
C VAL B 219 -66.61 63.43 -5.11
N TYR B 220 -65.90 62.37 -5.52
CA TYR B 220 -66.56 61.24 -6.17
C TYR B 220 -67.65 60.67 -5.26
N PHE B 221 -67.28 60.45 -4.00
CA PHE B 221 -68.23 59.91 -3.03
C PHE B 221 -69.39 60.88 -2.85
N THR B 222 -69.07 62.13 -2.55
CA THR B 222 -70.10 63.13 -2.28
C THR B 222 -71.09 63.28 -3.45
N GLU B 223 -70.56 63.34 -4.67
CA GLU B 223 -71.42 63.46 -5.85
C GLU B 223 -72.37 62.27 -5.94
N ALA B 224 -71.84 61.07 -5.69
CA ALA B 224 -72.66 59.87 -5.63
C ALA B 224 -73.74 60.00 -4.55
N MET B 225 -73.38 60.64 -3.43
CA MET B 225 -74.30 60.84 -2.33
C MET B 225 -75.39 61.85 -2.69
N LEU B 226 -74.95 62.99 -3.25
CA LEU B 226 -75.86 64.01 -3.75
C LEU B 226 -76.80 63.47 -4.81
N LYS B 227 -76.25 62.68 -5.73
CA LYS B 227 -77.04 62.19 -6.85
C LYS B 227 -78.14 61.24 -6.38
N ARG B 228 -77.82 60.42 -5.38
CA ARG B 228 -78.83 59.56 -4.77
C ARG B 228 -80.01 60.38 -4.23
N HIS B 229 -79.72 61.57 -3.71
CA HIS B 229 -80.75 62.38 -3.07
C HIS B 229 -81.18 63.60 -3.90
N GLY B 230 -81.14 63.46 -5.22
CA GLY B 230 -81.68 64.46 -6.12
C GLY B 230 -80.85 65.71 -6.33
N MET B 231 -79.55 65.62 -6.08
CA MET B 231 -78.67 66.78 -6.24
C MET B 231 -77.37 66.43 -6.96
N GLY B 232 -76.49 67.43 -7.06
CA GLY B 232 -75.17 67.27 -7.66
C GLY B 232 -74.30 68.44 -7.25
N PHE B 233 -72.99 68.34 -7.53
CA PHE B 233 -72.06 69.44 -7.27
C PHE B 233 -72.31 70.65 -8.16
N GLU B 234 -72.79 70.41 -9.38
CA GLU B 234 -72.96 71.47 -10.37
C GLU B 234 -73.82 72.64 -9.89
N GLY B 235 -73.23 73.83 -9.92
CA GLY B 235 -73.93 75.05 -9.56
C GLY B 235 -73.86 75.41 -8.09
N MET B 236 -73.46 74.46 -7.24
CA MET B 236 -73.52 74.65 -5.79
C MET B 236 -72.41 75.54 -5.25
N ARG B 237 -72.71 76.23 -4.15
CA ARG B 237 -71.70 76.96 -3.39
C ARG B 237 -71.08 76.00 -2.38
N VAL B 238 -69.76 75.88 -2.44
CA VAL B 238 -69.04 74.92 -1.62
C VAL B 238 -67.98 75.59 -0.74
N SER B 239 -67.95 75.21 0.53
CA SER B 239 -66.88 75.66 1.41
C SER B 239 -65.93 74.51 1.76
N VAL B 240 -64.64 74.80 1.60
CA VAL B 240 -63.58 73.84 1.92
C VAL B 240 -62.73 74.41 3.04
N SER B 241 -62.51 73.63 4.10
CA SER B 241 -61.54 74.04 5.10
C SER B 241 -60.25 73.28 4.81
N GLY B 242 -59.14 73.81 5.30
CA GLY B 242 -57.85 73.23 5.02
C GLY B 242 -57.28 73.79 3.73
N SER B 243 -56.01 73.53 3.48
CA SER B 243 -55.37 74.03 2.27
C SER B 243 -54.21 73.13 1.85
N GLY B 244 -54.21 71.91 2.39
CA GLY B 244 -53.19 70.92 2.07
C GLY B 244 -53.63 70.01 0.96
N ASN B 245 -52.99 68.86 0.86
CA ASN B 245 -53.23 67.92 -0.22
C ASN B 245 -54.71 67.55 -0.41
N VAL B 246 -55.38 67.24 0.68
CA VAL B 246 -56.78 66.84 0.60
C VAL B 246 -57.63 67.99 0.11
N ALA B 247 -57.48 69.16 0.71
CA ALA B 247 -58.30 70.31 0.33
C ALA B 247 -58.00 70.72 -1.11
N GLN B 248 -56.72 70.76 -1.45
CA GLN B 248 -56.29 71.20 -2.76
C GLN B 248 -56.97 70.42 -3.87
N TYR B 249 -57.05 69.10 -3.72
CA TYR B 249 -57.58 68.29 -4.81
C TYR B 249 -59.08 68.10 -4.71
N ALA B 250 -59.61 68.30 -3.51
CA ALA B 250 -61.06 68.38 -3.35
C ALA B 250 -61.55 69.60 -4.15
N ILE B 251 -60.86 70.72 -3.96
CA ILE B 251 -61.17 71.94 -4.69
C ILE B 251 -61.06 71.73 -6.19
N GLU B 252 -59.96 71.10 -6.63
CA GLU B 252 -59.73 70.89 -8.05
C GLU B 252 -60.86 70.09 -8.68
N LYS B 253 -61.29 69.04 -8.00
CA LYS B 253 -62.30 68.17 -8.60
C LYS B 253 -63.72 68.73 -8.48
N ALA B 254 -63.96 69.50 -7.41
CA ALA B 254 -65.25 70.15 -7.24
C ALA B 254 -65.49 71.17 -8.35
N MET B 255 -64.48 71.99 -8.59
CA MET B 255 -64.48 72.97 -9.68
C MET B 255 -64.82 72.31 -11.01
N GLU B 256 -64.25 71.14 -11.23
CA GLU B 256 -64.42 70.38 -12.46
C GLU B 256 -65.84 69.80 -12.56
N PHE B 257 -66.49 69.61 -11.42
CA PHE B 257 -67.87 69.13 -11.40
C PHE B 257 -68.88 70.27 -11.56
N GLY B 258 -68.37 71.49 -11.67
CA GLY B 258 -69.19 72.66 -11.91
C GLY B 258 -69.48 73.45 -10.65
N ALA B 259 -68.82 73.07 -9.56
CA ALA B 259 -69.09 73.71 -8.27
C ALA B 259 -68.44 75.09 -8.14
N ARG B 260 -69.11 75.98 -7.39
CA ARG B 260 -68.51 77.25 -7.04
C ARG B 260 -67.85 77.16 -5.67
N VAL B 261 -66.53 76.99 -5.66
CA VAL B 261 -65.79 76.78 -4.43
C VAL B 261 -65.34 78.13 -3.89
N ILE B 262 -65.74 78.43 -2.64
CA ILE B 262 -65.63 79.79 -2.14
C ILE B 262 -64.74 80.01 -0.91
N THR B 263 -64.25 78.94 -0.28
CA THR B 263 -63.33 79.09 0.86
C THR B 263 -62.17 78.08 0.86
N ALA B 264 -61.07 78.50 1.48
CA ALA B 264 -59.96 77.61 1.86
C ALA B 264 -59.40 78.18 3.16
N SER B 265 -58.56 77.43 3.86
CA SER B 265 -58.08 77.90 5.17
C SER B 265 -56.84 77.18 5.72
N ASP B 266 -56.17 77.83 6.66
CA ASP B 266 -55.13 77.18 7.45
C ASP B 266 -55.21 77.51 8.95
N SER B 267 -54.16 77.13 9.67
CA SER B 267 -54.09 77.28 11.12
C SER B 267 -54.41 78.70 11.58
N SER B 268 -54.14 79.67 10.72
CA SER B 268 -54.29 81.07 11.08
C SER B 268 -55.61 81.70 10.63
N GLY B 269 -56.15 81.27 9.51
CA GLY B 269 -57.39 81.87 9.03
C GLY B 269 -58.00 81.27 7.78
N THR B 270 -59.06 81.91 7.30
CA THR B 270 -59.82 81.45 6.14
C THR B 270 -59.90 82.55 5.10
N VAL B 271 -59.76 82.19 3.83
CA VAL B 271 -59.99 83.14 2.75
C VAL B 271 -61.37 82.89 2.13
N VAL B 272 -62.06 83.98 1.76
CA VAL B 272 -63.38 83.89 1.13
C VAL B 272 -63.40 84.54 -0.25
N ASP B 273 -63.97 83.83 -1.22
CA ASP B 273 -64.05 84.32 -2.59
C ASP B 273 -65.42 84.00 -3.19
N GLU B 274 -66.28 85.01 -3.24
CA GLU B 274 -67.63 84.86 -3.75
C GLU B 274 -67.66 84.45 -5.22
N SER B 275 -66.71 84.96 -5.98
CA SER B 275 -66.63 84.63 -7.40
C SER B 275 -66.44 83.12 -7.60
N GLY B 276 -65.47 82.58 -6.90
CA GLY B 276 -65.18 81.15 -6.98
C GLY B 276 -63.74 80.85 -7.35
N PHE B 277 -63.25 79.70 -6.88
CA PHE B 277 -61.88 79.31 -7.17
C PHE B 277 -61.68 79.05 -8.66
N THR B 278 -60.48 79.35 -9.12
CA THR B 278 -60.07 79.08 -10.48
C THR B 278 -58.86 78.16 -10.45
N LYS B 279 -58.44 77.68 -11.61
CA LYS B 279 -57.24 76.85 -11.70
C LYS B 279 -55.98 77.68 -11.40
N GLU B 280 -55.95 78.93 -11.83
CA GLU B 280 -54.81 79.80 -11.59
C GLU B 280 -54.73 80.16 -10.11
N LYS B 281 -55.87 80.52 -9.53
CA LYS B 281 -55.95 80.86 -8.12
C LYS B 281 -55.48 79.69 -7.28
N LEU B 282 -56.03 78.52 -7.58
CA LEU B 282 -55.69 77.31 -6.87
C LEU B 282 -54.21 77.00 -7.04
N ALA B 283 -53.72 77.09 -8.28
CA ALA B 283 -52.32 76.85 -8.57
C ALA B 283 -51.48 77.81 -7.75
N ARG B 284 -51.87 79.08 -7.74
CA ARG B 284 -51.12 80.10 -7.05
C ARG B 284 -51.14 79.85 -5.54
N LEU B 285 -52.27 79.36 -5.05
CA LEU B 285 -52.44 79.05 -3.65
C LEU B 285 -51.48 77.93 -3.22
N ILE B 286 -51.43 76.88 -4.01
CA ILE B 286 -50.58 75.72 -3.74
C ILE B 286 -49.12 76.09 -3.51
N GLU B 287 -48.60 76.99 -4.33
CA GLU B 287 -47.22 77.44 -4.20
C GLU B 287 -47.00 78.05 -2.82
N ILE B 288 -47.85 79.00 -2.47
CA ILE B 288 -47.74 79.75 -1.24
C ILE B 288 -47.63 78.85 -0.01
N LYS B 289 -48.39 77.76 -0.02
CA LYS B 289 -48.40 76.82 1.09
C LYS B 289 -47.22 75.85 1.04
N SER B 290 -46.14 76.24 0.36
CA SER B 290 -44.94 75.42 0.31
C SER B 290 -43.82 76.02 1.12
N SER B 291 -43.72 77.34 1.10
CA SER B 291 -42.80 78.04 1.99
C SER B 291 -43.29 77.80 3.41
N ARG B 292 -42.36 77.69 4.35
CA ARG B 292 -42.75 77.54 5.75
C ARG B 292 -43.50 78.79 6.17
N ASP B 293 -43.03 79.93 5.67
CA ASP B 293 -43.58 81.22 6.07
C ASP B 293 -44.82 81.60 5.26
N GLY B 294 -45.36 80.64 4.51
CA GLY B 294 -46.49 80.89 3.64
C GLY B 294 -47.83 80.61 4.28
N ARG B 295 -48.72 81.59 4.25
CA ARG B 295 -50.04 81.45 4.87
C ARG B 295 -51.16 81.72 3.88
N VAL B 296 -52.35 81.21 4.19
CA VAL B 296 -53.55 81.50 3.40
C VAL B 296 -53.77 83.01 3.32
N ALA B 297 -53.43 83.71 4.40
CA ALA B 297 -53.53 85.16 4.45
C ALA B 297 -52.76 85.83 3.31
N ASP B 298 -51.62 85.25 2.96
CA ASP B 298 -50.80 85.78 1.87
C ASP B 298 -51.53 85.68 0.54
N TYR B 299 -52.28 84.58 0.38
CA TYR B 299 -52.99 84.30 -0.86
C TYR B 299 -54.14 85.27 -1.08
N ALA B 300 -54.86 85.59 -0.02
CA ALA B 300 -56.00 86.49 -0.10
C ALA B 300 -55.55 87.91 -0.46
N LYS B 301 -54.41 88.31 0.08
CA LYS B 301 -53.91 89.68 -0.11
C LYS B 301 -53.42 89.90 -1.53
N GLU B 302 -52.93 88.83 -2.16
CA GLU B 302 -52.41 88.92 -3.52
C GLU B 302 -53.55 88.96 -4.53
N PHE B 303 -54.72 88.45 -4.13
CA PHE B 303 -55.85 88.41 -5.02
C PHE B 303 -56.97 89.35 -4.59
N GLY B 304 -56.64 90.28 -3.69
CA GLY B 304 -57.61 91.25 -3.18
C GLY B 304 -58.83 90.59 -2.57
N LEU B 305 -58.63 89.40 -2.03
CA LEU B 305 -59.73 88.59 -1.51
C LEU B 305 -59.92 88.77 0.00
N VAL B 306 -61.17 88.72 0.44
CA VAL B 306 -61.50 88.86 1.86
C VAL B 306 -60.91 87.73 2.70
N TYR B 307 -60.30 88.09 3.82
CA TYR B 307 -59.66 87.13 4.71
C TYR B 307 -60.20 87.20 6.15
N LEU B 308 -60.82 86.12 6.60
CA LEU B 308 -61.34 86.05 7.96
C LEU B 308 -60.30 85.46 8.92
N GLU B 309 -59.55 86.34 9.58
CA GLU B 309 -58.46 85.89 10.45
C GLU B 309 -58.94 85.19 11.71
N GLY B 310 -58.34 84.05 12.00
CA GLY B 310 -58.64 83.31 13.22
C GLY B 310 -59.99 82.63 13.19
N GLN B 311 -60.61 82.61 12.01
CA GLN B 311 -61.95 82.05 11.89
C GLN B 311 -62.02 80.93 10.87
N GLN B 312 -63.08 80.13 10.96
CA GLN B 312 -63.31 79.01 10.05
C GLN B 312 -64.30 79.44 8.96
N PRO B 313 -64.45 78.62 7.90
CA PRO B 313 -65.39 79.03 6.84
C PRO B 313 -66.87 78.77 7.15
N TRP B 314 -67.17 78.22 8.32
CA TRP B 314 -68.50 77.67 8.55
C TRP B 314 -69.60 78.71 8.73
N SER B 315 -69.22 79.99 8.74
CA SER B 315 -70.20 81.06 8.89
C SER B 315 -70.81 81.46 7.55
N VAL B 316 -70.16 81.03 6.47
CA VAL B 316 -70.59 81.38 5.11
C VAL B 316 -71.73 80.49 4.59
N PRO B 317 -72.76 81.11 4.00
CA PRO B 317 -73.90 80.40 3.40
C PRO B 317 -73.44 79.52 2.26
N VAL B 318 -73.68 78.22 2.38
CA VAL B 318 -73.14 77.25 1.45
C VAL B 318 -74.12 76.08 1.26
N ASP B 319 -74.08 75.42 0.10
CA ASP B 319 -74.85 74.19 -0.11
C ASP B 319 -74.10 72.95 0.42
N ILE B 320 -72.77 72.97 0.32
CA ILE B 320 -71.96 71.80 0.62
C ILE B 320 -70.70 72.20 1.40
N ALA B 321 -70.50 71.55 2.55
CA ALA B 321 -69.36 71.83 3.40
C ALA B 321 -68.38 70.64 3.34
N LEU B 322 -67.12 70.93 3.07
CA LEU B 322 -66.09 69.92 2.97
C LEU B 322 -64.94 70.24 3.93
N PRO B 323 -65.04 69.78 5.19
CA PRO B 323 -63.93 69.95 6.14
C PRO B 323 -62.73 69.03 5.85
N CYS B 324 -61.62 69.63 5.42
CA CYS B 324 -60.43 68.86 5.05
C CYS B 324 -59.21 69.31 5.83
N ALA B 325 -59.43 69.87 7.01
CA ALA B 325 -58.35 70.39 7.82
C ALA B 325 -57.86 69.37 8.86
N THR B 326 -58.54 69.27 9.99
CA THR B 326 -58.16 68.31 11.04
C THR B 326 -59.35 67.79 11.85
N GLN B 327 -59.04 66.94 12.81
CA GLN B 327 -60.05 66.39 13.72
C GLN B 327 -60.74 67.49 14.55
N ASN B 328 -62.04 67.33 14.77
CA ASN B 328 -62.82 68.24 15.61
C ASN B 328 -62.86 69.71 15.16
N GLU B 329 -62.77 69.95 13.86
CA GLU B 329 -62.80 71.32 13.35
C GLU B 329 -64.21 71.85 13.08
N LEU B 330 -65.20 70.96 13.17
CA LEU B 330 -66.60 71.33 12.91
C LEU B 330 -67.45 70.90 14.09
N ASP B 331 -67.91 71.87 14.87
CA ASP B 331 -68.58 71.59 16.14
C ASP B 331 -70.05 71.97 16.16
N VAL B 332 -70.63 71.94 17.34
CA VAL B 332 -72.03 72.30 17.57
C VAL B 332 -72.40 73.63 16.94
N ASP B 333 -71.71 74.68 17.38
CA ASP B 333 -72.00 76.05 16.98
C ASP B 333 -71.96 76.27 15.47
N ALA B 334 -70.93 75.75 14.82
CA ALA B 334 -70.78 75.92 13.38
C ALA B 334 -71.89 75.17 12.65
N ALA B 335 -72.17 73.96 13.11
CA ALA B 335 -73.24 73.14 12.54
C ALA B 335 -74.58 73.89 12.56
N HIS B 336 -74.87 74.59 13.67
CA HIS B 336 -76.11 75.37 13.76
C HIS B 336 -76.13 76.45 12.70
N GLN B 337 -75.00 77.12 12.52
CA GLN B 337 -74.90 78.20 11.54
C GLN B 337 -75.00 77.66 10.12
N LEU B 338 -74.38 76.51 9.88
CA LEU B 338 -74.43 75.88 8.55
C LEU B 338 -75.86 75.47 8.20
N ILE B 339 -76.56 74.91 9.17
CA ILE B 339 -77.93 74.45 8.99
C ILE B 339 -78.90 75.61 8.75
N ALA B 340 -78.80 76.64 9.60
CA ALA B 340 -79.63 77.83 9.44
C ALA B 340 -79.37 78.52 8.10
N ASN B 341 -78.12 78.42 7.64
CA ASN B 341 -77.75 79.01 6.36
C ASN B 341 -78.07 78.13 5.16
N GLY B 342 -78.74 77.00 5.39
CA GLY B 342 -79.26 76.18 4.31
C GLY B 342 -78.31 75.15 3.70
N VAL B 343 -77.38 74.63 4.48
CA VAL B 343 -76.49 73.58 3.99
C VAL B 343 -77.29 72.33 3.61
N LYS B 344 -76.90 71.67 2.53
CA LYS B 344 -77.58 70.47 2.08
C LYS B 344 -76.78 69.20 2.38
N ALA B 345 -75.47 69.34 2.48
CA ALA B 345 -74.61 68.18 2.66
C ALA B 345 -73.29 68.56 3.30
N VAL B 346 -72.72 67.61 4.03
CA VAL B 346 -71.41 67.76 4.65
C VAL B 346 -70.63 66.49 4.33
N ALA B 347 -69.36 66.62 3.99
CA ALA B 347 -68.56 65.44 3.67
C ALA B 347 -67.12 65.62 4.12
N GLU B 348 -66.60 64.58 4.76
CA GLU B 348 -65.33 64.70 5.46
C GLU B 348 -64.15 64.27 4.61
N GLY B 349 -63.28 65.23 4.34
CA GLY B 349 -62.03 64.95 3.66
C GLY B 349 -60.96 64.66 4.70
N ALA B 350 -61.06 65.34 5.83
CA ALA B 350 -60.15 65.14 6.94
C ALA B 350 -60.59 63.95 7.77
N ASN B 351 -59.79 63.64 8.80
CA ASN B 351 -60.10 62.54 9.71
C ASN B 351 -60.92 63.03 10.90
N MET B 352 -62.15 62.54 11.01
CA MET B 352 -63.08 62.94 12.06
C MET B 352 -63.17 64.45 12.38
N PRO B 353 -63.37 65.30 11.36
CA PRO B 353 -63.47 66.74 11.61
C PRO B 353 -64.78 67.13 12.30
N THR B 354 -65.83 66.37 12.06
CA THR B 354 -67.13 66.71 12.62
C THR B 354 -67.29 66.04 13.98
N THR B 355 -67.64 66.83 15.00
CA THR B 355 -67.86 66.27 16.32
C THR B 355 -69.08 65.35 16.32
N ILE B 356 -69.11 64.42 17.28
CA ILE B 356 -70.25 63.54 17.44
C ILE B 356 -71.56 64.33 17.52
N GLU B 357 -71.53 65.46 18.22
CA GLU B 357 -72.72 66.28 18.44
C GLU B 357 -73.13 66.96 17.15
N ALA B 358 -72.16 67.54 16.46
CA ALA B 358 -72.41 68.20 15.20
C ALA B 358 -72.98 67.19 14.22
N THR B 359 -72.36 66.02 14.14
CA THR B 359 -72.81 64.95 13.27
C THR B 359 -74.29 64.63 13.50
N GLU B 360 -74.67 64.47 14.77
CA GLU B 360 -76.06 64.18 15.08
C GLU B 360 -76.98 65.35 14.73
N LEU B 361 -76.53 66.57 14.97
CA LEU B 361 -77.32 67.76 14.65
C LEU B 361 -77.62 67.83 13.16
N PHE B 362 -76.60 67.56 12.35
CA PHE B 362 -76.73 67.51 10.90
C PHE B 362 -77.74 66.47 10.44
N GLN B 363 -77.57 65.23 10.92
CA GLN B 363 -78.42 64.13 10.51
C GLN B 363 -79.89 64.35 10.89
N GLN B 364 -80.10 64.84 12.11
CA GLN B 364 -81.45 65.15 12.57
C GLN B 364 -82.08 66.25 11.71
N ALA B 365 -81.26 67.21 11.29
CA ALA B 365 -81.73 68.35 10.50
C ALA B 365 -81.94 68.01 9.02
N GLY B 366 -81.71 66.75 8.65
CA GLY B 366 -81.94 66.32 7.28
C GLY B 366 -80.79 66.66 6.35
N VAL B 367 -79.65 67.05 6.91
CA VAL B 367 -78.45 67.31 6.13
C VAL B 367 -77.79 66.00 5.82
N LEU B 368 -77.44 65.79 4.55
CA LEU B 368 -76.73 64.57 4.15
C LEU B 368 -75.33 64.62 4.74
N PHE B 369 -74.85 63.49 5.25
CA PHE B 369 -73.57 63.46 5.95
C PHE B 369 -72.71 62.25 5.56
N ALA B 370 -71.60 62.53 4.90
CA ALA B 370 -70.64 61.50 4.50
C ALA B 370 -69.42 61.48 5.43
N PRO B 371 -69.33 60.45 6.28
CA PRO B 371 -68.24 60.35 7.26
C PRO B 371 -66.91 60.09 6.56
N GLY B 372 -65.83 60.66 7.09
CA GLY B 372 -64.49 60.44 6.56
C GLY B 372 -64.13 58.97 6.44
N LYS B 373 -64.68 58.15 7.33
CA LYS B 373 -64.47 56.70 7.29
C LYS B 373 -64.63 56.15 5.88
N ALA B 374 -65.59 56.69 5.14
CA ALA B 374 -65.85 56.27 3.77
C ALA B 374 -65.34 57.29 2.75
N ALA B 375 -65.60 58.57 2.99
CA ALA B 375 -65.39 59.59 1.97
C ALA B 375 -63.94 59.96 1.68
N ASN B 376 -63.06 59.79 2.66
CA ASN B 376 -61.64 60.07 2.45
C ASN B 376 -60.79 58.81 2.15
N ALA B 377 -61.47 57.71 1.81
CA ALA B 377 -60.80 56.43 1.58
C ALA B 377 -60.11 56.31 0.20
N GLY B 378 -60.27 57.32 -0.64
CA GLY B 378 -59.58 57.31 -1.93
C GLY B 378 -58.08 57.07 -1.81
N GLY B 379 -57.50 57.58 -0.73
CA GLY B 379 -56.08 57.47 -0.47
C GLY B 379 -55.61 56.05 -0.27
N VAL B 380 -56.27 55.32 0.64
CA VAL B 380 -55.87 53.93 0.86
C VAL B 380 -56.30 53.06 -0.30
N ALA B 381 -57.38 53.44 -0.97
CA ALA B 381 -57.82 52.75 -2.18
C ALA B 381 -56.69 52.80 -3.21
N THR B 382 -56.17 54.01 -3.41
CA THR B 382 -55.14 54.22 -4.41
C THR B 382 -53.83 53.54 -4.00
N SER B 383 -53.64 53.31 -2.70
CA SER B 383 -52.45 52.57 -2.26
C SER B 383 -52.58 51.12 -2.71
N GLY B 384 -53.81 50.62 -2.68
CA GLY B 384 -54.13 49.31 -3.24
C GLY B 384 -53.84 49.26 -4.74
N LEU B 385 -54.18 50.35 -5.44
CA LEU B 385 -53.93 50.39 -6.88
C LEU B 385 -52.42 50.42 -7.15
N GLU B 386 -51.65 51.00 -6.23
CA GLU B 386 -50.20 51.01 -6.37
C GLU B 386 -49.66 49.59 -6.26
N MET B 387 -50.12 48.88 -5.26
CA MET B 387 -49.77 47.47 -5.08
C MET B 387 -50.17 46.66 -6.31
N ALA B 388 -51.32 46.99 -6.89
CA ALA B 388 -51.81 46.27 -8.06
C ALA B 388 -50.92 46.44 -9.29
N GLN B 389 -50.48 47.67 -9.54
CA GLN B 389 -49.61 47.94 -10.69
C GLN B 389 -48.25 47.24 -10.54
N ASN B 390 -47.65 47.34 -9.34
CA ASN B 390 -46.40 46.66 -9.04
C ASN B 390 -46.52 45.15 -9.25
N ALA B 391 -47.62 44.58 -8.76
CA ALA B 391 -47.92 43.16 -8.96
C ALA B 391 -48.04 42.78 -10.44
N ALA B 392 -48.58 43.72 -11.24
CA ALA B 392 -48.76 43.50 -12.68
C ALA B 392 -47.48 43.74 -13.48
N ARG B 393 -46.51 44.41 -12.86
CA ARG B 393 -45.25 44.79 -13.50
C ARG B 393 -45.45 45.82 -14.60
N LEU B 394 -46.54 46.57 -14.51
CA LEU B 394 -46.90 47.56 -15.52
C LEU B 394 -47.67 48.71 -14.86
N GLY B 395 -47.24 49.94 -15.10
CA GLY B 395 -47.93 51.09 -14.55
C GLY B 395 -49.10 51.51 -15.42
N TRP B 396 -50.09 52.17 -14.82
CA TRP B 396 -51.29 52.63 -15.54
C TRP B 396 -51.17 54.12 -15.83
N LYS B 397 -51.79 54.58 -16.92
CA LYS B 397 -51.93 56.01 -17.17
C LYS B 397 -52.74 56.63 -16.03
N ALA B 398 -52.56 57.94 -15.85
CA ALA B 398 -53.30 58.68 -14.84
C ALA B 398 -54.80 58.48 -14.99
N GLU B 399 -55.29 58.62 -16.22
CA GLU B 399 -56.70 58.41 -16.53
C GLU B 399 -57.23 57.08 -16.04
N LYS B 400 -56.41 56.03 -16.21
CA LYS B 400 -56.79 54.69 -15.80
C LYS B 400 -56.87 54.56 -14.30
N VAL B 401 -55.83 55.02 -13.60
CA VAL B 401 -55.85 54.99 -12.13
C VAL B 401 -57.06 55.75 -11.61
N ASP B 402 -57.36 56.90 -12.23
CA ASP B 402 -58.47 57.74 -11.80
C ASP B 402 -59.82 57.07 -12.02
N ALA B 403 -59.98 56.43 -13.18
CA ALA B 403 -61.20 55.70 -13.49
C ALA B 403 -61.41 54.58 -12.48
N ARG B 404 -60.33 53.89 -12.14
CA ARG B 404 -60.43 52.80 -11.16
C ARG B 404 -60.73 53.36 -9.78
N LEU B 405 -60.05 54.43 -9.40
CA LEU B 405 -60.36 55.11 -8.15
C LEU B 405 -61.84 55.52 -8.09
N HIS B 406 -62.34 56.10 -9.17
CA HIS B 406 -63.73 56.56 -9.21
C HIS B 406 -64.72 55.41 -8.94
N HIS B 407 -64.54 54.28 -9.64
CA HIS B 407 -65.43 53.14 -9.47
C HIS B 407 -65.35 52.53 -8.07
N ILE B 408 -64.17 52.62 -7.48
CA ILE B 408 -64.02 52.18 -6.10
C ILE B 408 -64.84 53.04 -5.14
N MET B 409 -64.83 54.35 -5.36
CA MET B 409 -65.58 55.22 -4.46
C MET B 409 -67.08 54.97 -4.63
N LEU B 410 -67.51 54.70 -5.86
CA LEU B 410 -68.91 54.38 -6.13
C LEU B 410 -69.34 53.09 -5.44
N ASP B 411 -68.44 52.11 -5.41
CA ASP B 411 -68.72 50.86 -4.73
C ASP B 411 -68.79 51.07 -3.23
N ILE B 412 -67.85 51.85 -2.70
CA ILE B 412 -67.89 52.22 -1.30
C ILE B 412 -69.23 52.87 -0.99
N HIS B 413 -69.67 53.78 -1.86
CA HIS B 413 -70.97 54.43 -1.67
C HIS B 413 -72.11 53.43 -1.71
N HIS B 414 -72.02 52.49 -2.65
CA HIS B 414 -73.02 51.44 -2.79
C HIS B 414 -73.14 50.58 -1.54
N ALA B 415 -72.00 50.31 -0.90
CA ALA B 415 -71.96 49.51 0.31
C ALA B 415 -72.57 50.24 1.50
N CYS B 416 -72.28 51.53 1.61
CA CYS B 416 -72.88 52.35 2.66
C CYS B 416 -74.41 52.36 2.55
N VAL B 417 -74.91 52.47 1.32
CA VAL B 417 -76.36 52.53 1.10
C VAL B 417 -77.04 51.24 1.51
N GLU B 418 -76.37 50.14 1.17
CA GLU B 418 -76.86 48.80 1.47
C GLU B 418 -77.16 48.67 2.96
N HIS B 419 -76.26 49.20 3.78
CA HIS B 419 -76.36 49.06 5.23
C HIS B 419 -76.79 50.35 5.94
N GLY B 420 -77.19 51.34 5.13
CA GLY B 420 -77.44 52.67 5.66
C GLY B 420 -78.90 52.92 6.01
N GLY B 421 -79.70 51.86 6.01
CA GLY B 421 -81.07 51.93 6.46
C GLY B 421 -82.09 52.42 5.46
N GLU B 422 -83.35 52.40 5.91
CA GLU B 422 -84.47 52.96 5.18
C GLU B 422 -84.62 54.40 5.63
N GLY B 423 -85.66 55.08 5.14
CA GLY B 423 -85.87 56.46 5.50
C GLY B 423 -85.42 57.37 4.37
N GLU B 424 -85.86 58.63 4.43
CA GLU B 424 -85.64 59.58 3.35
C GLU B 424 -84.17 59.64 2.95
N GLN B 425 -83.31 59.63 3.96
CA GLN B 425 -81.88 59.75 3.74
C GLN B 425 -81.12 58.54 4.26
N THR B 426 -80.12 58.12 3.48
CA THR B 426 -79.23 57.05 3.88
C THR B 426 -78.46 57.51 5.12
N ASN B 427 -78.28 56.60 6.06
CA ASN B 427 -77.41 56.92 7.18
C ASN B 427 -76.01 56.36 6.90
N TYR B 428 -75.09 57.24 6.52
CA TYR B 428 -73.77 56.82 6.07
C TYR B 428 -72.80 56.52 7.20
N VAL B 429 -73.13 56.96 8.41
CA VAL B 429 -72.31 56.59 9.56
C VAL B 429 -72.58 55.13 9.85
N GLN B 430 -73.86 54.78 9.89
CA GLN B 430 -74.31 53.41 10.10
C GLN B 430 -73.81 52.53 8.96
N GLY B 431 -74.02 53.03 7.74
CA GLY B 431 -73.67 52.30 6.54
C GLY B 431 -72.20 51.92 6.41
N ALA B 432 -71.30 52.88 6.60
CA ALA B 432 -69.86 52.64 6.43
C ALA B 432 -69.29 51.73 7.51
N ASN B 433 -69.81 51.88 8.72
CA ASN B 433 -69.38 51.04 9.82
C ASN B 433 -69.74 49.57 9.59
N ILE B 434 -71.01 49.34 9.30
CA ILE B 434 -71.52 48.00 9.08
C ILE B 434 -70.85 47.36 7.85
N ALA B 435 -70.79 48.07 6.74
CA ALA B 435 -70.17 47.56 5.51
C ALA B 435 -68.75 47.06 5.74
N GLY B 436 -67.94 47.89 6.37
CA GLY B 436 -66.56 47.53 6.67
C GLY B 436 -66.48 46.39 7.68
N PHE B 437 -67.44 46.30 8.59
CA PHE B 437 -67.43 45.21 9.57
C PHE B 437 -67.75 43.88 8.93
N VAL B 438 -68.76 43.86 8.06
CA VAL B 438 -69.31 42.64 7.51
C VAL B 438 -68.29 41.90 6.67
N LYS B 439 -67.54 42.67 5.88
CA LYS B 439 -66.48 42.13 5.05
C LYS B 439 -65.38 41.45 5.87
N VAL B 440 -64.90 42.14 6.89
CA VAL B 440 -63.88 41.58 7.78
C VAL B 440 -64.42 40.36 8.53
N ALA B 441 -65.63 40.50 9.08
CA ALA B 441 -66.33 39.42 9.80
C ALA B 441 -66.54 38.15 8.97
N ASP B 442 -67.06 38.31 7.75
CA ASP B 442 -67.29 37.20 6.84
C ASP B 442 -66.00 36.39 6.57
N ALA B 443 -64.89 37.09 6.38
CA ALA B 443 -63.59 36.44 6.15
C ALA B 443 -63.03 35.73 7.39
N MET B 444 -63.16 36.37 8.55
CA MET B 444 -62.75 35.75 9.80
C MET B 444 -63.54 34.47 10.04
N LEU B 445 -64.86 34.53 9.83
CA LEU B 445 -65.69 33.35 10.03
C LEU B 445 -65.31 32.19 9.09
N ALA B 446 -64.97 32.52 7.85
CA ALA B 446 -64.67 31.47 6.89
C ALA B 446 -63.32 30.79 7.16
N GLN B 447 -62.36 31.53 7.71
CA GLN B 447 -61.02 31.00 7.80
C GLN B 447 -60.74 30.25 9.10
N GLY B 448 -61.78 30.04 9.90
CA GLY B 448 -61.68 29.21 11.09
C GLY B 448 -61.07 29.89 12.31
N VAL B 449 -60.88 29.11 13.37
CA VAL B 449 -60.27 29.56 14.61
C VAL B 449 -58.74 29.61 14.47
N ILE B 450 -58.22 30.80 14.15
CA ILE B 450 -56.80 31.00 13.86
C ILE B 450 -56.27 32.27 14.54
N SER C 9 -46.26 -3.48 -27.73
CA SER C 9 -45.71 -2.12 -27.65
C SER C 9 -46.52 -1.24 -26.70
N LEU C 10 -47.78 -0.98 -27.02
CA LEU C 10 -48.65 -0.31 -26.05
C LEU C 10 -48.82 -1.24 -24.85
N GLU C 11 -49.04 -2.52 -25.15
CA GLU C 11 -49.17 -3.52 -24.09
C GLU C 11 -47.89 -3.74 -23.30
N SER C 12 -46.74 -3.58 -23.95
CA SER C 12 -45.47 -3.76 -23.28
C SER C 12 -45.17 -2.57 -22.38
N PHE C 13 -45.55 -1.38 -22.81
CA PHE C 13 -45.34 -0.18 -22.01
C PHE C 13 -46.22 -0.22 -20.75
N LEU C 14 -47.49 -0.56 -20.94
CA LEU C 14 -48.43 -0.61 -19.83
C LEU C 14 -48.04 -1.66 -18.78
N ASN C 15 -47.66 -2.84 -19.25
CA ASN C 15 -47.19 -3.91 -18.37
C ASN C 15 -45.92 -3.51 -17.62
N HIS C 16 -44.99 -2.87 -18.31
CA HIS C 16 -43.77 -2.42 -17.64
C HIS C 16 -44.05 -1.32 -16.60
N VAL C 17 -44.97 -0.42 -16.92
CA VAL C 17 -45.29 0.67 -16.00
C VAL C 17 -45.95 0.12 -14.72
N GLN C 18 -46.70 -0.96 -14.87
CA GLN C 18 -47.44 -1.52 -13.75
C GLN C 18 -46.52 -2.18 -12.71
N LYS C 19 -45.35 -2.61 -13.15
CA LYS C 19 -44.37 -3.30 -12.29
C LYS C 19 -44.06 -2.60 -10.97
N ARG C 20 -44.03 -1.27 -11.00
CA ARG C 20 -43.72 -0.49 -9.79
C ARG C 20 -44.94 -0.31 -8.88
N ASP C 21 -46.13 -0.61 -9.41
CA ASP C 21 -47.38 -0.46 -8.67
C ASP C 21 -48.37 -1.58 -8.98
N PRO C 22 -48.03 -2.83 -8.66
CA PRO C 22 -48.85 -3.95 -9.13
C PRO C 22 -50.32 -3.91 -8.66
N ASN C 23 -50.60 -3.17 -7.58
CA ASN C 23 -51.94 -3.18 -7.02
C ASN C 23 -52.71 -1.87 -7.15
N GLN C 24 -52.15 -0.88 -7.84
CA GLN C 24 -52.83 0.39 -8.06
C GLN C 24 -53.74 0.24 -9.28
N THR C 25 -54.93 -0.30 -9.04
CA THR C 25 -55.86 -0.67 -10.09
C THR C 25 -56.45 0.53 -10.85
N GLU C 26 -56.84 1.57 -10.13
CA GLU C 26 -57.38 2.76 -10.79
C GLU C 26 -56.28 3.50 -11.56
N PHE C 27 -55.09 3.61 -10.98
CA PHE C 27 -53.98 4.25 -11.69
C PHE C 27 -53.67 3.51 -13.00
N ALA C 28 -53.57 2.19 -12.93
CA ALA C 28 -53.35 1.37 -14.12
C ALA C 28 -54.38 1.63 -15.21
N GLN C 29 -55.63 1.82 -14.81
CA GLN C 29 -56.69 2.09 -15.78
C GLN C 29 -56.53 3.46 -16.43
N ALA C 30 -56.18 4.46 -15.63
CA ALA C 30 -56.00 5.82 -16.11
C ALA C 30 -54.87 5.86 -17.14
N VAL C 31 -53.73 5.27 -16.79
CA VAL C 31 -52.61 5.18 -17.71
C VAL C 31 -52.99 4.44 -18.98
N ARG C 32 -53.68 3.32 -18.84
CA ARG C 32 -54.09 2.56 -20.01
C ARG C 32 -54.99 3.38 -20.93
N GLU C 33 -55.97 4.06 -20.34
CA GLU C 33 -56.91 4.87 -21.13
C GLU C 33 -56.25 6.04 -21.85
N VAL C 34 -55.42 6.82 -21.15
CA VAL C 34 -54.68 7.91 -21.77
C VAL C 34 -53.74 7.44 -22.89
N MET C 35 -52.92 6.43 -22.62
CA MET C 35 -51.98 5.93 -23.64
C MET C 35 -52.67 5.34 -24.86
N THR C 36 -53.80 4.67 -24.64
CA THR C 36 -54.56 4.08 -25.75
C THR C 36 -55.04 5.16 -26.73
N THR C 37 -55.62 6.24 -26.20
CA THR C 37 -56.09 7.32 -27.05
C THR C 37 -54.93 7.97 -27.80
N LEU C 38 -53.74 7.93 -27.21
CA LEU C 38 -52.56 8.60 -27.75
C LEU C 38 -51.72 7.76 -28.72
N TRP C 39 -51.80 6.44 -28.63
CA TRP C 39 -50.83 5.59 -29.33
C TRP C 39 -50.75 5.81 -30.84
N PRO C 40 -51.90 5.86 -31.54
CA PRO C 40 -51.78 6.16 -32.97
C PRO C 40 -51.07 7.49 -33.22
N PHE C 41 -51.38 8.51 -32.42
CA PHE C 41 -50.66 9.77 -32.53
C PHE C 41 -49.16 9.60 -32.28
N LEU C 42 -48.84 8.85 -31.24
CA LEU C 42 -47.47 8.62 -30.85
C LEU C 42 -46.68 7.92 -31.95
N GLU C 43 -47.33 6.98 -32.64
CA GLU C 43 -46.71 6.23 -33.73
C GLU C 43 -46.34 7.13 -34.91
N GLN C 44 -47.08 8.21 -35.08
CA GLN C 44 -46.86 9.11 -36.20
C GLN C 44 -45.92 10.25 -35.83
N ASN C 45 -45.69 10.39 -34.53
CA ASN C 45 -44.88 11.49 -34.02
C ASN C 45 -43.87 11.01 -32.98
N PRO C 46 -42.85 10.25 -33.43
CA PRO C 46 -41.84 9.59 -32.59
C PRO C 46 -41.03 10.55 -31.71
N LYS C 47 -40.98 11.81 -32.12
CA LYS C 47 -40.49 12.91 -31.28
C LYS C 47 -41.05 12.88 -29.85
N TYR C 48 -42.29 12.43 -29.70
CA TYR C 48 -42.94 12.46 -28.40
C TYR C 48 -42.73 11.21 -27.54
N ARG C 49 -41.92 10.28 -28.05
CA ARG C 49 -41.50 9.13 -27.27
C ARG C 49 -40.01 9.19 -26.94
N GLN C 50 -39.29 10.09 -27.60
CA GLN C 50 -37.86 10.27 -27.38
C GLN C 50 -37.61 10.78 -25.95
N MET C 51 -36.37 10.66 -25.49
CA MET C 51 -35.99 11.11 -24.14
C MET C 51 -36.77 10.41 -23.06
N SER C 52 -37.16 9.16 -23.31
CA SER C 52 -38.03 8.41 -22.38
C SER C 52 -39.20 9.26 -21.86
N LEU C 53 -39.79 10.03 -22.77
CA LEU C 53 -40.81 11.01 -22.40
C LEU C 53 -41.96 10.38 -21.62
N LEU C 54 -42.47 9.26 -22.14
CA LEU C 54 -43.63 8.61 -21.56
C LEU C 54 -43.31 8.04 -20.18
N GLU C 55 -42.10 7.50 -20.03
CA GLU C 55 -41.70 6.90 -18.77
C GLU C 55 -41.59 7.99 -17.68
N ARG C 56 -41.14 9.17 -18.08
CA ARG C 56 -41.07 10.32 -17.16
C ARG C 56 -42.47 10.85 -16.82
N LEU C 57 -43.35 10.84 -17.81
CA LEU C 57 -44.69 11.38 -17.66
C LEU C 57 -45.53 10.61 -16.65
N VAL C 58 -45.40 9.29 -16.63
CA VAL C 58 -46.25 8.46 -15.77
C VAL C 58 -45.78 8.35 -14.32
N GLU C 59 -44.55 8.77 -14.03
CA GLU C 59 -44.04 8.74 -12.65
C GLU C 59 -44.11 10.13 -12.01
N PRO C 60 -44.96 10.30 -10.98
CA PRO C 60 -45.20 11.64 -10.42
C PRO C 60 -43.91 12.26 -9.87
N GLU C 61 -43.76 13.57 -10.00
CA GLU C 61 -42.56 14.24 -9.47
C GLU C 61 -42.36 13.98 -7.99
N ARG C 62 -43.41 14.17 -7.18
CA ARG C 62 -43.37 13.75 -5.78
C ARG C 62 -44.75 13.47 -5.21
N VAL C 63 -44.79 12.57 -4.24
CA VAL C 63 -46.00 12.28 -3.49
C VAL C 63 -45.63 12.38 -2.02
N ILE C 64 -46.40 13.17 -1.28
CA ILE C 64 -46.27 13.22 0.17
C ILE C 64 -47.39 12.46 0.82
N GLN C 65 -47.05 11.40 1.56
CA GLN C 65 -48.01 10.70 2.40
C GLN C 65 -47.70 11.15 3.80
N PHE C 66 -48.74 11.42 4.59
CA PHE C 66 -48.48 11.89 5.94
C PHE C 66 -49.60 11.56 6.93
N ARG C 67 -49.23 11.54 8.19
CA ARG C 67 -50.14 11.18 9.27
C ARG C 67 -50.89 12.42 9.72
N VAL C 68 -52.20 12.29 9.94
CA VAL C 68 -52.98 13.36 10.54
C VAL C 68 -53.61 12.83 11.81
N VAL C 69 -53.27 13.45 12.93
CA VAL C 69 -53.76 13.05 14.22
C VAL C 69 -54.63 14.17 14.74
N TRP C 70 -55.86 13.86 15.10
CA TRP C 70 -56.82 14.87 15.51
C TRP C 70 -57.73 14.29 16.58
N VAL C 71 -58.49 15.16 17.25
CA VAL C 71 -59.31 14.73 18.39
C VAL C 71 -60.79 14.91 18.12
N ASP C 72 -61.57 13.84 18.30
CA ASP C 72 -62.99 13.94 17.98
C ASP C 72 -63.80 14.49 19.17
N ASP C 73 -65.10 14.65 18.96
CA ASP C 73 -65.98 15.27 19.95
C ASP C 73 -66.17 14.46 21.23
N ARG C 74 -65.75 13.20 21.21
CA ARG C 74 -65.82 12.35 22.40
C ARG C 74 -64.45 12.30 23.07
N ASN C 75 -63.58 13.18 22.59
CA ASN C 75 -62.23 13.34 23.12
C ASN C 75 -61.36 12.13 22.80
N GLN C 76 -61.71 11.40 21.76
CA GLN C 76 -60.92 10.26 21.35
C GLN C 76 -59.92 10.71 20.27
N VAL C 77 -58.67 10.31 20.42
CA VAL C 77 -57.67 10.69 19.44
C VAL C 77 -57.81 9.82 18.19
N GLN C 78 -57.95 10.44 17.03
CA GLN C 78 -58.11 9.69 15.80
C GLN C 78 -56.89 9.86 14.91
N VAL C 79 -56.61 8.84 14.11
CA VAL C 79 -55.48 8.87 13.19
C VAL C 79 -55.95 8.60 11.77
N ASN C 80 -55.65 9.53 10.88
CA ASN C 80 -55.95 9.32 9.47
C ASN C 80 -54.71 9.55 8.62
N ARG C 81 -54.78 9.08 7.40
CA ARG C 81 -53.69 9.25 6.47
C ARG C 81 -54.11 10.30 5.46
N ALA C 82 -53.16 11.16 5.09
CA ALA C 82 -53.41 12.15 4.04
C ALA C 82 -52.32 12.05 2.96
N TRP C 83 -52.60 12.62 1.80
CA TRP C 83 -51.62 12.67 0.71
C TRP C 83 -51.71 13.99 -0.05
N ARG C 84 -50.62 14.31 -0.75
CA ARG C 84 -50.65 15.31 -1.80
C ARG C 84 -49.77 14.77 -2.93
N VAL C 85 -50.41 14.48 -4.05
CA VAL C 85 -49.71 13.98 -5.24
C VAL C 85 -49.37 15.16 -6.11
N GLN C 86 -48.08 15.47 -6.19
CA GLN C 86 -47.63 16.57 -7.00
C GLN C 86 -47.10 15.95 -8.29
N PHE C 87 -48.02 15.78 -9.24
CA PHE C 87 -47.74 14.93 -10.39
C PHE C 87 -46.82 15.63 -11.39
N SER C 88 -47.21 16.82 -11.85
CA SER C 88 -46.45 17.49 -12.91
C SER C 88 -46.40 18.99 -12.68
N SER C 89 -45.20 19.55 -12.78
CA SER C 89 -45.03 21.00 -12.66
C SER C 89 -44.48 21.58 -13.97
N ALA C 90 -44.63 20.82 -15.04
CA ALA C 90 -44.04 21.19 -16.33
C ALA C 90 -44.55 22.54 -16.86
N ILE C 91 -45.87 22.74 -16.78
CA ILE C 91 -46.50 23.93 -17.33
C ILE C 91 -46.75 25.01 -16.27
N GLY C 92 -46.82 24.58 -15.01
CA GLY C 92 -46.97 25.50 -13.89
C GLY C 92 -47.10 24.79 -12.56
N PRO C 93 -47.51 25.52 -11.50
CA PRO C 93 -47.53 24.91 -10.17
C PRO C 93 -48.50 23.74 -10.16
N TYR C 94 -48.28 22.75 -9.29
CA TYR C 94 -49.24 21.65 -9.19
C TYR C 94 -50.61 22.24 -8.84
N LYS C 95 -51.66 21.65 -9.39
CA LYS C 95 -52.98 22.24 -9.24
C LYS C 95 -54.01 21.14 -9.30
N GLY C 96 -54.91 21.13 -8.33
CA GLY C 96 -55.90 20.09 -8.29
C GLY C 96 -56.50 19.96 -6.91
N GLY C 97 -57.70 19.41 -6.85
CA GLY C 97 -58.46 19.38 -5.61
C GLY C 97 -57.99 18.41 -4.56
N MET C 98 -58.58 18.57 -3.37
CA MET C 98 -58.42 17.69 -2.23
C MET C 98 -59.73 16.93 -1.99
N ARG C 99 -59.62 15.65 -1.65
CA ARG C 99 -60.78 14.79 -1.50
C ARG C 99 -60.76 14.07 -0.15
N PHE C 100 -61.81 14.27 0.65
CA PHE C 100 -61.94 13.56 1.92
C PHE C 100 -63.02 12.50 1.78
N HIS C 101 -62.61 11.22 1.75
CA HIS C 101 -63.55 10.10 1.65
C HIS C 101 -62.83 8.82 2.11
N PRO C 102 -63.52 7.94 2.86
CA PRO C 102 -62.85 6.76 3.40
C PRO C 102 -62.30 5.80 2.34
N SER C 103 -62.70 5.95 1.09
CA SER C 103 -62.19 5.09 0.01
C SER C 103 -60.89 5.63 -0.59
N VAL C 104 -60.53 6.86 -0.25
CA VAL C 104 -59.34 7.48 -0.82
C VAL C 104 -58.07 6.70 -0.48
N ASN C 105 -57.26 6.46 -1.52
CA ASN C 105 -55.94 5.87 -1.37
C ASN C 105 -54.99 6.42 -2.45
N LEU C 106 -53.73 6.02 -2.41
CA LEU C 106 -52.72 6.51 -3.36
C LEU C 106 -53.08 6.23 -4.83
N SER C 107 -53.59 5.03 -5.08
CA SER C 107 -53.99 4.63 -6.43
C SER C 107 -55.01 5.63 -7.01
N ILE C 108 -56.07 5.88 -6.25
CA ILE C 108 -57.10 6.82 -6.69
C ILE C 108 -56.53 8.23 -6.87
N LEU C 109 -55.71 8.69 -5.93
CA LEU C 109 -55.21 10.05 -6.01
C LEU C 109 -54.24 10.23 -7.19
N LYS C 110 -53.52 9.16 -7.54
CA LYS C 110 -52.63 9.17 -8.70
C LYS C 110 -53.40 9.18 -10.02
N PHE C 111 -54.45 8.36 -10.09
CA PHE C 111 -55.36 8.37 -11.23
C PHE C 111 -55.89 9.78 -11.47
N LEU C 112 -56.47 10.40 -10.43
CA LEU C 112 -57.04 11.73 -10.58
C LEU C 112 -55.95 12.77 -10.90
N GLY C 113 -54.81 12.69 -10.22
CA GLY C 113 -53.73 13.64 -10.42
C GLY C 113 -53.13 13.52 -11.82
N PHE C 114 -53.04 12.29 -12.32
CA PHE C 114 -52.52 12.04 -13.65
C PHE C 114 -53.44 12.66 -14.69
N GLU C 115 -54.74 12.38 -14.56
CA GLU C 115 -55.71 12.91 -15.50
C GLU C 115 -55.80 14.44 -15.39
N GLN C 116 -55.71 14.95 -14.17
CA GLN C 116 -55.77 16.41 -13.95
C GLN C 116 -54.65 17.16 -14.67
N THR C 117 -53.49 16.52 -14.79
CA THR C 117 -52.38 17.13 -15.50
C THR C 117 -52.79 17.54 -16.92
N PHE C 118 -53.46 16.65 -17.65
CA PHE C 118 -53.76 16.93 -19.07
C PHE C 118 -54.99 17.82 -19.18
N LYS C 119 -55.93 17.68 -18.25
CA LYS C 119 -57.10 18.55 -18.23
C LYS C 119 -56.66 19.98 -17.98
N ASN C 120 -55.75 20.16 -17.03
CA ASN C 120 -55.22 21.50 -16.72
C ASN C 120 -54.42 22.05 -17.89
N ALA C 121 -53.64 21.19 -18.54
CA ALA C 121 -52.88 21.59 -19.73
C ALA C 121 -53.81 22.11 -20.82
N LEU C 122 -54.89 21.37 -21.03
CA LEU C 122 -55.83 21.65 -22.11
C LEU C 122 -56.52 23.01 -21.96
N THR C 123 -56.65 23.52 -20.74
CA THR C 123 -57.31 24.82 -20.55
C THR C 123 -56.52 25.95 -21.16
N THR C 124 -55.26 25.68 -21.49
CA THR C 124 -54.24 26.67 -21.91
C THR C 124 -53.75 27.60 -20.80
N LEU C 125 -54.22 27.40 -19.58
CA LEU C 125 -53.73 28.19 -18.45
C LEU C 125 -52.42 27.61 -17.91
N PRO C 126 -51.61 28.45 -17.21
CA PRO C 126 -50.32 27.99 -16.70
C PRO C 126 -50.44 27.14 -15.43
N MET C 127 -50.99 25.95 -15.57
CA MET C 127 -51.28 25.10 -14.44
C MET C 127 -50.70 23.71 -14.61
N GLY C 128 -49.97 23.26 -13.60
CA GLY C 128 -49.49 21.89 -13.55
C GLY C 128 -50.61 20.97 -13.10
N GLY C 129 -50.24 19.81 -12.60
CA GLY C 129 -51.21 18.79 -12.23
C GLY C 129 -50.89 18.18 -10.88
N GLY C 130 -51.89 18.16 -10.01
CA GLY C 130 -51.81 17.47 -8.74
C GLY C 130 -53.18 17.09 -8.20
N LYS C 131 -53.17 16.34 -7.10
CA LYS C 131 -54.37 15.92 -6.43
C LYS C 131 -53.99 15.47 -5.04
N GLY C 132 -54.88 15.67 -4.09
CA GLY C 132 -54.60 15.31 -2.72
C GLY C 132 -55.85 14.83 -2.00
N GLY C 133 -55.69 14.42 -0.75
CA GLY C 133 -56.85 14.06 0.05
C GLY C 133 -56.49 13.26 1.30
N SER C 134 -57.51 12.67 1.89
CA SER C 134 -57.36 11.89 3.12
C SER C 134 -58.48 10.83 3.21
N ASP C 135 -58.20 9.73 3.90
CA ASP C 135 -59.25 8.75 4.14
C ASP C 135 -60.22 9.16 5.26
N PHE C 136 -60.02 10.36 5.82
CA PHE C 136 -61.00 11.02 6.71
C PHE C 136 -62.41 10.98 6.11
N ASP C 137 -63.40 10.57 6.91
CA ASP C 137 -64.79 10.57 6.46
C ASP C 137 -65.54 11.75 7.10
N PRO C 138 -65.83 12.78 6.30
CA PRO C 138 -66.58 13.96 6.77
C PRO C 138 -68.00 13.62 7.24
N LYS C 139 -68.55 12.48 6.81
CA LYS C 139 -69.94 12.15 7.12
C LYS C 139 -70.22 11.97 8.61
N GLY C 140 -71.22 12.69 9.12
CA GLY C 140 -71.58 12.63 10.52
C GLY C 140 -70.60 13.34 11.45
N LYS C 141 -69.65 14.06 10.88
CA LYS C 141 -68.72 14.86 11.67
C LYS C 141 -69.31 16.24 11.95
N SER C 142 -69.03 16.80 13.13
CA SER C 142 -69.45 18.16 13.44
C SER C 142 -68.54 19.17 12.75
N GLU C 143 -69.00 20.41 12.68
CA GLU C 143 -68.18 21.49 12.14
C GLU C 143 -66.85 21.57 12.87
N GLY C 144 -66.89 21.40 14.19
CA GLY C 144 -65.69 21.47 15.01
C GLY C 144 -64.70 20.36 14.66
N GLU C 145 -65.22 19.15 14.48
CA GLU C 145 -64.36 18.01 14.11
C GLU C 145 -63.73 18.24 12.75
N VAL C 146 -64.53 18.74 11.81
CA VAL C 146 -64.04 18.99 10.46
C VAL C 146 -62.97 20.07 10.51
N MET C 147 -63.23 21.15 11.25
CA MET C 147 -62.25 22.22 11.39
C MET C 147 -60.95 21.69 12.00
N ARG C 148 -61.04 20.95 13.10
CA ARG C 148 -59.84 20.42 13.75
C ARG C 148 -59.07 19.48 12.82
N PHE C 149 -59.78 18.67 12.05
CA PHE C 149 -59.11 17.82 11.05
C PHE C 149 -58.36 18.62 10.00
N CYS C 150 -59.01 19.65 9.46
CA CYS C 150 -58.40 20.50 8.41
C CYS C 150 -57.18 21.21 8.94
N GLN C 151 -57.27 21.69 10.17
CA GLN C 151 -56.14 22.39 10.77
C GLN C 151 -54.98 21.44 11.05
N ALA C 152 -55.29 20.25 11.56
CA ALA C 152 -54.24 19.25 11.81
C ALA C 152 -53.58 18.82 10.50
N LEU C 153 -54.38 18.64 9.46
CA LEU C 153 -53.85 18.30 8.14
C LEU C 153 -52.83 19.37 7.67
N MET C 154 -53.21 20.64 7.81
CA MET C 154 -52.37 21.76 7.36
C MET C 154 -51.09 21.98 8.19
N THR C 155 -51.08 21.60 9.46
CA THR C 155 -49.83 21.71 10.24
C THR C 155 -48.68 20.89 9.61
N GLU C 156 -49.02 19.88 8.81
CA GLU C 156 -48.01 19.23 7.96
C GLU C 156 -48.01 19.78 6.53
N LEU C 157 -49.19 19.88 5.92
CA LEU C 157 -49.26 20.20 4.49
C LEU C 157 -48.71 21.57 4.10
N TYR C 158 -48.87 22.56 4.97
CA TYR C 158 -48.54 23.95 4.60
C TYR C 158 -47.15 24.10 3.99
N ARG C 159 -46.18 23.35 4.50
CA ARG C 159 -44.79 23.47 4.08
C ARG C 159 -44.55 22.97 2.66
N HIS C 160 -45.48 22.18 2.10
CA HIS C 160 -45.37 21.67 0.73
C HIS C 160 -46.13 22.46 -0.34
N LEU C 161 -46.93 23.43 0.08
CA LEU C 161 -47.76 24.23 -0.83
C LEU C 161 -47.20 25.62 -1.05
N GLY C 162 -47.77 26.35 -2.01
CA GLY C 162 -47.41 27.74 -2.24
C GLY C 162 -48.02 28.28 -3.51
N ALA C 163 -48.14 29.61 -3.59
CA ALA C 163 -48.75 30.30 -4.73
C ALA C 163 -48.07 29.97 -6.07
N ASP C 164 -46.77 29.74 -6.02
CA ASP C 164 -46.02 29.33 -7.22
C ASP C 164 -45.46 27.92 -7.09
N THR C 165 -46.12 27.11 -6.28
CA THR C 165 -45.64 25.76 -6.03
C THR C 165 -46.76 24.73 -6.18
N ASP C 166 -47.80 24.84 -5.36
CA ASP C 166 -48.93 23.93 -5.37
C ASP C 166 -50.12 24.67 -4.77
N VAL C 167 -51.20 24.76 -5.55
CA VAL C 167 -52.42 25.48 -5.21
C VAL C 167 -53.60 24.51 -5.30
N PRO C 168 -53.98 23.88 -4.17
CA PRO C 168 -55.11 22.96 -4.11
C PRO C 168 -56.48 23.64 -4.24
N ALA C 169 -57.52 22.85 -4.09
CA ALA C 169 -58.91 23.28 -4.26
C ALA C 169 -59.79 22.22 -3.63
N GLY C 170 -61.11 22.37 -3.76
CA GLY C 170 -62.03 21.42 -3.18
C GLY C 170 -62.26 20.26 -4.11
N ASP C 171 -63.07 19.31 -3.67
CA ASP C 171 -63.41 18.11 -4.44
C ASP C 171 -64.43 17.42 -3.54
N ILE C 172 -64.74 16.15 -3.81
CA ILE C 172 -65.64 15.39 -2.96
C ILE C 172 -65.20 15.45 -1.49
N GLY C 173 -66.13 15.80 -0.60
CA GLY C 173 -65.83 15.87 0.82
C GLY C 173 -65.12 17.14 1.24
N VAL C 174 -64.77 17.98 0.26
CA VAL C 174 -64.04 19.21 0.55
C VAL C 174 -64.71 20.38 -0.17
N GLY C 175 -65.58 21.09 0.54
CA GLY C 175 -66.36 22.14 -0.05
C GLY C 175 -65.77 23.47 0.35
N GLY C 176 -66.57 24.54 0.23
CA GLY C 176 -66.10 25.88 0.54
C GLY C 176 -65.73 26.01 2.02
N ARG C 177 -66.46 25.30 2.87
CA ARG C 177 -66.17 25.34 4.30
C ARG C 177 -64.74 24.87 4.57
N GLU C 178 -64.40 23.70 4.03
CA GLU C 178 -63.10 23.09 4.24
C GLU C 178 -61.96 23.87 3.57
N VAL C 179 -62.23 24.40 2.37
CA VAL C 179 -61.27 25.26 1.69
C VAL C 179 -61.00 26.45 2.61
N GLY C 180 -62.06 26.98 3.21
CA GLY C 180 -61.93 28.08 4.16
C GLY C 180 -61.02 27.75 5.33
N PHE C 181 -61.22 26.59 5.93
CA PHE C 181 -60.41 26.20 7.09
C PHE C 181 -58.94 25.95 6.70
N MET C 182 -58.74 25.26 5.60
CA MET C 182 -57.37 25.04 5.12
C MET C 182 -56.66 26.32 4.73
N ALA C 183 -57.31 27.17 3.95
CA ALA C 183 -56.68 28.43 3.54
C ALA C 183 -56.35 29.32 4.75
N GLY C 184 -57.24 29.34 5.73
CA GLY C 184 -57.00 30.07 6.96
C GLY C 184 -55.76 29.60 7.71
N MET C 185 -55.66 28.29 7.93
CA MET C 185 -54.51 27.75 8.63
C MET C 185 -53.21 27.96 7.81
N MET C 186 -53.31 27.81 6.49
CA MET C 186 -52.17 28.07 5.59
C MET C 186 -51.67 29.48 5.82
N LYS C 187 -52.59 30.45 5.78
CA LYS C 187 -52.22 31.84 6.00
C LYS C 187 -51.59 32.08 7.37
N LYS C 188 -52.15 31.45 8.39
CA LYS C 188 -51.67 31.65 9.75
C LYS C 188 -50.24 31.14 9.89
N LEU C 189 -50.01 29.92 9.42
CA LEU C 189 -48.69 29.29 9.62
C LEU C 189 -47.61 29.99 8.81
N SER C 190 -47.96 30.38 7.59
CA SER C 190 -46.99 30.96 6.66
C SER C 190 -46.83 32.46 6.86
N ASN C 191 -47.79 33.08 7.57
CA ASN C 191 -47.83 34.54 7.70
C ASN C 191 -47.73 35.14 6.28
N ASN C 192 -48.49 34.55 5.36
CA ASN C 192 -48.48 34.93 3.95
C ASN C 192 -49.90 34.80 3.37
N THR C 193 -50.40 35.87 2.76
CA THR C 193 -51.79 35.90 2.32
C THR C 193 -51.99 35.58 0.84
N ALA C 194 -50.92 35.15 0.17
CA ALA C 194 -50.99 34.86 -1.26
C ALA C 194 -51.93 33.69 -1.57
N CYS C 195 -52.36 33.57 -2.82
CA CYS C 195 -53.33 32.55 -3.21
C CYS C 195 -52.75 31.13 -3.26
N VAL C 196 -53.13 30.32 -2.29
CA VAL C 196 -52.65 28.95 -2.16
C VAL C 196 -53.81 27.96 -2.36
N PHE C 197 -55.05 28.40 -2.15
CA PHE C 197 -56.22 27.60 -2.48
C PHE C 197 -57.18 28.35 -3.40
N THR C 198 -57.84 27.63 -4.30
CA THR C 198 -58.93 28.24 -5.05
C THR C 198 -60.21 27.62 -4.49
N GLY C 199 -61.36 28.15 -4.90
CA GLY C 199 -62.59 27.76 -4.27
C GLY C 199 -62.86 28.58 -3.01
N LYS C 200 -62.18 29.72 -2.89
CA LYS C 200 -62.31 30.54 -1.68
C LYS C 200 -63.61 31.34 -1.71
N GLY C 201 -64.10 31.76 -0.56
CA GLY C 201 -65.33 32.53 -0.52
C GLY C 201 -65.07 33.96 -0.99
N LEU C 202 -66.14 34.71 -1.28
CA LEU C 202 -65.99 36.02 -1.87
C LEU C 202 -65.36 37.05 -0.93
N SER C 203 -65.37 36.79 0.37
CA SER C 203 -64.88 37.77 1.33
C SER C 203 -63.37 37.70 1.50
N PHE C 204 -62.76 36.62 1.04
CA PHE C 204 -61.31 36.46 1.15
C PHE C 204 -60.62 35.95 -0.13
N GLY C 205 -61.02 36.49 -1.28
CA GLY C 205 -60.28 36.30 -2.51
C GLY C 205 -60.91 35.37 -3.53
N GLY C 206 -62.09 34.87 -3.22
CA GLY C 206 -62.82 34.05 -4.17
C GLY C 206 -63.23 34.84 -5.42
N SER C 207 -63.65 34.11 -6.44
CA SER C 207 -64.03 34.74 -7.70
C SER C 207 -65.53 34.64 -7.97
N LEU C 208 -66.09 35.71 -8.53
CA LEU C 208 -67.42 35.65 -9.13
C LEU C 208 -67.42 34.66 -10.29
N ILE C 209 -68.61 34.33 -10.77
CA ILE C 209 -68.82 33.47 -11.93
C ILE C 209 -68.50 31.99 -11.64
N ARG C 210 -68.02 31.69 -10.45
CA ARG C 210 -67.66 30.32 -10.12
C ARG C 210 -68.82 29.33 -10.24
N PRO C 211 -69.98 29.59 -9.60
CA PRO C 211 -71.12 28.69 -9.81
C PRO C 211 -71.51 28.55 -11.26
N GLU C 212 -71.47 29.65 -12.01
CA GLU C 212 -71.92 29.70 -13.40
C GLU C 212 -70.91 29.13 -14.40
N ALA C 213 -69.68 28.93 -13.93
CA ALA C 213 -68.53 28.65 -14.79
C ALA C 213 -68.70 27.47 -15.74
N THR C 214 -68.96 26.29 -15.18
CA THR C 214 -69.00 25.08 -16.00
C THR C 214 -70.09 25.14 -17.05
N GLY C 215 -71.28 25.59 -16.65
CA GLY C 215 -72.39 25.67 -17.57
C GLY C 215 -72.23 26.73 -18.63
N TYR C 216 -71.73 27.89 -18.21
CA TYR C 216 -71.41 28.96 -19.16
C TYR C 216 -70.36 28.51 -20.16
N GLY C 217 -69.24 27.95 -19.67
CA GLY C 217 -68.17 27.52 -20.55
C GLY C 217 -68.62 26.50 -21.57
N LEU C 218 -69.51 25.62 -21.14
CA LEU C 218 -70.09 24.59 -22.01
C LEU C 218 -70.70 25.25 -23.24
N VAL C 219 -71.52 26.27 -22.99
CA VAL C 219 -72.17 27.01 -24.07
C VAL C 219 -71.15 27.81 -24.89
N TYR C 220 -70.12 28.33 -24.23
CA TYR C 220 -69.09 29.11 -24.92
C TYR C 220 -68.32 28.24 -25.92
N PHE C 221 -67.96 27.05 -25.47
CA PHE C 221 -67.28 26.07 -26.31
C PHE C 221 -68.18 25.59 -27.46
N THR C 222 -69.41 25.19 -27.14
CA THR C 222 -70.30 24.68 -28.18
C THR C 222 -70.60 25.75 -29.23
N GLU C 223 -70.73 27.01 -28.81
CA GLU C 223 -71.01 28.07 -29.77
C GLU C 223 -69.82 28.25 -30.70
N ALA C 224 -68.62 28.20 -30.15
CA ALA C 224 -67.41 28.26 -30.96
C ALA C 224 -67.34 27.07 -31.91
N MET C 225 -67.75 25.90 -31.44
CA MET C 225 -67.74 24.71 -32.28
C MET C 225 -68.75 24.86 -33.42
N LEU C 226 -69.95 25.31 -33.07
CA LEU C 226 -70.99 25.52 -34.06
C LEU C 226 -70.58 26.52 -35.13
N LYS C 227 -70.07 27.69 -34.72
CA LYS C 227 -69.71 28.74 -35.69
C LYS C 227 -68.62 28.33 -36.68
N ARG C 228 -67.63 27.57 -36.21
CA ARG C 228 -66.58 27.08 -37.10
C ARG C 228 -67.18 26.23 -38.21
N HIS C 229 -68.28 25.56 -37.91
CA HIS C 229 -68.96 24.72 -38.87
C HIS C 229 -70.25 25.39 -39.38
N GLY C 230 -70.25 26.71 -39.38
CA GLY C 230 -71.31 27.50 -40.00
C GLY C 230 -72.65 27.57 -39.27
N MET C 231 -72.64 27.48 -37.94
CA MET C 231 -73.90 27.51 -37.18
C MET C 231 -73.80 28.31 -35.86
N GLY C 232 -74.85 28.27 -35.06
CA GLY C 232 -74.85 28.89 -33.74
C GLY C 232 -76.05 28.49 -32.90
N PHE C 233 -76.06 28.91 -31.64
CA PHE C 233 -77.16 28.58 -30.72
C PHE C 233 -78.49 29.27 -31.07
N GLU C 234 -78.41 30.45 -31.69
CA GLU C 234 -79.61 31.26 -31.94
C GLU C 234 -80.71 30.52 -32.70
N GLY C 235 -81.95 30.67 -32.23
CA GLY C 235 -83.09 30.06 -32.88
C GLY C 235 -83.14 28.54 -32.77
N MET C 236 -81.99 27.92 -32.46
CA MET C 236 -81.90 26.47 -32.33
C MET C 236 -82.62 25.97 -31.10
N ARG C 237 -83.06 24.72 -31.15
CA ARG C 237 -83.66 24.08 -29.98
C ARG C 237 -82.62 23.22 -29.27
N VAL C 238 -82.49 23.42 -27.97
CA VAL C 238 -81.50 22.69 -27.19
C VAL C 238 -82.15 21.87 -26.08
N SER C 239 -81.70 20.63 -25.93
CA SER C 239 -82.11 19.82 -24.80
C SER C 239 -80.97 19.70 -23.78
N VAL C 240 -81.34 19.72 -22.51
CA VAL C 240 -80.40 19.59 -21.40
C VAL C 240 -80.88 18.47 -20.50
N SER C 241 -79.95 17.65 -20.02
CA SER C 241 -80.27 16.66 -19.00
C SER C 241 -79.64 17.12 -17.69
N GLY C 242 -80.35 16.94 -16.58
CA GLY C 242 -79.89 17.43 -15.29
C GLY C 242 -80.58 18.70 -14.87
N SER C 243 -80.35 19.09 -13.61
CA SER C 243 -80.95 20.28 -13.04
C SER C 243 -80.09 20.77 -11.89
N GLY C 244 -78.85 20.31 -11.89
CA GLY C 244 -77.88 20.73 -10.90
C GLY C 244 -77.14 21.96 -11.35
N ASN C 245 -75.95 22.15 -10.79
CA ASN C 245 -75.15 23.34 -10.97
C ASN C 245 -74.86 23.65 -12.45
N VAL C 246 -74.26 22.68 -13.15
CA VAL C 246 -73.95 22.84 -14.57
C VAL C 246 -75.19 23.08 -15.42
N ALA C 247 -76.18 22.20 -15.32
CA ALA C 247 -77.42 22.31 -16.09
C ALA C 247 -78.07 23.69 -15.98
N GLN C 248 -78.07 24.23 -14.76
CA GLN C 248 -78.72 25.52 -14.48
C GLN C 248 -78.12 26.64 -15.31
N TYR C 249 -76.82 26.83 -15.20
CA TYR C 249 -76.22 27.98 -15.86
C TYR C 249 -75.96 27.73 -17.34
N ALA C 250 -75.99 26.45 -17.73
CA ALA C 250 -75.99 26.08 -19.14
C ALA C 250 -77.27 26.62 -19.80
N ILE C 251 -78.40 26.39 -19.16
CA ILE C 251 -79.67 26.95 -19.61
C ILE C 251 -79.62 28.47 -19.71
N GLU C 252 -79.13 29.10 -18.66
CA GLU C 252 -79.06 30.56 -18.60
C GLU C 252 -78.27 31.16 -19.76
N LYS C 253 -77.11 30.59 -20.06
CA LYS C 253 -76.26 31.12 -21.12
C LYS C 253 -76.79 30.82 -22.52
N ALA C 254 -77.34 29.62 -22.71
CA ALA C 254 -77.88 29.24 -24.01
C ALA C 254 -79.12 30.07 -24.33
N MET C 255 -79.91 30.39 -23.30
CA MET C 255 -81.00 31.34 -23.47
C MET C 255 -80.43 32.67 -23.96
N GLU C 256 -79.30 33.05 -23.38
CA GLU C 256 -78.66 34.32 -23.69
C GLU C 256 -78.18 34.40 -25.15
N PHE C 257 -77.90 33.24 -25.75
CA PHE C 257 -77.48 33.18 -27.15
C PHE C 257 -78.65 33.08 -28.14
N GLY C 258 -79.88 33.00 -27.65
CA GLY C 258 -81.04 32.95 -28.51
C GLY C 258 -81.60 31.54 -28.70
N ALA C 259 -81.11 30.60 -27.90
CA ALA C 259 -81.59 29.23 -27.98
C ALA C 259 -82.98 29.06 -27.36
N ARG C 260 -83.69 28.04 -27.81
CA ARG C 260 -84.92 27.62 -27.18
C ARG C 260 -84.68 26.34 -26.39
N VAL C 261 -84.27 26.50 -25.13
CA VAL C 261 -84.00 25.35 -24.27
C VAL C 261 -85.32 24.79 -23.75
N ILE C 262 -85.58 23.53 -24.06
CA ILE C 262 -86.90 22.95 -23.82
C ILE C 262 -86.99 21.98 -22.65
N THR C 263 -85.85 21.45 -22.19
CA THR C 263 -85.91 20.44 -21.14
C THR C 263 -84.91 20.61 -20.00
N ALA C 264 -85.25 19.99 -18.87
CA ALA C 264 -84.35 19.78 -17.75
C ALA C 264 -84.71 18.41 -17.17
N SER C 265 -83.99 17.96 -16.15
CA SER C 265 -84.30 16.66 -15.58
C SER C 265 -83.61 16.37 -14.24
N ASP C 266 -84.12 15.38 -13.52
CA ASP C 266 -83.38 14.84 -12.40
C ASP C 266 -83.49 13.32 -12.42
N SER C 267 -83.09 12.71 -11.32
CA SER C 267 -83.20 11.26 -11.14
C SER C 267 -84.63 10.78 -11.37
N SER C 268 -85.59 11.56 -10.91
CA SER C 268 -87.00 11.15 -10.96
C SER C 268 -87.62 11.20 -12.35
N GLY C 269 -86.99 11.93 -13.26
CA GLY C 269 -87.49 12.02 -14.62
C GLY C 269 -87.04 13.25 -15.39
N THR C 270 -87.91 13.70 -16.30
CA THR C 270 -87.55 14.76 -17.22
C THR C 270 -88.76 15.66 -17.53
N VAL C 271 -88.54 16.97 -17.49
CA VAL C 271 -89.59 17.93 -17.78
C VAL C 271 -89.41 18.57 -19.15
N VAL C 272 -90.51 18.71 -19.89
CA VAL C 272 -90.48 19.25 -21.26
C VAL C 272 -91.11 20.64 -21.32
N ASP C 273 -90.74 21.42 -22.32
CA ASP C 273 -91.26 22.78 -22.48
C ASP C 273 -90.97 23.31 -23.89
N GLU C 274 -91.87 23.03 -24.82
CA GLU C 274 -91.75 23.52 -26.19
C GLU C 274 -91.58 25.03 -26.25
N SER C 275 -92.29 25.74 -25.38
CA SER C 275 -92.19 27.20 -25.33
C SER C 275 -90.83 27.66 -24.85
N GLY C 276 -90.06 26.74 -24.30
CA GLY C 276 -88.70 27.03 -23.87
C GLY C 276 -88.59 27.72 -22.52
N PHE C 277 -87.43 27.55 -21.90
CA PHE C 277 -87.13 28.18 -20.62
C PHE C 277 -87.06 29.70 -20.75
N THR C 278 -87.51 30.39 -19.72
CA THR C 278 -87.38 31.83 -19.66
C THR C 278 -86.58 32.18 -18.40
N LYS C 279 -86.24 33.45 -18.21
CA LYS C 279 -85.39 33.84 -17.08
C LYS C 279 -86.09 33.64 -15.74
N GLU C 280 -87.29 34.18 -15.62
CA GLU C 280 -88.02 34.15 -14.35
C GLU C 280 -88.32 32.71 -13.92
N LYS C 281 -88.37 31.79 -14.87
CA LYS C 281 -88.72 30.40 -14.57
C LYS C 281 -87.50 29.52 -14.26
N LEU C 282 -86.36 29.83 -14.86
CA LEU C 282 -85.14 29.10 -14.55
C LEU C 282 -84.82 29.36 -13.09
N ALA C 283 -85.02 30.61 -12.68
CA ALA C 283 -84.75 31.02 -11.31
C ALA C 283 -85.63 30.23 -10.35
N ARG C 284 -86.82 29.86 -10.81
CA ARG C 284 -87.76 29.09 -9.99
C ARG C 284 -87.34 27.63 -9.91
N LEU C 285 -86.72 27.12 -10.97
CA LEU C 285 -86.20 25.77 -10.96
C LEU C 285 -85.14 25.62 -9.87
N ILE C 286 -84.15 26.51 -9.91
CA ILE C 286 -83.04 26.53 -8.93
C ILE C 286 -83.51 26.38 -7.49
N GLU C 287 -84.43 27.24 -7.05
CA GLU C 287 -84.97 27.19 -5.70
C GLU C 287 -85.38 25.76 -5.31
N ILE C 288 -86.43 25.26 -5.96
CA ILE C 288 -86.83 23.86 -5.85
C ILE C 288 -85.64 22.92 -6.10
N VAL C 296 -87.92 18.04 -9.83
CA VAL C 296 -88.30 18.88 -10.97
C VAL C 296 -89.79 18.73 -11.26
N ALA C 297 -90.40 17.71 -10.68
CA ALA C 297 -91.84 17.48 -10.82
C ALA C 297 -92.62 18.54 -10.07
N ASP C 298 -92.00 19.11 -9.03
CA ASP C 298 -92.59 20.19 -8.25
C ASP C 298 -92.68 21.45 -9.10
N TYR C 299 -91.54 21.82 -9.68
CA TYR C 299 -91.45 22.92 -10.64
C TYR C 299 -92.40 22.67 -11.82
N ALA C 300 -92.41 21.42 -12.29
CA ALA C 300 -93.26 21.02 -13.41
C ALA C 300 -94.72 21.31 -13.11
N LYS C 301 -95.18 20.92 -11.92
CA LYS C 301 -96.57 21.14 -11.53
C LYS C 301 -96.89 22.64 -11.53
N GLU C 302 -95.93 23.44 -11.06
CA GLU C 302 -96.13 24.90 -10.99
C GLU C 302 -96.24 25.58 -12.36
N PHE C 303 -96.22 24.80 -13.44
CA PHE C 303 -96.29 25.38 -14.78
C PHE C 303 -97.10 24.55 -15.77
N GLY C 304 -97.61 23.40 -15.31
CA GLY C 304 -98.40 22.53 -16.15
C GLY C 304 -97.64 21.99 -17.36
N LEU C 305 -96.31 22.05 -17.28
CA LEU C 305 -95.46 21.59 -18.38
C LEU C 305 -95.54 20.08 -18.54
N VAL C 306 -95.11 19.59 -19.69
CA VAL C 306 -95.09 18.15 -19.96
C VAL C 306 -94.02 17.47 -19.10
N TYR C 307 -94.43 16.46 -18.34
CA TYR C 307 -93.51 15.77 -17.43
C TYR C 307 -93.45 14.27 -17.72
N LEU C 308 -92.25 13.71 -17.57
CA LEU C 308 -92.00 12.31 -17.88
C LEU C 308 -91.26 11.63 -16.72
N GLU C 309 -91.76 10.47 -16.29
CA GLU C 309 -91.20 9.81 -15.11
C GLU C 309 -90.23 8.68 -15.44
N GLY C 310 -89.04 8.75 -14.84
CA GLY C 310 -88.06 7.68 -14.97
C GLY C 310 -87.58 7.46 -16.40
N GLN C 311 -87.30 8.54 -17.11
CA GLN C 311 -86.83 8.46 -18.48
C GLN C 311 -86.01 9.69 -18.89
N GLN C 312 -85.24 9.53 -19.96
CA GLN C 312 -84.28 10.53 -20.39
C GLN C 312 -84.88 11.51 -21.42
N PRO C 313 -84.27 12.70 -21.55
CA PRO C 313 -84.72 13.74 -22.48
C PRO C 313 -84.37 13.47 -23.95
N TRP C 314 -83.61 12.41 -24.23
CA TRP C 314 -83.04 12.21 -25.55
C TRP C 314 -84.06 11.71 -26.57
N SER C 315 -85.26 11.41 -26.08
CA SER C 315 -86.35 10.97 -26.95
C SER C 315 -86.98 12.15 -27.69
N VAL C 316 -86.50 13.35 -27.41
CA VAL C 316 -87.07 14.57 -27.98
C VAL C 316 -86.25 15.08 -29.18
N PRO C 317 -86.95 15.42 -30.27
CA PRO C 317 -86.36 16.04 -31.46
C PRO C 317 -85.73 17.39 -31.14
N VAL C 318 -84.42 17.48 -31.28
CA VAL C 318 -83.66 18.65 -30.84
C VAL C 318 -82.53 18.93 -31.84
N ASP C 319 -81.96 20.13 -31.79
CA ASP C 319 -80.81 20.48 -32.62
C ASP C 319 -79.48 20.31 -31.89
N ILE C 320 -79.48 20.56 -30.58
CA ILE C 320 -78.26 20.48 -29.76
C ILE C 320 -78.57 19.78 -28.43
N ALA C 321 -77.76 18.77 -28.09
CA ALA C 321 -77.98 18.03 -26.85
C ALA C 321 -76.84 18.19 -25.83
N LEU C 322 -77.21 18.61 -24.62
CA LEU C 322 -76.23 18.86 -23.56
C LEU C 322 -76.44 17.96 -22.34
N PRO C 323 -75.88 16.75 -22.37
CA PRO C 323 -75.89 15.91 -21.17
C PRO C 323 -75.14 16.54 -19.99
N CYS C 324 -75.88 17.01 -18.98
CA CYS C 324 -75.28 17.63 -17.79
C CYS C 324 -75.71 16.92 -16.50
N ALA C 325 -75.94 15.61 -16.56
CA ALA C 325 -76.42 14.86 -15.41
C ALA C 325 -75.37 13.94 -14.78
N THR C 326 -75.08 12.82 -15.44
CA THR C 326 -74.22 11.79 -14.88
C THR C 326 -73.44 11.04 -15.95
N GLN C 327 -72.49 10.22 -15.50
CA GLN C 327 -71.68 9.38 -16.39
C GLN C 327 -72.55 8.41 -17.15
N ASN C 328 -72.16 8.10 -18.38
CA ASN C 328 -72.87 7.13 -19.22
C ASN C 328 -74.37 7.37 -19.30
N GLU C 329 -74.77 8.61 -19.45
CA GLU C 329 -76.19 8.95 -19.51
C GLU C 329 -76.71 9.04 -20.95
N LEU C 330 -75.80 9.03 -21.92
CA LEU C 330 -76.23 8.99 -23.31
C LEU C 330 -75.80 7.66 -23.94
N ASP C 331 -76.73 6.72 -23.96
CA ASP C 331 -76.44 5.39 -24.50
C ASP C 331 -76.69 5.35 -26.01
N VAL C 332 -76.29 4.24 -26.62
CA VAL C 332 -76.36 4.03 -28.07
C VAL C 332 -77.74 4.31 -28.67
N ASP C 333 -78.77 3.69 -28.12
CA ASP C 333 -80.11 3.83 -28.69
C ASP C 333 -80.63 5.25 -28.55
N ALA C 334 -80.23 5.93 -27.47
CA ALA C 334 -80.61 7.32 -27.28
C ALA C 334 -79.97 8.16 -28.36
N ALA C 335 -78.71 7.86 -28.68
CA ALA C 335 -78.01 8.53 -29.75
C ALA C 335 -78.71 8.26 -31.08
N HIS C 336 -79.21 7.04 -31.25
CA HIS C 336 -79.98 6.70 -32.44
C HIS C 336 -81.26 7.53 -32.52
N GLN C 337 -81.89 7.73 -31.37
CA GLN C 337 -83.05 8.62 -31.30
C GLN C 337 -82.66 10.03 -31.75
N LEU C 338 -81.68 10.60 -31.05
CA LEU C 338 -81.19 11.95 -31.35
C LEU C 338 -80.86 12.14 -32.83
N ILE C 339 -80.15 11.17 -33.39
CA ILE C 339 -79.67 11.26 -34.76
C ILE C 339 -80.82 11.18 -35.78
N ALA C 340 -81.79 10.34 -35.49
CA ALA C 340 -82.99 10.26 -36.31
C ALA C 340 -83.79 11.55 -36.19
N ASN C 341 -83.72 12.18 -35.01
CA ASN C 341 -84.48 13.40 -34.74
C ASN C 341 -83.84 14.65 -35.32
N GLY C 342 -82.60 14.51 -35.80
CA GLY C 342 -81.93 15.59 -36.51
C GLY C 342 -80.97 16.43 -35.69
N VAL C 343 -80.37 15.83 -34.66
CA VAL C 343 -79.41 16.57 -33.83
C VAL C 343 -78.17 16.97 -34.61
N LYS C 344 -77.65 18.16 -34.31
CA LYS C 344 -76.56 18.74 -35.08
C LYS C 344 -75.26 18.80 -34.29
N ALA C 345 -75.37 18.80 -32.96
CA ALA C 345 -74.21 18.82 -32.10
C ALA C 345 -74.56 18.30 -30.71
N VAL C 346 -73.63 17.56 -30.13
CA VAL C 346 -73.72 17.11 -28.75
C VAL C 346 -72.55 17.73 -27.99
N ALA C 347 -72.78 18.17 -26.76
CA ALA C 347 -71.70 18.69 -25.93
C ALA C 347 -71.82 18.22 -24.49
N GLU C 348 -70.76 17.61 -23.97
CA GLU C 348 -70.79 17.01 -22.65
C GLU C 348 -70.61 18.02 -21.53
N GLY C 349 -71.65 18.22 -20.72
CA GLY C 349 -71.52 19.04 -19.54
C GLY C 349 -71.05 18.23 -18.35
N ALA C 350 -71.58 17.01 -18.23
CA ALA C 350 -71.22 16.14 -17.12
C ALA C 350 -69.89 15.46 -17.39
N ASN C 351 -69.43 14.69 -16.42
CA ASN C 351 -68.21 13.91 -16.59
C ASN C 351 -68.48 12.62 -17.34
N MET C 352 -68.00 12.54 -18.58
CA MET C 352 -68.16 11.34 -19.43
C MET C 352 -69.59 10.83 -19.63
N PRO C 353 -70.55 11.73 -19.91
CA PRO C 353 -71.95 11.31 -19.98
C PRO C 353 -72.29 10.44 -21.20
N THR C 354 -71.53 10.56 -22.28
CA THR C 354 -71.78 9.76 -23.48
C THR C 354 -70.94 8.49 -23.47
N THR C 355 -71.57 7.35 -23.73
CA THR C 355 -70.83 6.10 -23.90
C THR C 355 -70.01 6.12 -25.19
N ILE C 356 -69.01 5.26 -25.26
CA ILE C 356 -68.05 5.32 -26.36
C ILE C 356 -68.66 4.95 -27.74
N GLU C 357 -69.65 4.08 -27.76
CA GLU C 357 -70.28 3.69 -29.03
C GLU C 357 -71.14 4.81 -29.59
N ALA C 358 -71.87 5.49 -28.71
CA ALA C 358 -72.69 6.62 -29.11
C ALA C 358 -71.80 7.73 -29.66
N THR C 359 -70.62 7.87 -29.07
CA THR C 359 -69.64 8.83 -29.54
C THR C 359 -69.24 8.58 -30.99
N GLU C 360 -68.94 7.32 -31.31
CA GLU C 360 -68.57 6.94 -32.67
C GLU C 360 -69.73 7.17 -33.64
N LEU C 361 -70.92 6.78 -33.21
CA LEU C 361 -72.11 6.91 -34.02
C LEU C 361 -72.36 8.37 -34.41
N PHE C 362 -72.21 9.26 -33.43
CA PHE C 362 -72.36 10.69 -33.68
C PHE C 362 -71.32 11.18 -34.69
N GLN C 363 -70.07 10.78 -34.50
CA GLN C 363 -68.98 11.27 -35.34
C GLN C 363 -69.08 10.83 -36.79
N GLN C 364 -69.47 9.58 -37.04
CA GLN C 364 -69.61 9.12 -38.42
C GLN C 364 -70.93 9.60 -39.02
N ALA C 365 -71.86 10.01 -38.17
CA ALA C 365 -73.14 10.56 -38.65
C ALA C 365 -73.02 12.04 -38.99
N GLY C 366 -71.84 12.60 -38.79
CA GLY C 366 -71.57 13.96 -39.20
C GLY C 366 -72.00 15.01 -38.18
N VAL C 367 -72.40 14.56 -37.00
CA VAL C 367 -72.78 15.49 -35.94
C VAL C 367 -71.58 15.84 -35.06
N LEU C 368 -71.42 17.14 -34.83
CA LEU C 368 -70.32 17.66 -34.04
C LEU C 368 -70.39 17.15 -32.61
N PHE C 369 -69.25 16.74 -32.07
CA PHE C 369 -69.22 16.19 -30.73
C PHE C 369 -68.15 16.85 -29.88
N ALA C 370 -68.57 17.41 -28.74
CA ALA C 370 -67.63 18.05 -27.81
C ALA C 370 -67.40 17.25 -26.52
N PRO C 371 -66.18 16.71 -26.35
CA PRO C 371 -65.87 15.94 -25.14
C PRO C 371 -65.84 16.81 -23.88
N GLY C 372 -66.31 16.25 -22.78
CA GLY C 372 -66.35 16.95 -21.50
C GLY C 372 -65.03 17.55 -21.06
N LYS C 373 -63.93 16.85 -21.34
CA LYS C 373 -62.64 17.34 -20.88
C LYS C 373 -62.34 18.72 -21.44
N ALA C 374 -62.94 19.02 -22.59
CA ALA C 374 -62.84 20.34 -23.21
C ALA C 374 -64.03 21.23 -22.84
N ALA C 375 -65.24 20.75 -23.14
CA ALA C 375 -66.46 21.55 -23.02
C ALA C 375 -66.85 21.95 -21.60
N ASN C 376 -66.55 21.08 -20.64
CA ASN C 376 -66.93 21.35 -19.25
C ASN C 376 -65.82 21.97 -18.42
N ALA C 377 -64.84 22.54 -19.11
CA ALA C 377 -63.60 23.00 -18.49
C ALA C 377 -63.71 24.38 -17.87
N GLY C 378 -64.86 25.02 -18.02
CA GLY C 378 -65.10 26.32 -17.43
C GLY C 378 -64.74 26.35 -15.94
N GLY C 379 -65.04 25.26 -15.25
CA GLY C 379 -64.73 25.15 -13.83
C GLY C 379 -63.25 25.33 -13.49
N VAL C 380 -62.40 24.50 -14.07
CA VAL C 380 -60.97 24.69 -13.89
C VAL C 380 -60.54 26.06 -14.39
N ALA C 381 -61.05 26.44 -15.56
CA ALA C 381 -60.71 27.73 -16.15
C ALA C 381 -60.92 28.85 -15.14
N THR C 382 -62.03 28.78 -14.42
CA THR C 382 -62.37 29.80 -13.43
C THR C 382 -61.48 29.73 -12.19
N SER C 383 -61.02 28.53 -11.84
CA SER C 383 -60.01 28.40 -10.80
C SER C 383 -58.75 29.15 -11.24
N GLY C 384 -58.48 29.11 -12.55
CA GLY C 384 -57.39 29.87 -13.13
C GLY C 384 -57.65 31.36 -13.06
N LEU C 385 -58.92 31.74 -13.19
CA LEU C 385 -59.25 33.16 -13.12
C LEU C 385 -59.14 33.69 -11.70
N GLU C 386 -59.42 32.82 -10.72
CA GLU C 386 -59.33 33.19 -9.31
C GLU C 386 -57.89 33.51 -8.98
N MET C 387 -56.99 32.62 -9.39
CA MET C 387 -55.58 32.84 -9.17
C MET C 387 -55.14 34.16 -9.81
N ALA C 388 -55.63 34.43 -11.03
CA ALA C 388 -55.24 35.62 -11.75
C ALA C 388 -55.72 36.89 -11.08
N GLN C 389 -56.96 36.89 -10.61
CA GLN C 389 -57.44 38.01 -9.82
C GLN C 389 -56.62 38.20 -8.55
N ASN C 390 -56.28 37.11 -7.87
CA ASN C 390 -55.51 37.23 -6.63
C ASN C 390 -54.12 37.80 -6.92
N ALA C 391 -53.50 37.26 -7.96
CA ALA C 391 -52.21 37.76 -8.42
C ALA C 391 -52.28 39.24 -8.77
N ALA C 392 -53.40 39.69 -9.35
CA ALA C 392 -53.55 41.07 -9.78
C ALA C 392 -53.81 42.00 -8.60
N ARG C 393 -54.12 41.41 -7.45
CA ARG C 393 -54.54 42.15 -6.26
C ARG C 393 -55.80 42.96 -6.52
N LEU C 394 -56.67 42.42 -7.37
CA LEU C 394 -57.93 43.08 -7.74
C LEU C 394 -59.06 42.07 -7.78
N GLY C 395 -60.27 42.50 -7.44
CA GLY C 395 -61.44 41.67 -7.72
C GLY C 395 -62.05 42.14 -9.02
N TRP C 396 -62.49 41.21 -9.86
CA TRP C 396 -63.17 41.61 -11.10
C TRP C 396 -64.68 41.51 -10.95
N LYS C 397 -65.40 42.45 -11.56
CA LYS C 397 -66.85 42.37 -11.62
C LYS C 397 -67.23 41.12 -12.43
N ALA C 398 -68.45 40.65 -12.23
CA ALA C 398 -68.90 39.39 -12.85
C ALA C 398 -68.79 39.44 -14.37
N GLU C 399 -69.06 40.60 -14.94
CA GLU C 399 -69.01 40.79 -16.38
C GLU C 399 -67.58 40.63 -16.89
N LYS C 400 -66.61 41.20 -16.16
CA LYS C 400 -65.22 41.03 -16.52
C LYS C 400 -64.75 39.57 -16.39
N VAL C 401 -65.23 38.87 -15.37
CA VAL C 401 -64.83 37.48 -15.21
C VAL C 401 -65.38 36.63 -16.37
N ASP C 402 -66.67 36.80 -16.64
CA ASP C 402 -67.38 36.07 -17.69
C ASP C 402 -66.75 36.32 -19.06
N ALA C 403 -66.36 37.56 -19.31
CA ALA C 403 -65.65 37.89 -20.56
C ALA C 403 -64.29 37.22 -20.65
N ARG C 404 -63.58 37.09 -19.53
CA ARG C 404 -62.31 36.38 -19.57
C ARG C 404 -62.52 34.89 -19.76
N LEU C 405 -63.52 34.34 -19.09
CA LEU C 405 -63.86 32.93 -19.25
C LEU C 405 -64.17 32.58 -20.73
N HIS C 406 -64.99 33.41 -21.35
CA HIS C 406 -65.39 33.21 -22.75
C HIS C 406 -64.13 33.14 -23.61
N HIS C 407 -63.22 34.09 -23.37
CA HIS C 407 -61.93 34.14 -24.05
CA HIS C 407 -61.95 34.12 -24.08
C HIS C 407 -61.18 32.83 -23.86
N ILE C 408 -61.13 32.36 -22.61
CA ILE C 408 -60.43 31.11 -22.34
C ILE C 408 -61.06 29.94 -23.12
N MET C 409 -62.38 29.80 -23.07
CA MET C 409 -63.05 28.70 -23.78
C MET C 409 -62.79 28.70 -25.30
N LEU C 410 -62.62 29.88 -25.88
CA LEU C 410 -62.27 30.00 -27.30
C LEU C 410 -60.85 29.46 -27.54
N ASP C 411 -59.97 29.73 -26.58
CA ASP C 411 -58.59 29.23 -26.60
C ASP C 411 -58.49 27.71 -26.49
N ILE C 412 -59.33 27.13 -25.64
CA ILE C 412 -59.39 25.69 -25.54
C ILE C 412 -59.92 25.12 -26.86
N HIS C 413 -60.95 25.76 -27.40
CA HIS C 413 -61.51 25.35 -28.68
C HIS C 413 -60.45 25.38 -29.75
N HIS C 414 -59.67 26.46 -29.75
CA HIS C 414 -58.62 26.64 -30.75
C HIS C 414 -57.60 25.53 -30.61
N ALA C 415 -57.33 25.14 -29.37
CA ALA C 415 -56.34 24.10 -29.09
C ALA C 415 -56.80 22.77 -29.67
N CYS C 416 -58.08 22.47 -29.51
CA CYS C 416 -58.65 21.23 -30.04
C CYS C 416 -58.65 21.18 -31.56
N VAL C 417 -59.00 22.31 -32.19
CA VAL C 417 -59.01 22.39 -33.65
C VAL C 417 -57.64 22.03 -34.22
N GLU C 418 -56.57 22.58 -33.63
CA GLU C 418 -55.27 22.42 -34.27
C GLU C 418 -54.76 20.97 -34.25
N HIS C 419 -55.30 20.14 -33.37
CA HIS C 419 -54.96 18.72 -33.40
C HIS C 419 -56.16 17.88 -33.71
N GLY C 420 -57.21 18.50 -34.26
CA GLY C 420 -58.45 17.81 -34.55
C GLY C 420 -58.51 17.27 -35.96
N GLY C 421 -57.43 17.42 -36.72
CA GLY C 421 -57.35 16.85 -38.05
C GLY C 421 -57.92 17.73 -39.16
N GLU C 422 -57.99 17.17 -40.37
CA GLU C 422 -58.40 17.94 -41.54
C GLU C 422 -59.65 17.36 -42.21
N GLY C 423 -60.53 16.76 -41.42
CA GLY C 423 -61.76 16.19 -41.96
C GLY C 423 -62.77 17.29 -42.26
N GLU C 424 -63.94 16.93 -42.79
CA GLU C 424 -64.96 17.93 -43.10
C GLU C 424 -65.35 18.71 -41.83
N GLN C 425 -65.21 18.07 -40.68
CA GLN C 425 -65.38 18.76 -39.42
C GLN C 425 -64.33 18.25 -38.46
N THR C 426 -63.86 19.10 -37.57
CA THR C 426 -62.77 18.71 -36.69
C THR C 426 -63.20 17.58 -35.74
N ASN C 427 -62.28 16.68 -35.47
CA ASN C 427 -62.50 15.64 -34.47
C ASN C 427 -62.04 16.18 -33.12
N TYR C 428 -63.00 16.64 -32.33
CA TYR C 428 -62.71 17.25 -31.04
C TYR C 428 -62.28 16.26 -29.98
N VAL C 429 -62.64 14.99 -30.16
CA VAL C 429 -62.21 13.95 -29.22
C VAL C 429 -60.70 13.77 -29.35
N GLN C 430 -60.25 13.55 -30.58
CA GLN C 430 -58.84 13.45 -30.90
C GLN C 430 -58.13 14.77 -30.59
N GLY C 431 -58.73 15.89 -30.97
CA GLY C 431 -58.15 17.19 -30.72
C GLY C 431 -57.89 17.46 -29.25
N ALA C 432 -58.89 17.19 -28.42
CA ALA C 432 -58.73 17.42 -26.98
C ALA C 432 -57.67 16.50 -26.35
N ASN C 433 -57.70 15.22 -26.71
CA ASN C 433 -56.74 14.24 -26.16
C ASN C 433 -55.29 14.58 -26.46
N ILE C 434 -55.02 14.89 -27.72
CA ILE C 434 -53.68 15.22 -28.17
C ILE C 434 -53.18 16.56 -27.60
N ALA C 435 -54.02 17.60 -27.71
CA ALA C 435 -53.64 18.94 -27.29
C ALA C 435 -53.18 19.00 -25.84
N GLY C 436 -53.85 18.25 -24.97
CA GLY C 436 -53.49 18.23 -23.57
C GLY C 436 -52.12 17.59 -23.41
N PHE C 437 -51.94 16.46 -24.07
CA PHE C 437 -50.68 15.74 -24.02
C PHE C 437 -49.52 16.56 -24.54
N VAL C 438 -49.66 17.06 -25.77
CA VAL C 438 -48.59 17.77 -26.45
C VAL C 438 -48.06 18.99 -25.68
N LYS C 439 -48.93 19.76 -25.06
CA LYS C 439 -48.44 20.92 -24.31
C LYS C 439 -47.58 20.50 -23.11
N VAL C 440 -48.01 19.44 -22.42
CA VAL C 440 -47.23 18.88 -21.32
C VAL C 440 -45.90 18.33 -21.86
N ALA C 441 -45.98 17.52 -22.91
CA ALA C 441 -44.79 16.90 -23.51
C ALA C 441 -43.78 17.94 -24.01
N ASP C 442 -44.27 18.99 -24.68
CA ASP C 442 -43.40 20.07 -25.16
C ASP C 442 -42.67 20.78 -24.02
N ALA C 443 -43.39 21.02 -22.93
CA ALA C 443 -42.82 21.69 -21.77
C ALA C 443 -41.77 20.79 -21.11
N MET C 444 -42.08 19.51 -20.99
CA MET C 444 -41.12 18.53 -20.46
C MET C 444 -39.85 18.43 -21.31
N LEU C 445 -40.01 18.37 -22.64
CA LEU C 445 -38.86 18.38 -23.54
C LEU C 445 -37.97 19.61 -23.34
N ALA C 446 -38.57 20.79 -23.27
CA ALA C 446 -37.81 22.04 -23.20
C ALA C 446 -37.04 22.20 -21.89
N GLN C 447 -37.57 21.64 -20.80
CA GLN C 447 -36.92 21.88 -19.50
C GLN C 447 -35.86 20.84 -19.13
N GLY C 448 -35.60 19.91 -20.05
CA GLY C 448 -34.50 18.98 -19.87
C GLY C 448 -34.73 17.87 -18.87
N VAL C 449 -33.67 17.13 -18.58
CA VAL C 449 -33.75 15.96 -17.70
C VAL C 449 -33.71 16.39 -16.24
N ILE C 450 -34.88 16.42 -15.61
CA ILE C 450 -34.97 16.80 -14.21
C ILE C 450 -35.89 15.84 -13.45
N SER D 9 2.82 18.48 -17.83
CA SER D 9 3.83 19.52 -17.70
C SER D 9 3.37 20.62 -16.75
N LEU D 10 4.24 20.95 -15.80
CA LEU D 10 3.96 21.97 -14.80
C LEU D 10 3.68 23.30 -15.48
N GLU D 11 4.46 23.59 -16.52
CA GLU D 11 4.45 24.88 -17.18
C GLU D 11 3.21 25.12 -18.00
N SER D 12 2.71 24.07 -18.64
CA SER D 12 1.54 24.22 -19.49
C SER D 12 0.31 24.30 -18.60
N PHE D 13 0.36 23.63 -17.46
CA PHE D 13 -0.71 23.73 -16.49
C PHE D 13 -0.82 25.16 -15.96
N LEU D 14 0.32 25.71 -15.53
CA LEU D 14 0.34 27.06 -14.96
C LEU D 14 -0.10 28.09 -16.00
N ASN D 15 0.40 27.93 -17.22
CA ASN D 15 0.03 28.82 -18.32
C ASN D 15 -1.46 28.72 -18.60
N HIS D 16 -1.97 27.49 -18.64
CA HIS D 16 -3.39 27.25 -18.90
C HIS D 16 -4.28 27.93 -17.87
N VAL D 17 -3.91 27.84 -16.59
CA VAL D 17 -4.75 28.42 -15.55
C VAL D 17 -4.64 29.94 -15.49
N GLN D 18 -3.45 30.47 -15.79
CA GLN D 18 -3.28 31.92 -15.83
C GLN D 18 -4.13 32.62 -16.92
N LYS D 19 -4.52 31.87 -17.95
CA LYS D 19 -5.35 32.42 -19.03
C LYS D 19 -6.62 33.12 -18.53
N ARG D 20 -7.26 32.57 -17.50
CA ARG D 20 -8.46 33.19 -16.94
C ARG D 20 -8.16 34.45 -16.13
N ASP D 21 -6.95 34.53 -15.59
CA ASP D 21 -6.60 35.64 -14.70
C ASP D 21 -5.21 36.17 -15.04
N PRO D 22 -5.06 36.70 -16.27
CA PRO D 22 -3.73 37.04 -16.79
C PRO D 22 -3.05 38.16 -16.00
N ASN D 23 -3.81 38.94 -15.23
CA ASN D 23 -3.22 40.03 -14.46
C ASN D 23 -3.24 39.81 -12.94
N GLN D 24 -3.63 38.62 -12.51
CA GLN D 24 -3.60 38.30 -11.09
C GLN D 24 -2.22 37.75 -10.74
N THR D 25 -1.29 38.66 -10.49
CA THR D 25 0.11 38.32 -10.27
C THR D 25 0.28 37.53 -8.98
N GLU D 26 -0.24 38.07 -7.88
CA GLU D 26 -0.15 37.41 -6.59
C GLU D 26 -0.73 36.00 -6.65
N PHE D 27 -1.91 35.87 -7.26
CA PHE D 27 -2.52 34.55 -7.36
C PHE D 27 -1.67 33.61 -8.21
N ALA D 28 -1.23 34.10 -9.36
CA ALA D 28 -0.34 33.34 -10.24
C ALA D 28 0.87 32.79 -9.48
N GLN D 29 1.59 33.66 -8.78
CA GLN D 29 2.79 33.24 -8.07
C GLN D 29 2.43 32.27 -6.95
N ALA D 30 1.20 32.37 -6.43
CA ALA D 30 0.74 31.46 -5.39
C ALA D 30 0.44 30.06 -5.93
N VAL D 31 -0.15 29.98 -7.11
CA VAL D 31 -0.42 28.68 -7.71
C VAL D 31 0.92 28.02 -8.07
N ARG D 32 1.82 28.80 -8.67
CA ARG D 32 3.14 28.29 -9.03
C ARG D 32 3.88 27.68 -7.83
N GLU D 33 3.86 28.38 -6.69
CA GLU D 33 4.53 27.90 -5.47
C GLU D 33 4.04 26.51 -5.06
N VAL D 34 2.73 26.38 -4.88
CA VAL D 34 2.14 25.10 -4.47
C VAL D 34 2.35 24.01 -5.52
N MET D 35 2.10 24.35 -6.79
CA MET D 35 2.13 23.35 -7.85
C MET D 35 3.53 22.82 -8.15
N THR D 36 4.53 23.67 -7.98
CA THR D 36 5.93 23.25 -8.17
C THR D 36 6.29 22.22 -7.10
N THR D 37 5.85 22.46 -5.87
CA THR D 37 6.18 21.56 -4.79
C THR D 37 5.41 20.24 -4.91
N LEU D 38 4.17 20.31 -5.35
CA LEU D 38 3.36 19.11 -5.47
C LEU D 38 3.72 18.24 -6.68
N TRP D 39 4.28 18.85 -7.72
CA TRP D 39 4.45 18.15 -9.00
C TRP D 39 5.10 16.75 -8.95
N PRO D 40 6.27 16.63 -8.30
CA PRO D 40 6.88 15.29 -8.21
C PRO D 40 6.00 14.29 -7.47
N PHE D 41 5.31 14.75 -6.42
CA PHE D 41 4.41 13.89 -5.67
C PHE D 41 3.28 13.37 -6.55
N LEU D 42 2.76 14.25 -7.41
CA LEU D 42 1.68 13.91 -8.31
C LEU D 42 2.06 12.81 -9.29
N GLU D 43 3.30 12.86 -9.79
CA GLU D 43 3.75 11.93 -10.81
C GLU D 43 3.99 10.53 -10.23
N GLN D 44 4.07 10.44 -8.91
CA GLN D 44 4.25 9.16 -8.24
C GLN D 44 2.92 8.64 -7.70
N ASN D 45 1.90 9.48 -7.69
CA ASN D 45 0.60 9.10 -7.17
C ASN D 45 -0.55 9.43 -8.14
N PRO D 46 -0.81 8.55 -9.11
CA PRO D 46 -1.85 8.75 -10.13
C PRO D 46 -3.22 9.13 -9.56
N LYS D 47 -3.55 8.66 -8.37
CA LYS D 47 -4.81 9.02 -7.72
C LYS D 47 -5.09 10.53 -7.76
N TYR D 48 -4.05 11.33 -7.54
CA TYR D 48 -4.25 12.77 -7.37
C TYR D 48 -4.19 13.60 -8.66
N ARG D 49 -4.52 12.98 -9.78
CA ARG D 49 -4.56 13.69 -11.05
C ARG D 49 -5.86 13.44 -11.82
N GLN D 50 -6.75 12.62 -11.25
CA GLN D 50 -7.98 12.28 -11.94
C GLN D 50 -9.10 13.24 -11.55
N MET D 51 -10.15 13.24 -12.37
CA MET D 51 -11.32 14.09 -12.13
C MET D 51 -10.96 15.57 -12.25
N SER D 52 -10.06 15.89 -13.18
CA SER D 52 -9.47 17.23 -13.33
C SER D 52 -9.32 17.98 -11.99
N LEU D 53 -8.57 17.37 -11.10
CA LEU D 53 -8.50 17.79 -9.71
C LEU D 53 -7.81 19.14 -9.50
N LEU D 54 -6.69 19.34 -10.20
CA LEU D 54 -5.92 20.58 -10.03
C LEU D 54 -6.70 21.80 -10.53
N GLU D 55 -7.31 21.67 -11.70
CA GLU D 55 -8.19 22.70 -12.23
C GLU D 55 -9.34 23.02 -11.28
N ARG D 56 -9.94 21.98 -10.71
CA ARG D 56 -11.01 22.20 -9.73
C ARG D 56 -10.46 22.91 -8.52
N LEU D 57 -9.25 22.53 -8.10
CA LEU D 57 -8.65 23.06 -6.88
C LEU D 57 -8.29 24.54 -6.96
N VAL D 58 -7.88 25.01 -8.14
CA VAL D 58 -7.45 26.41 -8.27
C VAL D 58 -8.59 27.38 -8.61
N GLU D 59 -9.74 26.84 -9.02
CA GLU D 59 -10.91 27.67 -9.30
C GLU D 59 -11.80 27.72 -8.07
N PRO D 60 -11.87 28.91 -7.42
CA PRO D 60 -12.64 29.05 -6.18
C PRO D 60 -14.10 28.69 -6.38
N GLU D 61 -14.75 28.10 -5.38
CA GLU D 61 -16.13 27.66 -5.55
C GLU D 61 -17.04 28.86 -5.87
N ARG D 62 -16.73 29.99 -5.23
CA ARG D 62 -17.58 31.17 -5.34
C ARG D 62 -16.84 32.40 -4.83
N VAL D 63 -16.86 33.47 -5.62
CA VAL D 63 -16.40 34.77 -5.16
C VAL D 63 -17.56 35.77 -5.23
N ILE D 64 -17.77 36.52 -4.17
CA ILE D 64 -18.73 37.62 -4.19
C ILE D 64 -17.99 38.95 -4.09
N GLN D 65 -18.09 39.76 -5.13
CA GLN D 65 -17.61 41.13 -5.10
C GLN D 65 -18.85 42.00 -4.93
N PHE D 66 -18.77 43.01 -4.09
CA PHE D 66 -19.93 43.85 -3.87
C PHE D 66 -19.58 45.27 -3.50
N ARG D 67 -20.54 46.16 -3.74
CA ARG D 67 -20.40 47.58 -3.44
C ARG D 67 -20.66 47.86 -1.97
N VAL D 68 -19.82 48.70 -1.38
CA VAL D 68 -20.06 49.17 0.00
C VAL D 68 -20.15 50.68 0.05
N VAL D 69 -21.35 51.21 0.30
CA VAL D 69 -21.52 52.65 0.33
C VAL D 69 -21.67 53.09 1.78
N TRP D 70 -20.97 54.17 2.15
CA TRP D 70 -20.99 54.65 3.53
C TRP D 70 -20.73 56.16 3.60
N VAL D 71 -21.03 56.77 4.75
CA VAL D 71 -20.88 58.22 4.92
C VAL D 71 -19.76 58.57 5.90
N ASP D 72 -18.79 59.35 5.44
CA ASP D 72 -17.67 59.74 6.30
C ASP D 72 -18.07 60.84 7.28
N ASP D 73 -17.15 61.21 8.17
CA ASP D 73 -17.41 62.20 9.20
C ASP D 73 -17.64 63.63 8.68
N ARG D 74 -17.22 63.89 7.43
CA ARG D 74 -17.51 65.17 6.79
C ARG D 74 -18.83 65.11 6.02
N ASN D 75 -19.61 64.06 6.28
CA ASN D 75 -20.88 63.83 5.56
C ASN D 75 -20.72 63.61 4.04
N GLN D 76 -19.53 63.23 3.61
CA GLN D 76 -19.34 62.88 2.22
C GLN D 76 -19.62 61.39 2.02
N VAL D 77 -20.43 61.07 1.02
CA VAL D 77 -20.74 59.67 0.72
C VAL D 77 -19.59 58.98 -0.01
N GLN D 78 -19.10 57.90 0.59
CA GLN D 78 -17.92 57.19 0.08
C GLN D 78 -18.30 55.84 -0.53
N VAL D 79 -17.58 55.42 -1.56
CA VAL D 79 -17.86 54.14 -2.21
C VAL D 79 -16.62 53.26 -2.21
N ASN D 80 -16.73 52.08 -1.63
CA ASN D 80 -15.62 51.15 -1.61
C ASN D 80 -16.00 49.80 -2.19
N ARG D 81 -14.99 49.00 -2.53
CA ARG D 81 -15.24 47.66 -3.03
C ARG D 81 -14.90 46.60 -1.98
N ALA D 82 -15.72 45.56 -1.91
CA ALA D 82 -15.46 44.46 -0.99
C ALA D 82 -15.67 43.12 -1.67
N TRP D 83 -15.08 42.10 -1.07
CA TRP D 83 -15.15 40.75 -1.60
C TRP D 83 -15.26 39.77 -0.44
N ARG D 84 -15.96 38.66 -0.68
CA ARG D 84 -15.68 37.42 0.04
C ARG D 84 -15.34 36.33 -0.96
N VAL D 85 -14.12 35.83 -0.89
CA VAL D 85 -13.70 34.70 -1.72
C VAL D 85 -14.00 33.42 -0.96
N GLN D 86 -14.93 32.62 -1.47
CA GLN D 86 -15.26 31.38 -0.80
C GLN D 86 -14.60 30.25 -1.58
N PHE D 87 -13.40 29.89 -1.14
CA PHE D 87 -12.51 29.10 -2.00
C PHE D 87 -12.87 27.62 -2.00
N SER D 88 -12.90 27.00 -0.83
CA SER D 88 -13.15 25.57 -0.73
C SER D 88 -14.02 25.24 0.47
N SER D 89 -15.04 24.41 0.24
CA SER D 89 -15.84 23.90 1.36
C SER D 89 -15.70 22.38 1.47
N ALA D 90 -14.62 21.84 0.90
CA ALA D 90 -14.49 20.38 0.82
C ALA D 90 -14.42 19.72 2.19
N ILE D 91 -13.69 20.37 3.10
CA ILE D 91 -13.42 19.82 4.43
C ILE D 91 -14.37 20.40 5.49
N GLY D 92 -14.81 21.64 5.29
CA GLY D 92 -15.77 22.28 6.16
C GLY D 92 -16.20 23.63 5.59
N PRO D 93 -16.78 24.49 6.43
CA PRO D 93 -17.25 25.78 5.93
C PRO D 93 -16.10 26.71 5.54
N TYR D 94 -16.32 27.62 4.60
CA TYR D 94 -15.26 28.54 4.20
C TYR D 94 -14.70 29.22 5.46
N LYS D 95 -13.38 29.33 5.55
CA LYS D 95 -12.76 29.88 6.75
C LYS D 95 -11.51 30.70 6.42
N GLY D 96 -11.48 31.92 6.91
CA GLY D 96 -10.36 32.81 6.70
C GLY D 96 -10.73 34.25 7.01
N GLY D 97 -9.72 35.08 7.24
CA GLY D 97 -9.94 36.43 7.73
C GLY D 97 -10.43 37.45 6.70
N MET D 98 -10.79 38.62 7.22
CA MET D 98 -11.11 39.79 6.42
C MET D 98 -9.97 40.79 6.55
N ARG D 99 -9.56 41.36 5.42
CA ARG D 99 -8.47 42.33 5.36
C ARG D 99 -8.96 43.68 4.83
N PHE D 100 -8.79 44.75 5.60
CA PHE D 100 -9.13 46.09 5.11
C PHE D 100 -7.85 46.86 4.82
N HIS D 101 -7.60 47.13 3.54
CA HIS D 101 -6.38 47.84 3.14
C HIS D 101 -6.53 48.37 1.71
N PRO D 102 -6.03 49.59 1.44
CA PRO D 102 -6.17 50.19 0.11
C PRO D 102 -5.54 49.40 -1.05
N SER D 103 -4.62 48.48 -0.74
CA SER D 103 -4.01 47.65 -1.77
C SER D 103 -4.78 46.35 -2.03
N VAL D 104 -5.85 46.13 -1.28
CA VAL D 104 -6.61 44.88 -1.42
C VAL D 104 -7.30 44.77 -2.77
N ASN D 105 -7.12 43.63 -3.43
CA ASN D 105 -7.82 43.32 -4.66
C ASN D 105 -8.13 41.83 -4.72
N LEU D 106 -8.76 41.39 -5.80
CA LEU D 106 -9.16 39.99 -5.89
C LEU D 106 -7.97 39.05 -6.03
N SER D 107 -6.91 39.51 -6.68
CA SER D 107 -5.72 38.68 -6.85
C SER D 107 -5.15 38.34 -5.48
N ILE D 108 -5.06 39.34 -4.62
CA ILE D 108 -4.48 39.17 -3.29
C ILE D 108 -5.35 38.24 -2.44
N LEU D 109 -6.66 38.48 -2.44
CA LEU D 109 -7.59 37.70 -1.65
C LEU D 109 -7.66 36.25 -2.12
N LYS D 110 -7.50 36.03 -3.41
CA LYS D 110 -7.49 34.67 -3.95
C LYS D 110 -6.22 33.94 -3.49
N PHE D 111 -5.07 34.60 -3.66
CA PHE D 111 -3.81 34.08 -3.13
C PHE D 111 -3.95 33.74 -1.65
N LEU D 112 -4.50 34.68 -0.87
CA LEU D 112 -4.70 34.44 0.56
C LEU D 112 -5.69 33.30 0.82
N GLY D 113 -6.83 33.29 0.12
CA GLY D 113 -7.82 32.26 0.31
C GLY D 113 -7.35 30.89 -0.16
N PHE D 114 -6.54 30.87 -1.23
CA PHE D 114 -5.93 29.63 -1.71
C PHE D 114 -5.07 29.05 -0.60
N GLU D 115 -4.28 29.90 0.05
CA GLU D 115 -3.37 29.44 1.07
C GLU D 115 -4.04 29.03 2.39
N GLN D 116 -5.12 29.73 2.77
CA GLN D 116 -5.86 29.38 3.98
C GLN D 116 -6.46 28.00 3.82
N THR D 117 -6.84 27.66 2.59
CA THR D 117 -7.43 26.36 2.30
C THR D 117 -6.54 25.22 2.78
N PHE D 118 -5.27 25.24 2.39
CA PHE D 118 -4.34 24.18 2.78
C PHE D 118 -3.94 24.30 4.25
N LYS D 119 -3.78 25.53 4.72
CA LYS D 119 -3.41 25.77 6.11
C LYS D 119 -4.50 25.26 7.07
N ASN D 120 -5.76 25.59 6.81
CA ASN D 120 -6.85 25.11 7.65
C ASN D 120 -6.95 23.59 7.59
N ALA D 121 -6.81 23.05 6.38
CA ALA D 121 -6.85 21.61 6.19
C ALA D 121 -5.81 20.90 7.03
N LEU D 122 -4.60 21.46 7.08
CA LEU D 122 -3.50 20.97 7.88
C LEU D 122 -3.79 20.86 9.41
N THR D 123 -4.66 21.71 9.94
CA THR D 123 -4.95 21.70 11.38
C THR D 123 -5.66 20.44 11.86
N THR D 124 -6.18 19.65 10.91
CA THR D 124 -7.00 18.46 11.13
C THR D 124 -8.42 18.83 11.58
N LEU D 125 -8.67 20.12 11.74
CA LEU D 125 -10.01 20.57 12.10
C LEU D 125 -10.87 20.65 10.85
N PRO D 126 -12.18 20.51 11.02
CA PRO D 126 -13.13 20.56 9.87
C PRO D 126 -13.39 21.97 9.37
N MET D 127 -12.39 22.57 8.73
CA MET D 127 -12.46 23.94 8.23
C MET D 127 -12.06 24.02 6.74
N GLY D 128 -12.87 24.73 5.95
CA GLY D 128 -12.58 24.96 4.54
C GLY D 128 -11.73 26.20 4.40
N GLY D 129 -11.76 26.84 3.23
CA GLY D 129 -10.88 27.97 3.00
C GLY D 129 -11.57 29.13 2.32
N GLY D 130 -11.34 30.32 2.87
CA GLY D 130 -11.85 31.54 2.30
C GLY D 130 -11.02 32.73 2.73
N LYS D 131 -11.31 33.89 2.16
CA LYS D 131 -10.68 35.12 2.56
C LYS D 131 -11.57 36.22 2.03
N GLY D 132 -11.57 37.37 2.69
CA GLY D 132 -12.36 38.49 2.20
C GLY D 132 -11.71 39.80 2.55
N GLY D 133 -12.31 40.89 2.14
CA GLY D 133 -11.78 42.18 2.50
C GLY D 133 -12.38 43.31 1.71
N SER D 134 -11.73 44.47 1.78
CA SER D 134 -12.21 45.66 1.10
C SER D 134 -11.01 46.57 0.88
N ASP D 135 -11.07 47.42 -0.14
CA ASP D 135 -10.00 48.40 -0.34
C ASP D 135 -10.18 49.61 0.57
N PHE D 136 -11.16 49.51 1.46
CA PHE D 136 -11.33 50.46 2.55
C PHE D 136 -10.02 50.65 3.32
N ASP D 137 -9.62 51.89 3.53
CA ASP D 137 -8.44 52.18 4.32
C ASP D 137 -8.81 52.71 5.70
N PRO D 138 -8.58 51.90 6.75
CA PRO D 138 -8.89 52.24 8.16
C PRO D 138 -8.01 53.35 8.69
N LYS D 139 -6.92 53.60 7.98
CA LYS D 139 -5.92 54.57 8.38
C LYS D 139 -6.53 55.96 8.49
N GLY D 140 -6.46 56.54 9.68
CA GLY D 140 -7.01 57.85 9.92
C GLY D 140 -8.53 57.89 9.98
N LYS D 141 -9.17 56.71 10.05
CA LYS D 141 -10.62 56.66 10.18
C LYS D 141 -11.04 56.68 11.65
N SER D 142 -12.07 57.46 11.95
CA SER D 142 -12.60 57.54 13.31
C SER D 142 -13.30 56.25 13.66
N GLU D 143 -13.52 56.03 14.95
CA GLU D 143 -14.22 54.81 15.39
C GLU D 143 -15.58 54.68 14.71
N GLY D 144 -16.31 55.79 14.63
CA GLY D 144 -17.63 55.80 14.03
C GLY D 144 -17.59 55.46 12.55
N GLU D 145 -16.68 56.09 11.83
CA GLU D 145 -16.49 55.81 10.41
C GLU D 145 -16.27 54.32 10.19
N VAL D 146 -15.42 53.73 11.01
CA VAL D 146 -15.15 52.30 10.93
C VAL D 146 -16.40 51.47 11.23
N MET D 147 -17.14 51.86 12.27
CA MET D 147 -18.36 51.15 12.63
C MET D 147 -19.36 51.20 11.48
N ARG D 148 -19.58 52.39 10.92
CA ARG D 148 -20.50 52.54 9.81
C ARG D 148 -20.06 51.74 8.60
N PHE D 149 -18.77 51.74 8.28
CA PHE D 149 -18.28 50.94 7.17
C PHE D 149 -18.51 49.45 7.41
N CYS D 150 -18.17 49.00 8.62
CA CYS D 150 -18.33 47.60 8.97
C CYS D 150 -19.78 47.18 8.83
N GLN D 151 -20.69 48.03 9.31
CA GLN D 151 -22.12 47.77 9.24
C GLN D 151 -22.63 47.77 7.81
N ALA D 152 -22.24 48.79 7.06
CA ALA D 152 -22.58 48.88 5.65
C ALA D 152 -22.15 47.63 4.88
N LEU D 153 -20.94 47.16 5.15
CA LEU D 153 -20.46 45.96 4.50
C LEU D 153 -21.33 44.76 4.86
N MET D 154 -21.66 44.61 6.15
CA MET D 154 -22.48 43.48 6.61
C MET D 154 -23.91 43.46 6.07
N THR D 155 -24.44 44.61 5.69
CA THR D 155 -25.79 44.62 5.13
C THR D 155 -25.83 43.90 3.79
N GLU D 156 -24.68 43.75 3.13
CA GLU D 156 -24.64 42.84 2.00
C GLU D 156 -24.08 41.48 2.38
N LEU D 157 -22.99 41.46 3.14
CA LEU D 157 -22.24 40.23 3.35
C LEU D 157 -22.98 39.19 4.20
N TYR D 158 -23.88 39.63 5.07
CA TYR D 158 -24.58 38.74 6.02
C TYR D 158 -25.29 37.55 5.34
N ARG D 159 -25.89 37.78 4.19
CA ARG D 159 -26.63 36.71 3.52
C ARG D 159 -25.75 35.57 3.02
N HIS D 160 -24.44 35.82 2.89
CA HIS D 160 -23.53 34.82 2.34
C HIS D 160 -22.74 34.02 3.40
N LEU D 161 -22.88 34.40 4.67
CA LEU D 161 -22.14 33.76 5.77
C LEU D 161 -23.03 32.87 6.61
N GLY D 162 -22.43 32.11 7.52
CA GLY D 162 -23.19 31.22 8.37
C GLY D 162 -22.30 30.27 9.15
N ALA D 163 -22.81 29.83 10.29
CA ALA D 163 -22.09 28.94 11.19
C ALA D 163 -21.58 27.66 10.54
N ASP D 164 -22.30 27.17 9.51
CA ASP D 164 -21.90 25.98 8.77
C ASP D 164 -21.77 26.30 7.28
N THR D 165 -21.41 27.55 6.99
CA THR D 165 -21.27 28.02 5.62
C THR D 165 -19.95 28.76 5.43
N ASP D 166 -19.80 29.89 6.10
CA ASP D 166 -18.60 30.71 6.01
C ASP D 166 -18.45 31.46 7.33
N VAL D 167 -17.32 31.28 8.00
CA VAL D 167 -17.03 31.94 9.27
C VAL D 167 -15.74 32.75 9.15
N PRO D 168 -15.86 34.08 8.99
CA PRO D 168 -14.61 34.84 8.84
C PRO D 168 -13.93 35.17 10.17
N ALA D 169 -12.99 36.10 10.10
CA ALA D 169 -12.17 36.48 11.24
C ALA D 169 -11.43 37.75 10.89
N GLY D 170 -10.50 38.18 11.76
CA GLY D 170 -9.70 39.35 11.51
C GLY D 170 -8.50 39.12 10.58
N ASP D 171 -7.77 40.20 10.33
CA ASP D 171 -6.56 40.23 9.52
C ASP D 171 -6.11 41.68 9.54
N ILE D 172 -5.15 42.05 8.70
CA ILE D 172 -4.69 43.43 8.62
C ILE D 172 -5.89 44.35 8.43
N GLY D 173 -5.95 45.40 9.23
CA GLY D 173 -7.03 46.37 9.16
C GLY D 173 -8.30 45.93 9.89
N VAL D 174 -8.37 44.66 10.25
CA VAL D 174 -9.57 44.12 10.90
C VAL D 174 -9.17 43.45 12.22
N GLY D 175 -9.19 44.22 13.30
CA GLY D 175 -8.82 43.72 14.62
C GLY D 175 -10.04 43.28 15.42
N GLY D 176 -9.90 43.22 16.75
CA GLY D 176 -11.00 42.80 17.59
C GLY D 176 -12.19 43.73 17.49
N ARG D 177 -11.92 45.03 17.37
CA ARG D 177 -12.98 46.02 17.33
C ARG D 177 -13.86 45.82 16.10
N GLU D 178 -13.22 45.61 14.95
CA GLU D 178 -13.91 45.42 13.68
C GLU D 178 -14.65 44.10 13.66
N VAL D 179 -14.02 43.06 14.19
CA VAL D 179 -14.72 41.78 14.35
C VAL D 179 -15.98 41.96 15.22
N GLY D 180 -15.88 42.78 16.26
CA GLY D 180 -17.02 43.08 17.12
C GLY D 180 -18.19 43.68 16.37
N PHE D 181 -17.90 44.72 15.57
CA PHE D 181 -18.91 45.42 14.79
C PHE D 181 -19.58 44.53 13.72
N MET D 182 -18.78 43.73 13.01
CA MET D 182 -19.31 42.83 12.00
C MET D 182 -20.18 41.74 12.62
N ALA D 183 -19.67 41.13 13.67
CA ALA D 183 -20.41 40.07 14.37
C ALA D 183 -21.73 40.59 14.95
N GLY D 184 -21.68 41.77 15.56
CA GLY D 184 -22.86 42.41 16.12
C GLY D 184 -23.89 42.65 15.03
N MET D 185 -23.46 43.14 13.88
CA MET D 185 -24.38 43.44 12.80
C MET D 185 -24.94 42.14 12.18
N MET D 186 -24.09 41.13 12.06
CA MET D 186 -24.52 39.81 11.58
C MET D 186 -25.64 39.29 12.47
N LYS D 187 -25.40 39.34 13.77
CA LYS D 187 -26.39 38.86 14.71
C LYS D 187 -27.73 39.62 14.62
N LYS D 188 -27.65 40.95 14.55
CA LYS D 188 -28.84 41.78 14.40
C LYS D 188 -29.64 41.46 13.13
N LEU D 189 -28.97 41.44 11.99
CA LEU D 189 -29.65 41.17 10.73
C LEU D 189 -30.24 39.77 10.65
N SER D 190 -29.51 38.78 11.15
CA SER D 190 -29.94 37.39 11.04
C SER D 190 -30.85 36.93 12.18
N ASN D 191 -30.95 37.72 13.24
CA ASN D 191 -31.68 37.27 14.44
C ASN D 191 -31.16 35.89 14.87
N ASN D 192 -29.84 35.71 14.82
CA ASN D 192 -29.22 34.42 15.10
C ASN D 192 -27.87 34.64 15.74
N THR D 193 -27.62 33.96 16.85
CA THR D 193 -26.44 34.24 17.66
C THR D 193 -25.32 33.20 17.50
N ALA D 194 -25.47 32.31 16.52
CA ALA D 194 -24.45 31.28 16.28
C ALA D 194 -23.10 31.91 15.93
N CYS D 195 -22.03 31.13 15.99
CA CYS D 195 -20.68 31.62 15.70
C CYS D 195 -20.46 31.82 14.19
N VAL D 196 -20.52 33.08 13.75
CA VAL D 196 -20.29 33.41 12.35
C VAL D 196 -18.94 34.13 12.19
N PHE D 197 -18.39 34.64 13.29
CA PHE D 197 -17.03 35.17 13.28
C PHE D 197 -16.16 34.59 14.39
N THR D 198 -14.85 34.44 14.14
CA THR D 198 -13.95 34.13 15.24
C THR D 198 -13.12 35.37 15.48
N GLY D 199 -12.35 35.35 16.56
CA GLY D 199 -11.65 36.55 17.00
C GLY D 199 -12.55 37.40 17.89
N LYS D 200 -13.61 36.79 18.40
CA LYS D 200 -14.55 37.52 19.26
C LYS D 200 -13.92 37.85 20.62
N GLY D 201 -14.45 38.88 21.27
CA GLY D 201 -14.02 39.22 22.62
C GLY D 201 -14.57 38.20 23.59
N LEU D 202 -13.97 38.11 24.77
CA LEU D 202 -14.38 37.09 25.71
C LEU D 202 -15.78 37.35 26.28
N SER D 203 -16.33 38.53 26.03
CA SER D 203 -17.63 38.85 26.63
C SER D 203 -18.76 38.36 25.74
N PHE D 204 -18.42 38.05 24.48
CA PHE D 204 -19.42 37.52 23.55
C PHE D 204 -19.00 36.26 22.78
N GLY D 205 -18.29 35.36 23.46
CA GLY D 205 -18.03 34.05 22.92
C GLY D 205 -16.61 33.82 22.46
N GLY D 206 -15.72 34.78 22.75
CA GLY D 206 -14.32 34.66 22.38
C GLY D 206 -13.68 33.50 23.12
N SER D 207 -12.49 33.11 22.69
CA SER D 207 -11.76 32.02 23.32
C SER D 207 -10.49 32.47 24.02
N LEU D 208 -10.21 31.88 25.18
CA LEU D 208 -8.92 32.05 25.83
C LEU D 208 -7.86 31.43 24.93
N ILE D 209 -6.59 31.83 25.13
CA ILE D 209 -5.46 31.35 24.32
C ILE D 209 -5.39 31.94 22.88
N ARG D 210 -6.45 32.62 22.44
CA ARG D 210 -6.39 33.30 21.14
C ARG D 210 -5.18 34.25 20.97
N PRO D 211 -4.90 35.09 21.97
CA PRO D 211 -3.73 35.97 21.80
C PRO D 211 -2.43 35.16 21.77
N GLU D 212 -2.36 34.12 22.61
CA GLU D 212 -1.13 33.35 22.76
C GLU D 212 -0.91 32.30 21.68
N ALA D 213 -1.94 32.06 20.87
CA ALA D 213 -2.01 30.83 20.08
C ALA D 213 -0.90 30.67 19.03
N THR D 214 -0.64 31.74 18.28
CA THR D 214 0.35 31.64 17.19
C THR D 214 1.76 31.42 17.72
N GLY D 215 2.19 32.27 18.64
CA GLY D 215 3.47 32.13 19.30
C GLY D 215 3.63 30.84 20.09
N TYR D 216 2.59 30.45 20.85
CA TYR D 216 2.66 29.16 21.57
C TYR D 216 2.79 28.02 20.57
N GLY D 217 1.96 28.06 19.52
CA GLY D 217 1.92 27.00 18.55
C GLY D 217 3.24 26.87 17.83
N LEU D 218 3.88 27.99 17.52
CA LEU D 218 5.20 27.98 16.90
C LEU D 218 6.21 27.20 17.74
N VAL D 219 6.20 27.46 19.05
CA VAL D 219 7.13 26.80 19.96
C VAL D 219 6.81 25.30 20.04
N TYR D 220 5.52 24.98 20.09
CA TYR D 220 5.09 23.59 20.15
C TYR D 220 5.59 22.78 18.96
N PHE D 221 5.41 23.34 17.76
CA PHE D 221 5.79 22.65 16.54
C PHE D 221 7.29 22.46 16.50
N THR D 222 8.01 23.55 16.81
CA THR D 222 9.46 23.55 16.76
C THR D 222 10.05 22.53 17.74
N GLU D 223 9.46 22.40 18.90
CA GLU D 223 9.95 21.42 19.88
C GLU D 223 9.77 19.99 19.37
N ALA D 224 8.66 19.74 18.66
CA ALA D 224 8.43 18.43 18.08
C ALA D 224 9.50 18.13 17.03
N MET D 225 9.74 19.10 16.16
CA MET D 225 10.77 19.00 15.12
C MET D 225 12.16 18.78 15.70
N LEU D 226 12.47 19.47 16.80
CA LEU D 226 13.76 19.33 17.47
C LEU D 226 13.87 17.97 18.13
N LYS D 227 12.80 17.58 18.82
CA LYS D 227 12.73 16.31 19.53
C LYS D 227 12.92 15.13 18.59
N ARG D 228 12.23 15.18 17.45
CA ARG D 228 12.36 14.16 16.42
C ARG D 228 13.80 14.04 15.94
N HIS D 229 14.50 15.17 15.83
CA HIS D 229 15.89 15.14 15.41
C HIS D 229 16.85 15.23 16.59
N GLY D 230 16.42 14.68 17.73
CA GLY D 230 17.28 14.52 18.90
C GLY D 230 17.69 15.79 19.62
N MET D 231 16.77 16.77 19.70
CA MET D 231 17.09 18.05 20.32
C MET D 231 15.89 18.59 21.08
N GLY D 232 16.09 19.72 21.76
CA GLY D 232 15.00 20.40 22.44
C GLY D 232 15.32 21.87 22.65
N PHE D 233 14.34 22.66 23.08
CA PHE D 233 14.56 24.07 23.40
C PHE D 233 15.42 24.17 24.64
N GLU D 234 15.33 23.15 25.47
CA GLU D 234 16.05 23.04 26.73
C GLU D 234 17.49 23.55 26.65
N GLY D 235 17.73 24.73 27.22
CA GLY D 235 19.06 25.30 27.31
C GLY D 235 19.64 25.86 26.01
N MET D 236 18.79 26.04 25.01
CA MET D 236 19.24 26.58 23.73
C MET D 236 19.13 28.10 23.68
N ARG D 237 20.06 28.73 22.99
CA ARG D 237 19.99 30.16 22.72
C ARG D 237 18.98 30.40 21.60
N VAL D 238 17.97 31.21 21.90
CA VAL D 238 16.93 31.48 20.93
C VAL D 238 16.88 32.96 20.58
N SER D 239 16.97 33.27 19.29
CA SER D 239 16.69 34.63 18.85
C SER D 239 15.26 34.77 18.33
N VAL D 240 14.56 35.79 18.82
CA VAL D 240 13.25 36.13 18.28
C VAL D 240 13.33 37.51 17.64
N SER D 241 12.77 37.67 16.45
CA SER D 241 12.60 39.01 15.92
C SER D 241 11.16 39.44 16.16
N GLY D 242 10.89 40.73 16.06
CA GLY D 242 9.55 41.21 16.30
C GLY D 242 9.34 41.36 17.79
N SER D 243 8.25 42.02 18.15
CA SER D 243 7.92 42.27 19.54
C SER D 243 6.42 42.45 19.60
N GLY D 244 5.74 41.87 18.62
CA GLY D 244 4.29 41.92 18.59
C GLY D 244 3.72 40.66 19.21
N ASN D 245 2.42 40.50 19.04
CA ASN D 245 1.68 39.33 19.49
C ASN D 245 2.41 38.01 19.29
N VAL D 246 2.92 37.77 18.09
CA VAL D 246 3.55 36.49 17.78
C VAL D 246 4.85 36.33 18.57
N ALA D 247 5.69 37.36 18.51
CA ALA D 247 7.00 37.32 19.15
C ALA D 247 6.86 37.17 20.65
N GLN D 248 6.03 38.03 21.22
CA GLN D 248 5.75 38.06 22.64
C GLN D 248 5.41 36.69 23.22
N TYR D 249 4.50 35.95 22.58
CA TYR D 249 4.08 34.67 23.17
C TYR D 249 4.96 33.50 22.76
N ALA D 250 5.66 33.66 21.64
CA ALA D 250 6.73 32.74 21.32
C ALA D 250 7.82 32.82 22.41
N ILE D 251 8.19 34.04 22.79
CA ILE D 251 9.16 34.22 23.87
C ILE D 251 8.65 33.57 25.15
N GLU D 252 7.36 33.75 25.46
CA GLU D 252 6.78 33.20 26.68
C GLU D 252 6.91 31.68 26.76
N LYS D 253 6.42 30.97 25.75
CA LYS D 253 6.45 29.53 25.76
C LYS D 253 7.89 28.98 25.63
N ALA D 254 8.76 29.73 24.96
CA ALA D 254 10.16 29.34 24.88
C ALA D 254 10.81 29.32 26.27
N MET D 255 10.49 30.32 27.08
CA MET D 255 11.02 30.39 28.44
C MET D 255 10.54 29.21 29.28
N GLU D 256 9.29 28.82 29.10
CA GLU D 256 8.74 27.69 29.84
C GLU D 256 9.39 26.36 29.47
N PHE D 257 9.92 26.27 28.25
CA PHE D 257 10.59 25.06 27.80
C PHE D 257 12.07 25.06 28.19
N GLY D 258 12.50 26.06 28.95
CA GLY D 258 13.85 26.11 29.47
C GLY D 258 14.89 26.70 28.52
N ALA D 259 14.44 27.42 27.49
CA ALA D 259 15.36 28.05 26.55
C ALA D 259 15.87 29.39 27.04
N ARG D 260 17.03 29.80 26.52
CA ARG D 260 17.58 31.11 26.82
C ARG D 260 17.27 32.03 25.63
N VAL D 261 16.23 32.84 25.78
CA VAL D 261 15.77 33.71 24.70
C VAL D 261 16.47 35.04 24.79
N ILE D 262 17.30 35.35 23.80
CA ILE D 262 18.24 36.44 23.95
C ILE D 262 17.96 37.70 23.12
N THR D 263 16.92 37.68 22.28
CA THR D 263 16.55 38.88 21.51
C THR D 263 15.05 39.06 21.30
N ALA D 264 14.69 40.31 21.01
CA ALA D 264 13.42 40.67 20.41
C ALA D 264 13.69 41.97 19.66
N SER D 265 12.82 42.37 18.76
CA SER D 265 13.10 43.58 17.99
C SER D 265 11.84 44.31 17.53
N ASP D 266 12.02 45.58 17.14
CA ASP D 266 11.00 46.29 16.37
C ASP D 266 11.63 46.86 15.11
N SER D 267 10.87 47.59 14.32
CA SER D 267 11.27 47.99 12.97
C SER D 267 12.49 48.91 12.87
N SER D 268 13.28 49.03 13.94
CA SER D 268 14.44 49.93 13.91
C SER D 268 15.60 49.50 14.82
N GLY D 269 15.46 48.38 15.51
CA GLY D 269 16.53 47.94 16.39
C GLY D 269 16.27 46.66 17.12
N THR D 270 17.34 46.06 17.65
CA THR D 270 17.24 44.77 18.32
C THR D 270 17.87 44.85 19.71
N VAL D 271 17.15 44.33 20.70
CA VAL D 271 17.72 44.22 22.04
C VAL D 271 18.38 42.85 22.23
N VAL D 272 19.55 42.86 22.87
CA VAL D 272 20.26 41.63 23.16
C VAL D 272 20.35 41.38 24.67
N ASP D 273 19.96 40.20 25.10
CA ASP D 273 19.98 39.86 26.52
C ASP D 273 20.47 38.42 26.65
N GLU D 274 21.80 38.26 26.63
CA GLU D 274 22.40 36.93 26.65
C GLU D 274 22.10 36.19 27.95
N SER D 275 21.70 36.94 28.97
CA SER D 275 21.24 36.34 30.20
C SER D 275 19.93 35.60 29.95
N GLY D 276 19.10 36.18 29.09
CA GLY D 276 17.84 35.54 28.71
C GLY D 276 16.64 36.28 29.25
N PHE D 277 15.56 36.29 28.49
CA PHE D 277 14.30 36.87 28.94
C PHE D 277 13.81 36.16 30.19
N THR D 278 13.07 36.90 31.02
CA THR D 278 12.40 36.35 32.17
C THR D 278 10.95 36.80 32.08
N LYS D 279 10.11 36.30 32.98
CA LYS D 279 8.70 36.72 33.02
C LYS D 279 8.61 38.22 33.24
N GLU D 280 9.29 38.71 34.27
CA GLU D 280 9.27 40.13 34.59
C GLU D 280 9.72 40.99 33.41
N LYS D 281 10.90 40.70 32.86
CA LYS D 281 11.40 41.42 31.68
C LYS D 281 10.40 41.45 30.52
N LEU D 282 9.79 40.30 30.24
CA LEU D 282 8.81 40.18 29.15
C LEU D 282 7.56 41.00 29.40
N ALA D 283 7.00 40.90 30.61
CA ALA D 283 5.84 41.71 30.99
C ALA D 283 6.16 43.18 30.76
N ARG D 284 7.30 43.62 31.27
CA ARG D 284 7.75 44.99 31.09
C ARG D 284 7.93 45.35 29.61
N LEU D 285 8.27 44.34 28.82
CA LEU D 285 8.43 44.51 27.37
C LEU D 285 7.07 44.61 26.69
N ILE D 286 6.21 43.64 26.96
CA ILE D 286 4.84 43.61 26.44
C ILE D 286 4.15 44.94 26.70
N GLU D 287 4.46 45.54 27.85
CA GLU D 287 3.88 46.83 28.20
C GLU D 287 4.32 47.93 27.26
N ILE D 288 5.57 48.36 27.42
CA ILE D 288 6.18 49.39 26.58
C ILE D 288 5.75 49.29 25.11
N LYS D 289 5.68 48.07 24.60
CA LYS D 289 5.24 47.83 23.23
C LYS D 289 3.75 48.04 23.01
N SER D 290 2.94 47.75 24.03
CA SER D 290 1.49 47.78 23.90
C SER D 290 0.91 49.16 23.57
N SER D 291 1.63 50.20 23.96
CA SER D 291 1.16 51.57 23.80
C SER D 291 1.23 52.11 22.37
N ARG D 292 2.38 51.86 21.72
CA ARG D 292 2.80 52.42 20.42
C ARG D 292 3.78 53.58 20.63
N ASP D 293 3.64 54.25 21.77
CA ASP D 293 4.65 55.19 22.21
C ASP D 293 5.98 54.46 22.35
N GLY D 294 5.91 53.29 22.99
CA GLY D 294 7.10 52.60 23.46
C GLY D 294 7.92 51.92 22.39
N ARG D 295 9.23 51.92 22.63
CA ARG D 295 10.20 51.40 21.69
C ARG D 295 11.04 50.31 22.35
N VAL D 296 11.51 49.36 21.55
CA VAL D 296 12.42 48.31 22.04
C VAL D 296 13.69 48.94 22.62
N ALA D 297 14.11 50.05 22.03
CA ALA D 297 15.27 50.78 22.52
C ALA D 297 15.11 51.24 23.97
N ASP D 298 13.88 51.60 24.33
CA ASP D 298 13.63 52.11 25.67
C ASP D 298 13.63 50.96 26.68
N TYR D 299 13.13 49.81 26.23
CA TYR D 299 13.18 48.59 27.02
C TYR D 299 14.63 48.24 27.36
N ALA D 300 15.49 48.29 26.34
CA ALA D 300 16.90 47.97 26.52
C ALA D 300 17.53 48.94 27.51
N LYS D 301 17.27 50.22 27.29
CA LYS D 301 17.80 51.27 28.15
C LYS D 301 17.33 51.06 29.58
N GLU D 302 16.08 50.61 29.72
CA GLU D 302 15.50 50.37 31.04
C GLU D 302 16.19 49.24 31.79
N PHE D 303 16.58 48.19 31.06
CA PHE D 303 17.19 47.02 31.68
C PHE D 303 18.71 46.98 31.52
N GLY D 304 19.27 48.05 30.95
CA GLY D 304 20.71 48.16 30.78
C GLY D 304 21.29 47.16 29.79
N LEU D 305 20.52 46.84 28.76
CA LEU D 305 20.89 45.82 27.80
C LEU D 305 21.46 46.42 26.53
N VAL D 306 22.38 45.68 25.90
CA VAL D 306 22.93 46.03 24.60
C VAL D 306 21.80 46.15 23.56
N TYR D 307 21.81 47.25 22.81
CA TYR D 307 20.81 47.48 21.76
C TYR D 307 21.49 47.71 20.42
N LEU D 308 21.04 46.99 19.40
CA LEU D 308 21.61 47.10 18.06
C LEU D 308 20.73 47.97 17.19
N GLU D 309 21.12 49.23 17.06
CA GLU D 309 20.31 50.21 16.34
C GLU D 309 20.35 50.00 14.82
N GLY D 310 19.17 49.83 14.24
CA GLY D 310 19.05 49.59 12.81
C GLY D 310 19.32 48.15 12.38
N GLN D 311 19.51 47.26 13.34
CA GLN D 311 19.92 45.88 13.02
C GLN D 311 18.92 44.80 13.46
N GLN D 312 19.03 43.65 12.82
CA GLN D 312 18.25 42.46 13.15
C GLN D 312 19.04 41.56 14.10
N PRO D 313 18.41 40.48 14.60
CA PRO D 313 19.21 39.65 15.51
C PRO D 313 20.07 38.60 14.81
N TRP D 314 20.03 38.55 13.48
CA TRP D 314 20.61 37.41 12.76
C TRP D 314 22.15 37.29 12.80
N SER D 315 22.83 38.32 13.30
CA SER D 315 24.28 38.25 13.45
C SER D 315 24.65 37.65 14.81
N VAL D 316 23.67 37.53 15.70
CA VAL D 316 23.93 36.97 17.01
C VAL D 316 23.90 35.44 16.97
N PRO D 317 24.99 34.79 17.43
CA PRO D 317 25.10 33.33 17.49
C PRO D 317 23.99 32.68 18.34
N VAL D 318 23.22 31.80 17.72
CA VAL D 318 22.08 31.16 18.36
C VAL D 318 21.93 29.72 17.90
N ASP D 319 21.20 28.92 18.69
CA ASP D 319 20.88 27.55 18.32
C ASP D 319 19.61 27.50 17.48
N ILE D 320 18.69 28.41 17.76
CA ILE D 320 17.38 28.41 17.11
C ILE D 320 16.97 29.85 16.80
N ALA D 321 16.64 30.10 15.54
CA ALA D 321 16.12 31.40 15.12
C ALA D 321 14.62 31.36 14.83
N LEU D 322 13.86 32.26 15.48
CA LEU D 322 12.42 32.35 15.27
C LEU D 322 12.05 33.72 14.70
N PRO D 323 12.01 33.84 13.37
CA PRO D 323 11.55 35.10 12.75
C PRO D 323 10.05 35.31 13.00
N CYS D 324 9.72 36.35 13.76
CA CYS D 324 8.34 36.64 14.12
C CYS D 324 7.94 38.08 13.82
N ALA D 325 8.60 38.71 12.85
CA ALA D 325 8.34 40.12 12.56
C ALA D 325 7.53 40.28 11.28
N THR D 326 8.16 40.05 10.14
CA THR D 326 7.47 40.24 8.86
C THR D 326 8.13 39.48 7.71
N GLN D 327 7.53 39.58 6.53
CA GLN D 327 7.96 38.83 5.36
C GLN D 327 9.34 39.27 4.88
N ASN D 328 10.12 38.31 4.37
CA ASN D 328 11.46 38.56 3.83
C ASN D 328 12.47 39.19 4.79
N GLU D 329 12.27 38.99 6.09
CA GLU D 329 13.18 39.56 7.09
C GLU D 329 14.45 38.72 7.30
N LEU D 330 14.52 37.57 6.66
CA LEU D 330 15.68 36.71 6.81
C LEU D 330 16.17 36.18 5.46
N ASP D 331 17.22 36.78 4.92
CA ASP D 331 17.72 36.37 3.61
C ASP D 331 19.02 35.56 3.67
N VAL D 332 19.46 35.09 2.50
CA VAL D 332 20.65 34.27 2.38
C VAL D 332 21.81 34.93 3.11
N ASP D 333 21.85 36.25 3.02
CA ASP D 333 22.84 37.06 3.69
C ASP D 333 22.77 36.80 5.20
N ALA D 334 21.57 36.86 5.76
CA ALA D 334 21.37 36.57 7.19
C ALA D 334 21.50 35.08 7.47
N ALA D 335 21.00 34.27 6.54
CA ALA D 335 21.13 32.82 6.66
C ALA D 335 22.59 32.41 6.82
N HIS D 336 23.47 33.07 6.07
CA HIS D 336 24.89 32.74 6.13
C HIS D 336 25.50 32.94 7.50
N GLN D 337 25.17 34.06 8.14
CA GLN D 337 25.70 34.35 9.48
C GLN D 337 25.21 33.33 10.50
N LEU D 338 23.94 32.99 10.43
CA LEU D 338 23.32 32.04 11.35
C LEU D 338 23.98 30.67 11.22
N ILE D 339 24.06 30.20 9.98
CA ILE D 339 24.68 28.91 9.69
C ILE D 339 26.12 28.89 10.20
N ALA D 340 26.85 29.96 9.91
CA ALA D 340 28.24 30.05 10.34
C ALA D 340 28.33 30.14 11.86
N ASN D 341 27.30 30.73 12.48
CA ASN D 341 27.28 30.90 13.93
C ASN D 341 26.66 29.70 14.65
N GLY D 342 26.41 28.65 13.90
CA GLY D 342 26.02 27.37 14.46
C GLY D 342 24.54 27.08 14.66
N VAL D 343 23.67 27.75 13.91
CA VAL D 343 22.22 27.55 14.06
C VAL D 343 21.82 26.10 13.76
N LYS D 344 20.87 25.55 14.52
CA LYS D 344 20.45 24.16 14.35
C LYS D 344 19.01 24.06 13.86
N ALA D 345 18.24 25.12 14.07
CA ALA D 345 16.85 25.11 13.66
C ALA D 345 16.34 26.54 13.37
N VAL D 346 15.45 26.63 12.40
CA VAL D 346 14.81 27.88 12.05
C VAL D 346 13.32 27.60 11.87
N ALA D 347 12.47 28.43 12.46
CA ALA D 347 11.02 28.21 12.38
C ALA D 347 10.28 29.53 12.29
N GLU D 348 9.25 29.56 11.46
CA GLU D 348 8.63 30.83 11.08
C GLU D 348 7.36 31.15 11.87
N GLY D 349 7.42 32.24 12.63
CA GLY D 349 6.26 32.74 13.33
C GLY D 349 5.46 33.70 12.45
N ALA D 350 6.17 34.52 11.67
CA ALA D 350 5.55 35.43 10.72
C ALA D 350 5.22 34.69 9.42
N ASN D 351 4.55 35.38 8.49
CA ASN D 351 4.24 34.76 7.21
C ASN D 351 5.34 35.01 6.17
N MET D 352 5.91 33.91 5.69
CA MET D 352 7.05 33.91 4.76
C MET D 352 8.21 34.84 5.12
N PRO D 353 8.66 34.85 6.40
CA PRO D 353 9.78 35.74 6.72
C PRO D 353 11.10 35.31 6.07
N THR D 354 11.23 34.04 5.72
CA THR D 354 12.49 33.55 5.14
C THR D 354 12.44 33.53 3.60
N THR D 355 13.44 34.16 2.97
CA THR D 355 13.50 34.17 1.50
C THR D 355 13.70 32.76 0.98
N ILE D 356 13.31 32.53 -0.27
CA ILE D 356 13.48 31.22 -0.90
C ILE D 356 14.94 30.77 -0.88
N GLU D 357 15.85 31.71 -1.14
CA GLU D 357 17.27 31.41 -1.22
C GLU D 357 17.82 31.01 0.13
N ALA D 358 17.46 31.78 1.15
CA ALA D 358 17.85 31.45 2.53
C ALA D 358 17.28 30.10 2.94
N THR D 359 16.01 29.86 2.61
CA THR D 359 15.38 28.59 2.92
C THR D 359 16.16 27.45 2.26
N GLU D 360 16.50 27.62 0.98
CA GLU D 360 17.34 26.66 0.26
C GLU D 360 18.68 26.45 0.95
N LEU D 361 19.31 27.55 1.34
CA LEU D 361 20.61 27.51 1.98
C LEU D 361 20.54 26.76 3.30
N PHE D 362 19.50 27.07 4.07
CA PHE D 362 19.26 26.42 5.35
C PHE D 362 19.14 24.90 5.19
N GLN D 363 18.33 24.47 4.23
CA GLN D 363 18.14 23.03 4.02
C GLN D 363 19.41 22.37 3.51
N GLN D 364 20.20 23.12 2.75
CA GLN D 364 21.44 22.58 2.20
C GLN D 364 22.45 22.40 3.32
N ALA D 365 22.38 23.27 4.32
CA ALA D 365 23.34 23.26 5.41
C ALA D 365 22.95 22.33 6.55
N GLY D 366 21.85 21.60 6.37
CA GLY D 366 21.42 20.68 7.40
C GLY D 366 20.68 21.36 8.54
N VAL D 367 20.30 22.61 8.34
CA VAL D 367 19.53 23.33 9.35
C VAL D 367 18.06 22.96 9.24
N LEU D 368 17.47 22.52 10.35
CA LEU D 368 16.03 22.24 10.37
C LEU D 368 15.26 23.50 10.03
N PHE D 369 14.30 23.37 9.12
CA PHE D 369 13.50 24.51 8.73
C PHE D 369 12.01 24.18 8.79
N ALA D 370 11.30 24.93 9.63
CA ALA D 370 9.86 24.77 9.79
C ALA D 370 9.13 25.97 9.16
N PRO D 371 8.41 25.73 8.05
CA PRO D 371 7.76 26.85 7.36
C PRO D 371 6.52 27.37 8.10
N GLY D 372 6.21 28.65 7.94
CA GLY D 372 5.05 29.23 8.59
C GLY D 372 3.74 28.53 8.24
N LYS D 373 3.67 28.02 7.01
CA LYS D 373 2.50 27.28 6.52
C LYS D 373 2.04 26.22 7.50
N ALA D 374 2.99 25.59 8.19
CA ALA D 374 2.67 24.69 9.30
C ALA D 374 2.92 25.33 10.67
N ALA D 375 4.10 25.93 10.82
CA ALA D 375 4.55 26.43 12.11
C ALA D 375 3.71 27.55 12.74
N ASN D 376 3.10 28.42 11.92
CA ASN D 376 2.32 29.51 12.50
C ASN D 376 0.80 29.29 12.55
N ALA D 377 0.38 28.05 12.29
CA ALA D 377 -1.03 27.71 12.18
C ALA D 377 -1.76 27.65 13.52
N GLY D 378 -1.06 27.98 14.61
CA GLY D 378 -1.65 27.98 15.93
C GLY D 378 -2.85 28.92 15.98
N GLY D 379 -2.73 30.07 15.33
CA GLY D 379 -3.81 31.02 15.24
C GLY D 379 -5.07 30.43 14.61
N VAL D 380 -4.95 29.92 13.38
CA VAL D 380 -6.12 29.33 12.73
C VAL D 380 -6.64 28.11 13.50
N ALA D 381 -5.74 27.33 14.10
CA ALA D 381 -6.15 26.15 14.86
C ALA D 381 -7.01 26.57 16.04
N THR D 382 -6.59 27.64 16.72
CA THR D 382 -7.36 28.15 17.85
C THR D 382 -8.65 28.80 17.38
N SER D 383 -8.68 29.30 16.13
CA SER D 383 -9.95 29.80 15.58
C SER D 383 -10.98 28.67 15.50
N GLY D 384 -10.51 27.49 15.10
CA GLY D 384 -11.33 26.29 15.12
C GLY D 384 -11.77 25.88 16.51
N LEU D 385 -10.92 26.11 17.52
CA LEU D 385 -11.29 25.83 18.90
C LEU D 385 -12.38 26.77 19.40
N GLU D 386 -12.31 28.04 19.00
CA GLU D 386 -13.35 29.01 19.33
C GLU D 386 -14.72 28.54 18.79
N MET D 387 -14.75 28.18 17.50
CA MET D 387 -15.97 27.64 16.86
C MET D 387 -16.52 26.44 17.62
N ALA D 388 -15.62 25.57 18.09
CA ALA D 388 -16.00 24.34 18.80
C ALA D 388 -16.63 24.66 20.14
N GLN D 389 -15.99 25.57 20.86
CA GLN D 389 -16.49 26.02 22.15
C GLN D 389 -17.87 26.64 21.98
N ASN D 390 -18.01 27.49 20.96
CA ASN D 390 -19.31 28.10 20.67
C ASN D 390 -20.33 27.02 20.34
N ALA D 391 -19.91 26.06 19.52
CA ALA D 391 -20.79 24.94 19.13
C ALA D 391 -21.28 24.18 20.36
N ALA D 392 -20.39 23.99 21.33
CA ALA D 392 -20.71 23.19 22.51
C ALA D 392 -21.50 24.00 23.52
N ARG D 393 -21.59 25.31 23.28
CA ARG D 393 -22.29 26.25 24.16
C ARG D 393 -21.67 26.28 25.56
N LEU D 394 -20.37 25.99 25.62
CA LEU D 394 -19.63 25.94 26.87
C LEU D 394 -18.22 26.45 26.63
N GLY D 395 -17.76 27.37 27.47
CA GLY D 395 -16.43 27.92 27.34
C GLY D 395 -15.41 27.03 28.00
N TRP D 396 -14.18 27.07 27.49
CA TRP D 396 -13.10 26.20 27.99
C TRP D 396 -12.07 26.99 28.80
N LYS D 397 -11.66 26.41 29.93
CA LYS D 397 -10.52 26.94 30.69
C LYS D 397 -9.27 27.07 29.82
N ALA D 398 -8.42 28.04 30.13
CA ALA D 398 -7.21 28.32 29.38
C ALA D 398 -6.33 27.08 29.19
N GLU D 399 -6.21 26.27 30.24
CA GLU D 399 -5.36 25.10 30.22
C GLU D 399 -5.85 24.02 29.26
N LYS D 400 -7.15 23.87 29.10
CA LYS D 400 -7.63 22.88 28.15
C LYS D 400 -7.56 23.36 26.71
N VAL D 401 -7.72 24.66 26.47
CA VAL D 401 -7.49 25.21 25.11
C VAL D 401 -6.03 25.04 24.69
N ASP D 402 -5.13 25.46 25.59
CA ASP D 402 -3.69 25.36 25.35
C ASP D 402 -3.31 23.92 25.06
N ALA D 403 -3.82 23.00 25.87
CA ALA D 403 -3.54 21.57 25.70
C ALA D 403 -4.01 21.04 24.34
N ARG D 404 -5.24 21.40 23.96
CA ARG D 404 -5.81 21.00 22.69
C ARG D 404 -4.97 21.54 21.55
N LEU D 405 -4.64 22.82 21.63
CA LEU D 405 -3.77 23.47 20.66
C LEU D 405 -2.44 22.72 20.52
N HIS D 406 -1.85 22.38 21.66
CA HIS D 406 -0.60 21.63 21.66
C HIS D 406 -0.79 20.33 20.89
N HIS D 407 -1.89 19.63 21.17
CA HIS D 407 -2.17 18.37 20.49
C HIS D 407 -2.32 18.54 18.99
N ILE D 408 -3.01 19.59 18.57
CA ILE D 408 -3.11 19.94 17.15
C ILE D 408 -1.73 20.17 16.51
N MET D 409 -0.87 20.94 17.17
CA MET D 409 0.44 21.27 16.59
C MET D 409 1.26 20.00 16.38
N LEU D 410 1.10 19.04 17.27
CA LEU D 410 1.77 17.73 17.18
C LEU D 410 1.26 16.90 16.00
N ASP D 411 -0.03 17.04 15.71
CA ASP D 411 -0.63 16.37 14.56
C ASP D 411 -0.22 17.02 13.24
N ILE D 412 -0.10 18.34 13.24
CA ILE D 412 0.44 19.04 12.07
C ILE D 412 1.86 18.55 11.80
N HIS D 413 2.67 18.49 12.85
CA HIS D 413 4.04 18.04 12.72
C HIS D 413 4.08 16.63 12.17
N HIS D 414 3.25 15.76 12.72
CA HIS D 414 3.20 14.37 12.31
C HIS D 414 2.83 14.21 10.83
N ALA D 415 1.89 15.02 10.36
CA ALA D 415 1.47 14.95 8.96
C ALA D 415 2.62 15.37 8.06
N CYS D 416 3.37 16.38 8.49
CA CYS D 416 4.54 16.85 7.77
C CYS D 416 5.57 15.75 7.65
N VAL D 417 5.79 15.05 8.76
CA VAL D 417 6.78 13.98 8.78
C VAL D 417 6.42 12.87 7.80
N GLU D 418 5.15 12.49 7.77
CA GLU D 418 4.68 11.44 6.88
C GLU D 418 5.06 11.70 5.41
N HIS D 419 4.96 12.96 4.98
CA HIS D 419 5.29 13.32 3.59
C HIS D 419 6.61 14.07 3.41
N GLY D 420 7.44 14.10 4.44
CA GLY D 420 8.65 14.91 4.42
C GLY D 420 9.92 14.21 3.94
N GLY D 421 9.80 12.96 3.50
CA GLY D 421 10.93 12.29 2.88
C GLY D 421 11.73 11.37 3.79
N GLU D 422 12.68 10.65 3.19
CA GLU D 422 13.41 9.59 3.87
C GLU D 422 14.74 10.08 4.40
N GLY D 423 15.02 11.36 4.18
CA GLY D 423 16.30 11.93 4.54
C GLY D 423 16.55 11.95 6.04
N GLU D 424 17.81 12.01 6.40
CA GLU D 424 18.27 12.20 7.78
C GLU D 424 17.43 13.24 8.53
N GLN D 425 16.95 14.25 7.80
CA GLN D 425 15.99 15.18 8.37
C GLN D 425 14.78 15.40 7.48
N THR D 426 13.64 15.58 8.13
CA THR D 426 12.40 15.79 7.43
C THR D 426 12.45 17.08 6.64
N ASN D 427 11.93 17.02 5.41
CA ASN D 427 11.68 18.22 4.64
C ASN D 427 10.27 18.72 4.94
N TYR D 428 10.19 19.75 5.78
CA TYR D 428 8.90 20.26 6.23
C TYR D 428 8.22 21.17 5.21
N VAL D 429 9.00 21.72 4.28
CA VAL D 429 8.44 22.47 3.17
C VAL D 429 7.64 21.51 2.29
N GLN D 430 8.30 20.44 1.86
CA GLN D 430 7.62 19.38 1.10
C GLN D 430 6.48 18.76 1.92
N GLY D 431 6.79 18.34 3.15
CA GLY D 431 5.83 17.69 4.01
C GLY D 431 4.53 18.46 4.24
N ALA D 432 4.65 19.76 4.53
CA ALA D 432 3.47 20.56 4.83
C ALA D 432 2.63 20.83 3.58
N ASN D 433 3.28 21.13 2.46
CA ASN D 433 2.55 21.33 1.20
C ASN D 433 1.77 20.10 0.79
N ILE D 434 2.42 18.94 0.85
CA ILE D 434 1.76 17.70 0.47
C ILE D 434 0.62 17.30 1.42
N ALA D 435 0.88 17.43 2.73
CA ALA D 435 -0.11 17.07 3.74
C ALA D 435 -1.39 17.89 3.57
N GLY D 436 -1.23 19.19 3.33
CA GLY D 436 -2.37 20.07 3.17
C GLY D 436 -3.15 19.75 1.91
N PHE D 437 -2.42 19.46 0.84
CA PHE D 437 -3.04 19.07 -0.42
C PHE D 437 -3.85 17.78 -0.33
N VAL D 438 -3.28 16.74 0.29
CA VAL D 438 -3.90 15.43 0.34
C VAL D 438 -5.26 15.44 1.07
N LYS D 439 -5.33 16.15 2.20
CA LYS D 439 -6.58 16.24 2.96
C LYS D 439 -7.66 16.91 2.13
N VAL D 440 -7.30 17.97 1.42
CA VAL D 440 -8.26 18.65 0.56
C VAL D 440 -8.63 17.78 -0.63
N ALA D 441 -7.61 17.26 -1.33
CA ALA D 441 -7.84 16.42 -2.50
C ALA D 441 -8.72 15.22 -2.16
N ASP D 442 -8.42 14.54 -1.04
CA ASP D 442 -9.21 13.37 -0.65
C ASP D 442 -10.69 13.71 -0.47
N ALA D 443 -10.97 14.87 0.13
CA ALA D 443 -12.35 15.27 0.35
C ALA D 443 -13.07 15.56 -0.98
N MET D 444 -12.39 16.28 -1.86
CA MET D 444 -12.92 16.63 -3.17
C MET D 444 -13.20 15.36 -3.97
N LEU D 445 -12.26 14.43 -3.97
CA LEU D 445 -12.47 13.18 -4.68
C LEU D 445 -13.73 12.46 -4.17
N ALA D 446 -13.89 12.42 -2.85
CA ALA D 446 -14.99 11.68 -2.22
C ALA D 446 -16.38 12.26 -2.50
N GLN D 447 -16.43 13.57 -2.65
CA GLN D 447 -17.74 14.25 -2.69
C GLN D 447 -18.29 14.48 -4.10
N GLY D 448 -17.67 13.84 -5.08
CA GLY D 448 -18.21 13.86 -6.43
C GLY D 448 -17.94 15.12 -7.23
N VAL D 449 -18.42 15.12 -8.47
CA VAL D 449 -18.23 16.23 -9.38
C VAL D 449 -19.30 17.26 -9.08
N ILE D 450 -18.94 18.30 -8.33
CA ILE D 450 -19.90 19.38 -7.98
C ILE D 450 -19.29 20.75 -8.27
N SER E 9 -30.21 63.10 38.86
CA SER E 9 -29.30 62.35 38.00
C SER E 9 -29.76 60.91 37.89
N LEU E 10 -29.69 60.18 39.00
CA LEU E 10 -30.29 58.85 39.06
C LEU E 10 -31.79 59.01 38.89
N GLU E 11 -32.36 60.00 39.58
CA GLU E 11 -33.79 60.27 39.45
C GLU E 11 -34.13 60.77 38.04
N SER E 12 -33.24 61.59 37.49
CA SER E 12 -33.39 62.13 36.15
C SER E 12 -33.50 60.99 35.14
N PHE E 13 -32.56 60.06 35.22
CA PHE E 13 -32.56 58.90 34.33
C PHE E 13 -33.82 58.04 34.49
N LEU E 14 -34.14 57.71 35.74
CA LEU E 14 -35.33 56.92 36.04
C LEU E 14 -36.60 57.62 35.56
N ASN E 15 -36.68 58.92 35.83
CA ASN E 15 -37.79 59.72 35.33
C ASN E 15 -37.86 59.68 33.80
N HIS E 16 -36.72 59.85 33.16
CA HIS E 16 -36.64 59.81 31.70
C HIS E 16 -37.16 58.49 31.13
N VAL E 17 -36.69 57.38 31.70
CA VAL E 17 -37.04 56.05 31.21
C VAL E 17 -38.53 55.74 31.36
N GLN E 18 -39.12 56.19 32.46
CA GLN E 18 -40.51 55.91 32.77
C GLN E 18 -41.46 56.55 31.77
N LYS E 19 -41.04 57.68 31.18
CA LYS E 19 -41.83 58.40 30.20
C LYS E 19 -42.41 57.51 29.09
N ARG E 20 -41.64 56.54 28.63
CA ARG E 20 -42.15 55.65 27.60
C ARG E 20 -43.12 54.61 28.13
N ASP E 21 -43.07 54.35 29.44
CA ASP E 21 -43.95 53.37 30.07
C ASP E 21 -44.49 53.86 31.43
N PRO E 22 -45.35 54.89 31.42
CA PRO E 22 -45.76 55.55 32.67
C PRO E 22 -46.60 54.66 33.59
N ASN E 23 -47.11 53.54 33.08
CA ASN E 23 -48.00 52.69 33.85
C ASN E 23 -47.48 51.28 34.12
N GLN E 24 -46.26 51.01 33.69
CA GLN E 24 -45.58 49.75 33.97
C GLN E 24 -44.85 49.82 35.31
N THR E 25 -45.60 49.67 36.40
CA THR E 25 -45.03 49.85 37.73
C THR E 25 -43.95 48.80 38.07
N GLU E 26 -44.22 47.54 37.79
CA GLU E 26 -43.23 46.48 38.02
C GLU E 26 -41.93 46.69 37.25
N PHE E 27 -42.03 47.09 35.98
CA PHE E 27 -40.82 47.33 35.21
C PHE E 27 -40.03 48.48 35.81
N ALA E 28 -40.74 49.57 36.14
CA ALA E 28 -40.11 50.74 36.77
C ALA E 28 -39.40 50.39 38.05
N GLN E 29 -40.03 49.54 38.85
CA GLN E 29 -39.44 49.14 40.13
C GLN E 29 -38.17 48.33 39.88
N ALA E 30 -38.23 47.43 38.91
CA ALA E 30 -37.06 46.66 38.51
C ALA E 30 -35.92 47.55 38.00
N VAL E 31 -36.23 48.50 37.12
CA VAL E 31 -35.20 49.42 36.61
C VAL E 31 -34.60 50.24 37.75
N ARG E 32 -35.46 50.70 38.66
CA ARG E 32 -34.99 51.46 39.82
C ARG E 32 -34.08 50.65 40.72
N GLU E 33 -34.46 49.41 40.99
CA GLU E 33 -33.68 48.56 41.89
C GLU E 33 -32.27 48.27 41.36
N VAL E 34 -32.18 47.94 40.09
CA VAL E 34 -30.88 47.70 39.44
C VAL E 34 -30.00 48.94 39.36
N MET E 35 -30.54 50.04 38.83
CA MET E 35 -29.75 51.25 38.63
C MET E 35 -29.24 51.82 39.96
N THR E 36 -30.07 51.72 41.00
CA THR E 36 -29.68 52.24 42.32
C THR E 36 -28.43 51.56 42.85
N THR E 37 -28.43 50.23 42.85
CA THR E 37 -27.25 49.47 43.26
C THR E 37 -26.08 49.75 42.32
N LEU E 38 -26.38 49.97 41.05
CA LEU E 38 -25.35 50.15 40.03
C LEU E 38 -24.73 51.55 40.01
N TRP E 39 -25.46 52.55 40.48
CA TRP E 39 -25.04 53.95 40.34
C TRP E 39 -23.65 54.32 40.90
N PRO E 40 -23.29 53.83 42.10
CA PRO E 40 -21.95 54.21 42.56
C PRO E 40 -20.85 53.55 41.74
N PHE E 41 -21.11 52.33 41.28
CA PHE E 41 -20.16 51.67 40.40
C PHE E 41 -19.94 52.48 39.13
N LEU E 42 -21.02 53.01 38.58
CA LEU E 42 -20.97 53.77 37.34
C LEU E 42 -20.15 55.04 37.49
N GLU E 43 -20.30 55.70 38.63
CA GLU E 43 -19.57 56.95 38.88
C GLU E 43 -18.06 56.72 38.87
N GLN E 44 -17.63 55.57 39.41
CA GLN E 44 -16.21 55.23 39.44
C GLN E 44 -15.74 54.61 38.13
N ASN E 45 -16.69 54.26 37.27
CA ASN E 45 -16.37 53.64 35.99
C ASN E 45 -17.19 54.21 34.84
N PRO E 46 -16.83 55.43 34.38
CA PRO E 46 -17.50 56.10 33.25
C PRO E 46 -17.51 55.27 31.97
N LYS E 47 -16.59 54.32 31.85
CA LYS E 47 -16.53 53.41 30.70
C LYS E 47 -17.90 52.80 30.42
N TYR E 48 -18.62 52.47 31.49
CA TYR E 48 -19.88 51.77 31.38
C TYR E 48 -21.08 52.70 31.20
N ARG E 49 -20.82 53.97 30.97
CA ARG E 49 -21.89 54.94 30.79
C ARG E 49 -21.85 55.51 29.37
N GLN E 50 -20.72 55.34 28.70
CA GLN E 50 -20.52 55.83 27.34
C GLN E 50 -21.39 55.08 26.33
N MET E 51 -21.60 55.70 25.16
CA MET E 51 -22.35 55.11 24.05
C MET E 51 -23.82 54.89 24.39
N SER E 52 -24.36 55.74 25.24
CA SER E 52 -25.76 55.64 25.67
C SER E 52 -26.15 54.23 26.13
N LEU E 53 -25.24 53.61 26.86
CA LEU E 53 -25.36 52.19 27.21
C LEU E 53 -26.59 51.87 28.07
N LEU E 54 -26.88 52.69 29.06
CA LEU E 54 -27.99 52.41 29.96
C LEU E 54 -29.32 52.61 29.25
N GLU E 55 -29.37 53.59 28.35
CA GLU E 55 -30.56 53.85 27.56
C GLU E 55 -30.88 52.65 26.68
N ARG E 56 -29.84 52.08 26.10
CA ARG E 56 -29.99 50.92 25.24
C ARG E 56 -30.37 49.72 26.08
N LEU E 57 -29.81 49.67 27.29
CA LEU E 57 -29.99 48.51 28.16
C LEU E 57 -31.44 48.31 28.62
N VAL E 58 -32.11 49.40 28.97
CA VAL E 58 -33.47 49.31 29.51
C VAL E 58 -34.56 49.16 28.44
N GLU E 59 -34.20 49.38 27.17
CA GLU E 59 -35.14 49.20 26.06
C GLU E 59 -34.97 47.82 25.42
N PRO E 60 -35.99 46.95 25.56
CA PRO E 60 -35.86 45.58 25.06
C PRO E 60 -35.68 45.56 23.54
N GLU E 61 -34.85 44.64 23.06
CA GLU E 61 -34.58 44.55 21.62
C GLU E 61 -35.88 44.36 20.83
N ARG E 62 -36.76 43.50 21.32
CA ARG E 62 -37.95 43.09 20.57
C ARG E 62 -39.01 42.53 21.52
N VAL E 63 -40.25 43.00 21.36
CA VAL E 63 -41.40 42.43 22.07
C VAL E 63 -42.47 42.02 21.07
N ILE E 64 -42.89 40.76 21.13
CA ILE E 64 -44.02 40.32 20.32
C ILE E 64 -45.21 40.09 21.25
N GLN E 65 -46.27 40.88 21.07
CA GLN E 65 -47.55 40.62 21.70
C GLN E 65 -48.40 39.98 20.60
N PHE E 66 -49.14 38.92 20.92
CA PHE E 66 -49.94 38.24 19.91
C PHE E 66 -51.23 37.63 20.43
N ARG E 67 -52.20 37.49 19.52
CA ARG E 67 -53.49 36.91 19.86
C ARG E 67 -53.40 35.40 19.93
N VAL E 68 -54.05 34.81 20.92
CA VAL E 68 -54.19 33.36 20.97
C VAL E 68 -55.65 32.93 21.07
N VAL E 69 -56.09 32.15 20.09
CA VAL E 69 -57.49 31.76 20.00
C VAL E 69 -57.65 30.25 20.08
N TRP E 70 -58.46 29.79 21.04
CA TRP E 70 -58.59 28.37 21.30
C TRP E 70 -60.01 28.03 21.73
N VAL E 71 -60.30 26.73 21.78
CA VAL E 71 -61.66 26.27 22.03
C VAL E 71 -61.70 25.49 23.35
N ASP E 72 -62.56 25.90 24.27
CA ASP E 72 -62.63 25.22 25.56
C ASP E 72 -63.51 23.96 25.52
N ASP E 73 -63.61 23.26 26.64
CA ASP E 73 -64.31 21.97 26.63
C ASP E 73 -65.81 22.09 26.47
N ARG E 74 -66.32 23.32 26.61
CA ARG E 74 -67.74 23.58 26.36
C ARG E 74 -67.95 24.15 24.96
N ASN E 75 -66.95 23.95 24.11
CA ASN E 75 -66.98 24.37 22.71
C ASN E 75 -67.17 25.87 22.52
N GLN E 76 -66.70 26.65 23.50
CA GLN E 76 -66.75 28.10 23.44
C GLN E 76 -65.38 28.62 23.04
N VAL E 77 -65.36 29.61 22.16
CA VAL E 77 -64.10 30.18 21.67
C VAL E 77 -63.57 31.21 22.67
N GLN E 78 -62.34 31.00 23.10
CA GLN E 78 -61.69 31.87 24.07
C GLN E 78 -60.54 32.63 23.41
N VAL E 79 -60.37 33.88 23.83
CA VAL E 79 -59.28 34.71 23.32
C VAL E 79 -58.40 35.11 24.48
N ASN E 80 -57.11 34.81 24.38
CA ASN E 80 -56.15 35.33 25.36
C ASN E 80 -55.05 36.09 24.65
N ARG E 81 -54.27 36.83 25.42
CA ARG E 81 -53.14 37.56 24.90
C ARG E 81 -51.87 36.85 25.34
N ALA E 82 -50.86 36.82 24.47
CA ALA E 82 -49.57 36.26 24.85
C ALA E 82 -48.45 37.20 24.42
N TRP E 83 -47.26 36.95 24.95
CA TRP E 83 -46.10 37.78 24.65
C TRP E 83 -44.85 36.93 24.60
N ARG E 84 -43.88 37.36 23.80
CA ARG E 84 -42.50 36.98 24.03
C ARG E 84 -41.66 38.26 24.10
N VAL E 85 -41.05 38.49 25.24
CA VAL E 85 -40.19 39.66 25.42
C VAL E 85 -38.78 39.19 25.17
N GLN E 86 -38.21 39.62 24.05
CA GLN E 86 -36.85 39.24 23.71
C GLN E 86 -35.95 40.41 24.08
N PHE E 87 -35.41 40.35 25.28
CA PHE E 87 -34.81 41.55 25.89
C PHE E 87 -33.41 41.84 25.41
N SER E 88 -32.54 40.84 25.45
CA SER E 88 -31.13 41.04 25.15
C SER E 88 -30.53 39.79 24.53
N SER E 89 -29.79 39.99 23.43
CA SER E 89 -29.09 38.90 22.76
C SER E 89 -27.59 39.20 22.75
N ALA E 90 -27.18 40.11 23.62
CA ALA E 90 -25.81 40.57 23.66
C ALA E 90 -24.87 39.39 23.91
N ILE E 91 -25.22 38.52 24.87
CA ILE E 91 -24.34 37.42 25.24
C ILE E 91 -24.70 36.08 24.55
N GLY E 92 -25.97 35.95 24.18
CA GLY E 92 -26.44 34.75 23.52
C GLY E 92 -27.91 34.85 23.18
N PRO E 93 -28.50 33.74 22.72
CA PRO E 93 -29.92 33.75 22.34
C PRO E 93 -30.80 34.15 23.52
N TYR E 94 -31.92 34.81 23.24
CA TYR E 94 -32.90 35.13 24.29
C TYR E 94 -33.19 33.87 25.08
N LYS E 95 -33.18 33.99 26.40
CA LYS E 95 -33.35 32.84 27.28
C LYS E 95 -34.16 33.28 28.49
N GLY E 96 -35.24 32.54 28.78
CA GLY E 96 -36.08 32.84 29.92
C GLY E 96 -37.40 32.10 29.82
N GLY E 97 -38.06 31.88 30.96
CA GLY E 97 -39.26 31.05 31.00
C GLY E 97 -40.55 31.65 30.47
N MET E 98 -41.57 30.81 30.39
CA MET E 98 -42.91 31.23 29.98
C MET E 98 -43.84 31.09 31.18
N ARG E 99 -44.63 32.13 31.44
CA ARG E 99 -45.53 32.11 32.59
C ARG E 99 -46.99 32.21 32.13
N PHE E 100 -47.81 31.26 32.56
CA PHE E 100 -49.26 31.33 32.30
C PHE E 100 -49.96 31.64 33.62
N HIS E 101 -50.44 32.86 33.76
CA HIS E 101 -51.13 33.28 34.99
C HIS E 101 -51.93 34.52 34.64
N PRO E 102 -53.16 34.67 35.22
CA PRO E 102 -54.02 35.79 34.84
C PRO E 102 -53.48 37.19 35.17
N SER E 103 -52.48 37.27 36.05
CA SER E 103 -51.87 38.55 36.38
C SER E 103 -50.92 39.04 35.28
N VAL E 104 -50.52 38.13 34.37
CA VAL E 104 -49.45 38.41 33.41
C VAL E 104 -49.82 39.58 32.50
N ASN E 105 -48.89 40.51 32.36
CA ASN E 105 -49.00 41.60 31.41
C ASN E 105 -47.61 41.98 30.94
N LEU E 106 -47.53 43.04 30.16
CA LEU E 106 -46.25 43.41 29.58
C LEU E 106 -45.29 43.97 30.63
N SER E 107 -45.81 44.71 31.61
CA SER E 107 -44.94 45.32 32.62
C SER E 107 -44.20 44.22 33.37
N ILE E 108 -44.96 43.23 33.81
CA ILE E 108 -44.44 42.10 34.56
C ILE E 108 -43.43 41.29 33.75
N LEU E 109 -43.76 41.03 32.48
CA LEU E 109 -42.86 40.26 31.64
C LEU E 109 -41.54 40.99 31.37
N LYS E 110 -41.59 42.31 31.25
CA LYS E 110 -40.35 43.08 31.03
C LYS E 110 -39.49 43.07 32.29
N PHE E 111 -40.12 43.21 33.45
CA PHE E 111 -39.39 43.20 34.71
C PHE E 111 -38.69 41.83 34.82
N LEU E 112 -39.42 40.75 34.57
CA LEU E 112 -38.85 39.40 34.63
C LEU E 112 -37.75 39.18 33.57
N GLY E 113 -37.94 39.73 32.38
CA GLY E 113 -37.01 39.54 31.27
C GLY E 113 -35.73 40.32 31.48
N PHE E 114 -35.88 41.51 32.06
CA PHE E 114 -34.77 42.37 32.46
C PHE E 114 -33.90 41.63 33.49
N GLU E 115 -34.55 41.09 34.52
CA GLU E 115 -33.86 40.31 35.54
C GLU E 115 -33.19 39.03 35.00
N GLN E 116 -33.88 38.32 34.12
CA GLN E 116 -33.32 37.13 33.49
C GLN E 116 -32.03 37.43 32.73
N THR E 117 -31.97 38.60 32.10
CA THR E 117 -30.79 39.02 31.34
C THR E 117 -29.52 39.01 32.19
N PHE E 118 -29.63 39.59 33.38
CA PHE E 118 -28.46 39.69 34.25
C PHE E 118 -28.16 38.37 34.94
N LYS E 119 -29.22 37.66 35.31
CA LYS E 119 -29.07 36.36 35.96
C LYS E 119 -28.39 35.36 35.02
N ASN E 120 -28.85 35.30 33.77
CA ASN E 120 -28.24 34.37 32.80
C ASN E 120 -26.80 34.75 32.50
N ALA E 121 -26.53 36.05 32.44
CA ALA E 121 -25.17 36.55 32.19
C ALA E 121 -24.23 36.09 33.29
N LEU E 122 -24.74 36.13 34.52
CA LEU E 122 -23.97 35.81 35.70
C LEU E 122 -23.50 34.36 35.69
N THR E 123 -24.26 33.49 35.02
CA THR E 123 -23.96 32.05 34.98
C THR E 123 -22.67 31.75 34.25
N THR E 124 -22.16 32.75 33.53
CA THR E 124 -21.01 32.66 32.61
C THR E 124 -21.33 31.92 31.31
N LEU E 125 -22.54 31.37 31.20
CA LEU E 125 -22.96 30.66 29.99
C LEU E 125 -23.45 31.62 28.90
N PRO E 126 -23.38 31.21 27.62
CA PRO E 126 -23.72 32.11 26.52
C PRO E 126 -25.23 32.22 26.36
N MET E 127 -25.87 32.90 27.30
CA MET E 127 -27.31 33.07 27.27
C MET E 127 -27.70 34.53 27.38
N GLY E 128 -28.59 34.96 26.49
CA GLY E 128 -29.19 36.28 26.56
C GLY E 128 -30.33 36.27 27.57
N GLY E 129 -31.27 37.19 27.40
CA GLY E 129 -32.33 37.37 28.37
C GLY E 129 -33.68 37.59 27.68
N GLY E 130 -34.67 36.82 28.14
CA GLY E 130 -36.01 36.96 27.63
C GLY E 130 -37.03 36.43 28.64
N LYS E 131 -38.30 36.60 28.32
CA LYS E 131 -39.39 36.10 29.13
C LYS E 131 -40.66 36.19 28.31
N GLY E 132 -41.60 35.29 28.56
CA GLY E 132 -42.87 35.34 27.88
C GLY E 132 -43.99 34.72 28.69
N GLY E 133 -45.20 34.72 28.11
CA GLY E 133 -46.30 34.06 28.75
C GLY E 133 -47.63 34.54 28.22
N SER E 134 -48.66 34.34 29.02
CA SER E 134 -50.03 34.64 28.62
C SER E 134 -50.86 34.89 29.87
N ASP E 135 -51.96 35.62 29.70
CA ASP E 135 -52.91 35.79 30.81
C ASP E 135 -53.85 34.58 30.92
N PHE E 136 -53.64 33.57 30.09
CA PHE E 136 -54.31 32.27 30.24
C PHE E 136 -54.18 31.77 31.67
N ASP E 137 -55.29 31.35 32.26
CA ASP E 137 -55.28 30.79 33.61
C ASP E 137 -55.47 29.27 33.55
N PRO E 138 -54.41 28.52 33.86
CA PRO E 138 -54.43 27.05 33.84
C PRO E 138 -55.35 26.44 34.89
N LYS E 139 -55.70 27.21 35.93
CA LYS E 139 -56.47 26.67 37.06
C LYS E 139 -57.81 26.13 36.59
N GLY E 140 -58.06 24.85 36.86
CA GLY E 140 -59.32 24.25 36.49
C GLY E 140 -59.45 23.93 35.01
N LYS E 141 -58.35 24.03 34.26
CA LYS E 141 -58.38 23.63 32.85
C LYS E 141 -58.13 22.13 32.76
N SER E 142 -58.80 21.47 31.83
CA SER E 142 -58.53 20.06 31.61
C SER E 142 -57.21 19.93 30.83
N GLU E 143 -56.69 18.72 30.78
CA GLU E 143 -55.48 18.47 29.98
C GLU E 143 -55.68 18.87 28.52
N GLY E 144 -56.85 18.57 27.96
CA GLY E 144 -57.14 18.91 26.59
C GLY E 144 -57.08 20.41 26.34
N GLU E 145 -57.69 21.19 27.22
CA GLU E 145 -57.69 22.65 27.09
C GLU E 145 -56.29 23.23 27.15
N VAL E 146 -55.48 22.72 28.08
CA VAL E 146 -54.12 23.21 28.23
C VAL E 146 -53.31 22.86 26.96
N MET E 147 -53.51 21.66 26.43
CA MET E 147 -52.80 21.23 25.25
C MET E 147 -53.22 22.07 24.04
N ARG E 148 -54.53 22.29 23.89
CA ARG E 148 -55.03 23.10 22.78
C ARG E 148 -54.56 24.55 22.91
N PHE E 149 -54.50 25.07 24.13
CA PHE E 149 -53.92 26.40 24.30
C PHE E 149 -52.44 26.51 23.91
N CYS E 150 -51.62 25.60 24.42
CA CYS E 150 -50.19 25.56 24.11
C CYS E 150 -49.96 25.45 22.58
N GLN E 151 -50.72 24.56 21.94
CA GLN E 151 -50.60 24.44 20.48
C GLN E 151 -51.02 25.72 19.73
N ALA E 152 -52.13 26.32 20.17
CA ALA E 152 -52.58 27.59 19.58
C ALA E 152 -51.52 28.67 19.74
N LEU E 153 -51.01 28.82 20.96
CA LEU E 153 -49.95 29.79 21.21
C LEU E 153 -48.76 29.55 20.24
N MET E 154 -48.32 28.30 20.12
CA MET E 154 -47.16 27.97 19.26
C MET E 154 -47.39 28.18 17.76
N THR E 155 -48.65 28.11 17.33
CA THR E 155 -48.97 28.37 15.92
C THR E 155 -48.50 29.76 15.46
N GLU E 156 -48.39 30.68 16.40
CA GLU E 156 -47.78 31.98 16.15
C GLU E 156 -46.33 32.03 16.63
N LEU E 157 -46.07 31.53 17.84
CA LEU E 157 -44.80 31.79 18.49
C LEU E 157 -43.63 31.09 17.83
N TYR E 158 -43.89 29.97 17.17
CA TYR E 158 -42.81 29.16 16.57
C TYR E 158 -41.86 29.92 15.65
N ARG E 159 -42.40 30.87 14.89
CA ARG E 159 -41.61 31.62 13.92
C ARG E 159 -40.58 32.53 14.57
N HIS E 160 -40.79 32.87 15.85
CA HIS E 160 -39.91 33.81 16.56
C HIS E 160 -38.84 33.16 17.43
N LEU E 161 -38.86 31.82 17.50
CA LEU E 161 -37.95 31.08 18.36
C LEU E 161 -36.88 30.35 17.54
N GLY E 162 -35.88 29.78 18.22
CA GLY E 162 -34.89 28.96 17.54
C GLY E 162 -33.71 28.64 18.44
N ALA E 163 -33.01 27.55 18.15
CA ALA E 163 -31.93 27.09 19.01
C ALA E 163 -30.82 28.12 19.19
N ASP E 164 -30.66 29.01 18.21
CA ASP E 164 -29.71 30.12 18.39
C ASP E 164 -30.40 31.47 18.34
N THR E 165 -31.67 31.51 18.67
CA THR E 165 -32.43 32.75 18.60
C THR E 165 -33.10 33.04 19.94
N ASP E 166 -33.97 32.12 20.35
CA ASP E 166 -34.70 32.24 21.61
C ASP E 166 -35.07 30.84 22.09
N VAL E 167 -34.62 30.48 23.28
CA VAL E 167 -34.94 29.18 23.86
C VAL E 167 -35.68 29.40 25.21
N PRO E 168 -37.01 29.23 25.21
CA PRO E 168 -37.77 29.42 26.46
C PRO E 168 -37.71 28.21 27.40
N ALA E 169 -38.51 28.29 28.45
CA ALA E 169 -38.48 27.30 29.52
C ALA E 169 -39.77 27.43 30.31
N GLY E 170 -39.88 26.67 31.39
CA GLY E 170 -41.06 26.74 32.23
C GLY E 170 -41.04 27.91 33.20
N ASP E 171 -42.15 28.10 33.92
CA ASP E 171 -42.25 29.09 35.00
C ASP E 171 -43.60 28.83 35.67
N ILE E 172 -44.06 29.78 36.48
CA ILE E 172 -45.41 29.69 37.06
C ILE E 172 -46.44 29.34 35.98
N GLY E 173 -47.10 28.20 36.16
CA GLY E 173 -48.16 27.80 35.24
C GLY E 173 -47.69 27.07 34.00
N VAL E 174 -46.38 26.93 33.85
CA VAL E 174 -45.82 26.18 32.72
C VAL E 174 -44.86 25.17 33.28
N GLY E 175 -45.37 23.96 33.51
CA GLY E 175 -44.55 22.86 34.03
C GLY E 175 -44.03 22.00 32.89
N GLY E 176 -43.56 20.80 33.23
CA GLY E 176 -43.03 19.87 32.26
C GLY E 176 -44.06 19.52 31.21
N ARG E 177 -45.30 19.28 31.65
CA ARG E 177 -46.42 19.05 30.72
C ARG E 177 -46.53 20.12 29.65
N GLU E 178 -46.55 21.38 30.05
CA GLU E 178 -46.71 22.49 29.11
C GLU E 178 -45.48 22.69 28.21
N VAL E 179 -44.29 22.52 28.78
CA VAL E 179 -43.06 22.53 27.99
C VAL E 179 -43.16 21.45 26.92
N GLY E 180 -43.54 20.25 27.34
CA GLY E 180 -43.75 19.14 26.43
C GLY E 180 -44.62 19.49 25.23
N PHE E 181 -45.79 20.08 25.51
CA PHE E 181 -46.76 20.44 24.48
C PHE E 181 -46.21 21.50 23.52
N MET E 182 -45.58 22.54 24.07
CA MET E 182 -45.03 23.61 23.22
C MET E 182 -43.86 23.10 22.38
N ALA E 183 -42.95 22.35 23.00
CA ALA E 183 -41.78 21.83 22.30
C ALA E 183 -42.22 20.91 21.16
N GLY E 184 -43.21 20.05 21.44
CA GLY E 184 -43.82 19.21 20.42
C GLY E 184 -44.36 19.98 19.23
N MET E 185 -45.15 21.02 19.48
CA MET E 185 -45.72 21.79 18.38
C MET E 185 -44.60 22.54 17.61
N MET E 186 -43.62 23.05 18.35
CA MET E 186 -42.47 23.71 17.77
C MET E 186 -41.76 22.76 16.79
N LYS E 187 -41.44 21.56 17.27
CA LYS E 187 -40.83 20.53 16.41
C LYS E 187 -41.66 20.20 15.16
N LYS E 188 -42.97 19.99 15.35
CA LYS E 188 -43.89 19.65 14.26
C LYS E 188 -43.94 20.73 13.16
N LEU E 189 -44.24 21.96 13.55
CA LEU E 189 -44.30 23.06 12.60
C LEU E 189 -42.99 23.31 11.87
N SER E 190 -41.88 23.28 12.61
CA SER E 190 -40.58 23.59 12.03
C SER E 190 -39.90 22.41 11.32
N ASN E 191 -40.41 21.19 11.54
CA ASN E 191 -39.71 19.99 11.06
C ASN E 191 -38.22 20.02 11.46
N ASN E 192 -37.97 20.40 12.70
CA ASN E 192 -36.61 20.58 13.22
C ASN E 192 -36.60 20.19 14.70
N THR E 193 -35.65 19.35 15.07
CA THR E 193 -35.62 18.76 16.39
C THR E 193 -34.63 19.43 17.34
N ALA E 194 -34.01 20.53 16.92
CA ALA E 194 -33.01 21.19 17.77
C ALA E 194 -33.63 21.67 19.10
N CYS E 195 -32.77 21.92 20.09
CA CYS E 195 -33.23 22.37 21.40
C CYS E 195 -33.79 23.77 21.30
N VAL E 196 -35.11 23.90 21.36
CA VAL E 196 -35.75 25.22 21.36
C VAL E 196 -36.40 25.49 22.73
N PHE E 197 -36.65 24.44 23.51
CA PHE E 197 -37.05 24.62 24.91
C PHE E 197 -36.15 23.85 25.87
N THR E 198 -35.85 24.44 27.03
CA THR E 198 -35.28 23.71 28.15
C THR E 198 -36.37 23.35 29.17
N GLY E 199 -36.05 22.44 30.11
CA GLY E 199 -37.03 21.91 31.02
C GLY E 199 -37.73 20.70 30.41
N LYS E 200 -37.10 20.12 29.38
CA LYS E 200 -37.72 19.01 28.66
C LYS E 200 -37.66 17.76 29.50
N GLY E 201 -38.57 16.82 29.24
CA GLY E 201 -38.53 15.52 29.91
C GLY E 201 -37.36 14.71 29.40
N LEU E 202 -36.97 13.69 30.15
CA LEU E 202 -35.80 12.90 29.78
C LEU E 202 -36.00 12.09 28.49
N SER E 203 -37.24 11.79 28.12
CA SER E 203 -37.45 10.98 26.92
C SER E 203 -37.17 11.75 25.63
N PHE E 204 -37.14 13.07 25.71
CA PHE E 204 -36.95 13.87 24.50
C PHE E 204 -35.99 15.01 24.72
N GLY E 205 -34.94 14.73 25.50
CA GLY E 205 -33.76 15.57 25.47
C GLY E 205 -33.50 16.34 26.74
N GLY E 206 -34.20 16.00 27.82
CA GLY E 206 -34.01 16.70 29.08
C GLY E 206 -32.67 16.40 29.74
N SER E 207 -32.36 17.14 30.79
CA SER E 207 -31.11 16.95 31.50
C SER E 207 -31.33 16.36 32.89
N LEU E 208 -30.48 15.42 33.27
CA LEU E 208 -30.40 14.98 34.66
C LEU E 208 -29.99 16.19 35.51
N ILE E 209 -30.33 16.15 36.79
CA ILE E 209 -30.01 17.24 37.72
C ILE E 209 -30.95 18.45 37.61
N ARG E 210 -31.77 18.52 36.56
CA ARG E 210 -32.77 19.61 36.46
C ARG E 210 -33.64 19.79 37.72
N PRO E 211 -34.25 18.71 38.24
CA PRO E 211 -35.04 18.91 39.46
C PRO E 211 -34.17 19.36 40.63
N GLU E 212 -32.93 18.87 40.71
CA GLU E 212 -32.04 19.14 41.85
C GLU E 212 -31.30 20.47 41.80
N ALA E 213 -31.27 21.06 40.60
CA ALA E 213 -30.33 22.13 40.27
C ALA E 213 -30.38 23.35 41.18
N THR E 214 -31.57 23.92 41.37
CA THR E 214 -31.69 25.15 42.14
C THR E 214 -31.30 24.93 43.59
N GLY E 215 -31.78 23.85 44.16
CA GLY E 215 -31.46 23.52 45.54
C GLY E 215 -29.99 23.17 45.75
N TYR E 216 -29.45 22.30 44.90
CA TYR E 216 -28.02 22.01 44.88
C TYR E 216 -27.22 23.30 44.75
N GLY E 217 -27.59 24.12 43.77
CA GLY E 217 -26.86 25.36 43.49
C GLY E 217 -26.84 26.28 44.70
N LEU E 218 -27.96 26.34 45.41
CA LEU E 218 -28.06 27.15 46.62
C LEU E 218 -27.00 26.74 47.64
N VAL E 219 -26.91 25.44 47.90
CA VAL E 219 -25.96 24.92 48.88
C VAL E 219 -24.51 25.12 48.41
N TYR E 220 -24.28 24.99 47.10
CA TYR E 220 -22.93 25.22 46.56
C TYR E 220 -22.47 26.65 46.77
N PHE E 221 -23.32 27.61 46.41
CA PHE E 221 -22.98 29.02 46.52
C PHE E 221 -22.75 29.37 47.98
N THR E 222 -23.69 28.94 48.84
CA THR E 222 -23.66 29.25 50.27
C THR E 222 -22.40 28.73 50.95
N GLU E 223 -22.01 27.49 50.63
CA GLU E 223 -20.78 26.91 51.18
C GLU E 223 -19.56 27.77 50.80
N ALA E 224 -19.56 28.28 49.57
CA ALA E 224 -18.45 29.12 49.13
C ALA E 224 -18.45 30.44 49.89
N MET E 225 -19.65 30.95 50.16
CA MET E 225 -19.80 32.17 50.92
C MET E 225 -19.28 31.96 52.34
N LEU E 226 -19.69 30.85 52.94
CA LEU E 226 -19.25 30.47 54.27
C LEU E 226 -17.74 30.29 54.33
N LYS E 227 -17.19 29.49 53.42
CA LYS E 227 -15.76 29.19 53.42
C LYS E 227 -14.90 30.44 53.35
N ARG E 228 -15.23 31.33 52.42
CA ARG E 228 -14.52 32.61 52.28
C ARG E 228 -14.49 33.36 53.60
N HIS E 229 -15.57 33.27 54.35
CA HIS E 229 -15.67 33.96 55.62
C HIS E 229 -15.33 33.03 56.80
N GLY E 230 -14.69 31.91 56.50
CA GLY E 230 -14.13 31.04 57.52
C GLY E 230 -15.07 30.02 58.16
N MET E 231 -16.18 29.73 57.50
CA MET E 231 -17.17 28.82 58.03
C MET E 231 -17.52 27.74 57.03
N GLY E 232 -18.50 26.91 57.33
CA GLY E 232 -18.96 25.91 56.39
C GLY E 232 -20.21 25.23 56.89
N PHE E 233 -20.83 24.40 56.04
CA PHE E 233 -22.04 23.69 56.43
C PHE E 233 -21.79 22.63 57.51
N GLU E 234 -20.58 22.08 57.53
CA GLU E 234 -20.22 21.01 58.46
C GLU E 234 -20.61 21.28 59.92
N GLY E 235 -21.44 20.40 60.47
CA GLY E 235 -21.84 20.47 61.87
C GLY E 235 -22.71 21.64 62.25
N MET E 236 -23.19 22.39 61.26
CA MET E 236 -24.08 23.54 61.49
C MET E 236 -25.56 23.15 61.51
N ARG E 237 -26.35 23.93 62.25
CA ARG E 237 -27.79 23.77 62.25
C ARG E 237 -28.42 24.64 61.19
N VAL E 238 -29.23 24.02 60.34
CA VAL E 238 -29.82 24.73 59.21
C VAL E 238 -31.33 24.62 59.20
N SER E 239 -32.01 25.75 59.07
CA SER E 239 -33.44 25.71 58.83
C SER E 239 -33.77 25.97 57.37
N VAL E 240 -34.67 25.15 56.86
CA VAL E 240 -35.19 25.31 55.50
C VAL E 240 -36.70 25.54 55.57
N SER E 241 -37.19 26.49 54.79
CA SER E 241 -38.63 26.67 54.61
C SER E 241 -38.98 26.17 53.22
N GLY E 242 -40.26 25.89 53.00
CA GLY E 242 -40.66 25.26 51.77
C GLY E 242 -40.41 23.77 51.83
N SER E 243 -41.01 23.05 50.90
CA SER E 243 -40.90 21.59 50.82
C SER E 243 -41.14 21.13 49.40
N GLY E 244 -40.98 22.05 48.44
CA GLY E 244 -40.97 21.73 47.02
C GLY E 244 -39.58 21.29 46.57
N ASN E 245 -39.36 21.22 45.26
CA ASN E 245 -38.08 20.71 44.75
C ASN E 245 -36.89 21.57 45.16
N VAL E 246 -37.08 22.89 45.26
CA VAL E 246 -36.01 23.77 45.73
C VAL E 246 -35.57 23.38 47.15
N ALA E 247 -36.53 23.35 48.07
CA ALA E 247 -36.26 22.95 49.44
C ALA E 247 -35.75 21.52 49.53
N GLN E 248 -36.38 20.61 48.79
CA GLN E 248 -36.04 19.19 48.90
C GLN E 248 -34.56 18.91 48.64
N TYR E 249 -34.04 19.54 47.59
CA TYR E 249 -32.67 19.28 47.16
C TYR E 249 -31.64 20.18 47.81
N ALA E 250 -32.09 21.32 48.33
CA ALA E 250 -31.29 22.06 49.30
C ALA E 250 -31.01 21.17 50.50
N ILE E 251 -32.06 20.56 51.06
CA ILE E 251 -31.89 19.64 52.19
C ILE E 251 -30.90 18.54 51.82
N GLU E 252 -31.08 17.95 50.65
CA GLU E 252 -30.23 16.83 50.22
C GLU E 252 -28.75 17.20 50.18
N LYS E 253 -28.44 18.32 49.52
CA LYS E 253 -27.04 18.72 49.35
C LYS E 253 -26.41 19.22 50.64
N ALA E 254 -27.18 19.93 51.45
CA ALA E 254 -26.72 20.34 52.79
C ALA E 254 -26.30 19.14 53.63
N MET E 255 -27.13 18.10 53.63
CA MET E 255 -26.84 16.84 54.34
C MET E 255 -25.53 16.22 53.87
N GLU E 256 -25.26 16.29 52.57
CA GLU E 256 -23.98 15.78 52.05
C GLU E 256 -22.78 16.54 52.59
N PHE E 257 -22.99 17.81 52.92
CA PHE E 257 -21.92 18.65 53.43
C PHE E 257 -21.81 18.55 54.94
N GLY E 258 -22.60 17.67 55.54
CA GLY E 258 -22.53 17.43 56.97
C GLY E 258 -23.31 18.40 57.84
N ALA E 259 -24.28 19.10 57.27
CA ALA E 259 -25.12 19.97 58.09
C ALA E 259 -26.22 19.18 58.79
N ARG E 260 -26.76 19.76 59.85
CA ARG E 260 -27.94 19.24 60.53
C ARG E 260 -29.13 20.09 60.13
N VAL E 261 -29.92 19.56 59.20
CA VAL E 261 -31.05 20.30 58.66
C VAL E 261 -32.28 19.97 59.50
N ILE E 262 -32.78 20.95 60.22
CA ILE E 262 -33.76 20.69 61.26
C ILE E 262 -35.21 21.17 61.01
N THR E 263 -35.48 21.74 59.84
CA THR E 263 -36.85 22.16 59.51
C THR E 263 -37.19 21.98 58.04
N ALA E 264 -38.49 21.93 57.76
CA ALA E 264 -39.04 22.11 56.42
C ALA E 264 -40.46 22.62 56.64
N SER E 265 -41.08 23.18 55.60
CA SER E 265 -42.44 23.72 55.76
C SER E 265 -43.26 23.75 54.48
N ASP E 266 -44.57 23.88 54.65
CA ASP E 266 -45.46 24.23 53.56
C ASP E 266 -46.37 25.33 54.07
N SER E 267 -47.37 25.67 53.28
CA SER E 267 -48.24 26.80 53.60
C SER E 267 -49.03 26.60 54.90
N SER E 268 -49.21 25.34 55.31
CA SER E 268 -49.98 25.05 56.54
C SER E 268 -49.13 25.07 57.81
N GLY E 269 -47.84 24.76 57.71
CA GLY E 269 -46.99 24.79 58.89
C GLY E 269 -45.59 24.23 58.73
N THR E 270 -44.88 24.15 59.84
CA THR E 270 -43.47 23.77 59.85
C THR E 270 -43.20 22.47 60.61
N VAL E 271 -42.40 21.58 60.04
CA VAL E 271 -41.93 20.42 60.79
C VAL E 271 -40.56 20.69 61.39
N VAL E 272 -40.41 20.35 62.67
CA VAL E 272 -39.15 20.53 63.39
C VAL E 272 -38.57 19.17 63.76
N ASP E 273 -37.27 19.01 63.53
CA ASP E 273 -36.63 17.73 63.77
C ASP E 273 -35.21 18.01 64.20
N GLU E 274 -35.01 18.17 65.50
CA GLU E 274 -33.72 18.60 66.01
C GLU E 274 -32.62 17.56 65.82
N SER E 275 -32.99 16.31 65.54
CA SER E 275 -31.99 15.29 65.22
C SER E 275 -31.56 15.36 63.75
N GLY E 276 -32.32 16.10 62.94
CA GLY E 276 -31.91 16.40 61.57
C GLY E 276 -32.45 15.45 60.52
N PHE E 277 -32.71 15.96 59.32
CA PHE E 277 -33.04 15.11 58.17
C PHE E 277 -32.00 14.03 57.95
N THR E 278 -32.45 12.92 57.37
CA THR E 278 -31.57 11.86 56.88
C THR E 278 -32.05 11.55 55.46
N LYS E 279 -31.28 10.74 54.73
CA LYS E 279 -31.70 10.37 53.37
C LYS E 279 -33.06 9.68 53.41
N GLU E 280 -33.24 8.81 54.38
CA GLU E 280 -34.47 8.05 54.49
C GLU E 280 -35.65 9.00 54.73
N LYS E 281 -35.48 9.94 55.64
CA LYS E 281 -36.57 10.90 55.94
C LYS E 281 -36.89 11.76 54.75
N LEU E 282 -35.83 12.25 54.10
CA LEU E 282 -36.00 13.13 52.95
C LEU E 282 -36.77 12.45 51.83
N ALA E 283 -36.36 11.25 51.46
CA ALA E 283 -37.05 10.48 50.42
C ALA E 283 -38.55 10.41 50.70
N ARG E 284 -38.92 10.26 51.97
CA ARG E 284 -40.33 10.12 52.31
C ARG E 284 -41.06 11.45 52.12
N LEU E 285 -40.46 12.54 52.57
CA LEU E 285 -41.03 13.87 52.35
C LEU E 285 -41.31 14.14 50.87
N ILE E 286 -40.32 13.86 50.04
CA ILE E 286 -40.44 14.02 48.61
C ILE E 286 -41.67 13.27 48.08
N GLU E 287 -41.81 12.02 48.51
CA GLU E 287 -42.92 11.20 48.08
C GLU E 287 -44.27 11.74 48.60
N ILE E 288 -44.31 12.16 49.86
CA ILE E 288 -45.53 12.74 50.41
C ILE E 288 -45.93 13.99 49.64
N LYS E 289 -44.95 14.84 49.35
CA LYS E 289 -45.20 16.11 48.68
C LYS E 289 -45.63 15.97 47.23
N SER E 290 -45.30 14.84 46.62
CA SER E 290 -45.69 14.64 45.23
C SER E 290 -47.07 14.02 45.11
N SER E 291 -47.59 13.46 46.21
CA SER E 291 -49.00 13.03 46.24
C SER E 291 -49.91 14.26 46.20
N ARG E 292 -51.17 14.06 45.81
CA ARG E 292 -52.06 15.17 45.53
C ARG E 292 -52.20 16.14 46.71
N ASP E 293 -52.60 15.61 47.87
CA ASP E 293 -52.87 16.46 49.02
C ASP E 293 -51.79 16.32 50.10
N GLY E 294 -50.60 15.88 49.69
CA GLY E 294 -49.50 15.64 50.60
C GLY E 294 -49.07 16.87 51.38
N ARG E 295 -49.08 16.74 52.71
CA ARG E 295 -48.75 17.84 53.61
C ARG E 295 -47.53 17.54 54.46
N VAL E 296 -46.77 18.57 54.78
CA VAL E 296 -45.69 18.46 55.74
C VAL E 296 -46.22 17.93 57.09
N ALA E 297 -47.45 18.26 57.43
CA ALA E 297 -48.08 17.69 58.64
C ALA E 297 -48.08 16.14 58.65
N ASP E 298 -48.36 15.51 57.50
CA ASP E 298 -48.38 14.06 57.42
C ASP E 298 -46.98 13.50 57.54
N TYR E 299 -46.02 14.16 56.90
CA TYR E 299 -44.61 13.82 57.06
C TYR E 299 -44.25 13.78 58.55
N ALA E 300 -44.52 14.87 59.26
CA ALA E 300 -44.20 14.99 60.67
C ALA E 300 -44.75 13.83 61.52
N LYS E 301 -46.03 13.52 61.31
CA LYS E 301 -46.68 12.45 62.08
C LYS E 301 -46.00 11.13 61.82
N GLU E 302 -45.68 10.86 60.56
CA GLU E 302 -45.08 9.59 60.19
C GLU E 302 -43.79 9.33 60.95
N PHE E 303 -43.01 10.38 61.21
CA PHE E 303 -41.72 10.20 61.89
C PHE E 303 -41.72 10.62 63.35
N GLY E 304 -42.89 10.99 63.86
CA GLY E 304 -43.03 11.41 65.25
C GLY E 304 -42.31 12.70 65.53
N LEU E 305 -42.33 13.60 64.56
CA LEU E 305 -41.64 14.88 64.66
C LEU E 305 -42.57 15.98 65.13
N VAL E 306 -41.99 17.08 65.61
CA VAL E 306 -42.75 18.26 66.01
C VAL E 306 -43.43 18.91 64.80
N TYR E 307 -44.70 19.27 64.96
CA TYR E 307 -45.37 20.02 63.92
C TYR E 307 -45.92 21.33 64.46
N LEU E 308 -45.43 22.44 63.92
CA LEU E 308 -45.85 23.77 64.33
C LEU E 308 -46.86 24.31 63.32
N GLU E 309 -48.14 24.13 63.62
CA GLU E 309 -49.16 24.47 62.65
C GLU E 309 -49.30 25.97 62.55
N GLY E 310 -49.50 26.46 61.32
CA GLY E 310 -49.60 27.87 61.04
C GLY E 310 -48.38 28.72 61.35
N GLN E 311 -47.21 28.09 61.53
CA GLN E 311 -45.99 28.85 61.84
C GLN E 311 -44.86 28.62 60.84
N GLN E 312 -43.87 29.51 60.88
CA GLN E 312 -42.68 29.47 60.03
C GLN E 312 -41.51 28.85 60.80
N PRO E 313 -40.42 28.49 60.10
CA PRO E 313 -39.27 27.91 60.80
C PRO E 313 -38.39 28.91 61.56
N TRP E 314 -38.65 30.21 61.44
CA TRP E 314 -37.67 31.22 61.85
C TRP E 314 -37.48 31.46 63.36
N SER E 315 -38.34 30.89 64.19
CA SER E 315 -38.16 31.02 65.64
C SER E 315 -37.10 30.04 66.16
N VAL E 316 -36.73 29.08 65.33
CA VAL E 316 -35.74 28.08 65.72
C VAL E 316 -34.31 28.59 65.61
N PRO E 317 -33.51 28.47 66.70
CA PRO E 317 -32.11 28.90 66.65
C PRO E 317 -31.31 28.10 65.61
N VAL E 318 -30.69 28.79 64.66
CA VAL E 318 -29.90 28.12 63.63
C VAL E 318 -28.67 28.92 63.27
N ASP E 319 -27.68 28.24 62.72
CA ASP E 319 -26.50 28.91 62.20
C ASP E 319 -26.79 29.48 60.82
N ILE E 320 -27.61 28.77 60.06
CA ILE E 320 -27.86 29.11 58.66
C ILE E 320 -29.34 28.99 58.36
N ALA E 321 -29.91 30.03 57.73
CA ALA E 321 -31.30 30.01 57.31
C ALA E 321 -31.43 30.03 55.79
N LEU E 322 -32.28 29.14 55.24
CA LEU E 322 -32.45 29.02 53.79
C LEU E 322 -33.92 29.07 53.38
N PRO E 323 -34.46 30.28 53.15
CA PRO E 323 -35.85 30.39 52.71
C PRO E 323 -36.02 29.90 51.28
N CYS E 324 -36.76 28.80 51.13
CA CYS E 324 -36.94 28.20 49.83
C CYS E 324 -38.42 28.04 49.48
N ALA E 325 -39.26 28.90 50.05
CA ALA E 325 -40.71 28.80 49.82
C ALA E 325 -41.25 29.83 48.84
N THR E 326 -41.27 31.10 49.24
CA THR E 326 -41.96 32.09 48.44
C THR E 326 -41.57 33.52 48.81
N GLN E 327 -42.03 34.47 48.01
CA GLN E 327 -41.72 35.88 48.18
C GLN E 327 -42.18 36.38 49.54
N ASN E 328 -41.36 37.20 50.17
CA ASN E 328 -41.73 37.88 51.41
C ASN E 328 -42.10 36.91 52.54
N GLU E 329 -41.41 35.78 52.59
CA GLU E 329 -41.67 34.79 53.64
C GLU E 329 -40.81 35.05 54.89
N LEU E 330 -39.80 35.90 54.75
CA LEU E 330 -38.90 36.21 55.85
C LEU E 330 -38.89 37.72 56.08
N ASP E 331 -39.67 38.17 57.06
CA ASP E 331 -39.78 39.59 57.38
C ASP E 331 -38.89 40.05 58.54
N VAL E 332 -39.06 41.31 58.92
CA VAL E 332 -38.23 41.96 59.93
C VAL E 332 -38.24 41.24 61.26
N ASP E 333 -39.44 40.87 61.71
CA ASP E 333 -39.60 40.23 63.01
C ASP E 333 -38.90 38.88 63.01
N ALA E 334 -39.10 38.14 61.94
CA ALA E 334 -38.44 36.85 61.76
C ALA E 334 -36.94 37.05 61.80
N ALA E 335 -36.51 38.14 61.16
CA ALA E 335 -35.10 38.47 61.08
C ALA E 335 -34.53 38.81 62.44
N HIS E 336 -35.27 39.60 63.23
CA HIS E 336 -34.84 39.94 64.60
C HIS E 336 -34.61 38.68 65.43
N GLN E 337 -35.48 37.69 65.27
CA GLN E 337 -35.37 36.47 66.07
C GLN E 337 -34.18 35.62 65.63
N LEU E 338 -34.01 35.48 64.32
CA LEU E 338 -32.86 34.73 63.79
C LEU E 338 -31.58 35.41 64.25
N ILE E 339 -31.55 36.73 64.19
CA ILE E 339 -30.39 37.48 64.67
C ILE E 339 -30.16 37.24 66.17
N ALA E 340 -31.22 37.31 66.96
CA ALA E 340 -31.09 37.11 68.40
C ALA E 340 -30.69 35.68 68.73
N ASN E 341 -31.12 34.73 67.90
CA ASN E 341 -30.78 33.32 68.12
C ASN E 341 -29.43 32.93 67.53
N GLY E 342 -28.75 33.89 66.91
CA GLY E 342 -27.37 33.72 66.49
C GLY E 342 -27.15 33.26 65.05
N VAL E 343 -28.05 33.63 64.14
CA VAL E 343 -27.90 33.21 62.76
C VAL E 343 -26.61 33.81 62.18
N LYS E 344 -25.89 33.03 61.39
CA LYS E 344 -24.60 33.45 60.84
C LYS E 344 -24.66 33.73 59.35
N ALA E 345 -25.67 33.17 58.68
CA ALA E 345 -25.81 33.35 57.23
C ALA E 345 -27.24 33.02 56.80
N VAL E 346 -27.71 33.78 55.81
CA VAL E 346 -29.03 33.59 55.21
C VAL E 346 -28.87 33.58 53.68
N ALA E 347 -29.47 32.61 53.01
CA ALA E 347 -29.30 32.50 51.55
C ALA E 347 -30.60 32.06 50.89
N GLU E 348 -30.99 32.78 49.82
CA GLU E 348 -32.33 32.62 49.24
C GLU E 348 -32.41 31.57 48.13
N GLY E 349 -33.18 30.51 48.37
CA GLY E 349 -33.46 29.54 47.34
C GLY E 349 -34.68 29.94 46.51
N ALA E 350 -35.63 30.63 47.14
CA ALA E 350 -36.82 31.09 46.45
C ALA E 350 -36.58 32.48 45.87
N ASN E 351 -37.56 33.00 45.15
CA ASN E 351 -37.48 34.36 44.62
C ASN E 351 -37.95 35.39 45.63
N MET E 352 -37.09 36.38 45.88
CA MET E 352 -37.31 37.43 46.88
C MET E 352 -38.02 36.99 48.18
N PRO E 353 -37.48 35.97 48.87
CA PRO E 353 -38.16 35.62 50.13
C PRO E 353 -37.88 36.62 51.25
N THR E 354 -36.76 37.33 51.20
CA THR E 354 -36.41 38.24 52.28
C THR E 354 -36.83 39.67 51.95
N THR E 355 -37.61 40.29 52.84
CA THR E 355 -38.07 41.65 52.62
C THR E 355 -36.88 42.60 52.70
N ILE E 356 -37.02 43.75 52.05
CA ILE E 356 -35.93 44.72 51.98
C ILE E 356 -35.49 45.12 53.38
N GLU E 357 -36.47 45.36 54.25
CA GLU E 357 -36.20 45.69 55.64
C GLU E 357 -35.41 44.57 56.33
N ALA E 358 -35.89 43.34 56.20
CA ALA E 358 -35.24 42.19 56.81
C ALA E 358 -33.80 42.00 56.32
N THR E 359 -33.61 42.17 55.02
CA THR E 359 -32.29 42.07 54.40
C THR E 359 -31.36 43.12 54.96
N GLU E 360 -31.85 44.37 54.98
CA GLU E 360 -31.09 45.48 55.54
C GLU E 360 -30.68 45.21 56.98
N LEU E 361 -31.60 44.64 57.77
CA LEU E 361 -31.32 44.23 59.15
C LEU E 361 -30.22 43.18 59.25
N PHE E 362 -30.24 42.21 58.34
CA PHE E 362 -29.24 41.14 58.33
C PHE E 362 -27.82 41.68 58.09
N GLN E 363 -27.66 42.53 57.08
CA GLN E 363 -26.32 42.94 56.66
C GLN E 363 -25.45 43.64 57.72
N GLN E 364 -26.02 44.56 58.49
CA GLN E 364 -25.21 45.33 59.45
C GLN E 364 -25.19 44.72 60.85
N ALA E 365 -25.89 43.59 61.01
CA ALA E 365 -25.68 42.76 62.19
C ALA E 365 -24.58 41.77 61.81
N GLY E 366 -24.09 41.92 60.59
CA GLY E 366 -22.97 41.14 60.12
C GLY E 366 -23.30 39.69 59.79
N VAL E 367 -24.56 39.41 59.49
CA VAL E 367 -24.91 38.08 59.00
C VAL E 367 -24.80 38.04 57.47
N LEU E 368 -24.13 37.00 56.98
CA LEU E 368 -23.88 36.85 55.55
C LEU E 368 -25.20 36.72 54.80
N PHE E 369 -25.33 37.38 53.67
CA PHE E 369 -26.59 37.34 52.93
C PHE E 369 -26.36 37.08 51.44
N ALA E 370 -26.82 35.93 50.97
CA ALA E 370 -26.76 35.59 49.55
C ALA E 370 -28.12 35.80 48.90
N PRO E 371 -28.26 36.85 48.07
CA PRO E 371 -29.53 37.10 47.41
C PRO E 371 -29.85 36.00 46.41
N GLY E 372 -31.13 35.76 46.16
CA GLY E 372 -31.58 34.78 45.18
C GLY E 372 -31.02 35.07 43.78
N LYS E 373 -30.77 36.34 43.47
CA LYS E 373 -30.27 36.73 42.16
C LYS E 373 -29.03 35.93 41.78
N ALA E 374 -28.18 35.64 42.77
CA ALA E 374 -27.00 34.81 42.55
C ALA E 374 -27.20 33.38 43.06
N ALA E 375 -27.75 33.27 44.28
CA ALA E 375 -27.81 31.98 44.97
C ALA E 375 -28.72 30.94 44.32
N ASN E 376 -29.81 31.36 43.71
CA ASN E 376 -30.76 30.39 43.19
C ASN E 376 -30.61 30.14 41.70
N ALA E 377 -29.53 30.66 41.14
CA ALA E 377 -29.29 30.58 39.69
C ALA E 377 -28.87 29.21 39.17
N GLY E 378 -28.86 28.20 40.04
CA GLY E 378 -28.48 26.85 39.65
C GLY E 378 -29.44 26.27 38.62
N GLY E 379 -30.68 26.74 38.67
CA GLY E 379 -31.69 26.27 37.74
C GLY E 379 -31.49 26.78 36.33
N VAL E 380 -31.19 28.07 36.19
CA VAL E 380 -30.97 28.59 34.84
C VAL E 380 -29.61 28.11 34.31
N ALA E 381 -28.63 27.97 35.19
CA ALA E 381 -27.33 27.43 34.77
C ALA E 381 -27.50 26.03 34.15
N THR E 382 -28.31 25.21 34.81
CA THR E 382 -28.56 23.86 34.35
C THR E 382 -29.40 23.83 33.06
N SER E 383 -30.21 24.86 32.85
CA SER E 383 -30.92 24.99 31.59
C SER E 383 -29.88 25.20 30.48
N GLY E 384 -28.82 25.94 30.80
CA GLY E 384 -27.70 26.16 29.90
C GLY E 384 -26.97 24.87 29.62
N LEU E 385 -26.85 24.03 30.65
CA LEU E 385 -26.24 22.71 30.50
C LEU E 385 -27.14 21.79 29.67
N GLU E 386 -28.46 22.01 29.75
CA GLU E 386 -29.40 21.22 28.95
C GLU E 386 -29.19 21.52 27.47
N MET E 387 -29.07 22.80 27.15
CA MET E 387 -28.73 23.23 25.79
C MET E 387 -27.40 22.68 25.29
N ALA E 388 -26.42 22.59 26.17
CA ALA E 388 -25.08 22.14 25.77
C ALA E 388 -25.10 20.66 25.42
N GLN E 389 -25.78 19.86 26.23
CA GLN E 389 -25.93 18.44 25.95
C GLN E 389 -26.71 18.19 24.66
N ASN E 390 -27.76 18.97 24.42
CA ASN E 390 -28.54 18.81 23.18
C ASN E 390 -27.69 19.16 21.95
N ALA E 391 -26.89 20.21 22.07
CA ALA E 391 -26.01 20.65 20.99
C ALA E 391 -24.95 19.59 20.68
N ALA E 392 -24.54 18.87 21.72
CA ALA E 392 -23.50 17.85 21.60
C ALA E 392 -24.05 16.53 21.11
N ARG E 393 -25.38 16.40 21.20
CA ARG E 393 -26.10 15.18 20.78
C ARG E 393 -25.70 14.00 21.65
N LEU E 394 -25.30 14.31 22.87
CA LEU E 394 -24.92 13.29 23.86
C LEU E 394 -25.29 13.81 25.26
N GLY E 395 -25.99 12.99 26.03
CA GLY E 395 -26.38 13.37 27.37
C GLY E 395 -25.28 13.03 28.37
N TRP E 396 -25.20 13.79 29.45
CA TRP E 396 -24.17 13.55 30.48
C TRP E 396 -24.73 12.79 31.67
N LYS E 397 -23.87 12.01 32.32
CA LYS E 397 -24.22 11.35 33.57
C LYS E 397 -24.53 12.41 34.62
N ALA E 398 -25.37 12.07 35.59
CA ALA E 398 -25.78 13.04 36.60
C ALA E 398 -24.58 13.65 37.32
N GLU E 399 -23.59 12.82 37.63
CA GLU E 399 -22.38 13.25 38.31
C GLU E 399 -21.65 14.32 37.52
N LYS E 400 -21.66 14.19 36.19
CA LYS E 400 -21.05 15.18 35.33
C LYS E 400 -21.85 16.50 35.33
N VAL E 401 -23.17 16.41 35.18
CA VAL E 401 -23.99 17.63 35.24
C VAL E 401 -23.79 18.36 36.57
N ASP E 402 -23.81 17.60 37.66
CA ASP E 402 -23.67 18.15 39.01
C ASP E 402 -22.32 18.85 39.22
N ALA E 403 -21.24 18.23 38.76
CA ALA E 403 -19.89 18.80 38.92
C ALA E 403 -19.82 20.12 38.16
N ARG E 404 -20.36 20.11 36.94
CA ARG E 404 -20.46 21.27 36.08
C ARG E 404 -21.21 22.40 36.76
N LEU E 405 -22.38 22.08 37.30
CA LEU E 405 -23.17 23.04 38.06
C LEU E 405 -22.37 23.60 39.23
N HIS E 406 -21.67 22.73 39.95
CA HIS E 406 -20.89 23.16 41.11
C HIS E 406 -19.81 24.16 40.68
N HIS E 407 -19.08 23.82 39.61
CA HIS E 407 -18.05 24.71 39.10
C HIS E 407 -18.64 26.06 38.68
N ILE E 408 -19.84 26.02 38.11
CA ILE E 408 -20.55 27.25 37.73
C ILE E 408 -20.94 28.14 38.94
N MET E 409 -21.47 27.52 39.98
CA MET E 409 -21.86 28.29 41.18
C MET E 409 -20.67 28.98 41.83
N LEU E 410 -19.52 28.31 41.79
CA LEU E 410 -18.27 28.89 42.29
C LEU E 410 -17.86 30.12 41.50
N ASP E 411 -18.01 30.06 40.18
CA ASP E 411 -17.67 31.19 39.32
C ASP E 411 -18.62 32.34 39.61
N ILE E 412 -19.91 32.02 39.75
CA ILE E 412 -20.88 33.03 40.15
C ILE E 412 -20.44 33.70 41.47
N HIS E 413 -20.11 32.89 42.46
CA HIS E 413 -19.63 33.41 43.75
C HIS E 413 -18.37 34.29 43.59
N HIS E 414 -17.40 33.78 42.84
CA HIS E 414 -16.16 34.53 42.59
C HIS E 414 -16.44 35.88 41.95
N ALA E 415 -17.42 35.91 41.04
CA ALA E 415 -17.80 37.15 40.38
C ALA E 415 -18.40 38.14 41.37
N CYS E 416 -19.20 37.60 42.29
CA CYS E 416 -19.85 38.42 43.31
C CYS E 416 -18.85 39.03 44.27
N VAL E 417 -17.84 38.25 44.65
CA VAL E 417 -16.79 38.73 45.55
C VAL E 417 -15.94 39.84 44.88
N GLU E 418 -15.69 39.71 43.57
CA GLU E 418 -14.88 40.71 42.86
C GLU E 418 -15.48 42.11 42.96
N HIS E 419 -16.81 42.18 42.91
CA HIS E 419 -17.52 43.45 43.00
C HIS E 419 -18.29 43.65 44.31
N GLY E 420 -17.98 42.85 45.32
CA GLY E 420 -18.71 42.91 46.58
C GLY E 420 -18.09 43.75 47.70
N GLY E 421 -17.12 44.59 47.37
CA GLY E 421 -16.54 45.48 48.36
C GLY E 421 -15.38 44.88 49.14
N GLU E 422 -14.80 45.67 50.03
CA GLU E 422 -13.69 45.21 50.87
C GLU E 422 -14.08 45.20 52.33
N GLY E 423 -15.38 45.08 52.58
CA GLY E 423 -15.87 45.07 53.95
C GLY E 423 -15.45 43.81 54.68
N GLU E 424 -15.80 43.77 55.97
CA GLU E 424 -15.60 42.58 56.78
C GLU E 424 -16.37 41.42 56.16
N GLN E 425 -17.56 41.73 55.65
CA GLN E 425 -18.31 40.78 54.82
C GLN E 425 -18.50 41.31 53.40
N THR E 426 -18.30 40.43 52.42
CA THR E 426 -18.61 40.72 51.03
C THR E 426 -20.09 41.10 50.93
N ASN E 427 -20.38 42.18 50.21
CA ASN E 427 -21.77 42.53 49.90
C ASN E 427 -22.20 41.83 48.62
N TYR E 428 -22.88 40.71 48.76
CA TYR E 428 -23.30 39.91 47.62
C TYR E 428 -24.46 40.54 46.86
N VAL E 429 -25.25 41.37 47.53
CA VAL E 429 -26.33 42.09 46.85
C VAL E 429 -25.71 43.05 45.84
N GLN E 430 -24.64 43.70 46.25
CA GLN E 430 -23.90 44.61 45.38
C GLN E 430 -23.07 43.82 44.36
N GLY E 431 -22.33 42.84 44.85
CA GLY E 431 -21.53 41.98 43.99
C GLY E 431 -22.29 41.41 42.81
N ALA E 432 -23.42 40.78 43.09
CA ALA E 432 -24.26 40.17 42.06
C ALA E 432 -24.78 41.16 41.01
N ASN E 433 -25.26 42.31 41.46
CA ASN E 433 -25.77 43.32 40.53
C ASN E 433 -24.71 43.83 39.54
N ILE E 434 -23.52 44.14 40.05
CA ILE E 434 -22.47 44.66 39.21
C ILE E 434 -21.91 43.61 38.25
N ALA E 435 -21.66 42.41 38.77
CA ALA E 435 -21.12 41.31 37.96
C ALA E 435 -22.01 41.00 36.76
N GLY E 436 -23.30 40.81 37.00
CA GLY E 436 -24.25 40.55 35.95
C GLY E 436 -24.29 41.68 34.94
N PHE E 437 -24.10 42.91 35.43
CA PHE E 437 -24.13 44.05 34.55
C PHE E 437 -22.91 44.13 33.63
N VAL E 438 -21.72 44.01 34.23
CA VAL E 438 -20.47 44.17 33.49
C VAL E 438 -20.38 43.23 32.28
N LYS E 439 -20.90 42.03 32.44
CA LYS E 439 -20.85 41.01 31.40
C LYS E 439 -21.71 41.45 30.23
N VAL E 440 -22.96 41.80 30.52
CA VAL E 440 -23.88 42.30 29.50
C VAL E 440 -23.34 43.55 28.86
N ALA E 441 -22.86 44.47 29.68
CA ALA E 441 -22.37 45.75 29.17
C ALA E 441 -21.15 45.61 28.26
N ASP E 442 -20.17 44.78 28.64
CA ASP E 442 -18.98 44.56 27.81
C ASP E 442 -19.37 44.03 26.42
N ALA E 443 -20.28 43.06 26.40
CA ALA E 443 -20.79 42.47 25.16
C ALA E 443 -21.49 43.49 24.27
N MET E 444 -22.35 44.32 24.87
CA MET E 444 -23.06 45.36 24.14
C MET E 444 -22.11 46.36 23.48
N LEU E 445 -21.18 46.88 24.26
CA LEU E 445 -20.22 47.85 23.75
C LEU E 445 -19.47 47.28 22.56
N ALA E 446 -19.10 46.01 22.65
CA ALA E 446 -18.23 45.41 21.65
C ALA E 446 -18.90 45.20 20.30
N GLN E 447 -20.22 45.05 20.30
CA GLN E 447 -20.95 44.68 19.09
C GLN E 447 -21.57 45.89 18.38
N GLY E 448 -21.22 47.07 18.86
CA GLY E 448 -21.57 48.32 18.21
C GLY E 448 -23.03 48.73 18.28
N VAL E 449 -23.34 49.81 17.59
CA VAL E 449 -24.68 50.38 17.60
C VAL E 449 -25.64 49.52 16.78
N ILE E 450 -26.36 48.64 17.46
CA ILE E 450 -27.34 47.76 16.82
C ILE E 450 -28.64 47.73 17.62
N SER F 9 -11.64 66.95 -15.38
CA SER F 9 -12.81 66.68 -14.55
C SER F 9 -13.43 65.35 -14.96
N LEU F 10 -13.85 65.27 -16.21
CA LEU F 10 -14.32 64.00 -16.76
C LEU F 10 -13.18 62.99 -16.73
N GLU F 11 -12.03 63.38 -17.29
CA GLU F 11 -10.83 62.54 -17.28
C GLU F 11 -10.48 62.09 -15.87
N SER F 12 -10.50 63.02 -14.94
CA SER F 12 -10.19 62.72 -13.55
C SER F 12 -11.11 61.65 -12.98
N PHE F 13 -12.40 61.73 -13.31
CA PHE F 13 -13.35 60.75 -12.82
C PHE F 13 -13.11 59.38 -13.47
N LEU F 14 -12.85 59.38 -14.76
CA LEU F 14 -12.59 58.12 -15.46
C LEU F 14 -11.25 57.52 -15.02
N ASN F 15 -10.26 58.35 -14.74
CA ASN F 15 -8.99 57.86 -14.20
C ASN F 15 -9.20 57.26 -12.82
N HIS F 16 -9.97 57.95 -11.98
CA HIS F 16 -10.24 57.47 -10.63
C HIS F 16 -10.91 56.10 -10.64
N VAL F 17 -12.00 55.98 -11.40
CA VAL F 17 -12.77 54.75 -11.43
C VAL F 17 -11.97 53.58 -12.00
N GLN F 18 -11.09 53.87 -12.94
CA GLN F 18 -10.30 52.81 -13.57
C GLN F 18 -9.28 52.19 -12.63
N LYS F 19 -8.86 52.94 -11.61
CA LYS F 19 -7.93 52.42 -10.59
C LYS F 19 -8.35 51.05 -10.04
N ARG F 20 -9.65 50.87 -9.80
CA ARG F 20 -10.14 49.59 -9.27
C ARG F 20 -10.09 48.46 -10.30
N ASP F 21 -10.19 48.81 -11.58
CA ASP F 21 -10.24 47.83 -12.66
C ASP F 21 -9.27 48.17 -13.79
N PRO F 22 -7.96 48.14 -13.49
CA PRO F 22 -6.94 48.66 -14.41
C PRO F 22 -6.95 47.98 -15.78
N ASN F 23 -7.43 46.74 -15.84
CA ASN F 23 -7.32 45.94 -17.07
C ASN F 23 -8.65 45.60 -17.73
N GLN F 24 -9.75 46.03 -17.12
CA GLN F 24 -11.06 45.89 -17.74
C GLN F 24 -11.27 46.94 -18.82
N THR F 25 -10.76 46.66 -20.02
CA THR F 25 -10.82 47.62 -21.10
C THR F 25 -12.24 47.89 -21.61
N GLU F 26 -13.02 46.84 -21.86
CA GLU F 26 -14.39 47.01 -22.35
C GLU F 26 -15.25 47.80 -21.35
N PHE F 27 -15.04 47.57 -20.07
CA PHE F 27 -15.82 48.29 -19.06
C PHE F 27 -15.43 49.77 -19.04
N ALA F 28 -14.13 50.05 -19.04
CA ALA F 28 -13.65 51.43 -19.08
C ALA F 28 -14.22 52.18 -20.29
N GLN F 29 -14.32 51.48 -21.42
CA GLN F 29 -14.86 52.09 -22.63
C GLN F 29 -16.34 52.42 -22.47
N ALA F 30 -17.10 51.48 -21.93
CA ALA F 30 -18.52 51.68 -21.68
C ALA F 30 -18.76 52.89 -20.79
N VAL F 31 -18.01 52.97 -19.70
CA VAL F 31 -18.13 54.09 -18.78
C VAL F 31 -17.73 55.40 -19.47
N ARG F 32 -16.58 55.37 -20.15
CA ARG F 32 -16.09 56.51 -20.91
C ARG F 32 -17.21 57.04 -21.79
N GLU F 33 -17.78 56.14 -22.60
CA GLU F 33 -18.88 56.46 -23.50
C GLU F 33 -20.08 57.13 -22.82
N VAL F 34 -20.59 56.52 -21.76
CA VAL F 34 -21.77 57.07 -21.08
C VAL F 34 -21.48 58.43 -20.43
N MET F 35 -20.38 58.51 -19.70
CA MET F 35 -20.03 59.73 -19.00
C MET F 35 -19.78 60.91 -19.95
N THR F 36 -19.06 60.66 -21.05
CA THR F 36 -18.73 61.71 -22.02
C THR F 36 -19.99 62.44 -22.51
N THR F 37 -21.04 61.69 -22.84
CA THR F 37 -22.25 62.33 -23.31
C THR F 37 -23.11 62.86 -22.18
N LEU F 38 -22.91 62.33 -20.98
CA LEU F 38 -23.67 62.77 -19.82
C LEU F 38 -23.11 64.08 -19.28
N TRP F 39 -21.81 64.30 -19.50
CA TRP F 39 -21.11 65.40 -18.83
C TRP F 39 -21.74 66.79 -18.98
N PRO F 40 -22.15 67.19 -20.20
CA PRO F 40 -22.74 68.54 -20.28
C PRO F 40 -24.09 68.61 -19.54
N PHE F 41 -24.87 67.53 -19.62
CA PHE F 41 -26.14 67.45 -18.88
C PHE F 41 -25.93 67.65 -17.38
N LEU F 42 -24.94 66.97 -16.83
CA LEU F 42 -24.62 67.07 -15.40
C LEU F 42 -24.19 68.47 -14.96
N GLU F 43 -23.50 69.20 -15.84
CA GLU F 43 -23.10 70.57 -15.52
C GLU F 43 -24.30 71.50 -15.46
N GLN F 44 -25.32 71.19 -16.24
CA GLN F 44 -26.54 71.99 -16.26
C GLN F 44 -27.53 71.47 -15.23
N ASN F 45 -27.28 70.27 -14.70
CA ASN F 45 -28.17 69.65 -13.72
C ASN F 45 -27.40 69.01 -12.58
N PRO F 46 -26.78 69.83 -11.71
CA PRO F 46 -25.85 69.34 -10.70
C PRO F 46 -26.46 68.43 -9.64
N LYS F 47 -27.78 68.40 -9.52
CA LYS F 47 -28.40 67.56 -8.52
C LYS F 47 -28.13 66.08 -8.80
N TYR F 48 -27.89 65.76 -10.07
CA TYR F 48 -27.61 64.39 -10.50
C TYR F 48 -26.15 64.00 -10.25
N ARG F 49 -25.39 64.92 -9.69
CA ARG F 49 -24.02 64.68 -9.28
C ARG F 49 -23.96 64.58 -7.75
N GLN F 50 -25.03 64.99 -7.08
CA GLN F 50 -25.10 64.98 -5.63
C GLN F 50 -25.16 63.57 -5.05
N MET F 51 -24.76 63.45 -3.78
CA MET F 51 -24.76 62.17 -3.07
C MET F 51 -23.86 61.13 -3.75
N SER F 52 -22.72 61.58 -4.28
CA SER F 52 -21.76 60.74 -4.98
C SER F 52 -22.44 59.76 -5.93
N LEU F 53 -23.45 60.27 -6.63
CA LEU F 53 -24.32 59.46 -7.46
C LEU F 53 -23.54 58.68 -8.52
N LEU F 54 -22.60 59.35 -9.17
CA LEU F 54 -21.84 58.73 -10.25
C LEU F 54 -20.95 57.60 -9.76
N GLU F 55 -20.25 57.84 -8.64
CA GLU F 55 -19.38 56.85 -8.02
C GLU F 55 -20.15 55.58 -7.66
N ARG F 56 -21.37 55.77 -7.19
CA ARG F 56 -22.23 54.65 -6.80
C ARG F 56 -22.70 53.91 -8.05
N LEU F 57 -22.98 54.68 -9.10
CA LEU F 57 -23.57 54.13 -10.31
C LEU F 57 -22.63 53.18 -11.07
N VAL F 58 -21.34 53.50 -11.11
CA VAL F 58 -20.40 52.68 -11.88
C VAL F 58 -19.95 51.40 -11.14
N GLU F 59 -20.24 51.30 -9.85
CA GLU F 59 -19.86 50.11 -9.09
C GLU F 59 -21.06 49.18 -8.98
N PRO F 60 -20.96 47.96 -9.53
CA PRO F 60 -22.10 47.02 -9.50
C PRO F 60 -22.45 46.63 -8.07
N GLU F 61 -23.72 46.44 -7.79
CA GLU F 61 -24.18 46.10 -6.44
C GLU F 61 -23.54 44.79 -5.97
N ARG F 62 -23.52 43.81 -6.85
CA ARG F 62 -22.79 42.58 -6.55
C ARG F 62 -22.50 41.76 -7.80
N VAL F 63 -21.38 41.04 -7.75
CA VAL F 63 -21.00 40.13 -8.80
C VAL F 63 -20.75 38.77 -8.17
N ILE F 64 -21.36 37.73 -8.72
CA ILE F 64 -21.02 36.39 -8.29
C ILE F 64 -20.18 35.73 -9.36
N GLN F 65 -18.94 35.42 -9.02
CA GLN F 65 -18.11 34.57 -9.88
C GLN F 65 -18.12 33.19 -9.25
N PHE F 66 -18.33 32.17 -10.07
CA PHE F 66 -18.35 30.82 -9.55
C PHE F 66 -17.81 29.75 -10.50
N ARG F 67 -17.30 28.69 -9.88
CA ARG F 67 -16.80 27.53 -10.59
C ARG F 67 -17.97 26.72 -11.15
N VAL F 68 -17.81 26.19 -12.35
CA VAL F 68 -18.77 25.23 -12.91
C VAL F 68 -18.06 23.94 -13.31
N VAL F 69 -18.41 22.85 -12.64
CA VAL F 69 -17.80 21.55 -12.99
C VAL F 69 -18.79 20.60 -13.66
N TRP F 70 -18.38 20.03 -14.80
CA TRP F 70 -19.24 19.16 -15.59
C TRP F 70 -18.43 18.12 -16.38
N VAL F 71 -19.11 17.10 -16.87
CA VAL F 71 -18.46 16.00 -17.56
C VAL F 71 -18.78 15.99 -19.05
N ASP F 72 -17.77 15.94 -19.91
CA ASP F 72 -18.04 15.99 -21.34
C ASP F 72 -18.37 14.60 -21.91
N ASP F 73 -18.60 14.52 -23.22
CA ASP F 73 -19.03 13.27 -23.84
C ASP F 73 -17.95 12.18 -23.90
N ARG F 74 -16.70 12.56 -23.61
CA ARG F 74 -15.62 11.59 -23.52
C ARG F 74 -15.36 11.24 -22.07
N ASN F 75 -16.32 11.56 -21.20
CA ASN F 75 -16.19 11.29 -19.76
C ASN F 75 -15.01 11.98 -19.10
N GLN F 76 -14.59 13.13 -19.63
CA GLN F 76 -13.53 13.92 -19.01
C GLN F 76 -14.13 15.08 -18.22
N VAL F 77 -13.65 15.25 -16.99
CA VAL F 77 -14.16 16.33 -16.14
C VAL F 77 -13.62 17.67 -16.66
N GLN F 78 -14.51 18.64 -16.84
CA GLN F 78 -14.13 19.96 -17.33
C GLN F 78 -14.47 21.03 -16.29
N VAL F 79 -13.66 22.08 -16.24
CA VAL F 79 -13.89 23.17 -15.31
C VAL F 79 -14.04 24.49 -16.06
N ASN F 80 -15.16 25.18 -15.85
CA ASN F 80 -15.35 26.49 -16.45
C ASN F 80 -15.69 27.55 -15.42
N ARG F 81 -15.49 28.81 -15.78
CA ARG F 81 -15.87 29.90 -14.90
C ARG F 81 -17.18 30.49 -15.39
N ALA F 82 -18.04 30.88 -14.44
CA ALA F 82 -19.26 31.61 -14.76
C ALA F 82 -19.46 32.81 -13.84
N TRP F 83 -20.32 33.74 -14.25
CA TRP F 83 -20.57 34.93 -13.46
C TRP F 83 -22.04 35.30 -13.53
N ARG F 84 -22.49 36.05 -12.53
CA ARG F 84 -23.69 36.86 -12.69
C ARG F 84 -23.42 38.24 -12.11
N VAL F 85 -23.43 39.24 -12.98
CA VAL F 85 -23.22 40.60 -12.57
C VAL F 85 -24.59 41.17 -12.29
N GLN F 86 -24.83 41.48 -11.02
CA GLN F 86 -26.11 42.06 -10.64
C GLN F 86 -25.80 43.54 -10.45
N PHE F 87 -25.93 44.30 -11.52
CA PHE F 87 -25.39 45.65 -11.54
C PHE F 87 -26.25 46.62 -10.75
N SER F 88 -27.53 46.68 -11.10
CA SER F 88 -28.43 47.67 -10.50
C SER F 88 -29.82 47.10 -10.22
N SER F 89 -30.34 47.37 -9.03
CA SER F 89 -31.71 46.99 -8.69
C SER F 89 -32.53 48.24 -8.33
N ALA F 90 -32.08 49.40 -8.78
CA ALA F 90 -32.72 50.66 -8.39
C ALA F 90 -34.18 50.77 -8.88
N ILE F 91 -34.46 50.20 -10.05
CA ILE F 91 -35.78 50.31 -10.68
C ILE F 91 -36.54 48.99 -10.59
N GLY F 92 -35.81 47.90 -10.41
CA GLY F 92 -36.43 46.59 -10.28
C GLY F 92 -35.40 45.48 -10.24
N PRO F 93 -35.84 44.23 -10.40
CA PRO F 93 -34.93 43.08 -10.29
C PRO F 93 -33.85 43.14 -11.35
N TYR F 94 -32.63 42.67 -11.03
CA TYR F 94 -31.56 42.59 -12.02
C TYR F 94 -32.12 41.85 -13.24
N LYS F 95 -31.78 42.34 -14.42
CA LYS F 95 -32.38 41.79 -15.63
C LYS F 95 -31.40 41.92 -16.80
N GLY F 96 -31.22 40.82 -17.53
CA GLY F 96 -30.31 40.80 -18.66
C GLY F 96 -29.84 39.38 -18.97
N GLY F 97 -29.32 39.17 -20.18
CA GLY F 97 -29.04 37.84 -20.65
C GLY F 97 -27.80 37.16 -20.09
N MET F 98 -27.66 35.89 -20.47
CA MET F 98 -26.51 35.06 -20.12
C MET F 98 -25.80 34.82 -21.43
N ARG F 99 -24.47 34.84 -21.40
CA ARG F 99 -23.68 34.65 -22.62
C ARG F 99 -22.63 33.55 -22.45
N PHE F 100 -22.69 32.52 -23.30
CA PHE F 100 -21.71 31.45 -23.26
C PHE F 100 -20.74 31.63 -24.44
N HIS F 101 -19.54 32.13 -24.18
CA HIS F 101 -18.52 32.26 -25.24
C HIS F 101 -17.12 32.26 -24.60
N PRO F 102 -16.14 31.65 -25.27
CA PRO F 102 -14.78 31.58 -24.70
C PRO F 102 -14.15 32.95 -24.41
N SER F 103 -14.68 34.02 -25.00
CA SER F 103 -14.14 35.36 -24.80
C SER F 103 -14.72 36.06 -23.57
N VAL F 104 -15.82 35.53 -23.04
CA VAL F 104 -16.50 36.09 -21.87
C VAL F 104 -15.56 36.25 -20.68
N ASN F 105 -15.60 37.43 -20.07
CA ASN F 105 -14.87 37.70 -18.82
C ASN F 105 -15.60 38.77 -18.04
N LEU F 106 -15.08 39.14 -16.88
CA LEU F 106 -15.80 40.06 -16.01
C LEU F 106 -15.90 41.46 -16.64
N SER F 107 -14.83 41.90 -17.30
CA SER F 107 -14.85 43.19 -17.99
C SER F 107 -16.02 43.28 -18.96
N ILE F 108 -16.15 42.28 -19.82
CA ILE F 108 -17.20 42.26 -20.82
C ILE F 108 -18.59 42.20 -20.18
N LEU F 109 -18.77 41.34 -19.18
CA LEU F 109 -20.09 41.22 -18.55
C LEU F 109 -20.49 42.50 -17.83
N LYS F 110 -19.51 43.16 -17.22
CA LYS F 110 -19.75 44.43 -16.53
C LYS F 110 -20.14 45.53 -17.50
N PHE F 111 -19.43 45.58 -18.63
CA PHE F 111 -19.76 46.52 -19.68
C PHE F 111 -21.18 46.24 -20.18
N LEU F 112 -21.48 44.96 -20.41
CA LEU F 112 -22.82 44.61 -20.89
C LEU F 112 -23.89 44.83 -19.83
N GLY F 113 -23.57 44.56 -18.56
CA GLY F 113 -24.52 44.74 -17.47
C GLY F 113 -24.84 46.20 -17.21
N PHE F 114 -23.82 47.03 -17.38
CA PHE F 114 -23.92 48.48 -17.25
C PHE F 114 -24.84 48.99 -18.35
N GLU F 115 -24.66 48.50 -19.55
CA GLU F 115 -25.53 48.94 -20.64
C GLU F 115 -26.97 48.41 -20.53
N GLN F 116 -27.17 47.20 -20.01
CA GLN F 116 -28.53 46.69 -19.80
C GLN F 116 -29.28 47.52 -18.75
N THR F 117 -28.53 48.09 -17.82
CA THR F 117 -29.16 48.87 -16.76
C THR F 117 -29.91 50.05 -17.38
N PHE F 118 -29.21 50.79 -18.24
CA PHE F 118 -29.83 51.96 -18.88
C PHE F 118 -30.87 51.59 -19.94
N LYS F 119 -30.67 50.48 -20.65
CA LYS F 119 -31.66 50.07 -21.65
C LYS F 119 -33.00 49.66 -21.05
N ASN F 120 -32.97 48.83 -20.00
CA ASN F 120 -34.17 48.45 -19.27
C ASN F 120 -34.88 49.65 -18.68
N ALA F 121 -34.10 50.61 -18.17
CA ALA F 121 -34.68 51.80 -17.57
C ALA F 121 -35.48 52.53 -18.62
N LEU F 122 -34.92 52.61 -19.82
CA LEU F 122 -35.53 53.34 -20.93
C LEU F 122 -36.89 52.81 -21.30
N THR F 123 -37.08 51.50 -21.10
CA THR F 123 -38.33 50.85 -21.52
C THR F 123 -39.52 51.25 -20.68
N THR F 124 -39.28 52.05 -19.63
CA THR F 124 -40.27 52.41 -18.60
C THR F 124 -40.80 51.23 -17.77
N LEU F 125 -40.37 50.01 -18.09
CA LEU F 125 -40.80 48.84 -17.30
C LEU F 125 -39.97 48.77 -16.01
N PRO F 126 -40.50 48.09 -14.97
CA PRO F 126 -39.84 48.05 -13.66
C PRO F 126 -38.74 47.02 -13.66
N MET F 127 -37.64 47.28 -14.37
CA MET F 127 -36.57 46.28 -14.51
C MET F 127 -35.21 46.90 -14.22
N GLY F 128 -34.37 46.16 -13.48
CA GLY F 128 -33.02 46.60 -13.20
C GLY F 128 -32.04 46.20 -14.30
N GLY F 129 -30.76 46.09 -13.94
CA GLY F 129 -29.72 45.79 -14.92
C GLY F 129 -28.77 44.71 -14.43
N GLY F 130 -28.56 43.71 -15.26
CA GLY F 130 -27.70 42.60 -14.91
C GLY F 130 -27.18 41.92 -16.17
N LYS F 131 -26.25 41.00 -16.01
CA LYS F 131 -25.68 40.26 -17.14
C LYS F 131 -24.78 39.15 -16.60
N GLY F 132 -24.82 38.00 -17.25
CA GLY F 132 -24.06 36.87 -16.76
C GLY F 132 -23.58 36.02 -17.91
N GLY F 133 -22.93 34.91 -17.60
CA GLY F 133 -22.41 34.06 -18.65
C GLY F 133 -21.24 33.23 -18.16
N SER F 134 -20.47 32.71 -19.11
CA SER F 134 -19.44 31.72 -18.81
C SER F 134 -18.46 31.60 -19.99
N ASP F 135 -17.22 31.20 -19.72
CA ASP F 135 -16.24 30.99 -20.79
C ASP F 135 -16.44 29.65 -21.48
N PHE F 136 -17.42 28.88 -21.01
CA PHE F 136 -17.90 27.68 -21.70
C PHE F 136 -18.12 28.00 -23.18
N ASP F 137 -17.60 27.15 -24.05
CA ASP F 137 -17.76 27.32 -25.48
C ASP F 137 -18.74 26.29 -26.03
N PRO F 138 -19.94 26.74 -26.43
CA PRO F 138 -20.99 25.88 -26.97
C PRO F 138 -20.65 25.22 -28.33
N LYS F 139 -19.72 25.82 -29.08
CA LYS F 139 -19.37 25.30 -30.41
C LYS F 139 -18.84 23.87 -30.36
N GLY F 140 -19.46 23.00 -31.17
CA GLY F 140 -19.06 21.60 -31.24
C GLY F 140 -19.59 20.75 -30.10
N LYS F 141 -20.31 21.35 -29.14
CA LYS F 141 -20.86 20.59 -28.03
C LYS F 141 -22.17 19.90 -28.39
N SER F 142 -22.40 18.71 -27.83
CA SER F 142 -23.62 17.98 -28.05
C SER F 142 -24.73 18.54 -27.17
N GLU F 143 -25.98 18.21 -27.49
CA GLU F 143 -27.09 18.68 -26.68
C GLU F 143 -26.94 18.20 -25.24
N GLY F 144 -26.46 16.98 -25.07
CA GLY F 144 -26.23 16.45 -23.73
C GLY F 144 -25.20 17.23 -22.95
N GLU F 145 -24.12 17.62 -23.64
CA GLU F 145 -23.06 18.40 -23.00
C GLU F 145 -23.56 19.78 -22.59
N VAL F 146 -24.33 20.42 -23.47
CA VAL F 146 -24.92 21.72 -23.17
C VAL F 146 -25.90 21.63 -21.99
N MET F 147 -26.73 20.59 -22.00
CA MET F 147 -27.67 20.38 -20.91
C MET F 147 -26.97 20.17 -19.57
N ARG F 148 -25.97 19.30 -19.57
CA ARG F 148 -25.20 19.05 -18.35
C ARG F 148 -24.46 20.30 -17.89
N PHE F 149 -23.92 21.09 -18.82
CA PHE F 149 -23.30 22.34 -18.44
C PHE F 149 -24.30 23.30 -17.80
N CYS F 150 -25.43 23.50 -18.47
CA CYS F 150 -26.48 24.38 -17.96
C CYS F 150 -26.93 23.96 -16.57
N GLN F 151 -27.11 22.66 -16.37
CA GLN F 151 -27.59 22.14 -15.10
C GLN F 151 -26.55 22.32 -14.01
N ALA F 152 -25.29 22.07 -14.34
CA ALA F 152 -24.19 22.29 -13.41
C ALA F 152 -24.13 23.75 -13.00
N LEU F 153 -24.24 24.64 -13.98
CA LEU F 153 -24.19 26.07 -13.71
C LEU F 153 -25.30 26.49 -12.72
N MET F 154 -26.48 25.93 -12.89
CA MET F 154 -27.63 26.29 -12.06
C MET F 154 -27.59 25.77 -10.60
N THR F 155 -26.91 24.65 -10.38
CA THR F 155 -26.79 24.12 -9.01
C THR F 155 -26.11 25.13 -8.11
N GLU F 156 -25.39 26.08 -8.69
CA GLU F 156 -24.90 27.24 -7.94
C GLU F 156 -25.78 28.47 -8.16
N LEU F 157 -26.09 28.77 -9.42
CA LEU F 157 -26.77 30.03 -9.72
C LEU F 157 -28.19 30.14 -9.18
N TYR F 158 -28.91 29.02 -9.02
CA TYR F 158 -30.31 29.08 -8.62
C TYR F 158 -30.55 29.89 -7.33
N ARG F 159 -29.63 29.76 -6.38
CA ARG F 159 -29.76 30.46 -5.09
C ARG F 159 -29.69 31.98 -5.24
N HIS F 160 -29.13 32.50 -6.33
CA HIS F 160 -28.95 33.95 -6.46
C HIS F 160 -30.04 34.62 -7.28
N LEU F 161 -30.98 33.84 -7.80
CA LEU F 161 -32.00 34.38 -8.71
C LEU F 161 -33.38 34.35 -8.06
N GLY F 162 -34.35 34.91 -8.74
CA GLY F 162 -35.72 34.93 -8.20
C GLY F 162 -36.61 35.88 -8.98
N ALA F 163 -37.92 35.60 -9.01
CA ALA F 163 -38.87 36.39 -9.78
C ALA F 163 -38.84 37.88 -9.46
N ASP F 164 -38.43 38.21 -8.25
CA ASP F 164 -38.36 39.62 -7.84
C ASP F 164 -36.94 39.99 -7.44
N THR F 165 -35.97 39.23 -7.93
CA THR F 165 -34.58 39.40 -7.52
C THR F 165 -33.66 39.57 -8.72
N ASP F 166 -33.70 38.58 -9.62
CA ASP F 166 -32.88 38.60 -10.85
C ASP F 166 -33.49 37.62 -11.83
N VAL F 167 -33.90 38.12 -12.98
CA VAL F 167 -34.50 37.32 -14.04
C VAL F 167 -33.61 37.40 -15.29
N PRO F 168 -32.79 36.35 -15.53
CA PRO F 168 -31.92 36.37 -16.69
C PRO F 168 -32.66 36.05 -18.00
N ALA F 169 -31.91 35.85 -19.08
CA ALA F 169 -32.48 35.66 -20.41
C ALA F 169 -31.39 35.16 -21.33
N GLY F 170 -31.69 35.03 -22.62
CA GLY F 170 -30.71 34.54 -23.59
C GLY F 170 -29.73 35.60 -24.05
N ASP F 171 -28.82 35.19 -24.94
CA ASP F 171 -27.79 36.05 -25.52
C ASP F 171 -26.91 35.14 -26.38
N ILE F 172 -25.77 35.67 -26.84
CA ILE F 172 -24.86 34.88 -27.65
C ILE F 172 -24.53 33.53 -27.00
N GLY F 173 -24.83 32.44 -27.69
CA GLY F 173 -24.54 31.10 -27.20
C GLY F 173 -25.57 30.59 -26.19
N VAL F 174 -26.57 31.40 -25.91
CA VAL F 174 -27.67 31.01 -25.03
C VAL F 174 -28.98 31.29 -25.75
N GLY F 175 -29.46 30.31 -26.52
CA GLY F 175 -30.72 30.47 -27.23
C GLY F 175 -31.86 29.86 -26.42
N GLY F 176 -33.00 29.62 -27.07
CA GLY F 176 -34.17 29.05 -26.42
C GLY F 176 -33.92 27.73 -25.72
N ARG F 177 -33.19 26.84 -26.39
CA ARG F 177 -32.81 25.56 -25.82
C ARG F 177 -32.15 25.73 -24.46
N GLU F 178 -31.13 26.59 -24.39
CA GLU F 178 -30.40 26.82 -23.14
C GLU F 178 -31.28 27.48 -22.08
N VAL F 179 -32.12 28.43 -22.48
CA VAL F 179 -33.01 29.06 -21.50
C VAL F 179 -33.92 28.00 -20.89
N GLY F 180 -34.44 27.12 -21.73
CA GLY F 180 -35.27 26.02 -21.26
C GLY F 180 -34.56 25.11 -20.28
N PHE F 181 -33.29 24.79 -20.55
CA PHE F 181 -32.49 23.95 -19.66
C PHE F 181 -32.27 24.62 -18.29
N MET F 182 -31.89 25.89 -18.32
CA MET F 182 -31.65 26.63 -17.08
C MET F 182 -32.93 26.88 -16.26
N ALA F 183 -34.03 27.20 -16.93
CA ALA F 183 -35.31 27.40 -16.22
C ALA F 183 -35.83 26.10 -15.62
N GLY F 184 -35.69 25.01 -16.36
CA GLY F 184 -36.03 23.69 -15.86
C GLY F 184 -35.32 23.39 -14.56
N MET F 185 -34.00 23.57 -14.53
CA MET F 185 -33.23 23.27 -13.31
C MET F 185 -33.56 24.25 -12.17
N MET F 186 -33.76 25.51 -12.51
CA MET F 186 -34.19 26.51 -11.53
C MET F 186 -35.49 26.08 -10.86
N LYS F 187 -36.44 25.61 -11.66
CA LYS F 187 -37.75 25.21 -11.16
C LYS F 187 -37.64 23.97 -10.28
N LYS F 188 -36.83 23.00 -10.74
CA LYS F 188 -36.59 21.78 -10.00
C LYS F 188 -35.99 22.05 -8.63
N LEU F 189 -34.91 22.82 -8.62
CA LEU F 189 -34.16 23.05 -7.38
C LEU F 189 -34.97 23.87 -6.38
N SER F 190 -35.66 24.89 -6.89
CA SER F 190 -36.44 25.81 -6.06
C SER F 190 -37.83 25.30 -5.67
N ASN F 191 -38.31 24.28 -6.39
CA ASN F 191 -39.70 23.82 -6.26
C ASN F 191 -40.65 25.03 -6.37
N ASN F 192 -40.33 25.91 -7.32
CA ASN F 192 -41.04 27.17 -7.53
C ASN F 192 -41.13 27.48 -9.02
N THR F 193 -42.34 27.76 -9.50
CA THR F 193 -42.58 27.88 -10.93
C THR F 193 -42.64 29.32 -11.42
N ALA F 194 -42.35 30.29 -10.56
CA ALA F 194 -42.42 31.71 -10.93
C ALA F 194 -41.46 32.06 -12.07
N CYS F 195 -41.71 33.20 -12.71
CA CYS F 195 -40.90 33.60 -13.85
C CYS F 195 -39.49 34.03 -13.44
N VAL F 196 -38.53 33.15 -13.67
CA VAL F 196 -37.14 33.50 -13.32
C VAL F 196 -36.30 33.72 -14.59
N PHE F 197 -36.76 33.17 -15.73
CA PHE F 197 -36.10 33.44 -17.02
C PHE F 197 -37.11 33.98 -18.05
N THR F 198 -36.66 34.92 -18.88
CA THR F 198 -37.47 35.29 -20.05
C THR F 198 -36.87 34.64 -21.30
N GLY F 199 -37.59 34.73 -22.42
CA GLY F 199 -37.22 34.00 -23.63
C GLY F 199 -37.67 32.55 -23.55
N LYS F 200 -38.66 32.28 -22.70
CA LYS F 200 -39.19 30.92 -22.55
C LYS F 200 -40.01 30.51 -23.78
N GLY F 201 -40.10 29.21 -24.05
CA GLY F 201 -40.93 28.73 -25.14
C GLY F 201 -42.41 28.88 -24.77
N LEU F 202 -43.29 28.81 -25.75
CA LEU F 202 -44.72 29.00 -25.48
C LEU F 202 -45.32 27.92 -24.58
N SER F 203 -44.73 26.72 -24.58
CA SER F 203 -45.26 25.60 -23.81
C SER F 203 -45.11 25.80 -22.31
N PHE F 204 -44.20 26.68 -21.92
CA PHE F 204 -43.93 26.89 -20.50
C PHE F 204 -43.78 28.35 -20.09
N GLY F 205 -44.65 29.20 -20.64
CA GLY F 205 -44.81 30.55 -20.15
C GLY F 205 -44.20 31.63 -21.01
N GLY F 206 -43.72 31.27 -22.20
CA GLY F 206 -43.20 32.25 -23.14
C GLY F 206 -44.24 33.21 -23.68
N SER F 207 -43.78 34.28 -24.32
CA SER F 207 -44.70 35.30 -24.83
C SER F 207 -44.80 35.34 -26.36
N LEU F 208 -46.02 35.48 -26.86
CA LEU F 208 -46.21 35.85 -28.26
C LEU F 208 -45.47 37.15 -28.54
N ILE F 209 -45.12 37.34 -29.82
CA ILE F 209 -44.41 38.53 -30.30
C ILE F 209 -42.93 38.54 -29.88
N ARG F 210 -42.51 37.58 -29.05
CA ARG F 210 -41.07 37.51 -28.73
C ARG F 210 -40.20 37.45 -29.99
N PRO F 211 -40.51 36.54 -30.94
CA PRO F 211 -39.61 36.52 -32.11
C PRO F 211 -39.60 37.84 -32.89
N GLU F 212 -40.76 38.49 -32.98
CA GLU F 212 -40.90 39.69 -33.81
C GLU F 212 -40.49 40.98 -33.09
N ALA F 213 -40.25 40.90 -31.79
CA ALA F 213 -40.21 42.09 -30.96
C ALA F 213 -39.15 43.11 -31.35
N THR F 214 -37.93 42.66 -31.60
CA THR F 214 -36.85 43.59 -31.90
C THR F 214 -37.05 44.31 -33.24
N GLY F 215 -37.33 43.53 -34.30
CA GLY F 215 -37.62 44.07 -35.62
C GLY F 215 -38.84 44.99 -35.66
N TYR F 216 -39.93 44.54 -35.05
CA TYR F 216 -41.14 45.36 -34.96
C TYR F 216 -40.81 46.67 -34.24
N GLY F 217 -40.06 46.55 -33.14
CA GLY F 217 -39.72 47.69 -32.31
C GLY F 217 -38.88 48.70 -33.07
N LEU F 218 -37.90 48.20 -33.82
CA LEU F 218 -37.05 49.04 -34.66
C LEU F 218 -37.88 49.89 -35.62
N VAL F 219 -38.85 49.27 -36.26
CA VAL F 219 -39.67 49.97 -37.23
C VAL F 219 -40.57 50.99 -36.51
N TYR F 220 -41.15 50.60 -35.38
CA TYR F 220 -42.02 51.53 -34.62
C TYR F 220 -41.26 52.78 -34.20
N PHE F 221 -40.08 52.57 -33.60
CA PHE F 221 -39.23 53.69 -33.19
C PHE F 221 -38.83 54.53 -34.39
N THR F 222 -38.34 53.87 -35.42
CA THR F 222 -37.84 54.59 -36.58
C THR F 222 -38.94 55.44 -37.20
N GLU F 223 -40.15 54.89 -37.27
CA GLU F 223 -41.26 55.61 -37.86
C GLU F 223 -41.59 56.84 -37.01
N ALA F 224 -41.55 56.68 -35.70
CA ALA F 224 -41.76 57.81 -34.80
C ALA F 224 -40.68 58.86 -35.04
N MET F 225 -39.44 58.41 -35.23
CA MET F 225 -38.33 59.33 -35.49
C MET F 225 -38.52 60.10 -36.79
N LEU F 226 -38.94 59.39 -37.83
CA LEU F 226 -39.14 59.97 -39.15
C LEU F 226 -40.26 61.01 -39.10
N LYS F 227 -41.37 60.63 -38.46
CA LYS F 227 -42.54 61.50 -38.35
C LYS F 227 -42.23 62.82 -37.65
N ARG F 228 -41.40 62.76 -36.62
CA ARG F 228 -40.99 63.98 -35.93
C ARG F 228 -40.30 64.93 -36.90
N HIS F 229 -39.47 64.36 -37.77
CA HIS F 229 -38.69 65.15 -38.70
C HIS F 229 -39.34 65.25 -40.06
N GLY F 230 -40.66 65.09 -40.09
CA GLY F 230 -41.46 65.39 -41.27
C GLY F 230 -41.54 64.31 -42.32
N MET F 231 -41.16 63.09 -41.95
CA MET F 231 -41.12 61.97 -42.91
C MET F 231 -41.88 60.73 -42.41
N GLY F 232 -41.80 59.65 -43.19
CA GLY F 232 -42.42 58.39 -42.80
C GLY F 232 -41.86 57.27 -43.65
N PHE F 233 -42.11 56.02 -43.27
CA PHE F 233 -41.67 54.87 -44.06
C PHE F 233 -42.36 54.78 -45.43
N GLU F 234 -43.53 55.40 -45.54
CA GLU F 234 -44.36 55.28 -46.72
C GLU F 234 -43.61 55.69 -47.99
N GLY F 235 -43.50 54.77 -48.94
CA GLY F 235 -42.91 55.06 -50.23
C GLY F 235 -41.39 55.02 -50.24
N MET F 236 -40.79 54.83 -49.07
CA MET F 236 -39.33 54.89 -48.95
C MET F 236 -38.61 53.60 -49.34
N ARG F 237 -37.49 53.74 -50.05
CA ARG F 237 -36.60 52.61 -50.28
C ARG F 237 -35.79 52.33 -49.02
N VAL F 238 -35.89 51.11 -48.51
CA VAL F 238 -35.19 50.72 -47.30
C VAL F 238 -34.28 49.52 -47.53
N SER F 239 -33.02 49.61 -47.12
CA SER F 239 -32.16 48.44 -47.17
C SER F 239 -32.02 47.81 -45.77
N VAL F 240 -32.10 46.47 -45.73
CA VAL F 240 -31.92 45.71 -44.50
C VAL F 240 -30.75 44.72 -44.65
N SER F 241 -29.85 44.68 -43.67
CA SER F 241 -28.85 43.61 -43.60
C SER F 241 -29.28 42.58 -42.56
N GLY F 242 -28.76 41.36 -42.68
CA GLY F 242 -29.21 40.29 -41.82
C GLY F 242 -30.41 39.60 -42.43
N SER F 243 -30.76 38.44 -41.86
CA SER F 243 -31.88 37.66 -42.36
C SER F 243 -32.32 36.70 -41.27
N GLY F 244 -32.00 37.05 -40.02
CA GLY F 244 -32.53 36.34 -38.86
C GLY F 244 -33.80 37.02 -38.35
N ASN F 245 -34.24 36.69 -37.14
CA ASN F 245 -35.53 37.21 -36.68
C ASN F 245 -35.61 38.74 -36.65
N VAL F 246 -34.51 39.40 -36.31
CA VAL F 246 -34.52 40.85 -36.25
C VAL F 246 -34.79 41.46 -37.63
N ALA F 247 -33.94 41.12 -38.59
CA ALA F 247 -34.12 41.58 -39.96
C ALA F 247 -35.48 41.16 -40.53
N GLN F 248 -35.83 39.89 -40.40
CA GLN F 248 -37.10 39.40 -40.93
C GLN F 248 -38.31 40.24 -40.52
N TYR F 249 -38.42 40.54 -39.23
CA TYR F 249 -39.66 41.17 -38.78
C TYR F 249 -39.64 42.69 -38.87
N ALA F 250 -38.44 43.24 -38.99
CA ALA F 250 -38.27 44.62 -39.42
C ALA F 250 -38.84 44.76 -40.84
N ILE F 251 -38.46 43.85 -41.74
CA ILE F 251 -39.00 43.89 -43.10
C ILE F 251 -40.52 43.80 -43.04
N GLU F 252 -41.03 42.84 -42.27
CA GLU F 252 -42.47 42.65 -42.17
C GLU F 252 -43.21 43.92 -41.75
N LYS F 253 -42.67 44.58 -40.73
CA LYS F 253 -43.32 45.80 -40.24
C LYS F 253 -43.07 46.96 -41.19
N ALA F 254 -41.86 47.10 -41.71
CA ALA F 254 -41.61 48.20 -42.66
C ALA F 254 -42.57 48.09 -43.83
N MET F 255 -42.80 46.87 -44.28
CA MET F 255 -43.73 46.62 -45.38
C MET F 255 -45.13 47.10 -45.06
N GLU F 256 -45.55 46.89 -43.81
CA GLU F 256 -46.88 47.34 -43.38
C GLU F 256 -46.99 48.85 -43.36
N PHE F 257 -45.88 49.54 -43.13
CA PHE F 257 -45.87 51.01 -43.15
C PHE F 257 -45.77 51.58 -44.57
N GLY F 258 -45.79 50.69 -45.56
CA GLY F 258 -45.84 51.11 -46.94
C GLY F 258 -44.46 51.33 -47.53
N ALA F 259 -43.47 50.71 -46.93
CA ALA F 259 -42.10 50.87 -47.39
C ALA F 259 -41.75 49.90 -48.50
N ARG F 260 -40.84 50.31 -49.37
CA ARG F 260 -40.27 49.42 -50.37
C ARG F 260 -38.93 48.90 -49.85
N VAL F 261 -38.96 47.69 -49.32
CA VAL F 261 -37.77 47.09 -48.72
C VAL F 261 -37.07 46.27 -49.79
N ILE F 262 -35.83 46.65 -50.11
CA ILE F 262 -35.19 46.12 -51.30
C ILE F 262 -34.01 45.17 -51.09
N THR F 263 -33.61 44.94 -49.83
CA THR F 263 -32.50 44.01 -49.56
C THR F 263 -32.67 43.20 -48.27
N ALA F 264 -31.96 42.07 -48.22
CA ALA F 264 -31.69 41.32 -47.00
C ALA F 264 -30.37 40.58 -47.24
N SER F 265 -29.70 40.13 -46.18
CA SER F 265 -28.39 39.50 -46.38
C SER F 265 -28.05 38.48 -45.31
N ASP F 266 -27.05 37.65 -45.60
CA ASP F 266 -26.40 36.84 -44.57
C ASP F 266 -24.89 36.96 -44.72
N SER F 267 -24.14 36.13 -44.01
CA SER F 267 -22.69 36.21 -44.06
C SER F 267 -22.13 35.90 -45.46
N SER F 268 -22.95 35.29 -46.33
CA SER F 268 -22.46 34.93 -47.66
C SER F 268 -22.72 35.96 -48.75
N GLY F 269 -23.74 36.79 -48.56
CA GLY F 269 -24.05 37.78 -49.57
C GLY F 269 -25.35 38.51 -49.34
N THR F 270 -25.73 39.35 -50.30
CA THR F 270 -26.91 40.20 -50.20
C THR F 270 -27.87 39.96 -51.35
N VAL F 271 -29.17 39.81 -51.04
CA VAL F 271 -30.16 39.77 -52.11
C VAL F 271 -30.72 41.18 -52.36
N VAL F 272 -30.91 41.51 -53.62
CA VAL F 272 -31.38 42.83 -54.03
C VAL F 272 -32.66 42.68 -54.84
N ASP F 273 -33.67 43.43 -54.46
CA ASP F 273 -34.98 43.32 -55.09
C ASP F 273 -35.57 44.70 -55.16
N GLU F 274 -35.37 45.38 -56.28
CA GLU F 274 -35.79 46.78 -56.35
C GLU F 274 -37.31 46.94 -56.42
N SER F 275 -38.01 45.84 -56.68
CA SER F 275 -39.48 45.89 -56.69
C SER F 275 -40.05 45.80 -55.28
N GLY F 276 -39.23 45.34 -54.34
CA GLY F 276 -39.63 45.32 -52.95
C GLY F 276 -40.09 43.96 -52.45
N PHE F 277 -39.81 43.69 -51.19
CA PHE F 277 -40.33 42.49 -50.53
C PHE F 277 -41.85 42.52 -50.56
N THR F 278 -42.46 41.35 -50.62
CA THR F 278 -43.91 41.20 -50.49
C THR F 278 -44.14 40.23 -49.34
N LYS F 279 -45.39 40.03 -48.93
CA LYS F 279 -45.66 39.11 -47.81
C LYS F 279 -45.21 37.70 -48.13
N GLU F 280 -45.46 37.29 -49.36
CA GLU F 280 -45.19 35.94 -49.81
C GLU F 280 -43.68 35.71 -49.95
N LYS F 281 -42.96 36.71 -50.42
CA LYS F 281 -41.51 36.62 -50.50
C LYS F 281 -40.88 36.47 -49.11
N LEU F 282 -41.19 37.42 -48.22
CA LEU F 282 -40.65 37.36 -46.87
C LEU F 282 -40.98 36.00 -46.23
N ALA F 283 -42.21 35.54 -46.40
CA ALA F 283 -42.64 34.29 -45.78
C ALA F 283 -41.76 33.13 -46.23
N ARG F 284 -41.43 33.11 -47.52
CA ARG F 284 -40.51 32.10 -48.07
C ARG F 284 -39.08 32.26 -47.53
N LEU F 285 -38.64 33.50 -47.36
CA LEU F 285 -37.31 33.75 -46.81
C LEU F 285 -37.22 33.20 -45.38
N ILE F 286 -38.29 33.40 -44.62
CA ILE F 286 -38.35 32.91 -43.25
C ILE F 286 -38.24 31.39 -43.21
N GLU F 287 -38.98 30.71 -44.10
CA GLU F 287 -38.94 29.25 -44.18
C GLU F 287 -37.52 28.76 -44.49
N ILE F 288 -36.89 29.40 -45.47
CA ILE F 288 -35.54 29.07 -45.88
C ILE F 288 -34.50 29.26 -44.77
N LYS F 289 -34.58 30.40 -44.09
CA LYS F 289 -33.64 30.72 -43.03
C LYS F 289 -33.79 29.84 -41.79
N SER F 290 -34.96 29.24 -41.63
CA SER F 290 -35.22 28.45 -40.44
C SER F 290 -34.60 27.05 -40.55
N SER F 291 -34.18 26.69 -41.76
CA SER F 291 -33.44 25.44 -41.95
C SER F 291 -31.99 25.65 -41.55
N ARG F 292 -31.31 24.57 -41.21
CA ARG F 292 -29.93 24.63 -40.72
C ARG F 292 -28.97 25.31 -41.71
N ASP F 293 -29.14 25.02 -43.01
CA ASP F 293 -28.21 25.48 -44.04
C ASP F 293 -28.81 26.41 -45.08
N GLY F 294 -30.03 26.89 -44.85
CA GLY F 294 -30.68 27.79 -45.79
C GLY F 294 -29.89 29.08 -45.93
N ARG F 295 -29.70 29.54 -47.17
CA ARG F 295 -28.94 30.75 -47.44
C ARG F 295 -29.78 31.76 -48.23
N VAL F 296 -29.43 33.04 -48.07
CA VAL F 296 -30.00 34.11 -48.88
C VAL F 296 -29.85 33.83 -50.38
N ALA F 297 -28.77 33.13 -50.74
CA ALA F 297 -28.53 32.77 -52.14
C ALA F 297 -29.65 31.89 -52.71
N ASP F 298 -30.16 30.99 -51.87
CA ASP F 298 -31.25 30.10 -52.24
C ASP F 298 -32.53 30.91 -52.48
N TYR F 299 -32.84 31.76 -51.52
CA TYR F 299 -33.96 32.68 -51.66
C TYR F 299 -33.88 33.48 -52.98
N ALA F 300 -32.74 34.12 -53.23
CA ALA F 300 -32.52 34.89 -54.45
C ALA F 300 -32.78 34.07 -55.71
N LYS F 301 -32.23 32.87 -55.76
CA LYS F 301 -32.48 31.94 -56.86
C LYS F 301 -33.95 31.63 -57.03
N GLU F 302 -34.63 31.29 -55.94
CA GLU F 302 -36.02 30.89 -56.07
C GLU F 302 -36.85 31.96 -56.74
N PHE F 303 -36.53 33.22 -56.47
CA PHE F 303 -37.33 34.32 -56.98
C PHE F 303 -36.68 35.09 -58.12
N GLY F 304 -35.58 34.57 -58.66
CA GLY F 304 -34.94 35.19 -59.81
C GLY F 304 -34.36 36.55 -59.49
N LEU F 305 -33.85 36.70 -58.27
CA LEU F 305 -33.44 38.01 -57.77
C LEU F 305 -31.94 38.17 -57.83
N VAL F 306 -31.51 39.42 -57.98
CA VAL F 306 -30.09 39.75 -57.98
C VAL F 306 -29.45 39.37 -56.65
N TYR F 307 -28.28 38.74 -56.73
CA TYR F 307 -27.54 38.31 -55.55
C TYR F 307 -26.08 38.75 -55.65
N LEU F 308 -25.62 39.46 -54.62
CA LEU F 308 -24.27 39.98 -54.57
C LEU F 308 -23.41 39.15 -53.64
N GLU F 309 -22.72 38.15 -54.18
CA GLU F 309 -21.93 37.24 -53.37
C GLU F 309 -20.81 38.00 -52.64
N GLY F 310 -20.76 37.85 -51.32
CA GLY F 310 -19.71 38.44 -50.50
C GLY F 310 -19.81 39.94 -50.27
N GLN F 311 -20.95 40.53 -50.65
CA GLN F 311 -21.15 41.97 -50.51
C GLN F 311 -22.23 42.28 -49.48
N GLN F 312 -22.13 43.47 -48.88
CA GLN F 312 -23.14 43.99 -47.97
C GLN F 312 -24.15 44.80 -48.79
N PRO F 313 -25.24 45.26 -48.16
CA PRO F 313 -26.24 46.04 -48.92
C PRO F 313 -25.90 47.53 -49.12
N TRP F 314 -24.87 48.04 -48.47
CA TRP F 314 -24.75 49.50 -48.26
C TRP F 314 -24.39 50.39 -49.47
N SER F 315 -24.01 49.79 -50.59
CA SER F 315 -23.77 50.61 -51.79
C SER F 315 -25.05 50.87 -52.58
N VAL F 316 -26.16 50.25 -52.17
CA VAL F 316 -27.44 50.57 -52.80
C VAL F 316 -28.01 51.88 -52.26
N PRO F 317 -28.36 52.80 -53.17
CA PRO F 317 -29.03 54.04 -52.80
C PRO F 317 -30.39 53.76 -52.18
N VAL F 318 -30.60 54.23 -50.95
CA VAL F 318 -31.85 54.04 -50.24
C VAL F 318 -32.15 55.30 -49.45
N ASP F 319 -33.35 55.39 -48.88
CA ASP F 319 -33.75 56.52 -48.06
C ASP F 319 -33.51 56.19 -46.59
N ILE F 320 -33.49 54.89 -46.27
CA ILE F 320 -33.33 54.42 -44.89
C ILE F 320 -32.51 53.13 -44.90
N ALA F 321 -31.53 53.04 -44.01
CA ALA F 321 -30.75 51.81 -43.84
C ALA F 321 -31.00 51.19 -42.47
N LEU F 322 -31.28 49.90 -42.44
CA LEU F 322 -31.55 49.21 -41.17
C LEU F 322 -30.58 48.05 -40.97
N PRO F 323 -29.44 48.31 -40.32
CA PRO F 323 -28.51 47.20 -40.09
C PRO F 323 -29.07 46.28 -39.01
N CYS F 324 -29.33 45.03 -39.36
CA CYS F 324 -29.90 44.06 -38.42
C CYS F 324 -29.10 42.75 -38.42
N ALA F 325 -27.83 42.83 -38.81
CA ALA F 325 -27.01 41.63 -38.90
C ALA F 325 -26.11 41.44 -37.67
N THR F 326 -25.12 42.31 -37.51
CA THR F 326 -24.12 42.09 -36.46
C THR F 326 -23.30 43.35 -36.12
N GLN F 327 -22.54 43.26 -35.03
CA GLN F 327 -21.70 44.35 -34.56
C GLN F 327 -20.68 44.79 -35.61
N ASN F 328 -20.54 46.10 -35.77
CA ASN F 328 -19.56 46.73 -36.65
C ASN F 328 -19.71 46.43 -38.14
N GLU F 329 -20.93 46.09 -38.55
CA GLU F 329 -21.22 45.75 -39.94
C GLU F 329 -21.37 46.97 -40.84
N LEU F 330 -21.47 48.15 -40.23
CA LEU F 330 -21.69 49.35 -41.02
C LEU F 330 -20.55 50.32 -40.72
N ASP F 331 -19.61 50.39 -41.64
CA ASP F 331 -18.39 51.11 -41.38
C ASP F 331 -18.26 52.41 -42.19
N VAL F 332 -17.16 53.12 -41.97
CA VAL F 332 -16.82 54.37 -42.65
C VAL F 332 -17.06 54.36 -44.17
N ASP F 333 -16.45 53.39 -44.85
CA ASP F 333 -16.60 53.27 -46.30
C ASP F 333 -18.08 53.14 -46.67
N ALA F 334 -18.76 52.21 -46.01
CA ALA F 334 -20.19 52.02 -46.21
C ALA F 334 -20.97 53.31 -45.98
N ALA F 335 -20.70 54.00 -44.88
CA ALA F 335 -21.34 55.28 -44.59
C ALA F 335 -21.14 56.34 -45.69
N HIS F 336 -19.91 56.47 -46.21
CA HIS F 336 -19.66 57.41 -47.31
C HIS F 336 -20.61 57.17 -48.48
N GLN F 337 -20.84 55.90 -48.79
CA GLN F 337 -21.68 55.52 -49.91
C GLN F 337 -23.14 55.90 -49.66
N LEU F 338 -23.67 55.42 -48.52
CA LEU F 338 -25.02 55.74 -48.09
C LEU F 338 -25.29 57.24 -48.07
N ILE F 339 -24.35 57.98 -47.48
CA ILE F 339 -24.50 59.43 -47.32
C ILE F 339 -24.53 60.12 -48.69
N ALA F 340 -23.59 59.75 -49.55
CA ALA F 340 -23.50 60.34 -50.89
C ALA F 340 -24.70 59.96 -51.76
N ASN F 341 -25.31 58.81 -51.47
CA ASN F 341 -26.50 58.36 -52.20
C ASN F 341 -27.80 58.94 -51.63
N GLY F 342 -27.69 59.71 -50.55
CA GLY F 342 -28.82 60.48 -50.03
C GLY F 342 -29.65 59.79 -48.96
N VAL F 343 -29.01 58.99 -48.13
CA VAL F 343 -29.72 58.32 -47.05
C VAL F 343 -30.28 59.36 -46.10
N LYS F 344 -31.52 59.15 -45.67
CA LYS F 344 -32.16 60.09 -44.78
C LYS F 344 -32.08 59.65 -43.32
N ALA F 345 -32.15 58.34 -43.09
CA ALA F 345 -32.14 57.81 -41.73
C ALA F 345 -31.43 56.47 -41.64
N VAL F 346 -30.80 56.25 -40.49
CA VAL F 346 -30.18 54.97 -40.15
C VAL F 346 -30.67 54.57 -38.76
N ALA F 347 -31.07 53.31 -38.60
CA ALA F 347 -31.60 52.85 -37.32
C ALA F 347 -31.10 51.43 -37.05
N GLU F 348 -30.62 51.20 -35.83
CA GLU F 348 -29.93 49.94 -35.54
C GLU F 348 -30.85 48.86 -34.99
N GLY F 349 -30.90 47.72 -35.70
CA GLY F 349 -31.64 46.55 -35.27
C GLY F 349 -30.71 45.60 -34.53
N ALA F 350 -29.51 45.43 -35.06
CA ALA F 350 -28.50 44.61 -34.37
C ALA F 350 -27.91 45.36 -33.18
N ASN F 351 -27.06 44.69 -32.41
CA ASN F 351 -26.31 45.34 -31.35
C ASN F 351 -25.06 46.02 -31.91
N MET F 352 -24.93 47.32 -31.66
CA MET F 352 -23.88 48.18 -32.22
C MET F 352 -23.33 47.87 -33.63
N PRO F 353 -24.22 47.79 -34.64
CA PRO F 353 -23.71 47.55 -35.99
C PRO F 353 -22.91 48.72 -36.56
N THR F 354 -23.21 49.94 -36.14
CA THR F 354 -22.51 51.09 -36.70
C THR F 354 -21.27 51.44 -35.88
N THR F 355 -20.11 51.44 -36.53
CA THR F 355 -18.87 51.86 -35.88
C THR F 355 -19.01 53.31 -35.45
N ILE F 356 -18.22 53.71 -34.45
CA ILE F 356 -18.30 55.07 -33.92
C ILE F 356 -17.92 56.11 -34.98
N GLU F 357 -16.97 55.76 -35.84
CA GLU F 357 -16.55 56.64 -36.92
C GLU F 357 -17.73 56.92 -37.84
N ALA F 358 -18.41 55.85 -38.23
CA ALA F 358 -19.53 55.93 -39.16
C ALA F 358 -20.75 56.59 -38.52
N THR F 359 -20.93 56.38 -37.22
CA THR F 359 -22.00 57.07 -36.52
C THR F 359 -21.82 58.57 -36.61
N GLU F 360 -20.60 59.03 -36.35
CA GLU F 360 -20.26 60.44 -36.38
C GLU F 360 -20.46 61.04 -37.77
N LEU F 361 -20.13 60.27 -38.81
CA LEU F 361 -20.37 60.72 -40.19
C LEU F 361 -21.87 60.96 -40.43
N PHE F 362 -22.71 60.06 -39.92
CA PHE F 362 -24.15 60.17 -40.13
C PHE F 362 -24.69 61.41 -39.44
N GLN F 363 -24.31 61.57 -38.18
CA GLN F 363 -24.77 62.71 -37.40
C GLN F 363 -24.33 64.06 -37.99
N GLN F 364 -23.05 64.17 -38.36
CA GLN F 364 -22.52 65.42 -38.91
C GLN F 364 -23.14 65.76 -40.26
N ALA F 365 -23.52 64.74 -41.02
CA ALA F 365 -24.08 64.95 -42.36
C ALA F 365 -25.59 65.20 -42.32
N GLY F 366 -26.15 65.30 -41.12
CA GLY F 366 -27.57 65.56 -41.00
C GLY F 366 -28.41 64.32 -41.30
N VAL F 367 -27.80 63.16 -41.16
CA VAL F 367 -28.53 61.90 -41.29
C VAL F 367 -29.10 61.52 -39.92
N LEU F 368 -30.42 61.31 -39.85
CA LEU F 368 -31.05 60.89 -38.59
C LEU F 368 -30.45 59.56 -38.19
N PHE F 369 -30.04 59.43 -36.93
CA PHE F 369 -29.42 58.20 -36.46
C PHE F 369 -30.02 57.68 -35.15
N ALA F 370 -30.62 56.50 -35.21
CA ALA F 370 -31.19 55.86 -34.03
C ALA F 370 -30.32 54.72 -33.56
N PRO F 371 -29.65 54.93 -32.42
CA PRO F 371 -28.75 53.92 -31.84
C PRO F 371 -29.55 52.73 -31.35
N GLY F 372 -28.98 51.54 -31.47
CA GLY F 372 -29.62 50.32 -31.02
C GLY F 372 -29.99 50.39 -29.56
N LYS F 373 -29.20 51.14 -28.81
CA LYS F 373 -29.42 51.35 -27.38
C LYS F 373 -30.87 51.72 -27.08
N ALA F 374 -31.49 52.44 -28.00
CA ALA F 374 -32.91 52.78 -27.93
C ALA F 374 -33.74 52.00 -28.95
N ALA F 375 -33.32 52.00 -30.22
CA ALA F 375 -34.13 51.46 -31.30
C ALA F 375 -34.34 49.96 -31.29
N ASN F 376 -33.39 49.20 -30.74
CA ASN F 376 -33.56 47.73 -30.70
C ASN F 376 -34.11 47.20 -29.37
N ALA F 377 -34.57 48.11 -28.52
CA ALA F 377 -35.02 47.79 -27.17
C ALA F 377 -36.38 47.11 -27.13
N GLY F 378 -36.97 46.87 -28.31
CA GLY F 378 -38.18 46.11 -28.42
C GLY F 378 -38.06 44.73 -27.79
N GLY F 379 -36.86 44.13 -27.89
CA GLY F 379 -36.63 42.80 -27.35
C GLY F 379 -36.70 42.78 -25.84
N VAL F 380 -35.97 43.69 -25.19
CA VAL F 380 -35.96 43.70 -23.74
C VAL F 380 -37.30 44.17 -23.19
N ALA F 381 -37.95 45.11 -23.88
CA ALA F 381 -39.28 45.55 -23.53
C ALA F 381 -40.26 44.37 -23.50
N THR F 382 -40.16 43.49 -24.50
CA THR F 382 -41.05 42.35 -24.59
C THR F 382 -40.70 41.26 -23.56
N SER F 383 -39.45 41.22 -23.13
CA SER F 383 -39.09 40.33 -22.02
C SER F 383 -39.77 40.83 -20.74
N GLY F 384 -39.88 42.15 -20.59
CA GLY F 384 -40.64 42.71 -19.49
C GLY F 384 -42.09 42.30 -19.57
N LEU F 385 -42.63 42.27 -20.78
CA LEU F 385 -44.03 41.89 -20.99
C LEU F 385 -44.26 40.40 -20.73
N GLU F 386 -43.26 39.57 -21.03
CA GLU F 386 -43.30 38.16 -20.65
C GLU F 386 -43.45 38.05 -19.13
N MET F 387 -42.61 38.77 -18.39
CA MET F 387 -42.70 38.78 -16.92
C MET F 387 -44.07 39.26 -16.42
N ALA F 388 -44.64 40.27 -17.09
CA ALA F 388 -45.96 40.80 -16.72
C ALA F 388 -47.05 39.75 -16.87
N GLN F 389 -47.04 39.07 -18.02
CA GLN F 389 -48.03 38.02 -18.28
C GLN F 389 -47.85 36.83 -17.35
N ASN F 390 -46.60 36.46 -17.06
CA ASN F 390 -46.39 35.38 -16.11
C ASN F 390 -46.91 35.77 -14.72
N ALA F 391 -46.71 37.02 -14.34
CA ALA F 391 -47.18 37.53 -13.04
C ALA F 391 -48.70 37.54 -12.95
N ALA F 392 -49.35 37.89 -14.06
CA ALA F 392 -50.80 37.95 -14.12
C ALA F 392 -51.43 36.57 -14.21
N ARG F 393 -50.61 35.55 -14.48
CA ARG F 393 -51.09 34.17 -14.66
C ARG F 393 -52.00 33.99 -15.88
N LEU F 394 -52.01 34.98 -16.76
CA LEU F 394 -52.82 34.94 -17.99
C LEU F 394 -52.04 35.55 -19.16
N GLY F 395 -51.95 34.83 -20.27
CA GLY F 395 -51.16 35.28 -21.41
C GLY F 395 -51.97 36.20 -22.30
N TRP F 396 -51.30 37.02 -23.11
CA TRP F 396 -52.03 37.96 -23.97
C TRP F 396 -52.05 37.49 -25.42
N LYS F 397 -53.07 37.92 -26.16
CA LYS F 397 -53.08 37.74 -27.61
C LYS F 397 -51.94 38.52 -28.22
N ALA F 398 -51.49 38.06 -29.39
CA ALA F 398 -50.40 38.72 -30.11
C ALA F 398 -50.70 40.19 -30.33
N GLU F 399 -51.95 40.50 -30.66
CA GLU F 399 -52.32 41.89 -30.95
C GLU F 399 -52.12 42.75 -29.72
N LYS F 400 -52.36 42.18 -28.55
CA LYS F 400 -52.20 42.89 -27.29
C LYS F 400 -50.73 43.13 -26.93
N VAL F 401 -49.89 42.12 -27.10
CA VAL F 401 -48.46 42.30 -26.87
C VAL F 401 -47.91 43.36 -27.84
N ASP F 402 -48.32 43.26 -29.10
CA ASP F 402 -47.81 44.16 -30.16
C ASP F 402 -48.21 45.61 -29.90
N ALA F 403 -49.48 45.83 -29.53
CA ALA F 403 -49.95 47.17 -29.24
C ALA F 403 -49.24 47.76 -28.04
N ARG F 404 -48.97 46.93 -27.03
CA ARG F 404 -48.26 47.40 -25.86
C ARG F 404 -46.80 47.71 -26.17
N LEU F 405 -46.18 46.87 -26.99
CA LEU F 405 -44.80 47.10 -27.43
C LEU F 405 -44.70 48.42 -28.22
N HIS F 406 -45.66 48.63 -29.12
CA HIS F 406 -45.72 49.87 -29.87
C HIS F 406 -45.76 51.10 -28.94
N HIS F 407 -46.66 51.10 -27.96
CA HIS F 407 -46.75 52.22 -27.04
CA HIS F 407 -46.75 52.20 -27.01
C HIS F 407 -45.41 52.47 -26.33
N ILE F 408 -44.76 51.41 -25.88
CA ILE F 408 -43.49 51.49 -25.20
C ILE F 408 -42.40 52.13 -26.09
N MET F 409 -42.30 51.66 -27.33
CA MET F 409 -41.32 52.22 -28.25
C MET F 409 -41.56 53.72 -28.48
N LEU F 410 -42.83 54.14 -28.50
CA LEU F 410 -43.14 55.56 -28.66
C LEU F 410 -42.76 56.34 -27.41
N ASP F 411 -42.98 55.72 -26.26
CA ASP F 411 -42.50 56.31 -25.00
C ASP F 411 -40.98 56.43 -24.98
N ILE F 412 -40.29 55.38 -25.41
CA ILE F 412 -38.82 55.45 -25.53
C ILE F 412 -38.42 56.61 -26.41
N HIS F 413 -39.04 56.72 -27.58
CA HIS F 413 -38.68 57.76 -28.52
C HIS F 413 -38.93 59.15 -27.93
N HIS F 414 -40.04 59.29 -27.22
CA HIS F 414 -40.39 60.56 -26.61
C HIS F 414 -39.36 61.00 -25.58
N ALA F 415 -38.86 60.04 -24.80
CA ALA F 415 -37.85 60.32 -23.78
C ALA F 415 -36.56 60.80 -24.42
N CYS F 416 -36.16 60.18 -25.53
CA CYS F 416 -34.93 60.57 -26.22
C CYS F 416 -35.06 61.99 -26.73
N VAL F 417 -36.21 62.27 -27.33
CA VAL F 417 -36.49 63.59 -27.88
C VAL F 417 -36.42 64.64 -26.78
N GLU F 418 -37.02 64.32 -25.63
CA GLU F 418 -36.97 65.22 -24.47
C GLU F 418 -35.53 65.63 -24.18
N HIS F 419 -34.60 64.68 -24.25
CA HIS F 419 -33.21 64.95 -23.92
C HIS F 419 -32.27 65.07 -25.12
N GLY F 420 -32.84 65.16 -26.32
CA GLY F 420 -32.05 65.07 -27.54
C GLY F 420 -31.59 66.40 -28.11
N GLY F 421 -31.91 67.48 -27.41
CA GLY F 421 -31.44 68.79 -27.85
C GLY F 421 -32.45 69.51 -28.71
N GLU F 422 -32.05 70.66 -29.24
CA GLU F 422 -32.96 71.53 -29.97
C GLU F 422 -32.44 71.88 -31.36
N GLY F 423 -31.53 71.07 -31.87
CA GLY F 423 -31.01 71.27 -33.21
C GLY F 423 -32.06 70.93 -34.26
N GLU F 424 -31.71 71.14 -35.52
CA GLU F 424 -32.59 70.78 -36.64
C GLU F 424 -33.12 69.37 -36.46
N GLN F 425 -32.26 68.47 -35.99
CA GLN F 425 -32.77 67.18 -35.59
C GLN F 425 -32.28 66.69 -34.24
N THR F 426 -33.10 65.84 -33.65
CA THR F 426 -32.83 65.24 -32.36
C THR F 426 -31.56 64.40 -32.42
N ASN F 427 -30.70 64.59 -31.44
CA ASN F 427 -29.56 63.74 -31.22
C ASN F 427 -30.01 62.58 -30.34
N TYR F 428 -30.29 61.44 -30.95
CA TYR F 428 -30.81 60.29 -30.20
C TYR F 428 -29.74 59.56 -29.39
N VAL F 429 -28.48 59.69 -29.78
CA VAL F 429 -27.46 59.09 -28.93
C VAL F 429 -27.39 59.85 -27.60
N GLN F 430 -27.45 61.18 -27.68
CA GLN F 430 -27.52 62.03 -26.51
C GLN F 430 -28.78 61.74 -25.71
N GLY F 431 -29.92 61.76 -26.41
CA GLY F 431 -31.20 61.59 -25.76
C GLY F 431 -31.31 60.25 -25.04
N ALA F 432 -30.85 59.19 -25.70
CA ALA F 432 -30.99 57.86 -25.10
C ALA F 432 -30.13 57.70 -23.85
N ASN F 433 -28.91 58.22 -23.88
CA ASN F 433 -28.03 58.13 -22.72
C ASN F 433 -28.55 58.92 -21.52
N ILE F 434 -28.94 60.17 -21.75
CA ILE F 434 -29.50 60.99 -20.69
C ILE F 434 -30.79 60.40 -20.11
N ALA F 435 -31.73 60.01 -20.97
CA ALA F 435 -33.03 59.50 -20.54
C ALA F 435 -32.91 58.26 -19.65
N GLY F 436 -32.02 57.34 -20.03
CA GLY F 436 -31.78 56.15 -19.23
C GLY F 436 -31.09 56.49 -17.92
N PHE F 437 -30.18 57.46 -17.96
CA PHE F 437 -29.51 57.87 -16.73
C PHE F 437 -30.51 58.48 -15.74
N VAL F 438 -31.35 59.39 -16.22
CA VAL F 438 -32.25 60.13 -15.34
C VAL F 438 -33.16 59.22 -14.50
N LYS F 439 -33.73 58.20 -15.15
CA LYS F 439 -34.63 57.28 -14.47
C LYS F 439 -33.91 56.51 -13.36
N VAL F 440 -32.75 55.97 -13.70
CA VAL F 440 -31.93 55.24 -12.73
C VAL F 440 -31.48 56.14 -11.59
N ALA F 441 -30.98 57.32 -11.92
CA ALA F 441 -30.52 58.30 -10.94
C ALA F 441 -31.62 58.68 -9.95
N ASP F 442 -32.80 59.00 -10.47
CA ASP F 442 -33.92 59.38 -9.63
C ASP F 442 -34.22 58.26 -8.62
N ALA F 443 -34.23 57.03 -9.11
CA ALA F 443 -34.45 55.86 -8.29
C ALA F 443 -33.39 55.71 -7.19
N MET F 444 -32.13 55.89 -7.56
CA MET F 444 -31.04 55.73 -6.61
C MET F 444 -31.06 56.78 -5.49
N LEU F 445 -31.34 58.03 -5.85
CA LEU F 445 -31.39 59.11 -4.87
C LEU F 445 -32.53 58.95 -3.85
N ALA F 446 -33.69 58.51 -4.30
CA ALA F 446 -34.82 58.36 -3.41
C ALA F 446 -34.64 57.19 -2.42
N GLN F 447 -33.87 56.18 -2.81
CA GLN F 447 -33.78 54.98 -1.97
C GLN F 447 -32.64 55.03 -0.94
N GLY F 448 -32.01 56.20 -0.83
CA GLY F 448 -31.00 56.40 0.21
C GLY F 448 -29.67 55.72 -0.04
N VAL F 449 -28.80 55.75 0.96
CA VAL F 449 -27.46 55.16 0.86
C VAL F 449 -27.47 53.66 1.18
N ILE F 450 -27.51 52.83 0.14
CA ILE F 450 -27.59 51.38 0.30
C ILE F 450 -26.62 50.63 -0.62
N SER G 9 34.18 16.98 -1.09
CA SER G 9 33.55 15.76 -1.57
C SER G 9 34.54 14.90 -2.36
N LEU G 10 34.99 15.36 -3.53
CA LEU G 10 35.88 14.54 -4.35
C LEU G 10 37.27 14.36 -3.73
N GLU G 11 37.90 15.47 -3.33
CA GLU G 11 39.22 15.41 -2.70
C GLU G 11 39.17 14.64 -1.39
N SER G 12 38.09 14.86 -0.65
CA SER G 12 37.84 14.14 0.59
C SER G 12 37.79 12.64 0.36
N PHE G 13 36.99 12.21 -0.63
CA PHE G 13 36.90 10.79 -0.95
C PHE G 13 38.24 10.18 -1.37
N LEU G 14 38.96 10.87 -2.26
CA LEU G 14 40.24 10.34 -2.75
C LEU G 14 41.27 10.27 -1.61
N ASN G 15 41.24 11.25 -0.72
CA ASN G 15 42.12 11.25 0.44
C ASN G 15 41.87 10.03 1.31
N HIS G 16 40.61 9.75 1.57
CA HIS G 16 40.20 8.61 2.40
C HIS G 16 40.64 7.26 1.82
N VAL G 17 40.40 7.08 0.53
CA VAL G 17 40.78 5.87 -0.20
C VAL G 17 42.29 5.64 -0.19
N GLN G 18 43.06 6.71 -0.40
CA GLN G 18 44.51 6.60 -0.42
C GLN G 18 45.09 6.14 0.93
N LYS G 19 44.40 6.44 2.03
CA LYS G 19 44.86 6.06 3.37
C LYS G 19 45.30 4.60 3.50
N ARG G 20 44.56 3.68 2.87
CA ARG G 20 44.96 2.27 2.87
C ARG G 20 46.21 1.96 2.03
N ASP G 21 46.49 2.80 1.04
CA ASP G 21 47.55 2.50 0.08
C ASP G 21 48.32 3.78 -0.21
N PRO G 22 49.00 4.34 0.81
CA PRO G 22 49.57 5.68 0.69
C PRO G 22 50.71 5.77 -0.32
N ASN G 23 51.24 4.63 -0.76
CA ASN G 23 52.36 4.63 -1.71
C ASN G 23 52.01 4.08 -3.09
N GLN G 24 50.74 3.71 -3.30
CA GLN G 24 50.32 3.17 -4.59
C GLN G 24 50.00 4.31 -5.57
N THR G 25 51.05 4.88 -6.18
CA THR G 25 50.93 6.07 -7.03
C THR G 25 49.99 5.86 -8.21
N GLU G 26 50.22 4.78 -8.96
CA GLU G 26 49.45 4.46 -10.16
C GLU G 26 47.98 4.20 -9.85
N PHE G 27 47.72 3.41 -8.81
CA PHE G 27 46.34 3.11 -8.45
C PHE G 27 45.62 4.37 -8.04
N ALA G 28 46.27 5.22 -7.24
CA ALA G 28 45.67 6.49 -6.83
C ALA G 28 45.34 7.38 -8.03
N GLN G 29 46.22 7.39 -9.03
CA GLN G 29 45.95 8.13 -10.27
C GLN G 29 44.72 7.59 -10.97
N ALA G 30 44.61 6.26 -11.04
CA ALA G 30 43.48 5.60 -11.69
C ALA G 30 42.13 5.90 -11.01
N VAL G 31 42.08 5.77 -9.69
CA VAL G 31 40.89 6.17 -8.93
C VAL G 31 40.57 7.65 -9.12
N ARG G 32 41.58 8.51 -9.08
CA ARG G 32 41.33 9.95 -9.28
C ARG G 32 40.70 10.22 -10.64
N GLU G 33 41.21 9.57 -11.69
CA GLU G 33 40.71 9.84 -13.02
C GLU G 33 39.26 9.39 -13.21
N VAL G 34 38.99 8.12 -12.89
CA VAL G 34 37.63 7.57 -12.93
C VAL G 34 36.62 8.43 -12.14
N MET G 35 36.95 8.73 -10.89
CA MET G 35 36.01 9.46 -10.02
C MET G 35 35.79 10.90 -10.48
N THR G 36 36.84 11.54 -10.97
CA THR G 36 36.73 12.91 -11.45
C THR G 36 35.73 12.90 -12.60
N THR G 37 35.95 11.96 -13.50
CA THR G 37 35.09 11.73 -14.64
C THR G 37 33.60 11.55 -14.26
N LEU G 38 33.36 10.83 -13.17
CA LEU G 38 32.00 10.46 -12.78
C LEU G 38 31.33 11.45 -11.84
N TRP G 39 32.11 12.31 -11.18
CA TRP G 39 31.59 13.11 -10.07
C TRP G 39 30.32 13.92 -10.42
N PRO G 40 30.32 14.61 -11.58
CA PRO G 40 29.06 15.30 -11.92
C PRO G 40 27.88 14.35 -12.14
N PHE G 41 28.08 13.21 -12.79
CA PHE G 41 27.00 12.23 -12.88
C PHE G 41 26.48 11.79 -11.51
N LEU G 42 27.40 11.52 -10.60
CA LEU G 42 27.07 11.08 -9.23
C LEU G 42 26.27 12.13 -8.48
N GLU G 43 26.66 13.38 -8.64
CA GLU G 43 25.96 14.47 -7.96
C GLU G 43 24.53 14.52 -8.45
N GLN G 44 24.33 14.22 -9.73
CA GLN G 44 22.99 14.28 -10.31
C GLN G 44 22.19 13.02 -10.04
N ASN G 45 22.88 11.95 -9.70
CA ASN G 45 22.25 10.64 -9.51
C ASN G 45 22.64 9.97 -8.19
N PRO G 46 22.11 10.47 -7.06
CA PRO G 46 22.52 10.03 -5.71
C PRO G 46 22.31 8.53 -5.45
N LYS G 47 21.38 7.91 -6.16
CA LYS G 47 21.22 6.46 -6.15
C LYS G 47 22.57 5.74 -6.28
N TYR G 48 23.45 6.30 -7.09
CA TYR G 48 24.70 5.63 -7.43
C TYR G 48 25.82 5.75 -6.41
N ARG G 49 25.53 6.46 -5.32
CA ARG G 49 26.47 6.60 -4.22
C ARG G 49 25.89 6.01 -2.93
N GLN G 50 24.68 5.49 -3.02
CA GLN G 50 24.03 4.89 -1.86
C GLN G 50 24.70 3.55 -1.56
N MET G 51 24.45 3.04 -0.36
CA MET G 51 24.99 1.76 0.05
C MET G 51 26.53 1.70 -0.01
N SER G 52 27.18 2.82 0.27
CA SER G 52 28.64 2.90 0.21
C SER G 52 29.21 2.32 -1.08
N LEU G 53 28.54 2.62 -2.18
CA LEU G 53 28.86 2.02 -3.46
C LEU G 53 30.31 2.27 -3.87
N LEU G 54 30.74 3.53 -3.80
CA LEU G 54 32.06 3.90 -4.28
C LEU G 54 33.15 3.28 -3.40
N GLU G 55 32.91 3.23 -2.10
CA GLU G 55 33.86 2.64 -1.16
C GLU G 55 34.10 1.16 -1.50
N ARG G 56 33.03 0.47 -1.86
CA ARG G 56 33.12 -0.94 -2.22
C ARG G 56 33.80 -1.12 -3.57
N LEU G 57 33.54 -0.18 -4.47
CA LEU G 57 34.01 -0.24 -5.84
C LEU G 57 35.54 -0.16 -5.92
N VAL G 58 36.15 0.64 -5.05
CA VAL G 58 37.59 0.88 -5.11
C VAL G 58 38.43 -0.20 -4.39
N GLU G 59 37.78 -1.03 -3.59
CA GLU G 59 38.50 -2.09 -2.89
C GLU G 59 38.31 -3.41 -3.62
N PRO G 60 39.43 -3.97 -4.12
CA PRO G 60 39.31 -5.19 -4.93
C PRO G 60 38.74 -6.33 -4.09
N GLU G 61 37.95 -7.18 -4.72
CA GLU G 61 37.35 -8.29 -3.98
C GLU G 61 38.41 -9.17 -3.33
N ARG G 62 39.47 -9.47 -4.08
CA ARG G 62 40.51 -10.36 -3.62
C ARG G 62 41.78 -10.11 -4.40
N VAL G 63 42.91 -10.07 -3.70
CA VAL G 63 44.22 -10.07 -4.35
C VAL G 63 45.01 -11.25 -3.80
N ILE G 64 45.58 -12.07 -4.69
CA ILE G 64 46.51 -13.11 -4.28
C ILE G 64 47.90 -12.67 -4.70
N GLN G 65 48.79 -12.51 -3.73
CA GLN G 65 50.21 -12.29 -4.01
C GLN G 65 50.92 -13.61 -3.72
N PHE G 66 51.78 -14.07 -4.60
CA PHE G 66 52.41 -15.37 -4.36
C PHE G 66 53.84 -15.50 -4.87
N ARG G 67 54.59 -16.36 -4.18
CA ARG G 67 55.96 -16.66 -4.53
C ARG G 67 56.02 -17.56 -5.76
N VAL G 68 56.93 -17.25 -6.67
CA VAL G 68 57.23 -18.17 -7.78
C VAL G 68 58.70 -18.51 -7.78
N VAL G 69 59.02 -19.79 -7.53
CA VAL G 69 60.40 -20.26 -7.53
C VAL G 69 60.69 -21.11 -8.78
N TRP G 70 61.79 -20.81 -9.46
CA TRP G 70 62.08 -21.49 -10.71
C TRP G 70 63.58 -21.55 -10.93
N VAL G 71 64.00 -22.37 -11.90
CA VAL G 71 65.41 -22.64 -12.10
C VAL G 71 65.86 -22.14 -13.46
N ASP G 72 66.92 -21.34 -13.50
CA ASP G 72 67.33 -20.79 -14.78
C ASP G 72 68.31 -21.74 -15.50
N ASP G 73 68.72 -21.36 -16.70
CA ASP G 73 69.55 -22.22 -17.53
C ASP G 73 70.95 -22.46 -16.94
N ARG G 74 71.38 -21.63 -15.99
CA ARG G 74 72.66 -21.83 -15.29
C ARG G 74 72.44 -22.66 -14.03
N ASN G 75 71.26 -23.26 -13.94
CA ASN G 75 70.85 -24.06 -12.78
C ASN G 75 70.78 -23.24 -11.50
N GLN G 76 70.61 -21.93 -11.61
CA GLN G 76 70.48 -21.11 -10.41
C GLN G 76 69.00 -20.92 -10.09
N VAL G 77 68.67 -21.02 -8.80
CA VAL G 77 67.29 -20.91 -8.36
C VAL G 77 66.89 -19.45 -8.23
N GLN G 78 65.82 -19.08 -8.94
CA GLN G 78 65.34 -17.70 -8.92
C GLN G 78 64.02 -17.55 -8.17
N VAL G 79 63.83 -16.39 -7.57
CA VAL G 79 62.60 -16.13 -6.85
C VAL G 79 61.92 -14.88 -7.42
N ASN G 80 60.72 -15.06 -7.94
CA ASN G 80 59.96 -13.91 -8.37
C ASN G 80 58.63 -13.79 -7.64
N ARG G 81 58.03 -12.61 -7.69
CA ARG G 81 56.72 -12.40 -7.07
C ARG G 81 55.66 -12.34 -8.17
N ALA G 82 54.51 -12.96 -7.91
CA ALA G 82 53.39 -12.86 -8.83
C ALA G 82 52.12 -12.45 -8.08
N TRP G 83 51.12 -12.03 -8.85
CA TRP G 83 49.84 -11.57 -8.30
C TRP G 83 48.69 -11.95 -9.23
N ARG G 84 47.50 -12.12 -8.68
CA ARG G 84 46.28 -12.07 -9.50
C ARG G 84 45.33 -11.15 -8.75
N VAL G 85 45.02 -10.00 -9.32
CA VAL G 85 44.11 -9.06 -8.70
C VAL G 85 42.71 -9.38 -9.20
N GLN G 86 41.86 -9.91 -8.33
CA GLN G 86 40.49 -10.23 -8.70
C GLN G 86 39.58 -9.07 -8.24
N PHE G 87 39.47 -8.08 -9.12
CA PHE G 87 38.91 -6.80 -8.71
C PHE G 87 37.39 -6.83 -8.52
N SER G 88 36.65 -7.20 -9.57
CA SER G 88 35.19 -7.17 -9.52
C SER G 88 34.62 -8.39 -10.22
N SER G 89 33.69 -9.09 -9.55
CA SER G 89 32.95 -10.15 -10.22
C SER G 89 31.46 -9.83 -10.32
N ALA G 90 31.11 -8.54 -10.30
CA ALA G 90 29.70 -8.16 -10.21
C ALA G 90 28.94 -8.62 -11.46
N ILE G 91 29.57 -8.44 -12.62
CA ILE G 91 28.91 -8.69 -13.89
C ILE G 91 29.24 -10.07 -14.45
N GLY G 92 30.37 -10.63 -14.00
CA GLY G 92 30.82 -11.91 -14.50
C GLY G 92 32.18 -12.28 -13.93
N PRO G 93 32.79 -13.35 -14.46
CA PRO G 93 34.05 -13.81 -13.87
C PRO G 93 35.12 -12.75 -14.02
N TYR G 94 36.08 -12.69 -13.10
CA TYR G 94 37.20 -11.78 -13.24
C TYR G 94 37.83 -12.03 -14.63
N LYS G 95 38.30 -10.98 -15.28
CA LYS G 95 38.81 -11.12 -16.65
C LYS G 95 39.80 -10.02 -16.90
N GLY G 96 40.97 -10.39 -17.44
CA GLY G 96 41.99 -9.41 -17.74
C GLY G 96 43.33 -10.10 -17.88
N GLY G 97 44.29 -9.39 -18.44
CA GLY G 97 45.56 -10.00 -18.79
C GLY G 97 46.53 -10.22 -17.64
N MET G 98 47.60 -10.94 -17.98
CA MET G 98 48.75 -11.14 -17.12
C MET G 98 49.92 -10.40 -17.75
N ARG G 99 50.66 -9.65 -16.96
CA ARG G 99 51.80 -8.90 -17.47
C ARG G 99 53.10 -9.41 -16.83
N PHE G 100 54.12 -9.70 -17.63
CA PHE G 100 55.45 -10.02 -17.05
C PHE G 100 56.45 -8.94 -17.39
N HIS G 101 56.90 -8.21 -16.38
CA HIS G 101 57.81 -7.08 -16.57
C HIS G 101 58.39 -6.72 -15.21
N PRO G 102 59.69 -6.38 -15.17
CA PRO G 102 60.36 -6.12 -13.90
C PRO G 102 59.80 -4.91 -13.13
N SER G 103 59.01 -4.07 -13.79
CA SER G 103 58.42 -2.91 -13.11
C SER G 103 57.06 -3.21 -12.49
N VAL G 104 56.52 -4.39 -12.77
CA VAL G 104 55.22 -4.79 -12.26
C VAL G 104 55.18 -4.83 -10.72
N ASN G 105 54.14 -4.23 -10.15
CA ASN G 105 53.88 -4.29 -8.73
C ASN G 105 52.36 -4.24 -8.45
N LEU G 106 51.97 -4.34 -7.19
CA LEU G 106 50.53 -4.35 -6.87
C LEU G 106 49.83 -3.05 -7.30
N SER G 107 50.50 -1.93 -7.13
CA SER G 107 49.93 -0.64 -7.50
C SER G 107 49.51 -0.60 -8.97
N ILE G 108 50.43 -1.01 -9.83
CA ILE G 108 50.19 -1.03 -11.26
C ILE G 108 49.09 -2.03 -11.60
N LEU G 109 49.12 -3.22 -11.00
CA LEU G 109 48.13 -4.24 -11.32
C LEU G 109 46.73 -3.82 -10.86
N LYS G 110 46.65 -3.12 -9.72
CA LYS G 110 45.38 -2.57 -9.26
C LYS G 110 44.84 -1.47 -10.19
N PHE G 111 45.70 -0.53 -10.59
CA PHE G 111 45.29 0.48 -11.56
C PHE G 111 44.71 -0.19 -12.82
N LEU G 112 45.43 -1.16 -13.37
CA LEU G 112 45.02 -1.84 -14.60
C LEU G 112 43.75 -2.65 -14.41
N GLY G 113 43.65 -3.35 -13.27
CA GLY G 113 42.46 -4.12 -12.94
C GLY G 113 41.22 -3.29 -12.68
N PHE G 114 41.42 -2.13 -12.06
CA PHE G 114 40.33 -1.20 -11.80
C PHE G 114 39.76 -0.69 -13.12
N GLU G 115 40.62 -0.15 -13.97
CA GLU G 115 40.21 0.27 -15.31
C GLU G 115 39.57 -0.85 -16.13
N GLN G 116 40.15 -2.06 -16.09
CA GLN G 116 39.66 -3.19 -16.89
C GLN G 116 38.23 -3.54 -16.51
N THR G 117 37.89 -3.33 -15.24
CA THR G 117 36.54 -3.61 -14.75
C THR G 117 35.50 -2.86 -15.57
N PHE G 118 35.75 -1.57 -15.79
CA PHE G 118 34.81 -0.71 -16.50
C PHE G 118 34.87 -0.90 -18.00
N LYS G 119 36.08 -1.09 -18.53
CA LYS G 119 36.22 -1.39 -19.97
C LYS G 119 35.46 -2.68 -20.32
N ASN G 120 35.60 -3.72 -19.49
CA ASN G 120 34.87 -4.97 -19.70
C ASN G 120 33.36 -4.79 -19.55
N ALA G 121 32.96 -3.98 -18.56
CA ALA G 121 31.56 -3.64 -18.41
C ALA G 121 31.03 -2.95 -19.66
N LEU G 122 31.83 -2.04 -20.20
CA LEU G 122 31.39 -1.25 -21.36
C LEU G 122 31.10 -2.11 -22.61
N THR G 123 31.84 -3.20 -22.82
CA THR G 123 31.65 -4.07 -23.98
C THR G 123 30.27 -4.73 -24.02
N THR G 124 29.56 -4.68 -22.91
CA THR G 124 28.24 -5.29 -22.74
C THR G 124 28.30 -6.81 -22.56
N LEU G 125 29.51 -7.37 -22.56
CA LEU G 125 29.68 -8.80 -22.34
C LEU G 125 29.68 -9.15 -20.84
N PRO G 126 29.40 -10.42 -20.50
CA PRO G 126 29.31 -10.77 -19.07
C PRO G 126 30.67 -11.01 -18.43
N MET G 127 31.49 -9.97 -18.31
CA MET G 127 32.84 -10.12 -17.81
C MET G 127 33.10 -9.21 -16.63
N GLY G 128 33.67 -9.78 -15.58
CA GLY G 128 34.15 -9.00 -14.45
C GLY G 128 35.49 -8.37 -14.80
N GLY G 129 36.22 -7.96 -13.76
CA GLY G 129 37.44 -7.22 -13.96
C GLY G 129 38.56 -7.78 -13.11
N GLY G 130 39.72 -7.96 -13.73
CA GLY G 130 40.90 -8.44 -13.03
C GLY G 130 42.16 -8.20 -13.83
N LYS G 131 43.31 -8.40 -13.21
CA LYS G 131 44.60 -8.28 -13.90
C LYS G 131 45.61 -9.01 -13.05
N GLY G 132 46.65 -9.54 -13.67
CA GLY G 132 47.68 -10.24 -12.93
C GLY G 132 49.08 -10.08 -13.54
N GLY G 133 50.06 -10.72 -12.93
CA GLY G 133 51.40 -10.63 -13.48
C GLY G 133 52.50 -10.98 -12.52
N SER G 134 53.72 -10.58 -12.86
CA SER G 134 54.92 -10.94 -12.11
C SER G 134 56.03 -9.96 -12.47
N ASP G 135 56.98 -9.80 -11.56
CA ASP G 135 58.18 -9.00 -11.83
C ASP G 135 59.24 -9.77 -12.61
N PHE G 136 58.93 -11.01 -12.97
CA PHE G 136 59.74 -11.78 -13.91
C PHE G 136 59.98 -10.99 -15.19
N ASP G 137 61.22 -10.94 -15.66
CA ASP G 137 61.59 -10.22 -16.87
C ASP G 137 61.91 -11.20 -17.99
N PRO G 138 61.01 -11.30 -18.98
CA PRO G 138 61.19 -12.21 -20.12
C PRO G 138 62.38 -11.84 -21.01
N LYS G 139 62.79 -10.57 -20.98
CA LYS G 139 63.90 -10.12 -21.82
C LYS G 139 65.18 -10.92 -21.55
N GLY G 140 65.70 -11.58 -22.59
CA GLY G 140 66.96 -12.29 -22.45
C GLY G 140 66.78 -13.74 -22.02
N LYS G 141 65.56 -14.10 -21.64
CA LYS G 141 65.25 -15.46 -21.19
C LYS G 141 65.08 -16.42 -22.35
N SER G 142 65.52 -17.65 -22.17
CA SER G 142 65.34 -18.68 -23.19
C SER G 142 63.92 -19.20 -23.16
N GLU G 143 63.53 -19.90 -24.22
CA GLU G 143 62.21 -20.50 -24.28
C GLU G 143 61.95 -21.44 -23.09
N GLY G 144 62.98 -22.18 -22.71
CA GLY G 144 62.89 -23.11 -21.60
C GLY G 144 62.75 -22.39 -20.27
N GLU G 145 63.46 -21.29 -20.09
CA GLU G 145 63.27 -20.52 -18.88
C GLU G 145 61.86 -19.96 -18.79
N VAL G 146 61.35 -19.44 -19.90
CA VAL G 146 59.99 -18.91 -19.90
C VAL G 146 58.96 -20.01 -19.62
N MET G 147 59.14 -21.17 -20.24
CA MET G 147 58.25 -22.30 -19.99
C MET G 147 58.28 -22.72 -18.52
N ARG G 148 59.48 -22.89 -17.97
CA ARG G 148 59.58 -23.27 -16.56
C ARG G 148 58.97 -22.22 -15.65
N PHE G 149 59.13 -20.94 -16.02
CA PHE G 149 58.54 -19.91 -15.17
C PHE G 149 57.02 -19.97 -15.20
N CYS G 150 56.45 -20.04 -16.40
CA CYS G 150 54.99 -20.13 -16.56
C CYS G 150 54.44 -21.34 -15.81
N GLN G 151 55.16 -22.45 -15.86
CA GLN G 151 54.72 -23.65 -15.16
C GLN G 151 54.80 -23.46 -13.66
N ALA G 152 55.91 -22.91 -13.16
CA ALA G 152 56.03 -22.67 -11.73
C ALA G 152 54.89 -21.72 -11.23
N LEU G 153 54.63 -20.67 -11.98
CA LEU G 153 53.56 -19.75 -11.64
C LEU G 153 52.22 -20.46 -11.51
N MET G 154 51.89 -21.31 -12.48
CA MET G 154 50.61 -22.00 -12.54
C MET G 154 50.43 -23.04 -11.44
N THR G 155 51.54 -23.58 -10.92
CA THR G 155 51.42 -24.57 -9.85
C THR G 155 50.79 -23.97 -8.59
N GLU G 156 50.84 -22.65 -8.47
CA GLU G 156 50.05 -21.94 -7.43
C GLU G 156 48.77 -21.36 -8.01
N LEU G 157 48.88 -20.70 -9.16
CA LEU G 157 47.76 -19.92 -9.66
C LEU G 157 46.56 -20.77 -10.04
N TYR G 158 46.77 -22.03 -10.44
CA TYR G 158 45.67 -22.82 -11.02
C TYR G 158 44.45 -22.90 -10.10
N ARG G 159 44.69 -22.87 -8.80
CA ARG G 159 43.64 -23.09 -7.80
C ARG G 159 42.68 -21.90 -7.71
N HIS G 160 43.12 -20.72 -8.15
CA HIS G 160 42.31 -19.50 -8.07
C HIS G 160 41.56 -19.12 -9.36
N LEU G 161 41.76 -19.89 -10.43
CA LEU G 161 41.19 -19.58 -11.74
C LEU G 161 40.08 -20.57 -12.08
N GLY G 162 39.35 -20.28 -13.16
CA GLY G 162 38.29 -21.19 -13.58
C GLY G 162 37.39 -20.57 -14.62
N ALA G 163 36.72 -21.42 -15.41
CA ALA G 163 35.91 -20.94 -16.53
C ALA G 163 34.83 -19.98 -16.07
N ASP G 164 34.32 -20.18 -14.85
CA ASP G 164 33.29 -19.30 -14.32
C ASP G 164 33.77 -18.58 -13.07
N THR G 165 35.08 -18.38 -12.98
CA THR G 165 35.68 -17.73 -11.82
C THR G 165 36.64 -16.61 -12.22
N ASP G 166 37.67 -16.96 -12.98
CA ASP G 166 38.67 -15.98 -13.44
C ASP G 166 39.35 -16.49 -14.71
N VAL G 167 39.25 -15.72 -15.79
CA VAL G 167 39.78 -16.09 -17.11
C VAL G 167 40.80 -15.05 -17.57
N PRO G 168 42.09 -15.30 -17.31
CA PRO G 168 43.13 -14.34 -17.71
C PRO G 168 43.40 -14.41 -19.21
N ALA G 169 44.44 -13.70 -19.61
CA ALA G 169 44.84 -13.55 -21.01
C ALA G 169 46.27 -13.00 -21.04
N GLY G 170 46.73 -12.59 -22.21
CA GLY G 170 48.05 -12.00 -22.38
C GLY G 170 48.10 -10.51 -22.07
N ASP G 171 49.30 -9.95 -22.19
CA ASP G 171 49.56 -8.52 -22.00
C ASP G 171 51.04 -8.34 -22.26
N ILE G 172 51.61 -7.24 -21.82
CA ILE G 172 53.05 -7.02 -21.98
C ILE G 172 53.81 -8.19 -21.35
N GLY G 173 54.72 -8.77 -22.15
CA GLY G 173 55.55 -9.88 -21.71
C GLY G 173 54.88 -11.25 -21.70
N VAL G 174 53.61 -11.29 -22.07
CA VAL G 174 52.82 -12.52 -22.09
C VAL G 174 52.06 -12.57 -23.41
N GLY G 175 52.63 -13.25 -24.40
CA GLY G 175 52.03 -13.39 -25.70
C GLY G 175 51.40 -14.75 -25.87
N GLY G 176 51.17 -15.13 -27.13
CA GLY G 176 50.55 -16.41 -27.44
C GLY G 176 51.33 -17.56 -26.84
N ARG G 177 52.66 -17.43 -26.83
CA ARG G 177 53.52 -18.50 -26.33
C ARG G 177 53.26 -18.75 -24.85
N GLU G 178 53.29 -17.69 -24.05
CA GLU G 178 53.08 -17.76 -22.59
C GLU G 178 51.65 -18.20 -22.22
N VAL G 179 50.68 -17.72 -22.97
CA VAL G 179 49.29 -18.17 -22.77
C VAL G 179 49.20 -19.67 -23.01
N GLY G 180 49.84 -20.16 -24.08
CA GLY G 180 49.85 -21.60 -24.32
C GLY G 180 50.40 -22.38 -23.14
N PHE G 181 51.53 -21.92 -22.59
CA PHE G 181 52.19 -22.60 -21.49
C PHE G 181 51.33 -22.59 -20.22
N MET G 182 50.72 -21.44 -19.92
CA MET G 182 49.85 -21.32 -18.75
C MET G 182 48.57 -22.15 -18.89
N ALA G 183 47.94 -22.06 -20.07
CA ALA G 183 46.72 -22.84 -20.32
C ALA G 183 47.00 -24.33 -20.21
N GLY G 184 48.14 -24.76 -20.76
CA GLY G 184 48.52 -26.17 -20.73
C GLY G 184 48.70 -26.67 -19.31
N MET G 185 49.42 -25.91 -18.48
CA MET G 185 49.62 -26.33 -17.11
C MET G 185 48.30 -26.29 -16.34
N MET G 186 47.47 -25.29 -16.62
CA MET G 186 46.10 -25.24 -16.03
C MET G 186 45.35 -26.53 -16.30
N LYS G 187 45.32 -26.95 -17.55
CA LYS G 187 44.59 -28.15 -17.95
C LYS G 187 45.16 -29.43 -17.29
N LYS G 188 46.48 -29.51 -17.21
CA LYS G 188 47.13 -30.66 -16.60
C LYS G 188 46.80 -30.79 -15.12
N LEU G 189 46.97 -29.71 -14.37
CA LEU G 189 46.70 -29.76 -12.93
C LEU G 189 45.23 -29.96 -12.60
N SER G 190 44.34 -29.30 -13.34
CA SER G 190 42.90 -29.39 -13.11
C SER G 190 42.22 -30.61 -13.72
N ASN G 191 42.88 -31.28 -14.67
CA ASN G 191 42.25 -32.37 -15.43
C ASN G 191 40.91 -31.89 -16.00
N ASN G 192 40.91 -30.68 -16.54
CA ASN G 192 39.70 -30.02 -17.01
C ASN G 192 40.07 -29.12 -18.19
N THR G 193 39.35 -29.23 -19.30
CA THR G 193 39.73 -28.55 -20.54
C THR G 193 38.94 -27.27 -20.86
N ALA G 194 38.10 -26.83 -19.93
CA ALA G 194 37.29 -25.62 -20.14
C ALA G 194 38.15 -24.37 -20.38
N CYS G 195 37.57 -23.37 -21.02
CA CYS G 195 38.28 -22.12 -21.31
C CYS G 195 38.65 -21.36 -20.04
N VAL G 196 39.93 -21.38 -19.70
CA VAL G 196 40.42 -20.62 -18.55
C VAL G 196 41.28 -19.44 -19.03
N PHE G 197 41.78 -19.51 -20.26
CA PHE G 197 42.54 -18.41 -20.83
C PHE G 197 42.00 -18.03 -22.20
N THR G 198 42.04 -16.74 -22.50
CA THR G 198 41.78 -16.31 -23.88
C THR G 198 43.10 -15.88 -24.48
N GLY G 199 43.13 -15.70 -25.79
CA GLY G 199 44.39 -15.55 -26.49
C GLY G 199 44.99 -16.91 -26.83
N LYS G 200 44.19 -17.97 -26.77
CA LYS G 200 44.68 -19.31 -27.13
C LYS G 200 45.00 -19.42 -28.63
N GLY G 201 45.92 -20.32 -29.00
CA GLY G 201 46.22 -20.55 -30.41
C GLY G 201 45.07 -21.28 -31.07
N LEU G 202 45.00 -21.20 -32.40
CA LEU G 202 43.88 -21.75 -33.11
C LEU G 202 43.75 -23.26 -32.96
N SER G 203 44.83 -23.94 -32.59
CA SER G 203 44.82 -25.40 -32.48
C SER G 203 44.20 -25.91 -31.16
N PHE G 204 44.05 -25.02 -30.19
CA PHE G 204 43.47 -25.45 -28.91
C PHE G 204 42.45 -24.46 -28.35
N GLY G 205 41.56 -23.98 -29.21
CA GLY G 205 40.40 -23.21 -28.76
C GLY G 205 40.43 -21.73 -29.04
N GLY G 206 41.47 -21.27 -29.74
CA GLY G 206 41.56 -19.87 -30.12
C GLY G 206 40.49 -19.43 -31.10
N SER G 207 40.36 -18.12 -31.25
CA SER G 207 39.34 -17.56 -32.11
C SER G 207 39.88 -16.85 -33.34
N LEU G 208 39.21 -17.03 -34.47
CA LEU G 208 39.53 -16.24 -35.65
C LEU G 208 39.16 -14.78 -35.38
N ILE G 209 39.63 -13.88 -36.24
CA ILE G 209 39.29 -12.45 -36.22
C ILE G 209 40.09 -11.66 -35.17
N ARG G 210 40.86 -12.36 -34.35
CA ARG G 210 41.61 -11.69 -33.28
C ARG G 210 42.58 -10.59 -33.77
N PRO G 211 43.31 -10.82 -34.89
CA PRO G 211 44.08 -9.69 -35.42
C PRO G 211 43.27 -8.56 -36.05
N GLU G 212 42.17 -8.90 -36.71
CA GLU G 212 41.30 -7.93 -37.36
C GLU G 212 40.44 -7.11 -36.37
N ALA G 213 40.26 -7.68 -35.18
CA ALA G 213 39.23 -7.26 -34.22
C ALA G 213 39.21 -5.78 -33.88
N THR G 214 40.36 -5.24 -33.49
CA THR G 214 40.41 -3.87 -33.00
C THR G 214 40.13 -2.88 -34.11
N GLY G 215 40.79 -3.07 -35.26
CA GLY G 215 40.58 -2.21 -36.40
C GLY G 215 39.16 -2.30 -36.96
N TYR G 216 38.64 -3.52 -37.08
CA TYR G 216 37.29 -3.73 -37.60
C TYR G 216 36.27 -3.06 -36.68
N GLY G 217 36.43 -3.29 -35.38
CA GLY G 217 35.51 -2.77 -34.37
C GLY G 217 35.45 -1.25 -34.39
N LEU G 218 36.61 -0.64 -34.56
CA LEU G 218 36.68 0.81 -34.73
C LEU G 218 35.78 1.29 -35.86
N VAL G 219 35.87 0.62 -37.01
CA VAL G 219 35.10 1.01 -38.16
C VAL G 219 33.61 0.76 -37.93
N TYR G 220 33.27 -0.38 -37.33
CA TYR G 220 31.88 -0.71 -37.01
C TYR G 220 31.28 0.33 -36.05
N PHE G 221 32.02 0.69 -35.00
CA PHE G 221 31.55 1.68 -34.04
C PHE G 221 31.39 3.04 -34.72
N THR G 222 32.44 3.48 -35.43
CA THR G 222 32.45 4.78 -36.10
C THR G 222 31.26 4.87 -37.06
N GLU G 223 30.99 3.80 -37.79
CA GLU G 223 29.88 3.80 -38.74
C GLU G 223 28.56 4.05 -38.04
N ALA G 224 28.36 3.37 -36.92
CA ALA G 224 27.12 3.50 -36.14
C ALA G 224 26.93 4.91 -35.63
N MET G 225 28.03 5.51 -35.17
CA MET G 225 28.04 6.88 -34.68
C MET G 225 27.71 7.84 -35.81
N LEU G 226 28.37 7.65 -36.95
CA LEU G 226 28.12 8.47 -38.13
C LEU G 226 26.68 8.32 -38.55
N LYS G 227 26.23 7.07 -38.66
CA LYS G 227 24.87 6.77 -39.07
C LYS G 227 23.86 7.53 -38.22
N ARG G 228 24.03 7.44 -36.90
CA ARG G 228 23.16 8.12 -35.94
C ARG G 228 23.01 9.61 -36.24
N HIS G 229 24.10 10.23 -36.69
CA HIS G 229 24.09 11.66 -36.96
C HIS G 229 24.05 11.97 -38.46
N GLY G 230 23.42 11.08 -39.24
CA GLY G 230 23.17 11.32 -40.66
C GLY G 230 24.33 11.18 -41.63
N MET G 231 25.33 10.38 -41.28
CA MET G 231 26.48 10.20 -42.16
C MET G 231 26.87 8.72 -42.29
N GLY G 232 27.99 8.46 -42.96
CA GLY G 232 28.49 7.11 -43.13
C GLY G 232 29.87 7.17 -43.76
N PHE G 233 30.59 6.06 -43.78
CA PHE G 233 31.94 6.02 -44.36
C PHE G 233 31.92 6.22 -45.87
N GLU G 234 30.80 5.84 -46.48
CA GLU G 234 30.62 5.87 -47.92
C GLU G 234 30.97 7.24 -48.53
N GLY G 235 32.05 7.28 -49.32
CA GLY G 235 32.44 8.48 -50.03
C GLY G 235 33.36 9.43 -49.28
N MET G 236 33.67 9.11 -48.03
CA MET G 236 34.44 10.00 -47.17
C MET G 236 35.95 9.91 -47.35
N ARG G 237 36.62 11.05 -47.26
CA ARG G 237 38.08 11.04 -47.13
C ARG G 237 38.43 10.72 -45.69
N VAL G 238 39.24 9.68 -45.51
CA VAL G 238 39.63 9.25 -44.18
C VAL G 238 41.14 9.27 -44.04
N SER G 239 41.62 9.86 -42.95
CA SER G 239 43.03 9.75 -42.59
C SER G 239 43.21 8.75 -41.47
N VAL G 240 44.17 7.88 -41.66
CA VAL G 240 44.55 6.91 -40.64
C VAL G 240 46.01 7.16 -40.30
N SER G 241 46.34 7.11 -39.01
CA SER G 241 47.74 7.18 -38.60
C SER G 241 48.13 5.81 -38.09
N GLY G 242 49.41 5.49 -38.17
CA GLY G 242 49.86 4.19 -37.73
C GLY G 242 49.80 3.27 -38.94
N SER G 243 50.41 2.10 -38.82
CA SER G 243 50.50 1.16 -39.94
C SER G 243 50.76 -0.22 -39.38
N GLY G 244 50.35 -0.40 -38.12
CA GLY G 244 50.45 -1.69 -37.45
C GLY G 244 49.11 -2.39 -37.49
N ASN G 245 48.91 -3.31 -36.56
CA ASN G 245 47.69 -4.11 -36.53
C ASN G 245 46.38 -3.30 -36.61
N VAL G 246 46.20 -2.34 -35.71
CA VAL G 246 44.98 -1.54 -35.67
C VAL G 246 44.74 -0.77 -36.97
N ALA G 247 45.75 -0.05 -37.44
CA ALA G 247 45.63 0.73 -38.68
C ALA G 247 45.26 -0.13 -39.90
N GLN G 248 45.95 -1.25 -40.04
CA GLN G 248 45.77 -2.13 -41.19
C GLN G 248 44.32 -2.57 -41.36
N TYR G 249 43.73 -3.13 -40.30
CA TYR G 249 42.38 -3.64 -40.42
C TYR G 249 41.30 -2.57 -40.35
N ALA G 250 41.61 -1.43 -39.77
CA ALA G 250 40.76 -0.26 -39.94
C ALA G 250 40.67 0.13 -41.42
N ILE G 251 41.81 0.15 -42.10
CA ILE G 251 41.78 0.46 -43.53
C ILE G 251 41.00 -0.60 -44.29
N GLU G 252 41.30 -1.87 -44.01
CA GLU G 252 40.59 -2.97 -44.64
C GLU G 252 39.06 -2.85 -44.54
N LYS G 253 38.55 -2.73 -43.31
CA LYS G 253 37.11 -2.65 -43.13
C LYS G 253 36.53 -1.35 -43.69
N ALA G 254 37.26 -0.26 -43.58
CA ALA G 254 36.73 1.02 -44.07
C ALA G 254 36.54 0.94 -45.58
N MET G 255 37.46 0.29 -46.26
CA MET G 255 37.36 0.15 -47.72
C MET G 255 36.12 -0.67 -48.08
N GLU G 256 35.76 -1.63 -47.23
CA GLU G 256 34.55 -2.42 -47.46
C GLU G 256 33.29 -1.57 -47.39
N PHE G 257 33.28 -0.58 -46.48
CA PHE G 257 32.18 0.37 -46.37
C PHE G 257 32.26 1.46 -47.44
N GLY G 258 33.21 1.33 -48.34
CA GLY G 258 33.32 2.22 -49.48
C GLY G 258 33.96 3.56 -49.17
N ALA G 259 34.83 3.60 -48.16
CA ALA G 259 35.54 4.82 -47.80
C ALA G 259 36.80 5.07 -48.65
N ARG G 260 37.23 6.33 -48.73
CA ARG G 260 38.48 6.68 -49.41
C ARG G 260 39.57 7.02 -48.40
N VAL G 261 40.36 6.00 -48.04
CA VAL G 261 41.41 6.15 -47.05
C VAL G 261 42.68 6.67 -47.73
N ILE G 262 43.15 7.83 -47.27
CA ILE G 262 44.16 8.59 -47.99
C ILE G 262 45.50 8.77 -47.25
N THR G 263 45.62 8.23 -46.04
CA THR G 263 46.91 8.24 -45.34
C THR G 263 47.17 6.98 -44.53
N ALA G 264 48.45 6.76 -44.23
CA ALA G 264 48.91 5.84 -43.20
C ALA G 264 50.27 6.36 -42.76
N SER G 265 50.77 5.91 -41.61
CA SER G 265 52.07 6.42 -41.17
C SER G 265 52.79 5.50 -40.22
N ASP G 266 54.08 5.72 -40.06
CA ASP G 266 54.83 5.13 -38.97
C ASP G 266 55.60 6.26 -38.28
N SER G 267 56.52 5.92 -37.38
CA SER G 267 57.30 6.93 -36.65
C SER G 267 58.16 7.83 -37.55
N SER G 268 58.46 7.40 -38.78
CA SER G 268 59.32 8.20 -39.66
C SER G 268 58.55 9.21 -40.53
N GLY G 269 57.30 8.91 -40.84
CA GLY G 269 56.50 9.81 -41.65
C GLY G 269 55.21 9.20 -42.14
N THR G 270 54.45 10.02 -42.89
CA THR G 270 53.12 9.66 -43.37
C THR G 270 53.07 9.53 -44.89
N VAL G 271 52.41 8.49 -45.40
CA VAL G 271 52.15 8.40 -46.85
C VAL G 271 50.80 9.01 -47.16
N VAL G 272 50.74 9.76 -48.26
CA VAL G 272 49.52 10.44 -48.68
C VAL G 272 49.13 9.92 -50.06
N ASP G 273 47.93 9.37 -50.16
CA ASP G 273 47.44 8.79 -51.41
C ASP G 273 46.01 9.25 -51.66
N GLU G 274 45.85 10.39 -52.33
CA GLU G 274 44.52 10.95 -52.47
C GLU G 274 43.59 10.18 -53.39
N SER G 275 44.11 9.20 -54.12
CA SER G 275 43.24 8.32 -54.90
C SER G 275 42.61 7.27 -53.98
N GLY G 276 43.29 6.97 -52.87
CA GLY G 276 42.76 6.05 -51.88
C GLY G 276 43.34 4.64 -51.91
N PHE G 277 43.44 4.02 -50.73
CA PHE G 277 43.89 2.65 -50.61
C PHE G 277 42.99 1.69 -51.38
N THR G 278 43.59 0.60 -51.84
CA THR G 278 42.86 -0.51 -52.44
C THR G 278 43.33 -1.75 -51.70
N LYS G 279 42.66 -2.88 -51.92
CA LYS G 279 43.09 -4.15 -51.30
C LYS G 279 44.53 -4.50 -51.68
N GLU G 280 44.83 -4.35 -52.97
CA GLU G 280 46.15 -4.62 -53.51
C GLU G 280 47.21 -3.75 -52.81
N LYS G 281 46.93 -2.45 -52.71
CA LYS G 281 47.83 -1.50 -52.05
C LYS G 281 48.00 -1.85 -50.60
N LEU G 282 46.89 -2.12 -49.93
CA LEU G 282 46.95 -2.50 -48.53
C LEU G 282 47.83 -3.73 -48.31
N ALA G 283 47.68 -4.74 -49.18
CA ALA G 283 48.45 -5.96 -49.01
C ALA G 283 49.96 -5.68 -49.06
N ARG G 284 50.37 -4.76 -49.93
CA ARG G 284 51.78 -4.39 -50.05
C ARG G 284 52.27 -3.68 -48.78
N LEU G 285 51.48 -2.75 -48.27
CA LEU G 285 51.84 -2.03 -47.05
C LEU G 285 52.05 -3.01 -45.89
N ILE G 286 51.13 -3.97 -45.76
CA ILE G 286 51.22 -4.99 -44.72
C ILE G 286 52.49 -5.81 -44.90
N GLU G 287 52.73 -6.27 -46.12
CA GLU G 287 53.94 -7.06 -46.38
C GLU G 287 55.18 -6.25 -46.02
N ILE G 288 55.19 -4.98 -46.41
CA ILE G 288 56.33 -4.11 -46.19
C ILE G 288 56.56 -3.83 -44.69
N LYS G 289 55.48 -3.57 -43.97
CA LYS G 289 55.57 -3.35 -42.53
C LYS G 289 55.84 -4.65 -41.78
N SER G 290 55.62 -5.77 -42.45
CA SER G 290 55.85 -7.08 -41.86
C SER G 290 57.33 -7.33 -41.53
N SER G 291 58.22 -6.59 -42.18
CA SER G 291 59.65 -6.72 -41.89
C SER G 291 60.13 -5.61 -40.94
N ARG G 292 61.18 -5.93 -40.19
CA ARG G 292 61.75 -5.02 -39.21
C ARG G 292 62.24 -3.69 -39.81
N ASP G 293 62.94 -3.77 -40.95
CA ASP G 293 63.51 -2.60 -41.58
C ASP G 293 62.51 -1.93 -42.52
N GLY G 294 61.31 -2.49 -42.60
CA GLY G 294 60.30 -1.99 -43.52
C GLY G 294 59.64 -0.69 -43.06
N ARG G 295 59.59 0.30 -43.95
CA ARG G 295 59.05 1.62 -43.61
C ARG G 295 57.95 2.07 -44.54
N VAL G 296 57.09 2.96 -44.05
CA VAL G 296 56.04 3.52 -44.86
C VAL G 296 56.63 4.26 -46.08
N ALA G 297 57.79 4.90 -45.89
CA ALA G 297 58.50 5.52 -47.01
C ALA G 297 58.74 4.55 -48.17
N ASP G 298 59.04 3.29 -47.86
CA ASP G 298 59.21 2.27 -48.90
C ASP G 298 57.91 2.07 -49.66
N TYR G 299 56.79 2.02 -48.94
CA TYR G 299 55.47 1.90 -49.55
C TYR G 299 55.16 3.06 -50.49
N ALA G 300 55.37 4.29 -50.02
CA ALA G 300 55.21 5.47 -50.88
C ALA G 300 56.04 5.37 -52.17
N LYS G 301 57.30 4.98 -52.03
CA LYS G 301 58.18 4.89 -53.19
C LYS G 301 57.64 3.90 -54.23
N GLU G 302 57.28 2.71 -53.77
CA GLU G 302 56.79 1.65 -54.64
C GLU G 302 55.59 2.08 -55.49
N PHE G 303 54.71 2.87 -54.90
CA PHE G 303 53.47 3.26 -55.56
C PHE G 303 53.49 4.69 -56.12
N GLY G 304 54.63 5.36 -56.00
CA GLY G 304 54.77 6.73 -56.49
C GLY G 304 53.86 7.72 -55.76
N LEU G 305 53.70 7.54 -54.45
CA LEU G 305 52.84 8.40 -53.65
C LEU G 305 53.61 9.48 -52.91
N VAL G 306 52.92 10.55 -52.55
CA VAL G 306 53.46 11.58 -51.66
C VAL G 306 53.92 10.99 -50.33
N TYR G 307 55.06 11.43 -49.82
CA TYR G 307 55.56 10.99 -48.54
C TYR G 307 55.98 12.20 -47.75
N LEU G 308 55.30 12.44 -46.63
CA LEU G 308 55.64 13.53 -45.74
C LEU G 308 56.57 13.00 -44.66
N GLU G 309 57.87 13.19 -44.84
CA GLU G 309 58.84 12.73 -43.85
C GLU G 309 58.78 13.53 -42.55
N GLY G 310 58.73 12.82 -41.44
CA GLY G 310 58.74 13.45 -40.13
C GLY G 310 57.40 14.07 -39.76
N GLN G 311 56.37 13.79 -40.56
CA GLN G 311 55.08 14.41 -40.35
C GLN G 311 53.97 13.41 -40.07
N GLN G 312 52.96 13.88 -39.34
CA GLN G 312 51.74 13.13 -39.11
C GLN G 312 50.72 13.39 -40.24
N PRO G 313 49.61 12.64 -40.26
CA PRO G 313 48.59 12.87 -41.29
C PRO G 313 47.70 14.10 -41.09
N TRP G 314 47.81 14.77 -39.94
CA TRP G 314 46.76 15.70 -39.51
C TRP G 314 46.67 17.03 -40.25
N SER G 315 47.61 17.28 -41.17
CA SER G 315 47.54 18.49 -41.99
C SER G 315 46.59 18.27 -43.17
N VAL G 316 46.48 17.02 -43.59
CA VAL G 316 45.65 16.63 -44.72
C VAL G 316 44.15 16.83 -44.42
N PRO G 317 43.44 17.53 -45.31
CA PRO G 317 41.99 17.75 -45.20
C PRO G 317 41.20 16.45 -45.36
N VAL G 318 40.44 16.06 -44.33
CA VAL G 318 39.64 14.83 -44.39
C VAL G 318 38.28 15.01 -43.72
N ASP G 319 37.41 14.03 -43.89
CA ASP G 319 36.12 14.05 -43.22
C ASP G 319 36.23 13.34 -41.88
N ILE G 320 36.82 12.15 -41.92
CA ILE G 320 36.98 11.30 -40.74
C ILE G 320 38.46 11.07 -40.47
N ALA G 321 38.89 11.30 -39.23
CA ALA G 321 40.26 11.02 -38.82
C ALA G 321 40.33 9.86 -37.80
N LEU G 322 41.20 8.89 -38.09
CA LEU G 322 41.35 7.70 -37.25
C LEU G 322 42.78 7.53 -36.73
N PRO G 323 43.06 8.10 -35.56
CA PRO G 323 44.37 7.94 -34.91
C PRO G 323 44.56 6.51 -34.44
N CYS G 324 45.49 5.78 -35.04
CA CYS G 324 45.71 4.38 -34.73
C CYS G 324 47.19 4.05 -34.44
N ALA G 325 47.96 5.08 -34.08
CA ALA G 325 49.39 4.91 -33.87
C ALA G 325 49.81 4.77 -32.40
N THR G 326 49.58 5.81 -31.59
CA THR G 326 50.10 5.82 -30.22
C THR G 326 49.50 6.89 -29.31
N GLN G 327 49.77 6.78 -28.01
CA GLN G 327 49.26 7.76 -27.04
C GLN G 327 49.78 9.17 -27.30
N ASN G 328 48.89 10.16 -27.17
CA ASN G 328 49.25 11.56 -27.33
C ASN G 328 49.75 11.96 -28.72
N GLU G 329 49.33 11.22 -29.75
CA GLU G 329 49.80 11.49 -31.10
C GLU G 329 48.98 12.59 -31.78
N LEU G 330 47.85 12.97 -31.18
CA LEU G 330 46.98 13.98 -31.77
C LEU G 330 46.74 15.11 -30.78
N ASP G 331 47.53 16.17 -30.90
CA ASP G 331 47.51 17.28 -29.94
C ASP G 331 46.81 18.50 -30.55
N VAL G 332 46.86 19.61 -29.83
CA VAL G 332 46.15 20.85 -30.19
C VAL G 332 46.46 21.42 -31.58
N ASP G 333 47.74 21.55 -31.90
CA ASP G 333 48.15 22.10 -33.18
C ASP G 333 47.62 21.23 -34.31
N ALA G 334 47.60 19.91 -34.09
CA ALA G 334 47.02 18.97 -35.04
C ALA G 334 45.49 19.11 -35.03
N ALA G 335 44.94 19.30 -33.83
CA ALA G 335 43.49 19.39 -33.65
C ALA G 335 42.91 20.60 -34.38
N HIS G 336 43.61 21.73 -34.27
CA HIS G 336 43.16 22.96 -34.91
C HIS G 336 43.20 22.88 -36.43
N GLN G 337 44.14 22.10 -36.96
CA GLN G 337 44.22 21.93 -38.40
C GLN G 337 43.05 21.12 -38.92
N LEU G 338 42.76 20.01 -38.24
CA LEU G 338 41.70 19.11 -38.64
C LEU G 338 40.35 19.82 -38.69
N ILE G 339 40.05 20.51 -37.60
CA ILE G 339 38.84 21.32 -37.48
C ILE G 339 38.73 22.35 -38.62
N ALA G 340 39.77 23.16 -38.79
CA ALA G 340 39.77 24.19 -39.81
C ALA G 340 39.76 23.60 -41.22
N ASN G 341 40.07 22.31 -41.34
CA ASN G 341 40.02 21.62 -42.62
C ASN G 341 38.71 20.84 -42.89
N GLY G 342 37.83 20.80 -41.90
CA GLY G 342 36.48 20.31 -42.09
C GLY G 342 36.17 18.93 -41.55
N VAL G 343 37.02 18.41 -40.69
CA VAL G 343 36.82 17.06 -40.13
C VAL G 343 35.45 16.93 -39.47
N LYS G 344 34.75 15.83 -39.74
CA LYS G 344 33.40 15.63 -39.20
C LYS G 344 33.35 14.63 -38.06
N ALA G 345 34.34 13.73 -38.01
CA ALA G 345 34.42 12.71 -36.97
C ALA G 345 35.86 12.31 -36.65
N VAL G 346 36.09 12.00 -35.38
CA VAL G 346 37.38 11.51 -34.91
C VAL G 346 37.08 10.28 -34.06
N ALA G 347 37.74 9.17 -34.36
CA ALA G 347 37.54 7.97 -33.55
C ALA G 347 38.88 7.32 -33.25
N GLU G 348 39.07 6.92 -32.00
CA GLU G 348 40.38 6.47 -31.53
C GLU G 348 40.56 4.97 -31.65
N GLY G 349 41.51 4.55 -32.48
CA GLY G 349 41.84 3.14 -32.55
C GLY G 349 43.02 2.86 -31.63
N ALA G 350 43.90 3.84 -31.47
CA ALA G 350 45.01 3.71 -30.54
C ALA G 350 44.49 3.91 -29.11
N ASN G 351 45.39 3.79 -28.14
CA ASN G 351 45.06 4.00 -26.74
C ASN G 351 45.38 5.43 -26.36
N MET G 352 44.34 6.17 -26.02
CA MET G 352 44.45 7.61 -25.78
C MET G 352 45.39 8.37 -26.72
N PRO G 353 45.14 8.29 -28.05
CA PRO G 353 45.98 9.06 -28.98
C PRO G 353 45.74 10.56 -28.86
N THR G 354 44.51 10.94 -28.54
CA THR G 354 44.13 12.35 -28.51
C THR G 354 44.35 12.96 -27.13
N THR G 355 45.16 14.01 -27.06
CA THR G 355 45.42 14.66 -25.77
C THR G 355 44.14 15.29 -25.22
N ILE G 356 44.15 15.64 -23.94
CA ILE G 356 42.97 16.15 -23.28
C ILE G 356 42.47 17.44 -23.94
N GLU G 357 43.41 18.30 -24.32
CA GLU G 357 43.08 19.60 -24.88
C GLU G 357 42.49 19.48 -26.28
N ALA G 358 43.09 18.59 -27.10
CA ALA G 358 42.57 18.30 -28.43
C ALA G 358 41.15 17.73 -28.38
N THR G 359 40.92 16.75 -27.51
CA THR G 359 39.59 16.15 -27.35
C THR G 359 38.55 17.25 -27.12
N GLU G 360 38.86 18.14 -26.17
CA GLU G 360 37.99 19.26 -25.81
C GLU G 360 37.75 20.20 -26.99
N LEU G 361 38.84 20.55 -27.67
CA LEU G 361 38.76 21.35 -28.88
C LEU G 361 37.80 20.70 -29.87
N PHE G 362 38.00 19.41 -30.13
CA PHE G 362 37.15 18.66 -31.04
C PHE G 362 35.66 18.78 -30.66
N GLN G 363 35.33 18.34 -29.46
CA GLN G 363 33.94 18.38 -28.99
C GLN G 363 33.30 19.78 -29.09
N GLN G 364 34.03 20.81 -28.70
CA GLN G 364 33.51 22.17 -28.69
C GLN G 364 33.28 22.75 -30.08
N ALA G 365 33.92 22.16 -31.09
CA ALA G 365 33.72 22.60 -32.47
C ALA G 365 32.62 21.78 -33.17
N GLY G 366 31.94 20.93 -32.40
CA GLY G 366 30.87 20.11 -32.94
C GLY G 366 31.30 18.89 -33.76
N VAL G 367 32.52 18.43 -33.58
CA VAL G 367 32.95 17.26 -34.32
C VAL G 367 32.70 16.00 -33.48
N LEU G 368 32.15 14.97 -34.12
CA LEU G 368 31.95 13.69 -33.46
C LEU G 368 33.27 13.08 -32.96
N PHE G 369 33.26 12.62 -31.71
CA PHE G 369 34.44 12.04 -31.07
C PHE G 369 34.12 10.75 -30.32
N ALA G 370 34.65 9.65 -30.82
CA ALA G 370 34.51 8.36 -30.16
C ALA G 370 35.79 8.04 -29.40
N PRO G 371 35.71 7.96 -28.06
CA PRO G 371 36.88 7.60 -27.27
C PRO G 371 37.28 6.17 -27.53
N GLY G 372 38.56 5.86 -27.31
CA GLY G 372 39.09 4.53 -27.54
C GLY G 372 38.46 3.48 -26.65
N LYS G 373 38.17 3.84 -25.39
CA LYS G 373 37.61 2.85 -24.46
C LYS G 373 36.37 2.17 -25.06
N ALA G 374 35.58 2.92 -25.84
CA ALA G 374 34.48 2.30 -26.61
C ALA G 374 34.93 1.85 -28.01
N ALA G 375 35.51 2.78 -28.76
CA ALA G 375 35.84 2.56 -30.18
C ALA G 375 36.84 1.43 -30.44
N ASN G 376 37.85 1.32 -29.57
CA ASN G 376 38.90 0.31 -29.78
C ASN G 376 38.64 -0.99 -29.03
N ALA G 377 37.43 -1.14 -28.52
CA ALA G 377 37.09 -2.28 -27.66
C ALA G 377 36.97 -3.62 -28.40
N GLY G 378 37.12 -3.63 -29.71
CA GLY G 378 36.97 -4.85 -30.49
C GLY G 378 37.83 -6.01 -30.02
N GLY G 379 39.05 -5.69 -29.61
CA GLY G 379 39.96 -6.70 -29.07
C GLY G 379 39.39 -7.37 -27.84
N VAL G 380 38.90 -6.56 -26.89
CA VAL G 380 38.32 -7.11 -25.68
C VAL G 380 37.10 -7.94 -26.03
N ALA G 381 36.25 -7.40 -26.89
CA ALA G 381 35.04 -8.12 -27.28
C ALA G 381 35.38 -9.48 -27.89
N THR G 382 36.43 -9.55 -28.71
CA THR G 382 36.76 -10.83 -29.32
C THR G 382 37.25 -11.85 -28.27
N SER G 383 37.81 -11.36 -27.17
CA SER G 383 38.14 -12.28 -26.08
C SER G 383 36.85 -12.90 -25.54
N GLY G 384 35.79 -12.10 -25.47
CA GLY G 384 34.47 -12.59 -25.12
C GLY G 384 33.93 -13.58 -26.13
N LEU G 385 34.19 -13.33 -27.41
CA LEU G 385 33.72 -14.24 -28.44
C LEU G 385 34.48 -15.56 -28.38
N GLU G 386 35.73 -15.51 -27.91
CA GLU G 386 36.51 -16.73 -27.73
C GLU G 386 35.91 -17.56 -26.61
N MET G 387 35.63 -16.93 -25.49
CA MET G 387 34.95 -17.63 -24.36
C MET G 387 33.64 -18.26 -24.81
N ALA G 388 32.86 -17.52 -25.59
CA ALA G 388 31.59 -17.97 -26.12
C ALA G 388 31.71 -19.18 -27.04
N GLN G 389 32.63 -19.14 -27.99
CA GLN G 389 32.87 -20.29 -28.84
C GLN G 389 33.31 -21.50 -28.04
N ASN G 390 34.16 -21.26 -27.03
CA ASN G 390 34.62 -22.38 -26.20
C ASN G 390 33.43 -22.97 -25.43
N ALA G 391 32.58 -22.09 -24.89
CA ALA G 391 31.39 -22.50 -24.17
C ALA G 391 30.44 -23.29 -25.07
N ALA G 392 30.33 -22.86 -26.34
CA ALA G 392 29.46 -23.52 -27.31
C ALA G 392 30.02 -24.86 -27.81
N ARG G 393 31.29 -25.12 -27.54
CA ARG G 393 31.97 -26.34 -28.02
C ARG G 393 31.96 -26.47 -29.55
N LEU G 394 32.00 -25.32 -30.22
CA LEU G 394 32.01 -25.22 -31.68
C LEU G 394 32.87 -24.03 -32.10
N GLY G 395 33.75 -24.24 -33.06
CA GLY G 395 34.49 -23.14 -33.63
C GLY G 395 33.68 -22.44 -34.71
N TRP G 396 33.76 -21.11 -34.75
CA TRP G 396 33.02 -20.34 -35.74
C TRP G 396 33.93 -19.94 -36.91
N LYS G 397 33.39 -19.97 -38.12
CA LYS G 397 34.12 -19.44 -39.26
C LYS G 397 34.34 -17.95 -39.05
N ALA G 398 35.41 -17.44 -39.65
CA ALA G 398 35.77 -16.03 -39.60
C ALA G 398 34.56 -15.12 -39.82
N GLU G 399 33.79 -15.42 -40.88
CA GLU G 399 32.59 -14.64 -41.22
C GLU G 399 31.63 -14.52 -40.04
N LYS G 400 31.39 -15.62 -39.34
CA LYS G 400 30.45 -15.62 -38.22
C LYS G 400 31.00 -14.81 -37.06
N VAL G 401 32.30 -14.95 -36.79
CA VAL G 401 32.93 -14.18 -35.72
C VAL G 401 32.84 -12.67 -35.97
N ASP G 402 33.14 -12.26 -37.20
CA ASP G 402 33.06 -10.86 -37.66
C ASP G 402 31.66 -10.29 -37.47
N ALA G 403 30.64 -11.05 -37.86
CA ALA G 403 29.24 -10.63 -37.68
C ALA G 403 28.87 -10.45 -36.21
N ARG G 404 29.36 -11.35 -35.36
CA ARG G 404 29.05 -11.24 -33.95
C ARG G 404 29.83 -10.09 -33.32
N LEU G 405 31.05 -9.87 -33.79
CA LEU G 405 31.84 -8.72 -33.36
C LEU G 405 31.12 -7.43 -33.73
N HIS G 406 30.59 -7.37 -34.94
CA HIS G 406 29.84 -6.20 -35.41
C HIS G 406 28.61 -5.95 -34.52
N HIS G 407 27.86 -7.00 -34.19
CA HIS G 407 26.72 -6.81 -33.30
C HIS G 407 27.12 -6.30 -31.91
N ILE G 408 28.26 -6.74 -31.42
CA ILE G 408 28.74 -6.28 -30.11
C ILE G 408 29.05 -4.77 -30.16
N MET G 409 29.78 -4.34 -31.20
CA MET G 409 30.12 -2.93 -31.34
C MET G 409 28.86 -2.06 -31.42
N LEU G 410 27.83 -2.55 -32.11
CA LEU G 410 26.56 -1.85 -32.17
C LEU G 410 25.98 -1.74 -30.77
N ASP G 411 26.08 -2.82 -29.99
CA ASP G 411 25.60 -2.82 -28.61
C ASP G 411 26.41 -1.88 -27.74
N ILE G 412 27.72 -1.80 -27.98
CA ILE G 412 28.55 -0.84 -27.24
C ILE G 412 28.17 0.59 -27.63
N HIS G 413 28.03 0.86 -28.93
CA HIS G 413 27.50 2.16 -29.37
C HIS G 413 26.20 2.54 -28.68
N HIS G 414 25.27 1.59 -28.57
CA HIS G 414 23.98 1.84 -27.94
C HIS G 414 24.10 2.21 -26.44
N ALA G 415 24.98 1.51 -25.72
CA ALA G 415 25.22 1.83 -24.32
C ALA G 415 25.74 3.26 -24.14
N CYS G 416 26.59 3.70 -25.06
CA CYS G 416 27.11 5.06 -25.04
C CYS G 416 25.99 6.06 -25.34
N VAL G 417 25.12 5.72 -26.28
CA VAL G 417 24.00 6.59 -26.62
C VAL G 417 23.06 6.79 -25.41
N GLU G 418 22.77 5.72 -24.68
CA GLU G 418 21.88 5.81 -23.51
C GLU G 418 22.36 6.85 -22.48
N HIS G 419 23.67 7.04 -22.39
CA HIS G 419 24.22 7.91 -21.37
C HIS G 419 24.94 9.13 -21.93
N GLY G 420 24.85 9.31 -23.25
CA GLY G 420 25.57 10.36 -23.94
C GLY G 420 24.85 11.69 -24.09
N GLY G 421 23.65 11.80 -23.53
CA GLY G 421 22.96 13.08 -23.45
C GLY G 421 21.96 13.34 -24.56
N GLU G 422 21.22 14.45 -24.41
CA GLU G 422 20.12 14.75 -25.31
C GLU G 422 20.47 15.89 -26.27
N GLY G 423 21.74 16.29 -26.28
CA GLY G 423 22.20 17.37 -27.12
C GLY G 423 22.18 17.04 -28.61
N GLU G 424 22.63 18.00 -29.42
CA GLU G 424 22.63 17.87 -30.87
C GLU G 424 23.47 16.69 -31.31
N GLN G 425 24.62 16.52 -30.66
CA GLN G 425 25.48 15.38 -30.89
C GLN G 425 25.64 14.61 -29.59
N THR G 426 25.46 13.30 -29.65
CA THR G 426 25.73 12.42 -28.52
C THR G 426 27.13 12.71 -27.99
N ASN G 427 27.24 12.88 -26.68
CA ASN G 427 28.55 12.95 -26.03
C ASN G 427 29.02 11.54 -25.66
N TYR G 428 29.86 10.98 -26.53
CA TYR G 428 30.34 9.61 -26.37
C TYR G 428 31.42 9.47 -25.30
N VAL G 429 32.15 10.54 -25.04
CA VAL G 429 33.13 10.54 -23.98
C VAL G 429 32.35 10.31 -22.67
N GLN G 430 31.38 11.18 -22.43
CA GLN G 430 30.48 11.04 -21.30
C GLN G 430 29.77 9.69 -21.33
N GLY G 431 29.18 9.36 -22.47
CA GLY G 431 28.44 8.14 -22.65
C GLY G 431 29.22 6.86 -22.30
N ALA G 432 30.46 6.77 -22.76
CA ALA G 432 31.28 5.60 -22.45
C ALA G 432 31.67 5.54 -20.99
N ASN G 433 32.03 6.69 -20.43
CA ASN G 433 32.42 6.73 -19.02
C ASN G 433 31.30 6.30 -18.07
N ILE G 434 30.10 6.73 -18.37
CA ILE G 434 28.95 6.45 -17.51
C ILE G 434 28.43 5.03 -17.70
N ALA G 435 28.41 4.56 -18.94
CA ALA G 435 27.84 3.25 -19.26
C ALA G 435 28.55 2.11 -18.52
N GLY G 436 29.88 2.14 -18.55
CA GLY G 436 30.66 1.12 -17.87
C GLY G 436 30.39 1.11 -16.38
N PHE G 437 30.39 2.30 -15.79
CA PHE G 437 30.21 2.42 -14.34
C PHE G 437 28.82 1.97 -13.94
N VAL G 438 27.83 2.45 -14.69
CA VAL G 438 26.45 2.19 -14.31
C VAL G 438 26.12 0.70 -14.36
N LYS G 439 26.67 -0.03 -15.34
CA LYS G 439 26.39 -1.46 -15.36
C LYS G 439 27.02 -2.17 -14.16
N VAL G 440 28.25 -1.78 -13.80
CA VAL G 440 28.90 -2.41 -12.62
C VAL G 440 28.12 -2.06 -11.36
N ALA G 441 27.67 -0.81 -11.26
CA ALA G 441 26.95 -0.34 -10.07
C ALA G 441 25.59 -1.01 -9.93
N ASP G 442 24.87 -1.15 -11.05
CA ASP G 442 23.55 -1.78 -11.04
C ASP G 442 23.70 -3.23 -10.54
N ALA G 443 24.70 -3.93 -11.04
CA ALA G 443 24.93 -5.30 -10.62
C ALA G 443 25.29 -5.36 -9.14
N MET G 444 26.20 -4.49 -8.71
CA MET G 444 26.63 -4.48 -7.32
C MET G 444 25.45 -4.24 -6.39
N LEU G 445 24.62 -3.26 -6.74
CA LEU G 445 23.46 -2.92 -5.92
C LEU G 445 22.48 -4.09 -5.85
N ALA G 446 22.25 -4.77 -6.97
CA ALA G 446 21.30 -5.90 -6.96
C ALA G 446 21.79 -7.10 -6.15
N GLN G 447 23.11 -7.32 -6.10
CA GLN G 447 23.60 -8.55 -5.49
C GLN G 447 23.84 -8.42 -3.99
N GLY G 448 23.51 -7.26 -3.42
CA GLY G 448 23.54 -7.07 -1.98
C GLY G 448 24.91 -6.90 -1.37
N VAL G 449 24.97 -6.91 -0.03
CA VAL G 449 26.20 -6.63 0.70
C VAL G 449 27.07 -7.87 0.83
N ILE G 450 28.06 -7.98 -0.05
CA ILE G 450 28.96 -9.12 -0.09
C ILE G 450 30.41 -8.64 -0.24
N SER H 9 3.96 -19.42 29.11
CA SER H 9 5.39 -19.34 28.82
C SER H 9 5.98 -20.69 28.39
N LEU H 10 5.96 -21.69 29.27
CA LEU H 10 6.35 -23.04 28.89
C LEU H 10 5.37 -23.59 27.87
N GLU H 11 4.09 -23.56 28.23
CA GLU H 11 3.06 -24.01 27.32
C GLU H 11 3.09 -23.19 26.04
N SER H 12 3.39 -21.91 26.19
CA SER H 12 3.42 -21.02 25.05
C SER H 12 4.53 -21.41 24.08
N PHE H 13 5.73 -21.64 24.59
CA PHE H 13 6.85 -22.07 23.76
C PHE H 13 6.55 -23.38 23.02
N LEU H 14 6.01 -24.36 23.73
CA LEU H 14 5.69 -25.65 23.13
C LEU H 14 4.62 -25.49 22.07
N ASN H 15 3.66 -24.61 22.34
CA ASN H 15 2.64 -24.25 21.37
C ASN H 15 3.28 -23.73 20.10
N HIS H 16 4.17 -22.74 20.24
CA HIS H 16 4.82 -22.14 19.09
C HIS H 16 5.66 -23.15 18.31
N VAL H 17 6.35 -24.02 19.03
CA VAL H 17 7.14 -25.08 18.43
C VAL H 17 6.25 -26.05 17.66
N GLN H 18 5.04 -26.25 18.18
CA GLN H 18 4.10 -27.20 17.59
C GLN H 18 3.55 -26.76 16.25
N LYS H 19 3.42 -25.45 16.07
CA LYS H 19 2.86 -24.90 14.82
C LYS H 19 3.52 -25.39 13.52
N ARG H 20 4.84 -25.52 13.50
CA ARG H 20 5.51 -25.94 12.27
C ARG H 20 5.27 -27.42 11.99
N ASP H 21 5.12 -28.21 13.05
CA ASP H 21 4.99 -29.65 12.94
C ASP H 21 3.77 -30.15 13.69
N PRO H 22 2.56 -29.84 13.21
CA PRO H 22 1.36 -30.17 13.99
C PRO H 22 1.10 -31.67 14.13
N ASN H 23 1.71 -32.51 13.29
CA ASN H 23 1.41 -33.94 13.33
C ASN H 23 2.60 -34.83 13.74
N GLN H 24 3.68 -34.22 14.20
CA GLN H 24 4.85 -34.98 14.65
C GLN H 24 4.72 -35.31 16.14
N THR H 25 3.92 -36.32 16.45
CA THR H 25 3.57 -36.62 17.84
C THR H 25 4.79 -36.92 18.73
N GLU H 26 5.67 -37.79 18.26
CA GLU H 26 6.81 -38.19 19.05
C GLU H 26 7.73 -37.00 19.37
N PHE H 27 8.00 -36.18 18.37
CA PHE H 27 8.90 -35.04 18.54
C PHE H 27 8.32 -34.02 19.51
N ALA H 28 7.02 -33.73 19.38
CA ALA H 28 6.32 -32.89 20.33
C ALA H 28 6.51 -33.41 21.74
N GLN H 29 6.42 -34.72 21.92
CA GLN H 29 6.55 -35.32 23.24
C GLN H 29 7.96 -35.16 23.78
N ALA H 30 8.96 -35.42 22.92
CA ALA H 30 10.36 -35.31 23.32
C ALA H 30 10.73 -33.87 23.66
N VAL H 31 10.20 -32.91 22.92
CA VAL H 31 10.42 -31.51 23.25
C VAL H 31 9.74 -31.17 24.56
N ARG H 32 8.53 -31.69 24.75
CA ARG H 32 7.79 -31.40 25.97
C ARG H 32 8.57 -31.88 27.19
N GLU H 33 9.11 -33.09 27.11
CA GLU H 33 9.82 -33.71 28.23
C GLU H 33 11.06 -32.93 28.64
N VAL H 34 11.90 -32.61 27.67
CA VAL H 34 13.10 -31.86 27.96
C VAL H 34 12.82 -30.45 28.49
N MET H 35 11.95 -29.71 27.81
CA MET H 35 11.70 -28.31 28.18
C MET H 35 11.04 -28.18 29.55
N THR H 36 10.22 -29.17 29.90
CA THR H 36 9.58 -29.17 31.22
C THR H 36 10.65 -29.24 32.30
N THR H 37 11.60 -30.15 32.13
CA THR H 37 12.67 -30.31 33.09
C THR H 37 13.61 -29.12 33.10
N LEU H 38 13.77 -28.46 31.97
CA LEU H 38 14.73 -27.36 31.89
C LEU H 38 14.16 -26.02 32.42
N TRP H 39 12.85 -25.84 32.32
CA TRP H 39 12.23 -24.54 32.61
C TRP H 39 12.69 -23.86 33.91
N PRO H 40 12.66 -24.58 35.05
CA PRO H 40 13.13 -23.93 36.29
C PRO H 40 14.60 -23.52 36.23
N PHE H 41 15.42 -24.32 35.54
CA PHE H 41 16.80 -23.97 35.35
C PHE H 41 16.86 -22.71 34.52
N LEU H 42 16.02 -22.66 33.49
CA LEU H 42 16.00 -21.52 32.58
C LEU H 42 15.55 -20.24 33.30
N GLU H 43 14.54 -20.36 34.15
CA GLU H 43 14.07 -19.24 34.96
C GLU H 43 15.21 -18.65 35.80
N GLN H 44 16.11 -19.54 36.25
CA GLN H 44 17.13 -19.19 37.21
C GLN H 44 18.46 -18.80 36.56
N ASN H 45 18.55 -19.01 35.25
CA ASN H 45 19.78 -18.71 34.52
C ASN H 45 19.47 -18.00 33.21
N PRO H 46 19.21 -16.68 33.27
CA PRO H 46 18.76 -15.85 32.16
C PRO H 46 19.64 -15.96 30.92
N LYS H 47 20.95 -16.07 31.13
CA LYS H 47 21.92 -16.27 30.05
C LYS H 47 21.43 -17.26 28.99
N TYR H 48 20.75 -18.32 29.43
CA TYR H 48 20.38 -19.41 28.54
C TYR H 48 19.01 -19.32 27.85
N ARG H 49 18.36 -18.16 27.90
CA ARG H 49 17.14 -17.94 27.11
C ARG H 49 17.39 -16.92 25.99
N GLN H 50 18.57 -16.31 26.03
CA GLN H 50 18.89 -15.19 25.16
C GLN H 50 19.21 -15.68 23.76
N MET H 51 19.24 -14.76 22.81
CA MET H 51 19.58 -15.06 21.42
C MET H 51 18.65 -16.11 20.81
N SER H 52 17.40 -16.16 21.30
CA SER H 52 16.45 -17.21 20.91
C SER H 52 17.06 -18.61 20.91
N LEU H 53 17.82 -18.93 21.93
CA LEU H 53 18.55 -20.19 21.97
C LEU H 53 17.63 -21.41 21.93
N LEU H 54 16.50 -21.32 22.62
CA LEU H 54 15.60 -22.46 22.72
C LEU H 54 14.97 -22.72 21.38
N GLU H 55 14.50 -21.65 20.75
CA GLU H 55 13.96 -21.72 19.41
C GLU H 55 15.01 -22.33 18.43
N ARG H 56 16.25 -21.93 18.56
CA ARG H 56 17.30 -22.47 17.67
C ARG H 56 17.58 -23.91 17.98
N LEU H 57 17.47 -24.26 19.26
CA LEU H 57 17.81 -25.60 19.70
C LEU H 57 16.90 -26.64 19.07
N VAL H 58 15.61 -26.33 18.96
CA VAL H 58 14.61 -27.32 18.58
C VAL H 58 14.42 -27.51 17.08
N GLU H 59 15.05 -26.65 16.29
CA GLU H 59 14.97 -26.72 14.85
C GLU H 59 16.26 -27.34 14.30
N PRO H 60 16.16 -28.55 13.71
CA PRO H 60 17.33 -29.27 13.22
C PRO H 60 18.08 -28.45 12.16
N GLU H 61 19.40 -28.44 12.24
CA GLU H 61 20.20 -27.69 11.29
C GLU H 61 19.83 -28.08 9.86
N ARG H 62 19.71 -29.38 9.61
CA ARG H 62 19.44 -29.89 8.28
C ARG H 62 18.76 -31.26 8.34
N VAL H 63 17.77 -31.45 7.49
CA VAL H 63 17.21 -32.78 7.29
C VAL H 63 17.25 -33.09 5.81
N ILE H 64 17.75 -34.28 5.47
CA ILE H 64 17.68 -34.74 4.09
C ILE H 64 16.72 -35.91 4.02
N GLN H 65 15.63 -35.74 3.28
CA GLN H 65 14.73 -36.86 2.97
C GLN H 65 15.07 -37.26 1.54
N PHE H 66 15.18 -38.55 1.26
CA PHE H 66 15.45 -38.97 -0.10
C PHE H 66 14.85 -40.31 -0.51
N ARG H 67 14.69 -40.49 -1.82
CA ARG H 67 14.16 -41.69 -2.43
C ARG H 67 15.24 -42.78 -2.53
N VAL H 68 14.88 -44.01 -2.16
CA VAL H 68 15.77 -45.16 -2.37
C VAL H 68 15.06 -46.18 -3.27
N VAL H 69 15.61 -46.41 -4.45
CA VAL H 69 15.03 -47.37 -5.37
C VAL H 69 15.93 -48.59 -5.45
N TRP H 70 15.34 -49.76 -5.29
CA TRP H 70 16.12 -50.99 -5.29
C TRP H 70 15.26 -52.13 -5.82
N VAL H 71 15.91 -53.27 -6.09
CA VAL H 71 15.22 -54.39 -6.71
C VAL H 71 15.24 -55.58 -5.76
N ASP H 72 14.08 -56.18 -5.55
CA ASP H 72 14.01 -57.35 -4.66
C ASP H 72 14.40 -58.61 -5.43
N ASP H 73 14.30 -59.77 -4.77
CA ASP H 73 14.72 -61.03 -5.37
C ASP H 73 13.78 -61.58 -6.43
N ARG H 74 12.55 -61.07 -6.45
CA ARG H 74 11.60 -61.48 -7.48
C ARG H 74 11.70 -60.52 -8.65
N ASN H 75 12.72 -59.66 -8.62
CA ASN H 75 12.99 -58.67 -9.66
C ASN H 75 11.93 -57.57 -9.77
N GLN H 76 11.20 -57.31 -8.69
CA GLN H 76 10.27 -56.20 -8.65
C GLN H 76 11.00 -54.98 -8.11
N VAL H 77 10.83 -53.86 -8.77
CA VAL H 77 11.49 -52.62 -8.36
C VAL H 77 10.72 -52.00 -7.18
N GLN H 78 11.41 -51.80 -6.06
CA GLN H 78 10.78 -51.30 -4.83
C GLN H 78 11.24 -49.89 -4.48
N VAL H 79 10.30 -49.08 -4.03
CA VAL H 79 10.60 -47.70 -3.64
C VAL H 79 10.45 -47.48 -2.14
N ASN H 80 11.54 -47.09 -1.48
CA ASN H 80 11.48 -46.72 -0.07
C ASN H 80 11.94 -45.30 0.19
N ARG H 81 11.59 -44.78 1.37
CA ARG H 81 11.99 -43.44 1.78
C ARG H 81 13.05 -43.51 2.87
N ALA H 82 14.03 -42.62 2.81
CA ALA H 82 15.04 -42.56 3.84
C ALA H 82 15.28 -41.13 4.29
N TRP H 83 15.95 -40.98 5.43
CA TRP H 83 16.27 -39.67 5.98
C TRP H 83 17.65 -39.68 6.64
N ARG H 84 18.30 -38.53 6.68
CA ARG H 84 19.29 -38.27 7.70
C ARG H 84 18.97 -36.94 8.36
N VAL H 85 18.69 -36.98 9.66
CA VAL H 85 18.43 -35.77 10.43
C VAL H 85 19.72 -35.34 11.05
N GLN H 86 20.24 -34.20 10.61
CA GLN H 86 21.48 -33.67 11.12
C GLN H 86 21.08 -32.53 12.06
N PHE H 87 20.88 -32.88 13.33
CA PHE H 87 20.22 -31.97 14.28
C PHE H 87 21.12 -30.85 14.80
N SER H 88 22.25 -31.23 15.40
CA SER H 88 23.16 -30.29 15.99
C SER H 88 24.63 -30.61 15.67
N SER H 89 25.37 -29.61 15.19
CA SER H 89 26.82 -29.76 15.05
C SER H 89 27.57 -28.82 16.01
N ALA H 90 26.86 -28.33 17.02
CA ALA H 90 27.44 -27.36 17.95
C ALA H 90 28.76 -27.83 18.54
N ILE H 91 28.78 -29.08 18.97
CA ILE H 91 29.88 -29.67 19.74
C ILE H 91 30.83 -30.53 18.87
N GLY H 92 30.31 -31.02 17.76
CA GLY H 92 31.12 -31.83 16.87
C GLY H 92 30.23 -32.37 15.78
N PRO H 93 30.74 -33.35 15.03
CA PRO H 93 29.99 -33.85 13.87
C PRO H 93 28.66 -34.46 14.31
N TYR H 94 27.66 -34.41 13.43
CA TYR H 94 26.40 -35.10 13.71
C TYR H 94 26.72 -36.57 13.96
N LYS H 95 26.08 -37.13 14.97
CA LYS H 95 26.39 -38.49 15.40
C LYS H 95 25.14 -39.18 15.90
N GLY H 96 24.89 -40.37 15.37
CA GLY H 96 23.73 -41.12 15.80
C GLY H 96 23.36 -42.19 14.82
N GLY H 97 22.56 -43.15 15.29
CA GLY H 97 22.28 -44.35 14.52
C GLY H 97 21.35 -44.20 13.34
N MET H 98 21.28 -45.28 12.55
CA MET H 98 20.35 -45.43 11.44
C MET H 98 19.37 -46.54 11.79
N ARG H 99 18.09 -46.31 11.53
CA ARG H 99 17.06 -47.28 11.83
C ARG H 99 16.28 -47.72 10.59
N PHE H 100 16.21 -49.02 10.35
CA PHE H 100 15.37 -49.55 9.28
C PHE H 100 14.17 -50.25 9.91
N HIS H 101 12.98 -49.68 9.72
CA HIS H 101 11.73 -50.24 10.25
C HIS H 101 10.53 -49.54 9.59
N PRO H 102 9.48 -50.30 9.22
CA PRO H 102 8.36 -49.74 8.46
C PRO H 102 7.60 -48.63 9.19
N SER H 103 7.83 -48.46 10.49
CA SER H 103 7.19 -47.38 11.23
C SER H 103 8.01 -46.09 11.23
N VAL H 104 9.26 -46.16 10.78
CA VAL H 104 10.12 -44.97 10.80
C VAL H 104 9.57 -43.80 9.99
N ASN H 105 9.56 -42.63 10.61
CA ASN H 105 9.19 -41.41 9.91
C ASN H 105 10.00 -40.24 10.45
N LEU H 106 9.77 -39.05 9.90
CA LEU H 106 10.51 -37.87 10.30
C LEU H 106 10.28 -37.52 11.76
N SER H 107 9.03 -37.60 12.21
CA SER H 107 8.72 -37.36 13.62
C SER H 107 9.62 -38.17 14.55
N ILE H 108 9.61 -39.48 14.34
CA ILE H 108 10.38 -40.41 15.14
C ILE H 108 11.87 -40.05 15.08
N LEU H 109 12.38 -39.84 13.88
CA LEU H 109 13.80 -39.57 13.70
C LEU H 109 14.22 -38.27 14.37
N LYS H 110 13.34 -37.27 14.35
CA LYS H 110 13.67 -35.99 14.98
C LYS H 110 13.74 -36.15 16.47
N PHE H 111 12.76 -36.88 17.01
CA PHE H 111 12.69 -37.21 18.42
C PHE H 111 14.00 -37.88 18.84
N LEU H 112 14.37 -38.94 18.14
CA LEU H 112 15.58 -39.67 18.46
C LEU H 112 16.83 -38.80 18.26
N GLY H 113 16.82 -37.98 17.23
CA GLY H 113 17.96 -37.14 16.94
C GLY H 113 18.12 -36.02 17.94
N PHE H 114 16.98 -35.50 18.41
CA PHE H 114 16.94 -34.47 19.45
C PHE H 114 17.52 -35.03 20.74
N GLU H 115 17.15 -36.27 21.07
CA GLU H 115 17.68 -36.90 22.27
C GLU H 115 19.17 -37.24 22.14
N GLN H 116 19.60 -37.67 20.95
CA GLN H 116 21.01 -38.01 20.71
C GLN H 116 21.92 -36.82 20.96
N THR H 117 21.51 -35.66 20.47
CA THR H 117 22.23 -34.42 20.71
C THR H 117 22.65 -34.22 22.17
N PHE H 118 21.69 -34.35 23.10
CA PHE H 118 22.03 -34.15 24.50
C PHE H 118 22.82 -35.29 25.11
N LYS H 119 22.52 -36.51 24.67
CA LYS H 119 23.17 -37.67 25.26
C LYS H 119 24.64 -37.67 24.86
N ASN H 120 24.88 -37.42 23.57
CA ASN H 120 26.25 -37.35 23.06
C ASN H 120 27.01 -36.24 23.77
N ALA H 121 26.33 -35.12 24.01
CA ALA H 121 26.95 -34.02 24.71
C ALA H 121 27.38 -34.43 26.13
N LEU H 122 26.52 -35.16 26.83
CA LEU H 122 26.80 -35.68 28.17
C LEU H 122 28.11 -36.48 28.28
N THR H 123 28.45 -37.24 27.23
CA THR H 123 29.63 -38.10 27.28
C THR H 123 30.93 -37.32 27.43
N THR H 124 30.86 -36.00 27.25
CA THR H 124 32.02 -35.10 27.19
C THR H 124 32.87 -35.29 25.93
N LEU H 125 32.48 -36.23 25.06
CA LEU H 125 33.18 -36.41 23.79
C LEU H 125 32.71 -35.38 22.74
N PRO H 126 33.57 -35.08 21.76
CA PRO H 126 33.25 -34.03 20.78
C PRO H 126 32.30 -34.54 19.72
N MET H 127 31.02 -34.71 20.08
CA MET H 127 30.06 -35.33 19.20
C MET H 127 28.77 -34.51 19.17
N GLY H 128 28.29 -34.19 17.96
CA GLY H 128 27.03 -33.49 17.79
C GLY H 128 25.89 -34.50 17.85
N GLY H 129 24.77 -34.18 17.21
CA GLY H 129 23.61 -35.05 17.25
C GLY H 129 22.90 -35.24 15.91
N GLY H 130 22.56 -36.49 15.65
CA GLY H 130 21.84 -36.83 14.44
C GLY H 130 21.13 -38.17 14.53
N LYS H 131 20.31 -38.45 13.54
CA LYS H 131 19.61 -39.74 13.46
C LYS H 131 19.16 -39.96 12.03
N GLY H 132 19.14 -41.21 11.59
CA GLY H 132 18.73 -41.49 10.23
C GLY H 132 17.97 -42.77 10.14
N GLY H 133 17.48 -43.09 8.95
CA GLY H 133 16.76 -44.33 8.79
C GLY H 133 15.95 -44.47 7.52
N SER H 134 15.11 -45.49 7.49
CA SER H 134 14.29 -45.74 6.31
C SER H 134 13.11 -46.59 6.73
N ASP H 135 12.00 -46.45 6.00
CA ASP H 135 10.84 -47.30 6.24
C ASP H 135 10.98 -48.66 5.59
N PHE H 136 12.15 -48.90 4.99
CA PHE H 136 12.54 -50.24 4.54
C PHE H 136 12.35 -51.23 5.68
N ASP H 137 11.77 -52.38 5.37
CA ASP H 137 11.51 -53.39 6.37
C ASP H 137 12.38 -54.63 6.14
N PRO H 138 13.41 -54.80 7.00
CA PRO H 138 14.35 -55.91 6.85
C PRO H 138 13.71 -57.29 7.03
N LYS H 139 12.51 -57.37 7.59
CA LYS H 139 11.90 -58.68 7.87
C LYS H 139 11.64 -59.48 6.59
N GLY H 140 12.20 -60.69 6.54
CA GLY H 140 11.98 -61.57 5.40
C GLY H 140 12.84 -61.20 4.20
N LYS H 141 13.73 -60.23 4.40
CA LYS H 141 14.61 -59.79 3.32
C LYS H 141 15.83 -60.68 3.29
N SER H 142 16.30 -61.02 2.09
CA SER H 142 17.48 -61.85 1.91
C SER H 142 18.76 -61.03 2.16
N GLU H 143 19.90 -61.72 2.25
CA GLU H 143 21.16 -61.04 2.46
C GLU H 143 21.45 -60.07 1.32
N GLY H 144 21.19 -60.53 0.10
CA GLY H 144 21.39 -59.73 -1.09
C GLY H 144 20.45 -58.55 -1.17
N GLU H 145 19.19 -58.76 -0.78
CA GLU H 145 18.21 -57.68 -0.79
C GLU H 145 18.65 -56.56 0.12
N VAL H 146 19.09 -56.94 1.32
CA VAL H 146 19.53 -55.97 2.32
C VAL H 146 20.79 -55.28 1.84
N MET H 147 21.71 -56.05 1.25
CA MET H 147 22.91 -55.43 0.71
C MET H 147 22.56 -54.38 -0.33
N ARG H 148 21.71 -54.77 -1.29
CA ARG H 148 21.34 -53.88 -2.39
C ARG H 148 20.63 -52.64 -1.86
N PHE H 149 19.85 -52.79 -0.81
CA PHE H 149 19.18 -51.62 -0.24
C PHE H 149 20.17 -50.67 0.43
N CYS H 150 21.07 -51.20 1.25
CA CYS H 150 22.11 -50.37 1.89
C CYS H 150 22.92 -49.63 0.84
N GLN H 151 23.32 -50.34 -0.20
CA GLN H 151 24.13 -49.74 -1.24
C GLN H 151 23.37 -48.65 -1.99
N ALA H 152 22.13 -48.94 -2.36
CA ALA H 152 21.26 -47.94 -3.00
C ALA H 152 21.10 -46.69 -2.12
N LEU H 153 20.81 -46.91 -0.85
CA LEU H 153 20.72 -45.82 0.13
C LEU H 153 21.98 -44.95 0.10
N MET H 154 23.14 -45.59 0.10
CA MET H 154 24.42 -44.89 0.16
C MET H 154 24.78 -44.14 -1.13
N THR H 155 24.21 -44.55 -2.27
CA THR H 155 24.45 -43.83 -3.52
C THR H 155 23.92 -42.42 -3.41
N GLU H 156 22.88 -42.24 -2.60
CA GLU H 156 22.48 -40.89 -2.21
C GLU H 156 23.16 -40.40 -0.94
N LEU H 157 23.20 -41.22 0.10
CA LEU H 157 23.59 -40.67 1.39
C LEU H 157 25.07 -40.24 1.50
N TYR H 158 25.96 -40.92 0.77
CA TYR H 158 27.41 -40.70 0.90
C TYR H 158 27.82 -39.23 0.80
N ARG H 159 27.12 -38.44 -0.01
CA ARG H 159 27.56 -37.07 -0.25
C ARG H 159 27.32 -36.18 0.95
N HIS H 160 26.50 -36.65 1.90
CA HIS H 160 26.09 -35.84 3.06
C HIS H 160 26.87 -36.17 4.35
N LEU H 161 27.68 -37.23 4.31
CA LEU H 161 28.42 -37.67 5.49
C LEU H 161 29.92 -37.36 5.43
N GLY H 162 30.64 -37.71 6.48
CA GLY H 162 32.07 -37.44 6.51
C GLY H 162 32.65 -37.58 7.91
N ALA H 163 33.93 -37.93 7.97
CA ALA H 163 34.62 -38.14 9.25
C ALA H 163 34.52 -36.93 10.18
N ASP H 164 34.51 -35.73 9.61
CA ASP H 164 34.29 -34.53 10.43
C ASP H 164 32.95 -33.81 10.16
N THR H 165 31.95 -34.55 9.69
CA THR H 165 30.67 -33.96 9.27
C THR H 165 29.51 -34.69 9.91
N ASP H 166 29.38 -35.98 9.59
CA ASP H 166 28.34 -36.83 10.15
C ASP H 166 28.84 -38.28 10.13
N VAL H 167 28.82 -38.90 11.31
CA VAL H 167 29.24 -40.30 11.49
C VAL H 167 28.09 -41.13 12.06
N PRO H 168 27.38 -41.86 11.18
CA PRO H 168 26.26 -42.67 11.67
C PRO H 168 26.71 -43.97 12.34
N ALA H 169 25.73 -44.83 12.61
CA ALA H 169 25.95 -46.07 13.33
C ALA H 169 24.71 -46.93 13.23
N GLY H 170 24.67 -47.99 14.04
CA GLY H 170 23.56 -48.92 14.01
C GLY H 170 22.37 -48.49 14.86
N ASP H 171 21.29 -49.24 14.74
CA ASP H 171 20.08 -49.06 15.55
C ASP H 171 19.16 -50.20 15.16
N ILE H 172 17.87 -50.09 15.45
CA ILE H 172 16.95 -51.17 15.12
C ILE H 172 16.97 -51.42 13.62
N GLY H 173 17.07 -52.68 13.21
CA GLY H 173 17.08 -53.04 11.81
C GLY H 173 18.42 -52.82 11.12
N VAL H 174 19.36 -52.21 11.84
CA VAL H 174 20.68 -51.92 11.29
C VAL H 174 21.76 -52.44 12.23
N GLY H 175 22.19 -53.68 12.00
CA GLY H 175 23.18 -54.31 12.85
C GLY H 175 24.58 -54.26 12.26
N GLY H 176 25.48 -55.07 12.78
CA GLY H 176 26.84 -55.14 12.25
C GLY H 176 26.88 -55.36 10.75
N ARG H 177 26.03 -56.25 10.25
CA ARG H 177 26.00 -56.55 8.82
C ARG H 177 25.70 -55.31 7.97
N GLU H 178 24.65 -54.58 8.33
CA GLU H 178 24.24 -53.37 7.59
C GLU H 178 25.26 -52.26 7.67
N VAL H 179 25.84 -52.07 8.84
CA VAL H 179 26.91 -51.08 9.03
C VAL H 179 28.06 -51.39 8.04
N GLY H 180 28.44 -52.66 7.96
CA GLY H 180 29.50 -53.08 7.05
C GLY H 180 29.17 -52.76 5.60
N PHE H 181 27.94 -53.02 5.20
CA PHE H 181 27.50 -52.73 3.84
C PHE H 181 27.51 -51.21 3.53
N MET H 182 27.11 -50.40 4.51
CA MET H 182 27.03 -48.95 4.30
C MET H 182 28.41 -48.33 4.33
N ALA H 183 29.26 -48.82 5.24
CA ALA H 183 30.61 -48.30 5.37
C ALA H 183 31.45 -48.68 4.14
N GLY H 184 31.18 -49.85 3.58
CA GLY H 184 31.90 -50.30 2.39
C GLY H 184 31.52 -49.48 1.17
N MET H 185 30.22 -49.20 1.01
CA MET H 185 29.75 -48.39 -0.11
C MET H 185 30.23 -46.94 0.04
N MET H 186 30.26 -46.44 1.27
CA MET H 186 30.79 -45.12 1.55
C MET H 186 32.26 -45.04 1.11
N LYS H 187 33.03 -46.05 1.50
CA LYS H 187 34.45 -46.09 1.15
C LYS H 187 34.66 -46.11 -0.37
N LYS H 188 33.92 -46.98 -1.05
CA LYS H 188 34.03 -47.14 -2.50
C LYS H 188 33.74 -45.85 -3.25
N LEU H 189 32.58 -45.25 -2.97
CA LEU H 189 32.17 -44.03 -3.65
C LEU H 189 33.08 -42.86 -3.34
N SER H 190 33.49 -42.74 -2.08
CA SER H 190 34.29 -41.59 -1.67
C SER H 190 35.79 -41.76 -1.92
N ASN H 191 36.24 -42.98 -2.17
CA ASN H 191 37.68 -43.27 -2.31
C ASN H 191 38.44 -42.76 -1.08
N ASN H 192 37.85 -42.99 0.09
CA ASN H 192 38.36 -42.44 1.33
C ASN H 192 38.00 -43.40 2.45
N THR H 193 38.99 -43.75 3.28
CA THR H 193 38.81 -44.82 4.25
C THR H 193 38.59 -44.32 5.69
N ALA H 194 38.49 -43.01 5.85
CA ALA H 194 38.34 -42.43 7.18
C ALA H 194 37.08 -42.94 7.91
N CYS H 195 37.02 -42.72 9.21
CA CYS H 195 35.89 -43.25 10.01
C CYS H 195 34.59 -42.47 9.74
N VAL H 196 33.69 -43.08 8.98
CA VAL H 196 32.41 -42.42 8.68
C VAL H 196 31.26 -43.15 9.39
N PHE H 197 31.46 -44.42 9.75
CA PHE H 197 30.49 -45.18 10.54
C PHE H 197 31.14 -45.76 11.80
N THR H 198 30.42 -45.75 12.92
CA THR H 198 30.85 -46.56 14.07
C THR H 198 30.03 -47.84 14.12
N GLY H 199 30.41 -48.75 15.01
CA GLY H 199 29.82 -50.08 15.03
C GLY H 199 30.45 -51.01 14.01
N LYS H 200 31.62 -50.63 13.50
CA LYS H 200 32.31 -51.48 12.52
C LYS H 200 32.81 -52.77 13.16
N GLY H 201 33.03 -53.79 12.34
CA GLY H 201 33.60 -55.05 12.80
C GLY H 201 35.09 -54.89 13.02
N LEU H 202 35.64 -55.73 13.87
CA LEU H 202 37.04 -55.60 14.29
C LEU H 202 38.06 -55.72 13.14
N SER H 203 37.63 -56.29 12.01
CA SER H 203 38.53 -56.47 10.89
C SER H 203 38.67 -55.21 10.05
N PHE H 204 37.82 -54.21 10.31
CA PHE H 204 37.93 -52.95 9.56
C PHE H 204 37.73 -51.70 10.40
N GLY H 205 38.29 -51.74 11.61
CA GLY H 205 38.44 -50.53 12.40
C GLY H 205 37.51 -50.43 13.57
N GLY H 206 36.75 -51.50 13.82
CA GLY H 206 35.81 -51.52 14.94
C GLY H 206 36.55 -51.52 16.26
N SER H 207 35.81 -51.34 17.35
CA SER H 207 36.44 -51.22 18.66
C SER H 207 36.05 -52.36 19.59
N LEU H 208 37.00 -52.79 20.41
CA LEU H 208 36.69 -53.72 21.49
C LEU H 208 35.78 -53.00 22.49
N ILE H 209 35.10 -53.77 23.34
CA ILE H 209 34.20 -53.25 24.39
C ILE H 209 32.85 -52.72 23.85
N ARG H 210 32.74 -52.51 22.53
CA ARG H 210 31.45 -52.10 21.97
C ARG H 210 30.27 -52.99 22.38
N PRO H 211 30.42 -54.33 22.29
CA PRO H 211 29.28 -55.14 22.75
C PRO H 211 28.98 -54.91 24.23
N GLU H 212 30.03 -54.86 25.05
CA GLU H 212 29.91 -54.74 26.49
C GLU H 212 29.49 -53.37 26.97
N ALA H 213 29.57 -52.38 26.08
CA ALA H 213 29.57 -50.96 26.48
C ALA H 213 28.36 -50.50 27.29
N THR H 214 27.16 -50.74 26.78
CA THR H 214 25.97 -50.18 27.43
C THR H 214 25.75 -50.76 28.82
N GLY H 215 25.84 -52.09 28.92
CA GLY H 215 25.69 -52.79 30.18
C GLY H 215 26.75 -52.46 31.21
N TYR H 216 28.01 -52.46 30.80
CA TYR H 216 29.13 -52.10 31.69
C TYR H 216 28.89 -50.69 32.20
N GLY H 217 28.64 -49.78 31.26
CA GLY H 217 28.42 -48.39 31.57
C GLY H 217 27.28 -48.17 32.55
N LEU H 218 26.23 -48.97 32.43
CA LEU H 218 25.08 -48.88 33.34
C LEU H 218 25.48 -49.16 34.79
N VAL H 219 26.25 -50.22 35.03
CA VAL H 219 26.65 -50.48 36.41
C VAL H 219 27.82 -49.59 36.87
N TYR H 220 28.71 -49.18 35.97
CA TYR H 220 29.68 -48.14 36.28
C TYR H 220 28.98 -46.89 36.85
N PHE H 221 27.97 -46.40 36.11
CA PHE H 221 27.20 -45.25 36.57
C PHE H 221 26.48 -45.54 37.88
N THR H 222 25.86 -46.71 37.95
CA THR H 222 25.08 -47.08 39.13
C THR H 222 25.94 -47.23 40.38
N GLU H 223 27.12 -47.81 40.22
CA GLU H 223 28.04 -47.95 41.35
C GLU H 223 28.41 -46.57 41.89
N ALA H 224 28.68 -45.63 40.98
CA ALA H 224 28.97 -44.25 41.35
C ALA H 224 27.80 -43.57 42.06
N MET H 225 26.59 -43.82 41.59
CA MET H 225 25.40 -43.25 42.20
C MET H 225 25.25 -43.80 43.62
N LEU H 226 25.38 -45.13 43.74
CA LEU H 226 25.33 -45.79 45.03
C LEU H 226 26.41 -45.28 45.98
N LYS H 227 27.64 -45.19 45.46
CA LYS H 227 28.79 -44.77 46.25
C LYS H 227 28.62 -43.35 46.80
N ARG H 228 28.12 -42.45 45.97
CA ARG H 228 27.86 -41.08 46.44
C ARG H 228 26.91 -41.12 47.62
N HIS H 229 25.98 -42.05 47.60
CA HIS H 229 24.96 -42.11 48.64
C HIS H 229 25.26 -43.21 49.65
N GLY H 230 26.52 -43.66 49.66
CA GLY H 230 27.01 -44.53 50.72
C GLY H 230 26.76 -46.01 50.54
N MET H 231 26.49 -46.44 49.32
CA MET H 231 26.22 -47.86 49.07
C MET H 231 27.16 -48.40 47.99
N GLY H 232 26.88 -49.62 47.54
CA GLY H 232 27.66 -50.24 46.48
C GLY H 232 26.95 -51.49 46.02
N PHE H 233 27.39 -52.08 44.92
CA PHE H 233 26.78 -53.29 44.38
C PHE H 233 27.07 -54.51 45.25
N GLU H 234 28.21 -54.49 45.93
CA GLU H 234 28.69 -55.64 46.69
C GLU H 234 27.71 -56.12 47.74
N GLY H 235 27.30 -57.38 47.62
CA GLY H 235 26.41 -58.02 48.57
C GLY H 235 24.95 -57.71 48.34
N MET H 236 24.66 -56.97 47.28
CA MET H 236 23.29 -56.52 47.04
C MET H 236 22.55 -57.46 46.11
N ARG H 237 21.23 -57.53 46.33
CA ARG H 237 20.36 -58.34 45.49
C ARG H 237 19.87 -57.53 44.31
N VAL H 238 20.19 -57.99 43.11
CA VAL H 238 19.91 -57.21 41.91
C VAL H 238 18.92 -57.91 41.00
N SER H 239 17.87 -57.20 40.64
CA SER H 239 16.97 -57.66 39.59
C SER H 239 17.31 -57.01 38.24
N VAL H 240 17.49 -57.85 37.23
CA VAL H 240 17.71 -57.39 35.85
C VAL H 240 16.55 -57.88 34.97
N SER H 241 16.02 -56.99 34.13
CA SER H 241 14.99 -57.42 33.19
C SER H 241 15.51 -57.29 31.77
N GLY H 242 15.12 -58.23 30.93
CA GLY H 242 15.66 -58.28 29.58
C GLY H 242 16.77 -59.31 29.57
N SER H 243 17.19 -59.72 28.38
CA SER H 243 18.22 -60.74 28.26
C SER H 243 18.97 -60.56 26.94
N GLY H 244 18.99 -59.32 26.46
CA GLY H 244 19.72 -58.99 25.25
C GLY H 244 21.10 -58.45 25.58
N ASN H 245 21.65 -57.69 24.65
CA ASN H 245 22.97 -57.09 24.83
C ASN H 245 23.15 -56.32 26.13
N VAL H 246 22.27 -55.35 26.37
CA VAL H 246 22.37 -54.48 27.54
C VAL H 246 22.28 -55.29 28.82
N ALA H 247 21.27 -56.15 28.89
CA ALA H 247 21.08 -56.95 30.09
C ALA H 247 22.24 -57.93 30.32
N GLN H 248 22.78 -58.44 29.21
CA GLN H 248 23.85 -59.44 29.28
C GLN H 248 25.10 -58.93 30.01
N TYR H 249 25.65 -57.81 29.55
CA TYR H 249 26.87 -57.30 30.13
C TYR H 249 26.64 -56.47 31.40
N ALA H 250 25.38 -56.10 31.63
CA ALA H 250 25.00 -55.54 32.92
C ALA H 250 25.10 -56.62 33.99
N ILE H 251 24.59 -57.81 33.66
CA ILE H 251 24.74 -58.96 34.56
C ILE H 251 26.22 -59.31 34.73
N GLU H 252 26.99 -59.26 33.65
CA GLU H 252 28.40 -59.60 33.72
C GLU H 252 29.19 -58.68 34.65
N LYS H 253 28.94 -57.38 34.56
CA LYS H 253 29.68 -56.43 35.38
C LYS H 253 29.15 -56.37 36.82
N ALA H 254 27.84 -56.47 37.00
CA ALA H 254 27.27 -56.56 38.35
C ALA H 254 27.82 -57.75 39.12
N MET H 255 27.94 -58.90 38.46
CA MET H 255 28.54 -60.07 39.09
C MET H 255 29.96 -59.76 39.50
N GLU H 256 30.71 -59.17 38.57
CA GLU H 256 32.09 -58.81 38.81
C GLU H 256 32.22 -57.88 40.01
N PHE H 257 31.19 -57.08 40.23
CA PHE H 257 31.16 -56.20 41.39
C PHE H 257 30.71 -56.96 42.63
N GLY H 258 30.47 -58.25 42.49
CA GLY H 258 30.10 -59.08 43.63
C GLY H 258 28.67 -58.95 44.07
N ALA H 259 27.78 -58.62 43.12
CA ALA H 259 26.36 -58.57 43.41
C ALA H 259 25.68 -59.91 43.11
N ARG H 260 24.58 -60.18 43.80
CA ARG H 260 23.76 -61.36 43.52
C ARG H 260 22.69 -61.01 42.49
N VAL H 261 22.96 -61.33 41.23
CA VAL H 261 21.98 -61.05 40.18
C VAL H 261 21.00 -62.21 40.13
N ILE H 262 19.78 -61.96 40.60
CA ILE H 262 18.83 -63.03 40.83
C ILE H 262 17.79 -63.22 39.73
N THR H 263 17.71 -62.31 38.77
CA THR H 263 16.70 -62.42 37.72
C THR H 263 17.18 -62.10 36.30
N ALA H 264 16.32 -62.43 35.33
CA ALA H 264 16.49 -62.05 33.93
C ALA H 264 15.17 -62.41 33.22
N SER H 265 14.83 -61.69 32.16
CA SER H 265 13.54 -61.90 31.52
C SER H 265 13.52 -61.71 30.02
N ASP H 266 12.48 -62.22 29.37
CA ASP H 266 12.21 -61.92 27.97
C ASP H 266 10.72 -61.70 27.74
N SER H 267 10.34 -61.47 26.49
CA SER H 267 8.96 -61.11 26.12
C SER H 267 7.90 -62.03 26.73
N SER H 268 8.30 -63.25 27.08
CA SER H 268 7.35 -64.20 27.65
C SER H 268 7.90 -64.93 28.88
N GLY H 269 8.36 -64.16 29.88
CA GLY H 269 8.75 -64.76 31.15
C GLY H 269 9.99 -64.22 31.83
N THR H 270 10.10 -64.55 33.12
CA THR H 270 11.26 -64.18 33.93
C THR H 270 11.77 -65.40 34.69
N VAL H 271 13.08 -65.61 34.64
CA VAL H 271 13.74 -66.63 35.46
C VAL H 271 14.17 -65.99 36.77
N VAL H 272 14.09 -66.75 37.86
CA VAL H 272 14.52 -66.26 39.16
C VAL H 272 15.49 -67.22 39.83
N ASP H 273 16.71 -66.77 40.05
CA ASP H 273 17.69 -67.58 40.76
C ASP H 273 18.19 -66.88 42.01
N GLU H 274 17.61 -67.23 43.16
CA GLU H 274 17.94 -66.60 44.43
C GLU H 274 19.41 -66.78 44.81
N SER H 275 20.06 -67.78 44.21
CA SER H 275 21.47 -68.08 44.50
C SER H 275 22.43 -67.18 43.72
N GLY H 276 21.88 -66.42 42.76
CA GLY H 276 22.66 -65.46 41.99
C GLY H 276 23.25 -66.02 40.71
N PHE H 277 23.48 -65.14 39.74
CA PHE H 277 24.07 -65.56 38.47
C PHE H 277 25.52 -66.00 38.60
N THR H 278 25.95 -66.87 37.68
CA THR H 278 27.32 -67.30 37.59
C THR H 278 27.79 -66.99 36.17
N LYS H 279 29.10 -67.02 35.95
CA LYS H 279 29.59 -66.77 34.60
C LYS H 279 29.13 -67.92 33.70
N GLU H 280 29.11 -69.13 34.27
CA GLU H 280 28.69 -70.31 33.53
C GLU H 280 27.25 -70.19 33.07
N LYS H 281 26.36 -69.84 34.00
CA LYS H 281 24.95 -69.71 33.70
C LYS H 281 24.70 -68.55 32.74
N LEU H 282 25.43 -67.46 32.95
CA LEU H 282 25.35 -66.32 32.05
C LEU H 282 25.81 -66.74 30.67
N ALA H 283 26.98 -67.37 30.60
CA ALA H 283 27.57 -67.79 29.35
C ALA H 283 26.64 -68.71 28.58
N ARG H 284 26.03 -69.66 29.30
CA ARG H 284 25.08 -70.57 28.68
C ARG H 284 23.82 -69.82 28.27
N LEU H 285 23.41 -68.88 29.12
CA LEU H 285 22.20 -68.09 28.86
C LEU H 285 22.28 -67.40 27.51
N ILE H 286 23.43 -66.82 27.19
CA ILE H 286 23.63 -66.13 25.93
C ILE H 286 23.45 -67.08 24.75
N GLU H 287 23.90 -68.32 24.91
CA GLU H 287 23.85 -69.31 23.84
C GLU H 287 22.41 -69.57 23.40
N ILE H 288 21.51 -69.61 24.36
CA ILE H 288 20.10 -69.85 24.09
C ILE H 288 19.45 -68.63 23.42
N LYS H 289 20.19 -67.52 23.40
CA LYS H 289 19.67 -66.27 22.87
C LYS H 289 20.22 -65.94 21.48
N SER H 290 21.11 -66.78 20.97
CA SER H 290 21.68 -66.57 19.64
C SER H 290 20.75 -67.13 18.57
N ARG H 295 14.69 -68.65 24.44
CA ARG H 295 13.79 -68.02 25.39
C ARG H 295 14.21 -68.34 26.82
N VAL H 296 14.01 -67.38 27.71
CA VAL H 296 14.32 -67.51 29.13
C VAL H 296 13.74 -68.79 29.72
N ALA H 297 12.55 -69.16 29.25
CA ALA H 297 11.87 -70.37 29.70
C ALA H 297 12.74 -71.62 29.61
N ASP H 298 13.42 -71.77 28.48
CA ASP H 298 14.27 -72.93 28.26
C ASP H 298 15.42 -72.95 29.26
N TYR H 299 16.09 -71.82 29.39
CA TYR H 299 17.26 -71.68 30.24
C TYR H 299 16.99 -72.09 31.69
N ALA H 300 15.87 -71.61 32.23
CA ALA H 300 15.51 -71.89 33.62
C ALA H 300 15.41 -73.39 33.88
N LYS H 301 14.75 -74.09 32.96
CA LYS H 301 14.61 -75.54 33.04
C LYS H 301 15.98 -76.20 32.89
N GLU H 302 16.76 -75.67 31.95
CA GLU H 302 18.09 -76.20 31.68
C GLU H 302 19.04 -76.02 32.87
N PHE H 303 18.58 -75.32 33.90
CA PHE H 303 19.35 -75.11 35.11
C PHE H 303 18.53 -75.37 36.38
N GLY H 304 17.32 -75.91 36.20
CA GLY H 304 16.45 -76.24 37.30
C GLY H 304 16.13 -75.04 38.17
N LEU H 305 15.88 -73.91 37.50
CA LEU H 305 15.64 -72.65 38.20
C LEU H 305 14.18 -72.23 38.10
N VAL H 306 13.76 -71.33 38.99
CA VAL H 306 12.37 -70.88 39.02
C VAL H 306 12.04 -69.95 37.85
N TYR H 307 10.95 -70.25 37.16
CA TYR H 307 10.54 -69.48 35.99
C TYR H 307 9.14 -68.88 36.15
N LEU H 308 9.01 -67.61 35.77
CA LEU H 308 7.76 -66.88 35.93
C LEU H 308 7.25 -66.32 34.61
N GLU H 309 6.60 -67.17 33.81
CA GLU H 309 6.11 -66.77 32.50
C GLU H 309 5.01 -65.73 32.59
N GLY H 310 5.00 -64.81 31.63
CA GLY H 310 4.03 -63.73 31.60
C GLY H 310 4.33 -62.64 32.63
N GLN H 311 5.26 -62.92 33.54
CA GLN H 311 5.55 -61.99 34.63
C GLN H 311 6.93 -61.34 34.57
N GLN H 312 7.02 -60.15 35.18
CA GLN H 312 8.25 -59.39 35.22
C GLN H 312 8.98 -59.70 36.54
N PRO H 313 10.22 -59.21 36.69
CA PRO H 313 10.94 -59.56 37.93
C PRO H 313 10.65 -58.64 39.11
N TRP H 314 9.73 -57.70 38.95
CA TRP H 314 9.60 -56.60 39.91
C TRP H 314 8.91 -56.95 41.24
N SER H 315 8.44 -58.17 41.39
CA SER H 315 7.80 -58.57 42.64
C SER H 315 8.82 -59.17 43.60
N VAL H 316 10.03 -59.41 43.09
CA VAL H 316 11.08 -59.99 43.92
C VAL H 316 11.80 -58.88 44.70
N PRO H 317 11.84 -59.03 46.05
CA PRO H 317 12.50 -58.05 46.91
C PRO H 317 13.99 -57.92 46.58
N VAL H 318 14.39 -56.75 46.09
CA VAL H 318 15.78 -56.51 45.74
C VAL H 318 16.27 -55.20 46.36
N ASP H 319 17.58 -55.01 46.35
CA ASP H 319 18.17 -53.73 46.74
C ASP H 319 18.26 -52.83 45.51
N ILE H 320 18.46 -53.44 44.35
CA ILE H 320 18.63 -52.71 43.08
C ILE H 320 17.87 -53.36 41.92
N ALA H 321 17.15 -52.55 41.16
CA ALA H 321 16.49 -53.04 39.95
C ALA H 321 17.07 -52.38 38.70
N LEU H 322 17.33 -53.21 37.67
CA LEU H 322 17.89 -52.72 36.41
C LEU H 322 17.00 -53.10 35.21
N PRO H 323 16.04 -52.24 34.87
CA PRO H 323 15.19 -52.52 33.71
C PRO H 323 15.96 -52.32 32.40
N CYS H 324 16.32 -53.43 31.75
CA CYS H 324 17.14 -53.38 30.54
C CYS H 324 16.39 -53.97 29.34
N ALA H 325 15.07 -54.09 29.47
CA ALA H 325 14.26 -54.73 28.43
C ALA H 325 13.77 -53.75 27.36
N THR H 326 12.81 -52.91 27.71
CA THR H 326 12.16 -52.05 26.72
C THR H 326 11.56 -50.80 27.35
N GLN H 327 10.92 -49.97 26.53
CA GLN H 327 10.27 -48.76 27.02
C GLN H 327 8.96 -49.08 27.75
N ASN H 328 8.70 -48.35 28.84
CA ASN H 328 7.49 -48.50 29.65
C ASN H 328 7.27 -49.91 30.22
N GLU H 329 8.34 -50.53 30.71
CA GLU H 329 8.27 -51.88 31.24
C GLU H 329 8.18 -51.90 32.76
N LEU H 330 8.21 -50.71 33.36
CA LEU H 330 8.14 -50.60 34.83
C LEU H 330 7.17 -49.50 35.23
N ASP H 331 5.96 -49.88 35.60
CA ASP H 331 4.88 -48.93 35.89
C ASP H 331 4.66 -48.71 37.39
N VAL H 332 3.57 -48.02 37.72
CA VAL H 332 3.31 -47.64 39.10
C VAL H 332 3.22 -48.82 40.05
N ASP H 333 2.44 -49.84 39.68
CA ASP H 333 2.22 -50.98 40.54
C ASP H 333 3.49 -51.76 40.83
N ALA H 334 4.29 -51.98 39.79
CA ALA H 334 5.57 -52.65 39.96
C ALA H 334 6.49 -51.80 40.84
N ALA H 335 6.47 -50.49 40.65
CA ALA H 335 7.24 -49.58 41.50
C ALA H 335 6.77 -49.67 42.95
N HIS H 336 5.46 -49.77 43.15
CA HIS H 336 4.93 -49.94 44.50
C HIS H 336 5.40 -51.25 45.12
N GLN H 337 5.52 -52.28 44.29
CA GLN H 337 6.07 -53.56 44.74
C GLN H 337 7.52 -53.40 45.17
N LEU H 338 8.30 -52.71 44.34
CA LEU H 338 9.72 -52.52 44.59
C LEU H 338 9.95 -51.65 45.82
N ILE H 339 9.18 -50.56 45.92
CA ILE H 339 9.28 -49.67 47.07
C ILE H 339 8.91 -50.39 48.37
N ALA H 340 7.76 -51.07 48.38
CA ALA H 340 7.34 -51.83 49.56
C ALA H 340 8.35 -52.93 49.93
N ASN H 341 8.98 -53.52 48.91
CA ASN H 341 9.94 -54.58 49.14
C ASN H 341 11.34 -54.10 49.48
N GLY H 342 11.51 -52.78 49.56
CA GLY H 342 12.75 -52.20 50.04
C GLY H 342 13.81 -51.92 48.99
N VAL H 343 13.39 -51.51 47.80
CA VAL H 343 14.36 -51.15 46.78
C VAL H 343 15.12 -49.88 47.21
N LYS H 344 16.44 -49.87 46.96
CA LYS H 344 17.30 -48.73 47.30
C LYS H 344 17.62 -47.88 46.07
N ALA H 345 17.69 -48.52 44.90
CA ALA H 345 18.01 -47.81 43.67
C ALA H 345 17.41 -48.50 42.44
N VAL H 346 17.10 -47.69 41.43
CA VAL H 346 16.64 -48.16 40.14
C VAL H 346 17.52 -47.47 39.10
N ALA H 347 18.04 -48.24 38.14
CA ALA H 347 18.88 -47.66 37.09
C ALA H 347 18.56 -48.25 35.71
N GLU H 348 18.40 -47.38 34.73
CA GLU H 348 17.82 -47.76 33.45
C GLU H 348 18.86 -48.13 32.41
N GLY H 349 18.83 -49.38 31.99
CA GLY H 349 19.70 -49.86 30.92
C GLY H 349 19.03 -49.73 29.56
N ALA H 350 17.73 -49.97 29.51
CA ALA H 350 16.97 -49.75 28.28
C ALA H 350 16.64 -48.27 28.18
N ASN H 351 15.94 -47.89 27.12
CA ASN H 351 15.52 -46.50 26.96
C ASN H 351 14.13 -46.26 27.51
N MET H 352 14.02 -45.27 28.39
CA MET H 352 12.82 -44.99 29.19
C MET H 352 11.98 -46.21 29.61
N PRO H 353 12.58 -47.15 30.35
CA PRO H 353 11.75 -48.25 30.86
C PRO H 353 10.80 -47.82 31.99
N THR H 354 11.20 -46.85 32.81
CA THR H 354 10.37 -46.43 33.94
C THR H 354 9.35 -45.38 33.51
N THR H 355 8.07 -45.63 33.81
CA THR H 355 7.06 -44.63 33.48
C THR H 355 7.31 -43.36 34.29
N ILE H 356 6.67 -42.27 33.85
CA ILE H 356 6.81 -40.97 34.50
C ILE H 356 6.25 -41.03 35.93
N GLU H 357 5.08 -41.64 36.07
CA GLU H 357 4.42 -41.80 37.37
C GLU H 357 5.25 -42.68 38.31
N ALA H 358 5.80 -43.77 37.78
CA ALA H 358 6.70 -44.65 38.53
C ALA H 358 7.96 -43.93 38.99
N THR H 359 8.56 -43.17 38.07
CA THR H 359 9.77 -42.41 38.38
C THR H 359 9.55 -41.46 39.55
N GLU H 360 8.46 -40.70 39.48
CA GLU H 360 8.08 -39.79 40.56
C GLU H 360 7.91 -40.55 41.88
N LEU H 361 7.28 -41.72 41.82
CA LEU H 361 7.09 -42.53 43.03
C LEU H 361 8.42 -42.93 43.64
N PHE H 362 9.35 -43.39 42.81
CA PHE H 362 10.69 -43.72 43.27
C PHE H 362 11.37 -42.53 43.94
N GLN H 363 11.39 -41.40 43.25
CA GLN H 363 12.06 -40.22 43.78
C GLN H 363 11.42 -39.74 45.10
N GLN H 364 10.10 -39.77 45.16
CA GLN H 364 9.39 -39.36 46.38
C GLN H 364 9.66 -40.30 47.54
N ALA H 365 9.94 -41.56 47.23
CA ALA H 365 10.11 -42.58 48.25
C ALA H 365 11.56 -42.69 48.73
N GLY H 366 12.45 -41.90 48.15
CA GLY H 366 13.84 -41.87 48.57
C GLY H 366 14.68 -42.91 47.85
N VAL H 367 14.11 -43.50 46.81
CA VAL H 367 14.82 -44.48 46.01
C VAL H 367 15.68 -43.73 45.00
N LEU H 368 16.97 -44.02 44.99
CA LEU H 368 17.87 -43.42 44.01
C LEU H 368 17.46 -43.84 42.60
N PHE H 369 17.45 -42.89 41.66
CA PHE H 369 16.97 -43.17 40.32
C PHE H 369 17.88 -42.58 39.24
N ALA H 370 18.55 -43.47 38.50
CA ALA H 370 19.40 -43.09 37.36
C ALA H 370 18.66 -43.30 36.04
N PRO H 371 18.36 -42.20 35.33
CA PRO H 371 17.61 -42.29 34.07
C PRO H 371 18.51 -42.83 32.97
N GLY H 372 17.91 -43.49 31.99
CA GLY H 372 18.66 -44.03 30.86
C GLY H 372 19.38 -42.95 30.08
N LYS H 373 18.82 -41.75 30.12
CA LYS H 373 19.40 -40.58 29.45
C LYS H 373 20.89 -40.46 29.77
N ALA H 374 21.24 -40.79 31.01
CA ALA H 374 22.62 -40.77 31.46
C ALA H 374 23.20 -42.18 31.56
N ALA H 375 22.47 -43.07 32.22
CA ALA H 375 23.02 -44.38 32.60
C ALA H 375 23.31 -45.34 31.44
N ASN H 376 22.59 -45.19 30.32
CA ASN H 376 22.81 -46.13 29.22
C ASN H 376 23.71 -45.56 28.11
N ALA H 377 24.36 -44.44 28.40
CA ALA H 377 25.18 -43.75 27.39
C ALA H 377 26.56 -44.37 27.13
N GLY H 378 26.88 -45.48 27.79
CA GLY H 378 28.15 -46.15 27.58
C GLY H 378 28.34 -46.54 26.12
N GLY H 379 27.26 -46.99 25.51
CA GLY H 379 27.25 -47.33 24.09
C GLY H 379 27.67 -46.16 23.22
N VAL H 380 26.99 -45.02 23.33
CA VAL H 380 27.36 -43.87 22.53
C VAL H 380 28.76 -43.35 22.89
N ALA H 381 29.13 -43.47 24.17
CA ALA H 381 30.48 -43.09 24.58
C ALA H 381 31.53 -43.92 23.84
N THR H 382 31.28 -45.21 23.74
CA THR H 382 32.25 -46.10 23.08
C THR H 382 32.31 -45.89 21.56
N SER H 383 31.22 -45.41 20.97
CA SER H 383 31.25 -45.05 19.55
C SER H 383 32.23 -43.90 19.37
N GLY H 384 32.21 -42.97 20.33
CA GLY H 384 33.19 -41.91 20.40
C GLY H 384 34.63 -42.42 20.54
N LEU H 385 34.80 -43.51 21.27
CA LEU H 385 36.12 -44.09 21.45
C LEU H 385 36.57 -44.77 20.15
N GLU H 386 35.60 -45.34 19.42
CA GLU H 386 35.88 -45.97 18.14
C GLU H 386 36.44 -44.91 17.18
N MET H 387 35.76 -43.77 17.12
CA MET H 387 36.19 -42.62 16.33
C MET H 387 37.57 -42.15 16.73
N ALA H 388 37.85 -42.12 18.03
CA ALA H 388 39.15 -41.69 18.51
C ALA H 388 40.25 -42.64 18.04
N GLN H 389 40.04 -43.94 18.21
CA GLN H 389 41.04 -44.94 17.78
C GLN H 389 41.28 -44.86 16.28
N ASN H 390 40.19 -44.75 15.53
CA ASN H 390 40.27 -44.59 14.08
C ASN H 390 41.09 -43.36 13.71
N ALA H 391 40.83 -42.25 14.39
CA ALA H 391 41.56 -41.01 14.15
C ALA H 391 43.04 -41.17 14.51
N ALA H 392 43.29 -41.99 15.52
CA ALA H 392 44.65 -42.20 16.01
C ALA H 392 45.44 -43.12 15.11
N ARG H 393 44.70 -43.85 14.27
CA ARG H 393 45.25 -44.91 13.40
C ARG H 393 45.91 -46.02 14.20
N LEU H 394 45.40 -46.23 15.42
CA LEU H 394 45.92 -47.26 16.32
C LEU H 394 44.80 -47.74 17.25
N GLY H 395 44.57 -49.05 17.26
CA GLY H 395 43.50 -49.62 18.08
C GLY H 395 43.95 -49.84 19.51
N TRP H 396 43.01 -49.80 20.45
CA TRP H 396 43.32 -49.96 21.87
C TRP H 396 42.98 -51.36 22.35
N LYS H 397 43.73 -51.87 23.33
CA LYS H 397 43.37 -53.13 23.97
C LYS H 397 42.07 -52.96 24.75
N ALA H 398 41.39 -54.08 25.00
CA ALA H 398 40.11 -54.06 25.70
C ALA H 398 40.17 -53.32 27.04
N GLU H 399 41.15 -53.62 27.89
CA GLU H 399 41.18 -52.96 29.20
C GLU H 399 41.41 -51.45 29.13
N LYS H 400 41.96 -50.98 28.02
CA LYS H 400 42.14 -49.55 27.82
C LYS H 400 40.83 -48.89 27.36
N VAL H 401 40.09 -49.55 26.48
CA VAL H 401 38.77 -49.03 26.11
C VAL H 401 37.86 -49.03 27.33
N ASP H 402 37.94 -50.10 28.12
CA ASP H 402 37.12 -50.23 29.33
C ASP H 402 37.41 -49.14 30.34
N ALA H 403 38.69 -48.95 30.67
CA ALA H 403 39.10 -47.88 31.60
C ALA H 403 38.62 -46.50 31.15
N ARG H 404 38.72 -46.21 29.85
CA ARG H 404 38.24 -44.92 29.34
C ARG H 404 36.71 -44.86 29.40
N LEU H 405 36.05 -45.97 29.10
CA LEU H 405 34.59 -46.04 29.22
C LEU H 405 34.16 -45.72 30.66
N HIS H 406 34.84 -46.34 31.61
CA HIS H 406 34.51 -46.14 33.03
C HIS H 406 34.69 -44.69 33.46
N HIS H 407 35.80 -44.07 33.09
CA HIS H 407 36.05 -42.69 33.50
C HIS H 407 35.01 -41.76 32.87
N ILE H 408 34.64 -42.03 31.63
CA ILE H 408 33.56 -41.27 31.02
C ILE H 408 32.26 -41.40 31.81
N MET H 409 31.90 -42.61 32.22
CA MET H 409 30.67 -42.79 33.01
C MET H 409 30.72 -41.98 34.31
N LEU H 410 31.90 -41.99 34.95
CA LEU H 410 32.12 -41.22 36.18
C LEU H 410 31.97 -39.71 35.93
N ASP H 411 32.45 -39.26 34.77
CA ASP H 411 32.30 -37.87 34.36
C ASP H 411 30.83 -37.54 34.12
N ILE H 412 30.09 -38.45 33.50
CA ILE H 412 28.66 -38.24 33.29
C ILE H 412 27.96 -38.17 34.63
N HIS H 413 28.30 -39.08 35.53
CA HIS H 413 27.69 -39.04 36.87
C HIS H 413 28.01 -37.72 37.57
N HIS H 414 29.23 -37.23 37.39
CA HIS H 414 29.67 -35.99 38.02
C HIS H 414 28.90 -34.78 37.51
N ALA H 415 28.63 -34.77 36.21
CA ALA H 415 27.83 -33.72 35.59
C ALA H 415 26.40 -33.71 36.16
N CYS H 416 25.83 -34.88 36.36
CA CYS H 416 24.48 -35.01 36.90
C CYS H 416 24.40 -34.51 38.33
N VAL H 417 25.44 -34.77 39.10
CA VAL H 417 25.45 -34.37 40.50
C VAL H 417 25.58 -32.87 40.60
N GLU H 418 26.41 -32.31 39.72
CA GLU H 418 26.64 -30.87 39.66
C GLU H 418 25.34 -30.09 39.47
N HIS H 419 24.44 -30.64 38.66
CA HIS H 419 23.17 -29.99 38.36
C HIS H 419 21.98 -30.73 38.99
N GLY H 420 22.28 -31.65 39.90
CA GLY H 420 21.23 -32.49 40.47
C GLY H 420 20.54 -31.93 41.69
N GLY H 421 20.84 -30.68 42.03
CA GLY H 421 20.22 -30.06 43.20
C GLY H 421 20.94 -30.37 44.50
N GLU H 422 20.49 -29.72 45.57
CA GLU H 422 21.17 -29.79 46.86
C GLU H 422 20.36 -30.55 47.91
N GLY H 423 19.34 -31.29 47.48
CA GLY H 423 18.51 -32.04 48.40
C GLY H 423 19.25 -33.23 49.01
N GLU H 424 18.56 -33.99 49.86
CA GLU H 424 19.16 -35.18 50.49
C GLU H 424 19.71 -36.13 49.43
N GLN H 425 19.01 -36.25 48.32
CA GLN H 425 19.49 -37.07 47.21
C GLN H 425 19.62 -36.26 45.93
N THR H 426 20.65 -36.55 45.14
CA THR H 426 20.81 -35.96 43.83
C THR H 426 19.61 -36.33 42.99
N ASN H 427 19.06 -35.36 42.27
CA ASN H 427 18.02 -35.65 41.27
C ASN H 427 18.67 -35.78 39.92
N TYR H 428 18.84 -37.03 39.48
CA TYR H 428 19.55 -37.33 38.23
C TYR H 428 18.69 -37.08 37.00
N VAL H 429 17.38 -36.96 37.18
CA VAL H 429 16.52 -36.62 36.06
C VAL H 429 16.78 -35.17 35.69
N GLN H 430 16.73 -34.32 36.72
CA GLN H 430 17.04 -32.92 36.59
C GLN H 430 18.46 -32.74 36.07
N GLY H 431 19.42 -33.31 36.80
CA GLY H 431 20.84 -33.17 36.51
C GLY H 431 21.26 -33.60 35.12
N ALA H 432 20.80 -34.76 34.68
CA ALA H 432 21.17 -35.24 33.34
C ALA H 432 20.62 -34.32 32.26
N ASN H 433 19.36 -33.92 32.40
CA ASN H 433 18.76 -33.03 31.41
C ASN H 433 19.50 -31.71 31.33
N ILE H 434 19.69 -31.08 32.48
CA ILE H 434 20.39 -29.81 32.53
C ILE H 434 21.85 -29.90 32.05
N ALA H 435 22.57 -30.93 32.49
CA ALA H 435 23.98 -31.07 32.09
C ALA H 435 24.15 -31.19 30.57
N GLY H 436 23.30 -31.98 29.93
CA GLY H 436 23.36 -32.12 28.49
C GLY H 436 23.02 -30.82 27.77
N PHE H 437 22.10 -30.05 28.35
CA PHE H 437 21.71 -28.77 27.79
C PHE H 437 22.83 -27.73 27.84
N VAL H 438 23.45 -27.57 29.02
CA VAL H 438 24.45 -26.52 29.20
C VAL H 438 25.58 -26.66 28.19
N LYS H 439 26.01 -27.90 27.94
CA LYS H 439 27.14 -28.13 27.05
C LYS H 439 26.78 -27.69 25.63
N VAL H 440 25.62 -28.13 25.14
CA VAL H 440 25.16 -27.72 23.81
C VAL H 440 24.93 -26.22 23.73
N ALA H 441 24.26 -25.66 24.75
CA ALA H 441 23.98 -24.23 24.78
C ALA H 441 25.23 -23.35 24.79
N ASP H 442 26.20 -23.70 25.63
CA ASP H 442 27.42 -22.92 25.72
C ASP H 442 28.09 -22.84 24.35
N ALA H 443 28.10 -23.97 23.65
CA ALA H 443 28.66 -24.07 22.28
C ALA H 443 27.92 -23.26 21.22
N MET H 444 26.58 -23.32 21.24
CA MET H 444 25.77 -22.52 20.32
C MET H 444 25.97 -21.03 20.57
N LEU H 445 26.05 -20.67 21.84
CA LEU H 445 26.19 -19.25 22.21
C LEU H 445 27.49 -18.71 21.68
N ALA H 446 28.55 -19.51 21.84
CA ALA H 446 29.90 -19.09 21.49
C ALA H 446 30.12 -19.04 19.98
N GLN H 447 29.38 -19.83 19.21
CA GLN H 447 29.66 -19.90 17.77
C GLN H 447 28.80 -18.95 16.96
N GLY H 448 28.04 -18.12 17.69
CA GLY H 448 27.30 -17.03 17.10
C GLY H 448 26.08 -17.47 16.33
N VAL H 449 25.51 -16.53 15.57
CA VAL H 449 24.24 -16.73 14.87
C VAL H 449 24.45 -17.41 13.53
N ILE H 450 24.25 -18.72 13.50
CA ILE H 450 24.45 -19.51 12.29
C ILE H 450 23.30 -20.48 12.05
N SER I 9 77.54 -8.01 2.15
CA SER I 9 76.76 -9.16 1.71
C SER I 9 75.50 -9.29 2.53
N LEU I 10 75.63 -9.08 3.84
CA LEU I 10 74.43 -8.98 4.68
C LEU I 10 73.69 -7.76 4.18
N GLU I 11 74.39 -6.65 4.07
CA GLU I 11 73.77 -5.41 3.59
C GLU I 11 73.26 -5.53 2.15
N SER I 12 73.99 -6.27 1.32
CA SER I 12 73.56 -6.47 -0.07
C SER I 12 72.29 -7.34 -0.15
N PHE I 13 72.23 -8.39 0.65
CA PHE I 13 71.02 -9.22 0.68
C PHE I 13 69.79 -8.42 1.12
N LEU I 14 69.93 -7.67 2.20
CA LEU I 14 68.83 -6.84 2.73
C LEU I 14 68.38 -5.78 1.72
N ASN I 15 69.34 -5.10 1.11
CA ASN I 15 69.06 -4.10 0.09
C ASN I 15 68.28 -4.72 -1.06
N HIS I 16 68.72 -5.89 -1.50
CA HIS I 16 68.03 -6.63 -2.55
C HIS I 16 66.59 -7.03 -2.20
N VAL I 17 66.39 -7.59 -1.01
CA VAL I 17 65.07 -7.99 -0.55
C VAL I 17 64.11 -6.81 -0.46
N GLN I 18 64.64 -5.66 -0.05
CA GLN I 18 63.81 -4.46 0.17
C GLN I 18 63.26 -3.89 -1.13
N LYS I 19 63.89 -4.22 -2.25
CA LYS I 19 63.49 -3.66 -3.54
C LYS I 19 62.02 -3.93 -3.92
N ARG I 20 61.53 -5.12 -3.59
CA ARG I 20 60.14 -5.48 -3.88
C ARG I 20 59.12 -4.84 -2.95
N ASP I 21 59.57 -4.46 -1.75
CA ASP I 21 58.70 -3.81 -0.76
C ASP I 21 59.37 -2.58 -0.16
N PRO I 22 59.55 -1.54 -0.97
CA PRO I 22 60.33 -0.37 -0.54
C PRO I 22 59.72 0.38 0.65
N ASN I 23 58.41 0.25 0.90
CA ASN I 23 57.81 1.00 2.00
C ASN I 23 57.27 0.15 3.14
N GLN I 24 57.63 -1.13 3.16
CA GLN I 24 57.19 -2.01 4.24
C GLN I 24 58.22 -1.91 5.35
N THR I 25 58.06 -0.88 6.18
CA THR I 25 59.07 -0.54 7.18
C THR I 25 59.27 -1.65 8.20
N GLU I 26 58.16 -2.11 8.81
CA GLU I 26 58.23 -3.16 9.82
C GLU I 26 58.81 -4.47 9.28
N PHE I 27 58.41 -4.86 8.07
CA PHE I 27 58.89 -6.10 7.50
C PHE I 27 60.40 -6.04 7.27
N ALA I 28 60.89 -4.92 6.75
CA ALA I 28 62.33 -4.73 6.54
C ALA I 28 63.09 -4.90 7.87
N GLN I 29 62.56 -4.30 8.93
CA GLN I 29 63.15 -4.44 10.26
C GLN I 29 63.21 -5.90 10.70
N ALA I 30 62.12 -6.63 10.51
CA ALA I 30 62.08 -8.05 10.88
C ALA I 30 63.14 -8.85 10.14
N VAL I 31 63.26 -8.63 8.83
CA VAL I 31 64.22 -9.36 8.02
C VAL I 31 65.65 -9.06 8.46
N ARG I 32 65.92 -7.78 8.74
CA ARG I 32 67.27 -7.38 9.11
C ARG I 32 67.69 -8.02 10.44
N GLU I 33 66.78 -7.97 11.41
CA GLU I 33 67.05 -8.52 12.73
C GLU I 33 67.29 -10.04 12.67
N VAL I 34 66.39 -10.77 12.00
CA VAL I 34 66.60 -12.21 11.84
C VAL I 34 67.92 -12.52 11.10
N MET I 35 68.15 -11.90 9.95
CA MET I 35 69.34 -12.20 9.16
C MET I 35 70.62 -11.84 9.89
N THR I 36 70.60 -10.71 10.59
CA THR I 36 71.78 -10.27 11.31
C THR I 36 72.16 -11.28 12.39
N THR I 37 71.17 -11.73 13.17
CA THR I 37 71.43 -12.70 14.22
C THR I 37 71.95 -14.03 13.65
N LEU I 38 71.56 -14.34 12.41
CA LEU I 38 71.91 -15.61 11.80
C LEU I 38 73.21 -15.57 10.97
N TRP I 39 73.60 -14.38 10.53
CA TRP I 39 74.66 -14.27 9.53
C TRP I 39 75.99 -14.94 9.88
N PRO I 40 76.46 -14.83 11.14
CA PRO I 40 77.71 -15.53 11.43
C PRO I 40 77.56 -17.06 11.30
N PHE I 41 76.42 -17.58 11.73
CA PHE I 41 76.14 -19.01 11.59
C PHE I 41 76.12 -19.40 10.12
N LEU I 42 75.46 -18.59 9.31
CA LEU I 42 75.31 -18.86 7.89
C LEU I 42 76.66 -18.88 7.18
N GLU I 43 77.53 -17.97 7.58
CA GLU I 43 78.86 -17.90 6.97
C GLU I 43 79.62 -19.19 7.19
N GLN I 44 79.40 -19.82 8.34
CA GLN I 44 80.13 -21.01 8.69
C GLN I 44 79.41 -22.28 8.22
N ASN I 45 78.16 -22.12 7.81
CA ASN I 45 77.38 -23.23 7.28
C ASN I 45 76.78 -22.86 5.94
N PRO I 46 77.62 -22.89 4.88
CA PRO I 46 77.24 -22.44 3.54
C PRO I 46 76.07 -23.21 2.94
N LYS I 47 75.88 -24.43 3.44
CA LYS I 47 74.77 -25.29 3.02
C LYS I 47 73.39 -24.62 3.18
N TYR I 48 73.26 -23.77 4.20
CA TYR I 48 71.98 -23.11 4.45
C TYR I 48 71.77 -21.84 3.63
N ARG I 49 72.63 -21.67 2.63
CA ARG I 49 72.49 -20.53 1.73
C ARG I 49 72.34 -21.03 0.30
N GLN I 50 72.62 -22.31 0.09
CA GLN I 50 72.50 -22.92 -1.23
C GLN I 50 71.05 -22.95 -1.66
N MET I 51 70.83 -23.16 -2.96
CA MET I 51 69.49 -23.29 -3.51
C MET I 51 68.65 -22.04 -3.27
N SER I 52 69.32 -20.88 -3.17
CA SER I 52 68.65 -19.61 -2.94
C SER I 52 67.69 -19.65 -1.75
N LEU I 53 68.10 -20.38 -0.71
CA LEU I 53 67.24 -20.63 0.44
C LEU I 53 66.74 -19.36 1.12
N LEU I 54 67.63 -18.40 1.35
CA LEU I 54 67.24 -17.18 2.05
C LEU I 54 66.26 -16.37 1.19
N GLU I 55 66.49 -16.37 -0.12
CA GLU I 55 65.61 -15.65 -1.03
C GLU I 55 64.19 -16.24 -0.97
N ARG I 56 64.11 -17.57 -0.96
CA ARG I 56 62.82 -18.27 -0.88
C ARG I 56 62.14 -18.05 0.47
N LEU I 57 62.95 -18.01 1.53
CA LEU I 57 62.46 -17.86 2.91
C LEU I 57 61.80 -16.52 3.21
N VAL I 58 62.34 -15.41 2.70
CA VAL I 58 61.77 -14.09 2.98
C VAL I 58 60.53 -13.72 2.14
N GLU I 59 60.16 -14.57 1.18
CA GLU I 59 59.04 -14.27 0.29
C GLU I 59 57.86 -15.21 0.61
N PRO I 60 56.76 -14.66 1.15
CA PRO I 60 55.72 -15.55 1.67
C PRO I 60 55.14 -16.43 0.56
N GLU I 61 54.73 -17.64 0.90
CA GLU I 61 54.17 -18.55 -0.09
C GLU I 61 52.93 -17.93 -0.75
N ARG I 62 52.03 -17.38 0.06
CA ARG I 62 50.93 -16.60 -0.51
C ARG I 62 50.32 -15.62 0.48
N VAL I 63 49.77 -14.55 -0.07
CA VAL I 63 49.08 -13.55 0.71
C VAL I 63 47.73 -13.33 0.05
N ILE I 64 46.67 -13.41 0.84
CA ILE I 64 45.36 -13.02 0.33
C ILE I 64 44.99 -11.72 0.99
N GLN I 65 44.76 -10.71 0.17
CA GLN I 65 44.19 -9.47 0.67
C GLN I 65 42.75 -9.46 0.17
N PHE I 66 41.81 -9.06 1.02
CA PHE I 66 40.42 -9.12 0.59
C PHE I 66 39.49 -8.10 1.22
N ARG I 67 38.42 -7.79 0.50
CA ARG I 67 37.45 -6.80 0.92
C ARG I 67 36.47 -7.43 1.91
N VAL I 68 36.14 -6.67 2.95
CA VAL I 68 35.13 -7.09 3.91
C VAL I 68 34.11 -5.96 4.01
N VAL I 69 32.87 -6.27 3.64
CA VAL I 69 31.79 -5.30 3.67
C VAL I 69 30.78 -5.75 4.72
N TRP I 70 30.36 -4.83 5.58
CA TRP I 70 29.49 -5.19 6.69
C TRP I 70 28.63 -3.97 7.07
N VAL I 71 27.60 -4.21 7.87
CA VAL I 71 26.65 -3.15 8.17
C VAL I 71 26.70 -2.79 9.65
N ASP I 72 26.90 -1.52 9.97
CA ASP I 72 26.96 -1.15 11.40
C ASP I 72 25.57 -0.92 12.00
N ASP I 73 25.55 -0.50 13.26
CA ASP I 73 24.29 -0.44 13.99
C ASP I 73 23.45 0.76 13.55
N ARG I 74 24.06 1.67 12.80
CA ARG I 74 23.32 2.79 12.22
C ARG I 74 22.89 2.48 10.79
N ASN I 75 23.03 1.20 10.41
CA ASN I 75 22.64 0.74 9.07
C ASN I 75 23.48 1.40 7.96
N GLN I 76 24.67 1.85 8.33
CA GLN I 76 25.64 2.34 7.36
C GLN I 76 26.54 1.19 6.90
N VAL I 77 26.77 1.11 5.60
CA VAL I 77 27.62 0.05 5.09
C VAL I 77 29.09 0.45 5.23
N GLN I 78 29.88 -0.40 5.91
CA GLN I 78 31.31 -0.12 6.07
C GLN I 78 32.18 -1.03 5.20
N VAL I 79 33.36 -0.53 4.83
CA VAL I 79 34.32 -1.34 4.05
C VAL I 79 35.66 -1.40 4.75
N ASN I 80 36.10 -2.62 5.06
CA ASN I 80 37.40 -2.81 5.63
C ASN I 80 38.20 -3.74 4.77
N ARG I 81 39.52 -3.72 4.97
CA ARG I 81 40.42 -4.59 4.27
C ARG I 81 40.89 -5.65 5.25
N ALA I 82 41.01 -6.88 4.77
CA ALA I 82 41.48 -7.97 5.58
C ALA I 82 42.59 -8.72 4.84
N TRP I 83 43.39 -9.49 5.58
CA TRP I 83 44.47 -10.28 4.99
C TRP I 83 44.63 -11.61 5.70
N ARG I 84 45.18 -12.58 4.98
CA ARG I 84 45.80 -13.75 5.58
C ARG I 84 47.15 -13.97 4.88
N VAL I 85 48.24 -13.81 5.63
CA VAL I 85 49.59 -14.05 5.14
C VAL I 85 49.92 -15.50 5.47
N GLN I 86 50.03 -16.31 4.42
CA GLN I 86 50.36 -17.71 4.57
C GLN I 86 51.85 -17.84 4.24
N PHE I 87 52.68 -17.56 5.24
CA PHE I 87 54.11 -17.39 4.99
C PHE I 87 54.86 -18.68 4.62
N SER I 88 54.79 -19.67 5.50
CA SER I 88 55.53 -20.93 5.33
C SER I 88 54.70 -22.13 5.74
N SER I 89 54.69 -23.16 4.90
CA SER I 89 54.05 -24.42 5.22
C SER I 89 55.10 -25.54 5.22
N ALA I 90 56.36 -25.15 5.32
CA ALA I 90 57.48 -26.09 5.26
C ALA I 90 57.39 -27.20 6.32
N ILE I 91 57.08 -26.83 7.55
CA ILE I 91 57.02 -27.76 8.67
C ILE I 91 55.59 -28.29 8.94
N GLY I 92 54.59 -27.53 8.49
CA GLY I 92 53.20 -27.92 8.68
C GLY I 92 52.26 -26.82 8.28
N PRO I 93 50.98 -26.92 8.68
CA PRO I 93 49.98 -25.97 8.22
C PRO I 93 50.35 -24.56 8.63
N TYR I 94 49.96 -23.55 7.84
CA TYR I 94 50.18 -22.17 8.28
C TYR I 94 49.50 -22.00 9.62
N LYS I 95 50.14 -21.29 10.54
CA LYS I 95 49.63 -21.20 11.90
C LYS I 95 50.06 -19.87 12.50
N GLY I 96 49.09 -19.13 13.02
CA GLY I 96 49.35 -17.82 13.58
C GLY I 96 48.04 -17.08 13.75
N GLY I 97 48.03 -16.08 14.61
CA GLY I 97 46.79 -15.41 14.97
C GLY I 97 46.25 -14.40 13.97
N MET I 98 45.09 -13.83 14.31
CA MET I 98 44.43 -12.76 13.57
C MET I 98 44.39 -11.51 14.45
N ARG I 99 44.74 -10.35 13.88
CA ARG I 99 44.79 -9.11 14.63
C ARG I 99 43.80 -8.09 14.05
N PHE I 100 42.88 -7.58 14.88
CA PHE I 100 41.94 -6.52 14.44
C PHE I 100 42.33 -5.20 15.08
N HIS I 101 42.87 -4.28 14.27
CA HIS I 101 43.33 -2.99 14.79
C HIS I 101 43.54 -2.05 13.59
N PRO I 102 43.18 -0.77 13.74
CA PRO I 102 43.25 0.19 12.62
C PRO I 102 44.67 0.43 12.08
N SER I 103 45.69 -0.01 12.81
CA SER I 103 47.08 0.13 12.40
C SER I 103 47.51 -0.99 11.45
N VAL I 104 46.75 -2.07 11.44
CA VAL I 104 47.10 -3.26 10.67
C VAL I 104 47.28 -2.97 9.18
N ASN I 105 48.41 -3.43 8.62
CA ASN I 105 48.62 -3.38 7.18
C ASN I 105 49.46 -4.57 6.74
N LEU I 106 49.80 -4.64 5.47
CA LEU I 106 50.52 -5.81 4.98
C LEU I 106 51.94 -5.90 5.57
N SER I 107 52.60 -4.75 5.74
CA SER I 107 53.97 -4.74 6.26
C SER I 107 54.04 -5.36 7.65
N ILE I 108 53.11 -4.95 8.51
CA ILE I 108 53.05 -5.44 9.87
C ILE I 108 52.70 -6.92 9.93
N LEU I 109 51.76 -7.36 9.12
CA LEU I 109 51.34 -8.75 9.12
C LEU I 109 52.42 -9.68 8.55
N LYS I 110 53.23 -9.15 7.63
CA LYS I 110 54.36 -9.89 7.11
C LYS I 110 55.45 -9.95 8.17
N PHE I 111 55.63 -8.87 8.90
CA PHE I 111 56.63 -8.88 9.98
C PHE I 111 56.28 -9.97 10.98
N LEU I 112 55.02 -9.99 11.40
CA LEU I 112 54.57 -10.92 12.43
C LEU I 112 54.55 -12.36 11.93
N GLY I 113 54.18 -12.57 10.66
CA GLY I 113 54.09 -13.91 10.11
C GLY I 113 55.47 -14.50 9.83
N PHE I 114 56.40 -13.64 9.43
CA PHE I 114 57.78 -14.04 9.23
C PHE I 114 58.36 -14.50 10.56
N GLU I 115 58.28 -13.65 11.57
CA GLU I 115 58.75 -14.06 12.89
C GLU I 115 57.99 -15.27 13.46
N GLN I 116 56.70 -15.39 13.15
CA GLN I 116 55.92 -16.51 13.70
C GLN I 116 56.35 -17.87 13.13
N THR I 117 56.83 -17.85 11.90
CA THR I 117 57.38 -19.04 11.27
C THR I 117 58.50 -19.68 12.10
N PHE I 118 59.42 -18.87 12.58
CA PHE I 118 60.56 -19.39 13.33
C PHE I 118 60.16 -19.71 14.76
N LYS I 119 59.28 -18.90 15.32
CA LYS I 119 58.79 -19.19 16.67
C LYS I 119 58.03 -20.50 16.68
N ASN I 120 57.18 -20.74 15.68
CA ASN I 120 56.47 -22.02 15.59
C ASN I 120 57.40 -23.21 15.35
N ALA I 121 58.40 -23.03 14.49
CA ALA I 121 59.40 -24.07 14.27
C ALA I 121 60.11 -24.43 15.57
N LEU I 122 60.42 -23.42 16.38
CA LEU I 122 61.18 -23.61 17.61
C LEU I 122 60.45 -24.49 18.65
N THR I 123 59.11 -24.52 18.60
CA THR I 123 58.34 -25.30 19.58
C THR I 123 58.56 -26.79 19.38
N THR I 124 59.11 -27.16 18.22
CA THR I 124 59.25 -28.55 17.75
C THR I 124 57.95 -29.18 17.23
N LEU I 125 56.85 -28.44 17.30
CA LEU I 125 55.57 -28.95 16.82
C LEU I 125 55.41 -28.78 15.30
N PRO I 126 54.53 -29.59 14.69
CA PRO I 126 54.40 -29.55 13.23
C PRO I 126 53.54 -28.38 12.74
N MET I 127 54.08 -27.17 12.91
CA MET I 127 53.39 -25.94 12.57
C MET I 127 54.21 -25.07 11.62
N GLY I 128 53.59 -24.66 10.51
CA GLY I 128 54.16 -23.64 9.64
C GLY I 128 53.90 -22.26 10.21
N GLY I 129 53.96 -21.23 9.37
CA GLY I 129 53.86 -19.88 9.85
C GLY I 129 52.90 -19.00 9.06
N GLY I 130 52.07 -18.27 9.78
CA GLY I 130 51.10 -17.39 9.16
C GLY I 130 50.69 -16.26 10.10
N LYS I 131 49.97 -15.29 9.57
CA LYS I 131 49.38 -14.23 10.38
C LYS I 131 48.33 -13.58 9.49
N GLY I 132 47.33 -12.96 10.10
CA GLY I 132 46.31 -12.26 9.36
C GLY I 132 45.64 -11.20 10.20
N GLY I 133 44.60 -10.60 9.67
CA GLY I 133 43.83 -9.62 10.42
C GLY I 133 43.15 -8.62 9.52
N SER I 134 42.79 -7.46 10.08
CA SER I 134 42.04 -6.44 9.35
C SER I 134 42.24 -5.10 10.01
N ASP I 135 42.06 -4.03 9.22
CA ASP I 135 42.12 -2.69 9.77
C ASP I 135 40.82 -2.31 10.49
N PHE I 136 39.86 -3.24 10.52
CA PHE I 136 38.67 -3.11 11.36
C PHE I 136 39.04 -2.81 12.83
N ASP I 137 38.44 -1.76 13.39
CA ASP I 137 38.69 -1.38 14.78
C ASP I 137 37.50 -1.77 15.69
N PRO I 138 37.69 -2.81 16.53
CA PRO I 138 36.61 -3.31 17.38
C PRO I 138 36.29 -2.42 18.58
N LYS I 139 37.14 -1.45 18.90
CA LYS I 139 36.89 -0.53 20.01
C LYS I 139 35.63 0.28 19.77
N GLY I 140 34.68 0.17 20.69
CA GLY I 140 33.43 0.92 20.61
C GLY I 140 32.38 0.23 19.77
N LYS I 141 32.69 -0.96 19.28
CA LYS I 141 31.74 -1.73 18.48
C LYS I 141 30.89 -2.61 19.38
N SER I 142 29.62 -2.76 19.03
CA SER I 142 28.72 -3.63 19.77
C SER I 142 29.04 -5.08 19.47
N GLU I 143 28.48 -5.99 20.27
CA GLU I 143 28.66 -7.42 20.02
C GLU I 143 28.10 -7.83 18.67
N GLY I 144 26.97 -7.22 18.30
CA GLY I 144 26.33 -7.48 17.03
C GLY I 144 27.22 -7.05 15.86
N GLU I 145 27.78 -5.85 15.96
CA GLU I 145 28.67 -5.33 14.93
C GLU I 145 29.89 -6.24 14.80
N VAL I 146 30.45 -6.65 15.93
CA VAL I 146 31.62 -7.52 15.88
C VAL I 146 31.27 -8.88 15.23
N MET I 147 30.13 -9.44 15.61
CA MET I 147 29.71 -10.72 15.06
C MET I 147 29.51 -10.61 13.56
N ARG I 148 28.79 -9.58 13.13
CA ARG I 148 28.56 -9.39 11.70
C ARG I 148 29.87 -9.17 10.92
N PHE I 149 30.82 -8.41 11.48
CA PHE I 149 32.12 -8.30 10.85
C PHE I 149 32.87 -9.65 10.72
N CYS I 150 32.91 -10.43 11.81
CA CYS I 150 33.60 -11.72 11.77
C CYS I 150 32.98 -12.63 10.73
N GLN I 151 31.66 -12.63 10.67
CA GLN I 151 30.95 -13.45 9.70
C GLN I 151 31.22 -13.00 8.25
N ALA I 152 31.16 -11.70 7.98
CA ALA I 152 31.50 -11.20 6.63
C ALA I 152 32.94 -11.53 6.19
N LEU I 153 33.87 -11.42 7.14
CA LEU I 153 35.26 -11.78 6.89
C LEU I 153 35.38 -13.24 6.47
N MET I 154 34.72 -14.13 7.21
CA MET I 154 34.74 -15.57 6.95
C MET I 154 34.02 -16.01 5.66
N THR I 155 33.04 -15.25 5.19
CA THR I 155 32.41 -15.64 3.91
C THR I 155 33.43 -15.61 2.76
N GLU I 156 34.52 -14.87 2.94
CA GLU I 156 35.67 -15.01 2.03
C GLU I 156 36.77 -15.92 2.59
N LEU I 157 37.16 -15.68 3.83
CA LEU I 157 38.32 -16.39 4.41
C LEU I 157 38.19 -17.91 4.46
N TYR I 158 36.97 -18.42 4.66
CA TYR I 158 36.80 -19.86 4.91
C TYR I 158 37.45 -20.76 3.85
N ARG I 159 37.43 -20.29 2.60
CA ARG I 159 37.90 -21.14 1.50
C ARG I 159 39.43 -21.31 1.50
N HIS I 160 40.11 -20.47 2.28
CA HIS I 160 41.57 -20.47 2.30
C HIS I 160 42.15 -21.21 3.50
N LEU I 161 41.30 -21.59 4.45
CA LEU I 161 41.75 -22.26 5.68
C LEU I 161 41.44 -23.75 5.66
N GLY I 162 41.87 -24.47 6.68
CA GLY I 162 41.58 -25.89 6.82
C GLY I 162 42.48 -26.50 7.88
N ALA I 163 42.02 -27.60 8.50
CA ALA I 163 42.74 -28.27 9.59
C ALA I 163 44.16 -28.70 9.20
N ASP I 164 44.37 -28.97 7.92
CA ASP I 164 45.71 -29.33 7.40
C ASP I 164 46.22 -28.31 6.37
N THR I 165 45.74 -27.07 6.47
CA THR I 165 46.10 -26.02 5.51
C THR I 165 46.52 -24.75 6.24
N ASP I 166 45.60 -24.21 7.04
CA ASP I 166 45.84 -22.98 7.79
C ASP I 166 44.87 -22.93 8.99
N VAL I 167 45.43 -22.78 10.18
CA VAL I 167 44.69 -22.76 11.45
C VAL I 167 45.03 -21.50 12.22
N PRO I 168 44.18 -20.47 12.10
CA PRO I 168 44.47 -19.23 12.83
C PRO I 168 44.13 -19.31 14.32
N ALA I 169 44.22 -18.16 14.99
CA ALA I 169 43.97 -18.05 16.42
C ALA I 169 43.73 -16.59 16.70
N GLY I 170 43.66 -16.22 17.97
CA GLY I 170 43.38 -14.84 18.32
C GLY I 170 44.65 -14.03 18.37
N ASP I 171 44.53 -12.75 18.70
CA ASP I 171 45.66 -11.83 18.81
C ASP I 171 45.02 -10.51 19.23
N ILE I 172 45.72 -9.40 19.03
CA ILE I 172 45.19 -8.11 19.44
C ILE I 172 43.88 -7.80 18.74
N GLY I 173 42.85 -7.50 19.52
CA GLY I 173 41.52 -7.20 19.02
C GLY I 173 40.75 -8.45 18.63
N VAL I 174 41.38 -9.61 18.77
CA VAL I 174 40.70 -10.87 18.49
C VAL I 174 40.78 -11.84 19.68
N GLY I 175 39.73 -11.89 20.48
CA GLY I 175 39.74 -12.72 21.69
C GLY I 175 38.91 -13.98 21.51
N GLY I 176 38.65 -14.68 22.61
CA GLY I 176 37.81 -15.87 22.58
C GLY I 176 36.45 -15.65 21.92
N ARG I 177 35.85 -14.49 22.16
CA ARG I 177 34.58 -14.13 21.51
C ARG I 177 34.68 -14.19 19.98
N GLU I 178 35.66 -13.48 19.43
CA GLU I 178 35.84 -13.38 17.98
C GLU I 178 36.28 -14.71 17.37
N VAL I 179 37.08 -15.47 18.13
CA VAL I 179 37.48 -16.80 17.67
C VAL I 179 36.25 -17.68 17.52
N GLY I 180 35.38 -17.63 18.54
CA GLY I 180 34.13 -18.37 18.49
C GLY I 180 33.25 -17.99 17.31
N PHE I 181 33.16 -16.71 17.02
CA PHE I 181 32.36 -16.23 15.90
C PHE I 181 32.95 -16.72 14.56
N MET I 182 34.27 -16.68 14.46
CA MET I 182 34.93 -17.13 13.23
C MET I 182 34.87 -18.64 13.04
N ALA I 183 35.17 -19.39 14.09
CA ALA I 183 35.13 -20.84 13.96
C ALA I 183 33.71 -21.32 13.69
N GLY I 184 32.73 -20.62 14.24
CA GLY I 184 31.33 -20.93 13.97
C GLY I 184 30.99 -20.79 12.50
N MET I 185 31.30 -19.63 11.92
CA MET I 185 30.98 -19.39 10.51
C MET I 185 31.80 -20.37 9.63
N MET I 186 33.01 -20.69 10.05
CA MET I 186 33.84 -21.68 9.34
C MET I 186 33.12 -23.03 9.27
N LYS I 187 32.63 -23.48 10.40
CA LYS I 187 31.95 -24.77 10.47
C LYS I 187 30.67 -24.74 9.63
N LYS I 188 29.93 -23.64 9.72
CA LYS I 188 28.67 -23.51 8.99
C LYS I 188 28.91 -23.58 7.47
N LEU I 189 29.84 -22.77 6.98
CA LEU I 189 30.08 -22.71 5.54
C LEU I 189 30.70 -24.01 5.01
N SER I 190 31.62 -24.57 5.77
CA SER I 190 32.32 -25.79 5.38
C SER I 190 31.56 -27.09 5.64
N ASN I 191 30.55 -27.05 6.53
CA ASN I 191 29.84 -28.27 6.96
C ASN I 191 30.89 -29.29 7.41
N ASN I 192 31.90 -28.81 8.13
CA ASN I 192 33.01 -29.63 8.60
C ASN I 192 33.42 -29.11 9.97
N THR I 193 33.55 -30.00 10.95
CA THR I 193 33.86 -29.59 12.32
C THR I 193 35.31 -29.71 12.77
N ALA I 194 36.23 -30.03 11.84
CA ALA I 194 37.66 -30.17 12.20
C ALA I 194 38.22 -28.90 12.83
N CYS I 195 39.39 -29.01 13.45
CA CYS I 195 40.02 -27.86 14.10
C CYS I 195 40.63 -26.88 13.09
N VAL I 196 40.01 -25.72 12.94
CA VAL I 196 40.49 -24.70 12.03
C VAL I 196 40.94 -23.46 12.81
N PHE I 197 40.48 -23.32 14.05
CA PHE I 197 40.97 -22.25 14.92
C PHE I 197 41.42 -22.77 16.27
N THR I 198 42.48 -22.18 16.82
CA THR I 198 42.80 -22.46 18.22
C THR I 198 42.32 -21.27 19.05
N GLY I 199 42.40 -21.41 20.38
CA GLY I 199 41.81 -20.44 21.29
C GLY I 199 40.31 -20.60 21.40
N LYS I 200 39.81 -21.80 21.07
CA LYS I 200 38.38 -22.08 21.16
C LYS I 200 37.92 -22.21 22.61
N GLY I 201 36.65 -21.93 22.88
CA GLY I 201 36.09 -22.10 24.22
C GLY I 201 36.06 -23.57 24.57
N LEU I 202 36.03 -23.88 25.87
CA LEU I 202 36.03 -25.27 26.33
C LEU I 202 34.78 -26.05 25.91
N SER I 203 33.71 -25.35 25.53
CA SER I 203 32.49 -26.06 25.14
C SER I 203 32.56 -26.58 23.70
N PHE I 204 33.49 -26.07 22.91
CA PHE I 204 33.61 -26.52 21.52
C PHE I 204 35.04 -26.83 21.04
N GLY I 205 35.79 -27.55 21.86
CA GLY I 205 37.07 -28.12 21.44
C GLY I 205 38.28 -27.39 21.97
N GLY I 206 38.05 -26.44 22.88
CA GLY I 206 39.15 -25.72 23.50
C GLY I 206 39.95 -26.60 24.44
N SER I 207 41.10 -26.09 24.88
CA SER I 207 42.01 -26.84 25.74
C SER I 207 42.12 -26.25 27.15
N LEU I 208 42.13 -27.12 28.14
CA LEU I 208 42.58 -26.71 29.47
C LEU I 208 44.05 -26.25 29.41
N ILE I 209 44.46 -25.48 30.41
CA ILE I 209 45.85 -25.04 30.58
C ILE I 209 46.21 -23.81 29.71
N ARG I 210 45.32 -23.44 28.80
CA ARG I 210 45.56 -22.26 27.96
C ARG I 210 45.91 -20.99 28.75
N PRO I 211 45.09 -20.61 29.74
CA PRO I 211 45.48 -19.43 30.52
C PRO I 211 46.81 -19.63 31.24
N GLU I 212 47.05 -20.84 31.73
CA GLU I 212 48.25 -21.11 32.51
C GLU I 212 49.49 -21.30 31.60
N ALA I 213 49.25 -21.66 30.35
CA ALA I 213 50.32 -22.14 29.46
C ALA I 213 51.58 -21.29 29.42
N THR I 214 51.44 -19.98 29.20
CA THR I 214 52.62 -19.15 29.01
C THR I 214 53.47 -19.08 30.28
N GLY I 215 52.81 -18.79 31.40
CA GLY I 215 53.50 -18.75 32.69
C GLY I 215 54.09 -20.09 33.10
N TYR I 216 53.31 -21.17 32.94
CA TYR I 216 53.79 -22.51 33.29
C TYR I 216 55.01 -22.91 32.47
N GLY I 217 55.01 -22.57 31.18
CA GLY I 217 56.09 -22.94 30.29
C GLY I 217 57.36 -22.17 30.60
N LEU I 218 57.19 -20.93 31.05
CA LEU I 218 58.33 -20.10 31.40
C LEU I 218 59.15 -20.78 32.50
N VAL I 219 58.44 -21.36 33.46
CA VAL I 219 59.09 -22.03 34.57
C VAL I 219 59.68 -23.38 34.16
N TYR I 220 58.95 -24.13 33.36
CA TYR I 220 59.47 -25.40 32.87
C TYR I 220 60.78 -25.17 32.12
N PHE I 221 60.81 -24.13 31.28
CA PHE I 221 62.01 -23.83 30.53
C PHE I 221 63.16 -23.42 31.43
N THR I 222 62.90 -22.47 32.34
CA THR I 222 63.92 -21.97 33.24
C THR I 222 64.49 -23.06 34.15
N GLU I 223 63.64 -23.98 34.58
CA GLU I 223 64.08 -25.07 35.45
C GLU I 223 64.99 -26.03 34.68
N ALA I 224 64.64 -26.26 33.41
CA ALA I 224 65.46 -27.07 32.52
C ALA I 224 66.82 -26.42 32.33
N MET I 225 66.81 -25.12 32.04
CA MET I 225 68.04 -24.34 31.91
C MET I 225 68.90 -24.39 33.18
N LEU I 226 68.27 -24.14 34.33
CA LEU I 226 68.96 -24.16 35.61
C LEU I 226 69.55 -25.55 35.89
N LYS I 227 68.75 -26.58 35.63
CA LYS I 227 69.18 -27.96 35.88
C LYS I 227 70.40 -28.34 35.06
N ARG I 228 70.42 -27.96 33.78
CA ARG I 228 71.57 -28.25 32.91
C ARG I 228 72.85 -27.64 33.47
N HIS I 229 72.70 -26.52 34.17
CA HIS I 229 73.84 -25.79 34.70
C HIS I 229 73.93 -25.99 36.22
N GLY I 230 73.41 -27.12 36.68
CA GLY I 230 73.53 -27.52 38.09
C GLY I 230 72.76 -26.69 39.09
N MET I 231 71.48 -26.45 38.85
CA MET I 231 70.64 -25.69 39.77
C MET I 231 69.17 -26.02 39.62
N GLY I 232 68.34 -25.18 40.22
CA GLY I 232 66.90 -25.37 40.18
C GLY I 232 66.19 -24.35 41.04
N PHE I 233 64.90 -24.16 40.77
CA PHE I 233 64.07 -23.20 41.48
C PHE I 233 63.95 -23.50 42.98
N GLU I 234 64.13 -24.78 43.33
CA GLU I 234 64.06 -25.25 44.71
C GLU I 234 64.85 -24.36 45.66
N GLY I 235 64.13 -23.60 46.48
CA GLY I 235 64.76 -22.80 47.52
C GLY I 235 65.37 -21.50 47.02
N MET I 236 65.02 -21.12 45.79
CA MET I 236 65.52 -19.87 45.21
C MET I 236 64.58 -18.70 45.47
N ARG I 237 65.17 -17.51 45.63
CA ARG I 237 64.39 -16.28 45.67
C ARG I 237 64.16 -15.78 44.23
N VAL I 238 62.90 -15.63 43.87
CA VAL I 238 62.53 -15.27 42.50
C VAL I 238 61.76 -13.95 42.44
N SER I 239 62.20 -13.06 41.57
CA SER I 239 61.47 -11.82 41.32
C SER I 239 60.67 -11.89 40.01
N VAL I 240 59.55 -11.19 39.97
CA VAL I 240 58.66 -11.19 38.83
C VAL I 240 58.02 -9.82 38.63
N SER I 241 58.07 -9.32 37.41
CA SER I 241 57.36 -8.09 37.08
C SER I 241 56.04 -8.45 36.41
N GLY I 242 55.12 -7.50 36.40
CA GLY I 242 53.80 -7.73 35.84
C GLY I 242 52.89 -8.39 36.85
N SER I 243 51.60 -8.38 36.56
CA SER I 243 50.62 -8.98 37.45
C SER I 243 49.47 -9.55 36.64
N GLY I 244 49.74 -9.80 35.36
CA GLY I 244 48.76 -10.36 34.46
C GLY I 244 48.85 -11.86 34.35
N ASN I 245 48.29 -12.38 33.26
CA ASN I 245 48.22 -13.80 32.97
C ASN I 245 49.54 -14.56 33.06
N VAL I 246 50.54 -14.05 32.36
CA VAL I 246 51.87 -14.66 32.40
C VAL I 246 52.45 -14.64 33.82
N ALA I 247 52.44 -13.47 34.45
CA ALA I 247 52.93 -13.34 35.82
C ALA I 247 52.17 -14.22 36.79
N GLN I 248 50.84 -14.18 36.72
CA GLN I 248 49.99 -14.94 37.64
C GLN I 248 50.38 -16.41 37.68
N TYR I 249 50.55 -17.00 36.51
CA TYR I 249 50.80 -18.44 36.44
C TYR I 249 52.28 -18.83 36.44
N ALA I 250 53.15 -17.87 36.17
CA ALA I 250 54.57 -18.10 36.41
C ALA I 250 54.76 -18.30 37.92
N ILE I 251 54.19 -17.39 38.71
CA ILE I 251 54.27 -17.45 40.17
C ILE I 251 53.77 -18.80 40.67
N GLU I 252 52.61 -19.20 40.16
CA GLU I 252 51.97 -20.45 40.58
C GLU I 252 52.90 -21.64 40.35
N LYS I 253 53.53 -21.68 39.19
CA LYS I 253 54.42 -22.79 38.88
C LYS I 253 55.74 -22.71 39.67
N ALA I 254 56.26 -21.50 39.82
CA ALA I 254 57.51 -21.32 40.56
C ALA I 254 57.33 -21.75 42.02
N MET I 255 56.23 -21.34 42.63
CA MET I 255 55.96 -21.75 44.01
C MET I 255 55.96 -23.28 44.11
N GLU I 256 55.34 -23.92 43.12
CA GLU I 256 55.24 -25.38 43.12
C GLU I 256 56.59 -26.08 43.11
N PHE I 257 57.58 -25.47 42.47
CA PHE I 257 58.92 -26.01 42.39
C PHE I 257 59.73 -25.72 43.65
N GLY I 258 59.04 -25.26 44.68
CA GLY I 258 59.67 -25.00 45.95
C GLY I 258 60.41 -23.68 45.93
N ALA I 259 60.06 -22.83 44.98
CA ALA I 259 60.68 -21.50 44.90
C ALA I 259 60.05 -20.55 45.90
N ARG I 260 60.79 -19.48 46.18
CA ARG I 260 60.33 -18.44 47.08
C ARG I 260 60.09 -17.19 46.26
N VAL I 261 58.88 -17.05 45.72
CA VAL I 261 58.55 -15.89 44.91
C VAL I 261 58.20 -14.68 45.78
N ILE I 262 58.92 -13.59 45.59
CA ILE I 262 58.88 -12.47 46.53
C ILE I 262 58.24 -11.18 46.03
N THR I 263 57.83 -11.13 44.77
CA THR I 263 57.31 -9.86 44.23
C THR I 263 56.38 -10.00 43.02
N ALA I 264 55.75 -8.88 42.67
CA ALA I 264 54.95 -8.71 41.45
C ALA I 264 54.65 -7.22 41.29
N SER I 265 54.15 -6.80 40.14
CA SER I 265 53.91 -5.38 39.91
C SER I 265 52.96 -5.02 38.76
N ASP I 266 52.64 -3.74 38.65
CA ASP I 266 51.91 -3.24 37.48
C ASP I 266 52.47 -1.89 37.07
N SER I 267 51.79 -1.26 36.10
CA SER I 267 52.18 0.03 35.57
C SER I 267 52.49 1.04 36.68
N SER I 268 51.76 0.94 37.79
CA SER I 268 51.95 1.83 38.92
C SER I 268 53.25 1.55 39.66
N GLY I 269 53.29 0.45 40.41
CA GLY I 269 54.45 0.15 41.22
C GLY I 269 54.61 -1.31 41.60
N THR I 270 55.64 -1.59 42.37
CA THR I 270 56.04 -2.96 42.71
C THR I 270 55.82 -3.29 44.19
N VAL I 271 55.18 -4.43 44.45
CA VAL I 271 55.04 -4.94 45.81
C VAL I 271 56.19 -5.91 46.14
N VAL I 272 56.68 -5.83 47.37
CA VAL I 272 57.76 -6.70 47.84
C VAL I 272 57.29 -7.57 49.00
N ASP I 273 57.75 -8.82 49.01
CA ASP I 273 57.32 -9.81 49.99
C ASP I 273 58.48 -10.76 50.26
N GLU I 274 59.34 -10.39 51.22
CA GLU I 274 60.52 -11.19 51.56
C GLU I 274 60.19 -12.65 51.86
N SER I 275 59.06 -12.87 52.51
CA SER I 275 58.58 -14.22 52.84
C SER I 275 58.38 -15.03 51.57
N GLY I 276 57.33 -14.73 50.82
CA GLY I 276 57.06 -15.43 49.58
C GLY I 276 55.59 -15.66 49.33
N PHE I 277 55.22 -15.70 48.05
CA PHE I 277 53.84 -15.91 47.63
C PHE I 277 53.27 -17.25 48.12
N THR I 278 51.94 -17.31 48.22
CA THR I 278 51.26 -18.54 48.57
C THR I 278 50.00 -18.68 47.71
N LYS I 279 49.44 -19.88 47.65
CA LYS I 279 48.26 -20.14 46.82
C LYS I 279 47.09 -19.24 47.17
N GLU I 280 46.84 -19.06 48.47
CA GLU I 280 45.72 -18.20 48.86
C GLU I 280 45.98 -16.73 48.51
N LYS I 281 47.19 -16.25 48.74
CA LYS I 281 47.49 -14.84 48.44
C LYS I 281 47.69 -14.55 46.95
N LEU I 282 48.16 -15.53 46.19
CA LEU I 282 48.23 -15.39 44.74
C LEU I 282 46.83 -15.20 44.18
N ALA I 283 45.91 -16.06 44.61
CA ALA I 283 44.51 -16.01 44.20
C ALA I 283 43.91 -14.63 44.46
N ARG I 284 44.24 -14.04 45.60
CA ARG I 284 43.67 -12.74 45.96
C ARG I 284 44.14 -11.67 44.99
N LEU I 285 45.37 -11.81 44.51
CA LEU I 285 45.88 -10.87 43.51
C LEU I 285 45.11 -11.04 42.21
N ILE I 286 44.86 -12.29 41.84
CA ILE I 286 44.17 -12.59 40.59
C ILE I 286 42.78 -11.96 40.59
N GLU I 287 42.01 -12.23 41.64
CA GLU I 287 40.71 -11.63 41.80
C GLU I 287 40.81 -10.10 41.82
N ILE I 288 41.84 -9.57 42.48
CA ILE I 288 42.04 -8.13 42.55
C ILE I 288 42.31 -7.50 41.19
N LYS I 289 43.33 -8.00 40.48
CA LYS I 289 43.68 -7.46 39.17
C LYS I 289 42.63 -7.81 38.13
N SER I 290 41.64 -8.60 38.53
CA SER I 290 40.57 -8.99 37.63
C SER I 290 39.68 -7.80 37.32
N SER I 291 39.53 -6.91 38.29
CA SER I 291 38.74 -5.70 38.11
C SER I 291 39.46 -4.70 37.24
N ARG I 292 38.72 -3.68 36.78
CA ARG I 292 39.30 -2.59 36.03
C ARG I 292 40.21 -1.77 36.93
N ASP I 293 39.63 -1.22 37.98
CA ASP I 293 40.37 -0.36 38.89
C ASP I 293 41.38 -1.14 39.74
N GLY I 294 41.28 -2.46 39.72
CA GLY I 294 42.15 -3.32 40.50
C GLY I 294 43.64 -3.06 40.34
N ARG I 295 44.29 -2.70 41.45
CA ARG I 295 45.71 -2.39 41.44
C ARG I 295 46.51 -3.28 42.40
N VAL I 296 47.81 -3.39 42.15
CA VAL I 296 48.70 -4.16 43.01
C VAL I 296 48.82 -3.54 44.39
N ALA I 297 48.99 -2.22 44.42
CA ALA I 297 49.13 -1.48 45.67
C ALA I 297 48.04 -1.85 46.68
N ASP I 298 46.84 -2.07 46.17
CA ASP I 298 45.71 -2.50 47.00
C ASP I 298 45.99 -3.84 47.64
N TYR I 299 46.45 -4.79 46.83
CA TYR I 299 46.85 -6.11 47.31
C TYR I 299 47.86 -5.99 48.45
N ALA I 300 48.81 -5.08 48.29
CA ALA I 300 49.85 -4.86 49.30
C ALA I 300 49.30 -4.38 50.64
N LYS I 301 48.16 -3.69 50.63
CA LYS I 301 47.53 -3.27 51.87
C LYS I 301 46.74 -4.42 52.50
N GLU I 302 46.08 -5.20 51.65
CA GLU I 302 45.36 -6.40 52.08
C GLU I 302 46.23 -7.25 53.01
N PHE I 303 47.51 -7.38 52.64
CA PHE I 303 48.43 -8.24 53.37
C PHE I 303 49.56 -7.45 54.03
N GLY I 304 49.37 -6.13 54.15
CA GLY I 304 50.34 -5.26 54.79
C GLY I 304 51.76 -5.43 54.28
N LEU I 305 51.94 -5.30 52.97
CA LEU I 305 53.23 -5.58 52.34
C LEU I 305 53.94 -4.33 51.84
N VAL I 306 55.26 -4.45 51.68
CA VAL I 306 56.09 -3.37 51.19
C VAL I 306 55.71 -2.97 49.76
N TYR I 307 55.41 -1.69 49.56
CA TYR I 307 55.06 -1.20 48.23
C TYR I 307 56.06 -0.18 47.71
N LEU I 308 56.30 -0.21 46.41
CA LEU I 308 57.24 0.70 45.78
C LEU I 308 56.59 1.43 44.60
N GLU I 309 56.00 2.59 44.88
CA GLU I 309 55.32 3.38 43.86
C GLU I 309 56.28 3.83 42.77
N GLY I 310 55.93 3.55 41.53
CA GLY I 310 56.74 3.96 40.39
C GLY I 310 58.10 3.30 40.35
N GLN I 311 58.20 2.10 40.93
CA GLN I 311 59.47 1.37 40.94
C GLN I 311 59.33 -0.03 40.37
N GLN I 312 60.40 -0.52 39.77
CA GLN I 312 60.47 -1.88 39.24
C GLN I 312 61.01 -2.84 40.30
N PRO I 313 60.91 -4.15 40.06
CA PRO I 313 61.39 -5.10 41.07
C PRO I 313 62.91 -5.28 41.10
N TRP I 314 63.59 -4.82 40.06
CA TRP I 314 64.99 -5.18 39.83
C TRP I 314 66.00 -4.64 40.84
N SER I 315 65.59 -3.63 41.60
CA SER I 315 66.47 -3.01 42.58
C SER I 315 66.75 -3.94 43.77
N VAL I 316 66.16 -5.12 43.76
CA VAL I 316 66.31 -6.07 44.85
C VAL I 316 67.23 -7.23 44.51
N PRO I 317 67.93 -7.76 45.52
CA PRO I 317 68.74 -8.99 45.36
C PRO I 317 67.86 -10.22 45.19
N VAL I 318 68.08 -10.98 44.11
CA VAL I 318 67.38 -12.23 43.87
C VAL I 318 68.32 -13.25 43.22
N ASP I 319 67.87 -14.51 43.16
CA ASP I 319 68.59 -15.55 42.44
C ASP I 319 68.15 -15.55 40.98
N ILE I 320 66.85 -15.65 40.78
CA ILE I 320 66.25 -15.74 39.45
C ILE I 320 65.34 -14.54 39.21
N ALA I 321 65.48 -13.92 38.03
CA ALA I 321 64.60 -12.81 37.66
C ALA I 321 63.73 -13.19 36.45
N LEU I 322 62.44 -12.90 36.57
CA LEU I 322 61.48 -13.25 35.53
C LEU I 322 60.64 -12.06 35.10
N PRO I 323 61.13 -11.28 34.13
CA PRO I 323 60.36 -10.16 33.55
C PRO I 323 59.11 -10.63 32.80
N CYS I 324 57.93 -10.20 33.24
CA CYS I 324 56.68 -10.62 32.61
C CYS I 324 55.72 -9.45 32.37
N ALA I 325 56.26 -8.24 32.22
CA ALA I 325 55.44 -7.04 32.08
C ALA I 325 55.27 -6.55 30.63
N THR I 326 56.25 -5.79 30.13
CA THR I 326 56.18 -5.27 28.77
C THR I 326 57.56 -5.20 28.11
N GLN I 327 57.56 -4.95 26.80
CA GLN I 327 58.80 -4.85 26.04
C GLN I 327 59.73 -3.77 26.58
N ASN I 328 61.02 -4.09 26.69
CA ASN I 328 62.03 -3.14 27.16
C ASN I 328 61.85 -2.71 28.61
N GLU I 329 61.51 -3.66 29.48
CA GLU I 329 61.24 -3.34 30.87
C GLU I 329 62.45 -3.59 31.78
N LEU I 330 63.51 -4.16 31.22
CA LEU I 330 64.74 -4.39 31.97
C LEU I 330 65.90 -3.82 31.18
N ASP I 331 66.32 -2.61 31.54
CA ASP I 331 67.38 -1.93 30.81
C ASP I 331 68.72 -2.07 31.56
N VAL I 332 69.79 -1.64 30.90
CA VAL I 332 71.17 -1.89 31.33
C VAL I 332 71.46 -1.63 32.83
N ASP I 333 70.89 -0.56 33.37
CA ASP I 333 71.17 -0.17 34.76
C ASP I 333 70.38 -1.00 35.77
N ALA I 334 69.28 -1.59 35.32
CA ALA I 334 68.53 -2.52 36.15
C ALA I 334 69.24 -3.86 36.12
N ALA I 335 69.94 -4.14 35.02
CA ALA I 335 70.76 -5.33 34.92
C ALA I 335 72.04 -5.19 35.75
N HIS I 336 72.52 -3.95 35.88
CA HIS I 336 73.73 -3.67 36.66
C HIS I 336 73.59 -4.10 38.11
N GLN I 337 72.52 -3.64 38.75
CA GLN I 337 72.28 -3.96 40.15
C GLN I 337 71.92 -5.43 40.36
N LEU I 338 71.07 -5.96 39.47
CA LEU I 338 70.66 -7.37 39.53
C LEU I 338 71.89 -8.27 39.57
N ILE I 339 72.88 -7.93 38.75
CA ILE I 339 74.14 -8.66 38.70
C ILE I 339 74.95 -8.47 39.99
N ALA I 340 75.08 -7.22 40.41
CA ALA I 340 75.77 -6.90 41.66
C ALA I 340 75.12 -7.62 42.83
N ASN I 341 73.79 -7.61 42.84
CA ASN I 341 73.03 -8.27 43.89
C ASN I 341 72.96 -9.78 43.70
N GLY I 342 73.71 -10.27 42.72
CA GLY I 342 73.93 -11.69 42.55
C GLY I 342 72.85 -12.50 41.86
N VAL I 343 72.27 -11.98 40.78
CA VAL I 343 71.31 -12.79 40.02
C VAL I 343 72.04 -13.95 39.35
N LYS I 344 71.33 -15.04 39.14
CA LYS I 344 71.94 -16.21 38.51
C LYS I 344 71.30 -16.51 37.17
N ALA I 345 69.98 -16.35 37.09
CA ALA I 345 69.28 -16.60 35.84
C ALA I 345 68.23 -15.52 35.56
N VAL I 346 68.02 -15.24 34.28
CA VAL I 346 66.95 -14.35 33.83
C VAL I 346 66.22 -15.02 32.68
N ALA I 347 64.88 -15.08 32.76
CA ALA I 347 64.06 -15.70 31.72
C ALA I 347 62.83 -14.87 31.37
N GLU I 348 62.59 -14.69 30.09
CA GLU I 348 61.60 -13.72 29.61
C GLU I 348 60.20 -14.29 29.45
N GLY I 349 59.26 -13.77 30.23
CA GLY I 349 57.85 -14.13 30.06
C GLY I 349 57.16 -13.22 29.06
N ALA I 350 57.41 -11.91 29.17
CA ALA I 350 56.85 -10.93 28.24
C ALA I 350 57.61 -10.96 26.92
N ASN I 351 57.18 -10.14 25.97
CA ASN I 351 57.82 -10.07 24.66
C ASN I 351 58.95 -9.04 24.61
N MET I 352 60.17 -9.53 24.45
CA MET I 352 61.38 -8.70 24.47
C MET I 352 61.50 -7.75 25.67
N PRO I 353 61.33 -8.26 26.90
CA PRO I 353 61.39 -7.37 28.06
C PRO I 353 62.79 -6.81 28.31
N THR I 354 63.82 -7.58 27.95
CA THR I 354 65.20 -7.20 28.23
C THR I 354 65.83 -6.54 27.01
N THR I 355 66.33 -5.31 27.18
CA THR I 355 66.96 -4.61 26.08
C THR I 355 68.22 -5.35 25.69
N ILE I 356 68.68 -5.14 24.46
CA ILE I 356 69.88 -5.85 24.00
C ILE I 356 71.10 -5.44 24.81
N GLU I 357 71.09 -4.21 25.32
CA GLU I 357 72.19 -3.72 26.13
C GLU I 357 72.25 -4.51 27.43
N ALA I 358 71.08 -4.69 28.05
CA ALA I 358 70.98 -5.47 29.28
C ALA I 358 71.28 -6.94 29.02
N THR I 359 70.76 -7.45 27.90
CA THR I 359 70.93 -8.85 27.51
C THR I 359 72.39 -9.30 27.48
N GLU I 360 73.24 -8.51 26.83
CA GLU I 360 74.66 -8.85 26.72
C GLU I 360 75.34 -8.82 28.08
N LEU I 361 75.01 -7.79 28.85
CA LEU I 361 75.56 -7.62 30.19
C LEU I 361 75.39 -8.89 31.02
N PHE I 362 74.18 -9.45 30.99
CA PHE I 362 73.90 -10.69 31.71
C PHE I 362 74.79 -11.84 31.24
N GLN I 363 74.88 -12.02 29.92
CA GLN I 363 75.68 -13.10 29.36
C GLN I 363 77.17 -12.92 29.67
N GLN I 364 77.67 -11.70 29.50
CA GLN I 364 79.07 -11.39 29.79
C GLN I 364 79.34 -11.31 31.29
N ALA I 365 78.29 -11.41 32.09
CA ALA I 365 78.44 -11.48 33.55
C ALA I 365 78.25 -12.91 34.02
N GLY I 366 77.91 -13.79 33.10
CA GLY I 366 77.81 -15.21 33.39
C GLY I 366 76.48 -15.66 33.93
N VAL I 367 75.45 -14.85 33.77
CA VAL I 367 74.13 -15.27 34.21
C VAL I 367 73.33 -15.89 33.07
N LEU I 368 72.64 -16.98 33.38
CA LEU I 368 71.87 -17.71 32.40
C LEU I 368 70.73 -16.85 31.90
N PHE I 369 70.63 -16.74 30.58
CA PHE I 369 69.58 -15.92 29.98
C PHE I 369 68.76 -16.72 28.98
N ALA I 370 67.46 -16.83 29.24
CA ALA I 370 66.54 -17.48 28.31
C ALA I 370 65.68 -16.45 27.58
N PRO I 371 65.78 -16.42 26.24
CA PRO I 371 64.99 -15.47 25.44
C PRO I 371 63.50 -15.82 25.39
N GLY I 372 62.66 -14.79 25.35
CA GLY I 372 61.22 -14.97 25.26
C GLY I 372 60.75 -15.86 24.11
N LYS I 373 61.41 -15.80 22.96
CA LYS I 373 61.04 -16.65 21.84
C LYS I 373 61.09 -18.13 22.22
N ALA I 374 61.98 -18.49 23.14
CA ALA I 374 62.03 -19.85 23.65
C ALA I 374 61.23 -19.97 24.94
N ALA I 375 61.42 -19.01 25.83
CA ALA I 375 60.89 -19.07 27.20
C ALA I 375 59.38 -18.90 27.31
N ASN I 376 58.79 -18.07 26.46
CA ASN I 376 57.35 -17.83 26.52
C ASN I 376 56.55 -18.56 25.43
N ALA I 377 57.13 -19.63 24.90
CA ALA I 377 56.49 -20.34 23.80
C ALA I 377 55.36 -21.24 24.30
N GLY I 378 55.13 -21.22 25.62
CA GLY I 378 54.12 -22.07 26.22
C GLY I 378 52.75 -21.90 25.60
N GLY I 379 52.41 -20.67 25.25
CA GLY I 379 51.11 -20.39 24.63
C GLY I 379 51.00 -21.04 23.26
N VAL I 380 52.02 -20.85 22.42
CA VAL I 380 52.00 -21.50 21.10
C VAL I 380 51.95 -23.02 21.25
N ALA I 381 52.81 -23.55 22.12
CA ALA I 381 52.82 -24.99 22.40
C ALA I 381 51.43 -25.54 22.73
N THR I 382 50.69 -24.80 23.56
CA THR I 382 49.36 -25.24 23.99
C THR I 382 48.30 -25.11 22.88
N SER I 383 48.52 -24.19 21.94
CA SER I 383 47.65 -24.12 20.76
C SER I 383 47.89 -25.39 19.93
N GLY I 384 49.11 -25.92 20.02
CA GLY I 384 49.46 -27.16 19.35
C GLY I 384 48.86 -28.36 20.05
N LEU I 385 48.75 -28.26 21.38
CA LEU I 385 48.10 -29.29 22.18
C LEU I 385 46.61 -29.31 21.92
N GLU I 386 46.03 -28.14 21.70
CA GLU I 386 44.60 -28.02 21.38
C GLU I 386 44.32 -28.77 20.08
N MET I 387 45.07 -28.41 19.03
CA MET I 387 44.98 -29.09 17.74
C MET I 387 45.11 -30.60 17.93
N ALA I 388 46.05 -31.02 18.76
CA ALA I 388 46.30 -32.45 18.97
C ALA I 388 45.11 -33.14 19.67
N GLN I 389 44.52 -32.47 20.65
CA GLN I 389 43.34 -33.01 21.30
C GLN I 389 42.20 -33.14 20.29
N ASN I 390 42.04 -32.10 19.46
CA ASN I 390 40.98 -32.09 18.46
C ASN I 390 41.19 -33.22 17.46
N ALA I 391 42.42 -33.38 17.00
CA ALA I 391 42.77 -34.45 16.08
C ALA I 391 42.49 -35.82 16.73
N ALA I 392 42.70 -35.93 18.04
CA ALA I 392 42.53 -37.20 18.72
C ALA I 392 41.06 -37.51 19.01
N ARG I 393 40.21 -36.51 18.85
CA ARG I 393 38.79 -36.62 19.21
C ARG I 393 38.60 -36.98 20.67
N LEU I 394 39.45 -36.41 21.51
CA LEU I 394 39.42 -36.68 22.94
C LEU I 394 39.93 -35.44 23.66
N GLY I 395 39.24 -35.02 24.71
CA GLY I 395 39.76 -33.95 25.55
C GLY I 395 40.64 -34.52 26.64
N TRP I 396 41.71 -33.80 26.99
CA TRP I 396 42.59 -34.26 28.06
C TRP I 396 42.33 -33.53 29.36
N LYS I 397 42.39 -34.26 30.47
CA LYS I 397 42.32 -33.66 31.80
C LYS I 397 43.50 -32.68 31.97
N ALA I 398 43.31 -31.68 32.84
CA ALA I 398 44.28 -30.62 33.03
C ALA I 398 45.69 -31.13 33.32
N GLU I 399 45.80 -32.14 34.18
CA GLU I 399 47.10 -32.70 34.53
C GLU I 399 47.78 -33.27 33.32
N LYS I 400 47.00 -33.86 32.42
CA LYS I 400 47.56 -34.41 31.19
C LYS I 400 48.07 -33.31 30.26
N VAL I 401 47.29 -32.24 30.09
CA VAL I 401 47.75 -31.15 29.21
C VAL I 401 49.06 -30.56 29.74
N ASP I 402 49.07 -30.31 31.04
CA ASP I 402 50.23 -29.74 31.69
C ASP I 402 51.48 -30.60 31.51
N ALA I 403 51.34 -31.91 31.70
CA ALA I 403 52.46 -32.83 31.55
C ALA I 403 53.00 -32.81 30.13
N ARG I 404 52.10 -32.76 29.15
CA ARG I 404 52.54 -32.74 27.76
C ARG I 404 53.17 -31.38 27.42
N LEU I 405 52.60 -30.31 27.98
CA LEU I 405 53.22 -28.99 27.85
C LEU I 405 54.66 -29.02 28.38
N HIS I 406 54.84 -29.68 29.52
CA HIS I 406 56.16 -29.80 30.16
C HIS I 406 57.10 -30.57 29.25
N HIS I 407 56.59 -31.67 28.71
CA HIS I 407 57.30 -32.48 27.72
C HIS I 407 57.85 -31.58 26.62
N ILE I 408 57.00 -30.70 26.09
CA ILE I 408 57.37 -29.84 24.95
C ILE I 408 58.43 -28.79 25.30
N MET I 409 58.27 -28.14 26.44
CA MET I 409 59.24 -27.13 26.87
C MET I 409 60.64 -27.71 27.04
N LEU I 410 60.74 -28.97 27.46
CA LEU I 410 62.06 -29.63 27.59
C LEU I 410 62.67 -29.88 26.21
N ASP I 411 61.81 -30.19 25.24
CA ASP I 411 62.25 -30.40 23.86
C ASP I 411 62.69 -29.09 23.23
N ILE I 412 62.03 -27.99 23.60
CA ILE I 412 62.42 -26.67 23.16
C ILE I 412 63.76 -26.28 23.82
N HIS I 413 63.91 -26.62 25.09
CA HIS I 413 65.21 -26.44 25.76
C HIS I 413 66.31 -27.26 25.07
N HIS I 414 65.98 -28.50 24.70
CA HIS I 414 66.96 -29.37 24.06
C HIS I 414 67.37 -28.84 22.68
N ALA I 415 66.43 -28.23 21.96
CA ALA I 415 66.72 -27.67 20.64
C ALA I 415 67.65 -26.48 20.73
N CYS I 416 67.44 -25.63 21.74
CA CYS I 416 68.31 -24.49 22.01
C CYS I 416 69.73 -24.97 22.41
N VAL I 417 69.78 -26.02 23.21
CA VAL I 417 71.04 -26.60 23.64
C VAL I 417 71.84 -27.17 22.46
N GLU I 418 71.13 -27.70 21.46
CA GLU I 418 71.78 -28.25 20.29
C GLU I 418 72.61 -27.21 19.54
N HIS I 419 72.16 -25.96 19.55
CA HIS I 419 72.82 -24.91 18.78
C HIS I 419 73.35 -23.77 19.65
N GLY I 420 73.48 -24.03 20.95
CA GLY I 420 73.90 -23.02 21.90
C GLY I 420 75.39 -23.03 22.20
N GLY I 421 76.12 -23.86 21.47
CA GLY I 421 77.57 -23.84 21.54
C GLY I 421 78.17 -24.72 22.61
N GLU I 422 79.46 -24.54 22.82
CA GLU I 422 80.28 -25.38 23.68
C GLU I 422 80.80 -24.65 24.91
N GLY I 423 80.17 -23.55 25.26
CA GLY I 423 80.63 -22.72 26.37
C GLY I 423 80.37 -23.35 27.72
N GLU I 424 80.92 -22.75 28.77
CA GLU I 424 80.67 -23.19 30.14
C GLU I 424 79.18 -23.10 30.41
N GLN I 425 78.53 -22.14 29.77
CA GLN I 425 77.07 -22.09 29.76
C GLN I 425 76.56 -21.94 28.34
N THR I 426 75.52 -22.70 28.04
CA THR I 426 74.92 -22.67 26.72
C THR I 426 74.40 -21.26 26.42
N ASN I 427 74.56 -20.83 25.16
CA ASN I 427 74.00 -19.56 24.70
C ASN I 427 72.61 -19.80 24.13
N TYR I 428 71.59 -19.45 24.91
CA TYR I 428 70.20 -19.70 24.53
C TYR I 428 69.66 -18.70 23.52
N VAL I 429 70.23 -17.50 23.50
CA VAL I 429 69.84 -16.50 22.50
C VAL I 429 70.23 -16.99 21.12
N GLN I 430 71.49 -17.38 20.99
CA GLN I 430 72.01 -17.95 19.75
C GLN I 430 71.38 -19.30 19.44
N GLY I 431 71.22 -20.13 20.46
CA GLY I 431 70.60 -21.44 20.31
C GLY I 431 69.18 -21.35 19.76
N ALA I 432 68.36 -20.48 20.36
CA ALA I 432 66.97 -20.32 19.90
C ALA I 432 66.87 -19.76 18.48
N ASN I 433 67.70 -18.77 18.18
CA ASN I 433 67.67 -18.16 16.84
C ASN I 433 68.01 -19.19 15.75
N ILE I 434 69.07 -19.96 16.00
CA ILE I 434 69.53 -20.92 15.00
C ILE I 434 68.58 -22.12 14.88
N ALA I 435 68.11 -22.63 16.01
CA ALA I 435 67.20 -23.77 16.02
C ALA I 435 65.92 -23.57 15.21
N GLY I 436 65.34 -22.38 15.30
CA GLY I 436 64.14 -22.08 14.54
C GLY I 436 64.46 -22.07 13.06
N PHE I 437 65.50 -21.33 12.71
CA PHE I 437 65.95 -21.26 11.33
C PHE I 437 66.23 -22.63 10.75
N VAL I 438 67.06 -23.41 11.44
CA VAL I 438 67.51 -24.69 10.91
C VAL I 438 66.40 -25.68 10.57
N LYS I 439 65.39 -25.81 11.43
CA LYS I 439 64.34 -26.77 11.13
C LYS I 439 63.51 -26.32 9.93
N VAL I 440 63.26 -25.02 9.83
CA VAL I 440 62.54 -24.49 8.68
C VAL I 440 63.38 -24.72 7.41
N ALA I 441 64.66 -24.37 7.48
CA ALA I 441 65.55 -24.49 6.32
C ALA I 441 65.71 -25.94 5.87
N ASP I 442 65.94 -26.84 6.84
CA ASP I 442 66.05 -28.28 6.58
C ASP I 442 64.82 -28.79 5.83
N ALA I 443 63.65 -28.41 6.30
CA ALA I 443 62.41 -28.84 5.67
C ALA I 443 62.26 -28.26 4.26
N MET I 444 62.65 -27.00 4.09
CA MET I 444 62.62 -26.38 2.76
C MET I 444 63.52 -27.11 1.78
N LEU I 445 64.73 -27.43 2.23
CA LEU I 445 65.71 -28.14 1.41
C LEU I 445 65.17 -29.49 0.96
N ALA I 446 64.60 -30.26 1.89
CA ALA I 446 64.15 -31.62 1.55
C ALA I 446 62.95 -31.66 0.58
N GLN I 447 62.18 -30.58 0.53
CA GLN I 447 60.91 -30.61 -0.20
C GLN I 447 61.00 -30.03 -1.61
N GLY I 448 62.19 -29.62 -2.01
CA GLY I 448 62.46 -29.26 -3.40
C GLY I 448 62.04 -27.85 -3.78
N VAL I 449 62.20 -27.52 -5.07
CA VAL I 449 61.86 -26.22 -5.58
C VAL I 449 60.36 -26.13 -5.83
N ILE I 450 59.64 -25.60 -4.86
CA ILE I 450 58.19 -25.46 -4.97
C ILE I 450 57.78 -24.05 -4.56
N SER J 9 64.94 -42.77 -37.57
CA SER J 9 64.61 -44.01 -38.26
C SER J 9 63.28 -44.57 -37.81
N LEU J 10 62.42 -44.90 -38.77
CA LEU J 10 61.10 -45.43 -38.48
C LEU J 10 61.18 -46.72 -37.69
N GLU J 11 61.95 -47.69 -38.21
CA GLU J 11 62.10 -48.98 -37.54
C GLU J 11 62.58 -48.85 -36.08
N SER J 12 63.61 -48.05 -35.87
CA SER J 12 64.15 -47.85 -34.52
C SER J 12 63.12 -47.23 -33.58
N PHE J 13 62.34 -46.28 -34.09
CA PHE J 13 61.31 -45.66 -33.26
C PHE J 13 60.29 -46.71 -32.82
N LEU J 14 59.76 -47.46 -33.78
CA LEU J 14 58.74 -48.48 -33.51
C LEU J 14 59.25 -49.56 -32.54
N ASN J 15 60.52 -49.94 -32.69
CA ASN J 15 61.09 -50.96 -31.84
C ASN J 15 61.22 -50.44 -30.42
N HIS J 16 61.70 -49.22 -30.31
CA HIS J 16 61.82 -48.55 -29.03
C HIS J 16 60.50 -48.42 -28.28
N VAL J 17 59.44 -48.02 -28.97
CA VAL J 17 58.18 -47.82 -28.26
C VAL J 17 57.49 -49.16 -27.93
N GLN J 18 57.71 -50.17 -28.77
CA GLN J 18 57.21 -51.51 -28.48
C GLN J 18 57.83 -52.11 -27.20
N LYS J 19 59.00 -51.61 -26.82
CA LYS J 19 59.70 -52.09 -25.63
C LYS J 19 58.89 -52.01 -24.33
N ARG J 20 58.06 -50.98 -24.18
CA ARG J 20 57.23 -50.85 -23.00
C ARG J 20 56.00 -51.76 -23.03
N ASP J 21 55.59 -52.14 -24.24
CA ASP J 21 54.39 -52.93 -24.42
C ASP J 21 54.64 -54.09 -25.39
N PRO J 22 55.54 -55.03 -25.01
CA PRO J 22 55.96 -56.04 -25.99
C PRO J 22 54.85 -57.01 -26.40
N ASN J 23 53.75 -57.06 -25.67
CA ASN J 23 52.67 -57.97 -26.04
C ASN J 23 51.38 -57.30 -26.51
N GLN J 24 51.40 -55.98 -26.67
CA GLN J 24 50.23 -55.29 -27.21
C GLN J 24 50.28 -55.25 -28.73
N THR J 25 49.82 -56.33 -29.36
CA THR J 25 50.02 -56.52 -30.79
C THR J 25 49.23 -55.48 -31.58
N GLU J 26 47.94 -55.36 -31.27
CA GLU J 26 47.08 -54.41 -31.97
C GLU J 26 47.55 -52.96 -31.86
N PHE J 27 48.05 -52.58 -30.70
CA PHE J 27 48.50 -51.21 -30.50
C PHE J 27 49.76 -50.97 -31.31
N ALA J 28 50.67 -51.93 -31.28
CA ALA J 28 51.90 -51.84 -32.05
C ALA J 28 51.61 -51.68 -33.55
N GLN J 29 50.64 -52.43 -34.05
CA GLN J 29 50.32 -52.41 -35.47
C GLN J 29 49.69 -51.06 -35.83
N ALA J 30 48.89 -50.52 -34.92
CA ALA J 30 48.25 -49.23 -35.13
C ALA J 30 49.28 -48.12 -35.19
N VAL J 31 50.22 -48.10 -34.24
CA VAL J 31 51.29 -47.12 -34.26
C VAL J 31 52.13 -47.25 -35.53
N ARG J 32 52.46 -48.49 -35.90
CA ARG J 32 53.23 -48.72 -37.12
C ARG J 32 52.53 -48.10 -38.32
N GLU J 33 51.23 -48.34 -38.42
CA GLU J 33 50.47 -47.84 -39.57
C GLU J 33 50.42 -46.31 -39.67
N VAL J 34 50.29 -45.61 -38.54
CA VAL J 34 50.21 -44.16 -38.56
C VAL J 34 51.57 -43.55 -38.87
N MET J 35 52.59 -44.04 -38.17
CA MET J 35 53.94 -43.50 -38.31
C MET J 35 54.54 -43.73 -39.69
N THR J 36 54.22 -44.86 -40.31
CA THR J 36 54.76 -45.16 -41.64
C THR J 36 54.26 -44.11 -42.63
N THR J 37 52.99 -43.73 -42.49
CA THR J 37 52.41 -42.73 -43.38
C THR J 37 52.99 -41.36 -43.09
N LEU J 38 53.20 -41.07 -41.81
CA LEU J 38 53.68 -39.76 -41.38
C LEU J 38 55.15 -39.54 -41.65
N TRP J 39 55.92 -40.63 -41.71
CA TRP J 39 57.36 -40.50 -41.78
C TRP J 39 57.88 -39.55 -42.87
N PRO J 40 57.40 -39.69 -44.11
CA PRO J 40 57.92 -38.74 -45.10
C PRO J 40 57.52 -37.29 -44.83
N PHE J 41 56.32 -37.08 -44.28
CA PHE J 41 55.92 -35.73 -43.89
C PHE J 41 56.86 -35.18 -42.82
N LEU J 42 57.17 -36.00 -41.82
CA LEU J 42 58.05 -35.59 -40.71
C LEU J 42 59.43 -35.18 -41.20
N GLU J 43 59.97 -35.95 -42.13
CA GLU J 43 61.27 -35.67 -42.69
C GLU J 43 61.33 -34.35 -43.46
N GLN J 44 60.19 -33.82 -43.88
CA GLN J 44 60.17 -32.54 -44.61
C GLN J 44 59.73 -31.36 -43.75
N ASN J 45 59.27 -31.63 -42.54
CA ASN J 45 58.76 -30.59 -41.65
C ASN J 45 59.38 -30.70 -40.26
N PRO J 46 60.55 -30.04 -40.06
CA PRO J 46 61.32 -30.10 -38.81
C PRO J 46 60.52 -29.80 -37.55
N LYS J 47 59.53 -28.90 -37.67
CA LYS J 47 58.61 -28.57 -36.58
C LYS J 47 58.11 -29.82 -35.84
N TYR J 48 57.74 -30.83 -36.64
CA TYR J 48 57.15 -32.07 -36.13
C TYR J 48 58.15 -33.21 -35.99
N ARG J 49 59.38 -33.02 -36.47
CA ARG J 49 60.33 -34.13 -36.61
C ARG J 49 60.73 -34.78 -35.27
N GLN J 50 60.56 -34.07 -34.18
CA GLN J 50 61.24 -34.43 -32.94
C GLN J 50 60.70 -35.68 -32.23
N MET J 51 61.60 -36.62 -31.96
CA MET J 51 61.22 -37.93 -31.44
C MET J 51 60.43 -37.83 -30.15
N SER J 52 60.77 -36.84 -29.33
CA SER J 52 60.05 -36.54 -28.09
C SER J 52 58.58 -36.26 -28.36
N LEU J 53 58.28 -35.54 -29.43
CA LEU J 53 56.88 -35.28 -29.79
C LEU J 53 56.13 -36.58 -30.06
N LEU J 54 56.74 -37.46 -30.84
CA LEU J 54 56.17 -38.76 -31.18
C LEU J 54 56.12 -39.72 -29.99
N GLU J 55 57.12 -39.64 -29.11
CA GLU J 55 57.08 -40.40 -27.88
C GLU J 55 55.95 -39.92 -26.98
N ARG J 56 55.73 -38.60 -26.94
CA ARG J 56 54.63 -38.10 -26.13
C ARG J 56 53.29 -38.54 -26.72
N LEU J 57 53.22 -38.55 -28.05
CA LEU J 57 51.98 -38.86 -28.74
C LEU J 57 51.53 -40.31 -28.52
N VAL J 58 52.48 -41.25 -28.45
CA VAL J 58 52.12 -42.65 -28.30
C VAL J 58 51.90 -43.15 -26.86
N GLU J 59 52.35 -42.38 -25.87
CA GLU J 59 52.11 -42.71 -24.46
C GLU J 59 50.84 -42.00 -23.99
N PRO J 60 49.77 -42.78 -23.71
CA PRO J 60 48.50 -42.21 -23.24
C PRO J 60 48.70 -41.38 -21.99
N GLU J 61 48.02 -40.23 -21.90
CA GLU J 61 48.18 -39.37 -20.75
C GLU J 61 47.87 -40.15 -19.49
N ARG J 62 46.83 -40.97 -19.54
CA ARG J 62 46.36 -41.66 -18.35
C ARG J 62 45.50 -42.87 -18.73
N VAL J 63 45.74 -44.00 -18.06
CA VAL J 63 44.89 -45.18 -18.20
C VAL J 63 44.42 -45.63 -16.83
N ILE J 64 43.11 -45.77 -16.64
CA ILE J 64 42.57 -46.39 -15.42
C ILE J 64 42.10 -47.81 -15.68
N GLN J 65 42.76 -48.80 -15.07
CA GLN J 65 42.24 -50.17 -15.09
C GLN J 65 41.56 -50.39 -13.74
N PHE J 66 40.36 -50.97 -13.75
CA PHE J 66 39.66 -51.17 -12.48
C PHE J 66 38.81 -52.44 -12.39
N ARG J 67 38.57 -52.87 -11.16
CA ARG J 67 37.76 -54.05 -10.89
C ARG J 67 36.29 -53.71 -10.91
N VAL J 68 35.49 -54.54 -11.55
CA VAL J 68 34.03 -54.38 -11.50
C VAL J 68 33.44 -55.67 -10.97
N VAL J 69 32.86 -55.60 -9.77
CA VAL J 69 32.27 -56.76 -9.09
C VAL J 69 30.75 -56.59 -9.09
N TRP J 70 30.03 -57.62 -9.48
CA TRP J 70 28.59 -57.52 -9.67
C TRP J 70 27.93 -58.89 -9.44
N VAL J 71 26.61 -58.92 -9.36
CA VAL J 71 25.90 -60.14 -9.01
C VAL J 71 24.99 -60.60 -10.16
N ASP J 72 25.10 -61.87 -10.56
CA ASP J 72 24.31 -62.34 -11.70
C ASP J 72 22.94 -62.82 -11.26
N ASP J 73 22.11 -63.23 -12.22
CA ASP J 73 20.73 -63.64 -11.91
C ASP J 73 20.67 -64.93 -11.10
N ARG J 74 21.79 -65.64 -11.04
CA ARG J 74 21.85 -66.84 -10.22
C ARG J 74 22.43 -66.52 -8.83
N ASN J 75 22.48 -65.23 -8.50
CA ASN J 75 23.07 -64.75 -7.26
C ASN J 75 24.55 -65.14 -7.10
N GLN J 76 25.22 -65.37 -8.23
CA GLN J 76 26.66 -65.62 -8.21
C GLN J 76 27.39 -64.30 -8.40
N VAL J 77 28.40 -64.06 -7.57
CA VAL J 77 29.18 -62.85 -7.68
C VAL J 77 30.24 -63.01 -8.76
N GLN J 78 30.28 -62.06 -9.69
CA GLN J 78 31.18 -62.10 -10.84
C GLN J 78 32.15 -60.93 -10.79
N VAL J 79 33.37 -61.19 -11.26
CA VAL J 79 34.42 -60.19 -11.32
C VAL J 79 34.90 -59.97 -12.75
N ASN J 80 34.79 -58.73 -13.23
CA ASN J 80 35.34 -58.36 -14.52
C ASN J 80 36.31 -57.21 -14.38
N ARG J 81 37.10 -57.02 -15.42
CA ARG J 81 38.03 -55.92 -15.49
C ARG J 81 37.48 -54.87 -16.44
N ALA J 82 37.61 -53.59 -16.07
CA ALA J 82 37.27 -52.50 -16.96
C ALA J 82 38.43 -51.55 -17.08
N TRP J 83 38.34 -50.65 -18.05
CA TRP J 83 39.39 -49.68 -18.34
C TRP J 83 38.78 -48.38 -18.83
N ARG J 84 39.43 -47.27 -18.54
CA ARG J 84 39.24 -46.07 -19.34
C ARG J 84 40.61 -45.55 -19.81
N VAL J 85 40.85 -45.60 -21.11
CA VAL J 85 42.06 -45.06 -21.69
C VAL J 85 41.81 -43.59 -22.05
N GLN J 86 42.45 -42.70 -21.33
CA GLN J 86 42.32 -41.29 -21.57
C GLN J 86 43.57 -40.87 -22.33
N PHE J 87 43.54 -41.02 -23.66
CA PHE J 87 44.74 -40.93 -24.47
C PHE J 87 45.31 -39.51 -24.56
N SER J 88 44.49 -38.56 -25.02
CA SER J 88 44.99 -37.23 -25.31
C SER J 88 43.93 -36.20 -24.97
N SER J 89 44.33 -35.13 -24.29
CA SER J 89 43.41 -34.00 -24.07
C SER J 89 43.97 -32.72 -24.70
N ALA J 90 44.84 -32.86 -25.69
CA ALA J 90 45.48 -31.71 -26.31
C ALA J 90 44.45 -30.73 -26.90
N ILE J 91 43.43 -31.28 -27.54
CA ILE J 91 42.44 -30.47 -28.26
C ILE J 91 41.11 -30.31 -27.49
N GLY J 92 40.82 -31.23 -26.59
CA GLY J 92 39.60 -31.15 -25.81
C GLY J 92 39.54 -32.30 -24.82
N PRO J 93 38.40 -32.47 -24.17
CA PRO J 93 38.22 -33.57 -23.21
C PRO J 93 38.40 -34.91 -23.90
N TYR J 94 38.92 -35.91 -23.19
CA TYR J 94 38.98 -37.25 -23.76
C TYR J 94 37.60 -37.62 -24.29
N LYS J 95 37.57 -38.25 -25.47
CA LYS J 95 36.30 -38.53 -26.12
C LYS J 95 36.42 -39.81 -26.92
N GLY J 96 35.50 -40.73 -26.65
CA GLY J 96 35.46 -41.97 -27.39
C GLY J 96 34.61 -42.99 -26.66
N GLY J 97 34.20 -44.03 -27.38
CA GLY J 97 33.22 -44.96 -26.85
C GLY J 97 33.70 -46.00 -25.86
N MET J 98 32.75 -46.77 -25.36
CA MET J 98 33.00 -47.86 -24.44
C MET J 98 32.58 -49.15 -25.10
N ARG J 99 33.40 -50.19 -24.98
CA ARG J 99 33.16 -51.47 -25.61
C ARG J 99 33.04 -52.61 -24.59
N PHE J 100 31.95 -53.34 -24.60
CA PHE J 100 31.84 -54.54 -23.75
C PHE J 100 31.94 -55.79 -24.62
N HIS J 101 33.06 -56.52 -24.49
CA HIS J 101 33.27 -57.75 -25.25
C HIS J 101 34.35 -58.57 -24.54
N PRO J 102 34.20 -59.90 -24.50
CA PRO J 102 35.19 -60.76 -23.83
C PRO J 102 36.61 -60.64 -24.37
N SER J 103 36.77 -60.19 -25.62
CA SER J 103 38.10 -60.05 -26.21
C SER J 103 38.78 -58.74 -25.82
N VAL J 104 38.01 -57.82 -25.23
CA VAL J 104 38.55 -56.51 -24.87
C VAL J 104 39.73 -56.62 -23.93
N ASN J 105 40.82 -55.95 -24.28
CA ASN J 105 41.99 -55.82 -23.42
C ASN J 105 42.63 -54.47 -23.62
N LEU J 106 43.74 -54.20 -22.93
CA LEU J 106 44.33 -52.87 -22.97
C LEU J 106 44.93 -52.57 -24.33
N SER J 107 45.53 -53.58 -24.96
CA SER J 107 46.09 -53.41 -26.30
C SER J 107 45.04 -52.87 -27.27
N ILE J 108 43.91 -53.56 -27.34
CA ILE J 108 42.80 -53.14 -28.21
C ILE J 108 42.28 -51.74 -27.88
N LEU J 109 42.05 -51.46 -26.60
CA LEU J 109 41.55 -50.14 -26.22
C LEU J 109 42.55 -49.00 -26.50
N LYS J 110 43.83 -49.27 -26.33
CA LYS J 110 44.85 -48.27 -26.69
C LYS J 110 44.86 -48.04 -28.19
N PHE J 111 44.83 -49.12 -28.96
CA PHE J 111 44.74 -49.02 -30.41
C PHE J 111 43.53 -48.12 -30.79
N LEU J 112 42.35 -48.44 -30.29
CA LEU J 112 41.16 -47.63 -30.61
C LEU J 112 41.23 -46.17 -30.11
N GLY J 113 41.74 -45.96 -28.91
CA GLY J 113 41.83 -44.63 -28.34
C GLY J 113 42.82 -43.75 -29.09
N PHE J 114 43.88 -44.38 -29.57
CA PHE J 114 44.89 -43.71 -30.37
C PHE J 114 44.21 -43.24 -31.67
N GLU J 115 43.51 -44.17 -32.32
CA GLU J 115 42.73 -43.84 -33.50
C GLU J 115 41.69 -42.74 -33.26
N GLN J 116 40.95 -42.84 -32.15
CA GLN J 116 39.91 -41.84 -31.85
C GLN J 116 40.50 -40.44 -31.72
N THR J 117 41.72 -40.37 -31.23
CA THR J 117 42.41 -39.09 -31.01
C THR J 117 42.53 -38.30 -32.31
N PHE J 118 42.93 -38.99 -33.38
CA PHE J 118 43.12 -38.35 -34.68
C PHE J 118 41.79 -38.12 -35.40
N LYS J 119 40.87 -39.06 -35.28
CA LYS J 119 39.57 -38.92 -35.92
C LYS J 119 38.82 -37.75 -35.33
N ASN J 120 38.82 -37.65 -33.99
CA ASN J 120 38.16 -36.54 -33.32
C ASN J 120 38.82 -35.24 -33.70
N ALA J 121 40.15 -35.23 -33.82
CA ALA J 121 40.87 -34.03 -34.19
C ALA J 121 40.50 -33.58 -35.60
N LEU J 122 40.34 -34.55 -36.50
CA LEU J 122 39.95 -34.29 -37.88
C LEU J 122 38.60 -33.54 -38.01
N THR J 123 37.67 -33.80 -37.09
CA THR J 123 36.32 -33.21 -37.18
C THR J 123 36.30 -31.67 -37.07
N THR J 124 37.42 -31.09 -36.64
CA THR J 124 37.55 -29.68 -36.25
C THR J 124 36.84 -29.32 -34.94
N LEU J 125 36.13 -30.27 -34.35
CA LEU J 125 35.51 -30.02 -33.04
C LEU J 125 36.52 -30.17 -31.91
N PRO J 126 36.33 -29.42 -30.81
CA PRO J 126 37.28 -29.49 -29.69
C PRO J 126 37.10 -30.76 -28.86
N MET J 127 37.55 -31.89 -29.40
CA MET J 127 37.47 -33.19 -28.72
C MET J 127 38.84 -33.89 -28.68
N GLY J 128 39.22 -34.40 -27.51
CA GLY J 128 40.44 -35.19 -27.37
C GLY J 128 40.21 -36.62 -27.83
N GLY J 129 40.96 -37.56 -27.28
CA GLY J 129 40.80 -38.95 -27.64
C GLY J 129 40.88 -39.90 -26.45
N GLY J 130 39.95 -40.84 -26.42
CA GLY J 130 39.89 -41.84 -25.37
C GLY J 130 39.09 -43.03 -25.84
N LYS J 131 39.11 -44.07 -25.02
CA LYS J 131 38.38 -45.30 -25.31
C LYS J 131 38.36 -46.10 -24.03
N GLY J 132 37.30 -46.86 -23.81
CA GLY J 132 37.20 -47.65 -22.59
C GLY J 132 36.37 -48.88 -22.82
N GLY J 133 36.18 -49.67 -21.78
CA GLY J 133 35.39 -50.87 -21.88
C GLY J 133 35.69 -51.89 -20.83
N SER J 134 35.34 -53.14 -21.11
CA SER J 134 35.45 -54.20 -20.15
C SER J 134 35.35 -55.51 -20.88
N ASP J 135 35.90 -56.57 -20.27
CA ASP J 135 35.74 -57.91 -20.82
C ASP J 135 34.39 -58.54 -20.46
N PHE J 136 33.50 -57.77 -19.83
CA PHE J 136 32.10 -58.16 -19.64
C PHE J 136 31.51 -58.60 -20.98
N ASP J 137 30.82 -59.73 -20.97
CA ASP J 137 30.19 -60.26 -22.18
C ASP J 137 28.69 -60.08 -22.05
N PRO J 138 28.12 -59.12 -22.81
CA PRO J 138 26.68 -58.86 -22.75
C PRO J 138 25.83 -59.99 -23.35
N LYS J 139 26.42 -60.87 -24.14
CA LYS J 139 25.63 -61.94 -24.77
C LYS J 139 25.02 -62.87 -23.71
N GLY J 140 23.73 -63.15 -23.85
CA GLY J 140 23.04 -63.99 -22.88
C GLY J 140 22.67 -63.31 -21.58
N LYS J 141 23.08 -62.06 -21.38
CA LYS J 141 22.76 -61.36 -20.14
C LYS J 141 21.36 -60.77 -20.14
N SER J 142 20.67 -60.86 -19.01
CA SER J 142 19.35 -60.24 -18.90
C SER J 142 19.50 -58.73 -18.78
N GLU J 143 18.40 -58.01 -18.97
CA GLU J 143 18.46 -56.56 -18.87
C GLU J 143 18.91 -56.15 -17.47
N GLY J 144 18.46 -56.90 -16.47
CA GLY J 144 18.87 -56.66 -15.09
C GLY J 144 20.37 -56.84 -14.87
N GLU J 145 20.95 -57.88 -15.46
CA GLU J 145 22.38 -58.14 -15.30
C GLU J 145 23.21 -57.04 -15.96
N VAL J 146 22.78 -56.61 -17.14
CA VAL J 146 23.43 -55.49 -17.84
C VAL J 146 23.33 -54.19 -17.05
N MET J 147 22.16 -53.89 -16.51
CA MET J 147 21.96 -52.69 -15.70
C MET J 147 22.87 -52.69 -14.46
N ARG J 148 22.91 -53.82 -13.75
CA ARG J 148 23.73 -53.90 -12.55
C ARG J 148 25.20 -53.78 -12.91
N PHE J 149 25.61 -54.42 -14.00
CA PHE J 149 27.00 -54.28 -14.41
C PHE J 149 27.35 -52.82 -14.72
N CYS J 150 26.49 -52.14 -15.48
CA CYS J 150 26.75 -50.75 -15.86
C CYS J 150 26.86 -49.88 -14.62
N GLN J 151 25.97 -50.09 -13.66
CA GLN J 151 25.98 -49.28 -12.45
C GLN J 151 27.22 -49.58 -11.61
N ALA J 152 27.56 -50.86 -11.45
CA ALA J 152 28.79 -51.26 -10.73
C ALA J 152 30.01 -50.61 -11.35
N LEU J 153 30.10 -50.67 -12.66
CA LEU J 153 31.21 -50.06 -13.39
C LEU J 153 31.28 -48.57 -13.06
N MET J 154 30.12 -47.91 -13.05
CA MET J 154 30.08 -46.47 -12.84
C MET J 154 30.38 -46.05 -11.39
N THR J 155 30.16 -46.96 -10.43
CA THR J 155 30.49 -46.62 -9.05
C THR J 155 32.00 -46.38 -8.93
N GLU J 156 32.75 -46.91 -9.87
CA GLU J 156 34.15 -46.54 -9.98
C GLU J 156 34.42 -45.47 -11.05
N LEU J 157 33.83 -45.62 -12.21
CA LEU J 157 34.27 -44.77 -13.32
C LEU J 157 33.88 -43.30 -13.15
N TYR J 158 32.81 -43.04 -12.40
CA TYR J 158 32.22 -41.70 -12.36
C TYR J 158 33.22 -40.63 -11.94
N ARG J 159 34.12 -40.98 -11.03
CA ARG J 159 35.10 -40.01 -10.51
C ARG J 159 36.11 -39.54 -11.58
N HIS J 160 36.25 -40.29 -12.66
CA HIS J 160 37.25 -39.93 -13.70
C HIS J 160 36.67 -39.21 -14.91
N LEU J 161 35.34 -39.07 -14.96
CA LEU J 161 34.67 -38.46 -16.11
C LEU J 161 34.17 -37.06 -15.81
N GLY J 162 33.62 -36.40 -16.82
CA GLY J 162 33.07 -35.06 -16.66
C GLY J 162 32.94 -34.33 -17.97
N ALA J 163 32.07 -33.32 -18.00
CA ALA J 163 31.70 -32.64 -19.24
C ALA J 163 32.87 -31.92 -19.90
N ASP J 164 33.88 -31.56 -19.11
CA ASP J 164 35.10 -30.96 -19.64
C ASP J 164 36.32 -31.78 -19.26
N THR J 165 36.14 -33.08 -19.12
CA THR J 165 37.24 -33.95 -18.73
C THR J 165 37.29 -35.15 -19.66
N ASP J 166 36.24 -35.99 -19.60
CA ASP J 166 36.13 -37.21 -20.40
C ASP J 166 34.63 -37.47 -20.65
N VAL J 167 34.26 -37.58 -21.91
CA VAL J 167 32.87 -37.85 -22.30
C VAL J 167 32.78 -39.13 -23.15
N PRO J 168 32.44 -40.26 -22.51
CA PRO J 168 32.36 -41.51 -23.28
C PRO J 168 31.14 -41.61 -24.22
N ALA J 169 30.94 -42.82 -24.75
CA ALA J 169 29.84 -43.11 -25.67
C ALA J 169 29.68 -44.62 -25.83
N GLY J 170 28.83 -45.02 -26.75
CA GLY J 170 28.65 -46.43 -27.06
C GLY J 170 29.69 -46.96 -28.02
N ASP J 171 29.57 -48.25 -28.34
CA ASP J 171 30.47 -48.98 -29.23
C ASP J 171 29.92 -50.41 -29.21
N ILE J 172 30.70 -51.36 -29.69
CA ILE J 172 30.28 -52.77 -29.63
C ILE J 172 29.93 -53.17 -28.20
N GLY J 173 28.76 -53.77 -28.01
CA GLY J 173 28.28 -54.18 -26.69
C GLY J 173 27.71 -53.07 -25.81
N VAL J 174 27.80 -51.83 -26.27
CA VAL J 174 27.29 -50.69 -25.50
C VAL J 174 26.41 -49.84 -26.41
N GLY J 175 25.11 -50.12 -26.40
CA GLY J 175 24.17 -49.38 -27.22
C GLY J 175 23.42 -48.29 -26.44
N GLY J 176 22.28 -47.84 -26.99
CA GLY J 176 21.49 -46.82 -26.33
C GLY J 176 21.10 -47.22 -24.91
N ARG J 177 20.70 -48.48 -24.73
CA ARG J 177 20.30 -48.99 -23.42
C ARG J 177 21.41 -48.84 -22.37
N GLU J 178 22.62 -49.23 -22.73
CA GLU J 178 23.76 -49.17 -21.81
C GLU J 178 24.24 -47.74 -21.61
N VAL J 179 24.16 -46.92 -22.65
CA VAL J 179 24.54 -45.52 -22.49
C VAL J 179 23.57 -44.86 -21.49
N GLY J 180 22.30 -45.25 -21.56
CA GLY J 180 21.31 -44.75 -20.62
C GLY J 180 21.61 -45.11 -19.16
N PHE J 181 21.89 -46.38 -18.93
CA PHE J 181 22.22 -46.86 -17.60
C PHE J 181 23.46 -46.15 -17.03
N MET J 182 24.52 -46.04 -17.83
CA MET J 182 25.73 -45.37 -17.36
C MET J 182 25.54 -43.87 -17.12
N ALA J 183 24.84 -43.21 -18.04
CA ALA J 183 24.51 -41.80 -17.88
C ALA J 183 23.69 -41.55 -16.60
N GLY J 184 22.65 -42.35 -16.41
CA GLY J 184 21.80 -42.27 -15.22
C GLY J 184 22.61 -42.38 -13.94
N MET J 185 23.53 -43.34 -13.87
CA MET J 185 24.30 -43.58 -12.64
C MET J 185 25.33 -42.45 -12.43
N MET J 186 25.96 -42.01 -13.51
CA MET J 186 26.85 -40.85 -13.43
C MET J 186 26.12 -39.64 -12.87
N LYS J 187 24.92 -39.40 -13.37
CA LYS J 187 24.15 -38.23 -12.94
C LYS J 187 23.80 -38.37 -11.47
N LYS J 188 23.34 -39.56 -11.10
CA LYS J 188 22.99 -39.88 -9.73
C LYS J 188 24.16 -39.65 -8.77
N LEU J 189 25.30 -40.27 -9.05
CA LEU J 189 26.44 -40.17 -8.14
C LEU J 189 27.02 -38.76 -8.04
N SER J 190 27.08 -38.05 -9.15
CA SER J 190 27.67 -36.72 -9.19
C SER J 190 26.68 -35.60 -8.83
N ASN J 191 25.38 -35.91 -8.79
CA ASN J 191 24.37 -34.86 -8.56
C ASN J 191 24.57 -33.73 -9.57
N ASN J 192 24.77 -34.11 -10.82
CA ASN J 192 25.12 -33.16 -11.86
C ASN J 192 24.64 -33.69 -13.20
N THR J 193 23.91 -32.85 -13.93
CA THR J 193 23.20 -33.30 -15.12
C THR J 193 23.91 -32.93 -16.41
N ALA J 194 25.13 -32.39 -16.32
CA ALA J 194 25.85 -31.98 -17.51
C ALA J 194 26.13 -33.18 -18.41
N CYS J 195 26.47 -32.91 -19.66
CA CYS J 195 26.65 -33.96 -20.66
C CYS J 195 27.94 -34.73 -20.45
N VAL J 196 27.82 -35.96 -19.94
CA VAL J 196 29.01 -36.77 -19.69
C VAL J 196 29.06 -37.97 -20.66
N PHE J 197 27.91 -38.35 -21.21
CA PHE J 197 27.86 -39.37 -22.25
C PHE J 197 27.18 -38.84 -23.50
N THR J 198 27.73 -39.17 -24.67
CA THR J 198 27.00 -38.93 -25.90
C THR J 198 26.36 -40.23 -26.35
N GLY J 199 25.50 -40.14 -27.36
CA GLY J 199 24.70 -41.28 -27.76
C GLY J 199 23.46 -41.41 -26.89
N LYS J 200 23.10 -40.34 -26.20
CA LYS J 200 21.93 -40.36 -25.30
C LYS J 200 20.61 -40.47 -26.06
N GLY J 201 19.58 -40.92 -25.36
CA GLY J 201 18.24 -40.96 -25.92
C GLY J 201 17.67 -39.56 -26.05
N LEU J 202 16.76 -39.37 -27.00
CA LEU J 202 16.17 -38.05 -27.22
C LEU J 202 15.49 -37.45 -25.99
N SER J 203 15.01 -38.28 -25.07
CA SER J 203 14.28 -37.77 -23.89
C SER J 203 15.20 -37.18 -22.83
N PHE J 204 16.48 -37.51 -22.89
CA PHE J 204 17.40 -36.94 -21.91
C PHE J 204 18.63 -36.30 -22.56
N GLY J 205 18.40 -35.63 -23.68
CA GLY J 205 19.41 -34.74 -24.21
C GLY J 205 20.15 -35.31 -25.40
N GLY J 206 19.65 -36.41 -25.97
CA GLY J 206 20.25 -36.96 -27.17
C GLY J 206 20.08 -36.00 -28.34
N SER J 207 20.73 -36.30 -29.47
CA SER J 207 20.64 -35.42 -30.63
C SER J 207 19.88 -36.08 -31.77
N LEU J 208 19.09 -35.30 -32.50
CA LEU J 208 18.56 -35.77 -33.77
C LEU J 208 19.75 -36.01 -34.72
N ILE J 209 19.54 -36.82 -35.75
CA ILE J 209 20.55 -37.14 -36.78
C ILE J 209 21.64 -38.10 -36.28
N ARG J 210 21.68 -38.38 -34.99
CA ARG J 210 22.62 -39.40 -34.49
C ARG J 210 22.54 -40.74 -35.24
N PRO J 211 21.33 -41.28 -35.45
CA PRO J 211 21.29 -42.56 -36.17
C PRO J 211 21.81 -42.47 -37.62
N GLU J 212 21.57 -41.32 -38.27
CA GLU J 212 21.90 -41.13 -39.67
C GLU J 212 23.33 -40.67 -39.88
N ALA J 213 23.99 -40.28 -38.78
CA ALA J 213 25.22 -39.52 -38.87
C ALA J 213 26.33 -40.16 -39.72
N THR J 214 26.62 -41.42 -39.44
CA THR J 214 27.76 -42.06 -40.08
C THR J 214 27.50 -42.27 -41.56
N GLY J 215 26.37 -42.88 -41.89
CA GLY J 215 25.97 -43.10 -43.26
C GLY J 215 25.87 -41.82 -44.07
N TYR J 216 25.18 -40.81 -43.51
CA TYR J 216 25.05 -39.52 -44.17
C TYR J 216 26.43 -38.91 -44.42
N GLY J 217 27.26 -38.90 -43.38
CA GLY J 217 28.58 -38.32 -43.48
C GLY J 217 29.41 -38.99 -44.57
N LEU J 218 29.28 -40.32 -44.66
CA LEU J 218 29.98 -41.09 -45.69
C LEU J 218 29.66 -40.51 -47.08
N VAL J 219 28.38 -40.35 -47.36
CA VAL J 219 27.95 -39.79 -48.65
C VAL J 219 28.39 -38.33 -48.87
N TYR J 220 28.23 -37.47 -47.86
CA TYR J 220 28.72 -36.09 -47.91
C TYR J 220 30.24 -36.03 -48.25
N PHE J 221 31.04 -36.83 -47.57
CA PHE J 221 32.47 -36.84 -47.85
C PHE J 221 32.79 -37.30 -49.28
N THR J 222 32.14 -38.39 -49.68
CA THR J 222 32.42 -39.02 -50.95
C THR J 222 32.00 -38.10 -52.09
N GLU J 223 30.84 -37.45 -51.93
CA GLU J 223 30.36 -36.48 -52.90
C GLU J 223 31.39 -35.35 -53.06
N ALA J 224 31.96 -34.89 -51.94
CA ALA J 224 33.01 -33.85 -52.01
C ALA J 224 34.26 -34.33 -52.77
N MET J 225 34.64 -35.58 -52.55
CA MET J 225 35.80 -36.19 -53.23
C MET J 225 35.52 -36.38 -54.72
N LEU J 226 34.36 -36.93 -55.02
CA LEU J 226 33.91 -37.07 -56.40
C LEU J 226 33.84 -35.73 -57.13
N LYS J 227 33.25 -34.74 -56.49
CA LYS J 227 33.14 -33.42 -57.11
C LYS J 227 34.52 -32.80 -57.42
N ARG J 228 35.47 -32.93 -56.50
CA ARG J 228 36.82 -32.42 -56.74
C ARG J 228 37.46 -33.00 -57.99
N HIS J 229 37.16 -34.28 -58.27
CA HIS J 229 37.76 -34.94 -59.43
C HIS J 229 36.81 -35.07 -60.61
N GLY J 230 35.80 -34.20 -60.66
CA GLY J 230 35.01 -34.06 -61.87
C GLY J 230 33.76 -34.91 -61.97
N MET J 231 33.38 -35.55 -60.86
CA MET J 231 32.24 -36.47 -60.86
C MET J 231 31.23 -36.12 -59.78
N GLY J 232 30.19 -36.96 -59.68
CA GLY J 232 29.20 -36.81 -58.63
C GLY J 232 28.47 -38.13 -58.43
N PHE J 233 27.61 -38.18 -57.41
CA PHE J 233 26.82 -39.38 -57.14
C PHE J 233 25.72 -39.56 -58.19
N GLU J 234 25.27 -38.43 -58.75
CA GLU J 234 24.08 -38.42 -59.59
C GLU J 234 24.24 -39.32 -60.82
N GLY J 235 23.34 -40.28 -60.95
CA GLY J 235 23.30 -41.16 -62.11
C GLY J 235 24.27 -42.32 -61.97
N MET J 236 24.91 -42.43 -60.82
CA MET J 236 25.93 -43.45 -60.66
C MET J 236 25.40 -44.73 -60.05
N ARG J 237 25.90 -45.86 -60.51
CA ARG J 237 25.61 -47.15 -59.89
C ARG J 237 26.51 -47.32 -58.66
N VAL J 238 25.88 -47.52 -57.51
CA VAL J 238 26.59 -47.64 -56.25
C VAL J 238 26.30 -49.02 -55.62
N SER J 239 27.33 -49.72 -55.17
CA SER J 239 27.13 -50.91 -54.35
C SER J 239 27.39 -50.58 -52.88
N VAL J 240 26.58 -51.16 -52.00
CA VAL J 240 26.76 -51.02 -50.57
C VAL J 240 26.80 -52.40 -49.93
N SER J 241 27.75 -52.63 -49.02
CA SER J 241 27.76 -53.88 -48.25
C SER J 241 27.21 -53.59 -46.85
N GLY J 242 26.66 -54.61 -46.21
CA GLY J 242 26.07 -54.42 -44.90
C GLY J 242 24.64 -53.95 -45.04
N SER J 243 23.90 -54.02 -43.94
CA SER J 243 22.48 -53.69 -43.94
C SER J 243 22.08 -53.21 -42.56
N GLY J 244 23.07 -52.74 -41.80
CA GLY J 244 22.85 -52.19 -40.48
C GLY J 244 22.81 -50.68 -40.52
N ASN J 245 23.11 -50.06 -39.39
CA ASN J 245 23.00 -48.60 -39.27
C ASN J 245 23.71 -47.80 -40.35
N VAL J 246 25.00 -48.08 -40.58
CA VAL J 246 25.77 -47.33 -41.55
C VAL J 246 25.27 -47.51 -42.99
N ALA J 247 25.03 -48.76 -43.40
CA ALA J 247 24.60 -49.04 -44.78
C ALA J 247 23.25 -48.41 -45.05
N GLN J 248 22.35 -48.57 -44.09
CA GLN J 248 21.00 -48.05 -44.17
C GLN J 248 20.93 -46.56 -44.52
N TYR J 249 21.68 -45.72 -43.79
CA TYR J 249 21.57 -44.29 -44.04
C TYR J 249 22.50 -43.80 -45.15
N ALA J 250 23.50 -44.61 -45.50
CA ALA J 250 24.32 -44.35 -46.69
C ALA J 250 23.46 -44.53 -47.93
N ILE J 251 22.62 -45.56 -47.92
CA ILE J 251 21.67 -45.80 -49.02
C ILE J 251 20.65 -44.68 -49.10
N GLU J 252 20.10 -44.31 -47.95
CA GLU J 252 19.19 -43.18 -47.89
C GLU J 252 19.80 -41.93 -48.52
N LYS J 253 20.95 -41.50 -48.01
CA LYS J 253 21.56 -40.27 -48.52
C LYS J 253 21.97 -40.37 -49.99
N ALA J 254 22.55 -41.50 -50.40
CA ALA J 254 22.95 -41.70 -51.78
C ALA J 254 21.74 -41.65 -52.72
N MET J 255 20.63 -42.25 -52.30
CA MET J 255 19.39 -42.17 -53.05
C MET J 255 19.02 -40.71 -53.24
N GLU J 256 19.15 -39.93 -52.17
CA GLU J 256 18.77 -38.52 -52.18
C GLU J 256 19.59 -37.71 -53.21
N PHE J 257 20.83 -38.13 -53.43
CA PHE J 257 21.74 -37.47 -54.36
C PHE J 257 21.63 -37.92 -55.81
N GLY J 258 20.62 -38.71 -56.14
CA GLY J 258 20.45 -39.18 -57.51
C GLY J 258 21.20 -40.45 -57.86
N ALA J 259 21.72 -41.15 -56.84
CA ALA J 259 22.47 -42.37 -57.14
C ALA J 259 21.55 -43.56 -57.37
N ARG J 260 22.05 -44.56 -58.09
CA ARG J 260 21.34 -45.82 -58.25
C ARG J 260 21.99 -46.89 -57.38
N VAL J 261 21.46 -47.06 -56.17
CA VAL J 261 22.05 -47.98 -55.22
C VAL J 261 21.54 -49.38 -55.47
N ILE J 262 22.43 -50.30 -55.80
CA ILE J 262 21.97 -51.57 -56.35
C ILE J 262 22.23 -52.83 -55.51
N THR J 263 22.84 -52.69 -54.33
CA THR J 263 23.01 -53.84 -53.43
C THR J 263 22.94 -53.48 -51.95
N ALA J 264 22.63 -54.48 -51.13
CA ALA J 264 22.85 -54.45 -49.69
C ALA J 264 23.19 -55.89 -49.31
N SER J 265 23.72 -56.10 -48.11
CA SER J 265 24.09 -57.47 -47.71
C SER J 265 24.14 -57.68 -46.22
N ASP J 266 24.12 -58.95 -45.80
CA ASP J 266 24.51 -59.33 -44.43
C ASP J 266 25.50 -60.51 -44.48
N SER J 267 25.79 -61.11 -43.33
CA SER J 267 26.74 -62.23 -43.29
C SER J 267 26.29 -63.41 -44.15
N SER J 268 24.99 -63.47 -44.46
CA SER J 268 24.43 -64.59 -45.21
C SER J 268 24.53 -64.46 -46.74
N GLY J 269 24.30 -63.27 -47.27
CA GLY J 269 24.35 -63.10 -48.71
C GLY J 269 24.15 -61.67 -49.17
N THR J 270 24.13 -61.48 -50.49
CA THR J 270 23.94 -60.14 -51.06
C THR J 270 22.69 -60.09 -51.92
N VAL J 271 21.92 -59.00 -51.81
CA VAL J 271 20.78 -58.81 -52.68
C VAL J 271 21.12 -57.83 -53.80
N VAL J 272 20.75 -58.18 -55.04
CA VAL J 272 21.05 -57.36 -56.20
C VAL J 272 19.78 -56.77 -56.79
N ASP J 273 19.75 -55.45 -56.93
CA ASP J 273 18.56 -54.76 -57.43
C ASP J 273 18.97 -53.62 -58.36
N GLU J 274 19.03 -53.91 -59.64
CA GLU J 274 19.62 -52.97 -60.59
C GLU J 274 18.70 -51.82 -61.01
N SER J 275 17.42 -51.91 -60.67
CA SER J 275 16.52 -50.77 -60.84
C SER J 275 16.81 -49.75 -59.74
N GLY J 276 17.39 -50.23 -58.64
CA GLY J 276 17.88 -49.36 -57.59
C GLY J 276 16.92 -49.19 -56.44
N PHE J 277 17.47 -49.07 -55.24
CA PHE J 277 16.68 -48.86 -54.03
C PHE J 277 15.74 -47.67 -54.16
N THR J 278 14.64 -47.73 -53.42
CA THR J 278 13.72 -46.62 -53.27
C THR J 278 13.47 -46.45 -51.78
N LYS J 279 12.91 -45.30 -51.39
CA LYS J 279 12.47 -45.07 -50.01
C LYS J 279 11.65 -46.23 -49.46
N GLU J 280 10.63 -46.62 -50.20
CA GLU J 280 9.74 -47.71 -49.79
C GLU J 280 10.49 -49.02 -49.60
N LYS J 281 11.42 -49.32 -50.52
CA LYS J 281 12.20 -50.55 -50.43
C LYS J 281 13.14 -50.53 -49.22
N LEU J 282 13.84 -49.42 -49.04
CA LEU J 282 14.75 -49.27 -47.90
C LEU J 282 13.98 -49.42 -46.58
N ALA J 283 12.77 -48.85 -46.53
CA ALA J 283 11.94 -48.92 -45.33
C ALA J 283 11.67 -50.37 -44.97
N ARG J 284 11.39 -51.18 -45.98
CA ARG J 284 11.06 -52.58 -45.75
C ARG J 284 12.27 -53.41 -45.36
N LEU J 285 13.43 -53.10 -45.93
CA LEU J 285 14.66 -53.82 -45.62
C LEU J 285 15.05 -53.68 -44.15
N ILE J 286 15.01 -52.46 -43.64
CA ILE J 286 15.43 -52.19 -42.27
C ILE J 286 14.51 -52.88 -41.27
N GLU J 287 13.20 -52.78 -41.53
CA GLU J 287 12.18 -53.40 -40.71
C GLU J 287 12.40 -54.92 -40.64
N ILE J 288 12.76 -55.50 -41.78
CA ILE J 288 13.15 -56.90 -41.83
C ILE J 288 14.41 -57.15 -40.99
N LYS J 289 15.38 -56.24 -41.08
CA LYS J 289 16.62 -56.39 -40.33
C LYS J 289 16.41 -56.10 -38.84
N SER J 290 15.31 -55.43 -38.53
CA SER J 290 14.96 -55.13 -37.14
C SER J 290 14.54 -56.37 -36.40
N SER J 291 13.75 -57.21 -37.05
CA SER J 291 13.25 -58.44 -36.44
C SER J 291 14.40 -59.32 -35.93
N ARG J 292 14.05 -60.28 -35.07
CA ARG J 292 15.03 -61.13 -34.42
C ARG J 292 15.94 -61.86 -35.41
N ASP J 293 15.35 -62.53 -36.39
CA ASP J 293 16.14 -63.34 -37.32
C ASP J 293 15.91 -63.00 -38.81
N GLY J 294 15.39 -61.81 -39.07
CA GLY J 294 15.19 -61.34 -40.44
C GLY J 294 16.51 -61.23 -41.18
N ARG J 295 16.52 -61.61 -42.45
CA ARG J 295 17.74 -61.68 -43.25
C ARG J 295 17.58 -60.98 -44.59
N VAL J 296 18.70 -60.48 -45.13
CA VAL J 296 18.72 -59.91 -46.47
C VAL J 296 18.11 -60.88 -47.50
N ALA J 297 18.29 -62.18 -47.25
CA ALA J 297 17.64 -63.22 -48.04
C ALA J 297 16.13 -63.06 -48.06
N ASP J 298 15.54 -62.73 -46.90
CA ASP J 298 14.09 -62.57 -46.79
C ASP J 298 13.62 -61.35 -47.59
N TYR J 299 14.42 -60.28 -47.56
CA TYR J 299 14.12 -59.10 -48.32
C TYR J 299 14.13 -59.40 -49.82
N ALA J 300 15.15 -60.15 -50.25
CA ALA J 300 15.29 -60.53 -51.66
C ALA J 300 14.10 -61.32 -52.19
N LYS J 301 13.61 -62.26 -51.40
CA LYS J 301 12.45 -63.08 -51.79
C LYS J 301 11.21 -62.21 -51.98
N GLU J 302 10.90 -61.45 -50.94
CA GLU J 302 9.71 -60.61 -50.90
C GLU J 302 9.58 -59.69 -52.11
N PHE J 303 10.71 -59.17 -52.58
CA PHE J 303 10.69 -58.25 -53.73
C PHE J 303 11.15 -58.88 -55.04
N GLY J 304 11.29 -60.21 -55.05
CA GLY J 304 11.70 -60.92 -56.25
C GLY J 304 13.04 -60.46 -56.82
N LEU J 305 13.96 -60.09 -55.93
CA LEU J 305 15.26 -59.62 -56.36
C LEU J 305 16.29 -60.74 -56.41
N VAL J 306 17.35 -60.54 -57.20
CA VAL J 306 18.48 -61.46 -57.23
C VAL J 306 19.14 -61.55 -55.86
N TYR J 307 19.40 -62.78 -55.42
CA TYR J 307 20.08 -63.01 -54.16
C TYR J 307 21.28 -63.93 -54.36
N LEU J 308 22.45 -63.48 -53.93
CA LEU J 308 23.67 -64.27 -54.06
C LEU J 308 24.01 -64.87 -52.73
N GLU J 309 23.63 -66.13 -52.53
CA GLU J 309 23.86 -66.84 -51.28
C GLU J 309 25.34 -66.99 -50.94
N GLY J 310 25.76 -66.37 -49.85
CA GLY J 310 27.11 -66.54 -49.35
C GLY J 310 28.14 -65.74 -50.13
N GLN J 311 27.69 -64.73 -50.86
CA GLN J 311 28.58 -63.86 -51.65
C GLN J 311 28.46 -62.38 -51.26
N GLN J 312 29.57 -61.65 -51.42
CA GLN J 312 29.63 -60.21 -51.18
C GLN J 312 29.22 -59.46 -52.44
N PRO J 313 29.01 -58.12 -52.35
CA PRO J 313 28.54 -57.42 -53.54
C PRO J 313 29.63 -57.09 -54.57
N TRP J 314 30.89 -57.35 -54.25
CA TRP J 314 32.00 -56.83 -55.06
C TRP J 314 32.21 -57.43 -56.46
N SER J 315 31.48 -58.48 -56.82
CA SER J 315 31.58 -58.95 -58.21
C SER J 315 30.63 -58.17 -59.12
N VAL J 316 29.89 -57.22 -58.56
CA VAL J 316 28.94 -56.45 -59.35
C VAL J 316 29.55 -55.15 -59.90
N PRO J 317 29.34 -54.86 -61.20
CA PRO J 317 29.87 -53.64 -61.82
C PRO J 317 29.22 -52.36 -61.30
N VAL J 318 30.01 -51.47 -60.72
CA VAL J 318 29.53 -50.20 -60.18
C VAL J 318 30.55 -49.09 -60.42
N ASP J 319 30.08 -47.85 -60.32
CA ASP J 319 30.96 -46.70 -60.33
C ASP J 319 31.53 -46.40 -58.95
N ILE J 320 30.75 -46.71 -57.91
CA ILE J 320 31.11 -46.37 -56.54
C ILE J 320 30.84 -47.54 -55.60
N ALA J 321 31.85 -47.93 -54.82
CA ALA J 321 31.67 -49.00 -53.86
C ALA J 321 31.69 -48.42 -52.44
N LEU J 322 30.73 -48.84 -51.62
CA LEU J 322 30.63 -48.34 -50.26
C LEU J 322 30.57 -49.50 -49.28
N PRO J 323 31.74 -49.99 -48.84
CA PRO J 323 31.78 -51.07 -47.85
C PRO J 323 31.34 -50.57 -46.47
N CYS J 324 30.22 -51.11 -45.99
CA CYS J 324 29.63 -50.61 -44.76
C CYS J 324 29.33 -51.75 -43.77
N ALA J 325 29.89 -52.93 -44.03
CA ALA J 325 29.59 -54.12 -43.23
C ALA J 325 30.57 -54.36 -42.08
N THR J 326 31.84 -54.61 -42.39
CA THR J 326 32.77 -55.05 -41.35
C THR J 326 34.24 -54.89 -41.76
N GLN J 327 35.15 -55.20 -40.84
CA GLN J 327 36.57 -55.00 -41.08
C GLN J 327 37.04 -56.08 -42.03
N ASN J 328 38.02 -55.75 -42.86
CA ASN J 328 38.59 -56.71 -43.81
C ASN J 328 37.59 -57.39 -44.73
N GLU J 329 36.57 -56.67 -45.17
CA GLU J 329 35.56 -57.28 -46.04
C GLU J 329 35.89 -57.11 -47.52
N LEU J 330 36.94 -56.35 -47.80
CA LEU J 330 37.32 -56.04 -49.17
C LEU J 330 38.82 -56.26 -49.34
N ASP J 331 39.17 -57.42 -49.88
CA ASP J 331 40.57 -57.80 -50.03
C ASP J 331 41.02 -57.64 -51.49
N VAL J 332 42.25 -58.03 -51.77
CA VAL J 332 42.85 -57.85 -53.10
C VAL J 332 42.00 -58.45 -54.21
N ASP J 333 41.47 -59.64 -53.95
CA ASP J 333 40.65 -60.33 -54.93
C ASP J 333 39.41 -59.51 -55.33
N ALA J 334 38.79 -58.86 -54.36
CA ALA J 334 37.61 -58.05 -54.63
C ALA J 334 37.93 -56.72 -55.32
N ALA J 335 39.05 -56.11 -54.94
CA ALA J 335 39.48 -54.88 -55.61
C ALA J 335 39.77 -55.14 -57.08
N HIS J 336 40.36 -56.29 -57.37
CA HIS J 336 40.62 -56.67 -58.76
C HIS J 336 39.32 -56.71 -59.57
N GLN J 337 38.30 -57.37 -59.01
CA GLN J 337 37.00 -57.46 -59.65
C GLN J 337 36.40 -56.08 -59.90
N LEU J 338 36.47 -55.24 -58.87
CA LEU J 338 35.91 -53.88 -58.95
C LEU J 338 36.65 -52.98 -59.95
N ILE J 339 37.97 -53.04 -59.95
CA ILE J 339 38.77 -52.30 -60.92
C ILE J 339 38.48 -52.78 -62.34
N ALA J 340 38.51 -54.10 -62.53
CA ALA J 340 38.24 -54.67 -63.84
C ALA J 340 36.85 -54.25 -64.32
N ASN J 341 35.89 -54.13 -63.40
CA ASN J 341 34.53 -53.73 -63.79
C ASN J 341 34.30 -52.23 -63.90
N GLY J 342 35.34 -51.43 -63.68
CA GLY J 342 35.28 -49.99 -63.95
C GLY J 342 34.93 -49.09 -62.77
N VAL J 343 35.18 -49.55 -61.56
CA VAL J 343 34.90 -48.74 -60.38
C VAL J 343 35.72 -47.44 -60.42
N LYS J 344 35.09 -46.35 -59.99
CA LYS J 344 35.70 -45.02 -60.06
C LYS J 344 36.10 -44.54 -58.68
N ALA J 345 35.35 -44.98 -57.67
CA ALA J 345 35.60 -44.51 -56.31
C ALA J 345 35.16 -45.52 -55.25
N VAL J 346 35.94 -45.59 -54.19
CA VAL J 346 35.69 -46.47 -53.06
C VAL J 346 35.74 -45.62 -51.79
N ALA J 347 34.77 -45.82 -50.90
CA ALA J 347 34.74 -45.02 -49.67
C ALA J 347 34.19 -45.87 -48.54
N GLU J 348 34.81 -45.76 -47.36
CA GLU J 348 34.61 -46.72 -46.28
C GLU J 348 33.62 -46.23 -45.23
N GLY J 349 32.44 -46.84 -45.16
CA GLY J 349 31.53 -46.57 -44.05
C GLY J 349 31.95 -47.39 -42.83
N ALA J 350 32.37 -48.62 -43.08
CA ALA J 350 32.77 -49.49 -41.97
C ALA J 350 34.12 -49.04 -41.43
N ASN J 351 34.57 -49.70 -40.36
CA ASN J 351 35.93 -49.50 -39.89
C ASN J 351 36.86 -50.49 -40.55
N MET J 352 37.91 -49.96 -41.17
CA MET J 352 38.91 -50.70 -41.93
C MET J 352 38.37 -51.82 -42.83
N PRO J 353 37.31 -51.53 -43.60
CA PRO J 353 36.81 -52.65 -44.41
C PRO J 353 37.75 -53.05 -45.53
N THR J 354 38.58 -52.13 -46.01
CA THR J 354 39.51 -52.43 -47.12
C THR J 354 40.92 -52.80 -46.62
N THR J 355 41.44 -53.93 -47.07
CA THR J 355 42.79 -54.34 -46.67
C THR J 355 43.85 -53.38 -47.22
N ILE J 356 45.04 -53.43 -46.62
CA ILE J 356 46.13 -52.57 -47.06
C ILE J 356 46.49 -52.85 -48.53
N GLU J 357 46.57 -54.13 -48.89
CA GLU J 357 46.95 -54.47 -50.25
C GLU J 357 45.84 -54.14 -51.24
N ALA J 358 44.58 -54.24 -50.82
CA ALA J 358 43.46 -53.81 -51.68
C ALA J 358 43.44 -52.29 -51.84
N THR J 359 43.69 -51.57 -50.75
CA THR J 359 43.82 -50.11 -50.79
C THR J 359 44.95 -49.67 -51.73
N GLU J 360 46.10 -50.32 -51.63
CA GLU J 360 47.22 -50.01 -52.51
C GLU J 360 46.83 -50.28 -53.95
N LEU J 361 46.17 -51.41 -54.20
CA LEU J 361 45.68 -51.76 -55.53
C LEU J 361 44.75 -50.70 -56.14
N PHE J 362 43.82 -50.17 -55.34
CA PHE J 362 42.88 -49.13 -55.81
C PHE J 362 43.63 -47.88 -56.25
N GLN J 363 44.51 -47.41 -55.36
CA GLN J 363 45.32 -46.21 -55.60
C GLN J 363 46.22 -46.32 -56.84
N GLN J 364 46.86 -47.47 -57.01
CA GLN J 364 47.71 -47.70 -58.18
C GLN J 364 46.88 -47.65 -59.45
N ALA J 365 45.60 -47.98 -59.32
CA ALA J 365 44.71 -48.11 -60.48
C ALA J 365 43.99 -46.81 -60.82
N GLY J 366 44.33 -45.75 -60.10
CA GLY J 366 43.66 -44.48 -60.29
C GLY J 366 42.22 -44.47 -59.83
N VAL J 367 41.87 -45.36 -58.89
CA VAL J 367 40.54 -45.34 -58.28
C VAL J 367 40.56 -44.48 -57.04
N LEU J 368 39.65 -43.51 -56.94
CA LEU J 368 39.57 -42.64 -55.76
C LEU J 368 39.26 -43.48 -54.50
N PHE J 369 39.98 -43.22 -53.41
CA PHE J 369 39.78 -44.00 -52.21
C PHE J 369 39.71 -43.13 -50.96
N ALA J 370 38.54 -43.14 -50.32
CA ALA J 370 38.33 -42.39 -49.08
C ALA J 370 38.44 -43.33 -47.88
N PRO J 371 39.47 -43.14 -47.04
CA PRO J 371 39.65 -44.03 -45.90
C PRO J 371 38.56 -43.76 -44.86
N GLY J 372 38.13 -44.79 -44.15
CA GLY J 372 37.13 -44.63 -43.12
C GLY J 372 37.57 -43.65 -42.04
N LYS J 373 38.89 -43.62 -41.81
CA LYS J 373 39.50 -42.64 -40.91
C LYS J 373 38.93 -41.24 -41.15
N ALA J 374 38.70 -40.89 -42.40
CA ALA J 374 38.07 -39.60 -42.68
C ALA J 374 36.58 -39.78 -42.98
N ALA J 375 36.25 -40.77 -43.80
CA ALA J 375 34.91 -40.87 -44.37
C ALA J 375 33.81 -41.31 -43.40
N ASN J 376 34.16 -42.07 -42.36
CA ASN J 376 33.11 -42.51 -41.45
C ASN J 376 33.01 -41.66 -40.18
N ALA J 377 33.68 -40.51 -40.19
CA ALA J 377 33.79 -39.66 -39.00
C ALA J 377 32.47 -38.96 -38.68
N GLY J 378 31.42 -39.36 -39.38
CA GLY J 378 30.09 -38.81 -39.17
C GLY J 378 29.55 -38.97 -37.79
N GLY J 379 29.70 -40.17 -37.27
CA GLY J 379 29.22 -40.52 -35.95
C GLY J 379 29.90 -39.65 -34.92
N VAL J 380 31.23 -39.59 -34.93
CA VAL J 380 31.94 -38.81 -33.92
C VAL J 380 31.73 -37.29 -34.03
N ALA J 381 31.66 -36.76 -35.25
CA ALA J 381 31.34 -35.34 -35.40
C ALA J 381 29.99 -35.02 -34.76
N THR J 382 29.01 -35.88 -35.03
CA THR J 382 27.67 -35.68 -34.47
C THR J 382 27.68 -35.90 -32.95
N SER J 383 28.63 -36.70 -32.46
CA SER J 383 28.76 -36.81 -31.00
C SER J 383 29.19 -35.44 -30.48
N GLY J 384 30.06 -34.75 -31.22
CA GLY J 384 30.43 -33.39 -30.89
C GLY J 384 29.27 -32.40 -30.93
N LEU J 385 28.37 -32.60 -31.88
CA LEU J 385 27.21 -31.73 -31.99
C LEU J 385 26.22 -31.98 -30.86
N GLU J 386 26.14 -33.22 -30.39
CA GLU J 386 25.31 -33.56 -29.22
C GLU J 386 25.82 -32.82 -27.98
N MET J 387 27.13 -32.89 -27.72
CA MET J 387 27.77 -32.16 -26.62
C MET J 387 27.53 -30.66 -26.74
N ALA J 388 27.62 -30.17 -27.98
CA ALA J 388 27.38 -28.76 -28.25
C ALA J 388 25.96 -28.33 -27.92
N GLN J 389 24.98 -29.14 -28.31
CA GLN J 389 23.57 -28.83 -28.00
C GLN J 389 23.31 -28.85 -26.50
N ASN J 390 23.88 -29.83 -25.81
CA ASN J 390 23.74 -29.90 -24.37
C ASN J 390 24.35 -28.68 -23.70
N ALA J 391 25.55 -28.30 -24.13
CA ALA J 391 26.22 -27.13 -23.57
C ALA J 391 25.39 -25.86 -23.77
N ALA J 392 24.74 -25.77 -24.93
CA ALA J 392 23.95 -24.57 -25.25
C ALA J 392 22.61 -24.55 -24.52
N ARG J 393 22.26 -25.69 -23.92
CA ARG J 393 20.96 -25.93 -23.26
C ARG J 393 19.76 -25.83 -24.18
N LEU J 394 19.97 -26.15 -25.45
CA LEU J 394 18.93 -26.02 -26.47
C LEU J 394 19.17 -27.03 -27.56
N GLY J 395 18.11 -27.73 -27.99
CA GLY J 395 18.26 -28.72 -29.04
C GLY J 395 18.08 -28.10 -30.41
N TRP J 396 18.76 -28.65 -31.42
CA TRP J 396 18.63 -28.16 -32.79
C TRP J 396 17.61 -29.01 -33.55
N LYS J 397 16.93 -28.42 -34.54
CA LYS J 397 16.10 -29.22 -35.44
C LYS J 397 17.03 -30.12 -36.26
N ALA J 398 16.49 -31.20 -36.81
CA ALA J 398 17.30 -32.15 -37.58
C ALA J 398 18.01 -31.49 -38.75
N GLU J 399 17.30 -30.60 -39.44
CA GLU J 399 17.87 -29.93 -40.59
C GLU J 399 19.13 -29.19 -40.21
N LYS J 400 19.14 -28.62 -39.01
CA LYS J 400 20.31 -27.88 -38.52
C LYS J 400 21.47 -28.80 -38.15
N VAL J 401 21.17 -29.88 -37.45
CA VAL J 401 22.21 -30.87 -37.17
C VAL J 401 22.79 -31.41 -38.48
N ASP J 402 21.92 -31.77 -39.41
CA ASP J 402 22.37 -32.31 -40.69
C ASP J 402 23.23 -31.30 -41.44
N ALA J 403 22.81 -30.03 -41.42
CA ALA J 403 23.55 -28.96 -42.11
C ALA J 403 24.96 -28.76 -41.53
N ARG J 404 25.05 -28.76 -40.20
CA ARG J 404 26.36 -28.67 -39.53
C ARG J 404 27.21 -29.92 -39.79
N LEU J 405 26.58 -31.08 -39.82
CA LEU J 405 27.29 -32.34 -40.10
C LEU J 405 27.88 -32.30 -41.50
N HIS J 406 27.08 -31.82 -42.45
CA HIS J 406 27.53 -31.71 -43.83
C HIS J 406 28.76 -30.81 -43.92
N HIS J 407 28.67 -29.64 -43.27
CA HIS J 407 29.78 -28.70 -43.29
C HIS J 407 31.06 -29.25 -42.67
N ILE J 408 30.90 -30.02 -41.60
CA ILE J 408 32.05 -30.65 -40.97
C ILE J 408 32.73 -31.62 -41.93
N MET J 409 31.92 -32.40 -42.66
CA MET J 409 32.47 -33.37 -43.60
C MET J 409 33.25 -32.68 -44.71
N LEU J 410 32.76 -31.51 -45.11
CA LEU J 410 33.43 -30.73 -46.14
C LEU J 410 34.76 -30.15 -45.63
N ASP J 411 34.78 -29.76 -44.36
CA ASP J 411 36.02 -29.34 -43.72
C ASP J 411 36.98 -30.51 -43.53
N ILE J 412 36.45 -31.70 -43.24
CA ILE J 412 37.30 -32.89 -43.16
C ILE J 412 37.93 -33.16 -44.52
N HIS J 413 37.12 -33.09 -45.57
CA HIS J 413 37.59 -33.31 -46.93
C HIS J 413 38.62 -32.28 -47.30
N HIS J 414 38.36 -31.02 -46.94
CA HIS J 414 39.24 -29.91 -47.31
C HIS J 414 40.63 -30.11 -46.68
N ALA J 415 40.64 -30.51 -45.43
CA ALA J 415 41.87 -30.78 -44.71
C ALA J 415 42.64 -31.96 -45.32
N CYS J 416 41.94 -33.00 -45.78
CA CYS J 416 42.57 -34.13 -46.44
C CYS J 416 43.22 -33.68 -47.75
N VAL J 417 42.54 -32.80 -48.47
CA VAL J 417 43.06 -32.28 -49.73
C VAL J 417 44.33 -31.47 -49.48
N GLU J 418 44.28 -30.66 -48.43
CA GLU J 418 45.41 -29.83 -48.04
C GLU J 418 46.71 -30.63 -47.93
N HIS J 419 46.61 -31.86 -47.43
CA HIS J 419 47.79 -32.70 -47.20
C HIS J 419 47.86 -33.94 -48.07
N GLY J 420 46.98 -34.03 -49.07
CA GLY J 420 46.90 -35.22 -49.91
C GLY J 420 47.76 -35.19 -51.16
N GLY J 421 48.60 -34.17 -51.28
CA GLY J 421 49.54 -34.11 -52.39
C GLY J 421 49.02 -33.47 -53.66
N GLU J 422 49.86 -33.50 -54.70
CA GLU J 422 49.53 -32.86 -55.98
C GLU J 422 49.56 -33.82 -57.16
N GLY J 423 49.30 -35.09 -56.90
CA GLY J 423 49.08 -36.05 -57.96
C GLY J 423 47.76 -35.73 -58.65
N GLU J 424 47.51 -36.38 -59.79
CA GLU J 424 46.26 -36.15 -60.51
C GLU J 424 45.05 -36.40 -59.60
N GLN J 425 45.20 -37.30 -58.64
CA GLN J 425 44.18 -37.49 -57.60
C GLN J 425 44.75 -37.23 -56.22
N THR J 426 43.92 -36.70 -55.34
CA THR J 426 44.29 -36.55 -53.94
C THR J 426 44.50 -37.94 -53.32
N ASN J 427 45.59 -38.09 -52.59
CA ASN J 427 45.79 -39.26 -51.73
C ASN J 427 45.13 -38.98 -50.37
N TYR J 428 43.97 -39.59 -50.13
CA TYR J 428 43.22 -39.33 -48.90
C TYR J 428 43.73 -40.17 -47.73
N VAL J 429 44.47 -41.23 -48.03
CA VAL J 429 45.10 -41.97 -46.94
C VAL J 429 46.16 -41.08 -46.30
N GLN J 430 47.09 -40.58 -47.12
CA GLN J 430 48.09 -39.63 -46.66
C GLN J 430 47.45 -38.37 -46.08
N GLY J 431 46.43 -37.85 -46.77
CA GLY J 431 45.79 -36.61 -46.35
C GLY J 431 45.15 -36.68 -44.98
N ALA J 432 44.37 -37.73 -44.75
CA ALA J 432 43.71 -37.93 -43.46
C ALA J 432 44.70 -38.15 -42.31
N ASN J 433 45.69 -39.02 -42.53
CA ASN J 433 46.70 -39.28 -41.49
C ASN J 433 47.43 -38.01 -41.07
N ILE J 434 47.95 -37.30 -42.05
CA ILE J 434 48.68 -36.07 -41.81
C ILE J 434 47.80 -34.98 -41.18
N ALA J 435 46.61 -34.76 -41.74
CA ALA J 435 45.74 -33.70 -41.25
C ALA J 435 45.38 -33.93 -39.77
N GLY J 436 45.06 -35.17 -39.43
CA GLY J 436 44.72 -35.50 -38.07
C GLY J 436 45.91 -35.30 -37.13
N PHE J 437 47.10 -35.63 -37.63
CA PHE J 437 48.30 -35.53 -36.81
C PHE J 437 48.65 -34.07 -36.51
N VAL J 438 48.56 -33.22 -37.53
CA VAL J 438 48.99 -31.83 -37.42
C VAL J 438 48.19 -31.06 -36.36
N LYS J 439 46.88 -31.28 -36.37
CA LYS J 439 45.99 -30.65 -35.37
C LYS J 439 46.38 -31.03 -33.94
N VAL J 440 46.60 -32.32 -33.72
CA VAL J 440 47.00 -32.79 -32.39
C VAL J 440 48.38 -32.27 -32.03
N ALA J 441 49.33 -32.41 -32.96
CA ALA J 441 50.71 -31.97 -32.73
C ALA J 441 50.80 -30.49 -32.39
N ASP J 442 50.09 -29.66 -33.14
CA ASP J 442 50.17 -28.22 -32.94
C ASP J 442 49.68 -27.85 -31.55
N ALA J 443 48.60 -28.49 -31.13
CA ALA J 443 48.05 -28.28 -29.78
C ALA J 443 49.04 -28.69 -28.68
N MET J 444 49.74 -29.81 -28.88
CA MET J 444 50.68 -30.35 -27.88
C MET J 444 51.90 -29.43 -27.76
N LEU J 445 52.37 -28.94 -28.90
CA LEU J 445 53.55 -28.09 -28.92
C LEU J 445 53.26 -26.78 -28.22
N ALA J 446 52.05 -26.27 -28.39
CA ALA J 446 51.67 -24.97 -27.84
C ALA J 446 51.50 -25.03 -26.32
N GLN J 447 51.10 -26.19 -25.80
CA GLN J 447 50.70 -26.28 -24.40
C GLN J 447 51.85 -26.72 -23.47
N GLY J 448 53.04 -26.85 -24.03
CA GLY J 448 54.23 -27.06 -23.23
C GLY J 448 54.47 -28.48 -22.73
N VAL J 449 55.59 -28.67 -22.03
CA VAL J 449 55.98 -30.00 -21.57
C VAL J 449 55.16 -30.38 -20.35
N ILE J 450 54.10 -31.15 -20.57
CA ILE J 450 53.16 -31.50 -19.51
C ILE J 450 52.93 -33.00 -19.39
N SER K 9 -8.16 -49.59 -8.61
CA SER K 9 -6.77 -49.59 -9.03
C SER K 9 -6.18 -48.20 -8.82
N LEU K 10 -6.87 -47.19 -9.33
CA LEU K 10 -6.46 -45.80 -9.12
C LEU K 10 -6.53 -45.39 -7.66
N GLU K 11 -7.63 -45.73 -7.00
CA GLU K 11 -7.81 -45.40 -5.58
C GLU K 11 -6.81 -46.12 -4.69
N SER K 12 -6.47 -47.35 -5.04
CA SER K 12 -5.55 -48.13 -4.21
C SER K 12 -4.13 -47.56 -4.32
N PHE K 13 -3.77 -47.11 -5.50
CA PHE K 13 -2.47 -46.47 -5.68
C PHE K 13 -2.41 -45.19 -4.87
N LEU K 14 -3.45 -44.36 -4.98
CA LEU K 14 -3.45 -43.08 -4.27
C LEU K 14 -3.42 -43.34 -2.77
N ASN K 15 -4.14 -44.36 -2.35
CA ASN K 15 -4.14 -44.83 -0.97
C ASN K 15 -2.74 -45.23 -0.51
N HIS K 16 -2.07 -46.06 -1.29
CA HIS K 16 -0.72 -46.48 -0.98
C HIS K 16 0.24 -45.30 -0.88
N VAL K 17 0.19 -44.41 -1.85
CA VAL K 17 1.07 -43.24 -1.84
C VAL K 17 0.89 -42.37 -0.59
N GLN K 18 -0.37 -42.16 -0.18
CA GLN K 18 -0.68 -41.31 0.97
C GLN K 18 -0.15 -41.84 2.29
N LYS K 19 0.04 -43.17 2.36
CA LYS K 19 0.56 -43.83 3.55
C LYS K 19 1.79 -43.15 4.15
N ARG K 20 2.74 -42.76 3.32
CA ARG K 20 3.96 -42.11 3.81
C ARG K 20 3.75 -40.65 4.19
N ASP K 21 2.72 -40.02 3.64
CA ASP K 21 2.43 -38.61 3.95
C ASP K 21 0.95 -38.37 4.26
N PRO K 22 0.43 -39.01 5.32
CA PRO K 22 -1.02 -39.01 5.56
C PRO K 22 -1.62 -37.62 5.78
N ASN K 23 -0.80 -36.62 6.10
CA ASN K 23 -1.32 -35.29 6.37
C ASN K 23 -0.94 -34.20 5.36
N GLN K 24 -0.27 -34.61 4.27
CA GLN K 24 0.10 -33.66 3.22
C GLN K 24 -1.06 -33.53 2.23
N THR K 25 -2.08 -32.76 2.61
CA THR K 25 -3.30 -32.69 1.83
C THR K 25 -3.09 -32.13 0.43
N GLU K 26 -2.32 -31.05 0.34
CA GLU K 26 -2.01 -30.43 -0.96
C GLU K 26 -1.28 -31.37 -1.92
N PHE K 27 -0.29 -32.09 -1.41
CA PHE K 27 0.45 -33.00 -2.26
C PHE K 27 -0.45 -34.12 -2.75
N ALA K 28 -1.26 -34.67 -1.86
CA ALA K 28 -2.19 -35.74 -2.21
C ALA K 28 -3.16 -35.32 -3.31
N GLN K 29 -3.61 -34.08 -3.27
CA GLN K 29 -4.56 -33.61 -4.28
C GLN K 29 -3.86 -33.41 -5.63
N ALA K 30 -2.58 -33.05 -5.59
CA ALA K 30 -1.77 -32.93 -6.81
C ALA K 30 -1.54 -34.29 -7.47
N VAL K 31 -1.22 -35.28 -6.64
CA VAL K 31 -1.03 -36.63 -7.14
C VAL K 31 -2.33 -37.20 -7.72
N ARG K 32 -3.43 -37.02 -6.98
CA ARG K 32 -4.74 -37.48 -7.46
C ARG K 32 -5.13 -36.83 -8.77
N GLU K 33 -4.89 -35.53 -8.89
CA GLU K 33 -5.31 -34.78 -10.07
C GLU K 33 -4.53 -35.25 -11.29
N VAL K 34 -3.22 -35.41 -11.12
CA VAL K 34 -2.38 -35.92 -12.19
C VAL K 34 -2.74 -37.36 -12.57
N MET K 35 -2.86 -38.25 -11.59
CA MET K 35 -3.07 -39.66 -11.88
C MET K 35 -4.45 -39.93 -12.50
N THR K 36 -5.44 -39.17 -12.07
CA THR K 36 -6.80 -39.41 -12.52
C THR K 36 -6.91 -39.13 -14.01
N THR K 37 -6.33 -38.02 -14.44
CA THR K 37 -6.33 -37.70 -15.87
C THR K 37 -5.47 -38.67 -16.66
N LEU K 38 -4.46 -39.22 -16.01
CA LEU K 38 -3.48 -40.09 -16.66
C LEU K 38 -3.94 -41.53 -16.76
N TRP K 39 -4.78 -41.95 -15.81
CA TRP K 39 -5.16 -43.36 -15.71
C TRP K 39 -5.65 -43.98 -17.01
N PRO K 40 -6.54 -43.29 -17.76
CA PRO K 40 -6.91 -43.89 -19.04
C PRO K 40 -5.79 -43.89 -20.12
N PHE K 41 -4.74 -43.11 -19.95
CA PHE K 41 -3.61 -43.25 -20.85
C PHE K 41 -2.79 -44.47 -20.43
N LEU K 42 -2.68 -44.65 -19.13
CA LEU K 42 -1.86 -45.72 -18.57
C LEU K 42 -2.36 -47.13 -18.91
N GLU K 43 -3.66 -47.36 -18.85
CA GLU K 43 -4.18 -48.70 -19.15
C GLU K 43 -4.15 -49.04 -20.65
N GLN K 44 -3.93 -48.03 -21.48
CA GLN K 44 -3.76 -48.25 -22.91
C GLN K 44 -2.28 -48.36 -23.30
N ASN K 45 -1.42 -47.83 -22.45
CA ASN K 45 0.02 -47.89 -22.66
C ASN K 45 0.75 -48.44 -21.44
N PRO K 46 0.76 -49.77 -21.30
CA PRO K 46 1.33 -50.44 -20.12
C PRO K 46 2.80 -50.12 -19.91
N LYS K 47 3.53 -49.83 -20.97
CA LYS K 47 4.98 -49.57 -20.86
C LYS K 47 5.33 -48.38 -19.96
N TYR K 48 4.32 -47.67 -19.48
CA TYR K 48 4.56 -46.57 -18.55
C TYR K 48 4.20 -46.91 -17.10
N ARG K 49 3.83 -48.16 -16.87
CA ARG K 49 3.52 -48.61 -15.51
C ARG K 49 4.60 -49.52 -14.91
N GLN K 50 5.37 -50.21 -15.75
CA GLN K 50 6.36 -51.16 -15.24
C GLN K 50 7.60 -50.47 -14.69
N MET K 51 8.54 -51.27 -14.19
CA MET K 51 9.72 -50.78 -13.48
C MET K 51 9.29 -49.87 -12.33
N SER K 52 8.06 -50.06 -11.87
CA SER K 52 7.49 -49.27 -10.77
C SER K 52 7.57 -47.77 -10.99
N LEU K 53 7.25 -47.38 -12.22
CA LEU K 53 7.48 -46.01 -12.67
C LEU K 53 6.69 -44.98 -11.87
N LEU K 54 5.41 -45.22 -11.63
CA LEU K 54 4.58 -44.25 -10.93
C LEU K 54 5.05 -44.07 -9.48
N GLU K 55 5.40 -45.18 -8.84
CA GLU K 55 5.93 -45.17 -7.49
C GLU K 55 7.21 -44.34 -7.36
N ARG K 56 8.07 -44.45 -8.36
CA ARG K 56 9.32 -43.69 -8.40
C ARG K 56 9.04 -42.21 -8.67
N LEU K 57 8.06 -41.96 -9.52
CA LEU K 57 7.71 -40.60 -9.93
C LEU K 57 7.15 -39.73 -8.79
N VAL K 58 6.41 -40.33 -7.86
CA VAL K 58 5.73 -39.55 -6.84
C VAL K 58 6.59 -39.27 -5.61
N GLU K 59 7.74 -39.95 -5.56
CA GLU K 59 8.66 -39.82 -4.44
C GLU K 59 9.82 -38.94 -4.88
N PRO K 60 9.92 -37.74 -4.31
CA PRO K 60 10.97 -36.79 -4.70
C PRO K 60 12.34 -37.39 -4.52
N GLU K 61 13.26 -37.08 -5.44
CA GLU K 61 14.63 -37.56 -5.32
C GLU K 61 15.28 -37.11 -4.01
N ARG K 62 15.12 -35.83 -3.67
CA ARG K 62 15.79 -35.24 -2.53
C ARG K 62 15.01 -34.04 -1.99
N VAL K 63 14.84 -33.99 -0.67
CA VAL K 63 14.26 -32.81 -0.02
C VAL K 63 15.21 -32.38 1.08
N ILE K 64 15.69 -31.15 1.00
CA ILE K 64 16.48 -30.62 2.09
C ILE K 64 15.61 -29.67 2.91
N GLN K 65 15.40 -29.98 4.19
CA GLN K 65 14.76 -29.04 5.12
C GLN K 65 15.87 -28.49 6.00
N PHE K 66 15.88 -27.18 6.21
CA PHE K 66 16.93 -26.56 6.99
C PHE K 66 16.52 -25.34 7.81
N ARG K 67 17.28 -25.09 8.87
CA ARG K 67 17.11 -23.94 9.74
C ARG K 67 17.67 -22.66 9.12
N VAL K 68 16.94 -21.56 9.24
CA VAL K 68 17.49 -20.26 8.88
C VAL K 68 17.42 -19.33 10.09
N VAL K 69 18.58 -18.88 10.57
CA VAL K 69 18.64 -18.00 11.73
C VAL K 69 19.13 -16.61 11.30
N TRP K 70 18.40 -15.57 11.72
CA TRP K 70 18.69 -14.21 11.28
C TRP K 70 18.28 -13.17 12.32
N VAL K 71 18.76 -11.94 12.15
CA VAL K 71 18.54 -10.90 13.15
C VAL K 71 17.68 -9.76 12.60
N ASP K 72 16.58 -9.46 13.32
CA ASP K 72 15.68 -8.44 12.83
C ASP K 72 16.14 -7.04 13.22
N ASP K 73 15.40 -6.03 12.79
CA ASP K 73 15.81 -4.65 13.05
C ASP K 73 15.69 -4.23 14.52
N ARG K 74 15.06 -5.07 15.33
CA ARG K 74 14.99 -4.80 16.77
C ARG K 74 16.09 -5.57 17.51
N ASN K 75 17.03 -6.11 16.73
CA ASN K 75 18.13 -6.94 17.24
C ASN K 75 17.66 -8.20 17.94
N GLN K 76 16.50 -8.71 17.50
CA GLN K 76 16.00 -9.99 18.01
C GLN K 76 16.30 -11.10 17.01
N VAL K 77 16.76 -12.24 17.53
CA VAL K 77 17.09 -13.38 16.70
C VAL K 77 15.80 -14.12 16.33
N GLN K 78 15.58 -14.30 15.03
CA GLN K 78 14.41 -15.01 14.54
C GLN K 78 14.83 -16.33 13.93
N VAL K 79 13.99 -17.36 14.10
CA VAL K 79 14.24 -18.64 13.46
C VAL K 79 13.13 -18.92 12.45
N ASN K 80 13.49 -19.30 11.23
CA ASN K 80 12.51 -19.78 10.28
C ASN K 80 12.97 -21.12 9.72
N ARG K 81 12.05 -21.81 9.07
CA ARG K 81 12.35 -23.05 8.40
C ARG K 81 12.38 -22.80 6.90
N ALA K 82 13.29 -23.47 6.21
CA ALA K 82 13.32 -23.43 4.76
C ALA K 82 13.48 -24.83 4.18
N TRP K 83 13.20 -24.94 2.90
CA TRP K 83 13.34 -26.22 2.20
C TRP K 83 13.85 -25.98 0.79
N ARG K 84 14.47 -27.01 0.23
CA ARG K 84 14.57 -27.12 -1.23
C ARG K 84 14.13 -28.52 -1.61
N VAL K 85 13.01 -28.60 -2.33
CA VAL K 85 12.50 -29.87 -2.80
C VAL K 85 13.09 -30.11 -4.18
N GLN K 86 13.92 -31.13 -4.27
CA GLN K 86 14.58 -31.48 -5.54
C GLN K 86 13.88 -32.72 -6.03
N PHE K 87 12.85 -32.50 -6.84
CA PHE K 87 11.89 -33.55 -7.18
C PHE K 87 12.38 -34.49 -8.27
N SER K 88 12.68 -33.93 -9.44
CA SER K 88 13.09 -34.76 -10.57
C SER K 88 14.29 -34.16 -11.29
N SER K 89 15.26 -35.00 -11.62
CA SER K 89 16.38 -34.55 -12.44
C SER K 89 16.49 -35.46 -13.66
N ALA K 90 15.38 -36.08 -14.01
CA ALA K 90 15.32 -37.00 -15.13
C ALA K 90 15.72 -36.29 -16.43
N ILE K 91 15.16 -35.10 -16.64
CA ILE K 91 15.34 -34.38 -17.90
C ILE K 91 16.45 -33.33 -17.83
N GLY K 92 16.70 -32.80 -16.65
CA GLY K 92 17.73 -31.79 -16.49
C GLY K 92 17.86 -31.39 -15.04
N PRO K 93 18.62 -30.33 -14.76
CA PRO K 93 18.75 -29.95 -13.35
C PRO K 93 17.41 -29.58 -12.72
N TYR K 94 17.32 -29.71 -11.40
CA TYR K 94 16.12 -29.30 -10.68
C TYR K 94 15.84 -27.83 -11.01
N LYS K 95 14.59 -27.48 -11.29
CA LYS K 95 14.27 -26.13 -11.71
C LYS K 95 12.88 -25.77 -11.16
N GLY K 96 12.82 -24.62 -10.48
CA GLY K 96 11.57 -24.12 -9.96
C GLY K 96 11.83 -23.00 -8.97
N GLY K 97 10.82 -22.18 -8.74
CA GLY K 97 10.98 -21.03 -7.87
C GLY K 97 11.11 -21.24 -6.38
N MET K 98 11.34 -20.13 -5.69
CA MET K 98 11.45 -20.06 -4.24
C MET K 98 10.31 -19.19 -3.75
N ARG K 99 9.57 -19.68 -2.77
CA ARG K 99 8.43 -18.95 -2.24
C ARG K 99 8.62 -18.57 -0.78
N PHE K 100 8.52 -17.28 -0.47
CA PHE K 100 8.56 -16.83 0.93
C PHE K 100 7.15 -16.38 1.34
N HIS K 101 6.49 -17.19 2.17
CA HIS K 101 5.13 -16.88 2.61
C HIS K 101 4.83 -17.73 3.85
N PRO K 102 4.14 -17.15 4.85
CA PRO K 102 3.86 -17.84 6.12
C PRO K 102 3.14 -19.18 5.99
N SER K 103 2.50 -19.43 4.85
CA SER K 103 1.77 -20.66 4.63
C SER K 103 2.67 -21.83 4.20
N VAL K 104 3.92 -21.52 3.86
CA VAL K 104 4.81 -22.52 3.24
C VAL K 104 5.12 -23.69 4.16
N ASN K 105 4.87 -24.90 3.66
CA ASN K 105 5.28 -26.13 4.33
C ASN K 105 5.72 -27.16 3.29
N LEU K 106 6.08 -28.34 3.76
CA LEU K 106 6.56 -29.38 2.86
C LEU K 106 5.49 -29.89 1.88
N SER K 107 4.26 -30.04 2.36
CA SER K 107 3.16 -30.45 1.49
C SER K 107 3.01 -29.54 0.27
N ILE K 108 2.96 -28.25 0.52
CA ILE K 108 2.80 -27.25 -0.53
C ILE K 108 3.97 -27.22 -1.49
N LEU K 109 5.20 -27.23 -0.98
CA LEU K 109 6.38 -27.23 -1.84
C LEU K 109 6.47 -28.51 -2.68
N LYS K 110 5.97 -29.60 -2.15
CA LYS K 110 5.96 -30.85 -2.91
C LYS K 110 4.94 -30.80 -4.03
N PHE K 111 3.74 -30.33 -3.70
CA PHE K 111 2.70 -30.18 -4.69
C PHE K 111 3.21 -29.28 -5.81
N LEU K 112 3.85 -28.16 -5.45
CA LEU K 112 4.34 -27.24 -6.45
C LEU K 112 5.51 -27.84 -7.24
N GLY K 113 6.43 -28.52 -6.55
CA GLY K 113 7.61 -29.08 -7.17
C GLY K 113 7.25 -30.21 -8.12
N PHE K 114 6.18 -30.93 -7.76
CA PHE K 114 5.64 -32.00 -8.58
C PHE K 114 5.10 -31.42 -9.89
N GLU K 115 4.33 -30.34 -9.78
CA GLU K 115 3.83 -29.64 -10.96
C GLU K 115 4.92 -28.95 -11.80
N GLN K 116 5.97 -28.43 -11.17
CA GLN K 116 7.04 -27.84 -11.96
C GLN K 116 7.65 -28.90 -12.86
N THR K 117 7.83 -30.11 -12.33
CA THR K 117 8.42 -31.20 -13.07
C THR K 117 7.76 -31.40 -14.45
N PHE K 118 6.43 -31.44 -14.48
CA PHE K 118 5.71 -31.69 -15.73
C PHE K 118 5.64 -30.45 -16.61
N LYS K 119 5.49 -29.29 -15.97
CA LYS K 119 5.43 -28.06 -16.72
C LYS K 119 6.76 -27.82 -17.41
N ASN K 120 7.87 -27.97 -16.69
CA ASN K 120 9.20 -27.86 -17.29
C ASN K 120 9.43 -28.86 -18.44
N ALA K 121 9.01 -30.10 -18.26
CA ALA K 121 9.20 -31.12 -19.28
C ALA K 121 8.50 -30.67 -20.54
N LEU K 122 7.31 -30.11 -20.34
CA LEU K 122 6.44 -29.68 -21.42
C LEU K 122 7.14 -28.66 -22.33
N THR K 123 7.97 -27.81 -21.75
CA THR K 123 8.63 -26.76 -22.54
C THR K 123 9.56 -27.28 -23.63
N THR K 124 9.91 -28.57 -23.57
CA THR K 124 10.94 -29.21 -24.41
C THR K 124 12.36 -28.73 -24.10
N LEU K 125 12.50 -27.95 -23.04
CA LEU K 125 13.83 -27.55 -22.61
C LEU K 125 14.40 -28.56 -21.62
N PRO K 126 15.74 -28.61 -21.51
CA PRO K 126 16.39 -29.57 -20.61
C PRO K 126 16.29 -29.17 -19.15
N MET K 127 15.08 -29.18 -18.59
CA MET K 127 14.86 -28.76 -17.21
C MET K 127 14.13 -29.84 -16.43
N GLY K 128 14.63 -30.11 -15.22
CA GLY K 128 13.99 -31.01 -14.27
C GLY K 128 12.96 -30.25 -13.46
N GLY K 129 12.70 -30.70 -12.24
CA GLY K 129 11.63 -30.11 -11.46
C GLY K 129 12.01 -29.96 -10.00
N GLY K 130 11.71 -28.79 -9.45
CA GLY K 130 11.99 -28.50 -8.06
C GLY K 130 11.20 -27.31 -7.57
N LYS K 131 11.24 -27.06 -6.26
CA LYS K 131 10.55 -25.93 -5.64
C LYS K 131 11.14 -25.79 -4.25
N GLY K 132 11.22 -24.57 -3.77
CA GLY K 132 11.68 -24.35 -2.41
C GLY K 132 11.09 -23.09 -1.81
N GLY K 133 11.56 -22.74 -0.63
CA GLY K 133 11.07 -21.53 0.00
C GLY K 133 11.15 -21.56 1.52
N SER K 134 10.36 -20.71 2.16
CA SER K 134 10.43 -20.59 3.62
C SER K 134 9.12 -20.06 4.18
N ASP K 135 8.89 -20.29 5.46
CA ASP K 135 7.71 -19.70 6.11
C ASP K 135 7.97 -18.25 6.56
N PHE K 136 9.15 -17.74 6.22
CA PHE K 136 9.47 -16.33 6.35
C PHE K 136 8.38 -15.50 5.70
N ASP K 137 7.87 -14.50 6.44
CA ASP K 137 6.86 -13.59 5.92
C ASP K 137 7.48 -12.23 5.61
N PRO K 138 7.66 -11.92 4.31
CA PRO K 138 8.29 -10.67 3.88
C PRO K 138 7.46 -9.43 4.22
N LYS K 139 6.17 -9.59 4.48
CA LYS K 139 5.29 -8.44 4.66
C LYS K 139 5.77 -7.60 5.84
N GLY K 140 6.01 -6.31 5.60
CA GLY K 140 6.45 -5.41 6.63
C GLY K 140 7.91 -5.57 7.03
N LYS K 141 8.67 -6.33 6.25
CA LYS K 141 10.09 -6.49 6.55
C LYS K 141 10.87 -5.40 5.84
N SER K 142 11.88 -4.84 6.50
CA SER K 142 12.71 -3.84 5.88
C SER K 142 13.59 -4.52 4.82
N GLU K 143 14.17 -3.71 3.95
CA GLU K 143 15.07 -4.26 2.94
C GLU K 143 16.25 -4.96 3.59
N GLY K 144 16.74 -4.40 4.70
CA GLY K 144 17.82 -5.01 5.45
C GLY K 144 17.46 -6.37 6.02
N GLU K 145 16.25 -6.48 6.58
CA GLU K 145 15.78 -7.76 7.10
C GLU K 145 15.67 -8.82 6.00
N VAL K 146 15.18 -8.42 4.85
CA VAL K 146 15.00 -9.33 3.73
C VAL K 146 16.38 -9.76 3.18
N MET K 147 17.25 -8.78 2.99
CA MET K 147 18.62 -9.06 2.61
C MET K 147 19.31 -10.02 3.59
N ARG K 148 19.19 -9.73 4.88
CA ARG K 148 19.84 -10.56 5.86
C ARG K 148 19.24 -11.96 5.86
N PHE K 149 17.93 -12.04 5.62
CA PHE K 149 17.27 -13.33 5.56
C PHE K 149 17.73 -14.17 4.38
N CYS K 150 17.80 -13.53 3.22
CA CYS K 150 18.23 -14.19 2.00
C CYS K 150 19.65 -14.72 2.14
N GLN K 151 20.54 -13.90 2.71
CA GLN K 151 21.91 -14.33 2.92
C GLN K 151 22.02 -15.50 3.90
N ALA K 152 21.28 -15.41 5.00
CA ALA K 152 21.23 -16.49 5.98
C ALA K 152 20.76 -17.81 5.36
N LEU K 153 19.67 -17.76 4.60
CA LEU K 153 19.20 -18.93 3.88
C LEU K 153 20.30 -19.51 2.94
N MET K 154 20.97 -18.64 2.19
CA MET K 154 22.03 -19.08 1.26
C MET K 154 23.30 -19.65 1.90
N THR K 155 23.65 -19.24 3.11
CA THR K 155 24.80 -19.86 3.79
C THR K 155 24.63 -21.38 4.02
N GLU K 156 23.38 -21.84 4.03
CA GLU K 156 23.15 -23.29 3.95
C GLU K 156 22.86 -23.76 2.53
N LEU K 157 21.97 -23.06 1.83
CA LEU K 157 21.43 -23.58 0.58
C LEU K 157 22.46 -23.64 -0.56
N TYR K 158 23.46 -22.76 -0.51
CA TYR K 158 24.41 -22.63 -1.62
C TYR K 158 25.05 -23.96 -1.99
N ARG K 159 25.21 -24.85 -1.01
CA ARG K 159 25.95 -26.10 -1.20
C ARG K 159 25.14 -27.15 -1.97
N HIS K 160 23.82 -26.93 -2.09
CA HIS K 160 22.93 -27.88 -2.74
C HIS K 160 22.55 -27.47 -4.16
N LEU K 161 22.96 -26.27 -4.56
CA LEU K 161 22.57 -25.74 -5.88
C LEU K 161 23.76 -25.78 -6.85
N GLY K 162 23.50 -25.49 -8.12
CA GLY K 162 24.57 -25.38 -9.10
C GLY K 162 24.02 -25.33 -10.52
N ALA K 163 24.81 -24.79 -11.45
CA ALA K 163 24.33 -24.55 -12.82
C ALA K 163 23.85 -25.81 -13.54
N ASP K 164 24.39 -26.97 -13.16
CA ASP K 164 23.91 -28.22 -13.74
C ASP K 164 23.31 -29.14 -12.67
N THR K 165 22.91 -28.55 -11.55
CA THR K 165 22.36 -29.34 -10.44
C THR K 165 20.95 -28.85 -10.06
N ASP K 166 20.86 -27.59 -9.68
CA ASP K 166 19.59 -26.97 -9.31
C ASP K 166 19.67 -25.47 -9.53
N VAL K 167 18.75 -24.94 -10.32
CA VAL K 167 18.69 -23.50 -10.58
C VAL K 167 17.32 -22.94 -10.17
N PRO K 168 17.24 -22.25 -9.01
CA PRO K 168 15.92 -21.76 -8.62
C PRO K 168 15.53 -20.47 -9.34
N ALA K 169 14.48 -19.84 -8.82
CA ALA K 169 13.90 -18.68 -9.47
C ALA K 169 12.98 -18.04 -8.45
N GLY K 170 12.26 -16.99 -8.85
CA GLY K 170 11.33 -16.30 -7.96
C GLY K 170 9.98 -16.96 -7.90
N ASP K 171 9.08 -16.38 -7.10
CA ASP K 171 7.72 -16.85 -6.89
C ASP K 171 7.07 -15.90 -5.87
N ILE K 172 5.93 -16.26 -5.30
CA ILE K 172 5.34 -15.42 -4.26
C ILE K 172 6.34 -15.06 -3.16
N GLY K 173 6.44 -13.76 -2.87
CA GLY K 173 7.35 -13.29 -1.83
C GLY K 173 8.82 -13.24 -2.23
N VAL K 174 9.15 -13.76 -3.41
CA VAL K 174 10.53 -13.71 -3.89
C VAL K 174 10.57 -13.00 -5.22
N GLY K 175 10.84 -11.70 -5.20
CA GLY K 175 10.87 -10.93 -6.44
C GLY K 175 12.28 -10.80 -7.00
N GLY K 176 12.44 -9.89 -7.96
CA GLY K 176 13.73 -9.57 -8.52
C GLY K 176 14.74 -9.24 -7.43
N ARG K 177 14.31 -8.46 -6.45
CA ARG K 177 15.15 -8.08 -5.33
C ARG K 177 15.71 -9.28 -4.56
N GLU K 178 14.85 -10.23 -4.23
CA GLU K 178 15.27 -11.39 -3.47
C GLU K 178 16.14 -12.34 -4.30
N VAL K 179 15.84 -12.47 -5.59
CA VAL K 179 16.72 -13.23 -6.48
C VAL K 179 18.12 -12.61 -6.47
N GLY K 180 18.16 -11.28 -6.60
CA GLY K 180 19.39 -10.53 -6.55
C GLY K 180 20.24 -10.87 -5.35
N PHE K 181 19.63 -10.82 -4.17
CA PHE K 181 20.33 -11.08 -2.91
C PHE K 181 20.80 -12.52 -2.83
N MET K 182 19.96 -13.46 -3.25
CA MET K 182 20.34 -14.88 -3.16
C MET K 182 21.45 -15.23 -4.15
N ALA K 183 21.33 -14.74 -5.37
CA ALA K 183 22.33 -14.99 -6.40
C ALA K 183 23.66 -14.34 -6.02
N GLY K 184 23.60 -13.18 -5.38
CA GLY K 184 24.80 -12.52 -4.89
C GLY K 184 25.53 -13.38 -3.88
N MET K 185 24.79 -13.94 -2.93
CA MET K 185 25.41 -14.75 -1.89
C MET K 185 25.95 -16.07 -2.49
N MET K 186 25.20 -16.66 -3.40
CA MET K 186 25.64 -17.87 -4.09
C MET K 186 27.01 -17.68 -4.75
N LYS K 187 27.13 -16.59 -5.49
CA LYS K 187 28.35 -16.22 -6.19
C LYS K 187 29.50 -15.97 -5.22
N LYS K 188 29.19 -15.19 -4.20
CA LYS K 188 30.18 -14.87 -3.17
C LYS K 188 30.73 -16.15 -2.51
N LEU K 189 29.84 -17.03 -2.09
CA LEU K 189 30.30 -18.23 -1.35
C LEU K 189 30.98 -19.27 -2.26
N SER K 190 30.51 -19.39 -3.49
CA SER K 190 31.01 -20.39 -4.41
C SER K 190 32.24 -19.90 -5.19
N ASN K 191 32.48 -18.58 -5.17
CA ASN K 191 33.48 -17.94 -6.03
C ASN K 191 33.29 -18.42 -7.46
N ASN K 192 32.02 -18.43 -7.89
CA ASN K 192 31.64 -18.98 -9.19
C ASN K 192 30.45 -18.21 -9.74
N THR K 193 30.58 -17.70 -10.97
CA THR K 193 29.60 -16.79 -11.55
C THR K 193 28.59 -17.46 -12.50
N ALA K 194 28.61 -18.79 -12.56
CA ALA K 194 27.68 -19.48 -13.46
C ALA K 194 26.23 -19.24 -13.05
N CYS K 195 25.31 -19.42 -14.00
CA CYS K 195 23.88 -19.19 -13.74
C CYS K 195 23.30 -20.23 -12.77
N VAL K 196 23.10 -19.81 -11.53
CA VAL K 196 22.41 -20.63 -10.53
C VAL K 196 20.97 -20.12 -10.23
N PHE K 197 20.67 -18.87 -10.58
CA PHE K 197 19.28 -18.38 -10.52
C PHE K 197 18.80 -17.79 -11.87
N THR K 198 17.53 -17.99 -12.17
CA THR K 198 16.88 -17.23 -13.23
C THR K 198 15.97 -16.14 -12.64
N GLY K 199 15.60 -15.16 -13.44
CA GLY K 199 14.85 -14.02 -12.93
C GLY K 199 15.85 -12.96 -12.48
N LYS K 200 17.07 -13.06 -13.00
CA LYS K 200 18.13 -12.12 -12.64
C LYS K 200 17.88 -10.78 -13.33
N GLY K 201 18.43 -9.71 -12.78
CA GLY K 201 18.29 -8.40 -13.42
C GLY K 201 19.18 -8.35 -14.65
N LEU K 202 18.95 -7.39 -15.53
CA LEU K 202 19.71 -7.29 -16.76
C LEU K 202 21.19 -6.96 -16.56
N SER K 203 21.54 -6.36 -15.41
CA SER K 203 22.93 -5.98 -15.19
C SER K 203 23.82 -7.16 -14.77
N PHE K 204 23.20 -8.29 -14.43
CA PHE K 204 23.97 -9.46 -14.03
C PHE K 204 23.44 -10.79 -14.58
N GLY K 205 23.07 -10.76 -15.86
CA GLY K 205 22.80 -11.98 -16.60
C GLY K 205 21.35 -12.29 -16.89
N GLY K 206 20.46 -11.35 -16.58
CA GLY K 206 19.04 -11.52 -16.85
C GLY K 206 18.73 -11.55 -18.33
N SER K 207 17.51 -11.93 -18.66
CA SER K 207 17.11 -12.07 -20.05
C SER K 207 16.09 -11.03 -20.45
N LEU K 208 16.26 -10.44 -21.63
CA LEU K 208 15.18 -9.65 -22.20
C LEU K 208 13.98 -10.56 -22.39
N ILE K 209 12.77 -9.98 -22.37
CA ILE K 209 11.50 -10.71 -22.58
C ILE K 209 10.98 -11.45 -21.33
N ARG K 210 11.76 -11.46 -20.26
CA ARG K 210 11.28 -12.09 -19.02
C ARG K 210 9.97 -11.48 -18.47
N PRO K 211 9.86 -10.14 -18.37
CA PRO K 211 8.58 -9.57 -17.91
C PRO K 211 7.42 -9.97 -18.83
N GLU K 212 7.66 -9.91 -20.14
CA GLU K 212 6.64 -10.18 -21.14
C GLU K 212 6.26 -11.66 -21.29
N ALA K 213 7.12 -12.54 -20.78
CA ALA K 213 7.11 -13.94 -21.19
C ALA K 213 5.77 -14.66 -21.02
N THR K 214 5.22 -14.57 -19.82
CA THR K 214 4.02 -15.35 -19.52
C THR K 214 2.81 -14.86 -20.31
N GLY K 215 2.62 -13.55 -20.39
CA GLY K 215 1.54 -12.97 -21.19
C GLY K 215 1.70 -13.24 -22.68
N TYR K 216 2.91 -13.05 -23.20
CA TYR K 216 3.21 -13.39 -24.60
C TYR K 216 2.84 -14.84 -24.91
N GLY K 217 3.34 -15.75 -24.08
CA GLY K 217 3.16 -17.17 -24.30
C GLY K 217 1.70 -17.59 -24.27
N LEU K 218 0.93 -17.00 -23.35
CA LEU K 218 -0.51 -17.25 -23.28
C LEU K 218 -1.15 -16.92 -24.62
N VAL K 219 -0.83 -15.76 -25.18
CA VAL K 219 -1.40 -15.36 -26.46
C VAL K 219 -0.89 -16.23 -27.62
N TYR K 220 0.40 -16.53 -27.62
CA TYR K 220 0.94 -17.45 -28.62
C TYR K 220 0.24 -18.79 -28.56
N PHE K 221 0.07 -19.35 -27.36
CA PHE K 221 -0.63 -20.63 -27.25
C PHE K 221 -2.07 -20.55 -27.75
N THR K 222 -2.79 -19.53 -27.28
CA THR K 222 -4.21 -19.41 -27.60
C THR K 222 -4.41 -19.27 -29.10
N GLU K 223 -3.54 -18.52 -29.75
CA GLU K 223 -3.70 -18.34 -31.19
C GLU K 223 -3.59 -19.70 -31.89
N ALA K 224 -2.61 -20.50 -31.46
CA ALA K 224 -2.44 -21.83 -32.02
C ALA K 224 -3.68 -22.69 -31.76
N MET K 225 -4.23 -22.56 -30.56
CA MET K 225 -5.45 -23.28 -30.23
C MET K 225 -6.60 -22.82 -31.14
N LEU K 226 -6.77 -21.51 -31.26
CA LEU K 226 -7.82 -20.94 -32.12
C LEU K 226 -7.64 -21.35 -33.58
N LYS K 227 -6.42 -21.27 -34.07
CA LYS K 227 -6.13 -21.56 -35.47
C LYS K 227 -6.47 -23.01 -35.79
N ARG K 228 -6.09 -23.92 -34.90
CA ARG K 228 -6.43 -25.32 -35.08
C ARG K 228 -7.94 -25.54 -35.24
N HIS K 229 -8.73 -24.73 -34.55
CA HIS K 229 -10.18 -24.88 -34.60
C HIS K 229 -10.88 -23.86 -35.49
N GLY K 230 -10.12 -23.24 -36.38
CA GLY K 230 -10.71 -22.42 -37.43
C GLY K 230 -10.95 -20.97 -37.06
N MET K 231 -10.24 -20.50 -36.05
CA MET K 231 -10.42 -19.14 -35.58
C MET K 231 -9.10 -18.42 -35.38
N GLY K 232 -9.15 -17.26 -34.76
CA GLY K 232 -7.95 -16.52 -34.45
C GLY K 232 -8.27 -15.24 -33.72
N PHE K 233 -7.24 -14.61 -33.17
CA PHE K 233 -7.40 -13.38 -32.40
C PHE K 233 -7.90 -12.20 -33.22
N GLU K 234 -7.67 -12.24 -34.53
CA GLU K 234 -8.06 -11.13 -35.41
C GLU K 234 -9.50 -10.70 -35.25
N GLY K 235 -9.69 -9.40 -34.97
CA GLY K 235 -11.01 -8.80 -34.88
C GLY K 235 -11.88 -9.27 -33.71
N MET K 236 -11.30 -10.03 -32.78
CA MET K 236 -12.10 -10.61 -31.70
C MET K 236 -12.16 -9.70 -30.47
N ARG K 237 -13.26 -9.80 -29.71
CA ARG K 237 -13.34 -9.11 -28.44
C ARG K 237 -12.78 -9.97 -27.34
N VAL K 238 -11.83 -9.43 -26.59
CA VAL K 238 -11.11 -10.18 -25.57
C VAL K 238 -11.24 -9.53 -24.20
N SER K 239 -11.53 -10.33 -23.17
CA SER K 239 -11.48 -9.81 -21.80
C SER K 239 -10.29 -10.37 -21.02
N VAL K 240 -9.56 -9.47 -20.38
CA VAL K 240 -8.41 -9.84 -19.56
C VAL K 240 -8.71 -9.37 -18.16
N SER K 241 -8.55 -10.26 -17.20
CA SER K 241 -8.64 -9.88 -15.80
C SER K 241 -7.21 -9.73 -15.33
N GLY K 242 -7.02 -9.00 -14.24
CA GLY K 242 -5.67 -8.76 -13.75
C GLY K 242 -5.07 -7.57 -14.46
N SER K 243 -4.01 -7.03 -13.87
CA SER K 243 -3.34 -5.88 -14.43
C SER K 243 -1.87 -5.89 -14.04
N GLY K 244 -1.36 -7.07 -13.70
CA GLY K 244 0.07 -7.25 -13.47
C GLY K 244 0.79 -7.58 -14.76
N ASN K 245 2.04 -8.01 -14.67
CA ASN K 245 2.86 -8.24 -15.84
C ASN K 245 2.27 -9.32 -16.76
N VAL K 246 1.61 -10.31 -16.18
CA VAL K 246 0.96 -11.32 -17.01
C VAL K 246 -0.16 -10.71 -17.85
N ALA K 247 -1.05 -9.99 -17.19
CA ALA K 247 -2.15 -9.34 -17.88
C ALA K 247 -1.65 -8.25 -18.84
N GLN K 248 -0.68 -7.45 -18.40
CA GLN K 248 -0.20 -6.35 -19.23
C GLN K 248 0.30 -6.82 -20.60
N TYR K 249 1.11 -7.87 -20.60
CA TYR K 249 1.72 -8.28 -21.85
C TYR K 249 0.87 -9.25 -22.66
N ALA K 250 -0.13 -9.84 -22.01
CA ALA K 250 -1.14 -10.58 -22.75
C ALA K 250 -1.93 -9.57 -23.57
N ILE K 251 -2.31 -8.47 -22.94
CA ILE K 251 -2.91 -7.34 -23.66
C ILE K 251 -2.01 -6.86 -24.81
N GLU K 252 -0.73 -6.63 -24.51
CA GLU K 252 0.21 -6.14 -25.53
C GLU K 252 0.18 -7.04 -26.76
N LYS K 253 0.41 -8.34 -26.53
CA LYS K 253 0.55 -9.28 -27.63
C LYS K 253 -0.77 -9.52 -28.36
N ALA K 254 -1.87 -9.55 -27.63
CA ALA K 254 -3.15 -9.77 -28.28
C ALA K 254 -3.47 -8.62 -29.22
N MET K 255 -3.10 -7.39 -28.83
CA MET K 255 -3.25 -6.22 -29.68
C MET K 255 -2.46 -6.34 -30.97
N GLU K 256 -1.32 -7.00 -30.91
CA GLU K 256 -0.50 -7.21 -32.09
C GLU K 256 -1.19 -8.16 -33.04
N PHE K 257 -2.03 -9.04 -32.49
CA PHE K 257 -2.69 -10.05 -33.31
C PHE K 257 -4.05 -9.59 -33.84
N GLY K 258 -4.39 -8.33 -33.61
CA GLY K 258 -5.58 -7.76 -34.22
C GLY K 258 -6.82 -7.84 -33.35
N ALA K 259 -6.62 -8.18 -32.09
CA ALA K 259 -7.69 -8.34 -31.13
C ALA K 259 -8.13 -7.00 -30.59
N ARG K 260 -9.41 -6.94 -30.21
CA ARG K 260 -9.95 -5.81 -29.48
C ARG K 260 -10.06 -6.19 -28.01
N VAL K 261 -9.09 -5.74 -27.19
CA VAL K 261 -9.04 -6.10 -25.79
C VAL K 261 -9.78 -5.03 -25.00
N ILE K 262 -10.86 -5.41 -24.33
CA ILE K 262 -11.79 -4.43 -23.79
C ILE K 262 -11.91 -4.38 -22.27
N THR K 263 -11.10 -5.17 -21.56
CA THR K 263 -11.06 -5.07 -20.09
C THR K 263 -9.67 -5.27 -19.48
N ALA K 264 -9.53 -4.75 -18.26
CA ALA K 264 -8.46 -5.12 -17.35
C ALA K 264 -9.04 -4.97 -15.95
N SER K 265 -8.35 -5.49 -14.94
CA SER K 265 -8.88 -5.38 -13.57
C SER K 265 -7.80 -5.52 -12.49
N ASP K 266 -8.13 -5.08 -11.29
CA ASP K 266 -7.33 -5.43 -10.12
C ASP K 266 -8.30 -5.88 -9.04
N SER K 267 -7.84 -5.96 -7.80
CA SER K 267 -8.66 -6.51 -6.75
C SER K 267 -9.85 -5.62 -6.39
N SER K 268 -9.80 -4.35 -6.78
CA SER K 268 -10.87 -3.39 -6.45
C SER K 268 -11.96 -3.29 -7.51
N GLY K 269 -11.64 -3.61 -8.76
CA GLY K 269 -12.63 -3.57 -9.81
C GLY K 269 -12.11 -3.66 -11.23
N THR K 270 -13.01 -3.45 -12.19
CA THR K 270 -12.70 -3.71 -13.60
C THR K 270 -12.84 -2.46 -14.46
N VAL K 271 -11.87 -2.21 -15.35
CA VAL K 271 -12.03 -1.16 -16.35
C VAL K 271 -12.60 -1.75 -17.65
N VAL K 272 -13.58 -1.06 -18.22
CA VAL K 272 -14.20 -1.52 -19.46
C VAL K 272 -13.94 -0.49 -20.56
N ASP K 273 -13.43 -0.96 -21.69
CA ASP K 273 -13.08 -0.07 -22.79
C ASP K 273 -13.46 -0.70 -24.14
N GLU K 274 -14.69 -0.47 -24.58
CA GLU K 274 -15.18 -1.13 -25.78
C GLU K 274 -14.46 -0.72 -27.06
N SER K 275 -13.94 0.51 -27.10
CA SER K 275 -13.06 0.91 -28.21
C SER K 275 -11.74 0.11 -28.20
N GLY K 276 -11.38 -0.45 -27.05
CA GLY K 276 -10.24 -1.36 -26.93
C GLY K 276 -8.92 -0.73 -26.52
N PHE K 277 -8.07 -1.51 -25.85
CA PHE K 277 -6.73 -1.05 -25.54
C PHE K 277 -5.93 -0.60 -26.77
N THR K 278 -5.05 0.39 -26.56
CA THR K 278 -4.03 0.78 -27.53
C THR K 278 -2.70 0.83 -26.80
N LYS K 279 -1.61 0.93 -27.56
CA LYS K 279 -0.26 1.01 -27.02
C LYS K 279 -0.13 2.19 -26.05
N GLU K 280 -0.75 3.30 -26.41
CA GLU K 280 -0.71 4.48 -25.57
C GLU K 280 -1.40 4.17 -24.24
N LYS K 281 -2.58 3.58 -24.33
CA LYS K 281 -3.37 3.22 -23.15
C LYS K 281 -2.67 2.18 -22.30
N LEU K 282 -2.21 1.10 -22.93
CA LEU K 282 -1.50 0.04 -22.19
C LEU K 282 -0.28 0.59 -21.46
N ALA K 283 0.50 1.42 -22.13
CA ALA K 283 1.72 1.95 -21.53
C ALA K 283 1.46 2.82 -20.29
N ARG K 284 0.34 3.53 -20.27
CA ARG K 284 0.02 4.33 -19.11
C ARG K 284 -0.52 3.45 -18.00
N LEU K 285 -1.18 2.35 -18.37
CA LEU K 285 -1.68 1.40 -17.38
C LEU K 285 -0.52 0.76 -16.65
N ILE K 286 0.53 0.46 -17.40
CA ILE K 286 1.71 -0.17 -16.84
C ILE K 286 2.35 0.75 -15.82
N GLU K 287 2.55 2.00 -16.22
CA GLU K 287 3.12 3.01 -15.35
C GLU K 287 2.28 3.24 -14.09
N ILE K 288 0.96 3.36 -14.24
CA ILE K 288 0.08 3.55 -13.07
C ILE K 288 0.22 2.39 -12.08
N LYS K 289 0.16 1.16 -12.58
CA LYS K 289 0.26 -0.03 -11.74
C LYS K 289 1.62 -0.18 -11.07
N SER K 290 2.63 0.48 -11.64
CA SER K 290 3.97 0.46 -11.06
C SER K 290 4.15 1.54 -9.99
N SER K 291 3.13 2.35 -9.78
CA SER K 291 3.20 3.29 -8.66
C SER K 291 2.79 2.54 -7.40
N ARG K 292 3.04 3.14 -6.25
CA ARG K 292 2.72 2.50 -4.98
C ARG K 292 1.20 2.33 -4.90
N ASP K 293 0.48 3.39 -5.17
CA ASP K 293 -0.97 3.41 -5.01
C ASP K 293 -1.72 2.81 -6.19
N GLY K 294 -1.04 2.71 -7.32
CA GLY K 294 -1.65 2.41 -8.61
C GLY K 294 -2.88 1.54 -8.67
N ARG K 295 -4.01 2.15 -9.00
CA ARG K 295 -5.26 1.43 -9.19
C ARG K 295 -5.73 1.53 -10.63
N VAL K 296 -6.34 0.44 -11.11
CA VAL K 296 -7.07 0.44 -12.36
C VAL K 296 -8.12 1.57 -12.37
N ALA K 297 -8.66 1.87 -11.19
CA ALA K 297 -9.60 2.97 -11.03
C ALA K 297 -9.03 4.30 -11.54
N ASP K 298 -7.75 4.54 -11.25
CA ASP K 298 -7.06 5.75 -11.69
C ASP K 298 -6.90 5.72 -13.21
N TYR K 299 -6.56 4.55 -13.75
CA TYR K 299 -6.44 4.39 -15.19
C TYR K 299 -7.75 4.70 -15.92
N ALA K 300 -8.83 4.08 -15.47
CA ALA K 300 -10.15 4.29 -16.03
C ALA K 300 -10.51 5.77 -16.10
N LYS K 301 -10.39 6.44 -14.96
CA LYS K 301 -10.67 7.88 -14.86
C LYS K 301 -9.84 8.67 -15.85
N GLU K 302 -8.54 8.38 -15.89
CA GLU K 302 -7.63 9.11 -16.77
C GLU K 302 -8.06 9.07 -18.23
N PHE K 303 -8.56 7.92 -18.69
CA PHE K 303 -8.91 7.80 -20.11
C PHE K 303 -10.41 7.91 -20.34
N GLY K 304 -11.12 8.38 -19.31
CA GLY K 304 -12.56 8.55 -19.40
C GLY K 304 -13.27 7.24 -19.67
N LEU K 305 -12.76 6.15 -19.12
CA LEU K 305 -13.31 4.83 -19.41
C LEU K 305 -14.28 4.38 -18.33
N VAL K 306 -15.08 3.36 -18.65
CA VAL K 306 -16.03 2.82 -17.69
C VAL K 306 -15.30 2.09 -16.56
N TYR K 307 -15.74 2.30 -15.32
CA TYR K 307 -15.13 1.57 -14.20
C TYR K 307 -16.20 0.87 -13.35
N LEU K 308 -16.09 -0.45 -13.27
CA LEU K 308 -17.06 -1.27 -12.55
C LEU K 308 -16.51 -1.67 -11.18
N GLU K 309 -16.77 -0.85 -10.17
CA GLU K 309 -16.16 -1.06 -8.87
C GLU K 309 -16.61 -2.36 -8.21
N GLY K 310 -15.65 -3.11 -7.69
CA GLY K 310 -15.92 -4.35 -7.02
C GLY K 310 -16.50 -5.42 -7.92
N GLN K 311 -16.26 -5.32 -9.22
CA GLN K 311 -16.70 -6.38 -10.13
C GLN K 311 -15.58 -6.91 -11.03
N GLN K 312 -15.75 -8.15 -11.48
CA GLN K 312 -14.88 -8.83 -12.44
C GLN K 312 -15.33 -8.52 -13.87
N PRO K 313 -14.54 -8.91 -14.88
CA PRO K 313 -14.96 -8.55 -16.25
C PRO K 313 -15.88 -9.56 -16.92
N TRP K 314 -16.32 -10.59 -16.20
CA TRP K 314 -16.95 -11.73 -16.86
C TRP K 314 -18.41 -11.61 -17.27
N SER K 315 -19.04 -10.49 -16.98
CA SER K 315 -20.42 -10.24 -17.43
C SER K 315 -20.39 -9.56 -18.78
N VAL K 316 -19.18 -9.21 -19.21
CA VAL K 316 -18.99 -8.58 -20.51
C VAL K 316 -18.91 -9.65 -21.60
N PRO K 317 -19.71 -9.48 -22.68
CA PRO K 317 -19.70 -10.43 -23.80
C PRO K 317 -18.39 -10.37 -24.58
N VAL K 318 -17.74 -11.52 -24.74
CA VAL K 318 -16.49 -11.56 -25.49
C VAL K 318 -16.36 -12.86 -26.27
N ASP K 319 -15.52 -12.84 -27.29
CA ASP K 319 -15.13 -14.04 -28.03
C ASP K 319 -14.16 -14.90 -27.22
N ILE K 320 -13.26 -14.25 -26.49
CA ILE K 320 -12.23 -14.97 -25.74
C ILE K 320 -11.93 -14.31 -24.40
N ALA K 321 -11.82 -15.17 -23.38
CA ALA K 321 -11.58 -14.71 -22.02
C ALA K 321 -10.20 -15.16 -21.55
N LEU K 322 -9.44 -14.23 -20.99
CA LEU K 322 -8.11 -14.56 -20.49
C LEU K 322 -7.95 -14.15 -19.03
N PRO K 323 -8.33 -15.04 -18.08
CA PRO K 323 -8.10 -14.79 -16.66
C PRO K 323 -6.61 -14.74 -16.31
N CYS K 324 -6.15 -13.56 -15.92
CA CYS K 324 -4.74 -13.37 -15.64
C CYS K 324 -4.48 -12.80 -14.24
N ALA K 325 -5.41 -13.02 -13.31
CA ALA K 325 -5.34 -12.42 -11.97
C ALA K 325 -4.97 -13.43 -10.89
N THR K 326 -5.90 -14.29 -10.52
CA THR K 326 -5.66 -15.18 -9.39
C THR K 326 -6.41 -16.50 -9.45
N GLN K 327 -6.06 -17.39 -8.51
CA GLN K 327 -6.73 -18.67 -8.38
C GLN K 327 -8.22 -18.47 -8.14
N ASN K 328 -9.04 -19.31 -8.77
CA ASN K 328 -10.50 -19.32 -8.56
C ASN K 328 -11.20 -18.00 -8.78
N GLU K 329 -10.66 -17.19 -9.69
CA GLU K 329 -11.24 -15.91 -10.04
C GLU K 329 -12.37 -16.10 -11.05
N LEU K 330 -12.47 -17.31 -11.59
CA LEU K 330 -13.50 -17.60 -12.59
C LEU K 330 -14.32 -18.83 -12.16
N ASP K 331 -15.49 -18.58 -11.59
CA ASP K 331 -16.36 -19.63 -11.05
C ASP K 331 -17.48 -19.98 -12.03
N VAL K 332 -18.32 -20.95 -11.66
CA VAL K 332 -19.38 -21.42 -12.55
C VAL K 332 -20.32 -20.31 -13.00
N ASP K 333 -20.60 -19.37 -12.09
CA ASP K 333 -21.54 -18.30 -12.39
C ASP K 333 -21.00 -17.37 -13.46
N ALA K 334 -19.73 -17.01 -13.35
CA ALA K 334 -19.12 -16.15 -14.35
C ALA K 334 -19.08 -16.91 -15.67
N ALA K 335 -18.83 -18.20 -15.58
CA ALA K 335 -18.75 -19.06 -16.74
C ALA K 335 -20.11 -19.24 -17.42
N HIS K 336 -21.20 -19.22 -16.65
CA HIS K 336 -22.53 -19.23 -17.24
C HIS K 336 -22.76 -17.98 -18.09
N GLN K 337 -22.43 -16.81 -17.53
CA GLN K 337 -22.53 -15.55 -18.27
C GLN K 337 -21.68 -15.61 -19.55
N LEU K 338 -20.37 -15.82 -19.40
CA LEU K 338 -19.46 -15.94 -20.54
C LEU K 338 -20.00 -16.83 -21.66
N ILE K 339 -20.54 -17.98 -21.31
CA ILE K 339 -21.13 -18.88 -22.28
C ILE K 339 -22.37 -18.28 -22.94
N ALA K 340 -23.26 -17.70 -22.13
CA ALA K 340 -24.48 -17.12 -22.67
C ALA K 340 -24.17 -16.06 -23.72
N ASN K 341 -23.15 -15.24 -23.49
CA ASN K 341 -22.87 -14.19 -24.48
C ASN K 341 -21.90 -14.58 -25.57
N GLY K 342 -21.66 -15.89 -25.69
CA GLY K 342 -21.04 -16.45 -26.87
C GLY K 342 -19.52 -16.56 -26.87
N VAL K 343 -18.93 -16.85 -25.71
CA VAL K 343 -17.48 -17.02 -25.64
C VAL K 343 -17.03 -18.27 -26.41
N LYS K 344 -15.93 -18.16 -27.14
CA LYS K 344 -15.46 -19.29 -27.97
C LYS K 344 -14.26 -19.99 -27.35
N ALA K 345 -13.56 -19.28 -26.48
CA ALA K 345 -12.34 -19.85 -25.92
C ALA K 345 -11.97 -19.15 -24.62
N VAL K 346 -11.37 -19.92 -23.71
CA VAL K 346 -10.89 -19.44 -22.42
C VAL K 346 -9.47 -20.00 -22.20
N ALA K 347 -8.54 -19.13 -21.85
CA ALA K 347 -7.15 -19.54 -21.64
C ALA K 347 -6.55 -18.87 -20.40
N GLU K 348 -5.77 -19.62 -19.64
CA GLU K 348 -5.31 -19.16 -18.32
C GLU K 348 -3.90 -18.58 -18.28
N GLY K 349 -3.80 -17.30 -17.94
CA GLY K 349 -2.50 -16.69 -17.72
C GLY K 349 -2.09 -16.82 -16.26
N ALA K 350 -3.09 -16.78 -15.36
CA ALA K 350 -2.81 -16.97 -13.94
C ALA K 350 -2.75 -18.46 -13.64
N ASN K 351 -2.38 -18.80 -12.42
CA ASN K 351 -2.38 -20.19 -12.00
C ASN K 351 -3.73 -20.61 -11.44
N MET K 352 -4.27 -21.69 -11.98
CA MET K 352 -5.62 -22.18 -11.63
C MET K 352 -6.71 -21.11 -11.46
N PRO K 353 -6.86 -20.20 -12.44
CA PRO K 353 -7.92 -19.18 -12.29
C PRO K 353 -9.33 -19.76 -12.36
N THR K 354 -9.49 -20.82 -13.14
CA THR K 354 -10.80 -21.39 -13.37
C THR K 354 -11.10 -22.49 -12.37
N THR K 355 -12.20 -22.36 -11.63
CA THR K 355 -12.62 -23.44 -10.72
C THR K 355 -12.88 -24.68 -11.54
N ILE K 356 -12.84 -25.83 -10.88
CA ILE K 356 -12.98 -27.10 -11.61
C ILE K 356 -14.39 -27.32 -12.17
N GLU K 357 -15.41 -26.76 -11.51
CA GLU K 357 -16.78 -26.91 -12.00
C GLU K 357 -17.05 -25.94 -13.15
N ALA K 358 -16.27 -24.87 -13.23
CA ALA K 358 -16.41 -23.94 -14.33
C ALA K 358 -15.70 -24.49 -15.58
N THR K 359 -14.58 -25.18 -15.34
CA THR K 359 -13.82 -25.79 -16.43
C THR K 359 -14.64 -26.87 -17.13
N GLU K 360 -15.23 -27.76 -16.32
CA GLU K 360 -16.14 -28.79 -16.82
C GLU K 360 -17.23 -28.20 -17.70
N LEU K 361 -17.93 -27.21 -17.16
CA LEU K 361 -18.99 -26.53 -17.86
C LEU K 361 -18.49 -25.92 -19.18
N PHE K 362 -17.27 -25.38 -19.17
CA PHE K 362 -16.65 -24.88 -20.38
C PHE K 362 -16.49 -25.99 -21.41
N GLN K 363 -15.91 -27.10 -21.01
CA GLN K 363 -15.72 -28.23 -21.92
C GLN K 363 -17.04 -28.79 -22.41
N GLN K 364 -18.01 -28.91 -21.51
CA GLN K 364 -19.32 -29.44 -21.86
C GLN K 364 -20.07 -28.56 -22.87
N ALA K 365 -19.78 -27.26 -22.88
CA ALA K 365 -20.51 -26.37 -23.77
C ALA K 365 -19.76 -26.14 -25.07
N GLY K 366 -18.62 -26.79 -25.21
CA GLY K 366 -17.87 -26.75 -26.45
C GLY K 366 -17.04 -25.51 -26.64
N VAL K 367 -16.69 -24.85 -25.53
CA VAL K 367 -15.73 -23.76 -25.61
C VAL K 367 -14.30 -24.26 -25.37
N LEU K 368 -13.38 -23.81 -26.22
CA LEU K 368 -11.96 -24.18 -26.10
C LEU K 368 -11.40 -23.75 -24.75
N PHE K 369 -10.70 -24.66 -24.08
CA PHE K 369 -10.13 -24.37 -22.78
C PHE K 369 -8.64 -24.72 -22.75
N ALA K 370 -7.81 -23.70 -22.62
CA ALA K 370 -6.36 -23.90 -22.44
C ALA K 370 -6.00 -23.75 -20.96
N PRO K 371 -5.65 -24.86 -20.30
CA PRO K 371 -5.29 -24.76 -18.89
C PRO K 371 -3.97 -24.02 -18.73
N GLY K 372 -3.83 -23.31 -17.63
CA GLY K 372 -2.60 -22.62 -17.29
C GLY K 372 -1.40 -23.55 -17.35
N LYS K 373 -1.60 -24.82 -16.99
CA LYS K 373 -0.51 -25.80 -16.97
C LYS K 373 0.32 -25.78 -18.26
N ALA K 374 -0.34 -25.47 -19.37
CA ALA K 374 0.34 -25.36 -20.67
C ALA K 374 0.43 -23.90 -21.12
N ALA K 375 -0.68 -23.19 -21.00
CA ALA K 375 -0.80 -21.86 -21.60
C ALA K 375 0.06 -20.77 -20.94
N ASN K 376 0.33 -20.92 -19.64
CA ASN K 376 1.15 -19.90 -18.97
C ASN K 376 2.64 -20.28 -18.85
N ALA K 377 3.06 -21.31 -19.58
CA ALA K 377 4.41 -21.84 -19.44
C ALA K 377 5.49 -20.98 -20.06
N GLY K 378 5.10 -19.86 -20.66
CA GLY K 378 6.05 -18.94 -21.26
C GLY K 378 7.08 -18.43 -20.26
N GLY K 379 6.68 -18.29 -19.01
CA GLY K 379 7.58 -17.83 -17.97
C GLY K 379 8.71 -18.82 -17.68
N VAL K 380 8.35 -20.07 -17.42
CA VAL K 380 9.36 -21.10 -17.18
C VAL K 380 10.13 -21.40 -18.47
N ALA K 381 9.46 -21.29 -19.61
CA ALA K 381 10.15 -21.48 -20.90
C ALA K 381 11.28 -20.47 -21.00
N THR K 382 10.98 -19.21 -20.72
CA THR K 382 11.96 -18.13 -20.82
C THR K 382 13.05 -18.20 -19.74
N SER K 383 12.74 -18.79 -18.59
CA SER K 383 13.78 -19.04 -17.59
C SER K 383 14.84 -19.97 -18.20
N GLY K 384 14.40 -20.91 -19.04
CA GLY K 384 15.29 -21.86 -19.70
C GLY K 384 16.13 -21.16 -20.76
N LEU K 385 15.50 -20.18 -21.40
CA LEU K 385 16.19 -19.33 -22.38
C LEU K 385 17.23 -18.48 -21.68
N GLU K 386 16.88 -18.03 -20.47
CA GLU K 386 17.82 -17.25 -19.66
C GLU K 386 19.06 -18.10 -19.33
N MET K 387 18.84 -19.35 -18.95
CA MET K 387 19.94 -20.29 -18.71
C MET K 387 20.79 -20.54 -19.98
N ALA K 388 20.12 -20.63 -21.13
CA ALA K 388 20.82 -20.88 -22.41
C ALA K 388 21.76 -19.72 -22.75
N GLN K 389 21.25 -18.50 -22.61
CA GLN K 389 22.06 -17.30 -22.86
C GLN K 389 23.26 -17.19 -21.92
N ASN K 390 23.05 -17.47 -20.63
CA ASN K 390 24.15 -17.45 -19.67
C ASN K 390 25.26 -18.48 -20.02
N ALA K 391 24.84 -19.69 -20.38
CA ALA K 391 25.79 -20.74 -20.80
C ALA K 391 26.55 -20.39 -22.06
N ALA K 392 25.89 -19.65 -22.94
CA ALA K 392 26.48 -19.23 -24.21
C ALA K 392 27.41 -18.05 -24.03
N ARG K 393 27.29 -17.38 -22.88
CA ARG K 393 28.07 -16.18 -22.58
C ARG K 393 27.75 -14.96 -23.47
N LEU K 394 26.55 -14.96 -24.07
CA LEU K 394 26.10 -13.90 -24.99
C LEU K 394 24.58 -13.74 -24.91
N GLY K 395 24.12 -12.52 -24.65
CA GLY K 395 22.69 -12.30 -24.52
C GLY K 395 22.06 -12.07 -25.88
N TRP K 396 20.79 -12.46 -26.01
CA TRP K 396 20.07 -12.33 -27.27
C TRP K 396 19.21 -11.06 -27.28
N LYS K 397 18.99 -10.50 -28.46
CA LYS K 397 18.12 -9.33 -28.58
C LYS K 397 16.69 -9.75 -28.24
N ALA K 398 15.84 -8.79 -27.90
CA ALA K 398 14.47 -9.09 -27.51
C ALA K 398 13.76 -9.94 -28.58
N GLU K 399 13.97 -9.57 -29.84
CA GLU K 399 13.33 -10.22 -30.97
C GLU K 399 13.71 -11.69 -31.04
N LYS K 400 14.93 -12.01 -30.65
CA LYS K 400 15.37 -13.40 -30.71
C LYS K 400 14.76 -14.21 -29.56
N VAL K 401 14.75 -13.66 -28.35
CA VAL K 401 14.13 -14.37 -27.24
C VAL K 401 12.65 -14.59 -27.58
N ASP K 402 12.00 -13.55 -28.05
CA ASP K 402 10.57 -13.59 -28.34
C ASP K 402 10.24 -14.66 -29.38
N ALA K 403 11.02 -14.71 -30.46
CA ALA K 403 10.82 -15.70 -31.51
C ALA K 403 11.00 -17.12 -30.96
N ARG K 404 12.03 -17.31 -30.16
CA ARG K 404 12.28 -18.61 -29.59
C ARG K 404 11.11 -19.03 -28.68
N LEU K 405 10.60 -18.09 -27.90
CA LEU K 405 9.48 -18.34 -27.03
C LEU K 405 8.24 -18.76 -27.83
N HIS K 406 8.02 -18.08 -28.94
CA HIS K 406 6.91 -18.40 -29.83
C HIS K 406 7.02 -19.84 -30.34
N HIS K 407 8.18 -20.22 -30.84
CA HIS K 407 8.39 -21.59 -31.31
C HIS K 407 8.13 -22.60 -30.19
N ILE K 408 8.61 -22.30 -28.98
CA ILE K 408 8.39 -23.21 -27.86
C ILE K 408 6.88 -23.37 -27.56
N MET K 409 6.16 -22.27 -27.49
CA MET K 409 4.72 -22.33 -27.23
C MET K 409 3.99 -23.15 -28.31
N LEU K 410 4.42 -23.03 -29.56
CA LEU K 410 3.85 -23.85 -30.63
C LEU K 410 4.12 -25.33 -30.40
N ASP K 411 5.33 -25.63 -29.93
CA ASP K 411 5.71 -27.01 -29.66
C ASP K 411 4.91 -27.58 -28.50
N ILE K 412 4.68 -26.75 -27.47
CA ILE K 412 3.85 -27.17 -26.35
C ILE K 412 2.45 -27.44 -26.87
N HIS K 413 1.95 -26.57 -27.74
CA HIS K 413 0.63 -26.76 -28.31
C HIS K 413 0.52 -28.05 -29.13
N HIS K 414 1.49 -28.31 -30.00
CA HIS K 414 1.47 -29.53 -30.80
C HIS K 414 1.44 -30.76 -29.90
N ALA K 415 2.24 -30.75 -28.84
CA ALA K 415 2.28 -31.85 -27.88
C ALA K 415 0.91 -32.09 -27.24
N CYS K 416 0.25 -31.01 -26.85
CA CYS K 416 -1.09 -31.13 -26.26
C CYS K 416 -2.09 -31.74 -27.23
N VAL K 417 -2.03 -31.30 -28.48
CA VAL K 417 -2.95 -31.80 -29.50
C VAL K 417 -2.73 -33.29 -29.69
N GLU K 418 -1.46 -33.72 -29.67
CA GLU K 418 -1.10 -35.12 -29.88
C GLU K 418 -1.81 -36.06 -28.93
N HIS K 419 -1.99 -35.64 -27.68
CA HIS K 419 -2.62 -36.49 -26.68
C HIS K 419 -3.97 -35.98 -26.20
N GLY K 420 -4.58 -35.07 -26.95
CA GLY K 420 -5.84 -34.46 -26.56
C GLY K 420 -7.09 -35.05 -27.17
N GLY K 421 -6.97 -36.25 -27.74
CA GLY K 421 -8.11 -36.97 -28.28
C GLY K 421 -8.56 -36.47 -29.63
N GLU K 422 -9.61 -37.07 -30.16
CA GLU K 422 -10.09 -36.74 -31.51
C GLU K 422 -11.51 -36.20 -31.47
N GLY K 423 -11.90 -35.69 -30.31
CA GLY K 423 -13.20 -35.04 -30.18
C GLY K 423 -13.26 -33.78 -31.03
N GLU K 424 -14.42 -33.13 -31.06
CA GLU K 424 -14.58 -31.91 -31.85
C GLU K 424 -13.58 -30.84 -31.45
N GLN K 425 -13.42 -30.67 -30.14
CA GLN K 425 -12.32 -29.85 -29.63
C GLN K 425 -11.23 -30.75 -29.07
N THR K 426 -9.98 -30.31 -29.21
CA THR K 426 -8.85 -30.94 -28.51
C THR K 426 -9.08 -30.76 -27.02
N ASN K 427 -8.88 -31.83 -26.24
CA ASN K 427 -8.91 -31.75 -24.79
C ASN K 427 -7.52 -31.41 -24.25
N TYR K 428 -7.31 -30.13 -23.95
CA TYR K 428 -6.00 -29.64 -23.56
C TYR K 428 -5.65 -29.99 -22.12
N VAL K 429 -6.66 -30.22 -21.30
CA VAL K 429 -6.43 -30.65 -19.92
C VAL K 429 -5.81 -32.04 -19.95
N GLN K 430 -6.44 -32.92 -20.71
CA GLN K 430 -5.94 -34.26 -20.94
C GLN K 430 -4.57 -34.19 -21.61
N GLY K 431 -4.52 -33.49 -22.74
CA GLY K 431 -3.32 -33.41 -23.55
C GLY K 431 -2.12 -32.87 -22.80
N ALA K 432 -2.32 -31.82 -22.01
CA ALA K 432 -1.23 -31.24 -21.23
C ALA K 432 -0.67 -32.26 -20.24
N ASN K 433 -1.57 -32.92 -19.50
CA ASN K 433 -1.13 -33.92 -18.52
C ASN K 433 -0.31 -35.06 -19.11
N ILE K 434 -0.83 -35.70 -20.16
CA ILE K 434 -0.14 -36.81 -20.82
C ILE K 434 1.22 -36.40 -21.32
N ALA K 435 1.25 -35.32 -22.10
CA ALA K 435 2.46 -34.83 -22.74
C ALA K 435 3.59 -34.63 -21.73
N GLY K 436 3.29 -33.95 -20.63
CA GLY K 436 4.29 -33.68 -19.61
C GLY K 436 4.82 -34.95 -19.00
N PHE K 437 3.93 -35.91 -18.79
CA PHE K 437 4.27 -37.19 -18.16
C PHE K 437 5.19 -38.04 -19.03
N VAL K 438 4.86 -38.12 -20.31
CA VAL K 438 5.55 -39.01 -21.24
C VAL K 438 7.04 -38.72 -21.34
N LYS K 439 7.42 -37.44 -21.38
CA LYS K 439 8.84 -37.13 -21.50
C LYS K 439 9.60 -37.39 -20.21
N VAL K 440 8.98 -37.12 -19.08
CA VAL K 440 9.58 -37.44 -17.79
C VAL K 440 9.72 -38.98 -17.71
N ALA K 441 8.63 -39.69 -17.97
CA ALA K 441 8.64 -41.15 -17.91
C ALA K 441 9.70 -41.78 -18.82
N ASP K 442 9.79 -41.29 -20.05
CA ASP K 442 10.77 -41.81 -21.00
C ASP K 442 12.20 -41.63 -20.48
N ALA K 443 12.50 -40.44 -20.00
CA ALA K 443 13.82 -40.16 -19.42
C ALA K 443 14.11 -41.05 -18.21
N MET K 444 13.16 -41.15 -17.29
CA MET K 444 13.32 -42.01 -16.11
C MET K 444 13.59 -43.45 -16.52
N LEU K 445 12.82 -43.94 -17.48
CA LEU K 445 12.95 -45.31 -17.94
C LEU K 445 14.34 -45.59 -18.51
N ALA K 446 14.85 -44.67 -19.31
CA ALA K 446 16.14 -44.89 -19.97
C ALA K 446 17.32 -44.83 -19.01
N GLN K 447 17.16 -44.11 -17.91
CA GLN K 447 18.30 -43.90 -17.00
C GLN K 447 18.45 -44.94 -15.89
N GLY K 448 17.61 -45.96 -15.91
CA GLY K 448 17.73 -47.11 -15.01
C GLY K 448 17.29 -46.88 -13.57
N VAL K 449 17.51 -47.87 -12.72
CA VAL K 449 17.13 -47.79 -11.30
C VAL K 449 18.10 -46.90 -10.51
N ILE K 450 17.67 -45.68 -10.22
CA ILE K 450 18.51 -44.71 -9.51
C ILE K 450 17.74 -43.93 -8.46
N SER L 9 41.82 -77.93 -9.45
CA SER L 9 41.19 -77.01 -8.51
C SER L 9 42.09 -75.80 -8.29
N LEU L 10 43.23 -76.01 -7.68
CA LEU L 10 44.22 -74.95 -7.55
C LEU L 10 44.70 -74.54 -8.94
N GLU L 11 45.17 -75.51 -9.72
CA GLU L 11 45.64 -75.25 -11.08
C GLU L 11 44.56 -74.55 -11.89
N SER L 12 43.32 -75.01 -11.71
CA SER L 12 42.15 -74.44 -12.39
C SER L 12 41.95 -72.97 -12.06
N PHE L 13 42.06 -72.62 -10.78
CA PHE L 13 41.93 -71.23 -10.37
C PHE L 13 43.04 -70.37 -10.97
N LEU L 14 44.28 -70.81 -10.80
CA LEU L 14 45.44 -70.04 -11.24
C LEU L 14 45.42 -69.71 -12.72
N ASN L 15 45.01 -70.67 -13.54
CA ASN L 15 45.05 -70.41 -14.96
C ASN L 15 43.84 -69.63 -15.49
N HIS L 16 42.71 -69.71 -14.78
CA HIS L 16 41.59 -68.78 -15.03
C HIS L 16 42.04 -67.33 -14.82
N VAL L 17 42.75 -67.09 -13.73
CA VAL L 17 43.19 -65.74 -13.39
C VAL L 17 44.26 -65.23 -14.36
N GLN L 18 45.14 -66.13 -14.83
CA GLN L 18 46.19 -65.72 -15.75
C GLN L 18 45.64 -65.28 -17.11
N LYS L 19 44.45 -65.76 -17.45
CA LYS L 19 43.80 -65.41 -18.72
C LYS L 19 43.72 -63.90 -18.98
N ARG L 20 43.56 -63.11 -17.92
CA ARG L 20 43.51 -61.66 -18.08
C ARG L 20 44.89 -61.06 -18.29
N ASP L 21 45.92 -61.77 -17.82
CA ASP L 21 47.29 -61.23 -17.81
C ASP L 21 48.29 -62.29 -18.29
N PRO L 22 48.07 -62.83 -19.51
CA PRO L 22 48.85 -64.00 -19.91
C PRO L 22 50.36 -63.75 -19.97
N ASN L 23 50.79 -62.50 -19.97
CA ASN L 23 52.24 -62.22 -19.97
C ASN L 23 52.81 -61.58 -18.71
N GLN L 24 52.00 -61.47 -17.65
CA GLN L 24 52.49 -60.96 -16.35
C GLN L 24 53.07 -62.11 -15.49
N THR L 25 54.30 -62.49 -15.78
CA THR L 25 54.93 -63.64 -15.15
C THR L 25 55.13 -63.50 -13.63
N GLU L 26 55.62 -62.33 -13.21
CA GLU L 26 55.86 -62.08 -11.80
C GLU L 26 54.55 -62.08 -11.01
N PHE L 27 53.50 -61.51 -11.58
CA PHE L 27 52.22 -61.50 -10.88
C PHE L 27 51.71 -62.92 -10.69
N ALA L 28 51.72 -63.71 -11.76
CA ALA L 28 51.22 -65.08 -11.73
C ALA L 28 51.93 -65.92 -10.67
N GLN L 29 53.23 -65.70 -10.53
CA GLN L 29 54.02 -66.47 -9.58
C GLN L 29 53.66 -66.03 -8.14
N ALA L 30 53.42 -64.74 -7.93
CA ALA L 30 52.94 -64.25 -6.64
C ALA L 30 51.59 -64.88 -6.29
N VAL L 31 50.63 -64.80 -7.20
CA VAL L 31 49.35 -65.45 -6.97
C VAL L 31 49.54 -66.95 -6.69
N ARG L 32 50.36 -67.61 -7.50
CA ARG L 32 50.55 -69.05 -7.34
C ARG L 32 51.06 -69.39 -5.94
N GLU L 33 52.11 -68.69 -5.52
CA GLU L 33 52.71 -68.90 -4.19
C GLU L 33 51.71 -68.72 -3.03
N VAL L 34 50.92 -67.66 -3.07
CA VAL L 34 49.96 -67.40 -2.00
C VAL L 34 48.84 -68.43 -1.95
N MET L 35 48.21 -68.68 -3.10
CA MET L 35 47.14 -69.67 -3.18
C MET L 35 47.59 -71.09 -2.82
N THR L 36 48.83 -71.44 -3.17
CA THR L 36 49.32 -72.80 -2.89
C THR L 36 49.30 -73.02 -1.38
N THR L 37 49.87 -72.07 -0.65
CA THR L 37 49.89 -72.10 0.80
C THR L 37 48.48 -72.05 1.38
N LEU L 38 47.63 -71.25 0.74
CA LEU L 38 46.29 -71.02 1.25
C LEU L 38 45.36 -72.19 1.02
N TRP L 39 45.61 -72.94 -0.05
CA TRP L 39 44.69 -74.00 -0.49
C TRP L 39 44.21 -75.00 0.56
N PRO L 40 45.13 -75.59 1.36
CA PRO L 40 44.64 -76.54 2.36
C PRO L 40 43.77 -75.86 3.43
N PHE L 41 44.17 -74.67 3.85
CA PHE L 41 43.41 -73.89 4.83
C PHE L 41 42.01 -73.58 4.30
N LEU L 42 41.93 -73.24 3.01
CA LEU L 42 40.65 -72.93 2.40
C LEU L 42 39.74 -74.15 2.30
N GLU L 43 40.34 -75.32 2.12
CA GLU L 43 39.58 -76.56 2.08
C GLU L 43 38.92 -76.82 3.43
N GLN L 44 39.57 -76.35 4.50
CA GLN L 44 39.08 -76.55 5.86
C GLN L 44 38.19 -75.41 6.33
N ASN L 45 38.26 -74.27 5.63
CA ASN L 45 37.45 -73.10 5.96
C ASN L 45 36.83 -72.46 4.72
N PRO L 46 35.82 -73.14 4.14
CA PRO L 46 35.17 -72.73 2.88
C PRO L 46 34.53 -71.34 2.98
N LYS L 47 34.24 -70.91 4.21
CA LYS L 47 33.77 -69.56 4.49
C LYS L 47 34.59 -68.48 3.76
N TYR L 48 35.88 -68.76 3.58
CA TYR L 48 36.81 -67.80 2.96
C TYR L 48 36.89 -67.93 1.45
N ARG L 49 36.10 -68.84 0.88
CA ARG L 49 36.05 -69.02 -0.56
C ARG L 49 34.72 -68.55 -1.10
N GLN L 50 33.81 -68.20 -0.19
CA GLN L 50 32.46 -67.82 -0.56
C GLN L 50 32.44 -66.38 -1.09
N MET L 51 31.39 -66.05 -1.84
CA MET L 51 31.17 -64.72 -2.38
C MET L 51 32.29 -64.35 -3.33
N SER L 52 32.75 -65.32 -4.11
CA SER L 52 33.83 -65.14 -5.06
C SER L 52 34.99 -64.34 -4.47
N LEU L 53 35.33 -64.63 -3.23
CA LEU L 53 36.31 -63.81 -2.53
C LEU L 53 37.69 -63.85 -3.18
N LEU L 54 38.13 -65.04 -3.60
CA LEU L 54 39.45 -65.17 -4.17
C LEU L 54 39.55 -64.44 -5.49
N GLU L 55 38.49 -64.52 -6.29
CA GLU L 55 38.40 -63.81 -7.55
C GLU L 55 38.52 -62.30 -7.34
N ARG L 56 37.86 -61.80 -6.31
CA ARG L 56 37.88 -60.39 -6.02
C ARG L 56 39.26 -59.99 -5.51
N LEU L 57 39.87 -60.91 -4.77
CA LEU L 57 41.12 -60.65 -4.09
C LEU L 57 42.28 -60.39 -5.06
N VAL L 58 42.30 -61.13 -6.17
CA VAL L 58 43.44 -61.10 -7.08
C VAL L 58 43.31 -60.02 -8.15
N GLU L 59 42.19 -59.32 -8.14
CA GLU L 59 42.00 -58.23 -9.09
C GLU L 59 42.14 -56.92 -8.34
N PRO L 60 43.16 -56.12 -8.70
CA PRO L 60 43.37 -54.86 -7.97
C PRO L 60 42.18 -53.90 -8.14
N GLU L 61 41.92 -53.10 -7.11
CA GLU L 61 40.77 -52.20 -7.14
C GLU L 61 40.91 -51.18 -8.27
N ARG L 62 42.08 -50.57 -8.38
CA ARG L 62 42.35 -49.73 -9.53
C ARG L 62 43.85 -49.57 -9.75
N VAL L 63 44.23 -49.42 -11.01
CA VAL L 63 45.60 -49.17 -11.42
C VAL L 63 45.57 -47.92 -12.28
N ILE L 64 46.40 -46.95 -11.94
CA ILE L 64 46.55 -45.77 -12.78
C ILE L 64 47.88 -45.88 -13.50
N GLN L 65 47.87 -46.05 -14.83
CA GLN L 65 49.10 -45.92 -15.62
C GLN L 65 49.12 -44.51 -16.20
N PHE L 66 50.25 -43.81 -16.14
CA PHE L 66 50.29 -42.45 -16.69
C PHE L 66 51.62 -42.03 -17.32
N ARG L 67 51.54 -41.06 -18.23
CA ARG L 67 52.69 -40.50 -18.89
C ARG L 67 53.42 -39.51 -17.98
N VAL L 68 54.75 -39.58 -17.97
CA VAL L 68 55.53 -38.56 -17.29
C VAL L 68 56.53 -37.95 -18.25
N VAL L 69 56.37 -36.67 -18.54
CA VAL L 69 57.24 -36.00 -19.49
C VAL L 69 58.11 -35.00 -18.73
N TRP L 70 59.42 -35.03 -18.98
CA TRP L 70 60.34 -34.18 -18.23
C TRP L 70 61.53 -33.77 -19.10
N VAL L 71 62.32 -32.81 -18.62
CA VAL L 71 63.45 -32.32 -19.39
C VAL L 71 64.78 -32.66 -18.70
N ASP L 72 65.68 -33.36 -19.41
CA ASP L 72 66.95 -33.75 -18.81
C ASP L 72 67.99 -32.63 -18.85
N ASP L 73 69.19 -32.91 -18.35
CA ASP L 73 70.21 -31.87 -18.26
C ASP L 73 70.75 -31.44 -19.61
N ARG L 74 70.48 -32.22 -20.65
CA ARG L 74 70.86 -31.83 -22.02
C ARG L 74 69.75 -31.04 -22.69
N ASN L 75 68.77 -30.59 -21.89
CA ASN L 75 67.58 -29.93 -22.45
C ASN L 75 66.83 -30.78 -23.48
N GLN L 76 66.87 -32.10 -23.30
CA GLN L 76 66.13 -32.97 -24.19
C GLN L 76 64.92 -33.48 -23.44
N VAL L 77 63.75 -33.41 -24.10
CA VAL L 77 62.51 -33.88 -23.49
C VAL L 77 62.49 -35.41 -23.42
N GLN L 78 62.20 -35.94 -22.23
CA GLN L 78 62.14 -37.39 -22.05
C GLN L 78 60.73 -37.81 -21.64
N VAL L 79 60.34 -39.03 -22.02
CA VAL L 79 59.02 -39.56 -21.69
C VAL L 79 59.18 -40.90 -21.00
N ASN L 80 58.62 -41.02 -19.81
CA ASN L 80 58.66 -42.27 -19.07
C ASN L 80 57.26 -42.68 -18.68
N ARG L 81 57.10 -43.93 -18.28
CA ARG L 81 55.81 -44.39 -17.83
C ARG L 81 55.85 -44.54 -16.32
N ALA L 82 54.78 -44.16 -15.66
CA ALA L 82 54.65 -44.43 -14.23
C ALA L 82 53.32 -45.09 -13.92
N TRP L 83 53.22 -45.64 -12.71
CA TRP L 83 52.01 -46.30 -12.25
C TRP L 83 51.80 -46.08 -10.77
N ARG L 84 50.53 -46.19 -10.36
CA ARG L 84 50.22 -46.47 -8.98
C ARG L 84 49.19 -47.61 -8.96
N VAL L 85 49.55 -48.74 -8.36
CA VAL L 85 48.62 -49.86 -8.23
C VAL L 85 47.98 -49.70 -6.88
N GLN L 86 46.68 -49.43 -6.87
CA GLN L 86 45.94 -49.31 -5.64
C GLN L 86 45.21 -50.64 -5.50
N PHE L 87 45.83 -51.58 -4.81
CA PHE L 87 45.39 -52.97 -4.88
C PHE L 87 44.22 -53.25 -3.97
N SER L 88 44.33 -52.87 -2.70
CA SER L 88 43.29 -53.17 -1.74
C SER L 88 43.14 -52.06 -0.72
N SER L 89 41.89 -51.70 -0.45
CA SER L 89 41.63 -50.72 0.59
C SER L 89 40.69 -51.36 1.60
N ALA L 90 40.72 -52.68 1.72
CA ALA L 90 39.77 -53.34 2.62
C ALA L 90 40.02 -52.91 4.07
N ILE L 91 41.29 -52.88 4.47
CA ILE L 91 41.67 -52.59 5.87
C ILE L 91 41.98 -51.11 6.11
N GLY L 92 42.41 -50.42 5.07
CA GLY L 92 42.69 -49.00 5.17
C GLY L 92 43.19 -48.46 3.84
N PRO L 93 43.76 -47.25 3.87
CA PRO L 93 44.24 -46.58 2.65
C PRO L 93 45.27 -47.42 1.92
N TYR L 94 45.30 -47.33 0.60
CA TYR L 94 46.35 -48.02 -0.14
C TYR L 94 47.69 -47.57 0.44
N LYS L 95 48.62 -48.50 0.59
CA LYS L 95 49.85 -48.21 1.28
C LYS L 95 50.96 -49.09 0.69
N GLY L 96 52.04 -48.47 0.24
CA GLY L 96 53.19 -49.21 -0.26
C GLY L 96 54.14 -48.30 -1.05
N GLY L 97 55.37 -48.75 -1.23
CA GLY L 97 56.39 -47.90 -1.80
C GLY L 97 56.27 -47.61 -3.29
N MET L 98 57.12 -46.69 -3.73
CA MET L 98 57.32 -46.34 -5.12
C MET L 98 58.73 -46.80 -5.51
N ARG L 99 58.85 -47.38 -6.70
CA ARG L 99 60.13 -47.88 -7.18
C ARG L 99 60.51 -47.27 -8.56
N PHE L 100 61.71 -46.69 -8.66
CA PHE L 100 62.15 -46.15 -9.95
C PHE L 100 63.27 -47.04 -10.45
N HIS L 101 62.98 -47.84 -11.47
CA HIS L 101 63.98 -48.73 -12.05
C HIS L 101 63.54 -49.09 -13.47
N PRO L 102 64.49 -49.17 -14.41
CA PRO L 102 64.17 -49.39 -15.84
C PRO L 102 63.44 -50.71 -16.09
N SER L 103 63.55 -51.64 -15.15
CA SER L 103 62.88 -52.93 -15.26
C SER L 103 61.42 -52.88 -14.75
N VAL L 104 61.03 -51.77 -14.13
CA VAL L 104 59.68 -51.67 -13.56
C VAL L 104 58.59 -51.83 -14.63
N ASN L 105 57.65 -52.74 -14.36
CA ASN L 105 56.44 -52.83 -15.19
C ASN L 105 55.21 -53.15 -14.34
N LEU L 106 54.06 -53.28 -14.99
CA LEU L 106 52.82 -53.53 -14.28
C LEU L 106 52.83 -54.88 -13.55
N SER L 107 53.32 -55.92 -14.22
CA SER L 107 53.44 -57.24 -13.62
C SER L 107 54.17 -57.17 -12.27
N ILE L 108 55.37 -56.57 -12.30
CA ILE L 108 56.18 -56.41 -11.10
C ILE L 108 55.45 -55.58 -10.04
N LEU L 109 54.92 -54.43 -10.42
CA LEU L 109 54.23 -53.59 -9.45
C LEU L 109 53.04 -54.29 -8.79
N LYS L 110 52.34 -55.13 -9.56
CA LYS L 110 51.18 -55.86 -9.05
C LYS L 110 51.62 -56.97 -8.12
N PHE L 111 52.69 -57.66 -8.51
CA PHE L 111 53.33 -58.64 -7.66
C PHE L 111 53.66 -57.98 -6.31
N LEU L 112 54.33 -56.84 -6.36
CA LEU L 112 54.68 -56.13 -5.13
C LEU L 112 53.46 -55.57 -4.37
N GLY L 113 52.46 -55.07 -5.09
CA GLY L 113 51.28 -54.47 -4.46
C GLY L 113 50.44 -55.50 -3.73
N PHE L 114 50.36 -56.68 -4.31
CA PHE L 114 49.66 -57.83 -3.75
C PHE L 114 50.35 -58.28 -2.46
N GLU L 115 51.68 -58.34 -2.50
CA GLU L 115 52.46 -58.69 -1.31
C GLU L 115 52.26 -57.67 -0.18
N GLN L 116 52.35 -56.38 -0.50
CA GLN L 116 52.15 -55.33 0.49
C GLN L 116 50.79 -55.42 1.16
N THR L 117 49.78 -55.83 0.40
CA THR L 117 48.43 -55.91 0.93
C THR L 117 48.44 -56.82 2.15
N PHE L 118 48.98 -58.02 1.98
CA PHE L 118 49.08 -58.99 3.08
C PHE L 118 50.07 -58.60 4.15
N LYS L 119 51.20 -58.01 3.77
CA LYS L 119 52.20 -57.66 4.78
C LYS L 119 51.67 -56.57 5.68
N ASN L 120 51.06 -55.55 5.07
CA ASN L 120 50.47 -54.44 5.82
C ASN L 120 49.41 -54.96 6.78
N ALA L 121 48.59 -55.89 6.30
CA ALA L 121 47.53 -56.46 7.14
C ALA L 121 48.10 -57.12 8.39
N LEU L 122 49.23 -57.80 8.23
CA LEU L 122 49.86 -58.53 9.32
C LEU L 122 50.28 -57.63 10.48
N THR L 123 50.59 -56.37 10.17
CA THR L 123 51.04 -55.44 11.22
C THR L 123 49.93 -55.10 12.21
N THR L 124 48.70 -55.49 11.90
CA THR L 124 47.49 -55.14 12.70
C THR L 124 47.12 -53.66 12.60
N LEU L 125 47.90 -52.90 11.82
CA LEU L 125 47.63 -51.48 11.61
C LEU L 125 46.62 -51.27 10.48
N PRO L 126 45.92 -50.11 10.49
CA PRO L 126 44.88 -49.86 9.48
C PRO L 126 45.47 -49.46 8.14
N MET L 127 46.07 -50.41 7.42
CA MET L 127 46.71 -50.08 6.15
C MET L 127 46.31 -51.09 5.09
N GLY L 128 45.97 -50.57 3.90
CA GLY L 128 45.66 -51.41 2.75
C GLY L 128 46.94 -51.75 2.02
N GLY L 129 46.81 -52.09 0.73
CA GLY L 129 47.98 -52.46 -0.06
C GLY L 129 48.06 -51.72 -1.38
N GLY L 130 49.26 -51.29 -1.71
CA GLY L 130 49.49 -50.56 -2.95
C GLY L 130 50.96 -50.58 -3.34
N LYS L 131 51.23 -50.19 -4.56
CA LYS L 131 52.61 -50.07 -5.00
C LYS L 131 52.61 -49.26 -6.27
N GLY L 132 53.69 -48.53 -6.49
CA GLY L 132 53.79 -47.70 -7.66
C GLY L 132 55.23 -47.57 -8.07
N GLY L 133 55.45 -46.83 -9.14
CA GLY L 133 56.79 -46.69 -9.67
C GLY L 133 56.84 -46.15 -11.08
N SER L 134 58.02 -46.27 -11.68
CA SER L 134 58.26 -45.76 -13.01
C SER L 134 59.47 -46.45 -13.63
N ASP L 135 59.46 -46.62 -14.94
CA ASP L 135 60.64 -47.15 -15.63
C ASP L 135 61.77 -46.11 -15.75
N PHE L 136 61.60 -44.95 -15.11
CA PHE L 136 62.66 -43.95 -15.01
C PHE L 136 63.87 -44.59 -14.31
N ASP L 137 65.05 -44.37 -14.89
CA ASP L 137 66.30 -44.90 -14.34
C ASP L 137 67.11 -43.79 -13.63
N PRO L 138 67.15 -43.83 -12.29
CA PRO L 138 67.87 -42.80 -11.52
C PRO L 138 69.40 -42.88 -11.67
N LYS L 139 69.91 -44.00 -12.16
CA LYS L 139 71.35 -44.18 -12.30
C LYS L 139 71.95 -43.12 -13.21
N GLY L 140 72.92 -42.38 -12.69
CA GLY L 140 73.62 -41.37 -13.47
C GLY L 140 72.87 -40.06 -13.60
N LYS L 141 71.71 -39.96 -12.95
CA LYS L 141 70.91 -38.74 -13.00
C LYS L 141 71.40 -37.71 -11.97
N SER L 142 71.31 -36.44 -12.35
CA SER L 142 71.68 -35.37 -11.44
C SER L 142 70.55 -35.13 -10.44
N GLU L 143 70.87 -34.46 -9.33
CA GLU L 143 69.82 -34.10 -8.38
C GLU L 143 68.69 -33.31 -9.07
N GLY L 144 69.05 -32.43 -9.99
CA GLY L 144 68.07 -31.63 -10.69
C GLY L 144 67.15 -32.48 -11.55
N GLU L 145 67.74 -33.47 -12.21
CA GLU L 145 66.97 -34.37 -13.06
C GLU L 145 65.99 -35.21 -12.26
N VAL L 146 66.45 -35.67 -11.09
CA VAL L 146 65.57 -36.46 -10.22
C VAL L 146 64.43 -35.61 -9.66
N MET L 147 64.77 -34.39 -9.25
CA MET L 147 63.78 -33.45 -8.72
C MET L 147 62.74 -33.14 -9.78
N ARG L 148 63.17 -32.74 -10.97
CA ARG L 148 62.24 -32.45 -12.05
C ARG L 148 61.40 -33.65 -12.44
N PHE L 149 61.98 -34.85 -12.38
CA PHE L 149 61.18 -36.06 -12.63
C PHE L 149 60.12 -36.31 -11.55
N CYS L 150 60.51 -36.17 -10.28
CA CYS L 150 59.56 -36.35 -9.17
C CYS L 150 58.42 -35.33 -9.23
N GLN L 151 58.73 -34.10 -9.61
CA GLN L 151 57.70 -33.09 -9.73
C GLN L 151 56.75 -33.37 -10.91
N ALA L 152 57.31 -33.76 -12.06
CA ALA L 152 56.50 -34.13 -13.22
C ALA L 152 55.61 -35.32 -12.90
N LEU L 153 56.15 -36.31 -12.19
CA LEU L 153 55.34 -37.45 -11.81
C LEU L 153 54.16 -37.02 -10.92
N MET L 154 54.44 -36.15 -9.95
CA MET L 154 53.42 -35.66 -9.02
C MET L 154 52.36 -34.74 -9.63
N THR L 155 52.67 -34.06 -10.73
CA THR L 155 51.64 -33.21 -11.35
C THR L 155 50.46 -34.05 -11.82
N GLU L 156 50.69 -35.34 -12.04
CA GLU L 156 49.57 -36.23 -12.29
C GLU L 156 49.14 -37.00 -11.04
N LEU L 157 50.12 -37.49 -10.28
CA LEU L 157 49.82 -38.47 -9.24
C LEU L 157 49.07 -37.87 -8.05
N TYR L 158 49.26 -36.57 -7.83
CA TYR L 158 48.75 -35.93 -6.62
C TYR L 158 47.23 -36.10 -6.48
N ARG L 159 46.52 -36.16 -7.61
CA ARG L 159 45.05 -36.23 -7.56
C ARG L 159 44.56 -37.59 -7.08
N HIS L 160 45.44 -38.58 -7.09
CA HIS L 160 45.05 -39.95 -6.77
C HIS L 160 45.39 -40.35 -5.34
N LEU L 161 46.13 -39.48 -4.64
CA LEU L 161 46.64 -39.78 -3.32
C LEU L 161 45.91 -39.02 -2.22
N GLY L 162 46.21 -39.35 -0.97
CA GLY L 162 45.60 -38.64 0.15
C GLY L 162 45.80 -39.37 1.47
N ALA L 163 45.76 -38.62 2.58
CA ALA L 163 46.05 -39.19 3.89
C ALA L 163 45.13 -40.33 4.27
N ASP L 164 43.92 -40.36 3.69
CA ASP L 164 42.96 -41.43 3.95
C ASP L 164 42.61 -42.16 2.65
N THR L 165 43.48 -42.03 1.65
CA THR L 165 43.20 -42.62 0.35
C THR L 165 44.35 -43.54 -0.08
N ASP L 166 45.53 -42.94 -0.21
CA ASP L 166 46.75 -43.68 -0.61
C ASP L 166 47.95 -42.94 -0.09
N VAL L 167 48.78 -43.63 0.70
CA VAL L 167 49.95 -43.03 1.31
C VAL L 167 51.19 -43.80 0.84
N PRO L 168 51.90 -43.27 -0.16
CA PRO L 168 53.05 -44.04 -0.63
C PRO L 168 54.29 -43.94 0.27
N ALA L 169 55.41 -44.44 -0.24
CA ALA L 169 56.66 -44.48 0.50
C ALA L 169 57.79 -44.77 -0.47
N GLY L 170 58.99 -45.00 0.06
CA GLY L 170 60.13 -45.30 -0.79
C GLY L 170 60.25 -46.77 -1.14
N ASP L 171 61.28 -47.08 -1.91
CA ASP L 171 61.63 -48.44 -2.31
C ASP L 171 62.86 -48.29 -3.21
N ILE L 172 63.22 -49.34 -3.95
CA ILE L 172 64.39 -49.25 -4.82
C ILE L 172 64.29 -48.04 -5.76
N GLY L 173 65.31 -47.18 -5.72
CA GLY L 173 65.37 -46.01 -6.58
C GLY L 173 64.67 -44.80 -5.98
N VAL L 174 64.02 -44.99 -4.83
CA VAL L 174 63.28 -43.92 -4.15
C VAL L 174 63.71 -43.87 -2.67
N GLY L 175 64.79 -43.15 -2.40
CA GLY L 175 65.23 -42.95 -1.03
C GLY L 175 64.54 -41.74 -0.40
N GLY L 176 65.08 -41.27 0.72
CA GLY L 176 64.50 -40.14 1.43
C GLY L 176 64.50 -38.87 0.60
N ARG L 177 65.47 -38.74 -0.30
CA ARG L 177 65.56 -37.57 -1.15
C ARG L 177 64.34 -37.47 -2.07
N GLU L 178 63.98 -38.58 -2.71
CA GLU L 178 62.87 -38.63 -3.65
C GLU L 178 61.52 -38.49 -2.95
N VAL L 179 61.39 -39.15 -1.79
CA VAL L 179 60.19 -39.00 -0.96
C VAL L 179 59.98 -37.53 -0.62
N GLY L 180 61.06 -36.85 -0.25
CA GLY L 180 61.01 -35.43 0.04
C GLY L 180 60.51 -34.59 -1.13
N PHE L 181 61.02 -34.88 -2.33
CA PHE L 181 60.62 -34.15 -3.53
C PHE L 181 59.15 -34.38 -3.84
N MET L 182 58.73 -35.64 -3.77
CA MET L 182 57.35 -35.99 -4.06
C MET L 182 56.40 -35.42 -3.02
N ALA L 183 56.78 -35.49 -1.74
CA ALA L 183 55.92 -34.96 -0.69
C ALA L 183 55.79 -33.43 -0.80
N GLY L 184 56.90 -32.76 -1.12
CA GLY L 184 56.90 -31.32 -1.34
C GLY L 184 55.92 -30.91 -2.41
N MET L 185 55.96 -31.61 -3.54
CA MET L 185 55.08 -31.26 -4.66
C MET L 185 53.62 -31.60 -4.33
N MET L 186 53.40 -32.71 -3.63
CA MET L 186 52.06 -33.06 -3.18
C MET L 186 51.47 -31.94 -2.34
N LYS L 187 52.23 -31.49 -1.34
CA LYS L 187 51.80 -30.43 -0.45
C LYS L 187 51.52 -29.15 -1.23
N LYS L 188 52.42 -28.82 -2.17
CA LYS L 188 52.29 -27.62 -2.96
C LYS L 188 51.02 -27.64 -3.79
N LEU L 189 50.78 -28.74 -4.49
CA LEU L 189 49.66 -28.81 -5.42
C LEU L 189 48.32 -28.90 -4.65
N SER L 190 48.33 -29.64 -3.55
CA SER L 190 47.11 -29.86 -2.76
C SER L 190 46.80 -28.74 -1.74
N ASN L 191 47.76 -27.86 -1.47
CA ASN L 191 47.64 -26.88 -0.39
C ASN L 191 47.17 -27.55 0.92
N ASN L 192 47.74 -28.73 1.19
CA ASN L 192 47.35 -29.56 2.32
C ASN L 192 48.58 -30.29 2.86
N THR L 193 48.81 -30.19 4.17
CA THR L 193 50.04 -30.69 4.78
C THR L 193 49.89 -32.05 5.48
N ALA L 194 48.79 -32.76 5.22
CA ALA L 194 48.56 -34.04 5.87
C ALA L 194 49.54 -35.12 5.39
N CYS L 195 49.68 -36.19 6.17
CA CYS L 195 50.61 -37.26 5.83
C CYS L 195 50.18 -38.05 4.59
N VAL L 196 50.82 -37.77 3.45
CA VAL L 196 50.52 -38.49 2.21
C VAL L 196 51.70 -39.41 1.87
N PHE L 197 52.87 -39.09 2.42
CA PHE L 197 54.04 -39.97 2.26
C PHE L 197 54.64 -40.38 3.61
N THR L 198 55.12 -41.62 3.69
CA THR L 198 55.93 -42.01 4.83
C THR L 198 57.41 -42.14 4.39
N GLY L 199 58.29 -42.24 5.37
CA GLY L 199 59.72 -42.20 5.12
C GLY L 199 60.19 -40.77 4.96
N LYS L 200 59.43 -39.84 5.55
CA LYS L 200 59.80 -38.44 5.51
C LYS L 200 61.00 -38.19 6.44
N GLY L 201 61.72 -37.09 6.22
CA GLY L 201 62.81 -36.72 7.10
C GLY L 201 62.26 -36.10 8.38
N LEU L 202 63.08 -36.05 9.42
CA LEU L 202 62.62 -35.57 10.73
C LEU L 202 62.15 -34.10 10.68
N SER L 203 62.64 -33.32 9.73
CA SER L 203 62.30 -31.90 9.70
C SER L 203 60.87 -31.65 9.25
N PHE L 204 60.25 -32.61 8.55
CA PHE L 204 58.91 -32.42 8.04
C PHE L 204 57.93 -33.60 8.28
N GLY L 205 57.99 -34.17 9.47
CA GLY L 205 57.00 -35.13 9.90
C GLY L 205 57.46 -36.58 10.00
N GLY L 206 58.75 -36.82 9.78
CA GLY L 206 59.28 -38.18 9.81
C GLY L 206 59.29 -38.77 11.19
N SER L 207 59.57 -40.07 11.30
CA SER L 207 59.54 -40.74 12.62
C SER L 207 60.90 -41.22 13.10
N LEU L 208 61.17 -41.03 14.39
CA LEU L 208 62.31 -41.68 15.02
C LEU L 208 62.11 -43.20 14.90
N ILE L 209 63.21 -43.92 14.80
CA ILE L 209 63.22 -45.38 14.73
C ILE L 209 63.02 -45.90 13.30
N ARG L 210 62.63 -45.03 12.38
CA ARG L 210 62.51 -45.47 10.99
C ARG L 210 63.77 -46.13 10.42
N PRO L 211 64.95 -45.54 10.68
CA PRO L 211 66.15 -46.22 10.17
C PRO L 211 66.35 -47.60 10.82
N GLU L 212 66.08 -47.69 12.12
CA GLU L 212 66.32 -48.92 12.89
C GLU L 212 65.23 -49.98 12.73
N ALA L 213 64.10 -49.57 12.16
CA ALA L 213 62.86 -50.33 12.21
C ALA L 213 62.95 -51.78 11.77
N THR L 214 63.49 -52.00 10.58
CA THR L 214 63.46 -53.30 9.95
C THR L 214 64.39 -54.27 10.67
N GLY L 215 65.59 -53.79 11.01
CA GLY L 215 66.54 -54.60 11.72
C GLY L 215 66.12 -54.93 13.15
N TYR L 216 65.60 -53.92 13.84
CA TYR L 216 65.09 -54.10 15.21
C TYR L 216 63.96 -55.12 15.22
N GLY L 217 63.00 -54.91 14.31
CA GLY L 217 61.84 -55.77 14.18
C GLY L 217 62.23 -57.20 13.88
N LEU L 218 63.25 -57.37 13.04
CA LEU L 218 63.80 -58.67 12.70
C LEU L 218 64.26 -59.45 13.95
N VAL L 219 64.99 -58.77 14.83
CA VAL L 219 65.46 -59.38 16.07
C VAL L 219 64.29 -59.61 17.05
N TYR L 220 63.34 -58.67 17.07
CA TYR L 220 62.18 -58.87 17.93
C TYR L 220 61.42 -60.14 17.52
N PHE L 221 61.11 -60.27 16.23
CA PHE L 221 60.39 -61.44 15.75
C PHE L 221 61.18 -62.72 16.04
N THR L 222 62.45 -62.72 15.67
CA THR L 222 63.29 -63.90 15.83
C THR L 222 63.41 -64.33 17.28
N GLU L 223 63.47 -63.36 18.19
CA GLU L 223 63.58 -63.68 19.61
C GLU L 223 62.30 -64.35 20.10
N ALA L 224 61.15 -63.88 19.62
CA ALA L 224 59.87 -64.52 19.94
C ALA L 224 59.86 -65.96 19.44
N MET L 225 60.28 -66.16 18.20
CA MET L 225 60.38 -67.48 17.58
C MET L 225 61.30 -68.41 18.36
N LEU L 226 62.47 -67.89 18.71
CA LEU L 226 63.45 -68.64 19.48
C LEU L 226 62.82 -69.07 20.80
N LYS L 227 62.40 -68.09 21.59
CA LYS L 227 61.74 -68.33 22.88
C LYS L 227 60.63 -69.38 22.83
N ARG L 228 59.79 -69.33 21.78
CA ARG L 228 58.70 -70.30 21.67
C ARG L 228 59.26 -71.71 21.52
N HIS L 229 60.42 -71.83 20.90
CA HIS L 229 61.03 -73.14 20.68
C HIS L 229 62.19 -73.43 21.63
N GLY L 230 62.12 -72.87 22.83
CA GLY L 230 63.07 -73.16 23.90
C GLY L 230 64.44 -72.56 23.70
N MET L 231 64.53 -71.48 22.94
CA MET L 231 65.83 -70.85 22.65
C MET L 231 65.77 -69.33 22.78
N GLY L 232 66.89 -68.66 22.50
CA GLY L 232 66.96 -67.20 22.58
C GLY L 232 68.29 -66.73 22.01
N PHE L 233 68.43 -65.43 21.79
CA PHE L 233 69.67 -64.88 21.23
C PHE L 233 70.87 -64.99 22.18
N GLU L 234 70.59 -64.97 23.48
CA GLU L 234 71.64 -65.05 24.49
C GLU L 234 72.71 -66.07 24.16
N GLY L 235 73.95 -65.60 24.05
CA GLY L 235 75.11 -66.45 23.84
C GLY L 235 75.17 -67.22 22.53
N MET L 236 74.33 -66.85 21.58
CA MET L 236 74.32 -67.52 20.29
C MET L 236 75.28 -66.83 19.32
N ARG L 237 75.96 -67.60 18.47
CA ARG L 237 76.72 -67.02 17.37
C ARG L 237 75.79 -66.67 16.22
N VAL L 238 75.85 -65.41 15.78
CA VAL L 238 74.97 -64.91 14.73
C VAL L 238 75.76 -64.35 13.54
N SER L 239 75.42 -64.79 12.33
CA SER L 239 76.02 -64.21 11.14
C SER L 239 75.02 -63.30 10.46
N VAL L 240 75.46 -62.08 10.16
CA VAL L 240 74.65 -61.12 9.45
C VAL L 240 75.26 -60.84 8.09
N SER L 241 74.44 -60.83 7.05
CA SER L 241 74.90 -60.43 5.73
C SER L 241 74.37 -59.05 5.45
N GLY L 242 75.11 -58.29 4.65
CA GLY L 242 74.76 -56.91 4.41
C GLY L 242 75.39 -55.96 5.41
N SER L 243 75.24 -54.67 5.16
CA SER L 243 75.84 -53.64 6.00
C SER L 243 75.13 -52.30 5.81
N GLY L 244 73.89 -52.35 5.34
CA GLY L 244 73.03 -51.18 5.26
C GLY L 244 72.20 -51.08 6.53
N ASN L 245 71.22 -50.19 6.55
CA ASN L 245 70.51 -49.92 7.81
C ASN L 245 69.81 -51.14 8.39
N VAL L 246 69.35 -52.04 7.52
CA VAL L 246 68.74 -53.28 7.98
C VAL L 246 69.76 -54.13 8.76
N ALA L 247 70.90 -54.42 8.14
CA ALA L 247 71.95 -55.19 8.80
C ALA L 247 72.49 -54.48 10.05
N GLN L 248 72.74 -53.19 9.93
CA GLN L 248 73.31 -52.43 11.04
C GLN L 248 72.49 -52.55 12.31
N TYR L 249 71.19 -52.29 12.20
CA TYR L 249 70.38 -52.26 13.40
C TYR L 249 69.90 -53.64 13.87
N ALA L 250 69.92 -54.62 12.97
CA ALA L 250 69.82 -56.03 13.39
C ALA L 250 71.01 -56.38 14.28
N ILE L 251 72.20 -55.94 13.88
CA ILE L 251 73.40 -56.16 14.70
C ILE L 251 73.18 -55.49 16.06
N GLU L 252 72.79 -54.22 16.03
CA GLU L 252 72.59 -53.46 17.27
C GLU L 252 71.63 -54.12 18.23
N LYS L 253 70.48 -54.55 17.73
CA LYS L 253 69.48 -55.14 18.60
C LYS L 253 69.89 -56.54 19.06
N ALA L 254 70.50 -57.31 18.17
CA ALA L 254 70.96 -58.65 18.55
C ALA L 254 71.98 -58.58 19.70
N MET L 255 72.87 -57.58 19.66
CA MET L 255 73.84 -57.39 20.76
C MET L 255 73.13 -57.13 22.09
N GLU L 256 72.09 -56.30 22.06
CA GLU L 256 71.31 -56.01 23.27
C GLU L 256 70.78 -57.29 23.92
N PHE L 257 70.33 -58.22 23.10
CA PHE L 257 69.79 -59.50 23.59
C PHE L 257 70.91 -60.47 24.02
N GLY L 258 72.16 -60.07 23.82
CA GLY L 258 73.30 -60.81 24.33
C GLY L 258 73.89 -61.78 23.33
N ALA L 259 73.62 -61.54 22.05
CA ALA L 259 74.15 -62.42 21.01
C ALA L 259 75.61 -62.10 20.70
N ARG L 260 76.30 -63.08 20.11
CA ARG L 260 77.65 -62.86 19.62
C ARG L 260 77.64 -62.77 18.09
N VAL L 261 77.53 -61.54 17.58
CA VAL L 261 77.38 -61.32 16.15
C VAL L 261 78.74 -61.27 15.49
N ILE L 262 79.04 -62.21 14.61
CA ILE L 262 80.41 -62.37 14.16
C ILE L 262 80.69 -62.03 12.69
N THR L 263 79.67 -61.59 11.95
CA THR L 263 79.88 -61.21 10.54
C THR L 263 79.04 -60.02 10.12
N ALA L 264 79.53 -59.34 9.09
CA ALA L 264 78.76 -58.37 8.30
C ALA L 264 79.41 -58.34 6.92
N SER L 265 78.72 -57.79 5.90
CA SER L 265 79.29 -57.82 4.55
C SER L 265 78.73 -56.77 3.59
N ASP L 266 79.42 -56.56 2.48
CA ASP L 266 78.85 -55.83 1.37
C ASP L 266 79.03 -56.62 0.07
N SER L 267 78.66 -56.03 -1.06
CA SER L 267 78.81 -56.72 -2.34
C SER L 267 80.26 -57.17 -2.64
N SER L 268 81.22 -56.57 -1.96
CA SER L 268 82.64 -56.84 -2.23
C SER L 268 83.24 -57.89 -1.31
N GLY L 269 82.58 -58.17 -0.19
CA GLY L 269 83.07 -59.21 0.69
C GLY L 269 82.57 -59.15 2.11
N THR L 270 82.99 -60.11 2.91
CA THR L 270 82.46 -60.33 4.25
C THR L 270 83.53 -60.09 5.32
N VAL L 271 83.15 -59.39 6.39
CA VAL L 271 84.03 -59.30 7.56
C VAL L 271 83.69 -60.39 8.60
N VAL L 272 84.73 -61.01 9.17
CA VAL L 272 84.56 -62.04 10.18
C VAL L 272 85.23 -61.60 11.48
N ASP L 273 84.49 -61.71 12.58
CA ASP L 273 85.00 -61.30 13.88
C ASP L 273 84.45 -62.28 14.90
N GLU L 274 85.18 -63.36 15.17
CA GLU L 274 84.67 -64.37 16.09
C GLU L 274 84.53 -63.84 17.52
N SER L 275 85.22 -62.75 17.81
CA SER L 275 85.09 -62.04 19.08
C SER L 275 83.79 -61.23 19.23
N GLY L 276 83.14 -60.92 18.12
CA GLY L 276 81.81 -60.32 18.15
C GLY L 276 81.77 -58.81 18.07
N PHE L 277 80.74 -58.28 17.41
CA PHE L 277 80.53 -56.83 17.36
C PHE L 277 80.34 -56.25 18.77
N THR L 278 80.82 -55.03 18.97
CA THR L 278 80.50 -54.24 20.14
C THR L 278 79.85 -52.95 19.66
N LYS L 279 79.38 -52.13 20.59
CA LYS L 279 78.78 -50.84 20.24
C LYS L 279 79.77 -49.93 19.55
N GLU L 280 81.00 -49.92 20.05
CA GLU L 280 82.06 -49.11 19.44
C GLU L 280 82.35 -49.56 18.02
N LYS L 281 82.50 -50.87 17.83
CA LYS L 281 82.71 -51.42 16.50
C LYS L 281 81.56 -51.12 15.53
N LEU L 282 80.33 -51.38 15.97
CA LEU L 282 79.18 -51.12 15.11
C LEU L 282 79.07 -49.65 14.70
N ALA L 283 79.33 -48.76 15.66
CA ALA L 283 79.23 -47.32 15.41
C ALA L 283 80.17 -46.87 14.28
N ARG L 284 81.37 -47.44 14.26
CA ARG L 284 82.35 -47.10 13.24
C ARG L 284 81.95 -47.65 11.88
N LEU L 285 81.48 -48.88 11.86
CA LEU L 285 80.96 -49.47 10.63
C LEU L 285 79.87 -48.60 10.02
N ILE L 286 78.95 -48.14 10.88
CA ILE L 286 77.88 -47.23 10.47
C ILE L 286 78.40 -45.94 9.84
N GLU L 287 79.34 -45.29 10.52
CA GLU L 287 80.02 -44.13 9.95
C GLU L 287 80.65 -44.44 8.59
N ILE L 288 81.40 -45.54 8.53
CA ILE L 288 82.07 -45.93 7.28
C ILE L 288 81.08 -46.12 6.11
N LYS L 289 80.02 -46.90 6.33
CA LYS L 289 79.04 -47.18 5.29
C LYS L 289 78.11 -46.02 4.96
N SER L 290 78.13 -44.95 5.75
CA SER L 290 77.29 -43.80 5.43
C SER L 290 78.03 -42.87 4.47
N SER L 291 79.35 -42.99 4.44
CA SER L 291 80.18 -42.22 3.50
C SER L 291 79.96 -42.77 2.09
N ARG L 292 80.33 -41.98 1.09
CA ARG L 292 80.08 -42.34 -0.31
C ARG L 292 80.71 -43.68 -0.74
N ASP L 293 82.01 -43.85 -0.52
CA ASP L 293 82.71 -45.06 -0.98
C ASP L 293 83.11 -46.03 0.14
N GLY L 294 82.54 -45.87 1.32
CA GLY L 294 82.90 -46.69 2.46
C GLY L 294 82.65 -48.18 2.22
N ARG L 295 83.67 -49.00 2.48
CA ARG L 295 83.54 -50.44 2.29
C ARG L 295 83.77 -51.21 3.59
N VAL L 296 83.15 -52.38 3.69
CA VAL L 296 83.38 -53.29 4.81
C VAL L 296 84.87 -53.63 4.93
N ALA L 297 85.57 -53.62 3.80
CA ALA L 297 87.00 -53.90 3.78
C ALA L 297 87.77 -52.89 4.63
N ASP L 298 87.34 -51.63 4.55
CA ASP L 298 87.94 -50.55 5.34
C ASP L 298 87.67 -50.76 6.82
N TYR L 299 86.45 -51.16 7.16
CA TYR L 299 86.10 -51.46 8.54
C TYR L 299 86.94 -52.61 9.11
N ALA L 300 87.15 -53.64 8.30
CA ALA L 300 87.93 -54.80 8.71
C ALA L 300 89.40 -54.45 9.01
N LYS L 301 89.99 -53.61 8.17
CA LYS L 301 91.37 -53.17 8.40
C LYS L 301 91.48 -52.33 9.65
N GLU L 302 90.52 -51.45 9.87
CA GLU L 302 90.63 -50.55 11.02
C GLU L 302 90.70 -51.34 12.32
N PHE L 303 89.97 -52.45 12.38
CA PHE L 303 89.95 -53.26 13.59
C PHE L 303 90.79 -54.53 13.50
N GLY L 304 91.59 -54.64 12.44
CA GLY L 304 92.41 -55.81 12.21
C GLY L 304 91.61 -57.10 12.18
N LEU L 305 90.52 -57.11 11.44
CA LEU L 305 89.61 -58.25 11.43
C LEU L 305 89.76 -59.04 10.14
N VAL L 306 89.48 -60.34 10.22
CA VAL L 306 89.48 -61.19 9.03
C VAL L 306 88.49 -60.65 7.99
N TYR L 307 88.94 -60.57 6.75
CA TYR L 307 88.10 -60.12 5.64
C TYR L 307 88.14 -61.16 4.55
N LEU L 308 86.97 -61.56 4.06
CA LEU L 308 86.87 -62.56 3.00
C LEU L 308 86.40 -61.91 1.70
N GLU L 309 87.35 -61.48 0.89
CA GLU L 309 87.05 -60.85 -0.40
C GLU L 309 86.21 -61.75 -1.30
N GLY L 310 85.17 -61.16 -1.92
CA GLY L 310 84.28 -61.88 -2.80
C GLY L 310 83.52 -63.03 -2.17
N GLN L 311 83.40 -63.03 -0.84
CA GLN L 311 82.73 -64.12 -0.13
C GLN L 311 81.58 -63.66 0.77
N GLN L 312 80.67 -64.60 1.04
CA GLN L 312 79.48 -64.38 1.87
C GLN L 312 79.72 -64.94 3.27
N PRO L 313 78.84 -64.62 4.24
CA PRO L 313 79.09 -65.11 5.59
C PRO L 313 78.73 -66.57 5.83
N TRP L 314 78.18 -67.26 4.83
CA TRP L 314 77.48 -68.51 5.08
C TRP L 314 78.35 -69.75 5.33
N SER L 315 79.68 -69.59 5.24
CA SER L 315 80.58 -70.69 5.54
C SER L 315 81.00 -70.70 7.01
N VAL L 316 80.68 -69.62 7.72
CA VAL L 316 80.98 -69.53 9.14
C VAL L 316 79.91 -70.22 9.99
N PRO L 317 80.33 -71.17 10.84
CA PRO L 317 79.39 -71.92 11.69
C PRO L 317 78.69 -71.01 12.70
N VAL L 318 77.36 -70.95 12.65
CA VAL L 318 76.58 -70.12 13.57
C VAL L 318 75.38 -70.86 14.11
N ASP L 319 74.76 -70.29 15.13
CA ASP L 319 73.49 -70.79 15.63
C ASP L 319 72.33 -70.13 14.87
N ILE L 320 72.54 -68.88 14.45
CA ILE L 320 71.49 -68.09 13.80
C ILE L 320 72.02 -67.38 12.55
N ALA L 321 71.28 -67.46 11.44
CA ALA L 321 71.67 -66.78 10.22
C ALA L 321 70.66 -65.70 9.85
N LEU L 322 71.12 -64.47 9.65
CA LEU L 322 70.23 -63.34 9.34
C LEU L 322 70.61 -62.65 8.05
N PRO L 323 70.06 -63.12 6.91
CA PRO L 323 70.35 -62.49 5.62
C PRO L 323 69.69 -61.12 5.53
N CYS L 324 70.51 -60.08 5.42
CA CYS L 324 70.01 -58.71 5.41
C CYS L 324 70.61 -57.95 4.24
N ALA L 325 70.98 -58.66 3.19
CA ALA L 325 71.63 -58.02 2.04
C ALA L 325 70.66 -57.82 0.86
N THR L 326 70.27 -58.90 0.20
CA THR L 326 69.53 -58.78 -1.05
C THR L 326 68.90 -60.10 -1.49
N GLN L 327 67.93 -60.00 -2.40
CA GLN L 327 67.20 -61.17 -2.90
C GLN L 327 68.14 -62.25 -3.46
N ASN L 328 67.84 -63.50 -3.13
CA ASN L 328 68.59 -64.67 -3.60
C ASN L 328 70.05 -64.74 -3.16
N GLU L 329 70.35 -64.20 -1.99
CA GLU L 329 71.70 -64.20 -1.45
C GLU L 329 72.03 -65.47 -0.69
N LEU L 330 71.04 -66.33 -0.48
CA LEU L 330 71.26 -67.57 0.25
C LEU L 330 70.66 -68.75 -0.50
N ASP L 331 71.50 -69.49 -1.24
CA ASP L 331 71.03 -70.65 -1.98
C ASP L 331 71.25 -71.97 -1.23
N VAL L 332 71.02 -73.08 -1.91
CA VAL L 332 71.12 -74.41 -1.33
C VAL L 332 72.53 -74.78 -0.87
N ASP L 333 73.53 -74.39 -1.65
CA ASP L 333 74.92 -74.61 -1.27
C ASP L 333 75.21 -73.94 0.07
N ALA L 334 74.78 -72.69 0.21
CA ALA L 334 74.93 -72.00 1.48
C ALA L 334 74.10 -72.71 2.54
N ALA L 335 72.86 -73.03 2.18
CA ALA L 335 71.97 -73.80 3.06
C ALA L 335 72.63 -75.09 3.55
N HIS L 336 73.15 -75.89 2.60
CA HIS L 336 73.84 -77.13 2.93
C HIS L 336 74.92 -76.90 3.97
N GLN L 337 75.69 -75.85 3.79
CA GLN L 337 76.78 -75.54 4.69
C GLN L 337 76.26 -75.09 6.06
N LEU L 338 75.33 -74.14 6.07
CA LEU L 338 74.73 -73.68 7.31
C LEU L 338 74.20 -74.87 8.11
N ILE L 339 73.51 -75.77 7.42
CA ILE L 339 72.90 -76.93 8.07
C ILE L 339 73.94 -77.87 8.66
N ALA L 340 74.95 -78.21 7.85
CA ALA L 340 75.99 -79.12 8.32
C ALA L 340 76.75 -78.53 9.49
N ASN L 341 76.74 -77.20 9.61
CA ASN L 341 77.45 -76.54 10.72
C ASN L 341 76.58 -76.28 11.94
N GLY L 342 75.34 -76.75 11.90
CA GLY L 342 74.45 -76.70 13.05
C GLY L 342 73.60 -75.46 13.25
N VAL L 343 73.24 -74.75 12.18
CA VAL L 343 72.38 -73.58 12.35
C VAL L 343 71.03 -74.00 12.92
N LYS L 344 70.50 -73.19 13.83
CA LYS L 344 69.22 -73.51 14.48
C LYS L 344 68.08 -72.65 13.97
N ALA L 345 68.40 -71.45 13.51
CA ALA L 345 67.38 -70.54 12.98
C ALA L 345 67.93 -69.67 11.86
N VAL L 346 67.07 -69.39 10.89
CA VAL L 346 67.34 -68.45 9.82
C VAL L 346 66.17 -67.47 9.80
N ALA L 347 66.47 -66.18 9.74
CA ALA L 347 65.41 -65.17 9.68
C ALA L 347 65.78 -64.05 8.73
N GLU L 348 64.84 -63.66 7.86
CA GLU L 348 65.17 -62.79 6.75
C GLU L 348 64.89 -61.32 7.01
N GLY L 349 65.95 -60.51 7.00
CA GLY L 349 65.83 -59.06 7.05
C GLY L 349 65.64 -58.43 5.67
N ALA L 350 66.35 -58.96 4.69
CA ALA L 350 66.19 -58.49 3.31
C ALA L 350 64.87 -59.05 2.78
N ASN L 351 64.46 -58.60 1.60
CA ASN L 351 63.27 -59.15 0.98
C ASN L 351 63.59 -60.36 0.11
N MET L 352 63.06 -61.52 0.50
CA MET L 352 63.28 -62.78 -0.23
C MET L 352 64.78 -63.12 -0.42
N PRO L 353 65.57 -63.12 0.66
CA PRO L 353 66.99 -63.43 0.47
C PRO L 353 67.22 -64.91 0.20
N THR L 354 66.39 -65.78 0.76
CA THR L 354 66.61 -67.21 0.56
C THR L 354 65.82 -67.74 -0.64
N THR L 355 66.49 -68.53 -1.46
CA THR L 355 65.84 -69.14 -2.61
C THR L 355 64.79 -70.14 -2.12
N ILE L 356 63.88 -70.55 -3.00
CA ILE L 356 62.84 -71.51 -2.62
C ILE L 356 63.46 -72.85 -2.19
N GLU L 357 64.42 -73.33 -2.99
CA GLU L 357 65.05 -74.61 -2.74
C GLU L 357 65.78 -74.59 -1.41
N ALA L 358 66.40 -73.45 -1.10
CA ALA L 358 67.10 -73.30 0.17
C ALA L 358 66.15 -73.26 1.36
N THR L 359 64.95 -72.72 1.16
CA THR L 359 63.97 -72.66 2.24
C THR L 359 63.53 -74.05 2.64
N GLU L 360 63.15 -74.85 1.65
CA GLU L 360 62.74 -76.24 1.89
C GLU L 360 63.83 -76.98 2.62
N LEU L 361 65.07 -76.73 2.24
CA LEU L 361 66.21 -77.40 2.85
C LEU L 361 66.31 -77.08 4.33
N PHE L 362 65.93 -75.86 4.70
CA PHE L 362 65.92 -75.46 6.10
C PHE L 362 64.76 -76.11 6.82
N GLN L 363 63.60 -76.13 6.18
CA GLN L 363 62.41 -76.66 6.83
C GLN L 363 62.52 -78.17 7.10
N GLN L 364 62.76 -78.97 6.07
CA GLN L 364 62.80 -80.42 6.24
C GLN L 364 63.97 -80.88 7.12
N ALA L 365 64.88 -79.96 7.43
CA ALA L 365 66.02 -80.25 8.29
C ALA L 365 65.77 -79.84 9.74
N GLY L 366 64.60 -79.29 10.02
CA GLY L 366 64.25 -78.88 11.36
C GLY L 366 64.85 -77.56 11.81
N VAL L 367 65.25 -76.73 10.85
CA VAL L 367 65.78 -75.41 11.17
C VAL L 367 64.65 -74.38 11.12
N LEU L 368 64.49 -73.62 12.21
CA LEU L 368 63.41 -72.62 12.31
C LEU L 368 63.55 -71.58 11.22
N PHE L 369 62.46 -71.26 10.53
CA PHE L 369 62.57 -70.33 9.43
C PHE L 369 61.53 -69.22 9.42
N ALA L 370 62.01 -67.98 9.58
CA ALA L 370 61.14 -66.81 9.60
C ALA L 370 61.23 -66.08 8.28
N PRO L 371 60.16 -66.15 7.48
CA PRO L 371 60.13 -65.50 6.17
C PRO L 371 60.12 -63.98 6.30
N GLY L 372 60.74 -63.30 5.34
CA GLY L 372 60.77 -61.84 5.31
C GLY L 372 59.37 -61.24 5.31
N LYS L 373 58.40 -61.98 4.76
CA LYS L 373 57.00 -61.52 4.74
C LYS L 373 56.50 -61.11 6.12
N ALA L 374 56.95 -61.80 7.17
CA ALA L 374 56.62 -61.40 8.53
C ALA L 374 57.81 -60.77 9.24
N ALA L 375 58.96 -61.44 9.16
CA ALA L 375 60.15 -61.05 9.89
C ALA L 375 60.69 -59.65 9.59
N ASN L 376 60.55 -59.17 8.35
CA ASN L 376 61.06 -57.82 8.06
C ASN L 376 60.00 -56.72 8.06
N ALA L 377 58.80 -57.05 8.55
CA ALA L 377 57.66 -56.13 8.54
C ALA L 377 57.79 -54.95 9.50
N GLY L 378 58.93 -54.84 10.19
CA GLY L 378 59.14 -53.76 11.11
C GLY L 378 59.14 -52.44 10.38
N GLY L 379 59.62 -52.46 9.14
CA GLY L 379 59.67 -51.25 8.32
C GLY L 379 58.27 -50.72 8.03
N VAL L 380 57.40 -51.56 7.47
CA VAL L 380 56.05 -51.11 7.13
C VAL L 380 55.25 -50.78 8.40
N ALA L 381 55.43 -51.58 9.45
CA ALA L 381 54.77 -51.30 10.73
C ALA L 381 55.12 -49.89 11.21
N THR L 382 56.40 -49.55 11.18
CA THR L 382 56.83 -48.24 11.63
C THR L 382 56.37 -47.11 10.68
N SER L 383 56.09 -47.44 9.42
CA SER L 383 55.47 -46.44 8.56
C SER L 383 54.04 -46.15 9.02
N GLY L 384 53.35 -47.18 9.50
CA GLY L 384 52.03 -46.99 10.09
C GLY L 384 52.13 -46.10 11.32
N LEU L 385 53.20 -46.26 12.08
CA LEU L 385 53.43 -45.43 13.26
C LEU L 385 53.76 -43.97 12.91
N GLU L 386 54.41 -43.75 11.77
CA GLU L 386 54.63 -42.40 11.27
C GLU L 386 53.29 -41.72 10.93
N MET L 387 52.40 -42.44 10.25
CA MET L 387 51.06 -41.94 9.96
C MET L 387 50.27 -41.64 11.23
N ALA L 388 50.42 -42.53 12.20
CA ALA L 388 49.76 -42.36 13.50
C ALA L 388 50.24 -41.07 14.18
N GLN L 389 51.56 -40.88 14.23
CA GLN L 389 52.12 -39.68 14.83
C GLN L 389 51.71 -38.40 14.11
N ASN L 390 51.72 -38.42 12.78
CA ASN L 390 51.29 -37.25 12.01
C ASN L 390 49.82 -36.90 12.27
N ALA L 391 48.97 -37.92 12.32
CA ALA L 391 47.54 -37.73 12.57
C ALA L 391 47.29 -37.14 13.95
N ALA L 392 48.09 -37.56 14.91
CA ALA L 392 47.98 -37.05 16.27
C ALA L 392 48.57 -35.66 16.41
N ARG L 393 49.32 -35.24 15.40
CA ARG L 393 50.05 -33.96 15.38
C ARG L 393 51.09 -33.80 16.50
N LEU L 394 51.59 -34.93 17.01
CA LEU L 394 52.61 -34.92 18.07
C LEU L 394 53.52 -36.12 17.86
N GLY L 395 54.83 -35.88 17.80
CA GLY L 395 55.80 -36.96 17.63
C GLY L 395 56.17 -37.68 18.92
N TRP L 396 56.60 -38.94 18.80
CA TRP L 396 56.93 -39.75 19.97
C TRP L 396 58.43 -39.81 20.17
N LYS L 397 58.88 -40.00 21.41
CA LYS L 397 60.29 -40.26 21.66
C LYS L 397 60.64 -41.64 21.08
N ALA L 398 61.91 -41.85 20.77
CA ALA L 398 62.36 -43.11 20.16
C ALA L 398 61.92 -44.31 21.00
N GLU L 399 62.01 -44.18 22.31
CA GLU L 399 61.61 -45.25 23.22
C GLU L 399 60.14 -45.67 22.99
N LYS L 400 59.27 -44.69 22.80
CA LYS L 400 57.87 -45.01 22.59
C LYS L 400 57.62 -45.71 21.24
N VAL L 401 58.22 -45.20 20.17
CA VAL L 401 58.08 -45.84 18.86
C VAL L 401 58.63 -47.29 18.92
N ASP L 402 59.74 -47.46 19.60
CA ASP L 402 60.42 -48.77 19.70
C ASP L 402 59.59 -49.78 20.49
N ALA L 403 58.98 -49.32 21.59
CA ALA L 403 58.13 -50.20 22.39
C ALA L 403 56.91 -50.66 21.58
N ARG L 404 56.33 -49.74 20.80
CA ARG L 404 55.19 -50.06 19.95
C ARG L 404 55.57 -51.01 18.82
N LEU L 405 56.73 -50.76 18.22
CA LEU L 405 57.27 -51.65 17.20
C LEU L 405 57.44 -53.08 17.75
N HIS L 406 58.02 -53.18 18.95
CA HIS L 406 58.22 -54.47 19.59
C HIS L 406 56.88 -55.17 19.81
N HIS L 407 55.95 -54.45 20.44
CA HIS L 407 54.60 -54.96 20.69
C HIS L 407 54.00 -55.54 19.40
N ILE L 408 54.06 -54.74 18.34
CA ILE L 408 53.56 -55.14 17.03
C ILE L 408 54.21 -56.39 16.46
N MET L 409 55.53 -56.50 16.57
CA MET L 409 56.22 -57.68 16.06
C MET L 409 55.76 -58.91 16.83
N LEU L 410 55.55 -58.74 18.13
CA LEU L 410 55.04 -59.85 18.94
C LEU L 410 53.67 -60.31 18.48
N ASP L 411 52.84 -59.36 18.07
CA ASP L 411 51.51 -59.72 17.56
C ASP L 411 51.61 -60.44 16.22
N ILE L 412 52.48 -59.93 15.34
CA ILE L 412 52.75 -60.61 14.08
C ILE L 412 53.23 -62.05 14.29
N HIS L 413 54.09 -62.24 15.27
CA HIS L 413 54.60 -63.57 15.57
C HIS L 413 53.48 -64.48 16.08
N HIS L 414 52.67 -63.96 16.99
CA HIS L 414 51.53 -64.68 17.54
C HIS L 414 50.58 -65.18 16.45
N ALA L 415 50.26 -64.29 15.50
CA ALA L 415 49.37 -64.63 14.41
C ALA L 415 49.91 -65.77 13.55
N CYS L 416 51.21 -65.70 13.22
CA CYS L 416 51.86 -66.73 12.42
C CYS L 416 51.76 -68.04 13.16
N VAL L 417 52.03 -67.98 14.46
CA VAL L 417 51.92 -69.16 15.31
C VAL L 417 50.52 -69.75 15.23
N GLU L 418 49.51 -68.88 15.32
CA GLU L 418 48.11 -69.33 15.28
C GLU L 418 47.80 -70.16 14.04
N HIS L 419 48.46 -69.87 12.92
CA HIS L 419 48.18 -70.60 11.68
C HIS L 419 49.35 -71.45 11.17
N GLY L 420 50.36 -71.65 12.01
CA GLY L 420 51.58 -72.31 11.57
C GLY L 420 51.62 -73.81 11.80
N GLY L 421 50.51 -74.38 12.25
CA GLY L 421 50.39 -75.83 12.37
C GLY L 421 50.81 -76.40 13.70
N GLU L 422 50.66 -77.72 13.84
CA GLU L 422 50.93 -78.39 15.11
C GLU L 422 52.22 -79.21 15.09
N GLY L 423 53.09 -78.93 14.14
CA GLY L 423 54.36 -79.62 14.06
C GLY L 423 55.23 -79.38 15.28
N GLU L 424 56.40 -80.01 15.33
CA GLU L 424 57.33 -79.76 16.42
C GLU L 424 57.89 -78.35 16.30
N GLN L 425 57.91 -77.82 15.08
CA GLN L 425 58.21 -76.40 14.86
C GLN L 425 57.08 -75.71 14.10
N THR L 426 56.79 -74.47 14.50
CA THR L 426 55.85 -73.62 13.77
C THR L 426 56.31 -73.40 12.35
N ASN L 427 55.40 -73.58 11.39
CA ASN L 427 55.67 -73.28 9.99
C ASN L 427 55.29 -71.83 9.75
N TYR L 428 56.26 -70.93 9.79
CA TYR L 428 56.00 -69.50 9.68
C TYR L 428 55.69 -69.05 8.26
N VAL L 429 56.15 -69.83 7.29
CA VAL L 429 55.79 -69.58 5.90
C VAL L 429 54.28 -69.76 5.75
N GLN L 430 53.76 -70.85 6.34
CA GLN L 430 52.33 -71.13 6.36
C GLN L 430 51.56 -70.10 7.18
N GLY L 431 52.01 -69.91 8.42
CA GLY L 431 51.36 -68.99 9.34
C GLY L 431 51.19 -67.58 8.80
N ALA L 432 52.26 -67.03 8.24
CA ALA L 432 52.25 -65.64 7.77
C ALA L 432 51.33 -65.46 6.57
N ASN L 433 51.33 -66.41 5.64
CA ASN L 433 50.42 -66.31 4.50
C ASN L 433 48.95 -66.33 4.97
N ILE L 434 48.62 -67.28 5.82
CA ILE L 434 47.26 -67.44 6.31
C ILE L 434 46.81 -66.26 7.17
N ALA L 435 47.66 -65.84 8.12
CA ALA L 435 47.31 -64.74 9.00
C ALA L 435 47.09 -63.47 8.19
N GLY L 436 47.94 -63.25 7.19
CA GLY L 436 47.80 -62.14 6.27
C GLY L 436 46.44 -62.17 5.58
N PHE L 437 46.13 -63.32 4.99
CA PHE L 437 44.92 -63.51 4.21
C PHE L 437 43.64 -63.31 5.03
N VAL L 438 43.59 -63.96 6.18
CA VAL L 438 42.35 -63.95 6.97
C VAL L 438 41.90 -62.52 7.31
N LYS L 439 42.84 -61.68 7.68
CA LYS L 439 42.55 -60.31 8.04
C LYS L 439 41.86 -59.54 6.90
N VAL L 440 42.43 -59.66 5.71
CA VAL L 440 41.92 -58.96 4.54
C VAL L 440 40.59 -59.57 4.11
N ALA L 441 40.55 -60.89 4.08
CA ALA L 441 39.35 -61.64 3.73
C ALA L 441 38.15 -61.26 4.60
N ASP L 442 38.39 -61.11 5.90
CA ASP L 442 37.32 -60.77 6.84
C ASP L 442 36.77 -59.37 6.56
N ALA L 443 37.66 -58.41 6.34
CA ALA L 443 37.27 -57.04 6.03
C ALA L 443 36.52 -56.96 4.70
N MET L 444 37.04 -57.65 3.70
CA MET L 444 36.39 -57.72 2.39
C MET L 444 34.94 -58.21 2.49
N LEU L 445 34.76 -59.34 3.16
CA LEU L 445 33.42 -59.93 3.30
C LEU L 445 32.43 -59.00 3.99
N ALA L 446 32.89 -58.35 5.06
CA ALA L 446 32.02 -57.47 5.83
C ALA L 446 31.56 -56.24 5.03
N GLN L 447 32.39 -55.79 4.09
CA GLN L 447 32.09 -54.53 3.41
C GLN L 447 31.26 -54.67 2.12
N GLY L 448 30.82 -55.90 1.83
CA GLY L 448 29.89 -56.13 0.74
C GLY L 448 30.50 -56.16 -0.65
N VAL L 449 29.64 -56.30 -1.65
CA VAL L 449 30.06 -56.31 -3.04
C VAL L 449 30.37 -54.90 -3.54
N ILE L 450 31.67 -54.57 -3.61
CA ILE L 450 32.11 -53.26 -4.05
C ILE L 450 33.28 -53.39 -5.01
#